data_5WUA
#
_entry.id   5WUA
#
loop_
_entity.id
_entity.type
_entity.pdbx_description
1 polymer 'ATP-sensitive inward rectifier potassium channel 11,superfolder GFP'
2 polymer SUR1
#
loop_
_entity_poly.entity_id
_entity_poly.type
_entity_poly.pdbx_seq_one_letter_code
_entity_poly.pdbx_strand_id
1 'polypeptide(L)'
;MLSRKGIIPEEYVLTRLAEDPAEPRYRTRERRARFVSKKGNCNVAHKNIREQGRFLQDVFTTLVDLKWPHTLLIFTMSFL
CSWLLFAMVWWLIAFAHGDLAPGEGTNVPCVTSIHSFSSAFLFSIEVQVTIGFGGRMVTEECPLAILILIVQNIVGLMIN
AIMLGCIFMKTAQAHRRAETLIFSKHAVITLRHGRLCFMLRVGDLRKSMIISATIHMQVVRKTTSPEGEVVPLHQVDIPM
ENGVGGNGIFLVAPLIIYHVIDSNSPLYDLAPSDLHHHQDLEIIVILEGVVETTGITTQARTSYLADEILWGQRFVPIVA
EEDGRYSVDYSKFGNTIKVPTPLCTARQLDEDRSLLDALTLASSRGPLRKRSVAVAKAKPKFSISPDSLSLELEVLFQGP
GGKMSKGEELFTGVVPILVELDGDVNGHKFSVRGEGEGDATIGKLTLKFICTTGKLPVPWPTLVTTLTYGVQCFSRYPDH
MKRHDFFKSAMPEGYVQERTISFKDDGKYKTRAVVKFEGDTLVNRIELKGTDFKEDGNILGHKLEYNFNSHNVYITADKQ
KNGIKANFTVRHNVEDGSVQLADHYQQNTPIGDGPVLLPDNHYLSTQTKLSKDPNEKRDHMVLHEYVNAAGITHHHHHHH
HSSGLVPRGSGWSHPQFEKGSGDYKDDDDKGSGWSHPQFEK
;
A,B,C,D
2 'polypeptide(L)'
;MPLAFCGTENHSAAYRVDQGVLNNGCFVDALNVVPHVFLLFITFPILFIGWGSQSSKVHIHHSTWLHFPGHNLRWILTFI
LLFVLVCEIAEGILSDGVTESRHLHLYMPAGMAFMAAITSVVYYHNIETSNFPKLLIALLIYWTLAFITKTIKFVKFYDH
AIGFSQLRFCLTGLLVILYGMLLLVEVNVIRVRRYIFFKTPREVKPPEDLQDLGVRFLQPFVNLLSKGTYWWMNAFIKTA
HKKPIDLRAIGKLPIAMRALTNYQRLCVAFDAQARKDTQSPQGARAIWRALCHAFGRRLILSSTFRILADLLGFAGPLCI
FGIVDHLGKENHVFQPKTQFLGVYFVSSQEFLGNAYVLAVLLFLALLLQRTFLQASYYVAIETGINLRGAIQTKIYNKIM
HLSTSNLSMGEMTAGQICNLVAIDTNQLMWFFFLCPNLWAMPVQIIVGVILLYYILGVSALIGAAVIILLAPVQYFVATK
LSQAQRSTLEHSNERLKQTNEMLRGMKLLKLYAWESIFCSRVEVTRRKEMTSLRAFAVYTSISIFMNTAIPIAAVLITFV
GHVSFFKESDLSPSVAFASLSLFHILVTPLFLLSSVVRSTVKALVSVKKLSEFLSSAEIREEQCAPREPAPQGQAGKYQA
VPLKVVNRKRPAREEVRDLLGPLQRLAPSMDGDADNFCVQIIGGFFTWTPDGIPTLSNITIRIPRGQLTMIVGQVGCGKS
SLLLATLGEMQKVSGAVFWNSNLPDSEGEDPSSPERETAAGSDIRSRGPVAYASQKPWLLNATVEENITFESPFNKQRYK
MVIEACSLQPDIDILPHGDQTQIGERGINLSGGQRQRISVARALYQQTNVVFLDDPFSALDVHLSDHLMQAGILELLRDD
KRTVVLVTHKLQYLPHADWIIAMKDGTIQREGTLKDFQRSECQLFEHWKTLMNRQDQELEKETVMERKASEPSQGLPRAM
SSRDGLLLDEEEEEEEAAESEEDDNLSSVLHQRAKIPWRACTKYLSSAGILLLSLLVFSQLLKHMVLVAIDYWLAKWTDS
ALVLSPAARNCSLSQECDLDQSVYAMVFTLLCSLGIVLCLVTSVTVEWTGLKVAKRLHRSLLNRIILAPMRFFETTPLGS
ILNRFSSDCNTIDQHIPSTLECLSRSTLLCVSALTVISYVTPVFLVALLPLAVVCYFIQKYFRVASRDLQQLDDTTQLPL
LSHFAETVEGLTTIRAFRYEARFQQKLLEYTDSNNIASLFLTAANRWLEVRMEYIGACVVLIAAATSISNSLHRELSAGL
VGLGLTYALMVSNYLNWMVRNLADMEIQLGAVKRIHALLKTEAESYEGLLAPSLIPKNWPDQGKIQIQNLSVRYDSSLKP
VLKHVNALISPGQKIGICGRTGSGKSSFSLAFFRMVDMFEGRIIIDGIDIAKLPLHTLRSRLSIILQDPVLFSGTIRFNL
DPEKKCSDSTLWEALEIAQLKLVVKALPGGLDAIITEGGENFSQGQRQLFCLARAFVRKTSIFIMDEATASIDMATENIL
QKVVMTAFADRTVVTIAHRVHTILSADLVMVLKRGAILEFDKPETLLSQKDSVFASFVRADK
;
E,F,G,H
#
# COMPACT_ATOMS: atom_id res chain seq x y z
N ARG A 31 26.10 -24.75 -11.53
CA ARG A 31 25.12 -25.47 -12.32
C ARG A 31 24.34 -26.45 -11.44
N ARG A 32 24.92 -26.77 -10.29
CA ARG A 32 24.35 -27.74 -9.37
C ARG A 32 22.93 -27.37 -8.98
N ALA A 33 22.78 -26.32 -8.19
CA ALA A 33 21.48 -25.91 -7.70
C ALA A 33 21.26 -24.43 -8.03
N ARG A 34 20.07 -24.13 -8.54
CA ARG A 34 19.75 -22.77 -8.92
C ARG A 34 18.36 -22.50 -8.37
N PHE A 35 18.19 -21.41 -7.60
CA PHE A 35 16.86 -21.04 -7.17
C PHE A 35 16.46 -19.66 -7.71
N VAL A 36 17.21 -18.62 -7.38
CA VAL A 36 17.08 -17.37 -8.12
C VAL A 36 18.47 -16.98 -8.60
N SER A 37 18.51 -15.93 -9.41
CA SER A 37 19.71 -15.68 -10.20
C SER A 37 20.64 -14.69 -9.51
N LYS A 38 21.80 -14.47 -10.14
CA LYS A 38 22.75 -13.48 -9.64
C LYS A 38 22.16 -12.08 -9.68
N LYS A 39 21.64 -11.69 -10.84
CA LYS A 39 20.79 -10.51 -10.97
C LYS A 39 19.45 -10.72 -10.29
N GLY A 40 19.07 -11.96 -10.02
CA GLY A 40 18.00 -12.23 -9.09
C GLY A 40 16.65 -12.71 -9.59
N ASN A 41 16.48 -13.02 -10.86
CA ASN A 41 15.21 -13.55 -11.33
C ASN A 41 15.00 -14.94 -10.76
N CYS A 42 13.77 -15.23 -10.35
CA CYS A 42 13.46 -16.60 -9.96
C CYS A 42 13.49 -17.46 -11.20
N ASN A 43 14.35 -18.47 -11.20
CA ASN A 43 14.47 -19.37 -12.32
C ASN A 43 13.60 -20.60 -12.19
N VAL A 44 13.04 -20.87 -11.02
CA VAL A 44 12.29 -22.09 -10.86
C VAL A 44 10.95 -21.95 -11.57
N ALA A 45 10.57 -23.01 -12.29
CA ALA A 45 9.36 -22.99 -13.09
C ALA A 45 8.37 -23.97 -12.50
N HIS A 46 7.24 -24.14 -13.19
CA HIS A 46 6.16 -24.99 -12.71
C HIS A 46 5.72 -25.92 -13.83
N LYS A 47 5.65 -27.22 -13.53
CA LYS A 47 5.27 -28.19 -14.55
C LYS A 47 3.85 -28.69 -14.32
N ASN A 48 2.97 -28.37 -15.25
CA ASN A 48 1.62 -28.90 -15.36
C ASN A 48 0.82 -28.85 -14.07
N ILE A 49 0.45 -27.66 -13.63
CA ILE A 49 -0.56 -27.56 -12.61
C ILE A 49 -1.90 -27.94 -13.24
N ARG A 50 -2.87 -28.23 -12.38
CA ARG A 50 -4.07 -28.96 -12.75
C ARG A 50 -4.94 -28.25 -13.79
N GLU A 51 -4.60 -27.04 -14.20
CA GLU A 51 -5.34 -26.31 -15.24
C GLU A 51 -5.77 -27.19 -16.40
N PHE A 55 -5.52 -20.39 -19.94
CA PHE A 55 -4.31 -20.10 -19.17
C PHE A 55 -4.55 -18.93 -18.22
N LEU A 56 -4.81 -19.24 -16.96
CA LEU A 56 -5.14 -18.25 -15.94
C LEU A 56 -6.22 -17.32 -16.47
N GLN A 57 -7.43 -17.86 -16.55
CA GLN A 57 -8.46 -17.26 -17.37
C GLN A 57 -8.67 -15.81 -16.99
N ASP A 58 -8.44 -14.92 -17.95
CA ASP A 58 -8.59 -13.49 -17.73
C ASP A 58 -8.49 -12.81 -19.08
N VAL A 59 -8.67 -11.50 -19.08
CA VAL A 59 -8.68 -10.74 -20.31
C VAL A 59 -7.52 -9.75 -20.36
N PHE A 60 -7.62 -8.63 -19.64
CA PHE A 60 -6.60 -7.62 -19.79
C PHE A 60 -5.56 -7.59 -18.69
N THR A 61 -5.62 -8.50 -17.71
CA THR A 61 -4.52 -8.57 -16.74
C THR A 61 -3.21 -8.82 -17.46
N THR A 62 -3.25 -9.69 -18.48
CA THR A 62 -2.02 -10.24 -19.03
C THR A 62 -1.34 -9.29 -20.00
N LEU A 63 -2.10 -8.61 -20.87
CA LEU A 63 -1.48 -7.82 -21.92
C LEU A 63 -0.50 -6.83 -21.33
N VAL A 64 -0.87 -6.22 -20.21
CA VAL A 64 -0.03 -5.18 -19.65
C VAL A 64 1.28 -5.74 -19.15
N ASP A 65 1.25 -6.95 -18.59
CA ASP A 65 2.46 -7.61 -18.09
C ASP A 65 3.39 -8.04 -19.21
N LEU A 66 2.90 -8.02 -20.45
CA LEU A 66 3.70 -8.49 -21.56
C LEU A 66 4.76 -7.46 -21.91
N LYS A 67 5.40 -7.65 -23.04
CA LYS A 67 6.39 -6.71 -23.52
C LYS A 67 5.75 -5.78 -24.55
N TRP A 68 6.51 -4.79 -25.01
CA TRP A 68 5.95 -3.80 -25.92
C TRP A 68 5.45 -4.41 -27.21
N PRO A 69 6.27 -5.10 -28.01
CA PRO A 69 5.81 -5.48 -29.34
C PRO A 69 4.46 -6.15 -29.34
N HIS A 70 4.19 -7.06 -28.41
CA HIS A 70 2.87 -7.68 -28.44
C HIS A 70 1.76 -6.71 -28.07
N THR A 71 2.01 -5.72 -27.21
CA THR A 71 0.91 -4.82 -26.89
C THR A 71 0.64 -3.85 -28.03
N LEU A 72 1.69 -3.19 -28.53
CA LEU A 72 1.51 -2.24 -29.62
C LEU A 72 0.95 -2.93 -30.84
N LEU A 73 1.67 -3.93 -31.33
CA LEU A 73 1.20 -4.73 -32.46
C LEU A 73 -0.22 -5.22 -32.22
N ILE A 74 -0.49 -5.71 -31.02
CA ILE A 74 -1.78 -6.34 -30.79
C ILE A 74 -2.89 -5.32 -30.95
N PHE A 75 -2.66 -4.09 -30.52
CA PHE A 75 -3.72 -3.10 -30.68
C PHE A 75 -3.84 -2.64 -32.12
N THR A 76 -2.73 -2.34 -32.80
CA THR A 76 -2.92 -1.82 -34.13
C THR A 76 -3.57 -2.89 -34.99
N MET A 77 -3.24 -4.15 -34.73
CA MET A 77 -3.95 -5.23 -35.37
C MET A 77 -5.43 -5.19 -35.02
N SER A 78 -5.76 -4.80 -33.78
CA SER A 78 -7.16 -4.73 -33.38
C SER A 78 -7.91 -3.68 -34.18
N PHE A 79 -7.39 -2.45 -34.20
CA PHE A 79 -7.95 -1.42 -35.05
C PHE A 79 -8.14 -1.92 -36.47
N LEU A 80 -7.13 -2.57 -37.04
CA LEU A 80 -7.31 -3.11 -38.38
C LEU A 80 -8.46 -4.10 -38.43
N CYS A 81 -8.65 -4.91 -37.38
CA CYS A 81 -9.80 -5.79 -37.36
C CYS A 81 -11.10 -5.01 -37.46
N SER A 82 -11.40 -4.20 -36.44
CA SER A 82 -12.68 -3.49 -36.41
C SER A 82 -12.86 -2.67 -37.68
N TRP A 83 -11.85 -1.91 -38.05
CA TRP A 83 -11.88 -1.11 -39.26
C TRP A 83 -12.30 -1.95 -40.46
N LEU A 84 -11.60 -3.06 -40.68
CA LEU A 84 -12.01 -3.97 -41.74
C LEU A 84 -13.49 -4.27 -41.63
N LEU A 85 -13.94 -4.67 -40.44
CA LEU A 85 -15.32 -5.09 -40.28
C LEU A 85 -16.29 -4.01 -40.74
N PHE A 86 -16.31 -2.87 -40.05
CA PHE A 86 -17.28 -1.87 -40.43
C PHE A 86 -17.10 -1.42 -41.86
N ALA A 87 -15.87 -1.43 -42.34
CA ALA A 87 -15.64 -1.20 -43.76
C ALA A 87 -16.60 -2.07 -44.55
N MET A 88 -16.44 -3.39 -44.42
CA MET A 88 -17.24 -4.27 -45.24
C MET A 88 -18.73 -4.16 -44.94
N VAL A 89 -19.12 -3.84 -43.72
CA VAL A 89 -20.56 -3.78 -43.50
C VAL A 89 -21.15 -2.61 -44.29
N TRP A 90 -20.46 -1.47 -44.32
CA TRP A 90 -21.00 -0.37 -45.10
C TRP A 90 -20.85 -0.62 -46.59
N TRP A 91 -19.79 -1.35 -46.97
CA TRP A 91 -19.72 -1.86 -48.32
C TRP A 91 -21.03 -2.52 -48.70
N LEU A 92 -21.40 -3.57 -47.96
CA LEU A 92 -22.63 -4.28 -48.28
C LEU A 92 -23.85 -3.40 -48.21
N ILE A 93 -24.23 -2.91 -47.02
CA ILE A 93 -25.47 -2.16 -46.90
C ILE A 93 -25.57 -1.09 -47.98
N ALA A 94 -24.45 -0.43 -48.27
CA ALA A 94 -24.43 0.49 -49.39
C ALA A 94 -24.80 -0.23 -50.68
N PHE A 95 -24.14 -1.35 -50.92
CA PHE A 95 -24.29 -2.09 -52.17
C PHE A 95 -25.73 -2.53 -52.39
N ALA A 96 -26.22 -3.41 -51.54
CA ALA A 96 -27.55 -3.97 -51.71
C ALA A 96 -28.64 -2.92 -51.60
N HIS A 97 -28.31 -1.68 -51.24
CA HIS A 97 -29.35 -0.67 -51.18
C HIS A 97 -29.65 -0.06 -52.54
N GLY A 98 -28.98 -0.50 -53.58
CA GLY A 98 -29.27 -0.01 -54.92
C GLY A 98 -28.59 1.28 -55.28
N ASP A 99 -28.06 2.02 -54.31
CA ASP A 99 -27.42 3.28 -54.64
C ASP A 99 -25.95 3.11 -54.98
N LEU A 100 -25.37 1.96 -54.67
CA LEU A 100 -23.93 1.80 -54.88
C LEU A 100 -23.59 1.67 -56.35
N ALA A 101 -24.38 0.92 -57.09
CA ALA A 101 -24.20 0.87 -58.53
C ALA A 101 -24.48 2.25 -59.10
N PRO A 102 -23.51 2.92 -59.70
CA PRO A 102 -23.67 4.33 -60.07
C PRO A 102 -24.74 4.54 -61.13
N GLY A 103 -25.51 5.60 -60.94
CA GLY A 103 -26.54 5.99 -61.88
C GLY A 103 -26.79 7.48 -61.73
N GLU A 104 -27.79 7.96 -62.45
CA GLU A 104 -28.14 9.38 -62.44
C GLU A 104 -29.64 9.52 -62.25
N GLY A 105 -30.03 10.20 -61.17
CA GLY A 105 -31.42 10.41 -60.88
C GLY A 105 -32.07 9.18 -60.26
N THR A 106 -33.32 9.38 -59.82
CA THR A 106 -34.13 8.32 -59.23
C THR A 106 -33.43 7.67 -58.03
N ASN A 107 -32.61 8.45 -57.32
CA ASN A 107 -31.89 7.90 -56.18
C ASN A 107 -31.42 9.02 -55.26
N VAL A 108 -31.16 8.64 -54.01
CA VAL A 108 -30.36 9.43 -53.08
C VAL A 108 -29.30 8.50 -52.52
N PRO A 109 -28.05 8.95 -52.36
CA PRO A 109 -27.02 8.04 -51.86
C PRO A 109 -27.30 7.69 -50.42
N CYS A 110 -26.89 6.49 -50.02
CA CYS A 110 -26.82 6.21 -48.59
C CYS A 110 -25.55 6.76 -47.97
N VAL A 111 -24.47 6.83 -48.74
CA VAL A 111 -23.30 7.65 -48.42
C VAL A 111 -22.80 8.25 -49.72
N THR A 112 -22.46 9.54 -49.69
CA THR A 112 -22.20 10.23 -50.94
C THR A 112 -20.95 9.71 -51.64
N SER A 113 -21.03 9.64 -52.97
CA SER A 113 -19.90 9.39 -53.86
C SER A 113 -19.19 8.09 -53.57
N ILE A 114 -19.88 7.12 -52.99
CA ILE A 114 -19.27 5.86 -52.61
C ILE A 114 -19.24 4.97 -53.84
N HIS A 115 -18.18 4.17 -53.99
CA HIS A 115 -18.12 3.37 -55.20
C HIS A 115 -17.72 1.93 -54.97
N SER A 116 -16.47 1.69 -54.61
CA SER A 116 -15.97 0.33 -54.50
C SER A 116 -15.17 0.19 -53.21
N PHE A 117 -14.51 -0.98 -53.07
CA PHE A 117 -13.99 -1.44 -51.79
C PHE A 117 -13.33 -0.31 -51.01
N SER A 118 -12.41 0.36 -51.69
CA SER A 118 -11.65 1.41 -51.05
C SER A 118 -12.56 2.51 -50.55
N SER A 119 -13.58 2.87 -51.33
CA SER A 119 -14.44 3.98 -50.94
C SER A 119 -15.02 3.75 -49.56
N ALA A 120 -15.75 2.65 -49.39
CA ALA A 120 -16.32 2.34 -48.09
C ALA A 120 -15.24 2.22 -47.03
N PHE A 121 -14.16 1.51 -47.35
CA PHE A 121 -13.07 1.35 -46.39
C PHE A 121 -12.69 2.70 -45.79
N LEU A 122 -12.22 3.60 -46.65
CA LEU A 122 -11.78 4.91 -46.20
C LEU A 122 -12.86 5.67 -45.45
N PHE A 123 -14.12 5.45 -45.79
CA PHE A 123 -15.11 6.27 -45.07
C PHE A 123 -15.38 5.74 -43.68
N SER A 124 -15.53 4.43 -43.53
CA SER A 124 -15.65 3.86 -42.20
C SER A 124 -14.46 4.25 -41.34
N ILE A 125 -13.26 4.03 -41.87
CA ILE A 125 -12.07 4.43 -41.12
C ILE A 125 -12.11 5.92 -40.84
N GLU A 126 -12.79 6.67 -41.71
CA GLU A 126 -12.97 8.08 -41.41
C GLU A 126 -13.78 8.25 -40.14
N VAL A 127 -14.83 7.45 -39.94
CA VAL A 127 -15.66 7.77 -38.78
C VAL A 127 -15.03 7.28 -37.50
N GLN A 128 -14.38 6.12 -37.50
CA GLN A 128 -13.90 5.57 -36.23
C GLN A 128 -13.09 6.52 -35.34
N VAL A 129 -12.00 7.07 -35.86
CA VAL A 129 -11.10 7.85 -35.04
C VAL A 129 -11.53 9.31 -35.14
N THR A 130 -12.68 9.53 -35.78
CA THR A 130 -13.26 10.86 -36.00
C THR A 130 -12.35 11.71 -36.89
N ILE A 131 -12.32 11.36 -38.17
CA ILE A 131 -11.71 12.21 -39.20
C ILE A 131 -12.76 13.12 -39.80
N GLY A 132 -13.63 12.55 -40.63
CA GLY A 132 -14.61 13.36 -41.31
C GLY A 132 -14.03 14.30 -42.34
N PHE A 133 -13.42 13.79 -43.42
CA PHE A 133 -13.08 14.68 -44.53
C PHE A 133 -14.22 15.64 -44.81
N GLY A 134 -15.44 15.13 -44.87
CA GLY A 134 -16.59 15.91 -45.26
C GLY A 134 -16.95 15.81 -46.72
N GLY A 135 -16.01 15.42 -47.58
CA GLY A 135 -16.36 15.20 -48.97
C GLY A 135 -17.38 14.09 -49.12
N ARG A 136 -17.06 12.91 -48.62
CA ARG A 136 -18.09 11.90 -48.53
C ARG A 136 -19.12 12.32 -47.49
N MET A 137 -20.37 11.93 -47.69
CA MET A 137 -21.39 12.32 -46.73
C MET A 137 -22.52 11.31 -46.71
N VAL A 138 -23.18 11.22 -45.57
CA VAL A 138 -24.35 10.38 -45.36
C VAL A 138 -25.55 11.30 -45.17
N THR A 139 -26.70 10.86 -45.65
CA THR A 139 -27.95 11.54 -45.40
C THR A 139 -28.80 10.74 -44.44
N GLU A 140 -30.01 11.23 -44.19
CA GLU A 140 -30.95 10.55 -43.32
C GLU A 140 -31.79 9.53 -44.06
N GLU A 141 -31.52 9.30 -45.34
CA GLU A 141 -32.40 8.54 -46.19
C GLU A 141 -32.50 7.06 -45.81
N CYS A 142 -31.43 6.46 -45.31
CA CYS A 142 -31.34 5.00 -45.30
C CYS A 142 -31.30 4.55 -43.85
N PRO A 143 -32.45 4.23 -43.25
CA PRO A 143 -32.50 4.09 -41.79
C PRO A 143 -31.50 3.11 -41.22
N LEU A 144 -31.34 1.95 -41.87
CA LEU A 144 -30.34 1.00 -41.40
C LEU A 144 -28.95 1.63 -41.39
N ALA A 145 -28.73 2.68 -42.18
CA ALA A 145 -27.43 3.34 -42.18
C ALA A 145 -27.24 4.17 -40.93
N ILE A 146 -28.27 4.93 -40.53
CA ILE A 146 -28.11 5.68 -39.29
C ILE A 146 -27.90 4.70 -38.14
N LEU A 147 -28.62 3.58 -38.17
CA LEU A 147 -28.37 2.50 -37.22
C LEU A 147 -26.89 2.14 -37.19
N ILE A 148 -26.41 1.60 -38.31
CA ILE A 148 -25.07 1.04 -38.34
C ILE A 148 -24.05 2.09 -37.94
N LEU A 149 -24.33 3.35 -38.24
CA LEU A 149 -23.41 4.40 -37.81
C LEU A 149 -23.35 4.48 -36.29
N ILE A 150 -24.51 4.62 -35.63
CA ILE A 150 -24.44 4.82 -34.19
C ILE A 150 -23.78 3.62 -33.53
N VAL A 151 -24.12 2.40 -33.95
CA VAL A 151 -23.52 1.24 -33.30
C VAL A 151 -22.01 1.25 -33.50
N GLN A 152 -21.55 1.61 -34.69
CA GLN A 152 -20.12 1.68 -34.88
C GLN A 152 -19.48 2.67 -33.93
N ASN A 153 -20.01 3.89 -33.87
CA ASN A 153 -19.34 4.89 -33.04
C ASN A 153 -19.26 4.42 -31.60
N ILE A 154 -20.36 3.87 -31.07
CA ILE A 154 -20.31 3.45 -29.67
C ILE A 154 -19.22 2.40 -29.45
N VAL A 155 -19.28 1.29 -30.17
CA VAL A 155 -18.31 0.24 -29.84
C VAL A 155 -16.88 0.72 -30.10
N GLY A 156 -16.70 1.54 -31.13
CA GLY A 156 -15.37 2.09 -31.39
C GLY A 156 -14.86 2.94 -30.24
N LEU A 157 -15.73 3.78 -29.69
CA LEU A 157 -15.30 4.53 -28.52
C LEU A 157 -14.96 3.58 -27.37
N MET A 158 -15.63 2.43 -27.30
CA MET A 158 -15.27 1.43 -26.29
C MET A 158 -13.83 0.96 -26.46
N ILE A 159 -13.48 0.49 -27.66
CA ILE A 159 -12.12 0.01 -27.85
C ILE A 159 -11.12 1.12 -27.58
N ASN A 160 -11.45 2.35 -27.99
CA ASN A 160 -10.59 3.48 -27.64
C ASN A 160 -10.34 3.51 -26.15
N ALA A 161 -11.42 3.53 -25.37
CA ALA A 161 -11.35 3.61 -23.92
C ALA A 161 -10.46 2.51 -23.36
N ILE A 162 -10.92 1.26 -23.47
CA ILE A 162 -10.15 0.16 -22.90
C ILE A 162 -8.68 0.28 -23.29
N MET A 163 -8.40 0.63 -24.55
CA MET A 163 -7.01 0.68 -24.97
C MET A 163 -6.24 1.71 -24.17
N LEU A 164 -6.67 2.97 -24.25
CA LEU A 164 -5.91 4.03 -23.59
C LEU A 164 -5.77 3.75 -22.11
N GLY A 165 -6.84 3.29 -21.47
CA GLY A 165 -6.77 2.98 -20.06
C GLY A 165 -5.70 1.94 -19.76
N CYS A 166 -5.70 0.84 -20.51
CA CYS A 166 -4.75 -0.20 -20.14
C CYS A 166 -3.32 0.27 -20.37
N ILE A 167 -3.04 0.89 -21.51
CA ILE A 167 -1.65 1.24 -21.78
C ILE A 167 -1.17 2.28 -20.78
N PHE A 168 -2.08 3.15 -20.32
CA PHE A 168 -1.85 3.90 -19.10
C PHE A 168 -1.27 2.98 -18.04
N MET A 169 -2.05 1.97 -17.67
CA MET A 169 -1.59 1.00 -16.68
C MET A 169 -0.24 0.39 -17.07
N LYS A 170 0.09 0.39 -18.36
CA LYS A 170 1.38 -0.15 -18.78
C LYS A 170 2.51 0.76 -18.37
N THR A 171 2.45 2.02 -18.78
CA THR A 171 3.57 2.88 -18.42
C THR A 171 3.60 3.15 -16.94
N ALA A 172 2.57 2.76 -16.21
CA ALA A 172 2.74 2.63 -14.76
C ALA A 172 3.98 1.81 -14.46
N GLN A 173 3.94 0.51 -14.75
CA GLN A 173 5.06 -0.37 -14.49
C GLN A 173 5.12 -1.44 -15.56
N ALA A 174 6.32 -1.93 -15.81
CA ALA A 174 6.56 -2.91 -16.85
C ALA A 174 7.66 -3.86 -16.41
N HIS A 175 8.13 -4.71 -17.35
CA HIS A 175 9.31 -5.51 -17.11
C HIS A 175 10.56 -4.64 -16.99
N ARG A 176 10.50 -3.41 -17.49
CA ARG A 176 11.57 -2.43 -17.37
C ARG A 176 11.57 -1.76 -16.00
N ARG A 177 10.69 -2.18 -15.11
CA ARG A 177 10.68 -1.57 -13.79
C ARG A 177 12.07 -1.65 -13.20
N ALA A 178 12.62 -0.51 -12.87
CA ALA A 178 14.03 -0.48 -12.53
C ALA A 178 14.23 -1.16 -11.19
N GLU A 179 15.08 -2.16 -11.16
CA GLU A 179 15.59 -2.61 -9.88
C GLU A 179 16.78 -1.70 -9.66
N THR A 180 16.53 -0.67 -8.88
CA THR A 180 17.55 0.29 -8.53
C THR A 180 18.34 -0.20 -7.35
N LEU A 181 17.64 -0.80 -6.40
CA LEU A 181 18.29 -1.61 -5.39
C LEU A 181 19.19 -2.61 -6.08
N ILE A 182 20.42 -2.73 -5.58
CA ILE A 182 21.37 -3.70 -6.08
C ILE A 182 22.04 -4.37 -4.88
N PHE A 183 22.90 -5.33 -5.19
CA PHE A 183 23.41 -6.27 -4.21
C PHE A 183 24.69 -6.92 -4.71
N SER A 184 25.47 -7.46 -3.79
CA SER A 184 26.89 -7.67 -4.07
C SER A 184 27.11 -8.82 -5.04
N LYS A 185 28.23 -8.74 -5.75
CA LYS A 185 28.75 -9.87 -6.50
C LYS A 185 28.99 -11.08 -5.61
N HIS A 186 29.15 -10.88 -4.31
CA HIS A 186 29.49 -11.93 -3.38
C HIS A 186 29.51 -11.32 -1.99
N ALA A 187 29.44 -12.18 -0.98
CA ALA A 187 29.19 -11.72 0.37
C ALA A 187 30.10 -12.45 1.33
N VAL A 188 30.19 -11.92 2.55
CA VAL A 188 31.12 -12.48 3.53
C VAL A 188 30.51 -12.48 4.93
N ILE A 189 31.34 -12.79 5.91
CA ILE A 189 31.00 -12.78 7.33
C ILE A 189 32.14 -12.18 8.10
N THR A 190 31.97 -12.07 9.42
CA THR A 190 33.02 -11.59 10.31
C THR A 190 32.57 -11.92 11.73
N LEU A 191 33.31 -11.44 12.72
CA LEU A 191 32.81 -11.33 14.08
C LEU A 191 32.85 -9.86 14.45
N ARG A 192 31.68 -9.25 14.56
CA ARG A 192 31.56 -7.90 15.08
C ARG A 192 31.18 -8.01 16.54
N HIS A 193 31.90 -7.27 17.38
CA HIS A 193 31.68 -7.28 18.82
C HIS A 193 31.76 -8.70 19.35
N GLY A 194 32.77 -9.42 18.87
CA GLY A 194 33.00 -10.79 19.28
C GLY A 194 31.94 -11.77 18.85
N ARG A 195 31.02 -11.37 17.98
CA ARG A 195 29.90 -12.21 17.60
C ARG A 195 29.80 -12.31 16.09
N LEU A 196 29.72 -13.53 15.59
CA LEU A 196 29.72 -13.77 14.15
C LEU A 196 28.57 -13.04 13.51
N CYS A 197 28.77 -12.60 12.26
CA CYS A 197 27.77 -11.80 11.56
C CYS A 197 27.93 -12.00 10.06
N PHE A 198 26.81 -11.86 9.36
CA PHE A 198 26.68 -12.16 7.95
C PHE A 198 26.08 -10.95 7.24
N MET A 199 26.82 -10.42 6.29
CA MET A 199 26.51 -9.17 5.61
C MET A 199 25.64 -9.38 4.39
N LEU A 200 25.49 -8.30 3.63
CA LEU A 200 25.11 -8.10 2.24
C LEU A 200 25.18 -6.60 2.00
N ARG A 201 25.26 -6.22 0.74
CA ARG A 201 25.15 -4.81 0.43
C ARG A 201 23.94 -4.63 -0.47
N VAL A 202 23.18 -3.57 -0.24
CA VAL A 202 22.14 -3.15 -1.17
C VAL A 202 22.67 -1.96 -1.97
N GLY A 203 21.81 -1.34 -2.80
CA GLY A 203 22.26 -0.20 -3.58
C GLY A 203 21.20 0.47 -4.43
N ASP A 204 21.52 1.64 -4.98
CA ASP A 204 20.58 2.52 -5.64
C ASP A 204 21.17 3.02 -6.95
N LEU A 205 20.50 2.70 -8.07
CA LEU A 205 20.94 3.11 -9.39
C LEU A 205 20.37 4.45 -9.83
N ARG A 206 19.54 5.09 -9.02
CA ARG A 206 19.04 6.41 -9.36
C ARG A 206 19.27 7.39 -8.22
N LYS A 207 19.32 8.67 -8.56
CA LYS A 207 19.45 9.69 -7.53
C LYS A 207 18.15 9.92 -6.80
N SER A 208 17.04 9.45 -7.35
CA SER A 208 15.71 9.80 -6.85
C SER A 208 15.45 9.06 -5.53
N MET A 209 14.29 9.32 -4.94
CA MET A 209 14.01 8.91 -3.57
C MET A 209 13.33 7.56 -3.55
N ILE A 210 13.82 6.66 -2.71
CA ILE A 210 13.14 5.42 -2.40
C ILE A 210 12.83 5.43 -0.90
N ILE A 211 11.57 5.16 -0.57
CA ILE A 211 11.02 5.44 0.76
C ILE A 211 10.16 4.25 1.17
N SER A 212 9.94 4.14 2.48
CA SER A 212 9.16 3.04 3.03
C SER A 212 9.72 1.71 2.57
N ALA A 213 10.94 1.42 3.00
CA ALA A 213 11.72 0.31 2.47
C ALA A 213 12.05 -0.65 3.61
N THR A 214 11.55 -1.86 3.52
CA THR A 214 11.79 -2.90 4.50
C THR A 214 12.58 -4.04 3.86
N ILE A 215 12.86 -5.07 4.66
CA ILE A 215 13.68 -6.21 4.24
C ILE A 215 13.11 -7.49 4.84
N HIS A 216 12.92 -8.51 4.03
CA HIS A 216 12.59 -9.85 4.49
C HIS A 216 13.47 -10.83 3.74
N MET A 217 14.08 -11.78 4.45
CA MET A 217 15.16 -12.58 3.90
C MET A 217 15.06 -14.02 4.35
N GLN A 218 15.17 -14.96 3.42
CA GLN A 218 14.91 -16.35 3.70
C GLN A 218 16.14 -17.21 3.36
N VAL A 219 16.13 -18.42 3.91
CA VAL A 219 17.19 -19.40 3.71
C VAL A 219 16.59 -20.70 3.19
N VAL A 220 17.21 -21.25 2.15
CA VAL A 220 16.76 -22.50 1.57
C VAL A 220 17.84 -23.55 1.80
N ARG A 221 17.45 -24.71 2.33
CA ARG A 221 18.36 -25.82 2.54
C ARG A 221 17.54 -27.09 2.65
N LYS A 222 18.19 -28.22 2.49
CA LYS A 222 17.49 -29.49 2.58
C LYS A 222 17.19 -29.78 4.04
N THR A 223 15.98 -30.25 4.32
CA THR A 223 15.52 -30.30 5.70
C THR A 223 14.62 -31.51 5.89
N THR A 224 14.74 -32.15 7.05
CA THR A 224 13.97 -33.34 7.36
C THR A 224 13.60 -33.33 8.84
N SER A 225 12.45 -33.89 9.15
CA SER A 225 11.96 -34.01 10.50
C SER A 225 12.65 -35.14 11.25
N PRO A 226 12.78 -35.02 12.57
CA PRO A 226 13.10 -36.21 13.35
C PRO A 226 12.03 -37.26 13.25
N GLU A 227 10.79 -36.84 13.01
CA GLU A 227 9.70 -37.76 12.74
C GLU A 227 9.66 -38.19 11.27
N GLY A 228 10.61 -37.74 10.47
CA GLY A 228 10.84 -38.35 9.18
C GLY A 228 9.96 -37.91 8.04
N GLU A 229 9.55 -36.65 7.99
CA GLU A 229 8.80 -36.14 6.86
C GLU A 229 9.65 -35.09 6.18
N VAL A 230 10.11 -35.40 4.95
CA VAL A 230 11.07 -34.59 4.23
C VAL A 230 10.34 -33.64 3.30
N VAL A 231 10.83 -32.41 3.19
CA VAL A 231 10.21 -31.43 2.31
C VAL A 231 11.28 -30.95 1.34
N PRO A 232 10.92 -30.41 0.18
CA PRO A 232 11.96 -29.96 -0.75
C PRO A 232 12.81 -28.85 -0.17
N LEU A 233 12.18 -27.84 0.37
CA LEU A 233 12.87 -26.81 1.14
C LEU A 233 11.85 -26.22 2.09
N HIS A 234 12.25 -25.96 3.32
CA HIS A 234 11.31 -25.39 4.28
C HIS A 234 11.83 -24.01 4.62
N GLN A 235 11.18 -22.97 4.10
CA GLN A 235 11.66 -21.63 4.35
C GLN A 235 11.59 -21.34 5.85
N VAL A 236 12.72 -20.90 6.41
CA VAL A 236 12.81 -20.47 7.79
C VAL A 236 13.49 -19.10 7.83
N ASP A 237 13.08 -18.29 8.80
CA ASP A 237 13.43 -16.89 8.88
C ASP A 237 14.81 -16.71 9.48
N ILE A 238 15.52 -15.69 9.02
CA ILE A 238 16.56 -15.06 9.82
C ILE A 238 16.22 -13.59 9.98
N PRO A 239 16.00 -13.09 11.19
CA PRO A 239 15.69 -11.67 11.35
C PRO A 239 16.90 -10.81 11.05
N MET A 240 16.66 -9.71 10.34
CA MET A 240 17.69 -8.71 10.19
C MET A 240 17.77 -7.86 11.44
N GLU A 241 18.94 -7.87 12.09
CA GLU A 241 19.04 -7.36 13.44
C GLU A 241 19.29 -5.86 13.35
N ASN A 242 18.27 -5.10 13.72
CA ASN A 242 18.39 -3.67 13.83
C ASN A 242 18.44 -3.31 15.29
N GLY A 243 17.91 -2.13 15.62
CA GLY A 243 17.39 -1.93 16.96
C GLY A 243 15.91 -2.23 17.01
N VAL A 244 15.44 -2.64 18.19
CA VAL A 244 14.03 -2.94 18.40
C VAL A 244 13.53 -3.87 17.31
N GLY A 245 14.21 -5.01 17.15
CA GLY A 245 13.88 -5.92 16.06
C GLY A 245 13.80 -5.10 14.81
N GLY A 246 12.71 -5.29 14.07
CA GLY A 246 12.40 -4.37 13.01
C GLY A 246 12.76 -4.85 11.62
N ASN A 247 11.90 -4.48 10.69
CA ASN A 247 11.85 -5.15 9.41
C ASN A 247 12.73 -4.48 8.38
N GLY A 248 13.14 -3.24 8.64
CA GLY A 248 13.59 -2.38 7.58
C GLY A 248 14.48 -1.22 8.01
N ILE A 249 15.16 -0.68 7.01
CA ILE A 249 16.20 0.32 7.18
C ILE A 249 16.01 1.39 6.11
N PHE A 250 16.78 2.47 6.22
CA PHE A 250 16.45 3.73 5.54
C PHE A 250 17.49 4.04 4.47
N LEU A 251 17.10 3.89 3.21
CA LEU A 251 18.05 3.89 2.10
C LEU A 251 17.96 5.20 1.33
N VAL A 252 18.99 6.01 1.45
CA VAL A 252 19.41 6.92 0.39
C VAL A 252 20.91 6.72 0.30
N ALA A 253 21.60 7.03 1.37
CA ALA A 253 22.99 6.62 1.48
C ALA A 253 23.04 5.10 1.61
N PRO A 254 24.04 4.45 1.03
CA PRO A 254 24.17 2.99 1.20
C PRO A 254 24.43 2.64 2.65
N LEU A 255 23.77 1.58 3.13
CA LEU A 255 23.97 1.12 4.50
C LEU A 255 23.99 -0.41 4.57
N ILE A 256 24.98 -0.95 5.27
CA ILE A 256 25.18 -2.38 5.28
C ILE A 256 24.02 -3.07 5.99
N ILE A 257 23.79 -4.33 5.66
CA ILE A 257 22.79 -5.12 6.37
C ILE A 257 23.52 -6.09 7.29
N TYR A 258 22.95 -6.26 8.47
CA TYR A 258 23.70 -6.56 9.69
C TYR A 258 22.81 -7.43 10.57
N HIS A 259 23.30 -8.57 11.04
CA HIS A 259 22.38 -9.48 11.75
C HIS A 259 23.15 -10.51 12.56
N VAL A 260 22.40 -11.53 13.01
CA VAL A 260 22.80 -12.55 13.98
C VAL A 260 23.17 -13.85 13.30
N ILE A 261 24.22 -14.50 13.81
CA ILE A 261 24.31 -15.97 13.89
C ILE A 261 24.46 -16.30 15.37
N ASP A 262 23.41 -16.89 15.96
CA ASP A 262 23.41 -17.33 17.34
C ASP A 262 22.73 -18.69 17.41
N SER A 263 23.19 -19.52 18.35
CA SER A 263 22.73 -20.91 18.35
C SER A 263 21.23 -21.03 18.50
N ASN A 264 20.53 -19.97 18.90
CA ASN A 264 19.09 -20.01 18.81
C ASN A 264 18.61 -19.68 17.40
N SER A 265 19.38 -19.04 16.68
CA SER A 265 18.89 -18.69 15.36
C SER A 265 19.20 -19.80 14.37
N PRO A 266 18.21 -20.18 13.56
CA PRO A 266 18.31 -21.41 12.77
C PRO A 266 19.52 -21.48 11.84
N LEU A 267 20.22 -20.41 11.63
CA LEU A 267 21.37 -20.44 10.73
C LEU A 267 22.69 -20.71 11.46
N TYR A 268 22.67 -21.00 12.75
CA TYR A 268 23.89 -21.04 13.54
C TYR A 268 24.81 -22.21 13.20
N ASP A 269 24.31 -23.29 12.64
CA ASP A 269 25.07 -24.54 12.61
C ASP A 269 26.24 -24.51 11.64
N LEU A 270 26.03 -24.06 10.42
CA LEU A 270 26.97 -24.34 9.33
C LEU A 270 28.38 -23.89 9.70
N ALA A 271 29.39 -24.64 9.16
CA ALA A 271 30.85 -24.67 9.19
C ALA A 271 31.41 -23.84 8.04
N PRO A 272 32.54 -23.16 8.25
CA PRO A 272 33.15 -22.40 7.15
C PRO A 272 33.59 -23.27 6.00
N SER A 273 34.27 -24.37 6.28
CA SER A 273 34.88 -25.13 5.19
C SER A 273 33.92 -26.19 4.66
N ASP A 274 32.76 -26.35 5.32
CA ASP A 274 31.73 -27.22 4.76
C ASP A 274 30.89 -26.51 3.71
N LEU A 275 30.50 -25.26 3.95
CA LEU A 275 29.52 -24.61 3.09
C LEU A 275 30.14 -24.17 1.77
N HIS A 276 31.38 -23.67 1.82
CA HIS A 276 32.02 -23.06 0.67
C HIS A 276 32.25 -24.02 -0.49
N HIS A 277 31.96 -25.31 -0.31
CA HIS A 277 32.19 -26.28 -1.37
C HIS A 277 30.96 -27.11 -1.65
N HIS A 278 30.55 -27.91 -0.67
CA HIS A 278 29.50 -28.91 -0.79
C HIS A 278 28.16 -28.43 -0.27
N GLN A 279 28.11 -28.03 1.00
CA GLN A 279 26.87 -27.63 1.66
C GLN A 279 26.09 -26.67 0.77
N ASP A 280 24.81 -26.97 0.59
CA ASP A 280 23.99 -26.26 -0.39
C ASP A 280 23.31 -25.07 0.28
N LEU A 281 23.70 -23.88 -0.14
CA LEU A 281 22.99 -22.68 0.25
C LEU A 281 22.96 -21.72 -0.92
N GLU A 282 21.78 -21.20 -1.21
CA GLU A 282 21.71 -19.89 -1.83
C GLU A 282 20.77 -19.08 -0.96
N ILE A 283 21.31 -18.14 -0.23
CA ILE A 283 20.51 -17.34 0.69
C ILE A 283 19.70 -16.39 -0.16
N ILE A 284 18.38 -16.39 0.03
CA ILE A 284 17.50 -15.52 -0.74
C ILE A 284 17.17 -14.30 0.10
N VAL A 285 17.09 -13.14 -0.56
CA VAL A 285 16.80 -11.89 0.11
C VAL A 285 15.78 -11.09 -0.71
N ILE A 286 14.79 -10.57 0.01
CA ILE A 286 13.64 -9.88 -0.57
C ILE A 286 13.62 -8.47 -0.02
N LEU A 287 13.51 -7.48 -0.90
CA LEU A 287 13.18 -6.12 -0.49
C LEU A 287 11.98 -5.64 -1.30
N GLU A 288 11.07 -4.97 -0.59
CA GLU A 288 9.78 -4.63 -1.12
C GLU A 288 9.50 -3.16 -0.79
N GLY A 289 9.29 -2.37 -1.82
CA GLY A 289 9.07 -0.96 -1.60
C GLY A 289 8.27 -0.38 -2.73
N VAL A 290 8.08 0.93 -2.69
CA VAL A 290 7.40 1.64 -3.76
C VAL A 290 8.22 2.87 -4.12
N VAL A 291 8.64 2.93 -5.35
CA VAL A 291 9.41 4.06 -5.85
C VAL A 291 8.59 5.31 -5.69
N GLU A 292 9.23 6.34 -5.15
CA GLU A 292 8.57 7.52 -4.59
C GLU A 292 7.49 8.10 -5.48
N THR A 293 7.74 8.23 -6.77
CA THR A 293 6.82 9.01 -7.59
C THR A 293 5.66 8.19 -8.13
N THR A 294 5.78 6.87 -8.17
CA THR A 294 4.77 6.10 -8.88
C THR A 294 3.52 5.88 -8.07
N GLY A 295 3.65 5.75 -6.76
CA GLY A 295 2.57 5.22 -5.98
C GLY A 295 2.14 3.83 -6.44
N ILE A 296 3.09 2.91 -6.63
CA ILE A 296 2.78 1.49 -6.72
C ILE A 296 3.96 0.69 -6.20
N THR A 297 3.66 -0.40 -5.51
CA THR A 297 4.70 -1.24 -4.95
C THR A 297 5.42 -1.98 -6.06
N THR A 298 6.62 -2.46 -5.73
CA THR A 298 7.49 -3.21 -6.60
C THR A 298 8.60 -3.76 -5.69
N GLN A 299 9.47 -4.58 -6.25
CA GLN A 299 10.43 -5.29 -5.42
C GLN A 299 11.68 -5.54 -6.26
N ALA A 300 12.67 -6.19 -5.65
CA ALA A 300 13.85 -6.64 -6.35
C ALA A 300 14.41 -7.82 -5.58
N ARG A 301 15.21 -8.64 -6.24
CA ARG A 301 15.54 -9.93 -5.66
C ARG A 301 16.94 -10.38 -6.02
N THR A 302 17.54 -11.10 -5.07
CA THR A 302 18.74 -11.87 -5.33
C THR A 302 18.89 -12.94 -4.25
N SER A 303 19.65 -13.97 -4.58
CA SER A 303 20.16 -14.94 -3.64
C SER A 303 21.67 -14.95 -3.71
N TYR A 304 22.25 -15.91 -2.99
CA TYR A 304 23.68 -16.10 -2.95
C TYR A 304 24.00 -17.58 -2.94
N LEU A 305 24.79 -18.02 -3.90
CA LEU A 305 25.18 -19.41 -3.92
C LEU A 305 26.20 -19.67 -2.81
N ALA A 306 26.09 -20.86 -2.20
CA ALA A 306 26.97 -21.24 -1.11
C ALA A 306 28.42 -20.98 -1.48
N ASP A 307 28.91 -21.64 -2.54
CA ASP A 307 30.27 -21.39 -3.01
C ASP A 307 30.54 -19.90 -3.18
N GLU A 308 29.50 -19.10 -3.45
CA GLU A 308 29.69 -17.67 -3.54
C GLU A 308 29.87 -17.05 -2.16
N ILE A 309 28.94 -17.31 -1.24
CA ILE A 309 29.10 -16.74 0.10
C ILE A 309 30.36 -17.31 0.75
N LEU A 310 31.27 -16.43 1.17
CA LEU A 310 32.60 -16.84 1.58
C LEU A 310 32.87 -16.36 2.99
N TRP A 311 34.03 -16.75 3.53
CA TRP A 311 34.30 -16.63 4.95
C TRP A 311 35.38 -15.59 5.25
N GLY A 312 35.23 -14.89 6.39
CA GLY A 312 36.31 -14.18 7.02
C GLY A 312 36.85 -12.97 6.28
N GLN A 313 36.18 -12.52 5.23
CA GLN A 313 36.56 -11.28 4.59
C GLN A 313 35.67 -10.17 5.11
N ARG A 314 35.88 -8.93 4.67
CA ARG A 314 35.05 -7.85 5.17
C ARG A 314 34.96 -6.75 4.13
N PHE A 315 33.89 -5.96 4.21
CA PHE A 315 33.71 -4.84 3.31
C PHE A 315 34.59 -3.66 3.64
N VAL A 316 35.21 -3.12 2.60
CA VAL A 316 35.94 -1.86 2.66
C VAL A 316 34.95 -0.77 3.07
N PRO A 317 35.38 0.28 3.74
CA PRO A 317 34.55 1.48 3.79
C PRO A 317 34.19 1.93 2.39
N ILE A 318 32.89 2.09 2.18
CA ILE A 318 32.38 2.53 0.89
C ILE A 318 32.45 4.05 0.84
N VAL A 319 31.64 4.70 1.66
CA VAL A 319 31.50 6.15 1.62
C VAL A 319 32.71 6.81 2.28
N ALA A 320 32.93 8.08 1.94
CA ALA A 320 33.92 8.91 2.61
C ALA A 320 33.45 10.35 2.60
N GLU A 321 33.87 11.10 3.62
CA GLU A 321 33.59 12.51 3.76
C GLU A 321 34.60 13.29 2.93
N GLU A 322 34.13 14.05 1.95
CA GLU A 322 35.06 14.65 1.01
C GLU A 322 34.50 15.94 0.41
N ASP A 323 35.39 16.79 -0.04
CA ASP A 323 35.01 18.13 -0.49
C ASP A 323 34.14 18.78 0.57
N GLY A 324 33.08 19.47 0.14
CA GLY A 324 32.22 20.10 1.11
C GLY A 324 31.02 19.24 1.41
N ARG A 325 31.10 17.95 1.12
CA ARG A 325 29.93 17.11 1.17
C ARG A 325 30.29 15.71 1.64
N TYR A 326 29.28 14.85 1.70
CA TYR A 326 29.53 13.43 1.68
C TYR A 326 29.82 12.98 0.24
N SER A 327 30.56 11.88 0.14
CA SER A 327 31.07 11.40 -1.13
C SER A 327 30.95 9.88 -1.16
N VAL A 328 30.49 9.37 -2.29
CA VAL A 328 30.21 7.95 -2.42
C VAL A 328 30.75 7.44 -3.75
N ASP A 329 31.55 6.39 -3.66
CA ASP A 329 32.14 5.74 -4.82
C ASP A 329 31.70 4.29 -4.85
N TYR A 330 30.88 3.95 -5.82
CA TYR A 330 30.44 2.58 -5.96
C TYR A 330 31.43 1.72 -6.72
N SER A 331 32.48 2.31 -7.30
CA SER A 331 33.49 1.48 -7.94
C SER A 331 34.08 0.47 -6.98
N LYS A 332 34.02 0.76 -5.68
CA LYS A 332 34.49 -0.16 -4.66
C LYS A 332 33.38 -1.02 -4.08
N PHE A 333 32.18 -0.98 -4.67
CA PHE A 333 30.94 -1.35 -3.97
C PHE A 333 31.09 -2.62 -3.18
N GLY A 334 31.75 -3.63 -3.76
CA GLY A 334 31.95 -4.91 -3.12
C GLY A 334 33.38 -5.18 -2.72
N ASN A 335 34.27 -4.19 -2.78
CA ASN A 335 35.67 -4.46 -2.54
C ASN A 335 35.87 -4.98 -1.13
N THR A 336 36.93 -5.74 -0.95
CA THR A 336 36.99 -6.66 0.16
C THR A 336 38.38 -6.67 0.75
N ILE A 337 38.46 -6.95 2.05
CA ILE A 337 39.73 -7.09 2.75
C ILE A 337 39.73 -8.41 3.51
N LYS A 338 40.92 -8.84 3.92
CA LYS A 338 41.09 -10.00 4.77
C LYS A 338 41.22 -9.55 6.23
N VAL A 339 40.47 -10.19 7.12
CA VAL A 339 40.44 -9.73 8.50
C VAL A 339 40.83 -10.87 9.44
N PRO A 340 41.65 -10.58 10.45
CA PRO A 340 42.01 -11.63 11.41
C PRO A 340 40.85 -11.94 12.33
N THR A 341 39.94 -12.76 11.85
CA THR A 341 38.75 -13.08 12.61
C THR A 341 38.68 -14.59 12.81
N PRO A 342 38.17 -15.07 13.94
CA PRO A 342 38.31 -16.49 14.26
C PRO A 342 37.81 -17.42 13.16
N LEU A 343 38.70 -18.31 12.73
CA LEU A 343 38.37 -19.39 11.82
C LEU A 343 38.00 -20.59 12.67
N CYS A 344 36.73 -20.90 12.67
CA CYS A 344 36.20 -22.02 13.43
C CYS A 344 34.81 -22.23 12.86
N THR A 345 34.14 -23.27 13.33
CA THR A 345 32.78 -23.50 12.87
C THR A 345 31.84 -22.78 13.82
N ALA A 346 30.85 -22.11 13.24
CA ALA A 346 29.91 -21.38 14.07
C ALA A 346 29.16 -22.29 15.01
N ARG A 347 29.22 -23.61 14.75
CA ARG A 347 28.80 -24.58 15.74
C ARG A 347 29.86 -24.74 16.82
N GLN A 348 31.13 -24.53 16.47
CA GLN A 348 32.17 -24.49 17.50
C GLN A 348 32.45 -23.08 17.95
N LEU A 349 31.79 -22.08 17.37
CA LEU A 349 31.71 -20.82 18.09
C LEU A 349 30.40 -20.73 18.86
N ASP A 350 29.51 -21.68 18.68
CA ASP A 350 28.50 -21.96 19.69
C ASP A 350 29.05 -22.95 20.72
N GLU A 351 30.10 -23.70 20.37
CA GLU A 351 30.84 -24.43 21.39
C GLU A 351 31.88 -23.54 22.03
N ASP A 352 32.25 -22.45 21.34
CA ASP A 352 33.00 -21.40 22.00
C ASP A 352 32.06 -20.55 22.83
N ARG A 353 30.90 -20.21 22.26
CA ARG A 353 29.85 -19.55 23.03
C ARG A 353 29.47 -20.40 24.24
N SER A 354 29.71 -21.70 24.17
CA SER A 354 29.54 -22.56 25.34
C SER A 354 30.76 -22.53 26.25
N LEU A 355 31.96 -22.61 25.68
CA LEU A 355 33.19 -22.73 26.45
C LEU A 355 33.71 -21.37 26.89
N LEU A 356 33.67 -20.38 26.01
CA LEU A 356 34.12 -19.03 26.30
C LEU A 356 33.26 -18.00 25.58
N ARG B 31 -23.67 -29.65 4.62
CA ARG B 31 -24.84 -28.78 4.57
C ARG B 31 -25.12 -28.17 5.93
N ARG B 32 -24.56 -28.80 6.96
CA ARG B 32 -24.77 -28.37 8.34
C ARG B 32 -24.41 -26.91 8.54
N ALA B 33 -23.12 -26.60 8.49
CA ALA B 33 -22.65 -25.25 8.74
C ALA B 33 -21.77 -24.81 7.57
N ARG B 34 -22.00 -23.59 7.11
CA ARG B 34 -21.26 -23.05 5.99
C ARG B 34 -20.86 -21.65 6.37
N PHE B 35 -19.57 -21.31 6.29
CA PHE B 35 -19.17 -19.94 6.52
C PHE B 35 -18.52 -19.33 5.27
N VAL B 36 -17.42 -19.91 4.79
CA VAL B 36 -16.98 -19.59 3.45
C VAL B 36 -16.82 -20.90 2.70
N SER B 37 -16.53 -20.79 1.40
CA SER B 37 -16.70 -21.93 0.52
C SER B 37 -15.41 -22.70 0.33
N LYS B 38 -15.50 -23.81 -0.41
CA LYS B 38 -14.31 -24.59 -0.74
C LYS B 38 -13.36 -23.79 -1.61
N LYS B 39 -13.86 -23.21 -2.69
CA LYS B 39 -13.15 -22.20 -3.45
C LYS B 39 -13.03 -20.90 -2.67
N GLY B 40 -13.85 -20.71 -1.64
CA GLY B 40 -13.59 -19.71 -0.64
C GLY B 40 -14.42 -18.44 -0.59
N ASN B 41 -15.50 -18.32 -1.35
CA ASN B 41 -16.35 -17.15 -1.25
C ASN B 41 -17.06 -17.16 0.09
N CYS B 42 -17.19 -15.99 0.70
CA CYS B 42 -18.00 -15.89 1.90
C CYS B 42 -19.45 -16.05 1.49
N ASN B 43 -20.10 -17.07 2.05
CA ASN B 43 -21.50 -17.32 1.74
C ASN B 43 -22.45 -16.65 2.70
N VAL B 44 -21.97 -16.15 3.83
CA VAL B 44 -22.88 -15.58 4.80
C VAL B 44 -23.40 -14.25 4.31
N ALA B 45 -24.69 -14.03 4.46
CA ALA B 45 -25.33 -12.84 3.95
C ALA B 45 -25.83 -12.01 5.12
N HIS B 46 -26.53 -10.92 4.81
CA HIS B 46 -27.00 -9.97 5.82
C HIS B 46 -28.47 -9.69 5.60
N LYS B 47 -29.27 -9.82 6.65
CA LYS B 47 -30.70 -9.60 6.52
C LYS B 47 -31.10 -8.27 7.16
N ASN B 48 -31.56 -7.35 6.33
CA ASN B 48 -32.21 -6.10 6.71
C ASN B 48 -31.44 -5.31 7.75
N ILE B 49 -30.29 -4.76 7.36
CA ILE B 49 -29.69 -3.74 8.20
C ILE B 49 -30.53 -2.48 8.07
N ARG B 50 -30.33 -1.57 9.02
CA ARG B 50 -31.26 -0.49 9.31
C ARG B 50 -31.49 0.49 8.15
N GLU B 51 -30.80 0.33 7.03
CA GLU B 51 -31.00 1.17 5.85
C GLU B 51 -32.45 1.45 5.56
N PHE B 55 -29.54 2.25 -1.49
CA PHE B 55 -28.68 1.12 -1.21
C PHE B 55 -27.21 1.53 -1.19
N LEU B 56 -26.67 1.74 0.00
CA LEU B 56 -25.31 2.22 0.18
C LEU B 56 -25.07 3.44 -0.71
N GLN B 57 -25.68 4.54 -0.30
CA GLN B 57 -25.87 5.65 -1.21
C GLN B 57 -24.55 6.08 -1.81
N ASP B 58 -24.46 6.00 -3.14
CA ASP B 58 -23.25 6.37 -3.86
C ASP B 58 -23.61 6.37 -5.34
N VAL B 59 -22.62 6.75 -6.15
CA VAL B 59 -22.84 6.88 -7.58
C VAL B 59 -21.98 5.88 -8.35
N PHE B 60 -20.68 6.16 -8.50
CA PHE B 60 -19.89 5.31 -9.37
C PHE B 60 -19.04 4.28 -8.64
N THR B 61 -19.10 4.20 -7.30
CA THR B 61 -18.41 3.11 -6.63
C THR B 61 -18.90 1.77 -7.14
N THR B 62 -20.21 1.67 -7.37
CA THR B 62 -20.84 0.38 -7.57
C THR B 62 -20.66 -0.15 -8.99
N LEU B 63 -20.80 0.71 -9.99
CA LEU B 63 -20.79 0.22 -11.36
C LEU B 63 -19.55 -0.60 -11.64
N VAL B 64 -18.41 -0.14 -11.12
CA VAL B 64 -17.16 -0.80 -11.45
C VAL B 64 -17.11 -2.19 -10.83
N ASP B 65 -17.68 -2.36 -9.63
CA ASP B 65 -17.71 -3.64 -8.95
C ASP B 65 -18.65 -4.63 -9.63
N LEU B 66 -19.49 -4.15 -10.54
CA LEU B 66 -20.45 -5.01 -11.18
C LEU B 66 -19.76 -5.90 -12.21
N LYS B 67 -20.55 -6.55 -13.01
CA LYS B 67 -20.04 -7.40 -14.08
C LYS B 67 -20.07 -6.61 -15.38
N TRP B 68 -19.52 -7.21 -16.44
CA TRP B 68 -19.42 -6.50 -17.72
C TRP B 68 -20.78 -6.11 -18.27
N PRO B 69 -21.70 -7.03 -18.52
CA PRO B 69 -22.90 -6.63 -19.26
C PRO B 69 -23.58 -5.39 -18.71
N HIS B 70 -23.70 -5.27 -17.40
CA HIS B 70 -24.34 -4.07 -16.89
C HIS B 70 -23.50 -2.82 -17.11
N THR B 71 -22.17 -2.91 -17.11
CA THR B 71 -21.42 -1.69 -17.32
C THR B 71 -21.44 -1.28 -18.78
N LEU B 72 -21.13 -2.21 -19.68
CA LEU B 72 -21.13 -1.88 -21.11
C LEU B 72 -22.52 -1.43 -21.55
N LEU B 73 -23.50 -2.30 -21.36
CA LEU B 73 -24.89 -1.97 -21.68
C LEU B 73 -25.27 -0.64 -21.05
N ILE B 74 -24.91 -0.45 -19.80
CA ILE B 74 -25.40 0.73 -19.08
C ILE B 74 -24.86 1.99 -19.75
N PHE B 75 -23.62 1.95 -20.21
CA PHE B 75 -23.09 3.15 -20.87
C PHE B 75 -23.69 3.34 -22.25
N THR B 76 -23.76 2.29 -23.06
CA THR B 76 -24.24 2.56 -24.41
C THR B 76 -25.69 3.03 -24.32
N MET B 77 -26.42 2.49 -23.35
CA MET B 77 -27.75 3.04 -23.09
C MET B 77 -27.67 4.51 -22.71
N SER B 78 -26.62 4.90 -21.97
CA SER B 78 -26.48 6.29 -21.56
C SER B 78 -26.29 7.19 -22.77
N PHE B 79 -25.30 6.87 -23.60
CA PHE B 79 -25.13 7.58 -24.87
C PHE B 79 -26.44 7.69 -25.62
N LEU B 80 -27.18 6.59 -25.75
CA LEU B 80 -28.47 6.68 -26.41
C LEU B 80 -29.38 7.67 -25.71
N CYS B 81 -29.35 7.73 -24.38
CA CYS B 81 -30.15 8.73 -23.69
C CYS B 81 -29.77 10.14 -24.13
N SER B 82 -28.55 10.56 -23.83
CA SER B 82 -28.14 11.93 -24.14
C SER B 82 -28.36 12.24 -25.61
N TRP B 83 -27.88 11.35 -26.48
CA TRP B 83 -28.06 11.50 -27.91
C TRP B 83 -29.51 11.79 -28.26
N LEU B 84 -30.42 10.93 -27.80
CA LEU B 84 -31.83 11.18 -27.98
C LEU B 84 -32.17 12.61 -27.57
N LEU B 85 -31.76 12.99 -26.36
CA LEU B 85 -32.15 14.30 -25.83
C LEU B 85 -31.74 15.41 -26.77
N PHE B 86 -30.44 15.61 -26.96
CA PHE B 86 -30.04 16.74 -27.79
C PHE B 86 -30.58 16.62 -29.20
N ALA B 87 -30.76 15.39 -29.68
CA ALA B 87 -31.46 15.21 -30.94
C ALA B 87 -32.74 16.02 -30.89
N MET B 88 -33.64 15.65 -29.98
CA MET B 88 -34.93 16.31 -29.97
C MET B 88 -34.84 17.79 -29.66
N VAL B 89 -33.85 18.24 -28.88
CA VAL B 89 -33.84 19.67 -28.62
C VAL B 89 -33.54 20.43 -29.90
N TRP B 90 -32.60 19.92 -30.72
CA TRP B 90 -32.34 20.63 -31.96
C TRP B 90 -33.47 20.44 -32.95
N TRP B 91 -34.12 19.29 -32.90
CA TRP B 91 -35.37 19.13 -33.62
C TRP B 91 -36.27 20.32 -33.36
N LEU B 92 -36.65 20.52 -32.10
CA LEU B 92 -37.54 21.62 -31.76
C LEU B 92 -36.97 22.98 -32.15
N ILE B 93 -35.88 23.42 -31.50
CA ILE B 93 -35.38 24.78 -31.76
C ILE B 93 -35.27 25.03 -33.26
N ALA B 94 -34.83 24.02 -34.01
CA ALA B 94 -34.84 24.16 -35.47
C ALA B 94 -36.26 24.39 -35.95
N PHE B 95 -37.19 23.57 -35.49
CA PHE B 95 -38.55 23.61 -35.97
C PHE B 95 -39.21 24.95 -35.74
N ALA B 96 -39.39 25.30 -34.46
CA ALA B 96 -40.08 26.53 -34.12
C ALA B 96 -39.34 27.77 -34.58
N HIS B 97 -38.14 27.65 -35.12
CA HIS B 97 -37.46 28.82 -35.61
C HIS B 97 -37.90 29.21 -37.01
N GLY B 98 -38.83 28.48 -37.61
CA GLY B 98 -39.34 28.85 -38.91
C GLY B 98 -38.52 28.37 -40.07
N ASP B 99 -37.27 27.97 -39.84
CA ASP B 99 -36.45 27.53 -40.96
C ASP B 99 -36.62 26.05 -41.26
N LEU B 100 -37.22 25.29 -40.35
CA LEU B 100 -37.30 23.85 -40.55
C LEU B 100 -38.31 23.49 -41.62
N ALA B 101 -39.45 24.16 -41.65
CA ALA B 101 -40.39 23.97 -42.74
C ALA B 101 -39.73 24.46 -44.03
N PRO B 102 -39.51 23.59 -45.01
CA PRO B 102 -38.69 23.98 -46.16
C PRO B 102 -39.33 25.06 -47.00
N GLY B 103 -38.50 25.99 -47.46
CA GLY B 103 -38.93 27.07 -48.32
C GLY B 103 -37.74 27.54 -49.13
N GLU B 104 -37.95 28.61 -49.89
CA GLU B 104 -36.91 29.17 -50.74
C GLU B 104 -36.86 30.68 -50.53
N GLY B 105 -35.70 31.16 -50.10
CA GLY B 105 -35.51 32.58 -49.87
C GLY B 105 -36.14 33.03 -48.57
N THR B 106 -35.85 34.28 -48.22
CA THR B 106 -36.37 34.93 -47.01
C THR B 106 -36.01 34.15 -45.75
N ASN B 107 -34.87 33.45 -45.78
CA ASN B 107 -34.47 32.66 -44.64
C ASN B 107 -32.97 32.37 -44.68
N VAL B 108 -32.43 32.05 -43.51
CA VAL B 108 -31.14 31.39 -43.37
C VAL B 108 -31.35 30.19 -42.46
N PRO B 109 -30.77 29.03 -42.74
CA PRO B 109 -31.01 27.87 -41.88
C PRO B 109 -30.40 28.10 -40.52
N CYS B 110 -30.99 27.50 -39.50
CA CYS B 110 -30.28 27.40 -38.23
C CYS B 110 -29.31 26.23 -38.23
N VAL B 111 -29.62 25.17 -38.97
CA VAL B 111 -28.66 24.14 -39.35
C VAL B 111 -28.97 23.73 -40.79
N THR B 112 -27.94 23.60 -41.62
CA THR B 112 -28.18 23.45 -43.05
C THR B 112 -28.88 22.13 -43.36
N SER B 113 -29.80 22.20 -44.34
CA SER B 113 -30.42 21.05 -44.97
C SER B 113 -31.13 20.14 -43.99
N ILE B 114 -31.58 20.68 -42.87
CA ILE B 114 -32.22 19.87 -41.84
C ILE B 114 -33.68 19.71 -42.22
N HIS B 115 -34.25 18.55 -41.93
CA HIS B 115 -35.62 18.35 -42.37
C HIS B 115 -36.53 17.73 -41.32
N SER B 116 -36.33 16.46 -41.00
CA SER B 116 -37.23 15.75 -40.11
C SER B 116 -36.42 14.94 -39.10
N PHE B 117 -37.13 14.11 -38.33
CA PHE B 117 -36.59 13.53 -37.10
C PHE B 117 -35.17 13.05 -37.28
N SER B 118 -34.98 12.25 -38.33
CA SER B 118 -33.68 11.66 -38.58
C SER B 118 -32.63 12.73 -38.80
N SER B 119 -32.99 13.79 -39.52
CA SER B 119 -32.00 14.82 -39.84
C SER B 119 -31.34 15.36 -38.58
N ALA B 120 -32.17 15.90 -37.68
CA ALA B 120 -31.63 16.42 -36.43
C ALA B 120 -30.92 15.34 -35.65
N PHE B 121 -31.53 14.17 -35.55
CA PHE B 121 -30.91 13.06 -34.81
C PHE B 121 -29.46 12.89 -35.25
N LEU B 122 -29.26 12.57 -36.53
CA LEU B 122 -27.94 12.32 -37.06
C LEU B 122 -27.01 13.52 -36.86
N PHE B 123 -27.54 14.73 -36.84
CA PHE B 123 -26.58 15.84 -36.72
C PHE B 123 -26.12 16.02 -35.29
N SER B 124 -27.03 15.98 -34.34
CA SER B 124 -26.63 16.00 -32.94
C SER B 124 -25.64 14.88 -32.65
N ILE B 125 -26.00 13.66 -33.03
CA ILE B 125 -25.07 12.56 -32.81
C ILE B 125 -23.78 12.82 -33.55
N GLU B 126 -23.84 13.61 -34.63
CA GLU B 126 -22.60 14.00 -35.26
C GLU B 126 -21.75 14.84 -34.32
N VAL B 127 -22.36 15.76 -33.56
CA VAL B 127 -21.49 16.62 -32.79
C VAL B 127 -20.95 15.92 -31.55
N GLN B 128 -21.75 15.10 -30.88
CA GLN B 128 -21.29 14.54 -29.62
C GLN B 128 -19.91 13.90 -29.61
N VAL B 129 -19.70 12.90 -30.47
CA VAL B 129 -18.47 12.13 -30.41
C VAL B 129 -17.49 12.78 -31.37
N THR B 130 -17.87 13.95 -31.89
CA THR B 130 -17.06 14.73 -32.85
C THR B 130 -16.87 13.96 -34.17
N ILE B 131 -17.97 13.88 -34.92
CA ILE B 131 -17.91 13.41 -36.31
C ILE B 131 -17.72 14.59 -37.24
N GLY B 132 -18.79 15.35 -37.43
CA GLY B 132 -18.73 16.43 -38.38
C GLY B 132 -18.61 16.02 -39.82
N PHE B 133 -19.62 15.34 -40.38
CA PHE B 133 -19.61 15.13 -41.84
C PHE B 133 -19.19 16.41 -42.55
N GLY B 134 -19.77 17.54 -42.14
CA GLY B 134 -19.56 18.79 -42.82
C GLY B 134 -20.63 19.13 -43.85
N GLY B 135 -21.36 18.14 -44.35
CA GLY B 135 -22.45 18.45 -45.24
C GLY B 135 -23.51 19.29 -44.56
N ARG B 136 -24.06 18.80 -43.46
CA ARG B 136 -24.89 19.65 -42.64
C ARG B 136 -24.02 20.73 -42.02
N MET B 137 -24.60 21.90 -41.80
CA MET B 137 -23.81 22.98 -41.22
C MET B 137 -24.70 23.93 -40.45
N VAL B 138 -24.11 24.57 -39.44
CA VAL B 138 -24.75 25.61 -38.65
C VAL B 138 -24.07 26.93 -38.95
N THR B 139 -24.85 27.99 -38.94
CA THR B 139 -24.32 29.35 -39.06
C THR B 139 -24.42 30.06 -37.72
N GLU B 140 -24.03 31.33 -37.72
CA GLU B 140 -24.10 32.15 -36.52
C GLU B 140 -25.44 32.83 -36.36
N GLU B 141 -26.41 32.51 -37.23
CA GLU B 141 -27.65 33.27 -37.31
C GLU B 141 -28.53 33.13 -36.09
N CYS B 142 -28.53 31.99 -35.41
CA CYS B 142 -29.63 31.67 -34.50
C CYS B 142 -29.03 31.56 -33.10
N PRO B 143 -29.03 32.65 -32.33
CA PRO B 143 -28.21 32.69 -31.10
C PRO B 143 -28.47 31.54 -30.15
N LEU B 144 -29.74 31.21 -29.93
CA LEU B 144 -30.04 30.07 -29.07
C LEU B 144 -29.39 28.80 -29.58
N ALA B 145 -29.08 28.75 -30.88
CA ALA B 145 -28.42 27.56 -31.44
C ALA B 145 -26.96 27.50 -31.02
N ILE B 146 -26.25 28.62 -31.09
CA ILE B 146 -24.88 28.59 -30.63
C ILE B 146 -24.85 28.24 -29.14
N LEU B 147 -25.80 28.77 -28.39
CA LEU B 147 -25.99 28.36 -27.00
C LEU B 147 -26.06 26.84 -26.89
N ILE B 148 -27.14 26.29 -27.46
CA ILE B 148 -27.42 24.87 -27.26
C ILE B 148 -26.25 24.03 -27.71
N LEU B 149 -25.50 24.50 -28.72
CA LEU B 149 -24.33 23.77 -29.15
C LEU B 149 -23.30 23.72 -28.03
N ILE B 150 -22.91 24.87 -27.51
CA ILE B 150 -21.82 24.84 -26.53
C ILE B 150 -22.23 24.00 -25.32
N VAL B 151 -23.47 24.16 -24.85
CA VAL B 151 -23.85 23.38 -23.68
C VAL B 151 -23.80 21.89 -23.97
N GLN B 152 -24.23 21.49 -25.18
CA GLN B 152 -24.13 20.08 -25.50
C GLN B 152 -22.69 19.61 -25.46
N ASN B 153 -21.79 20.32 -26.14
CA ASN B 153 -20.42 19.81 -26.19
C ASN B 153 -19.84 19.67 -24.80
N ILE B 154 -20.06 20.66 -23.93
CA ILE B 154 -19.47 20.55 -22.60
C ILE B 154 -19.99 19.32 -21.88
N VAL B 155 -21.31 19.20 -21.72
CA VAL B 155 -21.78 18.07 -20.90
C VAL B 155 -21.41 16.74 -21.54
N GLY B 156 -21.41 16.69 -22.87
CA GLY B 156 -21.01 15.46 -23.54
C GLY B 156 -19.57 15.09 -23.25
N LEU B 157 -18.68 16.08 -23.27
CA LEU B 157 -17.31 15.78 -22.89
C LEU B 157 -17.25 15.30 -21.45
N MET B 158 -18.16 15.78 -20.60
CA MET B 158 -18.23 15.27 -19.23
C MET B 158 -18.52 13.78 -19.20
N ILE B 159 -19.61 13.35 -19.85
CA ILE B 159 -19.93 11.93 -19.83
C ILE B 159 -18.80 11.12 -20.43
N ASN B 160 -18.17 11.63 -21.49
CA ASN B 160 -16.98 10.96 -22.02
C ASN B 160 -15.97 10.71 -20.92
N ALA B 161 -15.59 11.79 -20.23
CA ALA B 161 -14.59 11.73 -19.17
C ALA B 161 -14.96 10.69 -18.13
N ILE B 162 -16.03 10.94 -17.38
CA ILE B 162 -16.40 10.01 -16.32
C ILE B 162 -16.40 8.59 -16.84
N MET B 163 -16.90 8.35 -18.05
CA MET B 163 -16.96 6.99 -18.56
C MET B 163 -15.58 6.39 -18.67
N LEU B 164 -14.72 7.01 -19.48
CA LEU B 164 -13.41 6.43 -19.72
C LEU B 164 -12.65 6.24 -18.42
N GLY B 165 -12.71 7.24 -17.53
CA GLY B 165 -12.05 7.11 -16.26
C GLY B 165 -12.51 5.89 -15.48
N CYS B 166 -13.82 5.73 -15.35
CA CYS B 166 -14.28 4.63 -14.51
C CYS B 166 -13.89 3.29 -15.11
N ILE B 167 -14.12 3.11 -16.42
CA ILE B 167 -13.85 1.78 -16.98
C ILE B 167 -12.36 1.48 -16.92
N PHE B 168 -11.53 2.50 -17.03
CA PHE B 168 -10.14 2.39 -16.59
C PHE B 168 -10.09 1.68 -15.25
N MET B 169 -10.72 2.30 -14.24
CA MET B 169 -10.75 1.69 -12.92
C MET B 169 -11.31 0.27 -12.97
N LYS B 170 -12.11 -0.06 -13.99
CA LYS B 170 -12.62 -1.42 -14.09
C LYS B 170 -11.53 -2.39 -14.46
N THR B 171 -10.85 -2.14 -15.59
CA THR B 171 -9.83 -3.12 -15.95
C THR B 171 -8.68 -3.11 -14.99
N ALA B 172 -8.64 -2.14 -14.08
CA ALA B 172 -7.78 -2.33 -12.91
C ALA B 172 -8.05 -3.69 -12.27
N GLN B 173 -9.24 -3.84 -11.68
CA GLN B 173 -9.61 -5.08 -11.02
C GLN B 173 -11.10 -5.30 -11.18
N ALA B 174 -11.48 -6.58 -11.17
CA ALA B 174 -12.86 -6.97 -11.39
C ALA B 174 -13.17 -8.21 -10.55
N HIS B 175 -14.35 -8.79 -10.78
CA HIS B 175 -14.67 -10.09 -10.21
C HIS B 175 -13.79 -11.18 -10.80
N ARG B 176 -13.17 -10.92 -11.95
CA ARG B 176 -12.23 -11.84 -12.57
C ARG B 176 -10.84 -11.73 -11.95
N ARG B 177 -10.69 -10.92 -10.92
CA ARG B 177 -9.39 -10.82 -10.29
C ARG B 177 -8.92 -12.20 -9.91
N ALA B 178 -7.76 -12.57 -10.44
CA ALA B 178 -7.36 -13.96 -10.34
C ALA B 178 -6.99 -14.25 -8.91
N GLU B 179 -7.64 -15.26 -8.33
CA GLU B 179 -7.09 -15.83 -7.10
C GLU B 179 -6.12 -16.86 -7.63
N THR B 180 -4.86 -16.46 -7.66
CA THR B 180 -3.79 -17.32 -8.10
C THR B 180 -3.31 -18.17 -6.96
N LEU B 181 -3.24 -17.57 -5.77
CA LEU B 181 -3.12 -18.34 -4.56
C LEU B 181 -4.23 -19.39 -4.54
N ILE B 182 -3.84 -20.61 -4.21
CA ILE B 182 -4.79 -21.71 -4.06
C ILE B 182 -4.45 -22.47 -2.78
N PHE B 183 -5.27 -23.47 -2.51
CA PHE B 183 -5.29 -24.12 -1.21
C PHE B 183 -5.96 -25.48 -1.31
N SER B 184 -5.68 -26.34 -0.33
CA SER B 184 -5.86 -27.76 -0.55
C SER B 184 -7.32 -28.17 -0.60
N LYS B 185 -7.57 -29.26 -1.30
CA LYS B 185 -8.85 -29.95 -1.20
C LYS B 185 -9.17 -30.38 0.22
N HIS B 186 -8.16 -30.50 1.06
CA HIS B 186 -8.32 -31.00 2.42
C HIS B 186 -6.97 -30.92 3.10
N ALA B 187 -6.99 -30.98 4.42
CA ALA B 187 -5.80 -30.66 5.20
C ALA B 187 -5.63 -31.68 6.30
N VAL B 188 -4.43 -31.69 6.90
CA VAL B 188 -4.13 -32.69 7.91
C VAL B 188 -3.30 -32.08 9.03
N ILE B 189 -2.80 -32.95 9.91
CA ILE B 189 -1.93 -32.61 11.03
C ILE B 189 -0.83 -33.65 11.12
N THR B 190 0.07 -33.45 12.08
CA THR B 190 1.13 -34.41 12.35
C THR B 190 1.74 -34.03 13.70
N LEU B 191 2.82 -34.68 14.08
CA LEU B 191 3.71 -34.16 15.11
C LEU B 191 5.07 -33.98 14.45
N ARG B 192 5.47 -32.73 14.27
CA ARG B 192 6.81 -32.40 13.83
C ARG B 192 7.63 -32.04 15.06
N HIS B 193 8.81 -32.64 15.16
CA HIS B 193 9.69 -32.41 16.29
C HIS B 193 8.96 -32.72 17.60
N GLY B 194 8.23 -33.83 17.58
CA GLY B 194 7.49 -34.27 18.75
C GLY B 194 6.34 -33.38 19.14
N ARG B 195 5.97 -32.40 18.31
CA ARG B 195 4.95 -31.43 18.66
C ARG B 195 3.91 -31.35 17.56
N LEU B 196 2.65 -31.46 17.97
CA LEU B 196 1.55 -31.50 17.02
C LEU B 196 1.55 -30.24 16.16
N CYS B 197 1.11 -30.37 14.91
CA CYS B 197 1.14 -29.27 13.97
C CYS B 197 0.05 -29.45 12.93
N PHE B 198 -0.42 -28.32 12.42
CA PHE B 198 -1.58 -28.25 11.53
C PHE B 198 -1.18 -27.47 10.28
N MET B 199 -1.31 -28.11 9.14
CA MET B 199 -0.83 -27.62 7.86
C MET B 199 -1.88 -26.80 7.14
N LEU B 200 -1.55 -26.49 5.89
CA LEU B 200 -2.35 -26.07 4.73
C LEU B 200 -1.35 -25.91 3.59
N ARG B 201 -1.86 -25.94 2.38
CA ARG B 201 -0.99 -25.61 1.25
C ARG B 201 -1.58 -24.39 0.58
N VAL B 202 -0.72 -23.47 0.15
CA VAL B 202 -1.14 -22.38 -0.72
C VAL B 202 -0.68 -22.71 -2.14
N GLY B 203 -0.84 -21.78 -3.08
CA GLY B 203 -0.44 -22.04 -4.46
C GLY B 203 -0.58 -20.89 -5.43
N ASP B 204 -0.01 -21.04 -6.62
CA ASP B 204 0.11 -19.96 -7.60
C ASP B 204 -0.28 -20.47 -8.97
N LEU B 205 -1.30 -19.85 -9.56
CA LEU B 205 -1.80 -20.23 -10.88
C LEU B 205 -1.13 -19.47 -12.01
N ARG B 206 -0.22 -18.55 -11.72
CA ARG B 206 0.49 -17.84 -12.76
C ARG B 206 1.99 -17.92 -12.53
N LYS B 207 2.76 -17.77 -13.61
CA LYS B 207 4.21 -17.74 -13.48
C LYS B 207 4.70 -16.42 -12.93
N SER B 208 3.86 -15.39 -12.95
CA SER B 208 4.29 -14.03 -12.65
C SER B 208 4.53 -13.87 -11.15
N MET B 209 4.97 -12.69 -10.74
CA MET B 209 5.51 -12.48 -9.41
C MET B 209 4.40 -12.01 -8.47
N ILE B 210 4.33 -12.63 -7.30
CA ILE B 210 3.50 -12.16 -6.20
C ILE B 210 4.43 -11.85 -5.04
N ILE B 211 4.29 -10.64 -4.48
CA ILE B 211 5.29 -10.07 -3.59
C ILE B 211 4.55 -9.39 -2.43
N SER B 212 5.27 -9.19 -1.34
CA SER B 212 4.70 -8.59 -0.14
C SER B 212 3.46 -9.36 0.29
N ALA B 213 3.67 -10.61 0.68
CA ALA B 213 2.58 -11.53 0.91
C ALA B 213 2.62 -12.02 2.35
N THR B 214 1.58 -11.70 3.10
CA THR B 214 1.45 -12.11 4.48
C THR B 214 0.28 -13.06 4.64
N ILE B 215 0.04 -13.51 5.88
CA ILE B 215 -1.00 -14.48 6.20
C ILE B 215 -1.64 -14.13 7.53
N HIS B 216 -2.96 -14.10 7.56
CA HIS B 216 -3.73 -13.98 8.81
C HIS B 216 -4.84 -15.00 8.76
N MET B 217 -5.03 -15.74 9.85
CA MET B 217 -5.87 -16.93 9.82
C MET B 217 -6.68 -17.05 11.09
N GLN B 218 -7.97 -17.32 10.95
CA GLN B 218 -8.89 -17.28 12.08
C GLN B 218 -9.60 -18.61 12.25
N VAL B 219 -10.18 -18.80 13.44
CA VAL B 219 -10.93 -20.00 13.80
C VAL B 219 -12.31 -19.61 14.28
N VAL B 220 -13.31 -20.30 13.77
CA VAL B 220 -14.69 -20.06 14.17
C VAL B 220 -15.21 -21.29 14.90
N ARG B 221 -15.79 -21.07 16.07
CA ARG B 221 -16.39 -22.15 16.86
C ARG B 221 -17.38 -21.53 17.82
N LYS B 222 -18.26 -22.36 18.36
CA LYS B 222 -19.26 -21.86 19.30
C LYS B 222 -18.58 -21.61 20.63
N THR B 223 -18.89 -20.48 21.25
CA THR B 223 -18.11 -20.03 22.40
C THR B 223 -19.01 -19.33 23.40
N THR B 224 -18.73 -19.54 24.68
CA THR B 224 -19.53 -18.97 25.75
C THR B 224 -18.63 -18.60 26.91
N SER B 225 -18.99 -17.55 27.62
CA SER B 225 -18.26 -17.08 28.78
C SER B 225 -18.56 -17.95 30.00
N PRO B 226 -17.60 -18.05 30.93
CA PRO B 226 -17.97 -18.55 32.26
C PRO B 226 -18.96 -17.66 32.94
N GLU B 227 -18.95 -16.37 32.61
CA GLU B 227 -19.96 -15.44 33.08
C GLU B 227 -21.22 -15.46 32.24
N GLY B 228 -21.28 -16.33 31.24
CA GLY B 228 -22.54 -16.66 30.63
C GLY B 228 -23.05 -15.72 29.56
N GLU B 229 -22.17 -15.12 28.77
CA GLU B 229 -22.59 -14.30 27.64
C GLU B 229 -22.13 -14.98 26.37
N VAL B 230 -23.10 -15.48 25.59
CA VAL B 230 -22.84 -16.31 24.42
C VAL B 230 -22.80 -15.44 23.18
N VAL B 231 -21.87 -15.73 22.27
CA VAL B 231 -21.76 -14.96 21.03
C VAL B 231 -21.91 -15.95 19.88
N PRO B 232 -22.28 -15.51 18.68
CA PRO B 232 -22.41 -16.47 17.57
C PRO B 232 -21.10 -17.15 17.25
N LEU B 233 -20.05 -16.35 17.07
CA LEU B 233 -18.70 -16.88 16.94
C LEU B 233 -17.77 -15.78 17.41
N HIS B 234 -16.72 -16.14 18.13
CA HIS B 234 -15.79 -15.12 18.61
C HIS B 234 -14.47 -15.41 17.94
N GLN B 235 -14.10 -14.61 16.95
CA GLN B 235 -12.85 -14.88 16.25
C GLN B 235 -11.68 -14.76 17.22
N VAL B 236 -10.86 -15.81 17.26
CA VAL B 236 -9.64 -15.83 18.04
C VAL B 236 -8.49 -16.29 17.14
N ASP B 237 -7.30 -15.75 17.42
CA ASP B 237 -6.15 -15.88 16.54
C ASP B 237 -5.46 -17.22 16.76
N ILE B 238 -4.91 -17.77 15.70
CA ILE B 238 -3.79 -18.71 15.79
C ILE B 238 -2.60 -18.14 15.02
N PRO B 239 -1.48 -17.84 15.66
CA PRO B 239 -0.34 -17.30 14.92
C PRO B 239 0.26 -18.37 14.02
N MET B 240 0.62 -17.96 12.81
CA MET B 240 1.40 -18.84 11.95
C MET B 240 2.86 -18.78 12.37
N GLU B 241 3.39 -19.93 12.76
CA GLU B 241 4.67 -19.95 13.46
C GLU B 241 5.78 -19.96 12.41
N ASN B 242 6.47 -18.84 12.32
CA ASN B 242 7.64 -18.74 11.49
C ASN B 242 8.86 -18.72 12.37
N GLY B 243 9.89 -18.01 11.94
CA GLY B 243 10.85 -17.48 12.89
C GLY B 243 10.47 -16.06 13.26
N VAL B 244 10.86 -15.66 14.47
CA VAL B 244 10.60 -14.31 14.97
C VAL B 244 9.14 -13.96 14.77
N GLY B 245 8.26 -14.82 15.30
CA GLY B 245 6.83 -14.62 15.07
C GLY B 245 6.63 -14.42 13.59
N GLY B 246 5.88 -13.38 13.27
CA GLY B 246 5.86 -12.93 11.89
C GLY B 246 4.66 -13.36 11.10
N ASN B 247 4.24 -12.45 10.23
CA ASN B 247 2.89 -12.51 9.68
C ASN B 247 2.86 -13.28 8.38
N GLY B 248 4.02 -13.49 7.75
CA GLY B 248 4.04 -13.81 6.35
C GLY B 248 5.30 -14.50 5.86
N ILE B 249 5.16 -15.09 4.68
CA ILE B 249 6.15 -15.96 4.07
C ILE B 249 6.24 -15.62 2.60
N PHE B 250 7.23 -16.20 1.91
CA PHE B 250 7.70 -15.69 0.64
C PHE B 250 7.39 -16.66 -0.50
N LEU B 251 6.41 -16.30 -1.32
CA LEU B 251 5.82 -17.24 -2.27
C LEU B 251 6.30 -16.96 -3.68
N VAL B 252 7.13 -17.85 -4.21
CA VAL B 252 7.19 -18.11 -5.64
C VAL B 252 7.15 -19.63 -5.73
N ALA B 253 8.16 -20.27 -5.18
CA ALA B 253 8.07 -21.69 -4.96
C ALA B 253 7.01 -21.98 -3.90
N PRO B 254 6.26 -23.06 -4.04
CA PRO B 254 5.28 -23.43 -3.00
C PRO B 254 5.97 -23.74 -1.68
N LEU B 255 5.41 -23.25 -0.58
CA LEU B 255 5.96 -23.51 0.75
C LEU B 255 4.85 -23.77 1.76
N ILE B 256 5.00 -24.83 2.55
CA ILE B 256 3.95 -25.26 3.44
C ILE B 256 3.75 -24.22 4.54
N ILE B 257 2.55 -24.18 5.10
CA ILE B 257 2.28 -23.31 6.25
C ILE B 257 2.23 -24.18 7.49
N TYR B 258 2.78 -23.65 8.57
CA TYR B 258 3.43 -24.43 9.62
C TYR B 258 3.23 -23.69 10.92
N HIS B 259 2.73 -24.35 11.97
CA HIS B 259 2.38 -23.59 13.17
C HIS B 259 2.20 -24.51 14.38
N VAL B 260 1.64 -23.92 15.44
CA VAL B 260 1.54 -24.47 16.78
C VAL B 260 0.15 -25.03 17.05
N ILE B 261 0.11 -26.17 17.76
CA ILE B 261 -0.93 -26.49 18.73
C ILE B 261 -0.22 -26.68 20.07
N ASP B 262 -0.43 -25.75 20.99
CA ASP B 262 0.13 -25.81 22.34
C ASP B 262 -0.93 -25.35 23.32
N SER B 263 -0.91 -25.93 24.52
CA SER B 263 -2.01 -25.69 25.44
C SER B 263 -2.19 -24.22 25.78
N ASN B 264 -1.21 -23.37 25.49
CA ASN B 264 -1.47 -21.94 25.59
C ASN B 264 -2.19 -21.43 24.34
N SER B 265 -2.07 -22.09 23.31
CA SER B 265 -2.71 -21.55 22.13
C SER B 265 -4.15 -22.03 22.03
N PRO B 266 -5.07 -21.12 21.75
CA PRO B 266 -6.50 -21.41 21.92
C PRO B 266 -7.01 -22.61 21.14
N LEU B 267 -6.24 -23.15 20.22
CA LEU B 267 -6.71 -24.28 19.44
C LEU B 267 -6.28 -25.63 20.02
N TYR B 268 -5.68 -25.64 21.22
CA TYR B 268 -5.06 -26.87 21.73
C TYR B 268 -6.05 -27.96 22.11
N ASP B 269 -7.29 -27.63 22.42
CA ASP B 269 -8.16 -28.57 23.12
C ASP B 269 -8.63 -29.72 22.24
N LEU B 270 -9.10 -29.44 21.02
CA LEU B 270 -9.89 -30.42 20.28
C LEU B 270 -9.15 -31.75 20.14
N ALA B 271 -9.94 -32.86 20.11
CA ALA B 271 -9.78 -34.30 19.99
C ALA B 271 -9.81 -34.74 18.53
N PRO B 272 -9.03 -35.74 18.16
CA PRO B 272 -9.08 -36.22 16.77
C PRO B 272 -10.42 -36.81 16.40
N SER B 273 -11.00 -37.64 17.24
CA SER B 273 -12.20 -38.35 16.83
C SER B 273 -13.45 -37.57 17.17
N ASP B 274 -13.29 -36.45 17.90
CA ASP B 274 -14.43 -35.57 18.13
C ASP B 274 -14.67 -34.64 16.96
N LEU B 275 -13.62 -34.05 16.39
CA LEU B 275 -13.78 -32.99 15.41
C LEU B 275 -14.23 -33.53 14.06
N HIS B 276 -13.67 -34.68 13.66
CA HIS B 276 -13.87 -35.21 12.32
C HIS B 276 -15.31 -35.59 12.03
N HIS B 277 -16.20 -35.51 13.00
CA HIS B 277 -17.59 -35.89 12.78
C HIS B 277 -18.55 -34.79 13.22
N HIS B 278 -18.57 -34.52 14.51
CA HIS B 278 -19.54 -33.64 15.15
C HIS B 278 -19.00 -32.24 15.38
N GLN B 279 -17.89 -32.12 16.11
CA GLN B 279 -17.32 -30.83 16.48
C GLN B 279 -17.24 -29.92 15.27
N ASP B 280 -17.74 -28.70 15.44
CA ASP B 280 -17.93 -27.78 14.34
C ASP B 280 -16.68 -26.93 14.16
N LEU B 281 -16.00 -27.13 13.04
CA LEU B 281 -14.94 -26.23 12.65
C LEU B 281 -14.96 -26.06 11.14
N GLU B 282 -14.89 -24.82 10.71
CA GLU B 282 -14.30 -24.54 9.42
C GLU B 282 -13.24 -23.49 9.66
N ILE B 283 -11.99 -23.88 9.57
CA ILE B 283 -10.90 -22.97 9.85
C ILE B 283 -10.81 -22.01 8.68
N ILE B 284 -10.85 -20.72 8.95
CA ILE B 284 -10.79 -19.71 7.89
C ILE B 284 -9.36 -19.20 7.79
N VAL B 285 -8.92 -18.93 6.56
CA VAL B 285 -7.57 -18.45 6.31
C VAL B 285 -7.61 -17.33 5.29
N ILE B 286 -6.89 -16.26 5.60
CA ILE B 286 -6.86 -15.02 4.84
C ILE B 286 -5.44 -14.77 4.37
N LEU B 287 -5.28 -14.52 3.07
CA LEU B 287 -4.03 -13.98 2.56
C LEU B 287 -4.31 -12.73 1.75
N GLU B 288 -3.47 -11.73 1.96
CA GLU B 288 -3.69 -10.39 1.46
C GLU B 288 -2.41 -9.90 0.82
N GLY B 289 -2.49 -9.56 -0.45
CA GLY B 289 -1.31 -9.13 -1.16
C GLY B 289 -1.69 -8.24 -2.32
N VAL B 290 -0.69 -7.86 -3.09
CA VAL B 290 -0.92 -7.08 -4.29
C VAL B 290 -0.12 -7.70 -5.43
N VAL B 291 -0.82 -8.10 -6.47
CA VAL B 291 -0.18 -8.70 -7.62
C VAL B 291 0.77 -7.68 -8.22
N GLU B 292 1.98 -8.16 -8.52
CA GLU B 292 3.14 -7.32 -8.77
C GLU B 292 2.89 -6.16 -9.71
N THR B 293 2.18 -6.40 -10.81
CA THR B 293 2.14 -5.37 -11.84
C THR B 293 1.04 -4.35 -11.63
N THR B 294 0.02 -4.67 -10.84
CA THR B 294 -1.13 -3.79 -10.79
C THR B 294 -0.93 -2.59 -9.91
N GLY B 295 -0.17 -2.74 -8.83
CA GLY B 295 -0.21 -1.74 -7.78
C GLY B 295 -1.60 -1.55 -7.22
N ILE B 296 -2.31 -2.62 -6.88
CA ILE B 296 -3.49 -2.53 -6.03
C ILE B 296 -3.62 -3.83 -5.24
N THR B 297 -4.03 -3.70 -3.98
CA THR B 297 -4.20 -4.85 -3.12
C THR B 297 -5.37 -5.68 -3.57
N THR B 298 -5.38 -6.94 -3.14
CA THR B 298 -6.41 -7.93 -3.41
C THR B 298 -6.10 -9.09 -2.48
N GLN B 299 -6.98 -10.08 -2.46
CA GLN B 299 -6.88 -11.14 -1.48
C GLN B 299 -7.46 -12.41 -2.09
N ALA B 300 -7.44 -13.49 -1.30
CA ALA B 300 -8.09 -14.73 -1.68
C ALA B 300 -8.42 -15.47 -0.39
N ARG B 301 -9.38 -16.38 -0.45
CA ARG B 301 -9.94 -16.90 0.78
C ARG B 301 -10.35 -18.36 0.65
N THR B 302 -10.21 -19.07 1.76
CA THR B 302 -10.82 -20.37 1.95
C THR B 302 -10.92 -20.69 3.43
N SER B 303 -11.82 -21.59 3.75
CA SER B 303 -11.89 -22.25 5.04
C SER B 303 -11.76 -23.74 4.85
N TYR B 304 -11.95 -24.46 5.94
CA TYR B 304 -11.90 -25.91 5.96
C TYR B 304 -12.97 -26.45 6.88
N LEU B 305 -13.84 -27.30 6.33
CA LEU B 305 -14.85 -27.91 7.17
C LEU B 305 -14.22 -28.95 8.08
N ALA B 306 -14.75 -29.02 9.31
CA ALA B 306 -14.23 -29.96 10.30
C ALA B 306 -14.10 -31.35 9.70
N ASP B 307 -15.21 -31.93 9.26
CA ASP B 307 -15.15 -33.24 8.62
C ASP B 307 -14.11 -33.27 7.51
N GLU B 308 -13.81 -32.12 6.90
CA GLU B 308 -12.75 -32.08 5.91
C GLU B 308 -11.38 -32.17 6.55
N ILE B 309 -11.09 -31.29 7.51
CA ILE B 309 -9.80 -31.36 8.17
C ILE B 309 -9.66 -32.68 8.91
N LEU B 310 -8.60 -33.44 8.58
CA LEU B 310 -8.50 -34.83 9.03
C LEU B 310 -7.19 -35.02 9.78
N TRP B 311 -7.01 -36.22 10.33
CA TRP B 311 -5.97 -36.47 11.32
C TRP B 311 -4.87 -37.37 10.78
N GLY B 312 -3.63 -37.12 11.22
CA GLY B 312 -2.55 -38.07 11.16
C GLY B 312 -2.04 -38.42 9.76
N GLN B 313 -2.46 -37.69 8.74
CA GLN B 313 -1.89 -37.88 7.42
C GLN B 313 -0.81 -36.81 7.21
N ARG B 314 -0.13 -36.84 6.06
CA ARG B 314 0.91 -35.85 5.85
C ARG B 314 1.07 -35.59 4.36
N PHE B 315 1.59 -34.41 4.04
CA PHE B 315 1.84 -34.05 2.64
C PHE B 315 3.05 -34.75 2.06
N VAL B 316 2.88 -35.27 0.85
CA VAL B 316 3.96 -35.80 0.03
C VAL B 316 4.92 -34.66 -0.23
N PRO B 317 6.20 -34.92 -0.44
CA PRO B 317 7.04 -33.92 -1.08
C PRO B 317 6.44 -33.49 -2.39
N ILE B 318 6.27 -32.19 -2.53
CA ILE B 318 5.72 -31.61 -3.76
C ILE B 318 6.84 -31.45 -4.76
N VAL B 319 7.77 -30.54 -4.46
CA VAL B 319 8.83 -30.18 -5.39
C VAL B 319 9.89 -31.28 -5.43
N ALA B 320 10.67 -31.30 -6.52
CA ALA B 320 11.84 -32.14 -6.63
C ALA B 320 12.88 -31.45 -7.49
N GLU B 321 14.15 -31.76 -7.22
CA GLU B 321 15.28 -31.25 -7.99
C GLU B 321 15.45 -32.14 -9.21
N GLU B 322 15.34 -31.56 -10.41
CA GLU B 322 15.31 -32.39 -11.60
C GLU B 322 15.83 -31.62 -12.81
N ASP B 323 16.31 -32.38 -13.80
CA ASP B 323 16.98 -31.79 -14.95
C ASP B 323 18.06 -30.83 -14.46
N GLY B 324 18.17 -29.68 -15.12
CA GLY B 324 19.16 -28.73 -14.70
C GLY B 324 18.57 -27.67 -13.80
N ARG B 325 17.41 -27.96 -13.21
CA ARG B 325 16.66 -26.93 -12.51
C ARG B 325 15.95 -27.52 -11.31
N TYR B 326 15.21 -26.64 -10.62
CA TYR B 326 14.14 -27.11 -9.77
C TYR B 326 12.92 -27.45 -10.60
N SER B 327 12.12 -28.37 -10.07
CA SER B 327 10.99 -28.94 -10.79
C SER B 327 9.82 -29.06 -9.84
N VAL B 328 8.64 -28.70 -10.34
CA VAL B 328 7.45 -28.64 -9.51
C VAL B 328 6.27 -29.24 -10.26
N ASP B 329 5.64 -30.21 -9.61
CA ASP B 329 4.47 -30.88 -10.14
C ASP B 329 3.29 -30.67 -9.20
N TYR B 330 2.31 -29.92 -9.66
CA TYR B 330 1.13 -29.69 -8.84
C TYR B 330 0.11 -30.81 -8.98
N SER B 331 0.31 -31.75 -9.90
CA SER B 331 -0.61 -32.88 -9.97
C SER B 331 -0.68 -33.61 -8.65
N LYS B 332 0.36 -33.52 -7.84
CA LYS B 332 0.38 -34.12 -6.52
C LYS B 332 -0.04 -33.15 -5.42
N PHE B 333 -0.53 -31.97 -5.78
CA PHE B 333 -0.50 -30.79 -4.88
C PHE B 333 -0.96 -31.14 -3.47
N GLY B 334 -2.01 -31.94 -3.36
CA GLY B 334 -2.54 -32.36 -2.07
C GLY B 334 -2.32 -33.80 -1.73
N ASN B 335 -1.51 -34.52 -2.50
CA ASN B 335 -1.38 -35.95 -2.28
C ASN B 335 -0.85 -36.22 -0.89
N THR B 336 -1.18 -37.39 -0.37
CA THR B 336 -1.16 -37.58 1.05
C THR B 336 -0.62 -38.97 1.38
N ILE B 337 0.00 -39.09 2.55
CA ILE B 337 0.49 -40.37 3.05
C ILE B 337 -0.02 -40.56 4.47
N LYS B 338 0.06 -41.81 4.93
CA LYS B 338 -0.25 -42.14 6.32
C LYS B 338 1.04 -42.21 7.12
N VAL B 339 1.03 -41.56 8.28
CA VAL B 339 2.27 -41.46 9.06
C VAL B 339 2.06 -42.03 10.46
N PRO B 340 3.01 -42.78 10.98
CA PRO B 340 2.87 -43.30 12.35
C PRO B 340 3.09 -42.20 13.36
N THR B 341 2.05 -41.43 13.60
CA THR B 341 2.16 -40.31 14.50
C THR B 341 1.14 -40.48 15.61
N PRO B 342 1.43 -40.04 16.84
CA PRO B 342 0.58 -40.40 17.98
C PRO B 342 -0.89 -40.06 17.77
N LEU B 343 -1.74 -41.08 17.92
CA LEU B 343 -3.18 -40.91 17.93
C LEU B 343 -3.59 -40.73 19.38
N CYS B 344 -3.98 -39.52 19.71
CA CYS B 344 -4.40 -39.18 21.04
C CYS B 344 -5.08 -37.83 20.89
N THR B 345 -5.66 -37.33 21.96
CA THR B 345 -6.29 -36.02 21.90
C THR B 345 -5.25 -34.98 22.26
N ALA B 346 -5.22 -33.90 21.49
CA ALA B 346 -4.25 -32.86 21.75
C ALA B 346 -4.44 -32.26 23.13
N ARG B 347 -5.59 -32.52 23.75
CA ARG B 347 -5.74 -32.26 25.17
C ARG B 347 -5.05 -33.33 26.00
N GLN B 348 -4.96 -34.55 25.47
CA GLN B 348 -4.15 -35.56 26.12
C GLN B 348 -2.75 -35.63 25.55
N LEU B 349 -2.44 -34.83 24.54
CA LEU B 349 -1.04 -34.54 24.30
C LEU B 349 -0.62 -33.24 24.97
N ASP B 350 -1.58 -32.50 25.53
CA ASP B 350 -1.26 -31.56 26.58
C ASP B 350 -1.28 -32.25 27.94
N GLU B 351 -1.95 -33.40 28.04
CA GLU B 351 -1.77 -34.24 29.21
C GLU B 351 -0.56 -35.14 29.04
N ASP B 352 -0.13 -35.33 27.79
CA ASP B 352 1.19 -35.91 27.55
C ASP B 352 2.25 -34.85 27.75
N ARG B 353 2.00 -33.65 27.21
CA ARG B 353 2.87 -32.51 27.48
C ARG B 353 2.96 -32.27 28.98
N SER B 354 1.94 -32.70 29.73
CA SER B 354 2.03 -32.67 31.18
C SER B 354 2.78 -33.86 31.75
N LEU B 355 2.50 -35.06 31.24
CA LEU B 355 3.05 -36.30 31.78
C LEU B 355 4.43 -36.60 31.22
N LEU B 356 4.59 -36.40 29.91
CA LEU B 356 5.86 -36.65 29.25
C LEU B 356 6.08 -35.64 28.12
N ARG C 31 -21.85 19.18 24.94
CA ARG C 31 -21.34 20.46 24.46
C ARG C 31 -20.02 20.79 25.11
N ARG C 32 -19.75 20.13 26.25
CA ARG C 32 -18.56 20.38 27.03
C ARG C 32 -17.30 20.21 26.20
N ALA C 33 -16.98 18.98 25.84
CA ALA C 33 -15.77 18.69 25.10
C ALA C 33 -16.11 17.90 23.85
N ARG C 34 -15.53 18.30 22.73
CA ARG C 34 -15.80 17.64 21.46
C ARG C 34 -14.46 17.43 20.80
N PHE C 35 -14.14 16.20 20.39
CA PHE C 35 -12.92 15.99 19.63
C PHE C 35 -13.23 15.44 18.24
N VAL C 36 -13.88 14.28 18.14
CA VAL C 36 -14.49 13.90 16.88
C VAL C 36 -15.95 13.57 17.14
N SER C 37 -16.68 13.33 16.06
CA SER C 37 -18.13 13.36 16.16
C SER C 37 -18.71 11.97 16.38
N LYS C 38 -20.04 11.93 16.56
CA LYS C 38 -20.73 10.65 16.70
C LYS C 38 -20.61 9.82 15.44
N LYS C 39 -20.94 10.42 14.30
CA LYS C 39 -20.61 9.86 12.99
C LYS C 39 -19.12 9.91 12.73
N GLY C 40 -18.38 10.72 13.46
CA GLY C 40 -16.94 10.58 13.54
C GLY C 40 -16.03 11.58 12.83
N ASN C 41 -16.55 12.67 12.29
CA ASN C 41 -15.68 13.67 11.69
C ASN C 41 -14.87 14.36 12.78
N CYS C 42 -13.60 14.62 12.48
CA CYS C 42 -12.82 15.42 13.40
C CYS C 42 -13.35 16.84 13.35
N ASN C 43 -13.79 17.35 14.49
CA ASN C 43 -14.32 18.70 14.56
C ASN C 43 -13.27 19.72 14.94
N VAL C 44 -12.10 19.29 15.41
CA VAL C 44 -11.13 20.26 15.87
C VAL C 44 -10.50 20.95 14.68
N ALA C 45 -10.36 22.27 14.79
CA ALA C 45 -9.86 23.07 13.70
C ALA C 45 -8.51 23.65 14.08
N HIS C 46 -7.97 24.50 13.21
CA HIS C 46 -6.64 25.08 13.40
C HIS C 46 -6.71 26.58 13.19
N LYS C 47 -6.18 27.34 14.15
CA LYS C 47 -6.24 28.79 14.05
C LYS C 47 -4.85 29.35 13.71
N ASN C 48 -4.77 29.94 12.52
CA ASN C 48 -3.64 30.73 12.07
C ASN C 48 -2.28 30.07 12.26
N ILE C 49 -2.03 29.01 11.50
CA ILE C 49 -0.67 28.53 11.41
C ILE C 49 0.12 29.54 10.59
N ARG C 50 1.45 29.45 10.68
CA ARG C 50 2.37 30.51 10.29
C ARG C 50 2.32 30.89 8.81
N GLU C 51 1.52 30.19 7.99
CA GLU C 51 1.36 30.52 6.57
C GLU C 51 1.25 32.01 6.33
N PHE C 55 -2.51 29.32 0.20
CA PHE C 55 -3.11 28.31 1.07
C PHE C 55 -2.65 26.92 0.66
N LEU C 56 -1.65 26.40 1.38
CA LEU C 56 -1.06 25.10 1.06
C LEU C 56 -0.71 25.04 -0.41
N GLN C 57 0.33 25.79 -0.77
CA GLN C 57 0.55 26.14 -2.17
C GLN C 57 0.60 24.89 -3.03
N ASP C 58 -0.32 24.81 -3.97
CA ASP C 58 -0.42 23.68 -4.88
C ASP C 58 -1.42 24.04 -5.95
N VAL C 59 -1.58 23.13 -6.91
CA VAL C 59 -2.44 23.39 -8.06
C VAL C 59 -3.61 22.41 -8.07
N PHE C 60 -3.40 21.17 -8.49
CA PHE C 60 -4.52 20.27 -8.68
C PHE C 60 -4.73 19.29 -7.53
N THR C 61 -3.92 19.32 -6.48
CA THR C 61 -4.23 18.49 -5.32
C THR C 61 -5.61 18.80 -4.80
N THR C 62 -5.96 20.09 -4.77
CA THR C 62 -7.12 20.54 -4.02
C THR C 62 -8.42 20.31 -4.76
N LEU C 63 -8.46 20.57 -6.06
CA LEU C 63 -9.73 20.52 -6.79
C LEU C 63 -10.41 19.18 -6.58
N VAL C 64 -9.62 18.11 -6.61
CA VAL C 64 -10.21 16.78 -6.54
C VAL C 64 -10.84 16.54 -5.18
N ASP C 65 -10.23 17.07 -4.11
CA ASP C 65 -10.74 16.92 -2.76
C ASP C 65 -12.02 17.72 -2.54
N LEU C 66 -12.33 18.63 -3.46
CA LEU C 66 -13.49 19.49 -3.28
C LEU C 66 -14.76 18.70 -3.54
N LYS C 67 -15.85 19.41 -3.65
CA LYS C 67 -17.13 18.81 -3.96
C LYS C 67 -17.41 18.95 -5.46
N TRP C 68 -18.51 18.34 -5.92
CA TRP C 68 -18.81 18.35 -7.35
C TRP C 68 -19.00 19.76 -7.89
N PRO C 69 -19.93 20.56 -7.39
CA PRO C 69 -20.24 21.82 -8.08
C PRO C 69 -19.01 22.64 -8.41
N HIS C 70 -18.06 22.76 -7.48
CA HIS C 70 -16.89 23.55 -7.81
C HIS C 70 -16.02 22.89 -8.88
N THR C 71 -15.96 21.56 -8.94
CA THR C 71 -15.12 20.97 -9.97
C THR C 71 -15.78 21.07 -11.34
N LEU C 72 -17.04 20.66 -11.44
CA LEU C 72 -17.73 20.72 -12.73
C LEU C 72 -17.80 22.15 -13.22
N LEU C 73 -18.43 23.01 -12.41
CA LEU C 73 -18.51 24.43 -12.74
C LEU C 73 -17.14 24.99 -13.09
N ILE C 74 -16.13 24.63 -12.30
CA ILE C 74 -14.83 25.26 -12.49
C ILE C 74 -14.27 24.91 -13.86
N PHE C 75 -14.50 23.68 -14.31
CA PHE C 75 -13.99 23.33 -15.62
C PHE C 75 -14.80 23.96 -16.73
N THR C 76 -16.12 23.90 -16.66
CA THR C 76 -16.85 24.44 -17.80
C THR C 76 -16.57 25.93 -17.90
N MET C 77 -16.40 26.58 -16.75
CA MET C 77 -15.94 27.96 -16.78
C MET C 77 -14.58 28.06 -17.45
N SER C 78 -13.72 27.07 -17.25
CA SER C 78 -12.39 27.11 -17.86
C SER C 78 -12.49 27.05 -19.38
N PHE C 79 -13.20 26.04 -19.89
CA PHE C 79 -13.47 25.99 -21.32
C PHE C 79 -14.00 27.31 -21.83
N LEU C 80 -14.99 27.90 -21.14
CA LEU C 80 -15.47 29.20 -21.58
C LEU C 80 -14.35 30.23 -21.60
N CYS C 81 -13.43 30.19 -20.63
CA CYS C 81 -12.29 31.10 -20.69
C CYS C 81 -11.50 30.93 -21.98
N SER C 82 -10.88 29.76 -22.14
CA SER C 82 -10.01 29.55 -23.30
C SER C 82 -10.77 29.81 -24.60
N TRP C 83 -11.96 29.25 -24.72
CA TRP C 83 -12.80 29.46 -25.88
C TRP C 83 -12.95 30.94 -26.18
N LEU C 84 -13.37 31.71 -25.18
CA LEU C 84 -13.43 33.15 -25.36
C LEU C 84 -12.12 33.68 -25.94
N LEU C 85 -11.00 33.31 -25.32
CA LEU C 85 -9.72 33.85 -25.73
C LEU C 85 -9.47 33.62 -27.20
N PHE C 86 -9.32 32.36 -27.60
CA PHE C 86 -8.98 32.11 -28.99
C PHE C 86 -10.05 32.66 -29.92
N ALA C 87 -11.30 32.68 -29.48
CA ALA C 87 -12.33 33.36 -30.23
C ALA C 87 -11.80 34.74 -30.60
N MET C 88 -11.56 35.57 -29.59
CA MET C 88 -11.19 36.94 -29.88
C MET C 88 -9.86 37.04 -30.62
N VAL C 89 -8.93 36.11 -30.42
CA VAL C 89 -7.69 36.28 -31.15
C VAL C 89 -7.93 36.10 -32.63
N TRP C 90 -8.76 35.13 -33.02
CA TRP C 90 -9.02 34.98 -34.44
C TRP C 90 -9.92 36.07 -34.95
N TRP C 91 -10.80 36.57 -34.09
CA TRP C 91 -11.51 37.79 -34.41
C TRP C 91 -10.52 38.85 -34.90
N LEU C 92 -9.58 39.22 -34.06
CA LEU C 92 -8.62 40.26 -34.43
C LEU C 92 -7.80 39.87 -35.66
N ILE C 93 -6.96 38.84 -35.57
CA ILE C 93 -6.06 38.53 -36.69
C ILE C 93 -6.85 38.48 -37.99
N ALA C 94 -8.05 37.91 -37.95
CA ALA C 94 -8.91 37.97 -39.12
C ALA C 94 -9.18 39.41 -39.51
N PHE C 95 -9.58 40.22 -38.55
CA PHE C 95 -9.99 41.59 -38.79
C PHE C 95 -8.89 42.41 -39.42
N ALA C 96 -7.81 42.62 -38.67
CA ALA C 96 -6.72 43.46 -39.14
C ALA C 96 -6.03 42.90 -40.37
N HIS C 97 -6.37 41.70 -40.80
CA HIS C 97 -5.74 41.19 -42.01
C HIS C 97 -6.41 41.69 -43.28
N GLY C 98 -7.44 42.52 -43.17
CA GLY C 98 -8.07 43.10 -44.32
C GLY C 98 -9.11 42.24 -44.98
N ASP C 99 -9.16 40.94 -44.67
CA ASP C 99 -10.14 40.09 -45.31
C ASP C 99 -11.46 40.07 -44.55
N LEU C 100 -11.48 40.56 -43.32
CA LEU C 100 -12.70 40.44 -42.53
C LEU C 100 -13.77 41.41 -43.00
N ALA C 101 -13.39 42.62 -43.35
CA ALA C 101 -14.33 43.54 -43.95
C ALA C 101 -14.75 42.98 -45.30
N PRO C 102 -16.03 42.66 -45.50
CA PRO C 102 -16.41 41.90 -46.70
C PRO C 102 -16.21 42.70 -47.97
N GLY C 103 -15.75 42.01 -49.01
CA GLY C 103 -15.54 42.59 -50.32
C GLY C 103 -15.61 41.48 -51.35
N GLU C 104 -15.33 41.85 -52.60
CA GLU C 104 -15.37 40.91 -53.70
C GLU C 104 -14.11 41.04 -54.53
N GLY C 105 -13.35 39.96 -54.64
CA GLY C 105 -12.13 39.96 -55.39
C GLY C 105 -10.98 40.62 -54.64
N THR C 106 -9.79 40.49 -55.23
CA THR C 106 -8.57 41.08 -54.68
C THR C 106 -8.29 40.60 -53.26
N ASN C 107 -8.73 39.38 -52.95
CA ASN C 107 -8.54 38.85 -51.60
C ASN C 107 -8.63 37.34 -51.59
N VAL C 108 -8.05 36.75 -50.55
CA VAL C 108 -8.35 35.37 -50.15
C VAL C 108 -8.66 35.42 -48.67
N PRO C 109 -9.67 34.68 -48.18
CA PRO C 109 -9.99 34.76 -46.76
C PRO C 109 -8.88 34.15 -45.94
N CYS C 110 -8.70 34.65 -44.72
CA CYS C 110 -7.89 33.91 -43.77
C CYS C 110 -8.67 32.80 -43.10
N VAL C 111 -9.98 32.98 -42.94
CA VAL C 111 -10.90 31.89 -42.66
C VAL C 111 -12.18 32.17 -43.44
N THR C 112 -12.73 31.14 -44.08
CA THR C 112 -13.81 31.38 -45.04
C THR C 112 -15.07 31.90 -44.36
N SER C 113 -15.74 32.83 -45.05
CA SER C 113 -17.08 33.31 -44.71
C SER C 113 -17.18 33.88 -43.32
N ILE C 114 -16.08 34.38 -42.77
CA ILE C 114 -16.06 34.89 -41.41
C ILE C 114 -16.57 36.32 -41.45
N HIS C 115 -17.30 36.73 -40.42
CA HIS C 115 -17.87 38.07 -40.49
C HIS C 115 -17.71 38.87 -39.21
N SER C 116 -18.45 38.50 -38.17
CA SER C 116 -18.47 39.29 -36.94
C SER C 116 -18.34 38.36 -35.74
N PHE C 117 -18.52 38.94 -34.54
CA PHE C 117 -18.09 38.31 -33.29
C PHE C 117 -18.44 36.84 -33.26
N SER C 118 -19.71 36.56 -33.54
CA SER C 118 -20.20 35.20 -33.47
C SER C 118 -19.45 34.30 -34.44
N SER C 119 -19.16 34.81 -35.64
CA SER C 119 -18.52 33.97 -36.64
C SER C 119 -17.23 33.38 -36.10
N ALA C 120 -16.30 34.25 -35.70
CA ALA C 120 -15.04 33.78 -35.15
C ALA C 120 -15.27 32.91 -33.93
N PHE C 121 -16.14 33.35 -33.03
CA PHE C 121 -16.43 32.59 -31.82
C PHE C 121 -16.71 31.13 -32.18
N LEU C 122 -17.77 30.92 -32.95
CA LEU C 122 -18.18 29.58 -33.32
C LEU C 122 -17.08 28.81 -34.03
N PHE C 123 -16.20 29.50 -34.76
CA PHE C 123 -15.21 28.70 -35.49
C PHE C 123 -14.09 28.24 -34.57
N SER C 124 -13.58 29.13 -33.72
CA SER C 124 -12.60 28.71 -32.74
C SER C 124 -13.16 27.58 -31.89
N ILE C 125 -14.36 27.78 -31.35
CA ILE C 125 -14.96 26.71 -30.55
C ILE C 125 -15.13 25.48 -31.41
N GLU C 126 -15.25 25.66 -32.73
CA GLU C 126 -15.26 24.49 -33.59
C GLU C 126 -13.93 23.75 -33.50
N VAL C 127 -12.82 24.46 -33.45
CA VAL C 127 -11.58 23.69 -33.52
C VAL C 127 -11.24 23.06 -32.19
N GLN C 128 -11.49 23.73 -31.07
CA GLN C 128 -11.03 23.19 -29.80
C GLN C 128 -11.39 21.73 -29.51
N VAL C 129 -12.67 21.40 -29.54
CA VAL C 129 -13.10 20.07 -29.12
C VAL C 129 -13.15 19.20 -30.36
N THR C 130 -12.65 19.74 -31.47
CA THR C 130 -12.62 19.06 -32.77
C THR C 130 -14.05 18.79 -33.29
N ILE C 131 -14.71 19.87 -33.69
CA ILE C 131 -15.97 19.76 -34.45
C ILE C 131 -15.68 19.76 -35.93
N GLY C 132 -15.33 20.92 -36.47
CA GLY C 132 -15.13 21.02 -37.89
C GLY C 132 -16.38 20.86 -38.72
N PHE C 133 -17.35 21.77 -38.60
CA PHE C 133 -18.45 21.76 -39.56
C PHE C 133 -17.94 21.53 -40.98
N GLY C 134 -16.87 22.25 -41.34
CA GLY C 134 -16.36 22.21 -42.69
C GLY C 134 -16.87 23.33 -43.57
N GLY C 135 -18.02 23.92 -43.24
CA GLY C 135 -18.48 25.07 -44.01
C GLY C 135 -17.49 26.22 -43.93
N ARG C 136 -17.19 26.68 -42.73
CA ARG C 136 -16.09 27.61 -42.58
C ARG C 136 -14.79 26.87 -42.90
N MET C 137 -13.82 27.61 -43.44
CA MET C 137 -12.57 26.96 -43.78
C MET C 137 -11.42 27.96 -43.73
N VAL C 138 -10.23 27.44 -43.44
CA VAL C 138 -8.99 28.20 -43.46
C VAL C 138 -8.15 27.72 -44.61
N THR C 139 -7.40 28.62 -45.22
CA THR C 139 -6.42 28.29 -46.23
C THR C 139 -5.02 28.46 -45.68
N GLU C 140 -4.03 28.24 -46.54
CA GLU C 140 -2.64 28.40 -46.17
C GLU C 140 -2.15 29.82 -46.36
N GLU C 141 -3.04 30.74 -46.72
CA GLU C 141 -2.64 32.08 -47.14
C GLU C 141 -2.02 32.92 -46.04
N CYS C 142 -2.44 32.76 -44.80
CA CYS C 142 -2.17 33.79 -43.79
C CYS C 142 -1.28 33.16 -42.73
N PRO C 143 0.04 33.30 -42.85
CA PRO C 143 0.94 32.47 -42.03
C PRO C 143 0.69 32.56 -40.53
N LEU C 144 0.46 33.78 -40.03
CA LEU C 144 0.16 33.91 -38.61
C LEU C 144 -1.08 33.10 -38.25
N ALA C 145 -1.93 32.80 -39.22
CA ALA C 145 -3.13 32.00 -38.93
C ALA C 145 -2.77 30.54 -38.72
N ILE C 146 -1.91 30.00 -39.58
CA ILE C 146 -1.51 28.61 -39.34
C ILE C 146 -0.79 28.52 -38.00
N LEU C 147 0.02 29.54 -37.68
CA LEU C 147 0.60 29.64 -36.35
C LEU C 147 -0.47 29.51 -35.27
N ILE C 148 -1.36 30.50 -35.23
CA ILE C 148 -2.31 30.60 -34.13
C ILE C 148 -3.13 29.33 -34.04
N LEU C 149 -3.37 28.67 -35.17
CA LEU C 149 -4.09 27.41 -35.13
C LEU C 149 -3.31 26.36 -34.37
N ILE C 150 -2.06 26.13 -34.76
CA ILE C 150 -1.35 25.03 -34.11
C ILE C 150 -1.22 25.31 -32.62
N VAL C 151 -0.90 26.55 -32.24
CA VAL C 151 -0.74 26.81 -30.81
C VAL C 151 -2.06 26.56 -30.07
N GLN C 152 -3.17 26.94 -30.68
CA GLN C 152 -4.44 26.66 -30.02
C GLN C 152 -4.63 25.18 -29.82
N ASN C 153 -4.46 24.39 -30.88
CA ASN C 153 -4.76 22.97 -30.73
C ASN C 153 -3.89 22.36 -29.65
N ILE C 154 -2.61 22.69 -29.61
CA ILE C 154 -1.76 22.08 -28.59
C ILE C 154 -2.25 22.42 -27.20
N VAL C 155 -2.36 23.70 -26.86
CA VAL C 155 -2.70 24.01 -25.47
C VAL C 155 -4.09 23.47 -25.13
N GLY C 156 -5.01 23.49 -26.10
CA GLY C 156 -6.33 22.94 -25.84
C GLY C 156 -6.28 21.46 -25.53
N LEU C 157 -5.48 20.71 -26.27
CA LEU C 157 -5.33 19.30 -25.91
C LEU C 157 -4.73 19.15 -24.52
N MET C 158 -3.90 20.11 -24.10
CA MET C 158 -3.39 20.10 -22.74
C MET C 158 -4.51 20.19 -21.72
N ILE C 159 -5.35 21.22 -21.83
CA ILE C 159 -6.44 21.35 -20.85
C ILE C 159 -7.34 20.11 -20.90
N ASN C 160 -7.59 19.58 -22.09
CA ASN C 160 -8.33 18.33 -22.16
C ASN C 160 -7.70 17.27 -21.28
N ALA C 161 -6.41 17.03 -21.49
CA ALA C 161 -5.66 16.02 -20.75
C ALA C 161 -5.79 16.23 -19.26
N ILE C 162 -5.21 17.32 -18.75
CA ILE C 162 -5.25 17.55 -17.32
C ILE C 162 -6.66 17.36 -16.78
N MET C 163 -7.67 17.84 -17.50
CA MET C 163 -9.02 17.73 -16.98
C MET C 163 -9.42 16.27 -16.81
N LEU C 164 -9.41 15.52 -17.90
CA LEU C 164 -9.88 14.15 -17.85
C LEU C 164 -9.10 13.36 -16.81
N GLY C 165 -7.78 13.54 -16.78
CA GLY C 165 -6.98 12.84 -15.80
C GLY C 165 -7.43 13.12 -14.38
N CYS C 166 -7.58 14.40 -14.04
CA CYS C 166 -7.89 14.70 -12.65
C CYS C 166 -9.26 14.15 -12.29
N ILE C 167 -10.27 14.37 -13.13
CA ILE C 167 -11.61 13.93 -12.72
C ILE C 167 -11.66 12.42 -12.61
N PHE C 168 -10.88 11.73 -13.44
CA PHE C 168 -10.55 10.33 -13.19
C PHE C 168 -10.20 10.16 -11.71
N MET C 169 -9.14 10.85 -11.30
CA MET C 169 -8.73 10.79 -9.90
C MET C 169 -9.87 11.16 -8.95
N LYS C 170 -10.86 11.92 -9.43
CA LYS C 170 -11.99 12.25 -8.57
C LYS C 170 -12.87 11.04 -8.34
N THR C 171 -13.35 10.42 -9.40
CA THR C 171 -14.23 9.29 -9.15
C THR C 171 -13.49 8.12 -8.55
N ALA C 172 -12.17 8.19 -8.48
CA ALA C 172 -11.46 7.31 -7.57
C ALA C 172 -12.08 7.40 -6.19
N GLN C 173 -11.92 8.53 -5.51
CA GLN C 173 -12.45 8.72 -4.18
C GLN C 173 -12.86 10.17 -4.01
N ALA C 174 -13.84 10.39 -3.13
CA ALA C 174 -14.40 11.71 -2.91
C ALA C 174 -14.79 11.84 -1.45
N HIS C 175 -15.49 12.93 -1.12
CA HIS C 175 -16.12 13.07 0.18
C HIS C 175 -17.24 12.06 0.37
N ARG C 176 -17.75 11.50 -0.73
CA ARG C 176 -18.76 10.44 -0.70
C ARG C 176 -18.15 9.08 -0.43
N ARG C 177 -16.85 9.02 -0.20
CA ARG C 177 -16.23 7.73 0.08
C ARG C 177 -16.99 7.08 1.21
N ALA C 178 -17.51 5.90 0.94
CA ALA C 178 -18.43 5.31 1.88
C ALA C 178 -17.68 4.88 3.12
N GLU C 179 -18.11 5.38 4.27
CA GLU C 179 -17.69 4.74 5.51
C GLU C 179 -18.72 3.65 5.69
N THR C 180 -18.32 2.46 5.28
CA THR C 180 -19.17 1.30 5.40
C THR C 180 -19.00 0.69 6.78
N LEU C 181 -17.77 0.68 7.26
CA LEU C 181 -17.54 0.45 8.66
C LEU C 181 -18.42 1.40 9.46
N ILE C 182 -19.07 0.86 10.49
CA ILE C 182 -19.89 1.63 11.40
C ILE C 182 -19.59 1.19 12.82
N PHE C 183 -20.23 1.86 13.77
CA PHE C 183 -19.86 1.78 15.17
C PHE C 183 -21.00 2.26 16.04
N SER C 184 -20.99 1.86 17.30
CA SER C 184 -22.21 1.84 18.08
C SER C 184 -22.68 3.24 18.46
N LYS C 185 -23.98 3.36 18.66
CA LYS C 185 -24.55 4.53 19.30
C LYS C 185 -23.97 4.77 20.68
N HIS C 186 -23.41 3.74 21.31
CA HIS C 186 -22.90 3.82 22.67
C HIS C 186 -22.28 2.48 22.99
N ALA C 187 -21.46 2.47 24.03
CA ALA C 187 -20.60 1.33 24.29
C ALA C 187 -20.62 1.00 25.77
N VAL C 188 -20.14 -0.19 26.10
CA VAL C 188 -20.19 -0.65 27.49
C VAL C 188 -18.92 -1.40 27.86
N ILE C 189 -18.95 -2.03 29.04
CA ILE C 189 -17.88 -2.85 29.57
C ILE C 189 -18.49 -4.08 30.22
N THR C 190 -17.63 -4.96 30.72
CA THR C 190 -18.08 -6.15 31.46
C THR C 190 -16.85 -6.71 32.15
N LEU C 191 -16.98 -7.88 32.76
CA LEU C 191 -15.84 -8.71 33.11
C LEU C 191 -16.02 -10.02 32.36
N ARG C 192 -15.17 -10.25 31.37
CA ARG C 192 -15.08 -11.52 30.70
C ARG C 192 -13.94 -12.31 31.31
N HIS C 193 -14.21 -13.55 31.66
CA HIS C 193 -13.22 -14.42 32.28
C HIS C 193 -12.65 -13.75 33.53
N GLY C 194 -13.56 -13.18 34.31
CA GLY C 194 -13.20 -12.51 35.55
C GLY C 194 -12.37 -11.26 35.38
N ARG C 195 -12.23 -10.76 34.15
CA ARG C 195 -11.35 -9.63 33.89
C ARG C 195 -12.11 -8.57 33.12
N LEU C 196 -12.04 -7.33 33.62
CA LEU C 196 -12.79 -6.23 33.03
C LEU C 196 -12.41 -6.06 31.57
N CYS C 197 -13.37 -5.62 30.76
CA CYS C 197 -13.17 -5.50 29.33
C CYS C 197 -14.09 -4.42 28.78
N PHE C 198 -13.62 -3.80 27.70
CA PHE C 198 -14.25 -2.63 27.09
C PHE C 198 -14.45 -2.91 25.60
N MET C 199 -15.69 -2.85 25.17
CA MET C 199 -16.12 -3.24 23.84
C MET C 199 -16.08 -2.08 22.86
N LEU C 200 -16.63 -2.34 21.68
CA LEU C 200 -17.15 -1.48 20.62
C LEU C 200 -17.69 -2.43 19.56
N ARG C 201 -18.55 -1.91 18.71
CA ARG C 201 -18.96 -2.71 17.57
C ARG C 201 -18.56 -1.96 16.32
N VAL C 202 -18.07 -2.69 15.32
CA VAL C 202 -17.86 -2.11 13.99
C VAL C 202 -19.00 -2.60 13.09
N GLY C 203 -18.93 -2.29 11.79
CA GLY C 203 -19.99 -2.72 10.89
C GLY C 203 -19.78 -2.40 9.42
N ASP C 204 -20.63 -2.97 8.56
CA ASP C 204 -20.45 -2.94 7.11
C ASP C 204 -21.77 -2.59 6.44
N LEU C 205 -21.79 -1.48 5.71
CA LEU C 205 -22.98 -1.03 5.01
C LEU C 205 -23.09 -1.57 3.59
N ARG C 206 -22.13 -2.35 3.13
CA ARG C 206 -22.21 -2.96 1.81
C ARG C 206 -21.98 -4.46 1.89
N LYS C 207 -22.50 -5.18 0.90
CA LYS C 207 -22.28 -6.61 0.84
C LYS C 207 -20.88 -6.94 0.34
N SER C 208 -20.20 -5.96 -0.26
CA SER C 208 -18.94 -6.21 -0.95
C SER C 208 -17.83 -6.45 0.05
N MET C 209 -16.64 -6.74 -0.45
CA MET C 209 -15.55 -7.25 0.35
C MET C 209 -14.68 -6.12 0.87
N ILE C 210 -14.39 -6.14 2.17
CA ILE C 210 -13.38 -5.28 2.76
C ILE C 210 -12.30 -6.16 3.36
N ILE C 211 -11.05 -5.88 3.01
CA ILE C 211 -9.94 -6.80 3.20
C ILE C 211 -8.74 -6.00 3.71
N SER C 212 -7.80 -6.70 4.34
CA SER C 212 -6.62 -6.07 4.91
C SER C 212 -7.02 -4.94 5.85
N ALA C 213 -7.69 -5.33 6.94
CA ALA C 213 -8.33 -4.38 7.82
C ALA C 213 -7.75 -4.50 9.21
N THR C 214 -7.11 -3.44 9.68
CA THR C 214 -6.52 -3.39 10.99
C THR C 214 -7.23 -2.35 11.85
N ILE C 215 -6.77 -2.19 13.09
CA ILE C 215 -7.40 -1.30 14.06
C ILE C 215 -6.31 -0.63 14.90
N HIS C 216 -6.38 0.68 15.05
CA HIS C 216 -5.55 1.43 15.97
C HIS C 216 -6.45 2.41 16.72
N MET C 217 -6.30 2.48 18.03
CA MET C 217 -7.29 3.15 18.86
C MET C 217 -6.62 3.93 19.99
N GLN C 218 -7.03 5.17 20.18
CA GLN C 218 -6.34 6.07 21.09
C GLN C 218 -7.30 6.60 22.15
N VAL C 219 -6.71 7.12 23.23
CA VAL C 219 -7.43 7.70 24.36
C VAL C 219 -6.96 9.11 24.59
N VAL C 220 -7.90 10.03 24.77
CA VAL C 220 -7.59 11.42 25.04
C VAL C 220 -8.07 11.76 26.44
N ARG C 221 -7.19 12.35 27.24
CA ARG C 221 -7.54 12.78 28.59
C ARG C 221 -6.54 13.84 29.02
N LYS C 222 -6.89 14.60 30.04
CA LYS C 222 -5.98 15.63 30.53
C LYS C 222 -4.85 14.97 31.30
N THR C 223 -3.63 15.42 31.07
CA THR C 223 -2.48 14.70 31.56
C THR C 223 -1.37 15.66 31.96
N THR C 224 -0.66 15.34 33.03
CA THR C 224 0.39 16.20 33.54
C THR C 224 1.52 15.33 34.08
N SER C 225 2.73 15.82 33.99
CA SER C 225 3.91 15.15 34.48
C SER C 225 4.03 15.31 35.98
N PRO C 226 4.65 14.34 36.66
CA PRO C 226 5.11 14.61 38.03
C PRO C 226 6.16 15.72 38.05
N GLU C 227 6.91 15.87 36.97
CA GLU C 227 7.82 16.99 36.82
C GLU C 227 7.13 18.25 36.33
N GLY C 228 5.82 18.21 36.14
CA GLY C 228 5.05 19.43 36.01
C GLY C 228 5.02 20.07 34.64
N GLU C 229 5.02 19.28 33.57
CA GLU C 229 4.86 19.83 32.23
C GLU C 229 3.56 19.29 31.67
N VAL C 230 2.58 20.20 31.50
CA VAL C 230 1.21 19.85 31.13
C VAL C 230 1.06 19.95 29.62
N VAL C 231 0.33 19.00 29.04
CA VAL C 231 0.09 19.01 27.61
C VAL C 231 -1.42 19.03 27.38
N PRO C 232 -1.91 19.48 26.23
CA PRO C 232 -3.37 19.50 26.04
C PRO C 232 -3.96 18.11 26.09
N LEU C 233 -3.40 17.18 25.35
CA LEU C 233 -3.74 15.77 25.46
C LEU C 233 -2.53 14.99 25.00
N HIS C 234 -2.22 13.90 25.68
CA HIS C 234 -1.06 13.11 25.30
C HIS C 234 -1.61 11.76 24.84
N GLN C 235 -1.63 11.52 23.54
CA GLN C 235 -2.17 10.25 23.06
C GLN C 235 -1.34 9.10 23.61
N VAL C 236 -2.02 8.15 24.24
CA VAL C 236 -1.41 6.91 24.71
C VAL C 236 -2.25 5.73 24.23
N ASP C 237 -1.56 4.63 23.97
CA ASP C 237 -2.12 3.47 23.29
C ASP C 237 -2.92 2.62 24.25
N ILE C 238 -3.98 2.00 23.75
CA ILE C 238 -4.50 0.77 24.33
C ILE C 238 -4.49 -0.31 23.26
N PRO C 239 -3.74 -1.40 23.44
CA PRO C 239 -3.72 -2.44 22.42
C PRO C 239 -5.05 -3.18 22.37
N MET C 240 -5.51 -3.45 21.16
CA MET C 240 -6.65 -4.34 21.00
C MET C 240 -6.21 -5.78 21.14
N GLU C 241 -6.77 -6.47 22.12
CA GLU C 241 -6.20 -7.75 22.54
C GLU C 241 -6.79 -8.83 21.65
N ASN C 242 -5.95 -9.36 20.79
CA ASN C 242 -6.32 -10.50 19.98
C ASN C 242 -5.62 -11.72 20.51
N GLY C 243 -5.27 -12.64 19.62
CA GLY C 243 -4.16 -13.53 19.90
C GLY C 243 -2.89 -12.97 19.30
N VAL C 244 -1.76 -13.33 19.91
CA VAL C 244 -0.45 -12.89 19.43
C VAL C 244 -0.46 -11.39 19.21
N GLY C 245 -0.82 -10.64 20.24
CA GLY C 245 -0.95 -9.20 20.09
C GLY C 245 -1.79 -8.95 18.86
N GLY C 246 -1.30 -8.07 18.00
CA GLY C 246 -1.86 -7.96 16.68
C GLY C 246 -2.82 -6.82 16.48
N ASN C 247 -2.74 -6.26 15.27
CA ASN C 247 -3.28 -4.95 15.03
C ASN C 247 -4.70 -4.99 14.55
N GLY C 248 -5.17 -6.16 14.10
CA GLY C 248 -6.33 -6.20 13.24
C GLY C 248 -7.04 -7.54 13.21
N ILE C 249 -8.29 -7.46 12.72
CA ILE C 249 -9.25 -8.54 12.73
C ILE C 249 -9.94 -8.57 11.37
N PHE C 250 -10.74 -9.62 11.15
CA PHE C 250 -11.16 -10.01 9.81
C PHE C 250 -12.65 -9.80 9.61
N LEU C 251 -13.02 -8.77 8.85
CA LEU C 251 -14.40 -8.30 8.81
C LEU C 251 -15.06 -8.72 7.51
N VAL C 252 -16.01 -9.65 7.61
CA VAL C 252 -17.14 -9.72 6.70
C VAL C 252 -18.34 -9.88 7.62
N ALA C 253 -18.36 -10.98 8.36
CA ALA C 253 -19.29 -11.10 9.45
C ALA C 253 -18.91 -10.09 10.53
N PRO C 254 -19.87 -9.49 11.22
CA PRO C 254 -19.55 -8.59 12.33
C PRO C 254 -18.86 -9.33 13.46
N LEU C 255 -17.82 -8.72 14.02
CA LEU C 255 -17.10 -9.32 15.14
C LEU C 255 -16.73 -8.26 16.18
N ILE C 256 -17.00 -8.57 17.44
CA ILE C 256 -16.82 -7.59 18.51
C ILE C 256 -15.34 -7.27 18.67
N ILE C 257 -15.05 -6.09 19.19
CA ILE C 257 -13.67 -5.72 19.52
C ILE C 257 -13.52 -5.80 21.04
N TYR C 258 -12.36 -6.31 21.44
CA TYR C 258 -12.20 -7.06 22.68
C TYR C 258 -10.80 -6.78 23.19
N HIS C 259 -10.65 -6.37 24.46
CA HIS C 259 -9.32 -5.95 24.91
C HIS C 259 -9.22 -5.92 26.44
N VAL C 260 -8.14 -5.30 26.91
CA VAL C 260 -7.68 -5.29 28.30
C VAL C 260 -8.07 -3.99 29.00
N ILE C 261 -8.45 -4.11 30.27
CA ILE C 261 -8.14 -3.14 31.31
C ILE C 261 -7.35 -3.89 32.38
N ASP C 262 -6.06 -3.57 32.48
CA ASP C 262 -5.17 -4.15 33.48
C ASP C 262 -4.28 -3.05 34.03
N SER C 263 -3.92 -3.16 35.31
CA SER C 263 -3.23 -2.05 35.95
C SER C 263 -1.93 -1.69 35.28
N ASN C 264 -1.39 -2.54 34.41
CA ASN C 264 -0.29 -2.09 33.58
C ASN C 264 -0.79 -1.30 32.38
N SER C 265 -1.95 -1.49 32.02
CA SER C 265 -2.38 -0.76 30.84
C SER C 265 -2.93 0.60 31.22
N PRO C 266 -2.52 1.64 30.50
CA PRO C 266 -2.77 3.01 30.96
C PRO C 266 -4.22 3.37 31.20
N LEU C 267 -5.15 2.55 30.78
CA LEU C 267 -6.55 2.87 30.97
C LEU C 267 -7.14 2.26 32.24
N TYR C 268 -6.32 1.65 33.10
CA TYR C 268 -6.84 0.87 34.22
C TYR C 268 -7.50 1.69 35.32
N ASP C 269 -7.16 2.96 35.46
CA ASP C 269 -7.48 3.69 36.67
C ASP C 269 -8.96 4.01 36.80
N LEU C 270 -9.60 4.53 35.76
CA LEU C 270 -10.89 5.19 35.91
C LEU C 270 -11.91 4.29 36.59
N ALA C 271 -12.84 4.92 37.36
CA ALA C 271 -13.98 4.57 38.20
C ALA C 271 -15.27 4.56 37.39
N PRO C 272 -16.19 3.66 37.68
CA PRO C 272 -17.47 3.67 36.95
C PRO C 272 -18.27 4.93 37.18
N SER C 273 -18.39 5.38 38.41
CA SER C 273 -19.30 6.48 38.68
C SER C 273 -18.61 7.82 38.56
N ASP C 274 -17.28 7.80 38.37
CA ASP C 274 -16.56 9.04 38.08
C ASP C 274 -16.67 9.42 36.60
N LEU C 275 -16.50 8.46 35.70
CA LEU C 275 -16.37 8.78 34.28
C LEU C 275 -17.71 9.17 33.67
N HIS C 276 -18.77 8.47 34.05
CA HIS C 276 -20.07 8.61 33.41
C HIS C 276 -20.68 9.99 33.57
N HIS C 277 -20.06 10.88 34.35
CA HIS C 277 -20.61 12.21 34.56
C HIS C 277 -19.59 13.30 34.26
N HIS C 278 -18.54 13.33 35.08
CA HIS C 278 -17.55 14.40 35.08
C HIS C 278 -16.30 14.05 34.29
N GLN C 279 -15.64 12.95 34.65
CA GLN C 279 -14.37 12.56 34.04
C GLN C 279 -14.47 12.62 32.53
N ASP C 280 -13.49 13.28 31.92
CA ASP C 280 -13.55 13.60 30.49
C ASP C 280 -12.92 12.48 29.68
N LEU C 281 -13.74 11.80 28.91
CA LEU C 281 -13.23 10.86 27.93
C LEU C 281 -14.08 10.93 26.69
N GLU C 282 -13.44 11.03 25.54
CA GLU C 282 -14.03 10.50 24.33
C GLU C 282 -12.97 9.59 23.73
N ILE C 283 -13.21 8.30 23.79
CA ILE C 283 -12.25 7.34 23.30
C ILE C 283 -12.29 7.39 21.79
N ILE C 284 -11.14 7.60 21.16
CA ILE C 284 -11.08 7.68 19.70
C ILE C 284 -10.64 6.35 19.15
N VAL C 285 -11.21 5.96 18.01
CA VAL C 285 -10.89 4.69 17.37
C VAL C 285 -10.72 4.90 15.88
N ILE C 286 -9.65 4.31 15.35
CA ILE C 286 -9.23 4.46 13.96
C ILE C 286 -9.22 3.10 13.32
N LEU C 287 -9.86 2.98 12.16
CA LEU C 287 -9.68 1.82 11.30
C LEU C 287 -9.30 2.28 9.90
N GLU C 288 -8.33 1.58 9.33
CA GLU C 288 -7.68 1.98 8.10
C GLU C 288 -7.61 0.79 7.18
N GLY C 289 -8.20 0.93 6.01
CA GLY C 289 -8.24 -0.18 5.07
C GLY C 289 -8.38 0.34 3.66
N VAL C 290 -8.51 -0.58 2.73
CA VAL C 290 -8.74 -0.25 1.34
C VAL C 290 -9.87 -1.10 0.81
N VAL C 291 -10.91 -0.45 0.37
CA VAL C 291 -12.06 -1.14 -0.19
C VAL C 291 -11.60 -1.95 -1.39
N GLU C 292 -12.05 -3.19 -1.44
CA GLU C 292 -11.48 -4.24 -2.27
C GLU C 292 -11.25 -3.82 -3.71
N THR C 293 -12.22 -3.14 -4.33
CA THR C 293 -12.12 -2.95 -5.76
C THR C 293 -11.32 -1.72 -6.16
N THR C 294 -11.14 -0.77 -5.24
CA THR C 294 -10.56 0.51 -5.67
C THR C 294 -9.05 0.45 -5.81
N GLY C 295 -8.39 -0.34 -4.98
CA GLY C 295 -6.97 -0.18 -4.82
C GLY C 295 -6.58 1.22 -4.40
N ILE C 296 -7.22 1.77 -3.36
CA ILE C 296 -6.70 2.93 -2.67
C ILE C 296 -7.17 2.87 -1.22
N THR C 297 -6.28 3.29 -0.32
CA THR C 297 -6.59 3.29 1.10
C THR C 297 -7.62 4.35 1.41
N THR C 298 -8.27 4.18 2.55
CA THR C 298 -9.29 5.08 3.09
C THR C 298 -9.52 4.60 4.52
N GLN C 299 -10.33 5.34 5.27
CA GLN C 299 -10.48 5.08 6.68
C GLN C 299 -11.88 5.50 7.11
N ALA C 300 -12.16 5.32 8.40
CA ALA C 300 -13.40 5.81 8.98
C ALA C 300 -13.13 6.02 10.47
N ARG C 301 -13.95 6.85 11.10
CA ARG C 301 -13.58 7.32 12.43
C ARG C 301 -14.79 7.53 13.31
N THR C 302 -14.57 7.28 14.61
CA THR C 302 -15.49 7.71 15.65
C THR C 302 -14.76 7.75 16.98
N SER C 303 -15.31 8.52 17.90
CA SER C 303 -14.96 8.49 19.31
C SER C 303 -16.20 8.16 20.12
N TYR C 304 -16.03 8.24 21.43
CA TYR C 304 -17.10 7.99 22.38
C TYR C 304 -17.00 8.98 23.52
N LEU C 305 -18.07 9.72 23.75
CA LEU C 305 -18.07 10.63 24.87
C LEU C 305 -18.18 9.86 26.18
N ALA C 306 -17.49 10.35 27.20
CA ALA C 306 -17.49 9.70 28.50
C ALA C 306 -18.92 9.39 28.95
N ASP C 307 -19.73 10.42 29.11
CA ASP C 307 -21.14 10.20 29.46
C ASP C 307 -21.79 9.18 28.54
N GLU C 308 -21.30 9.05 27.31
CA GLU C 308 -21.84 8.01 26.43
C GLU C 308 -21.35 6.64 26.84
N ILE C 309 -20.03 6.45 26.97
CA ILE C 309 -19.53 5.15 27.39
C ILE C 309 -20.03 4.83 28.78
N LEU C 310 -20.73 3.69 28.92
CA LEU C 310 -21.45 3.39 30.15
C LEU C 310 -20.98 2.05 30.72
N TRP C 311 -21.51 1.71 31.89
CA TRP C 311 -20.95 0.63 32.69
C TRP C 311 -21.88 -0.58 32.76
N GLY C 312 -21.27 -1.77 32.81
CA GLY C 312 -21.94 -2.97 33.28
C GLY C 312 -23.07 -3.49 32.41
N GLN C 313 -23.23 -2.97 31.21
CA GLN C 313 -24.19 -3.55 30.27
C GLN C 313 -23.44 -4.47 29.32
N ARG C 314 -24.14 -5.13 28.41
CA ARG C 314 -23.44 -6.03 27.50
C ARG C 314 -24.21 -6.12 26.20
N PHE C 315 -23.50 -6.49 25.13
CA PHE C 315 -24.12 -6.67 23.83
C PHE C 315 -24.92 -7.95 23.71
N VAL C 316 -26.12 -7.83 23.16
CA VAL C 316 -26.95 -8.95 22.79
C VAL C 316 -26.18 -9.76 21.74
N PRO C 317 -26.40 -11.06 21.63
CA PRO C 317 -25.99 -11.76 20.42
C PRO C 317 -26.58 -11.08 19.20
N ILE C 318 -25.72 -10.73 18.26
CA ILE C 318 -26.14 -10.10 17.03
C ILE C 318 -26.57 -11.17 16.06
N VAL C 319 -25.61 -11.97 15.60
CA VAL C 319 -25.86 -12.96 14.57
C VAL C 319 -26.60 -14.16 15.15
N ALA C 320 -27.26 -14.91 14.26
CA ALA C 320 -27.86 -16.19 14.61
C ALA C 320 -27.83 -17.12 13.41
N GLU C 321 -27.75 -18.41 13.68
CA GLU C 321 -27.77 -19.46 12.67
C GLU C 321 -29.23 -19.73 12.31
N GLU C 322 -29.58 -19.53 11.03
CA GLU C 322 -30.99 -19.59 10.68
C GLU C 322 -31.17 -19.99 9.22
N ASP C 323 -32.34 -20.55 8.92
CA ASP C 323 -32.60 -21.11 7.60
C ASP C 323 -31.46 -22.06 7.23
N GLY C 324 -31.02 -22.02 5.99
CA GLY C 324 -29.94 -22.88 5.59
C GLY C 324 -28.61 -22.16 5.64
N ARG C 325 -28.55 -21.06 6.39
CA ARG C 325 -27.39 -20.19 6.31
C ARG C 325 -27.09 -19.58 7.67
N TYR C 326 -26.06 -18.75 7.69
CA TYR C 326 -25.96 -17.76 8.74
C TYR C 326 -26.87 -16.59 8.46
N SER C 327 -27.28 -15.91 9.54
CA SER C 327 -28.28 -14.86 9.48
C SER C 327 -27.85 -13.73 10.39
N VAL C 328 -28.00 -12.51 9.88
CA VAL C 328 -27.53 -11.33 10.59
C VAL C 328 -28.59 -10.23 10.53
N ASP C 329 -28.93 -9.74 11.72
CA ASP C 329 -29.90 -8.67 11.86
C ASP C 329 -29.23 -7.49 12.55
N TYR C 330 -29.06 -6.41 11.81
CA TYR C 330 -28.46 -5.22 12.39
C TYR C 330 -29.48 -4.36 13.12
N SER C 331 -30.77 -4.67 13.01
CA SER C 331 -31.75 -3.91 13.77
C SER C 331 -31.44 -3.94 15.26
N LYS C 332 -30.74 -4.97 15.71
CA LYS C 332 -30.31 -5.10 17.10
C LYS C 332 -28.91 -4.57 17.34
N PHE C 333 -28.30 -3.92 16.34
CA PHE C 333 -26.84 -3.80 16.26
C PHE C 333 -26.21 -3.42 17.59
N GLY C 334 -26.83 -2.49 18.30
CA GLY C 334 -26.35 -2.03 19.59
C GLY C 334 -27.19 -2.45 20.77
N ASN C 335 -28.15 -3.34 20.57
CA ASN C 335 -29.07 -3.65 21.65
C ASN C 335 -28.30 -4.24 22.83
N THR C 336 -28.88 -4.08 24.01
CA THR C 336 -28.07 -4.14 25.21
C THR C 336 -28.86 -4.86 26.31
N ILE C 337 -28.12 -5.51 27.20
CA ILE C 337 -28.70 -6.18 28.36
C ILE C 337 -27.97 -5.71 29.60
N LYS C 338 -28.59 -5.97 30.75
CA LYS C 338 -27.96 -5.72 32.04
C LYS C 338 -27.36 -7.02 32.57
N VAL C 339 -26.11 -6.94 33.03
CA VAL C 339 -25.42 -8.16 33.43
C VAL C 339 -24.94 -8.05 34.88
N PRO C 340 -25.08 -9.10 35.66
CA PRO C 340 -24.58 -9.06 37.05
C PRO C 340 -23.08 -9.14 37.08
N THR C 341 -22.42 -8.01 36.86
CA THR C 341 -20.99 -7.98 36.80
C THR C 341 -20.48 -7.00 37.84
N PRO C 342 -19.32 -7.25 38.45
CA PRO C 342 -18.93 -6.47 39.63
C PRO C 342 -18.94 -4.96 39.39
N LEU C 343 -19.67 -4.27 40.26
CA LEU C 343 -19.67 -2.82 40.29
C LEU C 343 -18.62 -2.40 41.31
N CYS C 344 -17.54 -1.88 40.81
CA CYS C 344 -16.45 -1.42 41.64
C CYS C 344 -15.60 -0.56 40.71
N THR C 345 -14.57 0.06 41.25
CA THR C 345 -13.70 0.86 40.42
C THR C 345 -12.59 -0.04 39.90
N ALA C 346 -12.28 0.10 38.62
CA ALA C 346 -11.23 -0.74 38.04
C ALA C 346 -9.90 -0.49 38.72
N ARG C 347 -9.79 0.60 39.47
CA ARG C 347 -8.67 0.78 40.38
C ARG C 347 -8.87 -0.07 41.63
N GLN C 348 -10.13 -0.30 42.02
CA GLN C 348 -10.38 -1.26 43.10
C GLN C 348 -10.67 -2.64 42.57
N LEU C 349 -10.71 -2.83 41.25
CA LEU C 349 -10.53 -4.18 40.74
C LEU C 349 -9.07 -4.42 40.37
N ASP C 350 -8.25 -3.38 40.40
CA ASP C 350 -6.82 -3.59 40.55
C ASP C 350 -6.44 -3.68 42.03
N GLU C 351 -7.30 -3.18 42.91
CA GLU C 351 -7.15 -3.48 44.33
C GLU C 351 -7.82 -4.80 44.66
N ASP C 352 -8.75 -5.24 43.80
CA ASP C 352 -9.21 -6.62 43.87
C ASP C 352 -8.19 -7.53 43.22
N ARG C 353 -7.68 -7.12 42.07
CA ARG C 353 -6.56 -7.83 41.45
C ARG C 353 -5.38 -7.90 42.40
N SER C 354 -5.31 -6.96 43.36
CA SER C 354 -4.33 -7.07 44.42
C SER C 354 -4.78 -7.98 45.55
N LEU C 355 -6.04 -7.85 45.98
CA LEU C 355 -6.56 -8.57 47.14
C LEU C 355 -7.03 -9.97 46.77
N LEU C 356 -7.73 -10.09 45.64
CA LEU C 356 -8.23 -11.37 45.18
C LEU C 356 -8.19 -11.44 43.65
N ARG D 31 28.07 24.33 8.63
CA ARG D 31 28.76 24.00 7.39
C ARG D 31 29.57 22.73 7.55
N ARG D 32 29.85 22.38 8.80
CA ARG D 32 30.68 21.23 9.13
C ARG D 32 30.14 19.96 8.49
N ALA D 33 29.01 19.46 8.98
CA ALA D 33 28.44 18.22 8.50
C ALA D 33 27.00 18.47 8.10
N ARG D 34 26.63 17.93 6.94
CA ARG D 34 25.28 18.12 6.43
C ARG D 34 24.82 16.75 5.94
N PHE D 35 23.68 16.28 6.40
CA PHE D 35 23.14 15.03 5.85
C PHE D 35 21.79 15.27 5.18
N VAL D 36 20.79 15.75 5.92
CA VAL D 36 19.61 16.30 5.26
C VAL D 36 19.39 17.70 5.80
N SER D 37 18.42 18.39 5.21
CA SER D 37 18.35 19.83 5.39
C SER D 37 17.40 20.21 6.52
N LYS D 38 17.35 21.52 6.81
CA LYS D 38 16.41 22.03 7.80
C LYS D 38 14.97 21.80 7.37
N LYS D 39 14.63 22.21 6.14
CA LYS D 39 13.40 21.80 5.50
C LYS D 39 13.41 20.33 5.13
N GLY D 40 14.59 19.71 5.08
CA GLY D 40 14.69 18.27 5.10
C GLY D 40 15.07 17.51 3.84
N ASN D 41 15.48 18.18 2.77
CA ASN D 41 15.92 17.45 1.58
C ASN D 41 17.24 16.75 1.90
N CYS D 42 17.38 15.54 1.38
CA CYS D 42 18.66 14.86 1.48
C CYS D 42 19.64 15.58 0.57
N ASN D 43 20.72 16.09 1.15
CA ASN D 43 21.71 16.81 0.39
C ASN D 43 22.85 15.90 -0.09
N VAL D 44 22.96 14.69 0.45
CA VAL D 44 24.08 13.86 0.08
C VAL D 44 23.89 13.34 -1.34
N ALA D 45 24.96 13.39 -2.11
CA ALA D 45 24.90 13.00 -3.51
C ALA D 45 25.73 11.74 -3.71
N HIS D 46 25.86 11.33 -4.97
CA HIS D 46 26.56 10.10 -5.33
C HIS D 46 27.54 10.37 -6.45
N LYS D 47 28.78 9.96 -6.26
CA LYS D 47 29.80 10.21 -7.27
C LYS D 47 30.14 8.93 -8.01
N ASN D 48 29.82 8.91 -9.31
CA ASN D 48 30.24 7.91 -10.27
C ASN D 48 30.01 6.48 -9.82
N ILE D 49 28.74 6.07 -9.73
CA ILE D 49 28.48 4.66 -9.61
C ILE D 49 28.77 4.02 -10.96
N ARG D 50 28.90 2.69 -10.95
CA ARG D 50 29.54 1.94 -12.02
C ARG D 50 28.85 2.04 -13.39
N GLU D 51 27.71 2.73 -13.47
CA GLU D 51 27.01 2.93 -14.75
C GLU D 51 27.96 3.26 -15.89
N PHE D 55 21.55 6.61 -18.45
CA PHE D 55 21.29 7.06 -17.08
C PHE D 55 20.04 6.40 -16.53
N LEU D 56 20.21 5.35 -15.74
CA LEU D 56 19.11 4.58 -15.19
C LEU D 56 18.13 4.23 -16.31
N GLN D 57 18.56 3.29 -17.15
CA GLN D 57 17.94 3.14 -18.45
C GLN D 57 16.45 2.91 -18.32
N ASP D 58 15.67 3.82 -18.90
CA ASP D 58 14.22 3.75 -18.84
C ASP D 58 13.68 4.79 -19.80
N VAL D 59 12.36 4.82 -19.91
CA VAL D 59 11.71 5.72 -20.87
C VAL D 59 10.85 6.74 -20.14
N PHE D 60 9.67 6.35 -19.67
CA PHE D 60 8.76 7.35 -19.12
C PHE D 60 8.74 7.41 -17.61
N THR D 61 9.54 6.61 -16.90
CA THR D 61 9.64 6.80 -15.46
C THR D 61 10.07 8.22 -15.14
N THR D 62 11.00 8.74 -15.92
CA THR D 62 11.71 9.95 -15.54
C THR D 62 10.92 11.21 -15.83
N LEU D 63 10.27 11.28 -16.98
CA LEU D 63 9.62 12.53 -17.38
C LEU D 63 8.69 13.01 -16.30
N VAL D 64 7.94 12.09 -15.70
CA VAL D 64 6.94 12.48 -14.73
C VAL D 64 7.58 13.07 -13.49
N ASP D 65 8.73 12.54 -13.07
CA ASP D 65 9.45 13.03 -11.91
C ASP D 65 10.05 14.40 -12.15
N LEU D 66 10.11 14.84 -13.39
CA LEU D 66 10.75 16.11 -13.72
C LEU D 66 9.85 17.26 -13.29
N LYS D 67 10.19 18.44 -13.72
CA LYS D 67 9.40 19.61 -13.45
C LYS D 67 8.51 19.92 -14.65
N TRP D 68 7.63 20.92 -14.51
CA TRP D 68 6.68 21.22 -15.57
C TRP D 68 7.35 21.60 -16.87
N PRO D 69 8.19 22.64 -16.92
CA PRO D 69 8.64 23.12 -18.23
C PRO D 69 9.17 22.02 -19.13
N HIS D 70 9.97 21.10 -18.59
CA HIS D 70 10.47 20.05 -19.46
C HIS D 70 9.37 19.09 -19.92
N THR D 71 8.34 18.85 -19.11
CA THR D 71 7.31 17.93 -19.59
C THR D 71 6.41 18.60 -20.63
N LEU D 72 5.91 19.79 -20.33
CA LEU D 72 5.04 20.48 -21.27
C LEU D 72 5.79 20.76 -22.57
N LEU D 73 6.90 21.49 -22.46
CA LEU D 73 7.73 21.77 -23.61
C LEU D 73 8.07 20.50 -24.36
N ILE D 74 8.43 19.44 -23.62
CA ILE D 74 8.92 18.25 -24.29
C ILE D 74 7.82 17.65 -25.15
N PHE D 75 6.57 17.70 -24.67
CA PHE D 75 5.50 17.15 -25.50
C PHE D 75 5.17 18.04 -26.67
N THR D 76 5.04 19.34 -26.46
CA THR D 76 4.62 20.15 -27.60
C THR D 76 5.70 20.07 -28.66
N MET D 77 6.95 19.99 -28.23
CA MET D 77 8.02 19.74 -29.18
C MET D 77 7.81 18.40 -29.89
N SER D 78 7.28 17.41 -29.17
CA SER D 78 7.05 16.09 -29.78
C SER D 78 6.00 16.19 -30.89
N PHE D 79 4.84 16.74 -30.56
CA PHE D 79 3.84 17.02 -31.57
C PHE D 79 4.44 17.72 -32.77
N LEU D 80 5.22 18.78 -32.54
CA LEU D 80 5.87 19.43 -33.66
C LEU D 80 6.74 18.48 -34.45
N CYS D 81 7.44 17.55 -33.78
CA CYS D 81 8.21 16.56 -34.52
C CYS D 81 7.31 15.75 -35.45
N SER D 82 6.39 14.97 -34.88
CA SER D 82 5.57 14.09 -35.69
C SER D 82 4.86 14.87 -36.78
N TRP D 83 4.22 15.97 -36.39
CA TRP D 83 3.53 16.84 -37.34
C TRP D 83 4.44 17.19 -38.51
N LEU D 84 5.62 17.72 -38.22
CA LEU D 84 6.58 17.98 -39.28
C LEU D 84 6.74 16.76 -40.17
N LEU D 85 6.97 15.60 -39.57
CA LEU D 85 7.25 14.40 -40.34
C LEU D 85 6.14 14.11 -41.33
N PHE D 86 4.95 13.79 -40.83
CA PHE D 86 3.89 13.44 -41.76
C PHE D 86 3.58 14.56 -42.72
N ALA D 87 3.75 15.80 -42.27
CA ALA D 87 3.66 16.92 -43.20
C ALA D 87 4.52 16.60 -44.41
N MET D 88 5.83 16.47 -44.21
CA MET D 88 6.70 16.28 -45.36
C MET D 88 6.42 14.99 -46.10
N VAL D 89 5.96 13.94 -45.44
CA VAL D 89 5.74 12.73 -46.21
C VAL D 89 4.61 12.95 -47.20
N TRP D 90 3.54 13.64 -46.77
CA TRP D 90 2.47 13.87 -47.73
C TRP D 90 2.87 14.91 -48.75
N TRP D 91 3.71 15.86 -48.34
CA TRP D 91 4.35 16.73 -49.30
C TRP D 91 4.92 15.91 -50.45
N LEU D 92 5.85 15.02 -50.14
CA LEU D 92 6.49 14.22 -51.18
C LEU D 92 5.48 13.35 -51.93
N ILE D 93 4.86 12.37 -51.27
CA ILE D 93 3.98 11.45 -52.01
C ILE D 93 3.01 12.21 -52.88
N ALA D 94 2.49 13.33 -52.38
CA ALA D 94 1.67 14.19 -53.23
C ALA D 94 2.47 14.66 -54.43
N PHE D 95 3.67 15.16 -54.18
CA PHE D 95 4.49 15.76 -55.21
C PHE D 95 4.81 14.79 -56.32
N ALA D 96 5.57 13.74 -55.99
CA ALA D 96 6.01 12.80 -57.00
C ALA D 96 4.87 12.02 -57.63
N HIS D 97 3.63 12.20 -57.15
CA HIS D 97 2.53 11.50 -57.79
C HIS D 97 2.01 12.23 -59.02
N GLY D 98 2.60 13.37 -59.37
CA GLY D 98 2.22 14.08 -60.56
C GLY D 98 1.03 14.99 -60.40
N ASP D 99 0.25 14.85 -59.33
CA ASP D 99 -0.91 15.71 -59.16
C ASP D 99 -0.58 17.01 -58.45
N LEU D 100 0.60 17.10 -57.83
CA LEU D 100 0.90 18.28 -57.04
C LEU D 100 1.20 19.48 -57.93
N ALA D 101 1.94 19.27 -59.02
CA ALA D 101 2.13 20.34 -59.99
C ALA D 101 0.78 20.67 -60.61
N PRO D 102 0.27 21.88 -60.43
CA PRO D 102 -1.11 22.17 -60.82
C PRO D 102 -1.33 22.09 -62.31
N GLY D 103 -2.47 21.53 -62.69
CA GLY D 103 -2.88 21.41 -64.08
C GLY D 103 -4.38 21.33 -64.14
N GLU D 104 -4.89 21.10 -65.35
CA GLU D 104 -6.33 21.01 -65.57
C GLU D 104 -6.62 19.78 -66.40
N GLY D 105 -7.44 18.88 -65.85
CA GLY D 105 -7.80 17.66 -66.54
C GLY D 105 -6.69 16.62 -66.50
N THR D 106 -7.05 15.43 -66.98
CA THR D 106 -6.12 14.30 -67.05
C THR D 106 -5.53 13.95 -65.69
N ASN D 107 -6.28 14.21 -64.62
CA ASN D 107 -5.77 13.95 -63.28
C ASN D 107 -6.91 13.84 -62.28
N VAL D 108 -6.62 13.18 -61.17
CA VAL D 108 -7.42 13.28 -59.95
C VAL D 108 -6.45 13.59 -58.83
N PRO D 109 -6.79 14.49 -57.89
CA PRO D 109 -5.83 14.82 -56.83
C PRO D 109 -5.63 13.62 -55.92
N CYS D 110 -4.45 13.51 -55.34
CA CYS D 110 -4.30 12.61 -54.22
C CYS D 110 -4.78 13.23 -52.91
N VAL D 111 -4.67 14.55 -52.79
CA VAL D 111 -5.41 15.32 -51.79
C VAL D 111 -5.84 16.62 -52.44
N THR D 112 -7.08 17.02 -52.21
CA THR D 112 -7.65 18.12 -52.99
C THR D 112 -6.94 19.44 -52.70
N SER D 113 -6.77 20.23 -53.76
CA SER D 113 -6.34 21.63 -53.69
C SER D 113 -5.00 21.81 -53.00
N ILE D 114 -4.16 20.79 -53.01
CA ILE D 114 -2.88 20.83 -52.30
C ILE D 114 -1.90 21.54 -53.22
N HIS D 115 -0.99 22.33 -52.63
CA HIS D 115 -0.08 23.06 -53.50
C HIS D 115 1.36 23.03 -53.06
N SER D 116 1.69 23.70 -51.97
CA SER D 116 3.08 23.83 -51.54
C SER D 116 3.18 23.57 -50.05
N PHE D 117 4.37 23.83 -49.50
CA PHE D 117 4.78 23.33 -48.18
C PHE D 117 3.66 23.46 -47.18
N SER D 118 3.12 24.68 -47.10
CA SER D 118 2.11 24.98 -46.12
C SER D 118 0.87 24.11 -46.34
N SER D 119 0.49 23.89 -47.60
CA SER D 119 -0.71 23.14 -47.87
C SER D 119 -0.67 21.78 -47.20
N ALA D 120 0.34 20.98 -47.55
CA ALA D 120 0.47 19.67 -46.94
C ALA D 120 0.60 19.77 -45.43
N PHE D 121 1.44 20.70 -44.97
CA PHE D 121 1.62 20.87 -43.52
C PHE D 121 0.26 20.95 -42.83
N LEU D 122 -0.52 21.96 -43.17
CA LEU D 122 -1.81 22.19 -42.55
C LEU D 122 -2.73 20.98 -42.70
N PHE D 123 -2.60 20.21 -43.78
CA PHE D 123 -3.57 19.12 -43.90
C PHE D 123 -3.20 17.94 -43.01
N SER D 124 -1.92 17.57 -42.99
CA SER D 124 -1.48 16.55 -42.06
C SER D 124 -1.83 16.94 -40.63
N ILE D 125 -1.46 18.16 -40.24
CA ILE D 125 -1.81 18.60 -38.91
C ILE D 125 -3.32 18.59 -38.73
N GLU D 126 -4.05 18.73 -39.83
CA GLU D 126 -5.49 18.58 -39.73
C GLU D 126 -5.85 17.17 -39.30
N VAL D 127 -5.17 16.16 -39.83
CA VAL D 127 -5.66 14.82 -39.50
C VAL D 127 -5.23 14.39 -38.12
N GLN D 128 -4.02 14.75 -37.68
CA GLN D 128 -3.54 14.21 -36.40
C GLN D 128 -4.49 14.36 -35.22
N VAL D 129 -4.89 15.58 -34.90
CA VAL D 129 -5.66 15.83 -33.69
C VAL D 129 -7.12 15.76 -34.06
N THR D 130 -7.39 15.34 -35.30
CA THR D 130 -8.74 15.22 -35.85
C THR D 130 -9.44 16.58 -35.92
N ILE D 131 -8.97 17.39 -36.88
CA ILE D 131 -9.66 18.62 -37.26
C ILE D 131 -10.61 18.34 -38.40
N GLY D 132 -10.05 18.16 -39.60
CA GLY D 132 -10.89 17.98 -40.76
C GLY D 132 -11.67 19.19 -41.16
N PHE D 133 -11.02 20.29 -41.58
CA PHE D 133 -11.77 21.37 -42.20
C PHE D 133 -12.81 20.82 -43.17
N GLY D 134 -12.40 19.88 -44.00
CA GLY D 134 -13.25 19.37 -45.05
C GLY D 134 -13.05 20.03 -46.40
N GLY D 135 -12.50 21.24 -46.43
CA GLY D 135 -12.20 21.86 -47.70
C GLY D 135 -11.18 21.04 -48.48
N ARG D 136 -10.02 20.81 -47.90
CA ARG D 136 -9.11 19.85 -48.48
C ARG D 136 -9.74 18.46 -48.37
N MET D 137 -9.44 17.60 -49.34
CA MET D 137 -10.01 16.27 -49.29
C MET D 137 -9.11 15.28 -50.01
N VAL D 138 -9.18 14.02 -49.57
CA VAL D 138 -8.49 12.91 -50.18
C VAL D 138 -9.52 12.00 -50.82
N THR D 139 -9.15 11.40 -51.94
CA THR D 139 -9.96 10.38 -52.58
C THR D 139 -9.33 9.00 -52.40
N GLU D 140 -9.95 8.01 -53.00
CA GLU D 140 -9.44 6.65 -52.95
C GLU D 140 -8.45 6.37 -54.06
N GLU D 141 -8.08 7.37 -54.85
CA GLU D 141 -7.32 7.16 -56.07
C GLU D 141 -5.91 6.66 -55.83
N CYS D 142 -5.25 7.05 -54.75
CA CYS D 142 -3.80 6.93 -54.68
C CYS D 142 -3.48 5.97 -53.55
N PRO D 143 -3.32 4.67 -53.85
CA PRO D 143 -3.32 3.66 -52.77
C PRO D 143 -2.29 3.93 -51.68
N LEU D 144 -1.08 4.31 -52.06
CA LEU D 144 -0.08 4.64 -51.05
C LEU D 144 -0.58 5.75 -50.13
N ALA D 145 -1.53 6.55 -50.59
CA ALA D 145 -2.06 7.63 -49.76
C ALA D 145 -2.98 7.07 -48.69
N ILE D 146 -3.87 6.14 -49.05
CA ILE D 146 -4.70 5.55 -48.02
C ILE D 146 -3.82 4.83 -47.01
N LEU D 147 -2.76 4.17 -47.50
CA LEU D 147 -1.76 3.60 -46.61
C LEU D 147 -1.27 4.64 -45.62
N ILE D 148 -0.59 5.66 -46.14
CA ILE D 148 0.10 6.62 -45.29
C ILE D 148 -0.88 7.26 -44.32
N LEU D 149 -2.14 7.39 -44.74
CA LEU D 149 -3.13 7.94 -43.82
C LEU D 149 -3.33 7.02 -42.64
N ILE D 150 -3.64 5.74 -42.90
CA ILE D 150 -3.96 4.89 -41.76
C ILE D 150 -2.76 4.80 -40.81
N VAL D 151 -1.55 4.65 -41.36
CA VAL D 151 -0.41 4.53 -40.47
C VAL D 151 -0.25 5.79 -39.63
N GLN D 152 -0.47 6.96 -40.23
CA GLN D 152 -0.39 8.17 -39.43
C GLN D 152 -1.39 8.16 -38.30
N ASN D 153 -2.66 7.88 -38.60
CA ASN D 153 -3.66 7.97 -37.55
C ASN D 153 -3.31 7.03 -36.42
N ILE D 154 -2.90 5.80 -36.72
CA ILE D 154 -2.61 4.88 -35.63
C ILE D 154 -1.50 5.42 -34.74
N VAL D 155 -0.33 5.70 -35.32
CA VAL D 155 0.77 6.08 -34.43
C VAL D 155 0.45 7.38 -33.70
N GLY D 156 -0.26 8.29 -34.36
CA GLY D 156 -0.65 9.52 -33.69
C GLY D 156 -1.55 9.26 -32.50
N LEU D 157 -2.51 8.36 -32.64
CA LEU D 157 -3.32 8.02 -31.49
C LEU D 157 -2.45 7.40 -30.39
N MET D 158 -1.38 6.71 -30.77
CA MET D 158 -0.45 6.20 -29.77
C MET D 158 0.17 7.33 -28.95
N ILE D 159 0.79 8.31 -29.62
CA ILE D 159 1.40 9.40 -28.87
C ILE D 159 0.35 10.12 -28.02
N ASN D 160 -0.85 10.30 -28.56
CA ASN D 160 -1.93 10.86 -27.74
C ASN D 160 -2.05 10.08 -26.44
N ALA D 161 -2.24 8.77 -26.56
CA ALA D 161 -2.44 7.89 -25.41
C ALA D 161 -1.32 8.05 -24.40
N ILE D 162 -0.11 7.62 -24.78
CA ILE D 162 0.99 7.69 -23.84
C ILE D 162 1.06 9.06 -23.18
N MET D 163 0.84 10.13 -23.95
CA MET D 163 0.95 11.45 -23.35
C MET D 163 -0.07 11.64 -22.26
N LEU D 164 -1.36 11.53 -22.60
CA LEU D 164 -2.39 11.80 -21.62
C LEU D 164 -2.23 10.91 -20.40
N GLY D 165 -1.93 9.64 -20.62
CA GLY D 165 -1.74 8.75 -19.50
C GLY D 165 -0.64 9.22 -18.56
N CYS D 166 0.52 9.56 -19.12
CA CYS D 166 1.62 9.90 -18.23
C CYS D 166 1.30 11.18 -17.47
N ILE D 167 0.81 12.21 -18.16
CA ILE D 167 0.61 13.48 -17.44
C ILE D 167 -0.47 13.32 -16.37
N PHE D 168 -1.44 12.45 -16.62
CA PHE D 168 -2.28 11.93 -15.56
C PHE D 168 -1.41 11.56 -14.37
N MET D 169 -0.51 10.59 -14.59
CA MET D 169 0.41 10.18 -13.53
C MET D 169 1.18 11.37 -12.96
N LYS D 170 1.32 12.45 -13.72
CA LYS D 170 2.02 13.62 -13.18
C LYS D 170 1.17 14.31 -12.13
N THR D 171 -0.05 14.72 -12.50
CA THR D 171 -0.82 15.43 -11.49
C THR D 171 -1.22 14.52 -10.35
N ALA D 172 -0.98 13.22 -10.47
CA ALA D 172 -0.98 12.40 -9.27
C ALA D 172 -0.07 13.03 -8.21
N GLN D 173 1.23 13.02 -8.47
CA GLN D 173 2.20 13.57 -7.52
C GLN D 173 3.35 14.18 -8.30
N ALA D 174 3.98 15.18 -7.68
CA ALA D 174 5.06 15.92 -8.32
C ALA D 174 6.07 16.33 -7.25
N HIS D 175 7.03 17.18 -7.66
CA HIS D 175 7.92 17.81 -6.70
C HIS D 175 7.16 18.78 -5.80
N ARG D 176 5.97 19.22 -6.22
CA ARG D 176 5.09 20.06 -5.43
C ARG D 176 4.31 19.27 -4.40
N ARG D 177 4.55 17.97 -4.30
CA ARG D 177 3.84 17.18 -3.32
C ARG D 177 4.01 17.83 -1.96
N ALA D 178 2.89 18.18 -1.35
CA ALA D 178 2.96 19.02 -0.18
C ALA D 178 3.52 18.22 0.96
N GLU D 179 4.61 18.71 1.55
CA GLU D 179 4.99 18.20 2.86
C GLU D 179 4.17 19.06 3.80
N THR D 180 3.06 18.51 4.22
CA THR D 180 2.17 19.18 5.15
C THR D 180 2.63 18.93 6.57
N LEU D 181 3.07 17.71 6.83
CA LEU D 181 3.85 17.45 8.02
C LEU D 181 4.98 18.44 8.09
N ILE D 182 5.17 19.02 9.28
CA ILE D 182 6.27 19.94 9.53
C ILE D 182 6.90 19.58 10.87
N PHE D 183 7.95 20.30 11.21
CA PHE D 183 8.83 19.92 12.29
C PHE D 183 9.64 21.13 12.75
N SER D 184 10.18 21.04 13.96
CA SER D 184 10.54 22.26 14.68
C SER D 184 11.79 22.91 14.09
N LYS D 185 11.87 24.22 14.30
CA LYS D 185 13.11 24.95 14.07
C LYS D 185 14.26 24.41 14.91
N HIS D 186 13.95 23.71 16.00
CA HIS D 186 14.95 23.22 16.93
C HIS D 186 14.22 22.42 17.99
N ALA D 187 14.97 21.59 18.71
CA ALA D 187 14.38 20.59 19.56
C ALA D 187 15.11 20.56 20.90
N VAL D 188 14.48 19.91 21.88
CA VAL D 188 15.03 19.90 23.23
C VAL D 188 14.84 18.53 23.88
N ILE D 189 15.15 18.47 25.17
CA ILE D 189 14.99 17.30 26.02
C ILE D 189 14.41 17.74 27.35
N THR D 190 14.18 16.77 28.23
CA THR D 190 13.72 17.04 29.59
C THR D 190 13.88 15.74 30.37
N LEU D 191 13.39 15.72 31.60
CA LEU D 191 13.12 14.47 32.30
C LEU D 191 11.63 14.45 32.59
N ARG D 192 10.90 13.58 31.91
CA ARG D 192 9.52 13.32 32.22
C ARG D 192 9.45 12.07 33.09
N HIS D 193 8.71 12.17 34.18
CA HIS D 193 8.57 11.06 35.11
C HIS D 193 9.94 10.60 35.58
N GLY D 194 10.80 11.58 35.88
CA GLY D 194 12.14 11.31 36.36
C GLY D 194 13.06 10.67 35.35
N ARG D 195 12.64 10.59 34.08
CA ARG D 195 13.41 9.89 33.07
C ARG D 195 13.63 10.79 31.86
N LEU D 196 14.88 10.89 31.43
CA LEU D 196 15.24 11.79 30.35
C LEU D 196 14.47 11.44 29.10
N CYS D 197 14.16 12.45 28.29
CA CYS D 197 13.34 12.27 27.10
C CYS D 197 13.69 13.33 26.07
N PHE D 198 13.50 12.96 24.81
CA PHE D 198 13.91 13.74 23.66
C PHE D 198 12.71 13.90 22.73
N MET D 199 12.35 15.15 22.47
CA MET D 199 11.14 15.51 21.76
C MET D 199 11.38 15.63 20.27
N LEU D 200 10.35 16.14 19.59
CA LEU D 200 10.24 16.78 18.28
C LEU D 200 8.79 17.18 18.14
N ARG D 201 8.53 18.11 17.24
CA ARG D 201 7.14 18.41 16.94
C ARG D 201 6.93 18.11 15.46
N VAL D 202 5.78 17.53 15.13
CA VAL D 202 5.36 17.40 13.73
C VAL D 202 4.30 18.46 13.47
N GLY D 203 3.68 18.44 12.28
CA GLY D 203 2.66 19.43 11.97
C GLY D 203 1.97 19.26 10.64
N ASP D 204 0.89 20.02 10.43
CA ASP D 204 -0.01 19.85 9.30
C ASP D 204 -0.34 21.20 8.69
N LEU D 205 0.02 21.39 7.42
CA LEU D 205 -0.23 22.64 6.70
C LEU D 205 -1.58 22.66 5.99
N ARG D 206 -2.36 21.59 6.05
CA ARG D 206 -3.69 21.61 5.46
C ARG D 206 -4.73 21.17 6.47
N LYS D 207 -5.97 21.58 6.23
CA LYS D 207 -7.06 21.15 7.09
C LYS D 207 -7.48 19.73 6.79
N SER D 208 -7.07 19.19 5.65
CA SER D 208 -7.57 17.92 5.17
C SER D 208 -6.98 16.77 5.99
N MET D 209 -7.41 15.55 5.68
CA MET D 209 -7.15 14.40 6.53
C MET D 209 -5.87 13.70 6.10
N ILE D 210 -5.01 13.41 7.07
CA ILE D 210 -3.86 12.53 6.87
C ILE D 210 -4.03 11.35 7.80
N ILE D 211 -3.92 10.14 7.23
CA ILE D 211 -4.35 8.91 7.87
C ILE D 211 -3.30 7.84 7.62
N SER D 212 -3.32 6.81 8.47
CA SER D 212 -2.35 5.73 8.39
C SER D 212 -0.93 6.28 8.41
N ALA D 213 -0.59 6.89 9.54
CA ALA D 213 0.64 7.65 9.66
C ALA D 213 1.52 7.06 10.73
N THR D 214 2.68 6.57 10.33
CA THR D 214 3.65 5.99 11.25
C THR D 214 4.91 6.85 11.29
N ILE D 215 5.89 6.42 12.09
CA ILE D 215 7.13 7.15 12.31
C ILE D 215 8.29 6.18 12.40
N HIS D 216 9.36 6.43 11.67
CA HIS D 216 10.62 5.70 11.81
C HIS D 216 11.74 6.73 11.82
N MET D 217 12.67 6.59 12.76
CA MET D 217 13.61 7.67 13.05
C MET D 217 15.00 7.11 13.34
N GLN D 218 16.01 7.68 12.71
CA GLN D 218 17.35 7.13 12.76
C GLN D 218 18.34 8.16 13.32
N VAL D 219 19.50 7.65 13.73
CA VAL D 219 20.59 8.44 14.28
C VAL D 219 21.86 8.16 13.51
N VAL D 220 22.56 9.23 13.13
CA VAL D 220 23.82 9.11 12.41
C VAL D 220 24.94 9.64 13.29
N ARG D 221 25.99 8.85 13.44
CA ARG D 221 27.16 9.26 14.20
C ARG D 221 28.34 8.40 13.76
N LYS D 222 29.53 8.85 14.07
CA LYS D 222 30.73 8.11 13.69
C LYS D 222 30.86 6.90 14.60
N THR D 223 31.17 5.74 14.02
CA THR D 223 31.07 4.50 14.75
C THR D 223 32.17 3.55 14.32
N THR D 224 32.71 2.79 15.28
CA THR D 224 33.79 1.87 15.03
C THR D 224 33.61 0.63 15.90
N SER D 225 34.04 -0.50 15.38
CA SER D 225 33.99 -1.76 16.08
C SER D 225 35.11 -1.86 17.11
N PRO D 226 34.89 -2.62 18.19
CA PRO D 226 36.03 -3.04 19.01
C PRO D 226 36.98 -3.90 18.22
N GLU D 227 36.47 -4.62 17.23
CA GLU D 227 37.31 -5.38 16.31
C GLU D 227 37.85 -4.52 15.19
N GLY D 228 37.56 -3.22 15.19
CA GLY D 228 38.31 -2.29 14.38
C GLY D 228 37.90 -2.16 12.93
N GLU D 229 36.61 -2.27 12.63
CA GLU D 229 36.13 -2.05 11.27
C GLU D 229 35.23 -0.82 11.31
N VAL D 230 35.68 0.27 10.69
CA VAL D 230 35.04 1.57 10.76
C VAL D 230 34.10 1.75 9.57
N VAL D 231 32.95 2.33 9.80
CA VAL D 231 31.98 2.57 8.74
C VAL D 231 31.71 4.06 8.69
N PRO D 232 31.23 4.61 7.58
CA PRO D 232 30.97 6.06 7.55
C PRO D 232 29.90 6.46 8.55
N LEU D 233 28.78 5.77 8.53
CA LEU D 233 27.76 5.91 9.56
C LEU D 233 27.01 4.59 9.61
N HIS D 234 26.66 4.15 10.80
CA HIS D 234 25.93 2.89 10.91
C HIS D 234 24.57 3.24 11.49
N GLN D 235 23.53 3.22 10.66
CA GLN D 235 22.22 3.58 11.17
C GLN D 235 21.80 2.61 12.25
N VAL D 236 21.42 3.15 13.40
CA VAL D 236 20.87 2.37 14.51
C VAL D 236 19.59 3.02 14.98
N ASP D 237 18.66 2.19 15.44
CA ASP D 237 17.28 2.59 15.72
C ASP D 237 17.19 3.26 17.07
N ILE D 238 16.29 4.22 17.19
CA ILE D 238 15.69 4.57 18.46
C ILE D 238 14.18 4.41 18.36
N PRO D 239 13.56 3.51 19.12
CA PRO D 239 12.11 3.35 19.04
C PRO D 239 11.39 4.55 19.59
N MET D 240 10.34 4.97 18.89
CA MET D 240 9.46 5.99 19.45
C MET D 240 8.51 5.34 20.45
N GLU D 241 8.58 5.80 21.69
CA GLU D 241 7.96 5.06 22.78
C GLU D 241 6.50 5.50 22.87
N ASN D 242 5.63 4.59 22.48
CA ASN D 242 4.20 4.80 22.63
C ASN D 242 3.72 3.93 23.77
N GLY D 243 2.48 3.47 23.66
CA GLY D 243 2.11 2.24 24.34
C GLY D 243 2.27 1.05 23.40
N VAL D 244 2.53 -0.12 23.98
CA VAL D 244 2.68 -1.35 23.23
C VAL D 244 3.65 -1.14 22.09
N GLY D 245 4.85 -0.67 22.41
CA GLY D 245 5.81 -0.33 21.38
C GLY D 245 5.11 0.53 20.36
N GLY D 246 5.26 0.16 19.11
CA GLY D 246 4.42 0.74 18.09
C GLY D 246 5.05 1.84 17.28
N ASN D 247 4.69 1.85 16.01
CA ASN D 247 5.46 2.57 15.01
C ASN D 247 4.96 3.97 14.81
N GLY D 248 3.75 4.27 15.27
CA GLY D 248 3.03 5.41 14.75
C GLY D 248 1.92 5.94 15.65
N ILE D 249 1.54 7.17 15.34
CA ILE D 249 0.63 7.97 16.15
C ILE D 249 -0.36 8.66 15.21
N PHE D 250 -1.37 9.31 15.78
CA PHE D 250 -2.58 9.66 15.06
C PHE D 250 -2.71 11.17 14.91
N LEU D 251 -2.47 11.68 13.71
CA LEU D 251 -2.29 13.11 13.50
C LEU D 251 -3.52 13.72 12.84
N VAL D 252 -4.26 14.52 13.61
CA VAL D 252 -5.02 15.63 13.08
C VAL D 252 -4.67 16.79 13.98
N ALA D 253 -5.01 16.66 15.25
CA ALA D 253 -4.48 17.56 16.24
C ALA D 253 -2.98 17.33 16.38
N PRO D 254 -2.19 18.37 16.59
CA PRO D 254 -0.75 18.17 16.82
C PRO D 254 -0.50 17.39 18.10
N LEU D 255 0.44 16.44 18.03
CA LEU D 255 0.80 15.64 19.20
C LEU D 255 2.31 15.41 19.26
N ILE D 256 2.88 15.64 20.45
CA ILE D 256 4.32 15.61 20.60
C ILE D 256 4.82 14.18 20.38
N ILE D 257 6.08 14.06 19.99
CA ILE D 257 6.71 12.75 19.87
C ILE D 257 7.65 12.57 21.06
N TYR D 258 7.67 11.37 21.58
CA TYR D 258 7.93 11.10 22.99
C TYR D 258 8.63 9.75 23.07
N HIS D 259 9.77 9.66 23.76
CA HIS D 259 10.52 8.40 23.70
C HIS D 259 11.55 8.32 24.82
N VAL D 260 12.44 7.32 24.68
CA VAL D 260 13.40 6.87 25.68
C VAL D 260 14.80 7.43 25.41
N ILE D 261 15.49 7.79 26.49
CA ILE D 261 16.94 7.62 26.62
C ILE D 261 17.15 6.72 27.84
N ASP D 262 17.59 5.50 27.60
CA ASP D 262 17.91 4.53 28.64
C ASP D 262 19.18 3.81 28.26
N SER D 263 19.98 3.43 29.28
CA SER D 263 21.30 2.91 28.99
C SER D 263 21.27 1.67 28.11
N ASN D 264 20.12 1.02 27.97
CA ASN D 264 20.03 -0.01 26.94
C ASN D 264 19.78 0.60 25.57
N SER D 265 19.29 1.72 25.53
CA SER D 265 19.01 2.25 24.20
C SER D 265 20.22 2.99 23.65
N PRO D 266 20.58 2.72 22.40
CA PRO D 266 21.88 3.16 21.88
C PRO D 266 22.16 4.64 21.97
N LEU D 267 21.17 5.46 22.27
CA LEU D 267 21.38 6.90 22.33
C LEU D 267 21.70 7.38 23.74
N TYR D 268 21.89 6.48 24.71
CA TYR D 268 21.98 6.88 26.12
C TYR D 268 23.24 7.65 26.47
N ASP D 269 24.32 7.49 25.73
CA ASP D 269 25.62 7.91 26.20
C ASP D 269 25.80 9.42 26.23
N LEU D 270 25.44 10.13 25.16
CA LEU D 270 25.90 11.50 24.96
C LEU D 270 25.56 12.38 26.16
N ALA D 271 26.44 13.40 26.43
CA ALA D 271 26.60 14.47 27.40
C ALA D 271 25.93 15.74 26.89
N PRO D 272 25.34 16.53 27.78
CA PRO D 272 24.74 17.80 27.35
C PRO D 272 25.75 18.77 26.78
N SER D 273 26.88 18.96 27.44
CA SER D 273 27.78 20.02 27.02
C SER D 273 28.78 19.50 25.98
N ASP D 274 28.78 18.19 25.73
CA ASP D 274 29.59 17.66 24.64
C ASP D 274 28.91 17.82 23.29
N LEU D 275 27.61 17.51 23.21
CA LEU D 275 26.95 17.43 21.92
C LEU D 275 26.69 18.81 21.33
N HIS D 276 26.31 19.76 22.16
CA HIS D 276 25.86 21.07 21.71
C HIS D 276 26.94 21.87 20.99
N HIS D 277 28.18 21.38 20.95
CA HIS D 277 29.25 22.11 20.30
C HIS D 277 29.98 21.25 19.29
N HIS D 278 30.65 20.22 19.77
CA HIS D 278 31.56 19.38 19.00
C HIS D 278 30.91 18.10 18.51
N GLN D 279 30.40 17.28 19.44
CA GLN D 279 29.83 15.98 19.11
C GLN D 279 28.88 16.09 17.93
N ASP D 280 29.07 15.21 16.96
CA ASP D 280 28.38 15.31 15.68
C ASP D 280 27.08 14.53 15.73
N LEU D 281 25.98 15.25 15.66
CA LEU D 281 24.69 14.61 15.48
C LEU D 281 23.84 15.48 14.56
N GLU D 282 23.23 14.85 13.58
CA GLU D 282 21.99 15.36 13.06
C GLU D 282 21.02 14.19 13.09
N ILE D 283 20.06 14.25 14.00
CA ILE D 283 19.12 13.16 14.16
C ILE D 283 18.17 13.21 12.98
N ILE D 284 18.04 12.11 12.26
CA ILE D 284 17.16 12.06 11.10
C ILE D 284 15.83 11.43 11.51
N VAL D 285 14.75 11.94 10.95
CA VAL D 285 13.41 11.45 11.26
C VAL D 285 12.61 11.31 9.98
N ILE D 286 11.94 10.17 9.86
CA ILE D 286 11.19 9.77 8.67
C ILE D 286 9.74 9.58 9.07
N LEU D 287 8.83 10.19 8.32
CA LEU D 287 7.42 9.85 8.40
C LEU D 287 6.89 9.54 7.01
N GLU D 288 6.09 8.48 6.94
CA GLU D 288 5.66 7.90 5.69
C GLU D 288 4.17 7.67 5.76
N GLY D 289 3.45 8.27 4.83
CA GLY D 289 2.01 8.16 4.85
C GLY D 289 1.45 8.36 3.45
N VAL D 290 0.14 8.36 3.37
CA VAL D 290 -0.53 8.63 2.11
C VAL D 290 -1.65 9.63 2.36
N VAL D 291 -1.55 10.76 1.70
CA VAL D 291 -2.56 11.81 1.84
C VAL D 291 -3.90 11.24 1.40
N GLU D 292 -4.90 11.51 2.22
CA GLU D 292 -6.18 10.80 2.21
C GLU D 292 -6.77 10.63 0.83
N THR D 293 -6.77 11.69 0.02
CA THR D 293 -7.56 11.62 -1.21
C THR D 293 -6.81 11.00 -2.38
N THR D 294 -5.48 10.95 -2.32
CA THR D 294 -4.75 10.56 -3.51
C THR D 294 -4.72 9.06 -3.72
N GLY D 295 -4.69 8.29 -2.64
CA GLY D 295 -4.32 6.89 -2.75
C GLY D 295 -2.96 6.70 -3.37
N ILE D 296 -1.94 7.42 -2.89
CA ILE D 296 -0.56 7.07 -3.16
C ILE D 296 0.30 7.52 -1.99
N THR D 297 1.29 6.70 -1.66
CA THR D 297 2.18 7.00 -0.55
C THR D 297 3.08 8.18 -0.90
N THR D 298 3.63 8.80 0.12
CA THR D 298 4.54 9.93 0.05
C THR D 298 5.10 10.09 1.46
N GLN D 299 6.05 11.00 1.61
CA GLN D 299 6.77 11.10 2.87
C GLN D 299 7.21 12.54 3.06
N ALA D 300 7.89 12.80 4.17
CA ALA D 300 8.51 14.10 4.41
C ALA D 300 9.66 13.86 5.38
N ARG D 301 10.62 14.78 5.39
CA ARG D 301 11.87 14.49 6.05
C ARG D 301 12.47 15.71 6.71
N THR D 302 13.16 15.47 7.82
CA THR D 302 14.06 16.42 8.43
C THR D 302 15.04 15.71 9.34
N SER D 303 16.16 16.37 9.59
CA SER D 303 17.09 16.01 10.64
C SER D 303 17.25 17.19 11.59
N TYR D 304 18.19 17.03 12.51
CA TYR D 304 18.50 18.05 13.48
C TYR D 304 19.99 18.09 13.70
N LEU D 305 20.60 19.25 13.49
CA LEU D 305 22.01 19.39 13.75
C LEU D 305 22.27 19.39 15.25
N ALA D 306 23.38 18.77 15.64
CA ALA D 306 23.74 18.68 17.06
C ALA D 306 23.64 20.04 17.72
N ASP D 307 24.44 21.00 17.25
CA ASP D 307 24.37 22.36 17.78
C ASP D 307 22.92 22.86 17.82
N GLU D 308 22.07 22.36 16.92
CA GLU D 308 20.66 22.74 16.97
C GLU D 308 19.95 22.07 18.13
N ILE D 309 20.03 20.74 18.23
CA ILE D 309 19.38 20.06 19.33
C ILE D 309 20.00 20.51 20.65
N LEU D 310 19.17 21.04 21.55
CA LEU D 310 19.67 21.72 22.75
C LEU D 310 19.09 21.06 23.99
N TRP D 311 19.54 21.53 25.15
CA TRP D 311 19.32 20.83 26.41
C TRP D 311 18.36 21.57 27.33
N GLY D 312 17.56 20.82 28.08
CA GLY D 312 16.90 21.30 29.27
C GLY D 312 15.81 22.35 29.05
N GLN D 313 15.40 22.59 27.81
CA GLN D 313 14.25 23.45 27.58
C GLN D 313 13.03 22.58 27.38
N ARG D 314 11.86 23.19 27.18
CA ARG D 314 10.67 22.37 27.00
C ARG D 314 9.66 23.13 26.15
N PHE D 315 8.77 22.36 25.52
CA PHE D 315 7.72 22.96 24.71
C PHE D 315 6.59 23.56 25.52
N VAL D 316 6.20 24.77 25.15
CA VAL D 316 5.02 25.44 25.65
C VAL D 316 3.82 24.56 25.32
N PRO D 317 2.76 24.60 26.10
CA PRO D 317 1.48 24.09 25.58
C PRO D 317 1.13 24.78 24.27
N ILE D 318 0.86 23.97 23.27
CA ILE D 318 0.49 24.48 21.96
C ILE D 318 -1.00 24.76 21.96
N VAL D 319 -1.79 23.70 22.04
CA VAL D 319 -3.23 23.80 21.92
C VAL D 319 -3.83 24.38 23.21
N ALA D 320 -5.04 24.92 23.08
CA ALA D 320 -5.83 25.33 24.23
C ALA D 320 -7.32 25.17 23.91
N GLU D 321 -8.10 24.92 24.95
CA GLU D 321 -9.55 24.79 24.86
C GLU D 321 -10.14 26.19 24.89
N GLU D 322 -10.86 26.58 23.84
CA GLU D 322 -11.29 27.97 23.73
C GLU D 322 -12.56 28.08 22.91
N ASP D 323 -13.30 29.17 23.15
CA ASP D 323 -14.61 29.34 22.54
C ASP D 323 -15.43 28.08 22.77
N GLY D 324 -16.17 27.66 21.76
CA GLY D 324 -16.97 26.47 21.91
C GLY D 324 -16.26 25.25 21.37
N ARG D 325 -14.94 25.34 21.21
CA ARG D 325 -14.21 24.32 20.49
C ARG D 325 -12.83 24.11 21.10
N TYR D 326 -12.09 23.20 20.48
CA TYR D 326 -10.65 23.23 20.63
C TYR D 326 -10.04 24.30 19.73
N SER D 327 -8.88 24.79 20.15
CA SER D 327 -8.24 25.94 19.52
C SER D 327 -6.75 25.67 19.44
N VAL D 328 -6.18 26.00 18.28
CA VAL D 328 -4.79 25.69 18.01
C VAL D 328 -4.11 26.88 17.35
N ASP D 329 -3.01 27.30 17.97
CA ASP D 329 -2.21 28.41 17.47
C ASP D 329 -0.81 27.91 17.16
N TYR D 330 -0.46 27.88 15.90
CA TYR D 330 0.88 27.47 15.51
C TYR D 330 1.89 28.59 15.59
N SER D 331 1.45 29.83 15.84
CA SER D 331 2.41 30.90 16.01
C SER D 331 3.39 30.58 17.14
N LYS D 332 2.99 29.75 18.08
CA LYS D 332 3.85 29.32 19.16
C LYS D 332 4.55 28.00 18.88
N PHE D 333 4.45 27.48 17.65
CA PHE D 333 4.64 26.05 17.37
C PHE D 333 5.85 25.48 18.08
N GLY D 334 6.96 26.22 18.06
CA GLY D 334 8.19 25.81 18.71
C GLY D 334 8.56 26.59 19.94
N ASN D 335 7.66 27.42 20.46
CA ASN D 335 8.03 28.28 21.57
C ASN D 335 8.44 27.44 22.76
N THR D 336 9.28 28.02 23.60
CA THR D 336 10.10 27.22 24.48
C THR D 336 10.19 27.89 25.85
N ILE D 337 10.37 27.08 26.88
CA ILE D 337 10.56 27.56 28.24
C ILE D 337 11.81 26.90 28.81
N LYS D 338 12.29 27.46 29.91
CA LYS D 338 13.39 26.89 30.67
C LYS D 338 12.83 26.10 31.85
N VAL D 339 13.31 24.88 32.04
CA VAL D 339 12.74 24.02 33.06
C VAL D 339 13.81 23.56 34.04
N PRO D 340 13.52 23.55 35.33
CA PRO D 340 14.51 23.07 36.30
C PRO D 340 14.62 21.56 36.24
N THR D 341 15.39 21.07 35.28
CA THR D 341 15.54 19.66 35.08
C THR D 341 17.01 19.28 35.19
N PRO D 342 17.34 18.10 35.71
CA PRO D 342 18.73 17.82 36.06
C PRO D 342 19.70 18.05 34.92
N LEU D 343 20.71 18.88 35.19
CA LEU D 343 21.83 19.07 34.28
C LEU D 343 22.90 18.09 34.68
N CYS D 344 23.10 17.09 33.86
CA CYS D 344 24.09 16.07 34.09
C CYS D 344 24.22 15.36 32.75
N THR D 345 25.15 14.43 32.68
CA THR D 345 25.30 13.68 31.45
C THR D 345 24.41 12.45 31.53
N ALA D 346 23.70 12.17 30.44
CA ALA D 346 22.81 11.01 30.45
C ALA D 346 23.57 9.73 30.68
N ARG D 347 24.90 9.77 30.53
CA ARG D 347 25.74 8.68 31.01
C ARG D 347 25.90 8.76 32.53
N GLN D 348 25.85 9.97 33.09
CA GLN D 348 25.81 10.09 34.53
C GLN D 348 24.39 10.18 35.06
N LEU D 349 23.39 10.20 34.19
CA LEU D 349 22.06 9.83 34.66
C LEU D 349 21.79 8.36 34.40
N ASP D 350 22.68 7.68 33.67
CA ASP D 350 22.77 6.23 33.79
C ASP D 350 23.70 5.85 34.94
N GLU D 351 24.57 6.77 35.35
CA GLU D 351 25.29 6.58 36.61
C GLU D 351 24.44 7.05 37.77
N ASP D 352 23.45 7.91 37.50
CA ASP D 352 22.42 8.19 38.48
C ASP D 352 21.42 7.04 38.49
N ARG D 353 21.02 6.60 37.29
CA ARG D 353 20.20 5.39 37.19
C ARG D 353 20.91 4.22 37.84
N SER D 354 22.23 4.28 37.96
CA SER D 354 22.96 3.29 38.74
C SER D 354 22.96 3.61 40.23
N LEU D 355 23.20 4.87 40.57
CA LEU D 355 23.37 5.28 41.97
C LEU D 355 22.03 5.55 42.64
N LEU D 356 21.13 6.23 41.93
CA LEU D 356 19.80 6.55 42.45
C LEU D 356 18.76 6.50 41.33
N PHE E 27 -28.52 -11.86 -58.46
CA PHE E 27 -27.92 -10.76 -57.72
C PHE E 27 -26.64 -11.22 -57.01
N VAL E 28 -25.48 -10.71 -57.44
CA VAL E 28 -24.21 -11.21 -56.90
C VAL E 28 -24.02 -10.77 -55.46
N ASP E 29 -24.86 -9.86 -54.99
CA ASP E 29 -24.85 -9.50 -53.58
C ASP E 29 -24.99 -10.73 -52.71
N ALA E 30 -25.58 -11.80 -53.25
CA ALA E 30 -25.60 -13.06 -52.53
C ALA E 30 -24.19 -13.60 -52.37
N LEU E 31 -23.50 -13.83 -53.49
CA LEU E 31 -22.18 -14.42 -53.42
C LEU E 31 -21.28 -13.63 -52.50
N ASN E 32 -21.16 -12.32 -52.73
CA ASN E 32 -20.34 -11.54 -51.80
C ASN E 32 -20.94 -11.56 -50.41
N VAL E 33 -22.25 -11.74 -50.31
CA VAL E 33 -22.91 -11.70 -49.01
C VAL E 33 -22.55 -12.93 -48.19
N VAL E 34 -22.06 -13.98 -48.85
CA VAL E 34 -21.45 -15.09 -48.13
C VAL E 34 -20.17 -14.63 -47.46
N PRO E 35 -19.34 -13.77 -48.05
CA PRO E 35 -18.04 -13.48 -47.43
C PRO E 35 -18.13 -12.87 -46.05
N HIS E 36 -19.15 -12.05 -45.79
CA HIS E 36 -19.19 -11.28 -44.54
C HIS E 36 -19.05 -12.17 -43.32
N VAL E 37 -19.88 -13.20 -43.21
CA VAL E 37 -19.87 -14.03 -42.01
C VAL E 37 -18.48 -14.59 -41.76
N PHE E 38 -17.93 -15.31 -42.73
CA PHE E 38 -16.62 -15.92 -42.52
C PHE E 38 -15.56 -14.88 -42.16
N LEU E 39 -15.42 -13.84 -42.98
CA LEU E 39 -14.40 -12.84 -42.72
C LEU E 39 -14.50 -12.31 -41.30
N LEU E 40 -15.72 -12.13 -40.80
CA LEU E 40 -15.89 -11.77 -39.40
C LEU E 40 -15.37 -12.86 -38.48
N PHE E 41 -15.64 -14.12 -38.82
CA PHE E 41 -15.21 -15.23 -37.96
C PHE E 41 -13.70 -15.20 -37.76
N ILE E 42 -12.96 -14.85 -38.80
CA ILE E 42 -11.53 -14.61 -38.61
C ILE E 42 -11.34 -13.35 -37.79
N THR E 43 -12.20 -12.33 -38.01
CA THR E 43 -11.96 -11.02 -37.42
C THR E 43 -11.85 -11.11 -35.92
N PHE E 44 -12.88 -11.62 -35.25
CA PHE E 44 -12.74 -11.69 -33.80
C PHE E 44 -11.61 -12.64 -33.44
N PRO E 45 -11.50 -13.77 -34.15
CA PRO E 45 -10.54 -14.79 -33.73
C PRO E 45 -9.10 -14.29 -33.73
N ILE E 46 -8.68 -13.60 -34.80
CA ILE E 46 -7.29 -13.18 -34.89
C ILE E 46 -6.92 -12.32 -33.69
N LEU E 47 -7.82 -11.42 -33.30
CA LEU E 47 -7.59 -10.65 -32.08
C LEU E 47 -7.41 -11.57 -30.89
N PHE E 48 -8.34 -12.51 -30.68
CA PHE E 48 -8.26 -13.31 -29.47
C PHE E 48 -6.96 -14.13 -29.41
N ILE E 49 -6.67 -14.89 -30.47
CA ILE E 49 -5.52 -15.79 -30.45
C ILE E 49 -4.22 -15.00 -30.43
N GLY E 50 -4.13 -13.95 -31.25
CA GLY E 50 -2.97 -13.08 -31.19
C GLY E 50 -2.71 -12.57 -29.78
N TRP E 51 -3.76 -12.06 -29.13
CA TRP E 51 -3.59 -11.53 -27.78
C TRP E 51 -3.19 -12.63 -26.81
N GLY E 52 -3.67 -13.85 -27.02
CA GLY E 52 -3.19 -14.95 -26.21
C GLY E 52 -1.69 -15.14 -26.36
N SER E 53 -1.16 -14.72 -27.51
CA SER E 53 0.26 -14.84 -27.83
C SER E 53 0.70 -16.29 -27.88
N SER E 63 0.28 -25.80 -19.39
CA SER E 63 0.57 -26.93 -20.26
C SER E 63 -0.05 -28.22 -19.74
N THR E 64 -1.37 -28.38 -19.96
CA THR E 64 -2.04 -29.65 -19.81
C THR E 64 -2.84 -29.92 -21.07
N TRP E 65 -2.40 -30.91 -21.85
CA TRP E 65 -3.14 -31.30 -23.03
C TRP E 65 -4.40 -32.03 -22.61
N LEU E 66 -5.38 -32.11 -23.51
CA LEU E 66 -6.67 -32.72 -23.17
C LEU E 66 -7.39 -33.13 -24.44
N HIS E 67 -8.58 -33.71 -24.26
CA HIS E 67 -9.51 -33.90 -25.36
C HIS E 67 -10.90 -33.53 -24.88
N PHE E 68 -11.45 -32.48 -25.48
CA PHE E 68 -12.79 -31.96 -25.29
C PHE E 68 -13.79 -32.86 -26.02
N PRO E 69 -14.98 -32.35 -26.33
CA PRO E 69 -15.96 -33.13 -27.09
C PRO E 69 -15.43 -33.66 -28.42
N GLY E 70 -16.33 -34.18 -29.24
CA GLY E 70 -16.02 -35.27 -30.15
C GLY E 70 -14.77 -35.16 -30.99
N HIS E 71 -14.18 -33.96 -31.10
CA HIS E 71 -12.80 -33.87 -31.56
C HIS E 71 -12.61 -34.52 -32.92
N ASN E 72 -11.92 -35.66 -32.93
CA ASN E 72 -11.42 -36.31 -34.14
C ASN E 72 -12.44 -36.27 -35.25
N LEU E 73 -13.71 -36.46 -34.93
CA LEU E 73 -14.74 -36.33 -35.95
C LEU E 73 -14.63 -34.94 -36.57
N ARG E 74 -14.69 -33.90 -35.74
CA ARG E 74 -14.58 -32.55 -36.24
C ARG E 74 -13.26 -32.33 -36.96
N TRP E 75 -12.24 -33.07 -36.55
CA TRP E 75 -10.96 -32.98 -37.26
C TRP E 75 -11.12 -33.45 -38.71
N ILE E 76 -11.68 -34.65 -38.89
CA ILE E 76 -11.82 -35.19 -40.24
C ILE E 76 -12.73 -34.32 -41.07
N LEU E 77 -13.91 -33.99 -40.52
CA LEU E 77 -14.82 -33.09 -41.20
C LEU E 77 -14.12 -31.82 -41.61
N THR E 78 -13.25 -31.30 -40.73
CA THR E 78 -12.47 -30.13 -41.09
C THR E 78 -11.59 -30.41 -42.30
N PHE E 79 -10.89 -31.54 -42.29
CA PHE E 79 -9.97 -31.85 -43.38
C PHE E 79 -10.69 -31.91 -44.72
N ILE E 80 -11.70 -32.77 -44.80
CA ILE E 80 -12.48 -32.84 -46.04
C ILE E 80 -12.99 -31.46 -46.41
N LEU E 81 -13.36 -30.67 -45.41
CA LEU E 81 -13.85 -29.33 -45.69
C LEU E 81 -12.81 -28.51 -46.41
N LEU E 82 -11.59 -28.46 -45.87
CA LEU E 82 -10.51 -27.76 -46.54
C LEU E 82 -10.37 -28.23 -47.98
N PHE E 83 -10.53 -29.54 -48.19
CA PHE E 83 -10.50 -30.07 -49.55
C PHE E 83 -11.59 -29.43 -50.42
N VAL E 84 -12.79 -29.28 -49.85
CA VAL E 84 -13.87 -28.62 -50.56
C VAL E 84 -13.40 -27.24 -50.96
N LEU E 85 -13.13 -26.42 -49.96
CA LEU E 85 -12.81 -25.02 -50.21
C LEU E 85 -11.72 -24.87 -51.27
N VAL E 86 -10.68 -25.69 -51.19
CA VAL E 86 -9.62 -25.60 -52.18
C VAL E 86 -10.15 -26.01 -53.55
N CYS E 87 -11.08 -26.96 -53.59
CA CYS E 87 -11.67 -27.31 -54.87
C CYS E 87 -12.44 -26.13 -55.46
N GLU E 88 -13.09 -25.34 -54.60
CA GLU E 88 -13.86 -24.21 -55.10
C GLU E 88 -13.00 -23.28 -55.93
N ILE E 89 -11.76 -23.06 -55.49
CA ILE E 89 -10.85 -22.20 -56.22
C ILE E 89 -10.64 -22.73 -57.64
N ALA E 90 -11.00 -24.00 -57.86
CA ALA E 90 -10.94 -24.53 -59.22
C ALA E 90 -12.06 -23.97 -60.08
N GLU E 91 -13.30 -24.04 -59.57
CA GLU E 91 -14.40 -23.43 -60.29
C GLU E 91 -14.13 -21.97 -60.56
N GLY E 92 -13.66 -21.24 -59.55
CA GLY E 92 -13.31 -19.86 -59.78
C GLY E 92 -12.28 -19.77 -60.89
N ILE E 93 -11.21 -20.55 -60.75
CA ILE E 93 -10.12 -20.50 -61.73
C ILE E 93 -10.63 -20.86 -63.11
N LEU E 94 -11.78 -21.51 -63.17
CA LEU E 94 -12.41 -21.76 -64.46
C LEU E 94 -13.15 -20.51 -64.94
N SER E 95 -14.02 -19.98 -64.09
CA SER E 95 -14.83 -18.81 -64.43
C SER E 95 -14.08 -17.52 -64.73
N ASP E 96 -13.00 -17.28 -63.99
CA ASP E 96 -12.24 -16.04 -64.15
C ASP E 96 -11.61 -15.84 -65.53
N GLY E 97 -11.06 -16.90 -66.10
CA GLY E 97 -10.42 -16.78 -67.40
C GLY E 97 -11.32 -16.37 -68.54
N VAL E 98 -12.50 -16.99 -68.63
CA VAL E 98 -13.45 -16.69 -69.69
C VAL E 98 -13.99 -15.26 -69.66
N THR E 99 -14.25 -14.76 -68.45
CA THR E 99 -14.80 -13.43 -68.27
C THR E 99 -13.93 -12.28 -68.77
N GLU E 100 -14.59 -11.29 -69.36
CA GLU E 100 -13.95 -10.08 -69.88
C GLU E 100 -13.61 -9.10 -68.78
N SER E 101 -12.79 -8.10 -69.10
CA SER E 101 -12.37 -7.06 -68.16
C SER E 101 -11.73 -7.62 -66.89
N ARG E 102 -10.83 -8.60 -67.10
CA ARG E 102 -10.05 -9.28 -66.06
C ARG E 102 -10.85 -10.18 -65.14
N HIS E 103 -10.26 -10.50 -63.99
CA HIS E 103 -10.90 -11.38 -63.01
C HIS E 103 -12.19 -10.82 -62.46
N LEU E 104 -13.15 -11.71 -62.24
CA LEU E 104 -14.45 -11.34 -61.69
C LEU E 104 -14.39 -11.19 -60.16
N HIS E 105 -15.32 -10.42 -59.62
CA HIS E 105 -15.42 -10.18 -58.18
C HIS E 105 -15.72 -11.47 -57.42
N LEU E 106 -16.54 -12.33 -58.02
CA LEU E 106 -16.96 -13.60 -57.43
C LEU E 106 -15.81 -14.58 -57.15
N TYR E 107 -14.75 -14.53 -57.93
CA TYR E 107 -13.65 -15.46 -57.75
C TYR E 107 -13.00 -15.39 -56.37
N MET E 108 -12.80 -14.19 -55.84
CA MET E 108 -12.23 -14.05 -54.52
C MET E 108 -13.06 -14.67 -53.40
N PRO E 109 -14.40 -14.56 -53.40
CA PRO E 109 -15.17 -14.95 -52.21
C PRO E 109 -14.82 -16.32 -51.68
N ALA E 110 -14.75 -17.29 -52.58
CA ALA E 110 -14.20 -18.58 -52.20
C ALA E 110 -12.86 -18.41 -51.50
N GLY E 111 -11.95 -17.64 -52.12
CA GLY E 111 -10.62 -17.50 -51.54
C GLY E 111 -10.68 -17.07 -50.09
N MET E 112 -11.39 -15.98 -49.81
CA MET E 112 -11.57 -15.56 -48.43
C MET E 112 -12.05 -16.71 -47.57
N ALA E 113 -13.03 -17.47 -48.05
CA ALA E 113 -13.55 -18.56 -47.23
C ALA E 113 -12.44 -19.57 -46.89
N PHE E 114 -11.81 -20.13 -47.92
CA PHE E 114 -10.80 -21.17 -47.69
C PHE E 114 -9.66 -20.66 -46.84
N MET E 115 -9.45 -19.36 -46.83
CA MET E 115 -8.52 -18.80 -45.86
C MET E 115 -9.10 -18.87 -44.46
N ALA E 116 -10.38 -18.56 -44.33
CA ALA E 116 -11.01 -18.45 -43.02
C ALA E 116 -11.06 -19.77 -42.28
N ALA E 117 -11.69 -20.78 -42.88
CA ALA E 117 -11.94 -22.02 -42.17
C ALA E 117 -10.64 -22.59 -41.62
N ILE E 118 -9.55 -22.38 -42.34
CA ILE E 118 -8.22 -22.80 -41.91
C ILE E 118 -8.02 -22.31 -40.47
N THR E 119 -8.01 -20.98 -40.30
CA THR E 119 -7.86 -20.42 -38.97
C THR E 119 -8.95 -20.93 -38.04
N SER E 120 -10.15 -21.18 -38.55
CA SER E 120 -11.22 -21.66 -37.68
C SER E 120 -10.78 -22.86 -36.88
N VAL E 121 -10.27 -23.88 -37.56
CA VAL E 121 -9.66 -25.00 -36.85
C VAL E 121 -8.64 -24.52 -35.82
N VAL E 122 -7.86 -23.49 -36.17
CA VAL E 122 -6.80 -23.06 -35.26
C VAL E 122 -7.37 -22.52 -33.95
N TYR E 123 -8.36 -21.64 -34.02
CA TYR E 123 -9.01 -21.18 -32.79
C TYR E 123 -9.58 -22.36 -32.03
N TYR E 124 -10.11 -23.36 -32.75
CA TYR E 124 -10.48 -24.58 -32.07
C TYR E 124 -9.28 -25.15 -31.33
N HIS E 125 -8.08 -24.96 -31.87
CA HIS E 125 -6.91 -25.55 -31.24
C HIS E 125 -6.50 -24.80 -30.00
N ASN E 126 -6.42 -23.47 -30.07
CA ASN E 126 -6.00 -22.70 -28.90
C ASN E 126 -7.11 -22.59 -27.87
N ILE E 127 -8.31 -23.03 -28.20
CA ILE E 127 -9.40 -23.03 -27.23
C ILE E 127 -9.41 -24.35 -26.51
N GLU E 128 -9.81 -25.41 -27.22
CA GLU E 128 -9.99 -26.72 -26.61
C GLU E 128 -8.73 -27.14 -25.88
N THR E 129 -7.57 -27.02 -26.55
CA THR E 129 -6.32 -27.40 -25.91
C THR E 129 -6.05 -26.57 -24.67
N SER E 130 -6.62 -25.37 -24.60
CA SER E 130 -6.48 -24.56 -23.40
C SER E 130 -7.64 -24.81 -22.44
N ASN E 131 -8.51 -25.75 -22.77
CA ASN E 131 -9.72 -26.03 -22.01
C ASN E 131 -10.60 -24.79 -21.95
N PHE E 132 -11.11 -24.47 -20.77
CA PHE E 132 -11.84 -23.24 -20.47
C PHE E 132 -12.80 -22.87 -21.58
N PRO E 133 -13.59 -23.80 -22.07
CA PRO E 133 -14.42 -23.54 -23.25
C PRO E 133 -15.67 -22.72 -22.94
N LYS E 134 -15.50 -21.58 -22.27
CA LYS E 134 -16.64 -20.75 -21.93
C LYS E 134 -16.97 -19.90 -23.15
N LEU E 135 -16.22 -18.84 -23.43
CA LEU E 135 -16.62 -17.92 -24.49
C LEU E 135 -16.22 -18.40 -25.88
N LEU E 136 -15.01 -18.95 -26.01
CA LEU E 136 -14.48 -19.30 -27.33
C LEU E 136 -15.42 -20.26 -28.05
N ILE E 137 -15.84 -21.32 -27.35
CA ILE E 137 -16.81 -22.23 -27.94
C ILE E 137 -18.04 -21.49 -28.43
N ALA E 138 -18.62 -20.62 -27.60
CA ALA E 138 -19.75 -19.79 -28.02
C ALA E 138 -19.46 -19.13 -29.36
N LEU E 139 -18.42 -18.29 -29.41
CA LEU E 139 -18.09 -17.59 -30.65
C LEU E 139 -18.06 -18.55 -31.84
N LEU E 140 -17.38 -19.68 -31.67
CA LEU E 140 -17.33 -20.66 -32.76
C LEU E 140 -18.74 -21.07 -33.16
N ILE E 141 -19.65 -21.19 -32.19
CA ILE E 141 -21.03 -21.53 -32.51
C ILE E 141 -21.61 -20.43 -33.37
N TYR E 142 -21.27 -19.18 -33.05
CA TYR E 142 -21.72 -18.07 -33.87
C TYR E 142 -21.30 -18.22 -35.32
N TRP E 143 -19.99 -18.32 -35.59
CA TRP E 143 -19.52 -18.45 -36.96
C TRP E 143 -20.22 -19.60 -37.67
N THR E 144 -20.18 -20.78 -37.05
CA THR E 144 -20.84 -21.94 -37.64
C THR E 144 -22.27 -21.64 -38.02
N LEU E 145 -22.98 -20.88 -37.19
CA LEU E 145 -24.34 -20.48 -37.54
C LEU E 145 -24.33 -19.60 -38.78
N ALA E 146 -23.65 -18.46 -38.71
CA ALA E 146 -23.76 -17.48 -39.79
C ALA E 146 -23.33 -18.05 -41.13
N PHE E 147 -22.68 -19.22 -41.13
CA PHE E 147 -22.54 -19.94 -42.38
C PHE E 147 -23.90 -20.26 -43.01
N ILE E 148 -24.83 -20.76 -42.19
CA ILE E 148 -26.03 -21.40 -42.71
C ILE E 148 -26.79 -20.45 -43.62
N THR E 149 -26.72 -19.15 -43.33
CA THR E 149 -27.36 -18.18 -44.19
C THR E 149 -26.73 -18.20 -45.58
N LYS E 150 -25.40 -18.25 -45.65
CA LYS E 150 -24.74 -18.34 -46.95
C LYS E 150 -25.19 -19.60 -47.68
N THR E 151 -25.20 -20.74 -46.97
CA THR E 151 -25.72 -21.96 -47.58
C THR E 151 -27.10 -21.72 -48.16
N ILE E 152 -27.95 -21.01 -47.43
CA ILE E 152 -29.28 -20.69 -47.93
C ILE E 152 -29.18 -19.91 -49.23
N LYS E 153 -28.28 -18.93 -49.27
CA LYS E 153 -28.09 -18.20 -50.53
C LYS E 153 -27.82 -19.16 -51.66
N PHE E 154 -27.11 -20.25 -51.40
CA PHE E 154 -27.05 -21.30 -52.41
C PHE E 154 -28.43 -21.90 -52.64
N VAL E 155 -29.24 -22.01 -51.59
CA VAL E 155 -30.55 -22.63 -51.72
C VAL E 155 -31.51 -21.85 -52.62
N LYS E 156 -31.40 -20.52 -52.67
CA LYS E 156 -32.14 -19.78 -53.68
C LYS E 156 -31.41 -19.79 -55.03
N PHE E 157 -30.09 -19.96 -55.00
CA PHE E 157 -29.33 -20.16 -56.22
C PHE E 157 -29.67 -21.50 -56.87
N TYR E 158 -30.53 -22.28 -56.22
CA TYR E 158 -30.92 -23.62 -56.65
C TYR E 158 -31.68 -23.75 -57.97
N ASP E 159 -32.00 -22.63 -58.64
CA ASP E 159 -32.88 -22.70 -59.80
C ASP E 159 -32.34 -23.56 -60.96
N HIS E 160 -31.03 -23.82 -61.03
CA HIS E 160 -30.45 -24.57 -62.15
C HIS E 160 -29.59 -25.72 -61.62
N ALA E 161 -29.92 -26.94 -62.06
CA ALA E 161 -29.54 -28.19 -61.38
C ALA E 161 -28.31 -28.89 -61.95
N ILE E 162 -27.62 -28.32 -62.95
CA ILE E 162 -26.49 -29.02 -63.57
C ILE E 162 -25.53 -29.54 -62.50
N GLY E 163 -25.14 -28.66 -61.57
CA GLY E 163 -24.27 -28.99 -60.46
C GLY E 163 -22.88 -28.39 -60.52
N PHE E 164 -22.47 -27.86 -61.68
CA PHE E 164 -21.08 -27.53 -61.95
C PHE E 164 -20.44 -26.81 -60.77
N SER E 165 -20.85 -25.58 -60.50
CA SER E 165 -20.55 -25.00 -59.21
C SER E 165 -21.51 -25.50 -58.15
N GLN E 166 -22.71 -25.89 -58.55
CA GLN E 166 -23.74 -26.22 -57.59
C GLN E 166 -23.31 -27.39 -56.72
N LEU E 167 -22.76 -28.43 -57.35
CA LEU E 167 -22.43 -29.64 -56.60
C LEU E 167 -21.47 -29.34 -55.45
N ARG E 168 -20.36 -28.66 -55.74
CA ARG E 168 -19.43 -28.30 -54.68
C ARG E 168 -20.08 -27.34 -53.68
N PHE E 169 -20.98 -26.49 -54.17
CA PHE E 169 -21.54 -25.45 -53.31
C PHE E 169 -22.49 -26.05 -52.29
N CYS E 170 -23.66 -26.52 -52.74
CA CYS E 170 -24.59 -27.15 -51.82
C CYS E 170 -23.91 -28.30 -51.09
N LEU E 171 -22.97 -28.97 -51.75
CA LEU E 171 -22.09 -29.90 -51.03
C LEU E 171 -21.54 -29.24 -49.79
N THR E 172 -21.03 -28.02 -49.92
CA THR E 172 -20.62 -27.26 -48.74
C THR E 172 -21.81 -26.94 -47.85
N GLY E 173 -23.01 -26.96 -48.40
CA GLY E 173 -24.19 -26.80 -47.56
C GLY E 173 -24.28 -27.92 -46.55
N LEU E 174 -24.32 -29.15 -47.06
CA LEU E 174 -24.36 -30.30 -46.17
C LEU E 174 -23.15 -30.32 -45.25
N LEU E 175 -21.95 -30.09 -45.79
CA LEU E 175 -20.75 -30.14 -44.98
C LEU E 175 -20.82 -29.17 -43.81
N VAL E 176 -20.79 -27.86 -44.11
CA VAL E 176 -20.81 -26.85 -43.06
C VAL E 176 -21.94 -27.11 -42.09
N ILE E 177 -23.12 -27.50 -42.59
CA ILE E 177 -24.23 -27.75 -41.67
C ILE E 177 -23.88 -28.86 -40.69
N LEU E 178 -23.45 -30.01 -41.20
CA LEU E 178 -23.14 -31.13 -40.31
C LEU E 178 -22.12 -30.72 -39.28
N TYR E 179 -21.11 -29.94 -39.68
CA TYR E 179 -20.19 -29.38 -38.71
C TYR E 179 -20.94 -28.64 -37.61
N GLY E 180 -21.87 -27.75 -37.99
CA GLY E 180 -22.63 -27.02 -36.98
C GLY E 180 -23.31 -27.96 -36.00
N MET E 181 -23.87 -29.05 -36.51
CA MET E 181 -24.36 -30.07 -35.62
C MET E 181 -23.26 -30.61 -34.71
N LEU E 182 -22.02 -30.70 -35.20
CA LEU E 182 -20.93 -31.17 -34.35
C LEU E 182 -20.77 -30.25 -33.14
N LEU E 183 -20.67 -28.94 -33.38
CA LEU E 183 -20.61 -28.02 -32.24
C LEU E 183 -21.80 -28.22 -31.33
N LEU E 184 -22.98 -28.49 -31.91
CA LEU E 184 -24.11 -28.83 -31.08
C LEU E 184 -23.77 -30.00 -30.16
N VAL E 185 -23.10 -31.03 -30.69
CA VAL E 185 -22.69 -32.13 -29.83
C VAL E 185 -21.73 -31.64 -28.75
N GLU E 186 -20.91 -30.64 -29.06
CA GLU E 186 -20.04 -30.06 -28.05
C GLU E 186 -20.86 -29.50 -26.90
N VAL E 187 -22.02 -28.92 -27.21
CA VAL E 187 -22.96 -28.66 -26.13
C VAL E 187 -23.49 -29.96 -25.57
N ASN E 188 -23.44 -31.05 -26.35
CA ASN E 188 -24.13 -32.28 -25.96
C ASN E 188 -23.26 -33.22 -25.14
N VAL E 189 -22.05 -32.79 -24.77
CA VAL E 189 -21.25 -33.56 -23.82
C VAL E 189 -20.98 -32.73 -22.58
N ILE E 190 -20.08 -31.75 -22.70
CA ILE E 190 -19.66 -30.97 -21.55
C ILE E 190 -20.72 -29.93 -21.17
N ARG E 191 -21.54 -29.47 -22.12
CA ARG E 191 -22.55 -28.45 -21.87
C ARG E 191 -21.91 -27.14 -21.40
N VAL E 192 -21.25 -26.47 -22.36
CA VAL E 192 -20.49 -25.25 -22.05
C VAL E 192 -21.37 -24.12 -21.55
N ARG E 193 -22.48 -23.86 -22.23
CA ARG E 193 -23.27 -22.64 -22.08
C ARG E 193 -23.93 -22.56 -20.70
N ARG E 194 -24.41 -21.34 -20.39
CA ARG E 194 -25.02 -20.98 -19.11
C ARG E 194 -26.28 -21.78 -18.80
N TYR E 195 -26.76 -22.63 -19.71
CA TYR E 195 -27.99 -23.36 -19.50
C TYR E 195 -27.88 -24.33 -18.32
N ILE E 196 -28.84 -24.23 -17.39
CA ILE E 196 -29.15 -25.27 -16.41
C ILE E 196 -28.14 -25.32 -15.27
N PHE E 197 -27.12 -24.46 -15.31
CA PHE E 197 -26.16 -24.30 -14.23
C PHE E 197 -25.51 -25.64 -13.87
N PHE E 198 -25.28 -26.44 -14.90
CA PHE E 198 -24.55 -27.70 -14.72
C PHE E 198 -23.04 -27.49 -14.76
N LYS E 199 -22.59 -26.26 -15.05
CA LYS E 199 -21.18 -25.93 -15.14
C LYS E 199 -20.46 -26.81 -16.16
N THR E 200 -19.51 -27.61 -15.69
CA THR E 200 -18.72 -28.50 -16.55
C THR E 200 -18.57 -29.85 -15.88
N PRO E 201 -19.52 -30.75 -16.07
CA PRO E 201 -19.42 -32.07 -15.45
C PRO E 201 -18.35 -32.93 -16.12
N ARG E 202 -17.81 -33.88 -15.34
CA ARG E 202 -16.81 -34.85 -15.79
C ARG E 202 -15.59 -34.14 -16.40
N GLU E 203 -14.93 -33.35 -15.57
CA GLU E 203 -13.75 -32.58 -15.97
C GLU E 203 -12.52 -33.04 -15.19
N VAL E 204 -11.62 -33.75 -15.86
CA VAL E 204 -10.29 -34.05 -15.34
C VAL E 204 -9.43 -34.45 -16.53
N LYS E 205 -8.11 -34.40 -16.37
CA LYS E 205 -7.22 -34.70 -17.48
C LYS E 205 -6.99 -36.20 -17.60
N PRO E 206 -6.58 -36.70 -18.77
CA PRO E 206 -6.17 -38.10 -18.85
C PRO E 206 -4.95 -38.36 -17.99
N PRO E 207 -4.70 -39.61 -17.59
CA PRO E 207 -3.68 -39.88 -16.57
C PRO E 207 -2.25 -39.58 -17.02
N GLU E 208 -1.88 -38.30 -17.07
CA GLU E 208 -0.56 -37.87 -17.54
C GLU E 208 0.17 -37.13 -16.42
N ASP E 209 1.28 -37.74 -15.97
CA ASP E 209 2.17 -37.11 -15.00
C ASP E 209 3.62 -37.17 -15.45
N LEU E 210 4.18 -38.38 -15.52
CA LEU E 210 5.49 -38.54 -16.16
C LEU E 210 5.37 -38.57 -17.68
N GLN E 211 4.49 -39.42 -18.19
CA GLN E 211 4.17 -39.53 -19.63
C GLN E 211 5.46 -39.72 -20.41
N ASP E 212 5.64 -39.08 -21.56
CA ASP E 212 6.83 -39.31 -22.37
C ASP E 212 8.04 -38.61 -21.78
N LEU E 213 7.90 -37.33 -21.44
CA LEU E 213 9.04 -36.56 -20.98
C LEU E 213 8.62 -35.28 -20.29
N ASN E 223 -2.91 -34.03 -30.56
CA ASN E 223 -4.15 -33.92 -31.31
C ASN E 223 -4.08 -34.71 -32.62
N LEU E 224 -5.20 -34.78 -33.33
CA LEU E 224 -5.33 -35.72 -34.44
C LEU E 224 -4.50 -35.33 -35.64
N LEU E 225 -4.87 -34.25 -36.33
CA LEU E 225 -4.20 -33.89 -37.59
C LEU E 225 -2.70 -33.65 -37.47
N SER E 226 -2.29 -32.92 -36.44
CA SER E 226 -0.87 -32.72 -36.22
C SER E 226 -0.23 -34.06 -35.82
N LYS E 227 -0.95 -34.83 -35.01
CA LYS E 227 -0.49 -36.11 -34.51
C LYS E 227 -0.23 -37.13 -35.62
N GLY E 228 -1.06 -37.13 -36.64
CA GLY E 228 -0.92 -38.07 -37.73
C GLY E 228 0.39 -37.96 -38.49
N THR E 229 0.88 -36.73 -38.65
CA THR E 229 2.11 -36.45 -39.38
C THR E 229 3.34 -36.38 -38.46
N TYR E 230 3.18 -36.87 -37.24
CA TYR E 230 4.25 -36.94 -36.24
C TYR E 230 4.90 -35.63 -35.80
N TRP E 231 4.09 -34.60 -35.66
CA TRP E 231 4.55 -33.29 -35.17
C TRP E 231 5.00 -33.31 -33.71
N TRP E 232 4.40 -34.22 -32.93
CA TRP E 232 4.69 -34.35 -31.50
C TRP E 232 6.12 -34.74 -31.12
N MET E 233 6.85 -35.37 -32.03
CA MET E 233 8.21 -35.81 -31.73
C MET E 233 9.29 -34.75 -31.96
N ASN E 234 8.87 -33.54 -32.33
CA ASN E 234 9.83 -32.48 -32.61
C ASN E 234 10.69 -32.15 -31.41
N ALA E 235 10.11 -32.11 -30.22
CA ALA E 235 10.93 -31.83 -29.05
C ALA E 235 11.87 -32.98 -28.76
N PHE E 236 11.39 -34.19 -28.95
CA PHE E 236 12.18 -35.39 -28.67
C PHE E 236 13.39 -35.46 -29.58
N ILE E 237 13.26 -34.97 -30.81
CA ILE E 237 14.33 -35.07 -31.78
C ILE E 237 15.26 -33.86 -31.73
N LYS E 238 14.84 -32.77 -31.12
CA LYS E 238 15.74 -31.62 -30.97
C LYS E 238 16.47 -31.72 -29.65
N THR E 239 15.71 -31.67 -28.55
CA THR E 239 16.28 -31.96 -27.25
C THR E 239 16.96 -33.32 -27.24
N ALA E 240 16.56 -34.21 -28.15
CA ALA E 240 17.34 -35.42 -28.38
C ALA E 240 18.80 -35.04 -28.61
N HIS E 241 19.06 -34.26 -29.66
CA HIS E 241 20.44 -33.87 -29.93
C HIS E 241 21.02 -32.91 -28.90
N LYS E 242 20.17 -32.30 -28.05
CA LYS E 242 20.69 -31.37 -27.05
C LYS E 242 21.84 -32.01 -26.26
N LYS E 243 21.64 -33.22 -25.77
CA LYS E 243 22.70 -34.12 -25.33
C LYS E 243 22.26 -35.54 -25.65
N PRO E 244 23.20 -36.40 -26.04
CA PRO E 244 22.81 -37.76 -26.45
C PRO E 244 21.93 -38.43 -25.42
N ILE E 245 20.99 -39.24 -25.92
CA ILE E 245 19.84 -39.63 -25.12
C ILE E 245 20.24 -40.63 -24.06
N ASP E 246 19.49 -40.64 -22.96
CA ASP E 246 19.75 -41.53 -21.84
C ASP E 246 18.45 -42.18 -21.40
N LEU E 247 18.58 -43.32 -20.70
CA LEU E 247 17.40 -44.00 -20.19
C LEU E 247 16.60 -43.09 -19.26
N ARG E 248 17.22 -42.05 -18.73
CA ARG E 248 16.47 -41.11 -17.91
C ARG E 248 15.52 -40.29 -18.77
N ALA E 249 15.93 -39.97 -20.00
CA ALA E 249 15.10 -39.14 -20.87
C ALA E 249 13.84 -39.88 -21.30
N ILE E 250 13.96 -41.18 -21.56
CA ILE E 250 12.80 -41.98 -21.89
C ILE E 250 12.13 -42.41 -20.60
N GLY E 251 10.81 -42.56 -20.64
CA GLY E 251 10.07 -42.87 -19.44
C GLY E 251 8.90 -43.76 -19.76
N LYS E 252 8.30 -44.30 -18.70
CA LYS E 252 7.33 -45.40 -18.81
C LYS E 252 6.25 -45.09 -19.83
N LEU E 253 5.87 -46.10 -20.60
CA LEU E 253 4.76 -45.92 -21.52
C LEU E 253 3.49 -45.64 -20.72
N PRO E 254 2.46 -45.13 -21.36
CA PRO E 254 1.21 -44.83 -20.64
C PRO E 254 0.48 -46.12 -20.26
N ILE E 255 -0.61 -45.93 -19.52
CA ILE E 255 -1.44 -47.03 -19.04
C ILE E 255 -1.90 -47.87 -20.21
N ALA E 256 -2.67 -47.26 -21.11
CA ALA E 256 -3.19 -48.02 -22.26
C ALA E 256 -2.08 -48.66 -23.07
N MET E 257 -0.86 -48.15 -22.99
CA MET E 257 0.27 -48.84 -23.59
C MET E 257 0.98 -49.76 -22.61
N ARG E 258 0.56 -49.77 -21.34
CA ARG E 258 1.28 -50.50 -20.31
C ARG E 258 1.06 -52.00 -20.49
N ALA E 259 2.14 -52.75 -20.41
CA ALA E 259 2.06 -54.19 -20.62
C ALA E 259 1.08 -54.85 -19.67
N LEU E 260 0.91 -54.30 -18.47
CA LEU E 260 0.01 -54.92 -17.50
C LEU E 260 -1.38 -55.04 -18.08
N THR E 261 -2.07 -53.91 -18.26
CA THR E 261 -3.44 -53.95 -18.75
C THR E 261 -3.53 -54.69 -20.07
N ASN E 262 -2.44 -54.68 -20.83
CA ASN E 262 -2.37 -55.44 -22.06
C ASN E 262 -2.64 -56.90 -21.76
N TYR E 263 -1.75 -57.53 -20.98
CA TYR E 263 -1.99 -58.92 -20.59
C TYR E 263 -3.32 -59.08 -19.87
N GLN E 264 -3.78 -58.03 -19.20
CA GLN E 264 -5.04 -58.08 -18.48
C GLN E 264 -6.19 -58.41 -19.40
N ARG E 265 -6.49 -57.51 -20.34
CA ARG E 265 -7.60 -57.78 -21.25
C ARG E 265 -7.32 -59.01 -22.11
N LEU E 266 -6.09 -59.14 -22.61
CA LEU E 266 -5.73 -60.35 -23.35
C LEU E 266 -6.16 -61.58 -22.59
N CYS E 267 -5.90 -61.59 -21.29
CA CYS E 267 -6.12 -62.77 -20.48
C CYS E 267 -7.58 -62.97 -20.14
N VAL E 268 -8.35 -61.89 -19.97
CA VAL E 268 -9.77 -62.07 -19.68
C VAL E 268 -10.51 -62.49 -20.94
N ALA E 269 -10.46 -61.67 -21.99
CA ALA E 269 -11.08 -62.06 -23.25
C ALA E 269 -10.62 -63.43 -23.71
N PHE E 270 -9.35 -63.78 -23.46
CA PHE E 270 -8.90 -65.13 -23.77
C PHE E 270 -9.55 -66.18 -22.87
N ASP E 271 -9.54 -65.97 -21.57
CA ASP E 271 -10.23 -66.82 -20.61
C ASP E 271 -11.73 -66.88 -20.86
N ALA E 272 -12.29 -65.86 -21.49
CA ALA E 272 -13.70 -65.89 -21.85
C ALA E 272 -14.01 -66.92 -22.92
N GLN E 273 -13.01 -67.46 -23.59
CA GLN E 273 -13.23 -68.45 -24.64
C GLN E 273 -13.33 -69.85 -24.05
N ARG E 285 -5.17 -75.19 -26.86
CA ARG E 285 -5.71 -75.33 -28.20
C ARG E 285 -5.27 -74.21 -29.13
N ALA E 286 -6.06 -73.94 -30.18
CA ALA E 286 -5.65 -72.98 -31.18
C ALA E 286 -6.12 -71.60 -30.77
N ILE E 287 -5.17 -70.75 -30.43
CA ILE E 287 -5.50 -69.45 -29.85
C ILE E 287 -5.80 -68.37 -30.88
N TRP E 288 -5.36 -68.53 -32.14
CA TRP E 288 -5.44 -67.42 -33.08
C TRP E 288 -6.80 -66.74 -33.06
N ARG E 289 -7.86 -67.55 -32.98
CA ARG E 289 -9.20 -67.05 -32.79
C ARG E 289 -9.22 -66.11 -31.59
N ALA E 290 -8.57 -66.53 -30.52
CA ALA E 290 -8.63 -65.75 -29.28
C ALA E 290 -7.79 -64.48 -29.37
N LEU E 291 -6.56 -64.58 -29.87
CA LEU E 291 -5.70 -63.41 -29.95
C LEU E 291 -6.32 -62.36 -30.87
N CYS E 292 -6.56 -62.73 -32.12
CA CYS E 292 -7.10 -61.76 -33.06
C CYS E 292 -8.51 -61.36 -32.69
N HIS E 293 -9.18 -62.17 -31.86
CA HIS E 293 -10.44 -61.72 -31.30
C HIS E 293 -10.25 -60.90 -30.02
N ALA E 294 -9.01 -60.70 -29.62
CA ALA E 294 -8.73 -59.78 -28.52
C ALA E 294 -8.33 -58.42 -29.08
N PHE E 295 -7.23 -58.38 -29.84
CA PHE E 295 -6.77 -57.14 -30.45
C PHE E 295 -7.42 -56.84 -31.79
N GLY E 296 -8.38 -57.67 -32.20
CA GLY E 296 -8.98 -57.52 -33.52
C GLY E 296 -9.46 -56.12 -33.83
N ARG E 297 -9.90 -55.37 -32.83
CA ARG E 297 -10.38 -54.01 -33.08
C ARG E 297 -9.27 -53.21 -33.74
N ARG E 298 -8.19 -52.95 -33.00
CA ARG E 298 -7.06 -52.24 -33.60
C ARG E 298 -6.54 -52.94 -34.84
N LEU E 299 -6.64 -54.27 -34.91
CA LEU E 299 -6.19 -54.97 -36.11
C LEU E 299 -6.96 -54.51 -37.34
N ILE E 300 -8.28 -54.69 -37.32
CA ILE E 300 -9.09 -54.29 -38.46
C ILE E 300 -8.94 -52.80 -38.72
N LEU E 301 -8.95 -52.01 -37.64
CA LEU E 301 -8.78 -50.57 -37.77
C LEU E 301 -7.57 -50.25 -38.59
N SER E 302 -6.45 -50.92 -38.31
CA SER E 302 -5.31 -50.79 -39.17
C SER E 302 -5.66 -51.18 -40.59
N SER E 303 -6.29 -52.34 -40.75
CA SER E 303 -6.52 -52.88 -42.08
C SER E 303 -7.22 -51.89 -42.99
N THR E 304 -8.46 -51.54 -42.64
CA THR E 304 -9.28 -50.76 -43.57
C THR E 304 -8.63 -49.44 -43.94
N PHE E 305 -7.96 -48.81 -42.97
CA PHE E 305 -7.28 -47.56 -43.28
C PHE E 305 -6.15 -47.84 -44.26
N ARG E 306 -5.48 -48.98 -44.08
CA ARG E 306 -4.45 -49.35 -45.03
C ARG E 306 -5.01 -49.53 -46.42
N ILE E 307 -6.25 -50.01 -46.52
CA ILE E 307 -6.77 -50.23 -47.86
C ILE E 307 -7.25 -48.93 -48.47
N LEU E 308 -7.67 -47.97 -47.64
CA LEU E 308 -7.97 -46.67 -48.24
C LEU E 308 -6.71 -45.95 -48.68
N ALA E 309 -5.60 -46.18 -47.99
CA ALA E 309 -4.32 -45.61 -48.42
C ALA E 309 -3.84 -46.29 -49.69
N ASP E 310 -3.95 -47.62 -49.73
CA ASP E 310 -3.44 -48.38 -50.85
C ASP E 310 -4.26 -48.14 -52.11
N LEU E 311 -5.58 -48.18 -51.98
CA LEU E 311 -6.44 -48.11 -53.15
C LEU E 311 -6.20 -46.83 -53.94
N LEU E 312 -6.04 -45.72 -53.25
CA LEU E 312 -5.65 -44.48 -53.90
C LEU E 312 -4.15 -44.41 -54.13
N GLY E 313 -3.41 -45.46 -53.81
CA GLY E 313 -2.06 -45.57 -54.32
C GLY E 313 -2.02 -45.41 -55.83
N PHE E 314 -3.10 -45.79 -56.51
CA PHE E 314 -3.26 -45.54 -57.95
C PHE E 314 -3.27 -44.07 -58.29
N ALA E 315 -3.32 -43.18 -57.30
CA ALA E 315 -3.43 -41.74 -57.56
C ALA E 315 -2.42 -41.27 -58.59
N GLY E 316 -1.19 -41.75 -58.50
CA GLY E 316 -0.15 -41.34 -59.42
C GLY E 316 -0.51 -41.65 -60.85
N PRO E 317 -0.91 -42.89 -61.10
CA PRO E 317 -1.14 -43.28 -62.50
C PRO E 317 -2.22 -42.47 -63.19
N LEU E 318 -3.39 -42.36 -62.59
CA LEU E 318 -4.50 -41.72 -63.29
C LEU E 318 -4.17 -40.27 -63.57
N CYS E 319 -3.62 -39.57 -62.57
CA CYS E 319 -3.16 -38.20 -62.79
C CYS E 319 -2.16 -38.14 -63.91
N ILE E 320 -1.26 -39.13 -63.99
CA ILE E 320 -0.31 -39.17 -65.09
C ILE E 320 -1.05 -39.22 -66.43
N PHE E 321 -2.15 -39.97 -66.48
CA PHE E 321 -2.93 -40.02 -67.70
C PHE E 321 -3.57 -38.68 -67.99
N GLY E 322 -4.07 -38.01 -66.96
CA GLY E 322 -4.80 -36.78 -67.19
C GLY E 322 -3.94 -35.68 -67.76
N ILE E 323 -2.88 -35.30 -67.04
CA ILE E 323 -1.98 -34.28 -67.57
C ILE E 323 -1.26 -34.82 -68.79
N VAL E 324 -1.21 -36.15 -68.91
CA VAL E 324 -0.64 -36.76 -70.11
C VAL E 324 -1.47 -36.40 -71.34
N ASP E 325 -2.70 -35.94 -71.13
CA ASP E 325 -3.52 -35.52 -72.26
C ASP E 325 -2.91 -34.33 -72.98
N HIS E 326 -2.63 -33.26 -72.26
CA HIS E 326 -2.03 -32.08 -72.85
C HIS E 326 -0.56 -32.01 -72.49
N ASN E 354 -7.66 -28.04 -68.99
CA ASN E 354 -7.91 -28.37 -67.59
C ASN E 354 -6.63 -28.81 -66.90
N ALA E 355 -5.50 -28.25 -67.33
CA ALA E 355 -4.20 -28.73 -66.85
C ALA E 355 -4.00 -28.45 -65.36
N TYR E 356 -4.02 -27.17 -64.98
CA TYR E 356 -3.59 -26.76 -63.66
C TYR E 356 -4.43 -27.40 -62.58
N VAL E 357 -5.75 -27.41 -62.76
CA VAL E 357 -6.63 -28.02 -61.77
C VAL E 357 -6.21 -29.47 -61.52
N LEU E 358 -6.08 -30.25 -62.60
CA LEU E 358 -5.62 -31.62 -62.44
C LEU E 358 -4.30 -31.66 -61.70
N ALA E 359 -3.41 -30.70 -61.95
CA ALA E 359 -2.14 -30.69 -61.26
C ALA E 359 -2.33 -30.60 -59.76
N VAL E 360 -3.02 -29.54 -59.30
CA VAL E 360 -3.16 -29.32 -57.87
C VAL E 360 -3.88 -30.48 -57.21
N LEU E 361 -5.03 -30.88 -57.79
CA LEU E 361 -5.74 -32.04 -57.27
C LEU E 361 -4.80 -33.21 -57.10
N LEU E 362 -3.88 -33.40 -58.06
CA LEU E 362 -2.88 -34.44 -57.92
C LEU E 362 -1.99 -34.19 -56.72
N PHE E 363 -1.66 -32.92 -56.45
CA PHE E 363 -0.83 -32.63 -55.30
C PHE E 363 -1.50 -33.09 -54.01
N LEU E 364 -2.71 -32.59 -53.76
CA LEU E 364 -3.42 -32.99 -52.55
C LEU E 364 -3.56 -34.50 -52.50
N ALA E 365 -3.84 -35.12 -53.64
CA ALA E 365 -3.91 -36.56 -53.74
C ALA E 365 -2.66 -37.20 -53.15
N LEU E 366 -1.51 -36.90 -53.75
CA LEU E 366 -0.25 -37.47 -53.27
C LEU E 366 -0.10 -37.30 -51.77
N LEU E 367 -0.41 -36.11 -51.25
CA LEU E 367 -0.28 -35.88 -49.81
C LEU E 367 -1.11 -36.89 -49.03
N LEU E 368 -2.42 -36.93 -49.31
CA LEU E 368 -3.30 -37.86 -48.61
C LEU E 368 -2.76 -39.28 -48.68
N GLN E 369 -2.40 -39.73 -49.89
CA GLN E 369 -1.93 -41.10 -50.06
C GLN E 369 -0.73 -41.37 -49.18
N ARG E 370 0.34 -40.60 -49.34
CA ARG E 370 1.55 -40.84 -48.58
C ARG E 370 1.25 -40.90 -47.09
N THR E 371 0.64 -39.84 -46.55
CA THR E 371 0.40 -39.80 -45.11
C THR E 371 -0.34 -41.04 -44.66
N PHE E 372 -1.49 -41.30 -45.29
CA PHE E 372 -2.30 -42.44 -44.91
C PHE E 372 -1.46 -43.71 -44.84
N LEU E 373 -0.67 -43.98 -45.88
CA LEU E 373 0.12 -45.21 -45.88
C LEU E 373 1.04 -45.28 -44.66
N GLN E 374 1.75 -44.18 -44.39
CA GLN E 374 2.70 -44.23 -43.28
C GLN E 374 1.98 -44.51 -41.96
N ALA E 375 0.91 -43.75 -41.68
CA ALA E 375 0.20 -43.96 -40.43
C ALA E 375 -0.34 -45.39 -40.35
N SER E 376 -0.65 -45.96 -41.51
CA SER E 376 -0.96 -47.38 -41.55
C SER E 376 0.19 -48.20 -40.95
N TYR E 377 1.40 -48.00 -41.47
CA TYR E 377 2.57 -48.68 -40.90
C TYR E 377 2.60 -48.52 -39.39
N TYR E 378 2.27 -47.31 -38.91
CA TYR E 378 2.20 -47.07 -37.47
C TYR E 378 1.22 -48.01 -36.80
N VAL E 379 -0.03 -48.02 -37.26
CA VAL E 379 -1.02 -48.91 -36.67
C VAL E 379 -0.48 -50.31 -36.57
N ALA E 380 0.11 -50.81 -37.66
CA ALA E 380 0.64 -52.16 -37.68
C ALA E 380 1.68 -52.39 -36.57
N ILE E 381 2.86 -51.78 -36.72
CA ILE E 381 3.95 -52.06 -35.80
C ILE E 381 3.48 -51.87 -34.36
N GLU E 382 2.75 -50.79 -34.10
CA GLU E 382 2.23 -50.47 -32.78
C GLU E 382 1.49 -51.67 -32.19
N THR E 383 0.43 -52.07 -32.87
CA THR E 383 -0.27 -53.27 -32.47
C THR E 383 0.74 -54.36 -32.20
N GLY E 384 1.81 -54.39 -32.99
CA GLY E 384 2.88 -55.35 -32.72
C GLY E 384 3.45 -55.23 -31.33
N ILE E 385 3.87 -54.01 -30.96
CA ILE E 385 4.49 -53.80 -29.66
C ILE E 385 3.60 -54.36 -28.57
N ASN E 386 2.32 -54.01 -28.61
CA ASN E 386 1.42 -54.56 -27.61
C ASN E 386 1.39 -56.09 -27.65
N LEU E 387 1.11 -56.65 -28.83
CA LEU E 387 0.95 -58.08 -29.02
C LEU E 387 2.11 -58.86 -28.42
N ARG E 388 3.31 -58.65 -28.95
CA ARG E 388 4.48 -59.36 -28.45
C ARG E 388 4.66 -59.13 -26.96
N GLY E 389 4.53 -57.87 -26.53
CA GLY E 389 4.73 -57.56 -25.12
C GLY E 389 3.92 -58.47 -24.22
N ALA E 390 2.63 -58.59 -24.50
CA ALA E 390 1.81 -59.49 -23.69
C ALA E 390 2.17 -60.95 -23.94
N ILE E 391 2.56 -61.28 -25.18
CA ILE E 391 2.94 -62.65 -25.48
C ILE E 391 3.97 -63.13 -24.47
N GLN E 392 4.90 -62.26 -24.09
CA GLN E 392 5.86 -62.60 -23.04
C GLN E 392 5.14 -62.89 -21.72
N THR E 393 4.24 -61.99 -21.32
CA THR E 393 3.49 -62.17 -20.09
C THR E 393 2.89 -63.56 -20.04
N LYS E 394 2.31 -64.02 -21.14
CA LYS E 394 1.86 -65.40 -21.20
C LYS E 394 3.03 -66.35 -21.08
N ILE E 395 4.17 -66.01 -21.70
CA ILE E 395 5.30 -66.93 -21.74
C ILE E 395 5.71 -67.33 -20.33
N TYR E 396 6.31 -66.40 -19.59
CA TYR E 396 6.76 -66.77 -18.25
C TYR E 396 5.56 -67.02 -17.34
N ASN E 397 4.47 -66.29 -17.56
CA ASN E 397 3.30 -66.41 -16.69
C ASN E 397 2.81 -67.85 -16.60
N LYS E 398 2.78 -68.55 -17.73
CA LYS E 398 2.48 -69.97 -17.67
C LYS E 398 3.69 -70.79 -17.26
N ILE E 399 4.88 -70.35 -17.69
CA ILE E 399 6.09 -71.15 -17.49
C ILE E 399 6.31 -71.45 -16.01
N MET E 400 6.39 -70.40 -15.19
CA MET E 400 6.65 -70.61 -13.76
C MET E 400 5.51 -71.38 -13.11
N HIS E 401 4.27 -70.92 -13.32
CA HIS E 401 3.12 -71.51 -12.64
C HIS E 401 2.88 -72.94 -13.07
N LEU E 402 3.68 -73.46 -14.00
CA LEU E 402 3.58 -74.83 -14.48
C LEU E 402 4.38 -75.80 -13.59
N SER E 403 4.31 -77.09 -13.92
CA SER E 403 5.04 -78.07 -13.15
C SER E 403 6.51 -78.07 -13.54
N THR E 404 7.37 -78.26 -12.55
CA THR E 404 8.81 -78.26 -12.77
C THR E 404 9.34 -79.59 -13.25
N SER E 405 8.58 -80.67 -13.08
CA SER E 405 9.03 -81.99 -13.47
C SER E 405 9.28 -82.12 -14.97
N ASN E 406 8.71 -81.21 -15.76
CA ASN E 406 8.98 -81.17 -17.18
C ASN E 406 10.41 -80.79 -17.49
N LEU E 407 11.18 -80.38 -16.49
CA LEU E 407 12.62 -80.20 -16.66
C LEU E 407 13.23 -81.54 -17.03
N SER E 408 12.43 -82.60 -16.93
CA SER E 408 12.73 -83.84 -17.62
C SER E 408 13.03 -83.54 -19.09
N MET E 409 12.37 -82.51 -19.64
CA MET E 409 12.76 -82.00 -20.94
C MET E 409 13.97 -81.06 -20.83
N GLY E 410 13.97 -80.19 -19.82
CA GLY E 410 15.17 -79.46 -19.46
C GLY E 410 15.77 -78.54 -20.50
N GLU E 411 17.03 -78.82 -20.86
CA GLU E 411 17.82 -77.92 -21.69
C GLU E 411 17.16 -77.65 -23.03
N MET E 412 16.49 -78.65 -23.62
CA MET E 412 15.77 -78.42 -24.86
C MET E 412 14.75 -77.30 -24.69
N THR E 413 13.97 -77.32 -23.61
CA THR E 413 13.08 -76.21 -23.33
C THR E 413 13.87 -74.95 -23.02
N ALA E 414 15.05 -75.09 -22.45
CA ALA E 414 15.89 -73.92 -22.17
C ALA E 414 16.25 -73.19 -23.46
N GLY E 415 17.12 -73.78 -24.28
CA GLY E 415 17.51 -73.12 -25.51
C GLY E 415 16.35 -72.93 -26.45
N GLN E 416 15.63 -74.02 -26.75
CA GLN E 416 14.52 -73.96 -27.69
C GLN E 416 13.43 -73.02 -27.21
N ILE E 417 12.81 -73.32 -26.05
CA ILE E 417 11.72 -72.51 -25.53
C ILE E 417 12.14 -71.08 -25.24
N CYS E 418 13.41 -70.85 -24.90
CA CYS E 418 13.92 -69.49 -24.95
C CYS E 418 13.74 -68.90 -26.35
N ASN E 419 14.25 -69.59 -27.37
CA ASN E 419 14.12 -69.09 -28.74
C ASN E 419 12.67 -68.98 -29.16
N LEU E 420 11.75 -69.51 -28.35
CA LEU E 420 10.34 -69.27 -28.60
C LEU E 420 10.00 -67.81 -28.34
N VAL E 421 10.35 -67.31 -27.15
CA VAL E 421 10.19 -65.88 -26.90
C VAL E 421 11.08 -65.06 -27.81
N ALA E 422 12.41 -65.27 -27.72
CA ALA E 422 13.35 -64.46 -28.47
C ALA E 422 13.06 -64.52 -29.96
N ILE E 423 13.21 -65.71 -30.55
CA ILE E 423 12.96 -65.85 -31.99
C ILE E 423 11.47 -65.83 -32.28
N ASP E 424 10.73 -66.84 -31.79
CA ASP E 424 9.35 -67.01 -32.21
C ASP E 424 8.50 -65.80 -31.89
N THR E 425 8.85 -65.04 -30.85
CA THR E 425 8.12 -63.81 -30.63
C THR E 425 8.29 -62.88 -31.82
N ASN E 426 9.53 -62.50 -32.11
CA ASN E 426 9.80 -61.53 -33.17
C ASN E 426 9.22 -62.01 -34.49
N GLN E 427 9.29 -63.32 -34.74
CA GLN E 427 8.50 -63.92 -35.79
C GLN E 427 7.06 -63.43 -35.69
N LEU E 428 6.41 -63.77 -34.57
CA LEU E 428 4.98 -63.52 -34.44
C LEU E 428 4.64 -62.05 -34.69
N MET E 429 5.26 -61.15 -33.94
CA MET E 429 4.91 -59.73 -34.06
C MET E 429 5.25 -59.19 -35.44
N TRP E 430 6.28 -59.75 -36.07
CA TRP E 430 6.56 -59.36 -37.46
C TRP E 430 5.40 -59.76 -38.36
N PHE E 431 4.94 -61.01 -38.23
CA PHE E 431 3.85 -61.51 -39.06
C PHE E 431 2.58 -60.70 -38.85
N PHE E 432 2.25 -60.39 -37.60
CA PHE E 432 1.10 -59.56 -37.34
C PHE E 432 1.30 -58.18 -37.95
N PHE E 433 2.52 -57.66 -37.86
CA PHE E 433 2.80 -56.33 -38.37
C PHE E 433 2.52 -56.26 -39.87
N LEU E 434 3.04 -57.21 -40.63
CA LEU E 434 2.77 -57.20 -42.06
C LEU E 434 1.43 -57.86 -42.39
N CYS E 435 0.68 -58.32 -41.40
CA CYS E 435 -0.51 -59.11 -41.66
C CYS E 435 -1.60 -58.34 -42.38
N PRO E 436 -1.84 -57.07 -42.09
CA PRO E 436 -2.82 -56.35 -42.90
C PRO E 436 -2.35 -56.17 -44.33
N ASN E 437 -1.04 -56.04 -44.54
CA ASN E 437 -0.50 -56.04 -45.88
C ASN E 437 -0.78 -57.36 -46.57
N LEU E 438 -0.92 -58.43 -45.77
CA LEU E 438 -1.33 -59.71 -46.33
C LEU E 438 -2.79 -59.67 -46.74
N TRP E 439 -3.65 -59.21 -45.83
CA TRP E 439 -5.07 -59.07 -46.17
C TRP E 439 -5.24 -58.29 -47.47
N ALA E 440 -4.82 -57.04 -47.48
CA ALA E 440 -5.10 -56.16 -48.60
C ALA E 440 -4.22 -56.42 -49.81
N MET E 441 -3.04 -57.02 -49.61
CA MET E 441 -2.04 -57.08 -50.68
C MET E 441 -2.62 -57.56 -52.00
N PRO E 442 -3.36 -58.65 -52.04
CA PRO E 442 -3.97 -59.06 -53.32
C PRO E 442 -4.95 -58.04 -53.85
N VAL E 443 -5.79 -57.47 -52.98
CA VAL E 443 -6.79 -56.50 -53.43
C VAL E 443 -6.12 -55.35 -54.17
N GLN E 444 -4.90 -55.00 -53.75
CA GLN E 444 -4.13 -54.01 -54.48
C GLN E 444 -3.59 -54.59 -55.78
N ILE E 445 -3.10 -55.83 -55.73
CA ILE E 445 -2.48 -56.45 -56.90
C ILE E 445 -3.46 -56.55 -58.06
N ILE E 446 -4.49 -57.39 -57.92
CA ILE E 446 -5.41 -57.67 -59.02
C ILE E 446 -5.98 -56.38 -59.57
N VAL E 447 -6.36 -55.46 -58.70
CA VAL E 447 -6.71 -54.11 -59.14
C VAL E 447 -5.53 -53.47 -59.84
N GLY E 448 -4.32 -53.92 -59.56
CA GLY E 448 -3.13 -53.41 -60.20
C GLY E 448 -3.05 -53.78 -61.67
N VAL E 449 -3.09 -55.08 -61.96
CA VAL E 449 -3.09 -55.49 -63.37
C VAL E 449 -4.33 -54.94 -64.07
N ILE E 450 -5.51 -55.23 -63.51
CA ILE E 450 -6.75 -54.88 -64.19
C ILE E 450 -6.84 -53.38 -64.40
N LEU E 451 -6.32 -52.59 -63.46
CA LEU E 451 -6.50 -51.15 -63.55
C LEU E 451 -5.68 -50.53 -64.67
N LEU E 452 -4.85 -51.31 -65.33
CA LEU E 452 -4.00 -50.75 -66.38
C LEU E 452 -4.84 -50.44 -67.62
N TYR E 453 -4.84 -49.17 -68.02
CA TYR E 453 -5.48 -48.80 -69.28
C TYR E 453 -4.78 -49.53 -70.41
N TYR E 454 -5.58 -50.16 -71.26
CA TYR E 454 -5.07 -50.90 -72.41
C TYR E 454 -5.60 -52.32 -72.46
N ILE E 455 -6.87 -52.49 -72.09
CA ILE E 455 -7.52 -53.78 -72.11
C ILE E 455 -7.66 -54.38 -73.50
N LEU E 456 -7.99 -53.53 -74.48
CA LEU E 456 -8.21 -53.95 -75.86
C LEU E 456 -6.99 -54.56 -76.57
N GLY E 457 -5.82 -53.97 -76.36
CA GLY E 457 -4.61 -54.44 -76.99
C GLY E 457 -3.86 -55.38 -76.07
N VAL E 458 -3.39 -56.51 -76.58
CA VAL E 458 -2.68 -57.47 -75.74
C VAL E 458 -1.20 -57.18 -75.51
N SER E 459 -0.91 -56.03 -74.91
CA SER E 459 0.45 -55.63 -74.56
C SER E 459 0.44 -55.45 -73.04
N ALA E 460 -0.74 -55.70 -72.47
CA ALA E 460 -0.98 -55.54 -71.04
C ALA E 460 -0.74 -56.83 -70.28
N LEU E 461 -1.66 -57.78 -70.38
CA LEU E 461 -1.60 -58.95 -69.52
C LEU E 461 -0.34 -59.77 -69.80
N ILE E 462 0.39 -59.42 -70.86
CA ILE E 462 1.63 -60.13 -71.19
C ILE E 462 2.76 -59.63 -70.32
N GLY E 463 3.15 -58.37 -70.48
CA GLY E 463 4.19 -57.81 -69.64
C GLY E 463 3.82 -57.83 -68.18
N ALA E 464 2.60 -57.40 -67.87
CA ALA E 464 2.11 -57.53 -66.50
C ALA E 464 2.05 -58.98 -66.05
N ALA E 465 1.85 -59.92 -66.99
CA ALA E 465 1.92 -61.33 -66.64
C ALA E 465 3.34 -61.76 -66.35
N VAL E 466 4.34 -61.04 -66.86
CA VAL E 466 5.69 -61.19 -66.33
C VAL E 466 5.77 -60.63 -64.92
N ILE E 467 5.16 -59.45 -64.71
CA ILE E 467 5.17 -58.81 -63.40
C ILE E 467 4.58 -59.73 -62.35
N ILE E 468 3.61 -60.55 -62.73
CA ILE E 468 3.15 -61.61 -61.84
C ILE E 468 4.10 -62.80 -61.89
N LEU E 469 4.73 -63.02 -63.05
CA LEU E 469 5.63 -64.15 -63.21
C LEU E 469 6.87 -64.04 -62.36
N LEU E 470 7.08 -62.91 -61.68
CA LEU E 470 8.24 -62.81 -60.79
C LEU E 470 7.96 -63.41 -59.41
N ALA E 471 6.74 -63.90 -59.17
CA ALA E 471 6.44 -64.49 -57.86
C ALA E 471 7.27 -65.73 -57.60
N PRO E 472 7.18 -66.78 -58.40
CA PRO E 472 8.03 -67.96 -58.15
C PRO E 472 9.51 -67.66 -58.26
N VAL E 473 9.88 -66.56 -58.93
CA VAL E 473 11.28 -66.15 -58.95
C VAL E 473 11.76 -65.86 -57.54
N GLN E 474 11.10 -64.92 -56.86
CA GLN E 474 11.42 -64.65 -55.47
C GLN E 474 11.23 -65.88 -54.59
N TYR E 475 9.98 -66.34 -54.43
CA TYR E 475 9.74 -67.41 -53.46
C TYR E 475 10.64 -68.61 -53.69
N PHE E 476 11.00 -68.90 -54.93
CA PHE E 476 12.00 -69.92 -55.18
C PHE E 476 13.37 -69.45 -54.72
N VAL E 477 13.64 -68.15 -54.85
CA VAL E 477 14.90 -67.63 -54.34
C VAL E 477 14.99 -67.86 -52.83
N ALA E 478 13.83 -67.92 -52.18
CA ALA E 478 13.79 -68.42 -50.81
C ALA E 478 14.08 -69.91 -50.78
N THR E 479 13.48 -70.65 -51.72
CA THR E 479 13.66 -72.10 -51.76
C THR E 479 15.13 -72.50 -51.79
N LYS E 480 15.97 -71.65 -52.38
CA LYS E 480 17.42 -71.81 -52.24
C LYS E 480 17.99 -70.97 -51.10
N LEU E 481 17.21 -70.07 -50.51
CA LEU E 481 17.76 -69.22 -49.47
C LEU E 481 17.88 -69.95 -48.15
N SER E 482 16.81 -70.68 -47.75
CA SER E 482 16.77 -71.22 -46.39
C SER E 482 17.99 -72.09 -46.10
N GLN E 483 18.20 -73.13 -46.92
CA GLN E 483 19.28 -74.07 -46.68
C GLN E 483 20.63 -73.37 -46.67
N ALA E 484 20.75 -72.29 -47.43
CA ALA E 484 21.90 -71.41 -47.27
C ALA E 484 22.00 -70.85 -45.86
N GLN E 485 20.92 -70.25 -45.35
CA GLN E 485 20.98 -69.64 -44.03
C GLN E 485 21.31 -70.64 -42.93
N ARG E 486 20.51 -71.70 -42.80
CA ARG E 486 20.81 -72.70 -41.79
C ARG E 486 22.15 -73.37 -42.06
N SER E 487 22.61 -73.35 -43.31
CA SER E 487 23.95 -73.85 -43.61
C SER E 487 25.01 -72.98 -42.96
N THR E 488 25.00 -71.68 -43.24
CA THR E 488 25.90 -70.76 -42.55
C THR E 488 25.73 -70.83 -41.05
N LEU E 489 24.53 -71.24 -40.61
CA LEU E 489 24.30 -71.49 -39.19
C LEU E 489 25.11 -72.67 -38.67
N GLU E 490 25.14 -73.77 -39.43
CA GLU E 490 25.90 -74.94 -39.00
C GLU E 490 27.40 -74.68 -39.06
N HIS E 491 27.85 -74.05 -40.14
CA HIS E 491 29.26 -73.66 -40.23
C HIS E 491 29.65 -72.72 -39.11
N SER E 492 28.83 -71.71 -38.83
CA SER E 492 29.15 -70.71 -37.83
C SER E 492 29.28 -71.34 -36.45
N ASN E 493 28.56 -72.42 -36.20
CA ASN E 493 28.72 -73.14 -34.95
C ASN E 493 30.15 -73.66 -34.83
N GLU E 494 30.69 -74.17 -35.94
CA GLU E 494 32.03 -74.73 -35.91
C GLU E 494 33.08 -73.63 -35.80
N ARG E 495 33.00 -72.61 -36.65
CA ARG E 495 33.98 -71.53 -36.62
C ARG E 495 33.96 -70.82 -35.27
N LEU E 496 32.77 -70.43 -34.81
CA LEU E 496 32.66 -69.78 -33.52
C LEU E 496 33.12 -70.68 -32.39
N LYS E 497 32.73 -71.96 -32.40
CA LYS E 497 33.09 -72.87 -31.32
C LYS E 497 34.60 -73.06 -31.25
N GLN E 498 35.25 -73.29 -32.39
CA GLN E 498 36.69 -73.44 -32.41
C GLN E 498 37.40 -72.16 -32.03
N THR E 499 36.87 -71.00 -32.42
CA THR E 499 37.50 -69.74 -32.04
C THR E 499 37.42 -69.53 -30.54
N ASN E 500 36.23 -69.70 -29.97
CA ASN E 500 36.05 -69.57 -28.54
C ASN E 500 36.90 -70.58 -27.78
N GLU E 501 37.15 -71.73 -28.41
CA GLU E 501 37.90 -72.79 -27.74
C GLU E 501 39.40 -72.52 -27.79
N MET E 502 39.90 -71.98 -28.90
CA MET E 502 41.34 -71.75 -29.04
C MET E 502 41.76 -70.44 -28.42
N LEU E 503 40.85 -69.51 -28.23
CA LEU E 503 41.21 -68.15 -27.88
C LEU E 503 41.42 -67.93 -26.38
N ARG E 504 40.96 -68.82 -25.52
CA ARG E 504 40.90 -68.50 -24.10
C ARG E 504 42.27 -68.53 -23.44
N GLY E 505 42.86 -69.70 -23.34
CA GLY E 505 44.06 -69.90 -22.56
C GLY E 505 45.35 -69.64 -23.32
N MET E 506 45.31 -68.75 -24.31
CA MET E 506 46.32 -68.69 -25.37
C MET E 506 47.75 -68.69 -24.84
N LYS E 507 47.97 -68.28 -23.58
CA LYS E 507 49.28 -68.50 -22.97
C LYS E 507 49.56 -69.98 -22.78
N LEU E 508 48.51 -70.78 -22.56
CA LEU E 508 48.70 -72.22 -22.39
C LEU E 508 48.95 -72.90 -23.73
N LEU E 509 48.32 -72.42 -24.79
CA LEU E 509 48.60 -72.94 -26.12
C LEU E 509 49.86 -72.31 -26.70
N LYS E 510 50.31 -71.19 -26.12
CA LYS E 510 51.59 -70.62 -26.52
C LYS E 510 52.75 -71.37 -25.87
N LEU E 511 52.62 -71.70 -24.58
CA LEU E 511 53.63 -72.49 -23.91
C LEU E 511 53.66 -73.91 -24.48
N TYR E 512 52.51 -74.48 -24.80
CA TYR E 512 52.49 -75.71 -25.56
C TYR E 512 53.09 -75.54 -26.95
N ALA E 513 53.32 -74.29 -27.36
CA ALA E 513 54.12 -73.97 -28.54
C ALA E 513 53.49 -74.45 -29.83
N TRP E 514 52.18 -74.25 -30.00
CA TRP E 514 51.60 -74.60 -31.29
C TRP E 514 51.56 -73.37 -32.19
N GLU E 515 50.60 -72.48 -31.97
CA GLU E 515 50.47 -71.25 -32.73
C GLU E 515 50.67 -71.49 -34.22
N SER E 516 50.30 -72.70 -34.67
CA SER E 516 50.57 -73.10 -36.05
C SER E 516 49.34 -73.76 -36.66
N ILE E 517 48.91 -74.87 -36.08
CA ILE E 517 47.82 -75.68 -36.62
C ILE E 517 46.50 -75.02 -36.28
N PHE E 518 46.57 -73.89 -35.59
CA PHE E 518 45.39 -73.03 -35.45
C PHE E 518 44.78 -72.75 -36.80
N CYS E 519 45.60 -72.56 -37.83
CA CYS E 519 45.09 -72.42 -39.19
C CYS E 519 44.38 -73.70 -39.63
N SER E 520 44.99 -74.85 -39.34
CA SER E 520 44.27 -76.10 -39.51
C SER E 520 43.04 -76.13 -38.61
N ARG E 521 43.11 -75.42 -37.48
CA ARG E 521 41.94 -75.24 -36.62
C ARG E 521 41.03 -74.13 -37.13
N VAL E 522 41.56 -73.26 -37.99
CA VAL E 522 40.82 -72.09 -38.48
C VAL E 522 40.51 -72.23 -39.95
N GLU E 523 41.56 -72.19 -40.80
CA GLU E 523 41.35 -72.20 -42.24
C GLU E 523 40.56 -73.41 -42.68
N VAL E 524 40.87 -74.59 -42.14
CA VAL E 524 40.05 -75.77 -42.39
C VAL E 524 38.64 -75.55 -41.87
N THR E 525 38.50 -75.02 -40.66
CA THR E 525 37.20 -74.51 -40.24
C THR E 525 36.69 -73.45 -41.20
N ARG E 526 37.57 -72.53 -41.62
CA ARG E 526 37.19 -71.55 -42.62
C ARG E 526 36.93 -72.17 -43.98
N ARG E 527 37.58 -73.30 -44.30
CA ARG E 527 37.39 -73.93 -45.60
C ARG E 527 35.92 -74.16 -45.90
N LYS E 528 35.28 -75.07 -45.15
CA LYS E 528 33.84 -75.21 -45.24
C LYS E 528 33.17 -73.85 -45.04
N GLU E 529 33.66 -73.07 -44.07
CA GLU E 529 33.05 -71.78 -43.80
C GLU E 529 33.29 -70.80 -44.94
N MET E 530 34.36 -70.98 -45.71
CA MET E 530 34.50 -70.20 -46.93
C MET E 530 33.65 -70.76 -48.05
N THR E 531 33.37 -72.06 -48.05
CA THR E 531 32.59 -72.68 -49.11
C THR E 531 31.11 -72.36 -48.93
N SER E 532 30.50 -72.98 -47.91
CA SER E 532 29.06 -72.81 -47.68
C SER E 532 28.66 -71.34 -47.68
N LEU E 533 29.48 -70.49 -47.08
CA LEU E 533 29.28 -69.04 -47.16
C LEU E 533 29.31 -68.55 -48.60
N ARG E 534 30.47 -68.67 -49.23
CA ARG E 534 30.69 -68.07 -50.55
C ARG E 534 29.53 -68.39 -51.48
N ALA E 535 29.36 -69.67 -51.80
CA ALA E 535 28.32 -70.08 -52.73
C ALA E 535 26.97 -69.46 -52.37
N PHE E 536 26.63 -69.47 -51.08
CA PHE E 536 25.37 -68.91 -50.64
C PHE E 536 25.21 -67.48 -51.15
N ALA E 537 26.19 -66.63 -50.86
CA ALA E 537 26.16 -65.25 -51.32
C ALA E 537 25.85 -65.18 -52.81
N VAL E 538 26.46 -66.07 -53.60
CA VAL E 538 26.16 -66.10 -55.03
C VAL E 538 24.67 -66.33 -55.24
N TYR E 539 24.16 -67.46 -54.75
CA TYR E 539 22.74 -67.71 -54.85
C TYR E 539 21.95 -66.57 -54.24
N THR E 540 22.51 -65.86 -53.26
CA THR E 540 21.84 -64.70 -52.71
C THR E 540 21.80 -63.55 -53.70
N SER E 541 22.96 -63.16 -54.24
CA SER E 541 23.02 -61.91 -54.99
C SER E 541 22.31 -62.05 -56.34
N ILE E 542 22.46 -63.21 -56.98
CA ILE E 542 21.84 -63.43 -58.28
C ILE E 542 20.37 -63.05 -58.24
N SER E 543 19.67 -63.49 -57.20
CA SER E 543 18.24 -63.18 -57.06
C SER E 543 17.99 -61.67 -57.21
N ILE E 544 18.69 -60.86 -56.42
CA ILE E 544 18.48 -59.41 -56.49
C ILE E 544 18.71 -58.92 -57.90
N PHE E 545 19.72 -59.48 -58.59
CA PHE E 545 19.97 -59.09 -59.96
C PHE E 545 18.73 -59.26 -60.83
N MET E 546 18.09 -60.43 -60.76
CA MET E 546 16.87 -60.66 -61.52
C MET E 546 15.87 -59.54 -61.28
N ASN E 547 15.78 -59.07 -60.04
CA ASN E 547 14.89 -57.97 -59.73
C ASN E 547 15.17 -56.77 -60.62
N THR E 548 16.40 -56.26 -60.60
CA THR E 548 16.71 -55.09 -61.40
C THR E 548 16.53 -55.38 -62.88
N ALA E 549 16.53 -56.66 -63.25
CA ALA E 549 16.32 -57.03 -64.64
C ALA E 549 14.85 -57.03 -65.00
N ILE E 550 13.98 -57.44 -64.07
CA ILE E 550 12.56 -57.62 -64.40
C ILE E 550 11.92 -56.31 -64.81
N PRO E 551 11.98 -55.24 -64.02
CA PRO E 551 11.20 -54.04 -64.37
C PRO E 551 11.60 -53.44 -65.70
N ILE E 552 12.89 -53.21 -65.90
CA ILE E 552 13.34 -52.55 -67.12
C ILE E 552 12.94 -53.37 -68.35
N ALA E 553 13.01 -54.70 -68.24
CA ALA E 553 12.65 -55.54 -69.36
C ALA E 553 11.15 -55.65 -69.50
N ALA E 554 10.43 -55.65 -68.38
CA ALA E 554 8.99 -55.87 -68.44
C ALA E 554 8.32 -54.78 -69.26
N VAL E 555 8.45 -53.53 -68.82
CA VAL E 555 7.88 -52.40 -69.53
C VAL E 555 8.32 -52.39 -70.98
N LEU E 556 9.63 -52.18 -71.19
CA LEU E 556 10.17 -52.00 -72.54
C LEU E 556 9.60 -53.04 -73.49
N ILE E 557 9.93 -54.31 -73.25
CA ILE E 557 9.44 -55.37 -74.13
C ILE E 557 7.93 -55.24 -74.32
N THR E 558 7.18 -55.18 -73.21
CA THR E 558 5.73 -55.01 -73.32
C THR E 558 5.40 -53.79 -74.18
N PHE E 559 5.97 -52.64 -73.82
CA PHE E 559 5.80 -51.46 -74.66
C PHE E 559 6.14 -51.78 -76.11
N VAL E 560 7.36 -52.28 -76.34
CA VAL E 560 7.79 -52.57 -77.70
C VAL E 560 6.83 -53.57 -78.34
N GLY E 561 6.33 -54.51 -77.55
CA GLY E 561 5.38 -55.47 -78.07
C GLY E 561 4.19 -54.82 -78.72
N HIS E 562 3.56 -53.86 -78.04
CA HIS E 562 2.42 -53.17 -78.63
C HIS E 562 2.79 -52.60 -79.98
N VAL E 563 4.00 -52.03 -80.08
CA VAL E 563 4.45 -51.43 -81.34
C VAL E 563 4.28 -52.42 -82.49
N SER E 564 4.67 -53.68 -82.28
CA SER E 564 4.57 -54.66 -83.36
C SER E 564 3.17 -55.24 -83.44
N PHE E 565 2.46 -55.33 -82.30
CA PHE E 565 1.35 -56.27 -82.25
C PHE E 565 0.06 -55.63 -82.76
N PHE E 566 -0.58 -54.82 -81.94
CA PHE E 566 -1.90 -54.29 -82.26
C PHE E 566 -1.92 -52.81 -81.90
N LYS E 567 -2.94 -52.11 -82.40
CA LYS E 567 -3.06 -50.67 -82.26
C LYS E 567 -1.80 -49.97 -82.79
N GLU E 568 -1.30 -50.45 -83.92
CA GLU E 568 -0.04 -49.94 -84.45
C GLU E 568 -0.18 -48.49 -84.89
N SER E 569 -1.41 -48.05 -85.17
CA SER E 569 -1.63 -46.75 -85.79
C SER E 569 -1.10 -45.60 -84.95
N ASP E 570 -1.36 -45.62 -83.64
CA ASP E 570 -1.03 -44.50 -82.78
C ASP E 570 -0.32 -44.98 -81.51
N LEU E 571 0.79 -44.33 -81.19
CA LEU E 571 1.48 -44.51 -79.92
C LEU E 571 1.14 -43.33 -79.02
N SER E 572 0.69 -43.62 -77.81
CA SER E 572 0.21 -42.54 -76.97
C SER E 572 1.09 -42.42 -75.74
N PRO E 573 1.37 -41.21 -75.30
CA PRO E 573 2.26 -41.06 -74.14
C PRO E 573 1.58 -41.51 -72.86
N SER E 574 0.25 -41.38 -72.83
CA SER E 574 -0.54 -41.72 -71.65
C SER E 574 -0.23 -43.13 -71.17
N VAL E 575 -0.59 -44.12 -71.98
CA VAL E 575 -0.34 -45.52 -71.65
C VAL E 575 1.11 -45.77 -71.28
N ALA E 576 2.03 -44.97 -71.81
CA ALA E 576 3.44 -45.23 -71.60
C ALA E 576 3.84 -44.94 -70.16
N PHE E 577 3.91 -43.65 -69.83
CA PHE E 577 4.33 -43.28 -68.48
C PHE E 577 3.38 -43.87 -67.43
N ALA E 578 2.10 -44.02 -67.80
CA ALA E 578 1.18 -44.74 -66.94
C ALA E 578 1.71 -46.12 -66.60
N SER E 579 2.07 -46.89 -67.63
CA SER E 579 2.63 -48.22 -67.39
C SER E 579 3.89 -48.13 -66.53
N LEU E 580 4.64 -47.04 -66.66
CA LEU E 580 5.81 -46.86 -65.79
C LEU E 580 5.39 -46.83 -64.33
N SER E 581 4.54 -45.87 -63.97
CA SER E 581 4.17 -45.71 -62.56
C SER E 581 3.52 -46.97 -62.01
N LEU E 582 2.51 -47.50 -62.71
CA LEU E 582 1.84 -48.69 -62.23
C LEU E 582 2.82 -49.86 -62.12
N PHE E 583 3.82 -49.88 -63.01
CA PHE E 583 4.86 -50.89 -62.89
C PHE E 583 5.61 -50.74 -61.58
N HIS E 584 5.92 -49.50 -61.19
CA HIS E 584 6.64 -49.28 -59.93
C HIS E 584 5.79 -49.71 -58.72
N ILE E 585 4.60 -49.10 -58.58
CA ILE E 585 3.78 -49.39 -57.41
C ILE E 585 3.41 -50.87 -57.34
N LEU E 586 2.88 -51.41 -58.44
CA LEU E 586 2.54 -52.83 -58.48
C LEU E 586 3.77 -53.69 -58.22
N VAL E 587 4.95 -53.19 -58.61
CA VAL E 587 6.17 -53.96 -58.41
C VAL E 587 6.45 -54.12 -56.92
N THR E 588 6.17 -53.10 -56.13
CA THR E 588 6.39 -53.22 -54.69
C THR E 588 5.67 -54.43 -54.09
N PRO E 589 4.35 -54.56 -54.21
CA PRO E 589 3.65 -55.57 -53.39
C PRO E 589 4.02 -56.99 -53.73
N LEU E 590 4.48 -57.25 -54.95
CA LEU E 590 4.87 -58.61 -55.31
C LEU E 590 6.01 -59.09 -54.44
N PHE E 591 7.14 -58.38 -54.46
CA PHE E 591 8.26 -58.73 -53.58
C PHE E 591 7.82 -58.75 -52.13
N LEU E 592 6.98 -57.79 -51.73
CA LEU E 592 6.48 -57.80 -50.36
C LEU E 592 5.87 -59.15 -50.01
N LEU E 593 4.91 -59.61 -50.81
CA LEU E 593 4.29 -60.91 -50.57
C LEU E 593 5.33 -62.01 -50.55
N SER E 594 6.28 -61.96 -51.49
CA SER E 594 7.32 -62.96 -51.55
C SER E 594 8.04 -63.08 -50.23
N SER E 595 8.10 -61.99 -49.46
CA SER E 595 8.53 -62.15 -48.07
C SER E 595 7.40 -62.65 -47.20
N VAL E 596 6.15 -62.25 -47.51
CA VAL E 596 5.05 -62.47 -46.60
C VAL E 596 4.80 -63.96 -46.36
N VAL E 597 4.96 -64.78 -47.40
CA VAL E 597 4.64 -66.19 -47.25
C VAL E 597 5.48 -66.82 -46.14
N ARG E 598 6.79 -66.58 -46.17
CA ARG E 598 7.67 -67.08 -45.12
C ARG E 598 7.16 -66.66 -43.76
N SER E 599 6.71 -65.41 -43.65
CA SER E 599 6.15 -64.93 -42.40
C SER E 599 4.93 -65.73 -41.96
N THR E 600 4.02 -66.05 -42.88
CA THR E 600 2.86 -66.84 -42.49
C THR E 600 3.27 -68.24 -42.03
N VAL E 601 4.26 -68.84 -42.69
CA VAL E 601 4.68 -70.19 -42.33
C VAL E 601 5.30 -70.20 -40.94
N LYS E 602 6.35 -69.40 -40.75
CA LYS E 602 7.00 -69.30 -39.45
C LYS E 602 6.00 -68.96 -38.37
N ALA E 603 5.04 -68.09 -38.69
CA ALA E 603 3.95 -67.81 -37.76
C ALA E 603 3.23 -69.10 -37.36
N LEU E 604 2.87 -69.93 -38.34
CA LEU E 604 2.18 -71.17 -38.01
C LEU E 604 3.00 -72.02 -37.05
N VAL E 605 4.28 -72.27 -37.38
CA VAL E 605 5.11 -73.09 -36.50
C VAL E 605 5.18 -72.47 -35.12
N SER E 606 5.16 -71.14 -35.04
CA SER E 606 5.14 -70.47 -33.75
C SER E 606 3.88 -70.83 -32.97
N VAL E 607 2.73 -70.87 -33.65
CA VAL E 607 1.52 -71.34 -33.00
C VAL E 607 1.73 -72.74 -32.46
N LYS E 608 2.37 -73.60 -33.25
CA LYS E 608 2.55 -74.99 -32.83
C LYS E 608 3.34 -75.09 -31.53
N LYS E 609 4.57 -74.57 -31.53
CA LYS E 609 5.38 -74.69 -30.32
C LYS E 609 4.73 -73.92 -29.17
N LEU E 610 3.92 -72.91 -29.48
CA LEU E 610 3.26 -72.12 -28.45
C LEU E 610 2.21 -72.95 -27.71
N SER E 611 1.24 -73.49 -28.46
CA SER E 611 0.29 -74.42 -27.84
C SER E 611 1.03 -75.56 -27.16
N GLU E 612 2.18 -75.96 -27.73
CA GLU E 612 3.01 -76.97 -27.08
C GLU E 612 3.41 -76.52 -25.68
N PHE E 613 3.78 -75.24 -25.51
CA PHE E 613 4.06 -74.75 -24.19
C PHE E 613 2.81 -74.72 -23.32
N LEU E 614 1.65 -74.44 -23.92
CA LEU E 614 0.40 -74.49 -23.17
C LEU E 614 0.13 -75.87 -22.55
N SER E 615 0.34 -76.95 -23.29
CA SER E 615 0.02 -78.29 -22.82
C SER E 615 1.00 -78.78 -21.77
N SER E 616 2.04 -78.02 -21.46
CA SER E 616 3.12 -78.49 -20.60
C SER E 616 2.61 -78.73 -19.17
N ALA E 617 3.40 -79.50 -18.43
CA ALA E 617 2.99 -80.04 -17.14
C ALA E 617 2.67 -78.93 -16.15
N GLU E 618 1.48 -79.00 -15.56
CA GLU E 618 1.05 -77.98 -14.63
C GLU E 618 1.32 -78.41 -13.19
N ILE E 619 1.75 -77.47 -12.37
CA ILE E 619 2.02 -77.73 -10.96
C ILE E 619 0.71 -77.51 -10.20
N ARG E 620 0.36 -78.45 -9.34
CA ARG E 620 -0.83 -78.29 -8.51
C ARG E 620 -0.57 -77.24 -7.43
N GLU E 621 -1.53 -76.34 -7.26
CA GLU E 621 -1.39 -75.26 -6.27
C GLU E 621 -2.12 -75.60 -4.98
N ASP E 673 2.88 -65.59 12.26
CA ASP E 673 4.24 -65.38 12.71
C ASP E 673 5.21 -66.34 12.03
N ALA E 674 5.90 -67.15 12.84
CA ALA E 674 6.97 -68.01 12.36
C ALA E 674 6.49 -69.38 11.91
N ASP E 675 5.18 -69.64 11.91
CA ASP E 675 4.53 -70.88 11.50
C ASP E 675 4.65 -71.96 12.56
N ASN E 676 5.29 -71.69 13.68
CA ASN E 676 5.48 -72.58 14.84
C ASN E 676 6.56 -73.63 14.58
N PHE E 677 7.10 -73.70 13.36
CA PHE E 677 8.19 -74.60 13.02
C PHE E 677 7.83 -76.05 13.35
N CYS E 678 6.85 -76.55 12.60
CA CYS E 678 6.41 -77.93 12.65
C CYS E 678 6.09 -78.39 11.23
N VAL E 679 6.08 -79.71 11.05
CA VAL E 679 5.68 -80.28 9.76
C VAL E 679 4.75 -81.45 10.01
N GLN E 680 3.62 -81.48 9.29
CA GLN E 680 2.67 -82.57 9.36
C GLN E 680 2.72 -83.31 8.02
N ILE E 681 3.32 -84.49 8.03
CA ILE E 681 3.35 -85.37 6.87
C ILE E 681 2.69 -86.66 7.33
N ILE E 682 1.50 -86.93 6.80
CA ILE E 682 0.66 -88.03 7.25
C ILE E 682 0.28 -88.90 6.07
N GLY E 683 0.73 -90.15 6.12
CA GLY E 683 0.39 -91.14 5.09
C GLY E 683 0.72 -90.69 3.70
N GLY E 684 1.97 -90.33 3.47
CA GLY E 684 2.36 -89.70 2.22
C GLY E 684 2.17 -90.64 1.05
N PHE E 685 1.48 -90.16 0.00
CA PHE E 685 1.54 -90.79 -1.31
C PHE E 685 2.11 -89.78 -2.28
N PHE E 686 3.35 -90.00 -2.70
CA PHE E 686 4.02 -89.07 -3.58
C PHE E 686 3.72 -89.41 -5.04
N THR E 687 3.29 -88.40 -5.77
CA THR E 687 2.96 -88.55 -7.18
C THR E 687 4.11 -87.95 -7.98
N TRP E 688 4.82 -88.79 -8.72
CA TRP E 688 5.78 -88.30 -9.70
C TRP E 688 5.13 -88.37 -11.07
N THR E 689 4.78 -87.20 -11.62
CA THR E 689 3.84 -87.16 -12.73
C THR E 689 4.35 -87.89 -13.96
N PRO E 690 5.48 -87.49 -14.55
CA PRO E 690 5.89 -88.15 -15.79
C PRO E 690 6.36 -89.58 -15.59
N ASP E 691 6.73 -89.96 -14.37
CA ASP E 691 7.27 -91.30 -14.17
C ASP E 691 6.22 -92.37 -14.45
N GLY E 692 5.11 -92.33 -13.71
CA GLY E 692 4.12 -93.38 -13.75
C GLY E 692 4.17 -94.38 -12.61
N ILE E 693 5.32 -94.53 -11.98
CA ILE E 693 5.52 -95.42 -10.83
C ILE E 693 5.88 -94.57 -9.63
N PRO E 694 5.13 -94.64 -8.53
CA PRO E 694 5.42 -93.76 -7.38
C PRO E 694 6.68 -94.18 -6.63
N THR E 695 7.84 -93.71 -7.13
CA THR E 695 9.15 -94.10 -6.58
C THR E 695 9.21 -94.05 -5.07
N LEU E 696 8.65 -93.01 -4.47
CA LEU E 696 8.57 -92.88 -3.02
C LEU E 696 7.12 -93.02 -2.58
N SER E 697 6.90 -93.75 -1.48
CA SER E 697 5.58 -93.90 -0.90
C SER E 697 5.70 -93.94 0.61
N ASN E 698 4.85 -93.18 1.30
CA ASN E 698 4.69 -93.23 2.75
C ASN E 698 6.02 -92.95 3.47
N ILE E 699 6.53 -91.75 3.23
CA ILE E 699 7.57 -91.17 4.07
C ILE E 699 6.90 -90.03 4.83
N THR E 700 6.65 -90.25 6.12
CA THR E 700 5.78 -89.38 6.88
C THR E 700 6.40 -89.11 8.24
N ILE E 701 6.09 -87.93 8.79
CA ILE E 701 6.63 -87.52 10.09
C ILE E 701 6.06 -86.14 10.43
N ARG E 702 6.24 -85.73 11.68
CA ARG E 702 5.95 -84.37 12.12
C ARG E 702 7.23 -83.75 12.62
N ILE E 703 7.71 -82.72 11.94
CA ILE E 703 8.93 -82.00 12.31
C ILE E 703 8.61 -81.13 13.51
N PRO E 704 9.41 -81.18 14.58
CA PRO E 704 9.00 -80.54 15.84
C PRO E 704 9.45 -79.10 15.95
N ARG E 705 9.07 -78.46 17.06
CA ARG E 705 9.28 -77.04 17.23
C ARG E 705 10.66 -76.78 17.84
N GLY E 706 11.30 -75.71 17.37
CA GLY E 706 12.65 -75.38 17.81
C GLY E 706 13.62 -76.53 17.64
N GLN E 707 13.40 -77.36 16.62
CA GLN E 707 14.01 -78.68 16.54
C GLN E 707 14.91 -78.79 15.32
N LEU E 708 16.20 -79.00 15.56
CA LEU E 708 17.15 -79.22 14.48
C LEU E 708 17.21 -80.71 14.18
N THR E 709 16.80 -81.07 12.98
CA THR E 709 16.76 -82.46 12.56
C THR E 709 17.38 -82.59 11.17
N MET E 710 18.48 -83.32 11.08
CA MET E 710 19.20 -83.49 9.82
C MET E 710 18.71 -84.75 9.13
N ILE E 711 18.02 -84.57 8.00
CA ILE E 711 17.62 -85.70 7.18
C ILE E 711 18.89 -86.40 6.71
N VAL E 712 18.99 -87.70 6.96
CA VAL E 712 20.24 -88.39 6.70
C VAL E 712 19.96 -89.64 5.88
N GLY E 713 21.00 -90.44 5.65
CA GLY E 713 20.96 -91.57 4.77
C GLY E 713 21.68 -91.36 3.45
N GLN E 714 21.93 -90.11 3.07
CA GLN E 714 22.67 -89.76 1.85
C GLN E 714 22.19 -90.57 0.65
N VAL E 715 20.86 -90.61 0.49
CA VAL E 715 20.23 -91.32 -0.61
C VAL E 715 20.49 -90.66 -1.97
N GLY E 716 21.16 -89.51 -1.99
CA GLY E 716 21.32 -88.76 -3.23
C GLY E 716 20.13 -87.87 -3.53
N CYS E 717 19.75 -87.80 -4.80
CA CYS E 717 18.59 -87.02 -5.20
C CYS E 717 17.30 -87.51 -4.55
N GLY E 718 17.33 -88.66 -3.89
CA GLY E 718 16.20 -89.04 -3.05
C GLY E 718 15.97 -88.06 -1.91
N LYS E 719 17.06 -87.54 -1.33
CA LYS E 719 16.90 -86.41 -0.43
C LYS E 719 16.10 -85.30 -1.10
N SER E 720 16.24 -85.17 -2.42
CA SER E 720 15.40 -84.24 -3.15
C SER E 720 14.00 -84.79 -3.35
N SER E 721 13.82 -86.11 -3.32
CA SER E 721 12.47 -86.63 -3.11
C SER E 721 11.93 -86.13 -1.78
N LEU E 722 12.84 -85.73 -0.87
CA LEU E 722 12.38 -85.03 0.33
C LEU E 722 12.37 -83.52 0.17
N LEU E 723 12.93 -82.98 -0.91
CA LEU E 723 12.98 -81.53 -1.09
C LEU E 723 11.83 -81.03 -1.95
N LEU E 724 11.80 -81.44 -3.22
CA LEU E 724 10.64 -81.16 -4.06
C LEU E 724 9.35 -81.73 -3.45
N ALA E 725 9.28 -83.06 -3.38
CA ALA E 725 8.02 -83.70 -2.99
C ALA E 725 7.81 -83.62 -1.48
N THR E 726 8.57 -84.39 -0.72
CA THR E 726 8.28 -84.53 0.70
C THR E 726 8.48 -83.23 1.48
N LEU E 727 9.02 -82.19 0.86
CA LEU E 727 8.96 -80.86 1.46
C LEU E 727 7.82 -80.03 0.88
N GLY E 728 7.02 -80.58 -0.02
CA GLY E 728 5.77 -79.97 -0.44
C GLY E 728 5.85 -79.10 -1.67
N GLU E 729 7.01 -78.98 -2.31
CA GLU E 729 7.05 -78.26 -3.58
C GLU E 729 6.14 -78.93 -4.61
N MET E 730 6.09 -80.24 -4.60
CA MET E 730 5.05 -81.00 -5.29
C MET E 730 3.91 -81.27 -4.31
N GLN E 731 2.87 -81.95 -4.78
CA GLN E 731 1.68 -82.22 -3.98
C GLN E 731 1.62 -83.70 -3.63
N LYS E 732 1.34 -83.98 -2.36
CA LYS E 732 1.22 -85.35 -1.87
C LYS E 732 -0.25 -85.75 -2.01
N VAL E 733 -0.49 -86.95 -2.56
CA VAL E 733 -1.85 -87.31 -2.94
C VAL E 733 -2.62 -87.86 -1.74
N SER E 734 -2.33 -89.09 -1.34
CA SER E 734 -2.99 -89.69 -0.19
C SER E 734 -2.44 -89.09 1.10
N GLY E 735 -3.21 -89.18 2.18
CA GLY E 735 -2.82 -88.47 3.38
C GLY E 735 -2.73 -87.00 3.05
N ALA E 736 -1.72 -86.33 3.62
CA ALA E 736 -1.50 -84.91 3.37
C ALA E 736 -0.29 -84.36 4.11
N VAL E 737 -0.02 -83.08 3.89
CA VAL E 737 0.93 -82.32 4.68
C VAL E 737 0.20 -81.09 5.18
N PHE E 738 0.63 -80.57 6.34
CA PHE E 738 0.11 -79.35 6.93
C PHE E 738 1.23 -78.62 7.65
N TRP E 739 1.27 -77.29 7.49
CA TRP E 739 2.25 -76.45 8.17
C TRP E 739 1.50 -75.30 8.84
N ASN E 740 1.45 -75.32 10.17
CA ASN E 740 0.75 -74.34 10.99
C ASN E 740 -0.69 -74.11 10.55
N SER E 741 -1.20 -72.89 10.76
CA SER E 741 -2.50 -72.45 10.25
C SER E 741 -2.40 -71.47 9.09
N ASN E 742 -1.21 -70.99 8.77
CA ASN E 742 -1.03 -69.92 7.79
C ASN E 742 -0.07 -70.40 6.71
N LEU E 743 -0.50 -70.32 5.45
CA LEU E 743 0.26 -70.89 4.35
C LEU E 743 0.75 -69.83 3.40
N PRO E 769 8.42 -66.76 3.25
CA PRO E 769 9.51 -66.99 4.19
C PRO E 769 10.12 -68.39 4.07
N VAL E 770 9.38 -69.33 3.49
CA VAL E 770 9.87 -70.70 3.35
C VAL E 770 10.98 -70.70 2.31
N ALA E 771 12.16 -71.20 2.71
CA ALA E 771 13.33 -71.13 1.86
C ALA E 771 14.14 -72.41 1.93
N TYR E 772 14.93 -72.66 0.88
CA TYR E 772 15.85 -73.78 0.76
C TYR E 772 16.88 -73.43 -0.29
N ALA E 773 18.02 -74.11 -0.25
CA ALA E 773 19.10 -73.85 -1.19
C ALA E 773 19.07 -74.91 -2.27
N SER E 774 19.46 -74.54 -3.49
CA SER E 774 19.43 -75.50 -4.58
C SER E 774 20.67 -76.39 -4.53
N GLN E 775 20.47 -77.65 -4.92
CA GLN E 775 21.57 -78.61 -5.04
C GLN E 775 22.61 -78.13 -6.04
N LYS E 776 22.24 -78.10 -7.32
CA LYS E 776 23.15 -77.61 -8.34
C LYS E 776 23.55 -76.18 -8.02
N PRO E 777 24.71 -75.72 -8.49
CA PRO E 777 25.08 -74.31 -8.30
C PRO E 777 24.05 -73.38 -8.95
N TRP E 778 23.61 -72.38 -8.21
CA TRP E 778 22.66 -71.39 -8.71
C TRP E 778 23.02 -70.01 -8.21
N LEU E 779 22.80 -69.02 -9.07
CA LEU E 779 23.01 -67.62 -8.71
C LEU E 779 22.24 -66.77 -9.72
N LEU E 780 22.25 -65.46 -9.49
CA LEU E 780 21.70 -64.50 -10.44
C LEU E 780 22.80 -63.54 -10.84
N ASN E 781 22.87 -63.23 -12.13
CA ASN E 781 23.95 -62.37 -12.59
C ASN E 781 23.81 -61.01 -11.93
N ALA E 782 24.80 -60.65 -11.11
CA ALA E 782 24.72 -59.46 -10.27
C ALA E 782 26.02 -59.21 -9.52
N THR E 783 26.02 -58.23 -8.62
CA THR E 783 27.10 -58.14 -7.65
C THR E 783 27.05 -59.34 -6.71
N VAL E 784 28.23 -59.78 -6.26
CA VAL E 784 28.30 -60.83 -5.26
C VAL E 784 27.50 -60.44 -4.03
N GLU E 785 27.57 -59.18 -3.64
CA GLU E 785 26.69 -58.69 -2.59
C GLU E 785 25.24 -58.82 -3.02
N GLU E 786 24.94 -58.39 -4.26
CA GLU E 786 23.61 -58.61 -4.80
C GLU E 786 23.30 -60.11 -4.89
N ASN E 787 24.34 -60.93 -4.96
CA ASN E 787 24.15 -62.37 -4.93
C ASN E 787 23.84 -62.88 -3.54
N ILE E 788 24.61 -62.48 -2.52
CA ILE E 788 24.30 -62.84 -1.15
C ILE E 788 22.91 -62.39 -0.72
N THR E 789 22.32 -61.44 -1.43
CA THR E 789 21.04 -60.85 -1.06
C THR E 789 20.04 -61.12 -2.17
N PHE E 790 19.07 -61.98 -1.89
CA PHE E 790 17.88 -62.12 -2.71
C PHE E 790 17.09 -60.83 -2.65
N GLU E 791 16.07 -60.72 -3.50
CA GLU E 791 15.40 -59.45 -3.75
C GLU E 791 15.03 -58.67 -2.48
N SER E 792 14.87 -59.32 -1.34
CA SER E 792 14.64 -58.58 -0.11
C SER E 792 15.89 -57.79 0.31
N PRO E 793 15.73 -56.87 1.24
CA PRO E 793 16.88 -56.05 1.66
C PRO E 793 17.87 -56.82 2.52
N PHE E 794 18.79 -56.08 3.15
CA PHE E 794 19.78 -56.63 4.07
C PHE E 794 20.54 -55.48 4.69
N ASN E 795 21.24 -55.78 5.79
CA ASN E 795 21.94 -54.76 6.56
C ASN E 795 23.33 -55.26 6.90
N LYS E 796 24.16 -54.33 7.37
CA LYS E 796 25.59 -54.61 7.54
C LYS E 796 25.83 -55.61 8.67
N GLN E 797 25.02 -55.53 9.73
CA GLN E 797 25.19 -56.47 10.84
C GLN E 797 24.98 -57.91 10.39
N ARG E 798 23.88 -58.19 9.69
CA ARG E 798 23.65 -59.53 9.17
C ARG E 798 24.51 -59.80 7.94
N TYR E 799 24.94 -58.74 7.25
CA TYR E 799 25.88 -58.87 6.15
C TYR E 799 27.18 -59.52 6.62
N LYS E 800 27.92 -58.80 7.47
CA LYS E 800 29.12 -59.37 8.08
C LYS E 800 28.78 -60.64 8.86
N MET E 801 27.58 -60.71 9.41
CA MET E 801 27.14 -61.95 10.05
C MET E 801 27.18 -63.10 9.08
N VAL E 802 26.95 -62.82 7.80
CA VAL E 802 26.86 -63.89 6.80
C VAL E 802 28.24 -64.13 6.18
N ILE E 803 28.75 -63.15 5.43
CA ILE E 803 30.04 -63.35 4.78
C ILE E 803 31.11 -63.71 5.79
N GLU E 804 31.03 -63.12 6.99
CA GLU E 804 31.90 -63.55 8.08
C GLU E 804 31.45 -64.89 8.63
N ALA E 805 30.13 -65.09 8.78
CA ALA E 805 29.64 -66.42 9.12
C ALA E 805 30.08 -67.43 8.08
N CYS E 806 29.76 -67.17 6.82
CA CYS E 806 30.23 -68.01 5.71
C CYS E 806 31.74 -67.97 5.57
N SER E 807 32.41 -67.09 6.33
CA SER E 807 33.86 -66.98 6.31
C SER E 807 34.35 -66.64 4.91
N LEU E 808 33.48 -65.97 4.16
CA LEU E 808 33.74 -65.60 2.79
C LEU E 808 34.85 -64.57 2.64
N GLN E 809 35.34 -64.00 3.75
CA GLN E 809 36.30 -62.90 3.67
C GLN E 809 37.46 -63.20 2.73
N PRO E 810 38.22 -64.28 2.93
CA PRO E 810 39.20 -64.66 1.90
C PRO E 810 38.54 -65.11 0.61
N ASP E 811 37.45 -65.89 0.71
CA ASP E 811 36.71 -66.31 -0.47
C ASP E 811 36.21 -65.14 -1.29
N ILE E 812 35.52 -64.17 -0.68
CA ILE E 812 35.08 -62.98 -1.39
C ILE E 812 36.22 -62.00 -1.65
N ASP E 813 37.42 -62.27 -1.11
CA ASP E 813 38.60 -61.49 -1.47
C ASP E 813 39.35 -62.12 -2.64
N ILE E 814 39.01 -63.35 -3.02
CA ILE E 814 39.72 -64.00 -4.11
C ILE E 814 39.30 -63.41 -5.45
N LEU E 815 37.99 -63.29 -5.67
CA LEU E 815 37.49 -62.64 -6.87
C LEU E 815 37.92 -61.17 -6.89
N PRO E 816 38.36 -60.66 -8.04
CA PRO E 816 39.19 -59.43 -8.02
C PRO E 816 38.52 -58.22 -7.38
N HIS E 817 37.29 -57.91 -7.75
CA HIS E 817 36.68 -56.71 -7.20
C HIS E 817 35.89 -56.99 -5.91
N GLY E 818 35.63 -58.25 -5.60
CA GLY E 818 34.90 -58.58 -4.38
C GLY E 818 33.45 -58.17 -4.32
N ASP E 819 33.09 -57.33 -3.34
CA ASP E 819 31.72 -56.98 -3.03
C ASP E 819 30.89 -56.63 -4.26
N GLN E 820 31.27 -55.56 -4.96
CA GLN E 820 30.53 -55.14 -6.13
C GLN E 820 30.98 -55.88 -7.40
N THR E 821 31.89 -56.82 -7.29
CA THR E 821 32.34 -57.57 -8.46
C THR E 821 31.17 -58.30 -9.10
N GLN E 822 31.25 -58.47 -10.42
CA GLN E 822 30.22 -59.20 -11.13
C GLN E 822 30.14 -60.62 -10.60
N ILE E 823 28.93 -61.08 -10.30
CA ILE E 823 28.68 -62.44 -9.87
C ILE E 823 27.45 -62.95 -10.61
N GLY E 824 27.62 -64.00 -11.40
CA GLY E 824 26.49 -64.60 -12.07
C GLY E 824 26.88 -65.33 -13.33
N GLU E 825 25.88 -65.49 -14.20
CA GLU E 825 26.03 -66.34 -15.38
C GLU E 825 27.12 -65.85 -16.32
N ARG E 826 26.97 -64.65 -16.87
CA ARG E 826 27.98 -64.09 -17.74
C ARG E 826 29.16 -63.65 -16.89
N GLY E 827 30.32 -64.23 -17.14
CA GLY E 827 31.46 -63.93 -16.31
C GLY E 827 31.32 -64.49 -14.91
N ILE E 828 32.32 -64.19 -14.09
CA ILE E 828 32.36 -64.61 -12.69
C ILE E 828 32.34 -66.13 -12.59
N ASN E 829 33.43 -66.77 -13.00
CA ASN E 829 33.56 -68.21 -12.78
C ASN E 829 33.77 -68.50 -11.30
N LEU E 830 32.89 -69.32 -10.73
CA LEU E 830 32.82 -69.50 -9.29
C LEU E 830 33.08 -70.96 -8.94
N SER E 831 33.81 -71.16 -7.85
CA SER E 831 34.16 -72.49 -7.36
C SER E 831 32.92 -73.22 -6.90
N GLY E 832 32.89 -74.54 -7.12
CA GLY E 832 31.74 -75.33 -6.71
C GLY E 832 31.39 -75.17 -5.24
N GLY E 833 32.35 -75.37 -4.35
CA GLY E 833 32.09 -75.15 -2.94
C GLY E 833 31.72 -73.70 -2.66
N GLN E 834 32.14 -72.80 -3.54
CA GLN E 834 31.72 -71.41 -3.42
C GLN E 834 30.26 -71.24 -3.81
N ARG E 835 29.79 -72.03 -4.79
CA ARG E 835 28.39 -72.01 -5.13
C ARG E 835 27.54 -72.52 -3.98
N GLN E 836 27.88 -73.69 -3.47
CA GLN E 836 27.23 -74.16 -2.25
C GLN E 836 27.38 -73.12 -1.15
N ARG E 837 28.41 -72.28 -1.25
CA ARG E 837 28.71 -71.34 -0.18
C ARG E 837 27.76 -70.14 -0.21
N ILE E 838 27.95 -69.24 -1.17
CA ILE E 838 27.07 -68.10 -1.30
C ILE E 838 25.63 -68.53 -1.50
N SER E 839 25.42 -69.70 -2.08
CA SER E 839 24.09 -70.31 -2.11
C SER E 839 23.60 -70.58 -0.70
N VAL E 840 24.50 -71.03 0.16
CA VAL E 840 24.10 -71.44 1.51
C VAL E 840 23.77 -70.23 2.36
N ALA E 841 24.74 -69.33 2.56
CA ALA E 841 24.45 -68.13 3.33
C ALA E 841 23.30 -67.36 2.71
N ARG E 842 23.33 -67.18 1.39
CA ARG E 842 22.24 -66.52 0.67
C ARG E 842 20.91 -67.18 1.00
N ALA E 843 20.94 -68.49 1.17
CA ALA E 843 19.74 -69.15 1.67
C ALA E 843 19.39 -68.65 3.06
N LEU E 844 20.33 -68.68 4.00
CA LEU E 844 20.04 -68.29 5.38
C LEU E 844 20.20 -66.81 5.64
N TYR E 845 20.61 -66.03 4.63
CA TYR E 845 20.77 -64.60 4.83
C TYR E 845 19.44 -63.88 4.97
N GLN E 846 18.37 -64.47 4.44
CA GLN E 846 17.04 -63.88 4.54
C GLN E 846 16.55 -63.76 5.98
N GLN E 847 17.09 -64.58 6.89
CA GLN E 847 16.68 -64.57 8.29
C GLN E 847 15.16 -64.71 8.39
N THR E 848 14.67 -65.86 7.96
CA THR E 848 13.27 -66.20 8.08
C THR E 848 13.17 -67.56 8.76
N ASN E 849 11.96 -67.90 9.18
CA ASN E 849 11.71 -69.10 9.96
C ASN E 849 12.33 -70.36 9.36
N VAL E 850 11.91 -70.76 8.17
CA VAL E 850 12.22 -72.07 7.62
C VAL E 850 13.46 -71.98 6.72
N VAL E 851 14.31 -73.01 6.76
CA VAL E 851 15.52 -73.11 5.96
C VAL E 851 15.82 -74.59 5.69
N PHE E 852 16.47 -74.86 4.56
CA PHE E 852 16.81 -76.23 4.16
C PHE E 852 18.13 -76.26 3.38
N LEU E 853 18.90 -77.32 3.59
CA LEU E 853 20.24 -77.47 3.03
C LEU E 853 20.31 -78.71 2.15
N ASP E 854 21.32 -78.77 1.30
CA ASP E 854 21.64 -79.95 0.49
C ASP E 854 23.16 -80.11 0.35
N ASP E 855 23.62 -81.39 0.46
CA ASP E 855 25.00 -81.84 0.29
C ASP E 855 26.02 -80.83 0.80
N PRO E 856 26.03 -80.56 2.11
CA PRO E 856 26.82 -79.41 2.61
C PRO E 856 28.31 -79.52 2.36
N PHE E 857 28.87 -80.72 2.47
CA PHE E 857 30.28 -80.94 2.22
C PHE E 857 30.57 -81.38 0.80
N SER E 858 29.57 -81.37 -0.09
CA SER E 858 29.78 -81.87 -1.44
C SER E 858 30.93 -81.15 -2.10
N ALA E 859 31.94 -81.93 -2.48
CA ALA E 859 33.20 -81.38 -3.00
C ALA E 859 33.71 -80.23 -2.13
N LEU E 860 33.65 -80.42 -0.81
CA LEU E 860 34.12 -79.41 0.14
C LEU E 860 35.28 -79.98 0.95
N ASP E 861 35.80 -79.16 1.88
CA ASP E 861 37.05 -79.43 2.56
C ASP E 861 36.84 -79.53 4.06
N VAL E 862 37.84 -80.11 4.72
CA VAL E 862 37.80 -80.27 6.18
C VAL E 862 37.71 -78.91 6.85
N HIS E 863 38.55 -77.97 6.42
CA HIS E 863 38.47 -76.60 6.91
C HIS E 863 37.08 -76.03 6.68
N LEU E 864 36.50 -76.33 5.52
CA LEU E 864 35.12 -75.93 5.28
C LEU E 864 34.12 -76.93 5.84
N SER E 865 34.59 -78.00 6.46
CA SER E 865 33.68 -78.90 7.16
C SER E 865 33.46 -78.42 8.59
N ASP E 866 34.53 -78.38 9.39
CA ASP E 866 34.43 -77.75 10.70
C ASP E 866 34.01 -76.29 10.56
N HIS E 867 34.51 -75.60 9.54
CA HIS E 867 34.00 -74.27 9.19
C HIS E 867 32.53 -74.32 8.83
N LEU E 868 32.12 -75.36 8.11
CA LEU E 868 30.71 -75.64 7.89
C LEU E 868 29.98 -76.00 9.17
N MET E 869 30.69 -76.45 10.21
CA MET E 869 30.14 -76.49 11.56
C MET E 869 30.23 -75.13 12.25
N GLN E 870 31.22 -74.31 11.89
CA GLN E 870 31.37 -73.00 12.51
C GLN E 870 30.31 -72.01 12.01
N ALA E 871 30.01 -72.02 10.72
CA ALA E 871 28.84 -71.29 10.25
C ALA E 871 27.55 -72.08 10.37
N GLY E 872 27.56 -73.36 10.00
CA GLY E 872 26.35 -74.14 9.82
C GLY E 872 25.52 -74.31 11.06
N ILE E 873 26.15 -74.70 12.16
CA ILE E 873 25.43 -74.72 13.42
C ILE E 873 26.17 -73.79 14.36
N LEU E 874 27.27 -74.28 14.91
CA LEU E 874 28.01 -73.57 15.94
C LEU E 874 27.03 -73.03 16.97
N GLU E 875 27.26 -71.79 17.39
CA GLU E 875 26.24 -71.05 18.12
C GLU E 875 25.52 -70.05 17.21
N LEU E 876 25.83 -70.06 15.91
CA LEU E 876 25.49 -68.95 15.04
C LEU E 876 23.98 -68.87 14.80
N LEU E 877 23.58 -67.86 14.01
CA LEU E 877 22.18 -67.69 13.65
C LEU E 877 21.65 -68.87 12.85
N ARG E 878 22.57 -69.66 12.32
CA ARG E 878 22.17 -70.93 11.73
C ARG E 878 21.59 -71.87 12.77
N ASP E 879 21.71 -71.50 14.04
CA ASP E 879 21.28 -72.31 15.16
C ASP E 879 20.48 -71.47 16.14
N ASP E 880 20.19 -72.08 17.29
CA ASP E 880 19.44 -71.44 18.38
C ASP E 880 18.02 -71.17 17.92
N LYS E 881 17.50 -69.94 18.02
CA LYS E 881 16.06 -69.72 18.01
C LYS E 881 15.44 -69.96 16.65
N ARG E 882 16.18 -69.70 15.57
CA ARG E 882 15.62 -69.89 14.23
C ARG E 882 15.55 -71.36 13.88
N THR E 883 14.41 -71.77 13.35
CA THR E 883 14.22 -73.16 12.93
C THR E 883 15.00 -73.44 11.66
N VAL E 884 15.33 -74.73 11.44
CA VAL E 884 16.28 -75.11 10.39
C VAL E 884 16.02 -76.55 9.95
N VAL E 885 16.64 -76.92 8.83
CA VAL E 885 16.73 -78.31 8.36
C VAL E 885 17.99 -78.42 7.52
N LEU E 886 18.46 -79.64 7.28
CA LEU E 886 19.71 -79.86 6.54
C LEU E 886 19.90 -81.36 6.31
N VAL E 887 20.75 -81.69 5.33
CA VAL E 887 21.05 -83.06 4.94
C VAL E 887 22.53 -83.19 4.62
N THR E 888 23.21 -84.07 5.34
CA THR E 888 24.65 -84.20 5.22
C THR E 888 25.03 -85.32 4.27
N HIS E 889 26.35 -85.53 4.12
CA HIS E 889 26.91 -86.61 3.29
C HIS E 889 27.89 -87.43 4.12
N LYS E 890 28.97 -86.80 4.55
CA LYS E 890 29.92 -87.46 5.44
C LYS E 890 29.23 -87.84 6.74
N LEU E 891 29.46 -89.07 7.19
CA LEU E 891 28.79 -89.60 8.36
C LEU E 891 29.49 -89.26 9.67
N GLN E 892 30.71 -88.72 9.61
CA GLN E 892 31.45 -88.46 10.84
C GLN E 892 30.89 -87.27 11.61
N TYR E 893 30.68 -86.13 10.94
CA TYR E 893 30.24 -84.91 11.60
C TYR E 893 28.81 -85.02 12.14
N LEU E 894 28.12 -86.11 11.85
CA LEU E 894 26.73 -86.27 12.26
C LEU E 894 26.48 -86.03 13.74
N PRO E 895 27.41 -86.33 14.64
CA PRO E 895 27.10 -86.24 16.08
C PRO E 895 26.58 -84.89 16.54
N HIS E 896 26.98 -83.81 15.87
CA HIS E 896 26.51 -82.49 16.26
C HIS E 896 25.01 -82.32 16.06
N ALA E 897 24.36 -83.29 15.41
CA ALA E 897 22.93 -83.19 15.15
C ALA E 897 22.14 -83.58 16.39
N ASP E 898 21.28 -82.66 16.85
CA ASP E 898 20.30 -83.00 17.87
C ASP E 898 19.43 -84.17 17.43
N TRP E 899 18.77 -84.02 16.28
CA TRP E 899 17.88 -85.05 15.78
C TRP E 899 18.44 -85.59 14.48
N ILE E 900 18.09 -86.84 14.17
CA ILE E 900 18.58 -87.54 13.00
C ILE E 900 17.44 -88.38 12.42
N ILE E 901 17.49 -88.58 11.10
CA ILE E 901 16.56 -89.47 10.43
C ILE E 901 17.21 -89.98 9.16
N ALA E 902 16.86 -91.20 8.76
CA ALA E 902 17.47 -91.87 7.62
C ALA E 902 16.36 -92.35 6.70
N MET E 903 16.75 -92.77 5.50
CA MET E 903 15.77 -93.14 4.47
C MET E 903 16.07 -94.53 3.93
N LYS E 904 15.02 -95.34 3.81
CA LYS E 904 15.12 -96.67 3.20
C LYS E 904 14.02 -96.82 2.17
N ASP E 905 14.44 -97.01 0.92
CA ASP E 905 13.51 -97.08 -0.20
C ASP E 905 12.64 -95.84 -0.20
N GLY E 906 11.34 -96.01 -0.02
CA GLY E 906 10.45 -94.88 0.12
C GLY E 906 10.09 -94.45 1.52
N THR E 907 10.25 -95.31 2.52
CA THR E 907 9.75 -95.04 3.87
C THR E 907 10.91 -94.80 4.82
N ILE E 908 10.64 -93.99 5.84
CA ILE E 908 11.62 -93.74 6.89
C ILE E 908 11.92 -95.06 7.58
N GLN E 909 13.22 -95.38 7.68
CA GLN E 909 13.61 -96.60 8.37
C GLN E 909 13.31 -96.52 9.85
N ARG E 910 13.52 -95.35 10.45
CA ARG E 910 13.22 -95.15 11.86
C ARG E 910 13.02 -93.67 12.12
N GLU E 911 12.33 -93.37 13.21
CA GLU E 911 12.09 -92.00 13.65
C GLU E 911 12.45 -91.88 15.12
N GLY E 912 13.45 -91.07 15.40
CA GLY E 912 13.96 -90.95 16.76
C GLY E 912 15.40 -90.49 16.74
N THR E 913 16.09 -90.84 17.82
CA THR E 913 17.46 -90.39 18.04
C THR E 913 18.44 -91.47 17.60
N LEU E 914 19.74 -91.22 17.79
CA LEU E 914 20.75 -92.16 17.36
C LEU E 914 20.87 -93.36 18.31
N LYS E 915 20.18 -93.33 19.44
CA LYS E 915 20.31 -94.41 20.43
C LYS E 915 19.44 -95.60 20.00
N ASP E 916 18.13 -95.40 19.92
CA ASP E 916 17.24 -96.51 19.60
C ASP E 916 17.60 -97.18 18.28
N PHE E 917 18.06 -96.41 17.29
CA PHE E 917 18.43 -97.02 16.00
C PHE E 917 19.77 -97.73 16.11
N GLN E 918 20.69 -97.20 16.90
CA GLN E 918 21.86 -97.98 17.27
C GLN E 918 21.43 -99.30 17.87
N ARG E 919 20.37 -99.25 18.68
CA ARG E 919 19.73 -100.46 19.19
C ARG E 919 19.01 -101.21 18.08
N SER E 920 18.75 -100.55 16.95
CA SER E 920 18.22 -101.24 15.78
C SER E 920 19.31 -101.79 14.89
N GLU E 921 20.57 -101.73 15.33
CA GLU E 921 21.71 -102.24 14.57
C GLU E 921 21.74 -101.59 13.19
N CYS E 922 21.35 -100.32 13.19
CA CYS E 922 20.90 -99.62 11.99
C CYS E 922 21.91 -98.56 11.60
N GLN E 923 21.57 -97.70 10.64
CA GLN E 923 22.50 -96.73 10.09
C GLN E 923 23.27 -96.01 11.20
N LEU E 924 22.59 -95.64 12.28
CA LEU E 924 23.32 -95.13 13.44
C LEU E 924 24.26 -96.20 14.01
N PHE E 925 23.80 -97.44 14.14
CA PHE E 925 24.74 -98.49 14.54
C PHE E 925 25.61 -98.91 13.37
N GLU E 926 25.24 -98.51 12.15
CA GLU E 926 26.02 -98.91 10.98
C GLU E 926 27.29 -98.09 10.87
N HIS E 927 27.17 -96.76 10.94
CA HIS E 927 28.36 -95.93 10.95
C HIS E 927 29.26 -96.29 12.12
N TRP E 928 28.70 -97.01 13.10
CA TRP E 928 29.52 -97.66 14.10
C TRP E 928 30.20 -98.90 13.54
N LYS E 929 29.42 -99.90 13.09
CA LYS E 929 29.97 -101.09 12.47
C LYS E 929 30.85 -100.79 11.26
N THR E 930 30.25 -100.39 10.14
CA THR E 930 31.00 -99.99 8.95
C THR E 930 30.97 -98.47 8.86
N LEU E 931 32.11 -97.83 9.09
CA LEU E 931 32.17 -96.37 9.12
C LEU E 931 32.28 -95.75 7.73
N TRP E 998 33.69 -42.41 -41.33
CA TRP E 998 34.21 -42.26 -42.69
C TRP E 998 35.49 -43.02 -42.85
N ARG E 999 36.01 -43.55 -41.74
CA ARG E 999 37.32 -44.18 -41.74
C ARG E 999 37.32 -45.52 -42.45
N ALA E 1000 36.19 -46.24 -42.40
CA ALA E 1000 36.12 -47.59 -42.97
C ALA E 1000 36.16 -47.57 -44.48
N CYS E 1001 35.48 -46.63 -45.12
CA CYS E 1001 35.70 -46.42 -46.54
C CYS E 1001 37.18 -46.27 -46.82
N THR E 1002 37.85 -45.43 -46.04
CA THR E 1002 39.29 -45.29 -46.17
C THR E 1002 40.00 -46.56 -45.72
N LYS E 1003 39.36 -47.33 -44.83
CA LYS E 1003 40.00 -48.53 -44.29
C LYS E 1003 39.41 -49.82 -44.84
N TYR E 1004 38.19 -50.16 -44.43
CA TYR E 1004 37.56 -51.40 -44.88
C TYR E 1004 37.47 -51.42 -46.39
N LEU E 1005 36.75 -50.48 -46.99
CA LEU E 1005 36.62 -50.47 -48.44
C LEU E 1005 37.97 -50.42 -49.13
N SER E 1006 39.03 -50.13 -48.39
CA SER E 1006 40.36 -50.30 -48.96
C SER E 1006 40.71 -51.76 -49.15
N SER E 1007 39.85 -52.70 -48.75
CA SER E 1007 40.10 -54.13 -48.88
C SER E 1007 40.19 -54.62 -50.32
N ALA E 1008 39.93 -53.77 -51.31
CA ALA E 1008 39.90 -54.22 -52.69
C ALA E 1008 40.37 -53.11 -53.62
N GLY E 1009 40.13 -53.34 -54.91
CA GLY E 1009 40.48 -52.46 -56.01
C GLY E 1009 39.41 -51.45 -56.29
N ILE E 1010 38.72 -51.01 -55.23
CA ILE E 1010 37.32 -50.61 -55.20
C ILE E 1010 36.88 -49.74 -56.37
N LEU E 1011 37.79 -48.92 -56.91
CA LEU E 1011 37.44 -48.14 -58.10
C LEU E 1011 36.98 -49.04 -59.24
N LEU E 1012 37.45 -50.29 -59.29
CA LEU E 1012 37.02 -51.23 -60.32
C LEU E 1012 35.52 -51.51 -60.21
N LEU E 1013 34.99 -51.45 -58.99
CA LEU E 1013 33.55 -51.56 -58.78
C LEU E 1013 32.82 -50.26 -59.06
N SER E 1014 33.53 -49.13 -59.04
CA SER E 1014 32.91 -47.85 -59.29
C SER E 1014 32.23 -47.80 -60.67
N LEU E 1015 33.05 -47.73 -61.71
CA LEU E 1015 32.55 -47.43 -63.05
C LEU E 1015 31.47 -48.40 -63.51
N LEU E 1016 31.67 -49.69 -63.25
CA LEU E 1016 30.68 -50.68 -63.67
C LEU E 1016 29.32 -50.37 -63.06
N VAL E 1017 29.27 -50.07 -61.77
CA VAL E 1017 28.00 -49.71 -61.16
C VAL E 1017 27.44 -48.49 -61.87
N PHE E 1018 28.31 -47.54 -62.23
CA PHE E 1018 27.88 -46.38 -63.00
C PHE E 1018 27.42 -46.80 -64.38
N SER E 1019 28.08 -47.81 -64.95
CA SER E 1019 27.61 -48.37 -66.21
C SER E 1019 26.21 -48.92 -66.08
N GLN E 1020 25.76 -49.16 -64.84
CA GLN E 1020 24.36 -49.43 -64.59
C GLN E 1020 23.54 -48.14 -64.67
N LEU E 1021 23.94 -47.13 -63.91
CA LEU E 1021 23.11 -45.93 -63.73
C LEU E 1021 22.79 -45.29 -65.06
N LEU E 1022 23.82 -44.88 -65.81
CA LEU E 1022 23.58 -44.33 -67.14
C LEU E 1022 22.69 -45.23 -67.97
N LYS E 1023 22.95 -46.54 -67.91
CA LYS E 1023 22.14 -47.51 -68.64
C LYS E 1023 20.66 -47.28 -68.38
N HIS E 1024 20.28 -47.18 -67.10
CA HIS E 1024 18.88 -46.92 -66.81
C HIS E 1024 18.45 -45.57 -67.36
N MET E 1025 19.21 -44.51 -67.05
CA MET E 1025 18.78 -43.16 -67.38
C MET E 1025 18.57 -43.01 -68.88
N VAL E 1026 19.59 -43.34 -69.67
CA VAL E 1026 19.46 -43.30 -71.12
C VAL E 1026 18.31 -44.17 -71.57
N LEU E 1027 18.14 -45.34 -70.95
CA LEU E 1027 17.06 -46.23 -71.32
C LEU E 1027 15.73 -45.50 -71.30
N VAL E 1028 15.56 -44.61 -70.32
CA VAL E 1028 14.34 -43.80 -70.28
C VAL E 1028 14.41 -42.71 -71.35
N ALA E 1029 15.54 -42.00 -71.42
CA ALA E 1029 15.68 -40.81 -72.26
C ALA E 1029 15.25 -41.04 -73.69
N ILE E 1030 15.74 -42.12 -74.30
CA ILE E 1030 15.33 -42.45 -75.67
C ILE E 1030 13.93 -42.99 -75.70
N ASP E 1031 13.54 -43.80 -74.72
CA ASP E 1031 12.12 -44.06 -74.51
C ASP E 1031 11.39 -42.77 -74.23
N TYR E 1032 12.11 -41.78 -73.69
CA TYR E 1032 11.54 -40.45 -73.53
C TYR E 1032 11.51 -39.70 -74.85
N TRP E 1033 12.38 -40.07 -75.78
CA TRP E 1033 12.44 -39.38 -77.08
C TRP E 1033 11.88 -40.27 -78.19
N LEU E 1034 12.64 -41.29 -78.60
CA LEU E 1034 12.29 -42.11 -79.75
C LEU E 1034 10.85 -42.59 -79.68
N ALA E 1035 10.40 -42.99 -78.50
CA ALA E 1035 8.99 -43.35 -78.38
C ALA E 1035 8.10 -42.12 -78.48
N LYS E 1036 8.34 -41.14 -77.60
CA LYS E 1036 7.52 -39.93 -77.60
C LYS E 1036 7.69 -39.15 -78.89
N TRP E 1037 8.87 -39.18 -79.51
CA TRP E 1037 9.04 -38.57 -80.81
C TRP E 1037 8.22 -39.25 -81.89
N THR E 1038 8.03 -40.58 -81.79
CA THR E 1038 7.06 -41.24 -82.63
C THR E 1038 5.63 -40.82 -82.28
N ASP E 1039 5.32 -40.75 -80.98
CA ASP E 1039 4.07 -40.12 -80.55
C ASP E 1039 3.93 -38.73 -81.13
N SER E 1040 5.04 -38.06 -81.42
CA SER E 1040 5.05 -36.80 -82.14
C SER E 1040 5.32 -37.05 -83.62
N LEU E 1059 8.94 -46.20 -90.42
CA LEU E 1059 9.87 -47.22 -89.95
C LEU E 1059 10.40 -46.84 -88.58
N ASP E 1060 9.86 -45.78 -88.00
CA ASP E 1060 10.33 -45.34 -86.69
C ASP E 1060 10.01 -46.33 -85.59
N GLN E 1061 9.01 -47.19 -85.77
CA GLN E 1061 8.74 -48.23 -84.79
C GLN E 1061 9.96 -49.11 -84.58
N SER E 1062 10.71 -49.34 -85.66
CA SER E 1062 11.97 -50.06 -85.55
C SER E 1062 13.03 -49.25 -84.83
N VAL E 1063 13.00 -47.92 -84.90
CA VAL E 1063 13.88 -47.11 -84.07
C VAL E 1063 13.52 -47.33 -82.60
N TYR E 1064 12.22 -47.34 -82.30
CA TYR E 1064 11.77 -47.74 -80.97
C TYR E 1064 12.26 -49.13 -80.61
N ALA E 1065 12.45 -50.00 -81.60
CA ALA E 1065 13.05 -51.30 -81.31
C ALA E 1065 14.54 -51.17 -81.04
N MET E 1066 15.21 -50.23 -81.70
CA MET E 1066 16.61 -49.97 -81.41
C MET E 1066 16.78 -49.58 -79.95
N VAL E 1067 15.99 -48.61 -79.48
CA VAL E 1067 16.03 -48.18 -78.09
C VAL E 1067 15.75 -49.38 -77.20
N PHE E 1068 14.85 -50.26 -77.63
CA PHE E 1068 14.57 -51.48 -76.88
C PHE E 1068 15.82 -52.35 -76.77
N THR E 1069 16.61 -52.40 -77.84
CA THR E 1069 17.82 -53.21 -77.84
C THR E 1069 18.85 -52.64 -76.87
N LEU E 1070 19.19 -51.37 -77.02
CA LEU E 1070 20.19 -50.77 -76.15
C LEU E 1070 19.75 -50.84 -74.70
N LEU E 1071 18.46 -50.66 -74.46
CA LEU E 1071 17.93 -50.80 -73.11
C LEU E 1071 18.12 -52.23 -72.61
N CYS E 1072 17.85 -53.22 -73.46
CA CYS E 1072 17.93 -54.62 -73.03
C CYS E 1072 19.35 -55.01 -72.66
N SER E 1073 20.29 -54.86 -73.61
CA SER E 1073 21.67 -55.27 -73.35
C SER E 1073 22.31 -54.41 -72.26
N LEU E 1074 21.89 -53.15 -72.16
CA LEU E 1074 22.39 -52.31 -71.08
C LEU E 1074 21.89 -52.80 -69.73
N GLY E 1075 20.64 -53.25 -69.66
CA GLY E 1075 20.11 -53.78 -68.42
C GLY E 1075 20.71 -55.11 -68.05
N ILE E 1076 21.12 -55.90 -69.06
CA ILE E 1076 21.76 -57.18 -68.77
C ILE E 1076 23.20 -56.97 -68.33
N VAL E 1077 23.90 -56.04 -68.99
CA VAL E 1077 25.28 -55.74 -68.61
C VAL E 1077 25.33 -55.15 -67.21
N LEU E 1078 24.51 -54.12 -66.97
CA LEU E 1078 24.34 -53.60 -65.63
C LEU E 1078 23.94 -54.71 -64.65
N CYS E 1079 23.09 -55.63 -65.12
CA CYS E 1079 22.58 -56.69 -64.26
C CYS E 1079 23.72 -57.56 -63.73
N LEU E 1080 24.52 -58.12 -64.63
CA LEU E 1080 25.64 -58.95 -64.19
C LEU E 1080 26.64 -58.14 -63.39
N VAL E 1081 27.07 -57.00 -63.94
CA VAL E 1081 28.15 -56.22 -63.32
C VAL E 1081 27.79 -55.87 -61.89
N THR E 1082 26.53 -55.50 -61.68
CA THR E 1082 26.06 -55.15 -60.34
C THR E 1082 26.26 -56.29 -59.37
N SER E 1083 25.52 -57.39 -59.55
CA SER E 1083 25.54 -58.47 -58.56
C SER E 1083 26.93 -59.06 -58.42
N VAL E 1084 27.51 -59.54 -59.53
CA VAL E 1084 28.82 -60.18 -59.44
C VAL E 1084 29.82 -59.23 -58.80
N THR E 1085 29.74 -57.94 -59.15
CA THR E 1085 30.57 -56.96 -58.48
C THR E 1085 30.35 -56.99 -56.98
N VAL E 1086 29.09 -57.10 -56.56
CA VAL E 1086 28.77 -57.06 -55.13
C VAL E 1086 29.36 -58.25 -54.39
N GLU E 1087 28.99 -59.47 -54.82
CA GLU E 1087 29.46 -60.66 -54.11
C GLU E 1087 30.97 -60.77 -54.17
N TRP E 1088 31.56 -60.40 -55.31
CA TRP E 1088 33.02 -60.38 -55.41
C TRP E 1088 33.63 -59.45 -54.38
N THR E 1089 33.10 -58.23 -54.29
CA THR E 1089 33.59 -57.28 -53.29
C THR E 1089 33.51 -57.86 -51.89
N GLY E 1090 32.32 -58.33 -51.49
CA GLY E 1090 32.14 -58.84 -50.15
C GLY E 1090 33.07 -60.00 -49.83
N LEU E 1091 33.02 -61.06 -50.64
CA LEU E 1091 33.91 -62.19 -50.41
C LEU E 1091 35.35 -61.73 -50.31
N LYS E 1092 35.78 -60.86 -51.22
CA LYS E 1092 37.17 -60.39 -51.20
C LYS E 1092 37.51 -59.78 -49.85
N VAL E 1093 36.77 -58.75 -49.45
CA VAL E 1093 37.08 -58.10 -48.17
C VAL E 1093 37.03 -59.11 -47.03
N ALA E 1094 36.18 -60.12 -47.15
CA ALA E 1094 36.08 -61.13 -46.09
C ALA E 1094 37.38 -61.90 -45.94
N LYS E 1095 37.83 -62.56 -47.02
CA LYS E 1095 39.02 -63.40 -46.91
C LYS E 1095 40.23 -62.56 -46.58
N ARG E 1096 40.29 -61.32 -47.08
CA ARG E 1096 41.33 -60.40 -46.65
C ARG E 1096 41.27 -60.21 -45.13
N LEU E 1097 40.18 -59.63 -44.64
CA LEU E 1097 40.04 -59.16 -43.27
C LEU E 1097 40.19 -60.26 -42.23
N HIS E 1098 39.35 -61.31 -42.28
CA HIS E 1098 39.38 -62.33 -41.23
C HIS E 1098 40.79 -62.87 -41.05
N ARG E 1099 41.38 -63.34 -42.13
CA ARG E 1099 42.75 -63.80 -42.18
C ARG E 1099 43.70 -62.78 -41.56
N SER E 1100 43.75 -61.57 -42.13
CA SER E 1100 44.72 -60.58 -41.67
C SER E 1100 44.59 -60.29 -40.18
N LEU E 1101 43.42 -59.82 -39.75
CA LEU E 1101 43.19 -59.45 -38.36
C LEU E 1101 43.49 -60.61 -37.43
N LEU E 1102 42.74 -61.70 -37.57
CA LEU E 1102 42.96 -62.85 -36.71
C LEU E 1102 44.43 -63.24 -36.65
N ASN E 1103 45.08 -63.32 -37.81
CA ASN E 1103 46.46 -63.78 -37.86
C ASN E 1103 47.38 -62.85 -37.08
N ARG E 1104 47.43 -61.56 -37.46
CA ARG E 1104 48.29 -60.62 -36.77
C ARG E 1104 47.98 -60.55 -35.28
N ILE E 1105 46.75 -60.85 -34.89
CA ILE E 1105 46.33 -60.80 -33.50
C ILE E 1105 46.91 -61.99 -32.75
N ILE E 1106 46.78 -63.18 -33.35
CA ILE E 1106 47.07 -64.43 -32.63
C ILE E 1106 48.45 -64.38 -32.00
N LEU E 1107 49.48 -64.19 -32.81
CA LEU E 1107 50.84 -64.07 -32.30
C LEU E 1107 50.96 -62.68 -31.68
N ALA E 1108 51.29 -62.64 -30.40
CA ALA E 1108 51.32 -61.39 -29.66
C ALA E 1108 51.80 -61.63 -28.24
N PRO E 1109 52.18 -60.59 -27.52
CA PRO E 1109 52.52 -60.75 -26.10
C PRO E 1109 51.26 -60.97 -25.28
N MET E 1110 51.40 -61.06 -23.95
CA MET E 1110 50.24 -61.03 -23.08
C MET E 1110 50.27 -59.72 -22.30
N ARG E 1111 49.45 -58.77 -22.74
CA ARG E 1111 49.04 -57.61 -21.98
C ARG E 1111 47.54 -57.45 -22.18
N PHE E 1112 47.16 -57.14 -23.42
CA PHE E 1112 45.75 -57.06 -23.79
C PHE E 1112 45.08 -58.42 -23.79
N PHE E 1113 45.86 -59.48 -24.05
CA PHE E 1113 45.32 -60.83 -23.91
C PHE E 1113 44.80 -61.05 -22.50
N GLU E 1114 45.45 -60.46 -21.50
CA GLU E 1114 44.98 -60.47 -20.13
C GLU E 1114 44.26 -59.19 -19.72
N THR E 1115 44.24 -58.16 -20.57
CA THR E 1115 43.60 -56.92 -20.18
C THR E 1115 42.09 -56.88 -20.43
N THR E 1116 41.61 -57.39 -21.56
CA THR E 1116 40.31 -57.00 -22.10
C THR E 1116 39.42 -58.23 -22.21
N PRO E 1117 38.59 -58.47 -21.19
CA PRO E 1117 38.11 -59.83 -20.93
C PRO E 1117 37.27 -60.47 -22.03
N LEU E 1118 37.92 -60.83 -23.14
CA LEU E 1118 37.34 -61.67 -24.19
C LEU E 1118 36.22 -60.99 -24.95
N GLY E 1119 35.78 -59.83 -24.48
CA GLY E 1119 34.85 -59.05 -25.24
C GLY E 1119 35.50 -58.20 -26.30
N SER E 1120 36.83 -58.26 -26.42
CA SER E 1120 37.57 -57.46 -27.38
C SER E 1120 37.88 -58.23 -28.66
N ILE E 1121 37.49 -59.50 -28.72
CA ILE E 1121 37.86 -60.40 -29.82
C ILE E 1121 36.60 -61.03 -30.38
N LEU E 1122 35.85 -61.73 -29.53
CA LEU E 1122 34.64 -62.43 -29.95
C LEU E 1122 33.66 -61.53 -30.69
N ASN E 1123 33.77 -60.21 -30.54
CA ASN E 1123 32.78 -59.30 -31.10
C ASN E 1123 32.77 -59.28 -32.61
N ARG E 1124 33.91 -58.98 -33.24
CA ARG E 1124 33.93 -58.81 -34.69
C ARG E 1124 33.52 -60.08 -35.42
N PHE E 1125 34.18 -61.20 -35.10
CA PHE E 1125 33.88 -62.46 -35.77
C PHE E 1125 32.41 -62.83 -35.63
N SER E 1126 31.89 -62.75 -34.41
CA SER E 1126 30.45 -62.90 -34.22
C SER E 1126 29.70 -61.84 -35.01
N SER E 1127 29.88 -60.56 -34.66
CA SER E 1127 29.07 -59.51 -35.25
C SER E 1127 29.49 -59.13 -36.66
N ASP E 1128 30.65 -58.50 -36.80
CA ASP E 1128 31.00 -57.83 -38.05
C ASP E 1128 31.34 -58.79 -39.17
N CYS E 1129 31.58 -60.07 -38.86
CA CYS E 1129 31.96 -61.02 -39.90
C CYS E 1129 30.72 -61.57 -40.60
N ASN E 1130 29.92 -62.35 -39.86
CA ASN E 1130 28.67 -62.87 -40.44
C ASN E 1130 27.69 -61.74 -40.73
N THR E 1131 27.69 -60.69 -39.90
CA THR E 1131 26.88 -59.52 -40.18
C THR E 1131 27.55 -58.64 -41.23
N ILE E 1132 28.83 -58.88 -41.49
CA ILE E 1132 29.47 -58.23 -42.64
C ILE E 1132 28.95 -58.87 -43.92
N ASP E 1133 29.00 -60.20 -43.99
CA ASP E 1133 28.44 -60.91 -45.13
C ASP E 1133 26.95 -60.61 -45.27
N GLN E 1134 26.21 -60.79 -44.19
CA GLN E 1134 24.77 -60.56 -44.14
C GLN E 1134 24.43 -59.12 -44.49
N HIS E 1135 24.76 -58.21 -43.58
CA HIS E 1135 24.37 -56.81 -43.72
C HIS E 1135 25.20 -56.08 -44.78
N ILE E 1136 26.52 -56.08 -44.64
CA ILE E 1136 27.40 -55.18 -45.37
C ILE E 1136 27.19 -55.29 -46.87
N PRO E 1137 27.19 -56.51 -47.41
CA PRO E 1137 27.11 -56.64 -48.87
C PRO E 1137 25.82 -56.08 -49.46
N SER E 1138 24.68 -56.47 -48.91
CA SER E 1138 23.41 -55.92 -49.38
C SER E 1138 23.33 -54.44 -49.09
N THR E 1139 24.11 -53.95 -48.14
CA THR E 1139 24.09 -52.53 -47.79
C THR E 1139 24.78 -51.71 -48.87
N LEU E 1140 26.05 -52.00 -49.14
CA LEU E 1140 26.76 -51.28 -50.20
C LEU E 1140 25.90 -51.19 -51.45
N GLU E 1141 25.20 -52.27 -51.79
CA GLU E 1141 24.26 -52.24 -52.91
C GLU E 1141 23.15 -51.23 -52.66
N CYS E 1142 22.70 -51.12 -51.41
CA CYS E 1142 21.62 -50.18 -51.10
C CYS E 1142 22.09 -48.75 -51.26
N LEU E 1143 23.31 -48.46 -50.85
CA LEU E 1143 23.89 -47.15 -51.15
C LEU E 1143 23.99 -46.94 -52.65
N SER E 1144 24.32 -47.99 -53.37
CA SER E 1144 24.43 -47.92 -54.83
C SER E 1144 23.11 -47.48 -55.45
N ARG E 1145 22.10 -48.35 -55.40
CA ARG E 1145 20.81 -48.04 -56.00
C ARG E 1145 20.27 -46.76 -55.42
N SER E 1146 20.63 -46.48 -54.16
CA SER E 1146 20.25 -45.26 -53.48
C SER E 1146 20.72 -44.02 -54.22
N THR E 1147 22.02 -43.75 -54.18
CA THR E 1147 22.54 -42.53 -54.80
C THR E 1147 22.27 -42.55 -56.30
N LEU E 1148 22.15 -43.75 -56.88
CA LEU E 1148 21.64 -43.89 -58.23
C LEU E 1148 20.32 -43.16 -58.38
N LEU E 1149 19.37 -43.43 -57.48
CA LEU E 1149 18.11 -42.70 -57.52
C LEU E 1149 18.30 -41.22 -57.23
N CYS E 1150 19.21 -40.90 -56.32
CA CYS E 1150 19.46 -39.50 -55.95
C CYS E 1150 19.87 -38.67 -57.15
N VAL E 1151 21.08 -38.90 -57.64
CA VAL E 1151 21.57 -38.13 -58.78
C VAL E 1151 20.69 -38.36 -59.99
N SER E 1152 20.13 -39.57 -60.11
CA SER E 1152 19.27 -39.88 -61.24
C SER E 1152 18.11 -38.91 -61.33
N ALA E 1153 17.39 -38.74 -60.23
CA ALA E 1153 16.35 -37.72 -60.18
C ALA E 1153 16.94 -36.33 -60.38
N LEU E 1154 18.11 -36.07 -59.80
CA LEU E 1154 18.69 -34.73 -59.88
C LEU E 1154 18.87 -34.28 -61.33
N THR E 1155 19.45 -35.14 -62.16
CA THR E 1155 19.68 -34.78 -63.56
C THR E 1155 18.43 -34.98 -64.41
N VAL E 1156 17.62 -35.99 -64.10
CA VAL E 1156 16.40 -36.19 -64.87
C VAL E 1156 15.49 -34.99 -64.74
N ILE E 1157 15.12 -34.63 -63.51
CA ILE E 1157 14.31 -33.45 -63.29
C ILE E 1157 15.07 -32.20 -63.68
N SER E 1158 16.39 -32.16 -63.44
CA SER E 1158 17.20 -31.03 -63.86
C SER E 1158 17.03 -30.77 -65.35
N TYR E 1159 16.87 -31.83 -66.13
CA TYR E 1159 16.51 -31.65 -67.53
C TYR E 1159 15.05 -31.26 -67.66
N VAL E 1160 14.17 -31.88 -66.87
CA VAL E 1160 12.74 -31.64 -66.96
C VAL E 1160 12.35 -30.19 -66.81
N THR E 1161 13.15 -29.39 -66.13
CA THR E 1161 12.93 -27.97 -66.05
C THR E 1161 14.13 -27.24 -66.61
N PRO E 1162 13.93 -26.12 -67.30
CA PRO E 1162 15.10 -25.31 -67.69
C PRO E 1162 15.84 -24.79 -66.48
N VAL E 1163 15.12 -24.53 -65.40
CA VAL E 1163 15.71 -24.37 -64.09
C VAL E 1163 14.87 -25.18 -63.12
N PHE E 1164 15.43 -26.27 -62.62
CA PHE E 1164 14.88 -26.96 -61.47
C PHE E 1164 15.62 -26.62 -60.18
N LEU E 1165 16.68 -25.82 -60.27
CA LEU E 1165 17.38 -25.38 -59.06
C LEU E 1165 16.54 -24.36 -58.31
N VAL E 1166 15.76 -23.55 -59.03
CA VAL E 1166 14.66 -22.83 -58.43
C VAL E 1166 13.84 -23.79 -57.57
N ALA E 1167 13.66 -25.01 -58.05
CA ALA E 1167 12.98 -26.03 -57.25
C ALA E 1167 13.90 -26.68 -56.23
N LEU E 1168 15.21 -26.53 -56.37
CA LEU E 1168 16.14 -27.32 -55.59
C LEU E 1168 16.52 -26.63 -54.28
N LEU E 1169 17.13 -25.43 -54.39
CA LEU E 1169 18.07 -24.96 -53.37
C LEU E 1169 17.55 -25.09 -51.95
N PRO E 1170 16.49 -24.37 -51.59
CA PRO E 1170 15.99 -24.52 -50.21
C PRO E 1170 15.41 -25.90 -49.96
N LEU E 1171 14.67 -26.44 -50.93
CA LEU E 1171 14.07 -27.76 -50.83
C LEU E 1171 15.12 -28.81 -50.52
N ALA E 1172 16.03 -29.03 -51.48
CA ALA E 1172 17.04 -30.05 -51.31
C ALA E 1172 17.90 -29.80 -50.08
N VAL E 1173 18.38 -28.57 -49.92
CA VAL E 1173 19.29 -28.24 -48.83
C VAL E 1173 18.64 -28.60 -47.50
N VAL E 1174 17.54 -27.93 -47.18
CA VAL E 1174 16.89 -28.16 -45.90
C VAL E 1174 16.51 -29.63 -45.74
N CYS E 1175 16.26 -30.33 -46.85
CA CYS E 1175 16.08 -31.77 -46.78
C CYS E 1175 17.28 -32.38 -46.08
N TYR E 1176 18.45 -32.20 -46.70
CA TYR E 1176 19.68 -32.71 -46.10
C TYR E 1176 19.87 -32.24 -44.67
N PHE E 1177 19.34 -31.08 -44.28
CA PHE E 1177 19.41 -30.68 -42.89
C PHE E 1177 18.53 -31.56 -42.01
N ILE E 1178 17.31 -31.83 -42.46
CA ILE E 1178 16.41 -32.71 -41.72
C ILE E 1178 17.08 -34.06 -41.49
N GLN E 1179 17.49 -34.71 -42.56
CA GLN E 1179 18.15 -36.00 -42.41
C GLN E 1179 19.36 -35.85 -41.49
N LYS E 1180 20.02 -34.69 -41.60
CA LYS E 1180 21.19 -34.46 -40.77
C LYS E 1180 20.88 -34.62 -39.30
N TYR E 1181 19.95 -33.84 -38.76
CA TYR E 1181 19.66 -34.05 -37.35
C TYR E 1181 19.01 -35.41 -37.12
N PHE E 1182 18.59 -36.08 -38.19
CA PHE E 1182 17.91 -37.37 -38.03
C PHE E 1182 18.88 -38.52 -37.77
N ARG E 1183 20.11 -38.42 -38.26
CA ARG E 1183 21.06 -39.52 -38.03
C ARG E 1183 21.33 -39.72 -36.55
N VAL E 1184 21.46 -38.63 -35.78
CA VAL E 1184 21.65 -38.74 -34.34
C VAL E 1184 20.50 -39.50 -33.72
N ALA E 1185 19.31 -39.34 -34.30
CA ALA E 1185 18.17 -40.16 -33.90
C ALA E 1185 18.43 -41.62 -34.21
N SER E 1186 18.94 -41.91 -35.41
CA SER E 1186 19.22 -43.29 -35.76
C SER E 1186 20.08 -43.92 -34.68
N ARG E 1187 21.30 -43.41 -34.55
CA ARG E 1187 22.24 -43.96 -33.57
C ARG E 1187 21.60 -44.01 -32.18
N ASP E 1188 20.84 -42.97 -31.85
CA ASP E 1188 20.17 -42.92 -30.55
C ASP E 1188 19.26 -44.11 -30.35
N LEU E 1189 18.14 -44.13 -31.06
CA LEU E 1189 17.14 -45.17 -30.92
C LEU E 1189 17.76 -46.54 -31.06
N GLN E 1190 18.30 -46.86 -32.24
CA GLN E 1190 18.85 -48.20 -32.43
C GLN E 1190 19.83 -48.57 -31.33
N GLN E 1191 20.61 -47.60 -30.84
CA GLN E 1191 21.41 -47.84 -29.65
C GLN E 1191 20.52 -48.28 -28.50
N LEU E 1192 19.36 -47.65 -28.35
CA LEU E 1192 18.47 -48.01 -27.26
C LEU E 1192 17.92 -49.42 -27.42
N ASP E 1193 17.63 -49.84 -28.65
CA ASP E 1193 17.16 -51.20 -28.86
C ASP E 1193 18.25 -52.21 -28.51
N ASP E 1194 19.43 -52.07 -29.14
CA ASP E 1194 20.54 -52.94 -28.81
C ASP E 1194 20.78 -53.00 -27.31
N THR E 1195 20.52 -51.89 -26.61
CA THR E 1195 20.57 -51.93 -25.16
C THR E 1195 19.49 -52.85 -24.61
N THR E 1196 18.23 -52.59 -24.97
CA THR E 1196 17.14 -53.27 -24.29
C THR E 1196 17.05 -54.75 -24.62
N GLN E 1197 17.84 -55.24 -25.57
CA GLN E 1197 17.73 -56.65 -25.92
C GLN E 1197 18.26 -57.58 -24.82
N LEU E 1198 19.37 -57.20 -24.20
CA LEU E 1198 20.11 -58.16 -23.36
C LEU E 1198 19.31 -58.60 -22.14
N PRO E 1199 18.74 -57.69 -21.36
CA PRO E 1199 18.19 -58.13 -20.06
C PRO E 1199 17.04 -59.11 -20.18
N LEU E 1200 16.35 -59.14 -21.31
CA LEU E 1200 15.28 -60.12 -21.48
C LEU E 1200 15.83 -61.54 -21.44
N LEU E 1201 16.77 -61.83 -22.35
CA LEU E 1201 17.39 -63.15 -22.34
C LEU E 1201 18.17 -63.37 -21.05
N SER E 1202 18.55 -62.29 -20.37
CA SER E 1202 19.05 -62.44 -19.01
C SER E 1202 18.00 -63.00 -18.06
N HIS E 1203 16.77 -62.51 -18.15
CA HIS E 1203 15.69 -62.93 -17.26
C HIS E 1203 15.14 -64.31 -17.58
N PHE E 1204 14.61 -64.55 -18.79
CA PHE E 1204 14.08 -65.86 -19.13
C PHE E 1204 15.03 -66.99 -18.69
N ALA E 1205 16.24 -66.99 -19.22
CA ALA E 1205 17.24 -67.97 -18.81
C ALA E 1205 17.39 -68.02 -17.30
N GLU E 1206 17.29 -66.87 -16.63
CA GLU E 1206 17.43 -66.86 -15.17
C GLU E 1206 16.36 -67.74 -14.53
N THR E 1207 15.09 -67.45 -14.81
CA THR E 1207 14.02 -68.27 -14.28
C THR E 1207 14.19 -69.74 -14.64
N VAL E 1208 14.74 -70.01 -15.82
CA VAL E 1208 15.08 -71.39 -16.18
C VAL E 1208 16.02 -71.99 -15.15
N GLU E 1209 17.16 -71.32 -14.91
CA GLU E 1209 18.17 -71.88 -14.02
C GLU E 1209 17.62 -72.10 -12.62
N GLY E 1210 16.95 -71.09 -12.07
CA GLY E 1210 16.36 -71.25 -10.77
C GLY E 1210 15.00 -71.91 -10.77
N LEU E 1211 14.65 -72.65 -11.83
CA LEU E 1211 13.32 -73.23 -11.97
C LEU E 1211 12.83 -73.87 -10.68
N THR E 1212 13.71 -74.55 -9.94
CA THR E 1212 13.34 -75.00 -8.61
C THR E 1212 13.47 -73.87 -7.60
N THR E 1213 14.43 -72.97 -7.81
CA THR E 1213 14.79 -72.00 -6.78
C THR E 1213 13.61 -71.08 -6.45
N ILE E 1214 13.12 -70.34 -7.45
CA ILE E 1214 12.14 -69.29 -7.16
C ILE E 1214 10.83 -69.89 -6.69
N ARG E 1215 10.30 -70.84 -7.45
CA ARG E 1215 9.08 -71.53 -7.04
C ARG E 1215 9.22 -72.05 -5.63
N ALA E 1216 10.39 -72.63 -5.32
CA ALA E 1216 10.62 -73.18 -4.00
C ALA E 1216 10.61 -72.09 -2.94
N PHE E 1217 11.09 -70.91 -3.30
CA PHE E 1217 11.38 -69.92 -2.28
C PHE E 1217 10.28 -68.87 -2.12
N ARG E 1218 9.17 -68.98 -2.85
CA ARG E 1218 8.00 -68.09 -2.68
C ARG E 1218 8.34 -66.63 -2.98
N TYR E 1219 9.25 -66.37 -3.93
CA TYR E 1219 9.58 -65.02 -4.37
C TYR E 1219 8.91 -64.58 -5.66
N GLU E 1220 8.00 -65.39 -6.21
CA GLU E 1220 7.52 -65.19 -7.57
C GLU E 1220 7.12 -63.75 -7.86
N ALA E 1221 6.49 -63.06 -6.90
CA ALA E 1221 5.91 -61.74 -7.18
C ALA E 1221 6.96 -60.73 -7.60
N ARG E 1222 7.95 -60.49 -6.73
CA ARG E 1222 8.99 -59.52 -7.02
C ARG E 1222 9.58 -59.78 -8.40
N PHE E 1223 9.67 -61.07 -8.76
CA PHE E 1223 10.25 -61.43 -10.04
C PHE E 1223 9.32 -61.03 -11.18
N GLN E 1224 8.12 -61.63 -11.26
CA GLN E 1224 7.20 -61.31 -12.35
C GLN E 1224 7.09 -59.80 -12.54
N GLN E 1225 7.09 -59.04 -11.44
CA GLN E 1225 7.14 -57.60 -11.56
C GLN E 1225 8.40 -57.19 -12.32
N LYS E 1226 9.53 -57.81 -11.99
CA LYS E 1226 10.75 -57.53 -12.73
C LYS E 1226 10.59 -57.85 -14.22
N LEU E 1227 9.81 -58.88 -14.55
CA LEU E 1227 9.51 -59.15 -15.95
C LEU E 1227 8.84 -57.94 -16.59
N LEU E 1228 7.66 -57.59 -16.08
CA LEU E 1228 6.88 -56.49 -16.67
C LEU E 1228 7.72 -55.24 -16.86
N GLU E 1229 8.61 -54.96 -15.91
CA GLU E 1229 9.59 -53.90 -16.09
C GLU E 1229 10.30 -54.01 -17.44
N TYR E 1230 11.12 -55.04 -17.59
CA TYR E 1230 11.96 -55.15 -18.77
C TYR E 1230 11.11 -55.17 -20.03
N THR E 1231 9.92 -55.76 -19.94
CA THR E 1231 8.98 -55.67 -21.05
C THR E 1231 8.82 -54.22 -21.46
N ASP E 1232 8.31 -53.41 -20.54
CA ASP E 1232 7.98 -52.03 -20.86
C ASP E 1232 9.18 -51.31 -21.45
N SER E 1233 10.34 -51.39 -20.79
CA SER E 1233 11.49 -50.66 -21.29
C SER E 1233 11.83 -51.11 -22.71
N ASN E 1234 11.90 -52.42 -22.92
CA ASN E 1234 12.11 -52.95 -24.27
C ASN E 1234 11.16 -52.32 -25.27
N ASN E 1235 9.88 -52.41 -24.99
CA ASN E 1235 8.91 -52.14 -26.02
C ASN E 1235 8.68 -50.66 -26.26
N ILE E 1236 8.94 -49.80 -25.27
CA ILE E 1236 9.00 -48.38 -25.60
C ILE E 1236 10.23 -48.10 -26.44
N ALA E 1237 11.34 -48.79 -26.16
CA ALA E 1237 12.49 -48.62 -27.03
C ALA E 1237 12.11 -48.87 -28.47
N SER E 1238 11.48 -50.02 -28.74
CA SER E 1238 11.07 -50.30 -30.11
C SER E 1238 10.10 -49.24 -30.62
N LEU E 1239 9.09 -48.91 -29.82
CA LEU E 1239 8.05 -47.98 -30.28
C LEU E 1239 8.65 -46.64 -30.70
N PHE E 1240 9.63 -46.15 -29.94
CA PHE E 1240 10.38 -44.99 -30.37
C PHE E 1240 11.14 -45.29 -31.65
N LEU E 1241 11.72 -46.48 -31.78
CA LEU E 1241 12.47 -46.77 -33.00
C LEU E 1241 11.59 -46.59 -34.22
N THR E 1242 10.63 -47.49 -34.39
CA THR E 1242 9.73 -47.41 -35.54
C THR E 1242 9.09 -46.03 -35.62
N ALA E 1243 8.85 -45.42 -34.46
CA ALA E 1243 8.30 -44.07 -34.43
C ALA E 1243 9.17 -43.13 -35.25
N ALA E 1244 10.43 -43.03 -34.87
CA ALA E 1244 11.35 -42.16 -35.59
C ALA E 1244 11.41 -42.51 -37.06
N ASN E 1245 11.59 -43.81 -37.37
CA ASN E 1245 11.64 -44.21 -38.77
C ASN E 1245 10.47 -43.61 -39.54
N ARG E 1246 9.27 -43.96 -39.15
CA ARG E 1246 8.13 -43.53 -39.92
C ARG E 1246 8.00 -42.00 -39.90
N TRP E 1247 8.60 -41.33 -38.91
CA TRP E 1247 8.77 -39.88 -39.01
C TRP E 1247 9.59 -39.54 -40.25
N LEU E 1248 10.75 -40.19 -40.38
CA LEU E 1248 11.61 -39.94 -41.52
C LEU E 1248 10.83 -40.07 -42.82
N GLU E 1249 10.21 -41.23 -43.02
CA GLU E 1249 9.48 -41.43 -44.27
C GLU E 1249 8.42 -40.36 -44.48
N VAL E 1250 7.61 -40.11 -43.45
CA VAL E 1250 6.51 -39.15 -43.60
C VAL E 1250 7.05 -37.82 -44.10
N ARG E 1251 8.01 -37.25 -43.37
CA ARG E 1251 8.49 -35.94 -43.75
C ARG E 1251 9.11 -35.94 -45.14
N MET E 1252 10.21 -36.66 -45.31
CA MET E 1252 10.95 -36.50 -46.55
C MET E 1252 10.05 -36.84 -47.73
N GLU E 1253 9.13 -37.79 -47.56
CA GLU E 1253 8.14 -38.03 -48.59
C GLU E 1253 7.29 -36.79 -48.83
N TYR E 1254 6.86 -36.15 -47.74
CA TYR E 1254 6.02 -34.96 -47.85
C TYR E 1254 6.69 -33.88 -48.67
N ILE E 1255 7.92 -33.50 -48.31
CA ILE E 1255 8.64 -32.55 -49.15
C ILE E 1255 8.79 -33.11 -50.54
N GLY E 1256 8.75 -34.44 -50.66
CA GLY E 1256 8.62 -35.03 -51.98
C GLY E 1256 7.41 -34.50 -52.71
N ALA E 1257 6.24 -34.59 -52.08
CA ALA E 1257 5.06 -34.00 -52.68
C ALA E 1257 5.30 -32.54 -53.02
N CYS E 1258 6.16 -31.88 -52.25
CA CYS E 1258 6.55 -30.54 -52.65
C CYS E 1258 7.27 -30.52 -53.99
N VAL E 1259 8.22 -31.44 -54.22
CA VAL E 1259 8.97 -31.33 -55.47
C VAL E 1259 8.12 -31.76 -56.65
N VAL E 1260 7.24 -32.74 -56.47
CA VAL E 1260 6.37 -33.11 -57.56
C VAL E 1260 5.43 -31.96 -57.88
N LEU E 1261 4.90 -31.28 -56.86
CA LEU E 1261 4.04 -30.13 -57.07
C LEU E 1261 4.77 -29.05 -57.85
N ILE E 1262 5.83 -28.52 -57.24
CA ILE E 1262 6.53 -27.38 -57.82
C ILE E 1262 7.01 -27.72 -59.23
N ALA E 1263 7.82 -28.76 -59.36
CA ALA E 1263 8.36 -29.12 -60.67
C ALA E 1263 7.26 -29.43 -61.67
N ALA E 1264 6.52 -30.52 -61.41
CA ALA E 1264 5.56 -31.02 -62.37
C ALA E 1264 4.55 -29.94 -62.76
N ALA E 1265 4.18 -29.10 -61.81
CA ALA E 1265 3.30 -27.98 -62.12
C ALA E 1265 4.01 -26.96 -63.01
N THR E 1266 5.17 -26.48 -62.58
CA THR E 1266 5.91 -25.48 -63.36
C THR E 1266 6.12 -25.92 -64.79
N SER E 1267 6.08 -27.23 -65.06
CA SER E 1267 6.04 -27.67 -66.44
C SER E 1267 4.94 -26.99 -67.24
N ILE E 1268 3.78 -26.75 -66.62
CA ILE E 1268 2.57 -26.38 -67.34
C ILE E 1268 2.83 -25.26 -68.33
N SER E 1269 3.74 -24.35 -68.00
CA SER E 1269 3.87 -23.13 -68.78
C SER E 1269 5.05 -23.21 -69.74
N ASN E 1270 6.27 -23.05 -69.21
CA ASN E 1270 7.45 -22.93 -70.07
C ASN E 1270 7.52 -24.07 -71.06
N SER E 1271 6.99 -25.24 -70.70
CA SER E 1271 7.10 -26.41 -71.56
C SER E 1271 6.14 -26.32 -72.74
N LEU E 1272 4.84 -26.50 -72.50
CA LEU E 1272 3.92 -26.46 -73.63
C LEU E 1272 3.52 -25.03 -73.99
N HIS E 1273 3.34 -24.16 -73.01
CA HIS E 1273 2.96 -22.80 -73.31
C HIS E 1273 4.05 -22.00 -73.99
N ARG E 1274 5.31 -22.15 -73.57
CA ARG E 1274 6.43 -21.42 -74.16
C ARG E 1274 7.18 -22.30 -75.15
N GLU E 1275 7.94 -23.28 -74.68
CA GLU E 1275 8.73 -24.16 -75.54
C GLU E 1275 7.86 -25.03 -76.43
N LEU E 1276 6.56 -25.14 -76.16
CA LEU E 1276 5.61 -26.05 -76.78
C LEU E 1276 5.95 -27.49 -76.43
N SER E 1277 7.01 -27.69 -75.65
CA SER E 1277 7.58 -29.02 -75.45
C SER E 1277 6.54 -30.01 -74.93
N ALA E 1278 6.33 -31.07 -75.71
CA ALA E 1278 5.61 -32.25 -75.26
C ALA E 1278 6.53 -33.41 -74.92
N GLY E 1279 7.83 -33.25 -75.14
CA GLY E 1279 8.75 -34.34 -74.91
C GLY E 1279 9.41 -34.33 -73.56
N LEU E 1280 8.82 -33.65 -72.59
CA LEU E 1280 9.45 -33.47 -71.29
C LEU E 1280 8.53 -33.95 -70.16
N VAL E 1281 7.36 -33.32 -70.03
CA VAL E 1281 6.41 -33.71 -69.00
C VAL E 1281 6.15 -35.21 -69.04
N GLY E 1282 6.17 -35.77 -70.25
CA GLY E 1282 5.93 -37.20 -70.41
C GLY E 1282 6.85 -38.07 -69.59
N LEU E 1283 8.14 -37.71 -69.53
CA LEU E 1283 9.06 -38.35 -68.61
C LEU E 1283 9.00 -37.72 -67.22
N GLY E 1284 8.87 -36.38 -67.20
CA GLY E 1284 9.11 -35.64 -65.98
C GLY E 1284 8.17 -36.02 -64.86
N LEU E 1285 6.88 -36.19 -65.18
CA LEU E 1285 5.94 -36.62 -64.15
C LEU E 1285 6.40 -37.93 -63.52
N THR E 1286 6.62 -38.95 -64.35
CA THR E 1286 6.99 -40.26 -63.86
C THR E 1286 8.21 -40.19 -62.95
N TYR E 1287 9.35 -39.79 -63.53
CA TYR E 1287 10.58 -39.77 -62.75
C TYR E 1287 10.42 -38.90 -61.50
N ALA E 1288 9.63 -37.82 -61.60
CA ALA E 1288 9.46 -36.95 -60.45
C ALA E 1288 8.83 -37.69 -59.28
N LEU E 1289 7.63 -38.23 -59.48
CA LEU E 1289 6.94 -38.84 -58.35
C LEU E 1289 7.71 -40.05 -57.83
N MET E 1290 8.06 -40.97 -58.72
CA MET E 1290 8.82 -42.15 -58.27
C MET E 1290 10.09 -41.72 -57.58
N VAL E 1291 10.62 -40.56 -57.95
CA VAL E 1291 11.80 -40.02 -57.31
C VAL E 1291 11.47 -39.59 -55.88
N SER E 1292 10.35 -38.93 -55.69
CA SER E 1292 9.96 -38.56 -54.34
C SER E 1292 9.84 -39.79 -53.45
N ASN E 1293 9.10 -40.80 -53.90
CA ASN E 1293 8.97 -42.01 -53.08
C ASN E 1293 10.33 -42.64 -52.81
N TYR E 1294 11.20 -42.70 -53.82
CA TYR E 1294 12.48 -43.39 -53.65
C TYR E 1294 13.37 -42.65 -52.65
N LEU E 1295 13.26 -41.32 -52.59
CA LEU E 1295 14.07 -40.53 -51.68
C LEU E 1295 14.02 -41.13 -50.29
N ASN E 1296 12.84 -41.61 -49.92
CA ASN E 1296 12.66 -42.36 -48.69
C ASN E 1296 13.70 -43.47 -48.59
N TRP E 1297 13.70 -44.39 -49.55
CA TRP E 1297 14.64 -45.49 -49.57
C TRP E 1297 16.06 -44.95 -49.45
N MET E 1298 16.31 -43.77 -50.01
CA MET E 1298 17.64 -43.18 -49.90
C MET E 1298 18.01 -42.95 -48.44
N VAL E 1299 17.15 -42.28 -47.69
CA VAL E 1299 17.49 -41.96 -46.30
C VAL E 1299 17.72 -43.24 -45.50
N ARG E 1300 16.73 -44.13 -45.48
CA ARG E 1300 16.88 -45.39 -44.76
C ARG E 1300 18.15 -46.11 -45.17
N ASN E 1301 18.54 -45.97 -46.43
CA ASN E 1301 19.75 -46.60 -46.91
C ASN E 1301 20.99 -45.98 -46.26
N LEU E 1302 21.08 -44.65 -46.25
CA LEU E 1302 22.25 -44.01 -45.66
C LEU E 1302 22.38 -44.39 -44.18
N ALA E 1303 21.27 -44.29 -43.45
CA ALA E 1303 21.29 -44.68 -42.05
C ALA E 1303 21.79 -46.10 -41.87
N ASP E 1304 21.13 -47.06 -42.54
CA ASP E 1304 21.51 -48.47 -42.40
C ASP E 1304 22.97 -48.68 -42.78
N MET E 1305 23.47 -47.91 -43.75
CA MET E 1305 24.88 -47.99 -44.10
C MET E 1305 25.75 -47.59 -42.92
N GLU E 1306 25.39 -46.51 -42.23
CA GLU E 1306 26.13 -46.14 -41.03
C GLU E 1306 26.08 -47.27 -40.00
N ILE E 1307 24.87 -47.74 -39.69
CA ILE E 1307 24.69 -48.77 -38.68
C ILE E 1307 25.50 -50.01 -39.01
N GLN E 1308 25.74 -50.25 -40.30
CA GLN E 1308 26.66 -51.31 -40.67
C GLN E 1308 28.11 -50.90 -40.41
N LEU E 1309 28.48 -49.67 -40.77
CA LEU E 1309 29.85 -49.22 -40.62
C LEU E 1309 30.30 -49.28 -39.17
N GLY E 1310 29.35 -49.23 -38.23
CA GLY E 1310 29.72 -49.29 -36.82
C GLY E 1310 30.60 -50.47 -36.48
N ALA E 1311 30.24 -51.65 -36.98
CA ALA E 1311 30.95 -52.85 -36.58
C ALA E 1311 32.40 -52.84 -37.08
N VAL E 1312 32.60 -52.54 -38.37
CA VAL E 1312 33.95 -52.52 -38.91
C VAL E 1312 34.80 -51.44 -38.26
N LYS E 1313 34.26 -50.24 -38.08
CA LYS E 1313 35.03 -49.21 -37.38
C LYS E 1313 35.36 -49.65 -35.95
N ARG E 1314 34.57 -50.59 -35.40
CA ARG E 1314 34.94 -51.17 -34.10
C ARG E 1314 35.99 -52.27 -34.26
N ILE E 1315 36.12 -52.85 -35.45
CA ILE E 1315 37.16 -53.84 -35.67
C ILE E 1315 38.48 -53.16 -36.00
N HIS E 1316 38.42 -51.86 -36.29
CA HIS E 1316 39.62 -51.09 -36.54
C HIS E 1316 40.55 -51.10 -35.34
N ALA E 1317 40.00 -51.38 -34.15
CA ALA E 1317 40.81 -51.37 -32.93
C ALA E 1317 41.82 -52.51 -32.93
N LEU E 1318 41.34 -53.74 -33.04
CA LEU E 1318 42.23 -54.89 -33.15
C LEU E 1318 43.00 -54.89 -34.46
N LEU E 1319 42.50 -54.17 -35.47
CA LEU E 1319 43.34 -53.90 -36.63
C LEU E 1319 44.61 -53.18 -36.24
N LYS E 1320 44.49 -52.12 -35.43
CA LYS E 1320 45.62 -51.33 -34.97
C LYS E 1320 46.45 -52.03 -33.91
N THR E 1321 46.07 -53.23 -33.50
CA THR E 1321 46.69 -53.88 -32.36
C THR E 1321 48.13 -54.31 -32.64
N GLU E 1322 48.91 -54.38 -31.58
CA GLU E 1322 50.29 -54.84 -31.65
C GLU E 1322 50.33 -56.27 -32.15
N LYS E 1344 71.97 -76.49 -21.06
CA LYS E 1344 72.89 -75.74 -20.20
C LYS E 1344 72.36 -74.32 -20.03
N ILE E 1345 72.55 -73.75 -18.85
CA ILE E 1345 71.98 -72.45 -18.56
C ILE E 1345 73.03 -71.59 -17.87
N GLN E 1346 73.16 -70.35 -18.30
CA GLN E 1346 74.00 -69.37 -17.64
C GLN E 1346 73.24 -68.05 -17.59
N ILE E 1347 72.97 -67.56 -16.38
CA ILE E 1347 72.18 -66.35 -16.19
C ILE E 1347 73.07 -65.28 -15.57
N GLN E 1348 73.05 -64.08 -16.16
CA GLN E 1348 73.91 -62.98 -15.78
C GLN E 1348 73.06 -61.86 -15.18
N ASN E 1349 73.23 -61.64 -13.88
CA ASN E 1349 72.85 -60.40 -13.21
C ASN E 1349 71.42 -59.99 -13.49
N LEU E 1350 70.49 -60.92 -13.39
CA LEU E 1350 69.10 -60.64 -13.77
C LEU E 1350 68.43 -59.76 -12.74
N SER E 1351 67.85 -58.66 -13.22
CA SER E 1351 67.00 -57.80 -12.40
C SER E 1351 65.72 -57.54 -13.17
N VAL E 1352 64.59 -58.01 -12.63
CA VAL E 1352 63.35 -58.07 -13.37
C VAL E 1352 62.58 -56.79 -13.14
N ARG E 1353 62.43 -55.98 -14.20
CA ARG E 1353 61.54 -54.83 -14.20
C ARG E 1353 60.56 -54.95 -15.37
N TYR E 1354 59.28 -54.73 -15.10
CA TYR E 1354 58.25 -55.07 -16.07
C TYR E 1354 57.66 -53.84 -16.74
N ASP E 1355 57.88 -53.73 -18.03
CA ASP E 1355 57.12 -52.78 -18.84
C ASP E 1355 55.63 -53.10 -18.81
N SER E 1356 55.28 -54.34 -18.48
CA SER E 1356 53.88 -54.72 -18.37
C SER E 1356 53.16 -53.87 -17.32
N SER E 1357 53.48 -54.08 -16.05
CA SER E 1357 52.78 -53.40 -14.97
C SER E 1357 53.80 -52.59 -14.18
N LEU E 1358 53.37 -52.00 -13.07
CA LEU E 1358 54.22 -51.09 -12.33
C LEU E 1358 55.37 -51.82 -11.63
N LYS E 1359 56.56 -51.24 -11.73
CA LYS E 1359 57.74 -51.49 -10.89
C LYS E 1359 58.42 -52.83 -11.15
N PRO E 1360 59.71 -52.91 -10.84
CA PRO E 1360 60.43 -54.18 -10.93
C PRO E 1360 59.97 -55.20 -9.88
N VAL E 1361 60.37 -56.46 -10.07
CA VAL E 1361 60.13 -57.49 -9.07
C VAL E 1361 61.45 -58.10 -8.60
N LEU E 1362 62.03 -58.99 -9.40
CA LEU E 1362 63.29 -59.61 -9.06
C LEU E 1362 64.42 -58.60 -9.24
N LYS E 1363 65.49 -58.75 -8.45
CA LYS E 1363 66.60 -57.81 -8.51
C LYS E 1363 67.94 -58.53 -8.43
N HIS E 1364 68.76 -58.35 -9.47
CA HIS E 1364 70.18 -58.70 -9.48
C HIS E 1364 70.39 -60.18 -9.12
N VAL E 1365 70.06 -61.04 -10.08
CA VAL E 1365 70.25 -62.50 -9.94
C VAL E 1365 71.23 -62.98 -11.01
N ASN E 1366 72.32 -63.62 -10.57
CA ASN E 1366 73.37 -64.14 -11.44
C ASN E 1366 73.81 -65.51 -10.93
N ALA E 1367 73.95 -66.48 -11.84
CA ALA E 1367 74.27 -67.85 -11.45
C ALA E 1367 74.47 -68.71 -12.69
N LEU E 1368 75.12 -69.86 -12.49
CA LEU E 1368 75.26 -70.88 -13.52
C LEU E 1368 74.45 -72.09 -13.10
N ILE E 1369 73.65 -72.63 -14.02
CA ILE E 1369 72.76 -73.73 -13.70
C ILE E 1369 72.69 -74.68 -14.89
N SER E 1370 72.87 -75.97 -14.64
CA SER E 1370 72.79 -76.97 -15.69
C SER E 1370 71.66 -77.94 -15.41
N PRO E 1371 71.46 -78.94 -16.28
CA PRO E 1371 70.45 -79.96 -15.99
C PRO E 1371 70.79 -80.80 -14.78
N GLY E 1372 69.93 -81.77 -14.46
CA GLY E 1372 70.11 -82.63 -13.31
C GLY E 1372 69.91 -81.89 -12.00
N GLN E 1373 68.84 -81.11 -11.91
CA GLN E 1373 68.60 -80.31 -10.71
C GLN E 1373 67.11 -80.06 -10.53
N LYS E 1374 66.73 -79.43 -9.41
CA LYS E 1374 65.34 -79.10 -9.16
C LYS E 1374 65.30 -77.77 -8.42
N ILE E 1375 64.38 -76.90 -8.82
CA ILE E 1375 64.30 -75.53 -8.30
C ILE E 1375 62.87 -75.19 -7.95
N GLY E 1376 62.62 -74.85 -6.68
CA GLY E 1376 61.31 -74.43 -6.22
C GLY E 1376 61.22 -72.93 -6.01
N ILE E 1377 60.00 -72.47 -5.72
CA ILE E 1377 59.75 -71.05 -5.52
C ILE E 1377 58.85 -70.87 -4.31
N CYS E 1378 59.34 -70.16 -3.28
CA CYS E 1378 58.54 -69.86 -2.11
C CYS E 1378 58.46 -68.34 -1.96
N GLY E 1379 57.76 -67.90 -0.94
CA GLY E 1379 57.64 -66.48 -0.66
C GLY E 1379 56.29 -66.15 -0.06
N ARG E 1380 55.97 -64.85 -0.09
CA ARG E 1380 54.65 -64.38 0.35
C ARG E 1380 53.70 -64.38 -0.85
N THR E 1381 53.96 -63.51 -1.81
CA THR E 1381 53.27 -63.57 -3.08
C THR E 1381 53.91 -64.66 -3.95
N GLY E 1382 53.06 -65.55 -4.47
CA GLY E 1382 53.54 -66.78 -5.07
C GLY E 1382 53.99 -66.59 -6.50
N SER E 1383 53.89 -67.69 -7.26
CA SER E 1383 54.23 -67.69 -8.69
C SER E 1383 55.68 -67.24 -8.90
N GLY E 1384 56.56 -67.67 -7.99
CA GLY E 1384 57.96 -67.34 -8.14
C GLY E 1384 58.54 -67.82 -9.45
N LYS E 1385 58.30 -69.09 -9.80
CA LYS E 1385 58.82 -69.63 -11.05
C LYS E 1385 58.13 -69.02 -12.27
N SER E 1386 56.99 -68.37 -12.06
CA SER E 1386 56.30 -67.70 -13.17
C SER E 1386 57.11 -66.53 -13.71
N SER E 1387 58.00 -65.98 -12.89
CA SER E 1387 58.92 -64.95 -13.40
C SER E 1387 59.97 -65.58 -14.30
N PHE E 1388 60.48 -66.75 -13.91
CA PHE E 1388 61.47 -67.44 -14.73
C PHE E 1388 60.86 -67.86 -16.05
N SER E 1389 59.70 -68.52 -16.01
CA SER E 1389 59.02 -68.94 -17.22
C SER E 1389 58.67 -67.74 -18.09
N LEU E 1390 57.98 -66.75 -17.52
CA LEU E 1390 57.58 -65.55 -18.26
C LEU E 1390 58.76 -64.84 -18.90
N ALA E 1391 59.90 -64.74 -18.20
CA ALA E 1391 61.04 -64.03 -18.77
C ALA E 1391 61.69 -64.86 -19.86
N PHE E 1392 62.21 -66.03 -19.50
CA PHE E 1392 62.94 -66.88 -20.44
C PHE E 1392 62.09 -67.38 -21.60
N PHE E 1393 60.88 -67.87 -21.34
CA PHE E 1393 60.01 -68.29 -22.42
C PHE E 1393 59.32 -67.11 -23.09
N ARG E 1394 59.62 -65.89 -22.64
CA ARG E 1394 59.13 -64.67 -23.26
C ARG E 1394 57.60 -64.60 -23.22
N MET E 1395 57.10 -64.45 -22.00
CA MET E 1395 55.68 -64.13 -21.79
C MET E 1395 55.52 -62.66 -21.42
N VAL E 1396 56.00 -62.27 -20.24
CA VAL E 1396 56.14 -60.89 -19.80
C VAL E 1396 57.49 -60.35 -20.30
N ASP E 1397 57.94 -59.24 -19.72
CA ASP E 1397 59.28 -58.73 -20.00
C ASP E 1397 59.94 -58.17 -18.74
N MET E 1398 61.26 -58.35 -18.65
CA MET E 1398 62.08 -57.72 -17.63
C MET E 1398 62.88 -56.57 -18.26
N PHE E 1399 63.68 -55.89 -17.44
CA PHE E 1399 64.51 -54.80 -17.95
C PHE E 1399 65.98 -55.16 -17.91
N GLU E 1400 66.49 -55.46 -16.72
CA GLU E 1400 67.91 -55.65 -16.55
C GLU E 1400 68.26 -57.11 -16.37
N GLY E 1401 69.46 -57.46 -16.81
CA GLY E 1401 69.96 -58.81 -16.64
C GLY E 1401 69.36 -59.77 -17.65
N ARG E 1402 70.02 -60.92 -17.77
CA ARG E 1402 69.67 -61.91 -18.79
C ARG E 1402 69.71 -63.30 -18.20
N ILE E 1403 68.79 -64.16 -18.65
CA ILE E 1403 68.78 -65.59 -18.34
C ILE E 1403 69.09 -66.35 -19.62
N ILE E 1404 70.26 -66.99 -19.63
CA ILE E 1404 70.89 -67.41 -20.87
C ILE E 1404 70.90 -68.92 -20.95
N ILE E 1405 70.87 -69.45 -22.16
CA ILE E 1405 70.98 -70.88 -22.42
C ILE E 1405 72.21 -71.04 -23.30
N ASP E 1406 73.07 -71.97 -22.91
CA ASP E 1406 74.36 -72.22 -23.59
C ASP E 1406 75.13 -70.90 -23.61
N GLY E 1407 75.83 -70.60 -24.71
CA GLY E 1407 76.55 -69.34 -24.78
C GLY E 1407 75.66 -68.22 -25.30
N ILE E 1408 74.46 -68.57 -25.77
CA ILE E 1408 73.49 -67.60 -26.25
C ILE E 1408 72.84 -66.90 -25.06
N ASP E 1409 72.53 -65.62 -25.24
CA ASP E 1409 71.82 -64.81 -24.27
C ASP E 1409 70.42 -64.53 -24.81
N ILE E 1410 69.65 -63.75 -24.05
CA ILE E 1410 68.25 -63.52 -24.42
C ILE E 1410 68.17 -62.72 -25.72
N ALA E 1411 69.24 -61.99 -26.06
CA ALA E 1411 69.19 -61.06 -27.18
C ALA E 1411 68.86 -61.76 -28.50
N LYS E 1412 69.82 -62.50 -29.05
CA LYS E 1412 69.68 -63.07 -30.38
C LYS E 1412 69.06 -64.47 -30.36
N LEU E 1413 68.69 -64.96 -29.17
CA LEU E 1413 68.10 -66.28 -29.06
C LEU E 1413 66.93 -66.41 -30.03
N PRO E 1414 66.79 -67.53 -30.74
CA PRO E 1414 65.66 -67.65 -31.66
C PRO E 1414 64.35 -67.61 -30.89
N LEU E 1415 63.47 -66.70 -31.32
CA LEU E 1415 62.20 -66.51 -30.62
C LEU E 1415 61.36 -67.78 -30.67
N HIS E 1416 61.09 -68.25 -31.89
CA HIS E 1416 60.31 -69.47 -32.06
C HIS E 1416 60.98 -70.65 -31.37
N THR E 1417 62.29 -70.58 -31.14
CA THR E 1417 62.94 -71.66 -30.40
C THR E 1417 62.78 -71.50 -28.90
N LEU E 1418 62.98 -70.28 -28.39
CA LEU E 1418 63.03 -70.08 -26.95
C LEU E 1418 61.69 -70.35 -26.29
N ARG E 1419 60.60 -69.88 -26.90
CA ARG E 1419 59.27 -70.04 -26.32
C ARG E 1419 58.63 -71.38 -26.68
N SER E 1420 59.36 -72.26 -27.38
CA SER E 1420 58.85 -73.54 -27.84
C SER E 1420 59.66 -74.71 -27.30
N ARG E 1421 60.96 -74.75 -27.60
CA ARG E 1421 61.80 -75.89 -27.24
C ARG E 1421 61.68 -76.26 -25.76
N LEU E 1422 61.23 -75.32 -24.92
CA LEU E 1422 61.07 -75.57 -23.49
C LEU E 1422 59.82 -76.43 -23.22
N SER E 1423 59.62 -76.75 -21.95
CA SER E 1423 58.47 -77.51 -21.48
C SER E 1423 57.89 -76.80 -20.27
N ILE E 1424 56.65 -77.16 -19.91
CA ILE E 1424 55.96 -76.45 -18.83
C ILE E 1424 54.85 -77.32 -18.25
N ILE E 1425 54.40 -76.96 -17.06
CA ILE E 1425 53.22 -77.57 -16.44
C ILE E 1425 52.46 -76.49 -15.69
N LEU E 1426 51.14 -76.42 -15.90
CA LEU E 1426 50.28 -75.42 -15.28
C LEU E 1426 49.12 -76.10 -14.55
N GLN E 1427 48.41 -75.33 -13.74
CA GLN E 1427 47.28 -75.83 -12.96
C GLN E 1427 46.03 -76.27 -13.74
N ASP E 1428 45.65 -75.47 -14.73
CA ASP E 1428 44.45 -75.73 -15.52
C ASP E 1428 44.67 -75.87 -17.02
N PRO E 1429 45.83 -76.37 -17.43
CA PRO E 1429 46.10 -76.48 -18.87
C PRO E 1429 45.53 -77.72 -19.54
N VAL E 1430 44.20 -77.81 -19.58
CA VAL E 1430 43.51 -78.90 -20.26
C VAL E 1430 43.52 -78.59 -21.75
N LEU E 1431 43.52 -79.61 -22.61
CA LEU E 1431 43.56 -79.29 -24.03
C LEU E 1431 42.29 -79.78 -24.71
N PHE E 1432 42.29 -79.67 -26.04
CA PHE E 1432 41.15 -80.10 -26.83
C PHE E 1432 40.83 -81.56 -26.57
N SER E 1433 39.57 -81.83 -26.28
CA SER E 1433 39.10 -83.19 -26.01
C SER E 1433 38.59 -83.90 -27.26
N GLY E 1434 38.76 -83.30 -28.44
CA GLY E 1434 38.21 -83.92 -29.65
C GLY E 1434 38.88 -85.22 -30.01
N THR E 1435 40.22 -85.23 -30.10
CA THR E 1435 40.94 -86.39 -30.58
C THR E 1435 42.16 -86.62 -29.70
N ILE E 1436 42.28 -87.85 -29.22
CA ILE E 1436 43.30 -88.14 -28.22
C ILE E 1436 44.68 -88.23 -28.83
N ARG E 1437 44.83 -88.95 -29.95
CA ARG E 1437 46.14 -89.10 -30.57
C ARG E 1437 46.55 -87.84 -31.32
N PHE E 1438 45.56 -87.03 -31.72
CA PHE E 1438 45.86 -85.76 -32.39
C PHE E 1438 46.23 -84.67 -31.38
N ASN E 1439 45.50 -84.57 -30.28
CA ASN E 1439 45.97 -83.71 -29.20
C ASN E 1439 47.34 -84.18 -28.71
N LEU E 1440 47.51 -85.49 -28.57
CA LEU E 1440 48.79 -86.12 -28.33
C LEU E 1440 49.76 -85.89 -29.48
N ASP E 1441 49.28 -85.41 -30.62
CA ASP E 1441 50.13 -85.11 -31.77
C ASP E 1441 49.93 -83.64 -32.14
N PRO E 1442 50.22 -82.73 -31.22
CA PRO E 1442 50.27 -81.32 -31.60
C PRO E 1442 51.33 -81.04 -32.65
N GLU E 1443 52.49 -81.66 -32.51
CA GLU E 1443 53.51 -81.68 -33.55
C GLU E 1443 53.19 -82.82 -34.53
N LYS E 1444 54.16 -83.15 -35.38
CA LYS E 1444 53.97 -84.15 -36.42
C LYS E 1444 53.52 -85.51 -35.88
N LYS E 1445 54.41 -86.22 -35.16
CA LYS E 1445 54.15 -87.63 -34.91
C LYS E 1445 54.73 -88.11 -33.59
N CYS E 1446 53.98 -89.00 -32.94
CA CYS E 1446 54.40 -89.85 -31.83
C CYS E 1446 53.95 -91.27 -32.14
N SER E 1447 52.64 -91.40 -32.37
CA SER E 1447 51.90 -92.62 -32.70
C SER E 1447 52.00 -93.62 -31.55
N ASP E 1448 52.07 -94.92 -31.81
CA ASP E 1448 51.95 -95.90 -30.72
C ASP E 1448 53.18 -95.85 -29.83
N SER E 1449 54.33 -95.48 -30.38
CA SER E 1449 55.58 -95.51 -29.64
C SER E 1449 55.46 -94.68 -28.37
N THR E 1450 55.35 -93.36 -28.52
CA THR E 1450 55.17 -92.51 -27.35
C THR E 1450 53.74 -92.58 -26.81
N LEU E 1451 52.83 -93.19 -27.56
CA LEU E 1451 51.43 -93.24 -27.15
C LEU E 1451 51.27 -94.20 -25.98
N TRP E 1452 51.55 -95.48 -26.19
CA TRP E 1452 51.53 -96.42 -25.08
C TRP E 1452 52.83 -96.35 -24.28
N GLU E 1453 53.87 -95.74 -24.84
CA GLU E 1453 55.12 -95.62 -24.09
C GLU E 1453 54.97 -94.60 -22.97
N ALA E 1454 54.61 -93.37 -23.31
CA ALA E 1454 54.37 -92.39 -22.26
C ALA E 1454 53.02 -92.60 -21.60
N LEU E 1455 52.04 -93.16 -22.32
CA LEU E 1455 50.75 -93.49 -21.74
C LEU E 1455 50.84 -94.57 -20.66
N GLU E 1456 51.44 -95.72 -20.98
CA GLU E 1456 51.78 -96.68 -19.94
C GLU E 1456 52.74 -96.10 -18.93
N ILE E 1457 53.57 -95.14 -19.34
CA ILE E 1457 54.47 -94.51 -18.38
C ILE E 1457 53.71 -93.54 -17.48
N ALA E 1458 52.57 -93.05 -17.92
CA ALA E 1458 51.78 -92.11 -17.14
C ALA E 1458 50.64 -92.75 -16.37
N GLN E 1459 50.52 -94.08 -16.39
CA GLN E 1459 49.39 -94.86 -15.87
C GLN E 1459 48.14 -94.68 -16.70
N LEU E 1460 48.19 -93.92 -17.78
CA LEU E 1460 47.05 -93.69 -18.66
C LEU E 1460 46.82 -94.82 -19.63
N LYS E 1461 47.59 -95.91 -19.53
CA LYS E 1461 47.44 -97.05 -20.42
C LYS E 1461 46.11 -97.78 -20.22
N LEU E 1462 45.54 -97.69 -19.02
CA LEU E 1462 44.17 -98.10 -18.81
C LEU E 1462 43.21 -97.26 -19.63
N VAL E 1463 43.50 -95.97 -19.81
CA VAL E 1463 42.76 -95.16 -20.78
C VAL E 1463 42.95 -95.72 -22.18
N VAL E 1464 44.06 -96.44 -22.39
CA VAL E 1464 44.23 -97.23 -23.61
C VAL E 1464 43.38 -98.49 -23.55
N LYS E 1465 43.03 -98.96 -22.34
CA LYS E 1465 42.17 -100.14 -22.19
C LYS E 1465 40.70 -99.80 -22.31
N ALA E 1466 40.28 -98.69 -21.70
CA ALA E 1466 38.87 -98.31 -21.74
C ALA E 1466 38.49 -97.77 -23.11
N LEU E 1467 39.02 -96.61 -23.48
CA LEU E 1467 38.81 -95.98 -24.78
C LEU E 1467 39.61 -96.76 -25.82
N PRO E 1468 39.00 -97.11 -26.95
CA PRO E 1468 39.76 -97.79 -28.00
C PRO E 1468 40.86 -96.89 -28.54
N GLY E 1469 41.61 -97.40 -29.52
CA GLY E 1469 42.77 -96.68 -30.00
C GLY E 1469 42.46 -95.26 -30.44
N GLY E 1470 43.39 -94.34 -30.15
CA GLY E 1470 43.06 -92.93 -30.19
C GLY E 1470 43.12 -92.36 -31.60
N LEU E 1471 43.13 -91.03 -31.67
CA LEU E 1471 42.80 -90.19 -32.82
C LEU E 1471 41.28 -90.11 -32.94
N ASP E 1472 40.55 -90.86 -32.11
CA ASP E 1472 39.09 -90.90 -32.22
C ASP E 1472 38.48 -89.66 -31.60
N GLY E 1479 35.65 -86.01 -24.87
CA GLY E 1479 36.43 -86.86 -24.01
C GLY E 1479 35.78 -87.10 -22.66
N GLU E 1480 35.99 -88.28 -22.10
CA GLU E 1480 35.40 -88.62 -20.81
C GLU E 1480 36.23 -88.01 -19.68
N ASN E 1481 35.60 -87.15 -18.88
CA ASN E 1481 36.29 -86.41 -17.84
C ASN E 1481 35.86 -86.92 -16.47
N PHE E 1482 36.85 -87.35 -15.68
CA PHE E 1482 36.63 -87.72 -14.28
C PHE E 1482 37.58 -86.91 -13.41
N SER E 1483 37.02 -85.98 -12.64
CA SER E 1483 37.71 -85.00 -11.79
C SER E 1483 38.80 -84.31 -12.62
N GLN E 1484 39.92 -83.92 -12.03
CA GLN E 1484 41.13 -83.65 -12.80
C GLN E 1484 42.16 -84.74 -12.70
N GLY E 1485 41.92 -85.75 -11.86
CA GLY E 1485 42.98 -86.67 -11.52
C GLY E 1485 43.49 -87.41 -12.73
N GLN E 1486 42.61 -88.15 -13.40
CA GLN E 1486 42.99 -88.72 -14.68
C GLN E 1486 43.10 -87.64 -15.74
N ARG E 1487 42.27 -86.60 -15.64
CA ARG E 1487 42.34 -85.46 -16.55
C ARG E 1487 43.68 -84.77 -16.50
N GLN E 1488 43.98 -84.09 -15.38
CA GLN E 1488 45.25 -83.38 -15.26
C GLN E 1488 46.42 -84.35 -15.21
N LEU E 1489 46.16 -85.63 -14.89
CA LEU E 1489 47.21 -86.63 -14.98
C LEU E 1489 47.62 -86.82 -16.43
N PHE E 1490 46.64 -86.93 -17.31
CA PHE E 1490 46.91 -86.93 -18.74
C PHE E 1490 47.49 -85.59 -19.17
N CYS E 1491 47.18 -84.53 -18.42
CA CYS E 1491 47.63 -83.19 -18.81
C CYS E 1491 49.12 -83.04 -18.53
N LEU E 1492 49.49 -82.96 -17.26
CA LEU E 1492 50.89 -82.95 -16.87
C LEU E 1492 51.69 -84.09 -17.48
N ALA E 1493 51.03 -85.22 -17.76
CA ALA E 1493 51.71 -86.28 -18.50
C ALA E 1493 52.05 -85.84 -19.91
N ARG E 1494 51.10 -85.21 -20.60
CA ARG E 1494 51.37 -84.67 -21.91
C ARG E 1494 52.47 -83.62 -21.86
N ALA E 1495 52.42 -82.74 -20.87
CA ALA E 1495 53.47 -81.75 -20.71
C ALA E 1495 54.84 -82.40 -20.55
N PHE E 1496 54.97 -83.28 -19.55
CA PHE E 1496 56.23 -83.99 -19.31
C PHE E 1496 56.66 -84.86 -20.48
N VAL E 1497 55.74 -85.14 -21.41
CA VAL E 1497 56.10 -85.92 -22.61
C VAL E 1497 56.96 -85.11 -23.58
N ARG E 1498 57.20 -83.83 -23.29
CA ARG E 1498 58.15 -83.06 -24.07
C ARG E 1498 59.48 -83.78 -24.23
N LYS E 1499 59.94 -84.45 -23.18
CA LYS E 1499 61.04 -85.42 -23.18
C LYS E 1499 62.40 -84.79 -23.46
N THR E 1500 62.45 -83.49 -23.76
CA THR E 1500 63.73 -82.84 -24.05
C THR E 1500 64.50 -82.60 -22.75
N SER E 1501 65.58 -81.84 -22.86
CA SER E 1501 66.50 -81.60 -21.76
C SER E 1501 65.90 -80.81 -20.61
N ILE E 1502 65.15 -79.74 -20.89
CA ILE E 1502 64.71 -78.81 -19.85
C ILE E 1502 63.20 -78.93 -19.67
N PHE E 1503 62.78 -79.32 -18.46
CA PHE E 1503 61.38 -79.36 -18.08
C PHE E 1503 61.15 -78.35 -16.96
N ILE E 1504 59.99 -77.69 -17.00
CA ILE E 1504 59.66 -76.69 -15.99
C ILE E 1504 58.23 -76.91 -15.53
N MET E 1505 58.02 -76.82 -14.22
CA MET E 1505 56.69 -76.88 -13.64
C MET E 1505 56.67 -75.97 -12.43
N ASP E 1506 55.61 -75.17 -12.31
CA ASP E 1506 55.48 -74.24 -11.21
C ASP E 1506 54.10 -74.35 -10.61
N GLU E 1507 54.03 -74.77 -9.36
CA GLU E 1507 52.77 -74.92 -8.63
C GLU E 1507 51.77 -75.76 -9.41
N ALA E 1508 52.25 -76.75 -10.16
CA ALA E 1508 51.34 -77.67 -10.83
C ALA E 1508 50.55 -78.50 -9.84
N THR E 1509 50.99 -78.58 -8.60
CA THR E 1509 50.30 -79.33 -7.55
C THR E 1509 49.41 -78.47 -6.65
N ALA E 1510 49.31 -77.16 -6.92
CA ALA E 1510 48.43 -76.29 -6.14
C ALA E 1510 46.98 -76.75 -6.21
N SER E 1511 46.40 -76.71 -7.41
CA SER E 1511 45.05 -77.20 -7.63
C SER E 1511 44.97 -78.72 -7.72
N ILE E 1512 45.98 -79.38 -8.30
CA ILE E 1512 46.03 -80.83 -8.24
C ILE E 1512 46.10 -81.25 -6.78
N ASP E 1513 45.12 -82.04 -6.36
CA ASP E 1513 44.80 -82.16 -4.95
C ASP E 1513 45.55 -83.34 -4.33
N MET E 1514 46.52 -83.02 -3.47
CA MET E 1514 46.96 -83.88 -2.37
C MET E 1514 47.27 -85.28 -2.88
N ALA E 1515 46.53 -86.32 -2.47
CA ALA E 1515 46.92 -87.72 -2.66
C ALA E 1515 47.15 -88.09 -4.11
N THR E 1516 46.71 -87.26 -5.06
CA THR E 1516 47.14 -87.44 -6.44
C THR E 1516 48.65 -87.58 -6.55
N GLU E 1517 49.40 -86.66 -5.94
CA GLU E 1517 50.86 -86.74 -5.92
C GLU E 1517 51.36 -88.10 -5.44
N ASN E 1518 50.57 -88.76 -4.60
CA ASN E 1518 50.90 -90.12 -4.17
C ASN E 1518 51.31 -90.98 -5.37
N ILE E 1519 50.50 -90.96 -6.42
CA ILE E 1519 50.98 -91.40 -7.73
C ILE E 1519 51.75 -90.28 -8.41
N LEU E 1520 51.20 -89.07 -8.43
CA LEU E 1520 51.68 -88.04 -9.35
C LEU E 1520 53.12 -87.62 -9.02
N GLN E 1521 53.37 -87.18 -7.78
CA GLN E 1521 54.76 -86.93 -7.40
C GLN E 1521 55.59 -88.19 -7.59
N LYS E 1522 55.00 -89.35 -7.29
CA LYS E 1522 55.64 -90.62 -7.60
C LYS E 1522 56.05 -90.67 -9.06
N VAL E 1523 55.12 -90.37 -9.96
CA VAL E 1523 55.46 -90.32 -11.38
C VAL E 1523 56.62 -89.37 -11.62
N VAL E 1524 56.61 -88.19 -11.00
CA VAL E 1524 57.74 -87.30 -11.19
C VAL E 1524 59.00 -87.86 -10.58
N MET E 1525 58.87 -88.61 -9.48
CA MET E 1525 60.01 -89.26 -8.83
C MET E 1525 60.83 -90.07 -9.82
N THR E 1526 60.18 -90.83 -10.70
CA THR E 1526 60.85 -91.61 -11.72
C THR E 1526 61.06 -90.84 -13.02
N ALA E 1527 60.72 -89.55 -13.05
CA ALA E 1527 60.72 -88.74 -14.26
C ALA E 1527 61.55 -87.48 -14.11
N PHE E 1528 61.20 -86.61 -13.15
CA PHE E 1528 61.80 -85.29 -13.05
C PHE E 1528 63.32 -85.37 -12.93
N ALA E 1529 63.86 -86.55 -12.66
CA ALA E 1529 65.30 -86.73 -12.57
C ALA E 1529 65.96 -86.79 -13.96
N ASP E 1530 67.28 -86.58 -13.95
CA ASP E 1530 68.16 -86.76 -15.10
C ASP E 1530 67.93 -85.75 -16.22
N ARG E 1531 67.58 -84.52 -15.87
CA ARG E 1531 67.39 -83.43 -16.85
C ARG E 1531 67.33 -82.09 -16.12
N THR E 1532 67.06 -81.03 -16.88
CA THR E 1532 66.94 -79.69 -16.32
C THR E 1532 65.50 -79.48 -15.86
N VAL E 1533 65.34 -79.22 -14.56
CA VAL E 1533 64.01 -79.06 -13.98
C VAL E 1533 64.06 -77.97 -12.91
N VAL E 1534 63.01 -77.16 -12.86
CA VAL E 1534 62.70 -76.26 -11.75
C VAL E 1534 61.29 -76.63 -11.31
N THR E 1535 61.15 -77.16 -10.10
CA THR E 1535 59.86 -77.66 -9.64
C THR E 1535 59.46 -76.94 -8.37
N ILE E 1536 58.28 -76.33 -8.36
CA ILE E 1536 57.85 -75.49 -7.25
C ILE E 1536 56.47 -75.92 -6.76
N ALA E 1537 56.33 -76.04 -5.44
CA ALA E 1537 55.05 -76.34 -4.82
C ALA E 1537 54.96 -75.63 -3.49
N HIS E 1538 53.75 -75.12 -3.18
CA HIS E 1538 53.55 -74.48 -1.90
C HIS E 1538 53.51 -75.48 -0.76
N ARG E 1539 53.23 -76.75 -1.06
CA ARG E 1539 53.50 -77.81 -0.11
C ARG E 1539 55.00 -78.08 0.02
N VAL E 1540 55.78 -77.80 -1.02
CA VAL E 1540 57.24 -77.80 -0.98
C VAL E 1540 57.83 -79.18 -0.74
N HIS E 1541 56.97 -80.17 -0.48
CA HIS E 1541 57.42 -81.49 -0.05
C HIS E 1541 58.40 -82.14 -1.02
N THR E 1542 58.29 -81.89 -2.32
CA THR E 1542 59.16 -82.54 -3.28
C THR E 1542 60.46 -81.77 -3.53
N ILE E 1543 60.66 -80.64 -2.84
CA ILE E 1543 61.83 -79.81 -3.06
C ILE E 1543 62.99 -80.33 -2.23
N LEU E 1544 62.77 -81.46 -1.53
CA LEU E 1544 63.77 -82.02 -0.63
C LEU E 1544 65.15 -82.15 -1.28
N SER E 1545 65.27 -83.03 -2.26
CA SER E 1545 66.54 -83.34 -2.89
C SER E 1545 66.95 -82.29 -3.92
N ALA E 1546 66.12 -81.28 -4.14
CA ALA E 1546 66.45 -80.21 -5.07
C ALA E 1546 67.77 -79.57 -4.68
N ASP E 1547 68.70 -79.51 -5.62
CA ASP E 1547 69.99 -78.89 -5.33
C ASP E 1547 69.86 -77.40 -5.05
N LEU E 1548 68.78 -76.77 -5.49
CA LEU E 1548 68.58 -75.34 -5.27
C LEU E 1548 67.17 -75.10 -4.78
N VAL E 1549 67.02 -74.15 -3.87
CA VAL E 1549 65.72 -73.73 -3.36
C VAL E 1549 65.65 -72.22 -3.43
N MET E 1550 64.43 -71.68 -3.45
CA MET E 1550 64.23 -70.24 -3.49
C MET E 1550 62.96 -69.88 -2.72
N VAL E 1551 63.03 -68.79 -1.96
CA VAL E 1551 61.89 -68.25 -1.23
C VAL E 1551 61.94 -66.73 -1.37
N LEU E 1552 60.76 -66.11 -1.49
CA LEU E 1552 60.67 -64.70 -1.86
C LEU E 1552 60.41 -63.86 -0.61
N LYS E 1553 61.40 -63.05 -0.24
CA LYS E 1553 61.23 -62.03 0.78
C LYS E 1553 61.90 -60.75 0.29
N ARG E 1554 61.80 -59.68 1.07
CA ARG E 1554 62.34 -58.37 0.68
C ARG E 1554 61.95 -58.05 -0.75
N GLY E 1555 62.93 -57.81 -1.62
CA GLY E 1555 62.65 -57.58 -3.02
C GLY E 1555 62.74 -58.80 -3.92
N ALA E 1556 63.50 -59.82 -3.52
CA ALA E 1556 63.79 -60.91 -4.45
C ALA E 1556 63.96 -62.21 -3.67
N ILE E 1557 64.43 -63.27 -4.35
CA ILE E 1557 64.56 -64.58 -3.71
C ILE E 1557 65.48 -64.48 -2.50
N LEU E 1558 65.13 -65.22 -1.45
CA LEU E 1558 65.90 -65.16 -0.21
C LEU E 1558 67.32 -65.66 -0.40
N GLU E 1559 67.47 -66.85 -0.99
CA GLU E 1559 68.77 -67.51 -1.10
C GLU E 1559 68.59 -68.77 -1.92
N PHE E 1560 69.72 -69.31 -2.39
CA PHE E 1560 69.73 -70.50 -3.22
C PHE E 1560 70.80 -71.45 -2.71
N ASP E 1561 70.38 -72.64 -2.30
CA ASP E 1561 71.30 -73.68 -1.84
C ASP E 1561 70.51 -74.98 -1.69
N LYS E 1562 71.18 -76.03 -1.22
CA LYS E 1562 70.52 -77.28 -0.98
C LYS E 1562 69.49 -77.14 0.14
N PRO E 1563 68.48 -78.00 0.17
CA PRO E 1563 67.57 -77.99 1.32
C PRO E 1563 68.24 -78.40 2.61
N GLU E 1564 69.11 -79.42 2.56
CA GLU E 1564 69.76 -79.89 3.79
C GLU E 1564 70.83 -78.91 4.26
N THR E 1565 71.53 -78.26 3.33
CA THR E 1565 72.47 -77.21 3.72
C THR E 1565 71.72 -76.02 4.32
N LEU E 1566 70.53 -75.73 3.80
CA LEU E 1566 69.74 -74.64 4.35
C LEU E 1566 69.22 -74.98 5.74
N LEU E 1567 68.56 -76.12 5.89
CA LEU E 1567 68.14 -76.57 7.21
C LEU E 1567 69.33 -76.90 8.08
N SER E 1568 70.54 -76.85 7.52
CA SER E 1568 71.72 -77.22 8.28
C SER E 1568 72.15 -76.09 9.22
N GLN E 1569 71.99 -74.85 8.79
CA GLN E 1569 72.38 -73.72 9.63
C GLN E 1569 71.44 -73.59 10.83
N LYS E 1570 71.90 -72.88 11.85
CA LYS E 1570 71.04 -72.61 13.00
C LYS E 1570 69.82 -71.80 12.59
N ASP E 1571 70.00 -70.83 11.70
CA ASP E 1571 68.91 -70.02 11.19
C ASP E 1571 68.95 -70.05 9.67
N SER E 1572 67.80 -70.35 9.07
CA SER E 1572 67.64 -70.22 7.63
C SER E 1572 66.16 -70.04 7.31
N VAL E 1573 65.91 -69.44 6.16
CA VAL E 1573 64.58 -69.05 5.73
C VAL E 1573 63.65 -70.26 5.65
N PHE E 1574 63.95 -71.18 4.73
CA PHE E 1574 63.03 -72.28 4.46
C PHE E 1574 62.61 -72.98 5.73
N ALA E 1575 63.54 -73.11 6.69
CA ALA E 1575 63.15 -73.62 8.01
C ALA E 1575 62.07 -72.73 8.62
N SER E 1576 62.27 -71.41 8.57
CA SER E 1576 61.31 -70.50 9.20
C SER E 1576 59.96 -70.53 8.50
N PHE E 1577 59.93 -70.87 7.22
CA PHE E 1577 58.67 -71.08 6.52
C PHE E 1577 58.19 -72.53 6.62
N VAL E 1578 58.92 -73.38 7.34
CA VAL E 1578 58.48 -74.77 7.47
C VAL E 1578 57.33 -74.91 8.47
N ARG E 1579 57.42 -74.25 9.63
CA ARG E 1579 56.48 -74.50 10.72
C ARG E 1579 55.08 -74.06 10.35
N ALA E 1580 54.92 -72.79 9.95
CA ALA E 1580 53.60 -72.20 9.79
C ALA E 1580 52.78 -72.86 8.68
N ASP E 1581 53.38 -73.70 7.86
CA ASP E 1581 52.65 -74.39 6.81
C ASP E 1581 51.95 -75.63 7.36
N PHE F 27 -50.41 26.33 -34.20
CA PHE F 27 -49.03 25.88 -34.41
C PHE F 27 -48.76 24.56 -33.70
N VAL F 28 -48.53 23.48 -34.45
CA VAL F 28 -48.43 22.15 -33.84
C VAL F 28 -47.13 22.03 -33.05
N ASP F 29 -46.24 23.02 -33.19
CA ASP F 29 -45.05 23.04 -32.34
C ASP F 29 -45.43 23.02 -30.88
N ALA F 30 -46.65 23.44 -30.55
CA ALA F 30 -47.14 23.27 -29.19
C ALA F 30 -47.29 21.80 -28.85
N LEU F 31 -48.10 21.09 -29.62
CA LEU F 31 -48.36 19.69 -29.32
C LEU F 31 -47.05 18.92 -29.21
N ASN F 32 -46.20 18.99 -30.22
CA ASN F 32 -44.93 18.31 -30.10
C ASN F 32 -44.10 18.90 -28.96
N VAL F 33 -44.33 20.18 -28.65
CA VAL F 33 -43.53 20.83 -27.63
C VAL F 33 -43.89 20.29 -26.25
N VAL F 34 -45.05 19.66 -26.14
CA VAL F 34 -45.35 18.89 -24.93
C VAL F 34 -44.43 17.69 -24.82
N PRO F 35 -44.06 17.00 -25.90
CA PRO F 35 -43.30 15.75 -25.73
C PRO F 35 -41.96 15.94 -25.06
N HIS F 36 -41.28 17.06 -25.30
CA HIS F 36 -39.90 17.22 -24.84
C HIS F 36 -39.76 16.97 -23.34
N VAL F 37 -40.57 17.63 -22.53
CA VAL F 37 -40.42 17.51 -21.08
C VAL F 37 -40.51 16.05 -20.65
N PHE F 38 -41.61 15.39 -21.00
CA PHE F 38 -41.80 14.01 -20.56
C PHE F 38 -40.66 13.11 -21.05
N LEU F 39 -40.40 13.13 -22.36
CA LEU F 39 -39.35 12.26 -22.88
C LEU F 39 -38.04 12.46 -22.13
N LEU F 40 -37.72 13.69 -21.75
CA LEU F 40 -36.55 13.91 -20.91
C LEU F 40 -36.73 13.23 -19.55
N PHE F 41 -37.94 13.32 -18.97
CA PHE F 41 -38.16 12.74 -17.65
C PHE F 41 -37.84 11.26 -17.66
N ILE F 42 -38.17 10.56 -18.75
CA ILE F 42 -37.69 9.19 -18.88
C ILE F 42 -36.18 9.19 -19.09
N THR F 43 -35.67 10.18 -19.82
CA THR F 43 -34.27 10.16 -20.24
C THR F 43 -33.35 10.03 -19.04
N PHE F 44 -33.43 10.97 -18.12
CA PHE F 44 -32.52 10.83 -16.97
C PHE F 44 -32.88 9.57 -16.20
N PRO F 45 -34.17 9.30 -16.03
CA PRO F 45 -34.55 8.20 -15.15
C PRO F 45 -34.02 6.85 -15.60
N ILE F 46 -34.15 6.52 -16.89
CA ILE F 46 -33.72 5.21 -17.36
C ILE F 46 -32.26 4.98 -17.03
N LEU F 47 -31.43 6.01 -17.22
CA LEU F 47 -30.04 5.90 -16.81
C LEU F 47 -29.94 5.58 -15.32
N PHE F 48 -30.62 6.36 -14.48
CA PHE F 48 -30.42 6.17 -13.04
C PHE F 48 -30.86 4.77 -12.59
N ILE F 49 -32.09 4.36 -12.94
CA ILE F 49 -32.62 3.09 -12.46
C ILE F 49 -31.86 1.93 -13.07
N GLY F 50 -31.59 2.00 -14.38
CA GLY F 50 -30.77 0.98 -14.99
C GLY F 50 -29.44 0.80 -14.28
N TRP F 51 -28.75 1.91 -14.01
CA TRP F 51 -27.46 1.83 -13.33
C TRP F 51 -27.61 1.27 -11.93
N GLY F 52 -28.73 1.57 -11.26
CA GLY F 52 -28.98 0.93 -9.98
C GLY F 52 -29.04 -0.58 -10.12
N SER F 53 -29.41 -1.05 -11.31
CA SER F 53 -29.55 -2.46 -11.61
C SER F 53 -30.63 -3.12 -10.75
N SER F 63 -32.35 -4.08 1.85
CA SER F 63 -33.73 -4.54 1.88
C SER F 63 -34.44 -4.11 3.16
N THR F 64 -34.85 -2.84 3.21
CA THR F 64 -35.79 -2.35 4.21
C THR F 64 -36.91 -1.61 3.49
N TRP F 65 -38.10 -2.19 3.49
CA TRP F 65 -39.25 -1.52 2.90
C TRP F 65 -39.67 -0.37 3.81
N LEU F 66 -40.43 0.57 3.27
CA LEU F 66 -40.81 1.75 4.03
C LEU F 66 -42.02 2.41 3.39
N HIS F 67 -42.48 3.49 4.01
CA HIS F 67 -43.45 4.39 3.38
C HIS F 67 -43.01 5.82 3.62
N PHE F 68 -42.68 6.51 2.56
CA PHE F 68 -42.31 7.92 2.50
C PHE F 68 -43.57 8.76 2.60
N PRO F 69 -43.53 10.02 2.16
CA PRO F 69 -44.73 10.87 2.17
C PRO F 69 -45.92 10.28 1.44
N GLY F 70 -46.95 11.07 1.23
CA GLY F 70 -48.32 10.60 1.19
C GLY F 70 -48.64 9.37 0.37
N HIS F 71 -47.75 8.97 -0.53
CA HIS F 71 -47.81 7.62 -1.08
C HIS F 71 -49.16 7.34 -1.71
N ASN F 72 -49.95 6.49 -1.05
CA ASN F 72 -51.15 5.88 -1.60
C ASN F 72 -51.97 6.90 -2.38
N LEU F 73 -52.04 8.13 -1.90
CA LEU F 73 -52.72 9.16 -2.66
C LEU F 73 -52.07 9.26 -4.04
N ARG F 74 -50.76 9.47 -4.06
CA ARG F 74 -50.04 9.56 -5.32
C ARG F 74 -50.18 8.29 -6.12
N TRP F 75 -50.36 7.17 -5.45
CA TRP F 75 -50.61 5.92 -6.16
C TRP F 75 -51.92 6.00 -6.94
N ILE F 76 -53.01 6.37 -6.27
CA ILE F 76 -54.32 6.42 -6.93
C ILE F 76 -54.29 7.46 -8.04
N LEU F 77 -53.82 8.66 -7.72
CA LEU F 77 -53.69 9.71 -8.72
C LEU F 77 -52.90 9.20 -9.93
N THR F 78 -51.85 8.42 -9.67
CA THR F 78 -51.11 7.82 -10.76
C THR F 78 -52.00 6.89 -11.59
N PHE F 79 -52.77 6.05 -10.92
CA PHE F 79 -53.60 5.07 -11.63
C PHE F 79 -54.59 5.78 -12.56
N ILE F 80 -55.41 6.65 -11.98
CA ILE F 80 -56.35 7.41 -12.80
C ILE F 80 -55.61 8.11 -13.92
N LEU F 81 -54.40 8.60 -13.63
CA LEU F 81 -53.63 9.29 -14.64
C LEU F 81 -53.36 8.37 -15.83
N LEU F 82 -52.85 7.17 -15.55
CA LEU F 82 -52.62 6.20 -16.62
C LEU F 82 -53.90 5.99 -17.42
N PHE F 83 -55.04 5.96 -16.73
CA PHE F 83 -56.32 5.84 -17.44
C PHE F 83 -56.51 7.01 -18.40
N VAL F 84 -56.18 8.22 -17.96
CA VAL F 84 -56.26 9.39 -18.81
C VAL F 84 -55.42 9.13 -20.06
N LEU F 85 -54.12 8.99 -19.84
CA LEU F 85 -53.18 8.87 -20.96
C LEU F 85 -53.64 7.81 -21.96
N VAL F 86 -54.09 6.67 -21.46
CA VAL F 86 -54.54 5.63 -22.38
C VAL F 86 -55.79 6.08 -23.12
N CYS F 87 -56.64 6.86 -22.46
CA CYS F 87 -57.80 7.39 -23.16
C CYS F 87 -57.38 8.32 -24.28
N GLU F 88 -56.31 9.09 -24.08
CA GLU F 88 -55.86 10.02 -25.11
C GLU F 88 -55.60 9.29 -26.41
N ILE F 89 -55.01 8.10 -26.33
CA ILE F 89 -54.73 7.32 -27.53
C ILE F 89 -56.02 7.04 -28.29
N ALA F 90 -57.16 7.20 -27.62
CA ALA F 90 -58.43 7.05 -28.32
C ALA F 90 -58.69 8.25 -29.22
N GLU F 91 -58.55 9.46 -28.68
CA GLU F 91 -58.69 10.64 -29.51
C GLU F 91 -57.73 10.58 -30.67
N GLY F 92 -56.48 10.24 -30.41
CA GLY F 92 -55.55 10.09 -31.51
C GLY F 92 -56.07 9.08 -32.51
N ILE F 93 -56.45 7.91 -32.01
CA ILE F 93 -56.92 6.84 -32.89
C ILE F 93 -58.14 7.28 -33.67
N LEU F 94 -58.81 8.32 -33.19
CA LEU F 94 -59.90 8.91 -33.95
C LEU F 94 -59.36 9.82 -35.05
N SER F 95 -58.50 10.76 -34.67
CA SER F 95 -57.94 11.74 -35.59
C SER F 95 -57.06 11.18 -36.71
N ASP F 96 -56.28 10.16 -36.40
CA ASP F 96 -55.37 9.58 -37.38
C ASP F 96 -56.03 8.99 -38.62
N GLY F 97 -57.14 8.28 -38.44
CA GLY F 97 -57.82 7.66 -39.56
C GLY F 97 -58.35 8.62 -40.62
N VAL F 98 -59.00 9.67 -40.17
CA VAL F 98 -59.58 10.66 -41.09
C VAL F 98 -58.54 11.40 -41.93
N THR F 99 -57.41 11.74 -41.31
CA THR F 99 -56.35 12.49 -41.97
C THR F 99 -55.71 11.79 -43.16
N GLU F 100 -55.42 12.59 -44.19
CA GLU F 100 -54.79 12.13 -45.42
C GLU F 100 -53.28 11.94 -45.23
N SER F 101 -52.64 11.28 -46.20
CA SER F 101 -51.20 11.03 -46.17
C SER F 101 -50.73 10.31 -44.92
N ARG F 102 -51.49 9.29 -44.53
CA ARG F 102 -51.25 8.41 -43.38
C ARG F 102 -51.43 9.06 -42.01
N HIS F 103 -50.85 8.45 -40.99
CA HIS F 103 -50.97 8.94 -39.63
C HIS F 103 -50.33 10.31 -39.44
N LEU F 104 -50.96 11.13 -38.61
CA LEU F 104 -50.48 12.47 -38.31
C LEU F 104 -49.37 12.44 -37.25
N HIS F 105 -48.55 13.48 -37.25
CA HIS F 105 -47.45 13.62 -36.29
C HIS F 105 -47.96 13.72 -34.85
N LEU F 106 -49.09 14.40 -34.69
CA LEU F 106 -49.72 14.63 -33.39
C LEU F 106 -50.14 13.35 -32.65
N TYR F 107 -50.50 12.32 -33.39
CA TYR F 107 -50.97 11.07 -32.74
C TYR F 107 -49.93 10.46 -31.80
N MET F 108 -48.67 10.44 -32.19
CA MET F 108 -47.63 9.90 -31.31
C MET F 108 -47.49 10.64 -29.99
N PRO F 109 -47.55 11.97 -29.94
CA PRO F 109 -47.16 12.68 -28.71
C PRO F 109 -47.81 12.14 -27.46
N ALA F 110 -49.12 11.92 -27.53
CA ALA F 110 -49.79 11.19 -26.47
C ALA F 110 -49.06 9.89 -26.17
N GLY F 111 -48.77 9.10 -27.21
CA GLY F 111 -48.13 7.81 -26.98
C GLY F 111 -46.87 7.93 -26.15
N MET F 112 -45.96 8.81 -26.57
CA MET F 112 -44.77 9.05 -25.77
C MET F 112 -45.13 9.36 -24.32
N ALA F 113 -46.12 10.22 -24.12
CA ALA F 113 -46.48 10.56 -22.75
C ALA F 113 -46.89 9.33 -21.95
N PHE F 114 -47.90 8.61 -22.42
CA PHE F 114 -48.43 7.46 -21.68
C PHE F 114 -47.36 6.42 -21.45
N MET F 115 -46.35 6.39 -22.31
CA MET F 115 -45.19 5.56 -22.01
C MET F 115 -44.42 6.13 -20.84
N ALA F 116 -44.24 7.45 -20.83
CA ALA F 116 -43.38 8.09 -19.84
C ALA F 116 -43.91 7.95 -18.42
N ALA F 117 -45.13 8.42 -18.19
CA ALA F 117 -45.64 8.49 -16.82
C ALA F 117 -45.55 7.12 -16.15
N ILE F 118 -45.73 6.06 -16.95
CA ILE F 118 -45.62 4.69 -16.46
C ILE F 118 -44.31 4.57 -15.72
N THR F 119 -43.19 4.75 -16.43
CA THR F 119 -41.89 4.70 -15.78
C THR F 119 -41.79 5.70 -14.64
N SER F 120 -42.46 6.85 -14.76
CA SER F 120 -42.38 7.84 -13.70
C SER F 120 -42.71 7.22 -12.35
N VAL F 121 -43.86 6.57 -12.26
CA VAL F 121 -44.17 5.81 -11.07
C VAL F 121 -43.03 4.88 -10.69
N VAL F 122 -42.39 4.25 -11.68
CA VAL F 122 -41.36 3.27 -11.36
C VAL F 122 -40.18 3.92 -10.65
N TYR F 123 -39.67 5.04 -11.18
CA TYR F 123 -38.60 5.74 -10.47
C TYR F 123 -39.06 6.14 -9.08
N TYR F 124 -40.34 6.50 -8.95
CA TYR F 124 -40.87 6.70 -7.62
C TYR F 124 -40.68 5.44 -6.79
N HIS F 125 -40.75 4.27 -7.44
CA HIS F 125 -40.66 3.02 -6.70
C HIS F 125 -39.23 2.74 -6.27
N ASN F 126 -38.27 2.86 -7.18
CA ASN F 126 -36.88 2.56 -6.81
C ASN F 126 -36.26 3.67 -6.00
N ILE F 127 -36.96 4.80 -5.85
CA ILE F 127 -36.45 5.87 -5.02
C ILE F 127 -36.98 5.70 -3.61
N GLU F 128 -38.28 5.93 -3.46
CA GLU F 128 -38.89 5.91 -2.12
C GLU F 128 -38.60 4.61 -1.42
N THR F 129 -38.81 3.49 -2.11
CA THR F 129 -38.54 2.18 -1.50
C THR F 129 -37.08 2.05 -1.11
N SER F 130 -36.19 2.80 -1.77
CA SER F 130 -34.79 2.78 -1.39
C SER F 130 -34.49 3.89 -0.39
N ASN F 131 -35.52 4.61 0.05
CA ASN F 131 -35.37 5.77 0.92
C ASN F 131 -34.50 6.82 0.25
N PHE F 132 -33.54 7.38 1.00
CA PHE F 132 -32.51 8.28 0.51
C PHE F 132 -33.06 9.28 -0.49
N PRO F 133 -34.16 9.92 -0.20
CA PRO F 133 -34.84 10.78 -1.18
C PRO F 133 -34.16 12.14 -1.36
N LYS F 134 -32.84 12.15 -1.60
CA LYS F 134 -32.14 13.39 -1.77
C LYS F 134 -32.31 13.85 -3.20
N LEU F 135 -31.61 13.25 -4.17
CA LEU F 135 -31.64 13.77 -5.53
C LEU F 135 -32.86 13.30 -6.31
N LEU F 136 -33.22 12.02 -6.18
CA LEU F 136 -34.27 11.46 -7.01
C LEU F 136 -35.57 12.23 -6.85
N ILE F 137 -35.97 12.50 -5.61
CA ILE F 137 -37.15 13.32 -5.37
C ILE F 137 -37.05 14.65 -6.12
N ALA F 138 -35.92 15.35 -5.99
CA ALA F 138 -35.71 16.58 -6.73
C ALA F 138 -36.03 16.40 -8.21
N LEU F 139 -35.32 15.50 -8.88
CA LEU F 139 -35.55 15.27 -10.30
C LEU F 139 -37.03 15.08 -10.60
N LEU F 140 -37.71 14.24 -9.81
CA LEU F 140 -39.14 14.05 -10.01
C LEU F 140 -39.87 15.38 -9.93
N ILE F 141 -39.44 16.26 -9.04
CA ILE F 141 -40.06 17.57 -8.92
C ILE F 141 -39.86 18.31 -10.23
N TYR F 142 -38.67 18.16 -10.82
CA TYR F 142 -38.42 18.78 -12.11
C TYR F 142 -39.41 18.32 -13.16
N TRP F 143 -39.51 17.01 -13.42
CA TRP F 143 -40.44 16.53 -14.44
C TRP F 143 -41.85 17.04 -14.17
N THR F 144 -42.34 16.84 -12.94
CA THR F 144 -43.67 17.31 -12.58
C THR F 144 -43.86 18.77 -12.95
N LEU F 145 -42.82 19.59 -12.73
CA LEU F 145 -42.91 20.99 -13.13
C LEU F 145 -43.04 21.11 -14.64
N ALA F 146 -42.06 20.60 -15.38
CA ALA F 146 -42.03 20.84 -16.82
C ALA F 146 -43.27 20.33 -17.52
N PHE F 147 -44.07 19.52 -16.83
CA PHE F 147 -45.42 19.28 -17.33
C PHE F 147 -46.21 20.57 -17.47
N ILE F 148 -46.18 21.41 -16.45
CA ILE F 148 -47.14 22.50 -16.33
C ILE F 148 -47.09 23.39 -17.56
N THR F 149 -45.91 23.52 -18.17
CA THR F 149 -45.81 24.28 -19.40
C THR F 149 -46.66 23.66 -20.50
N LYS F 150 -46.58 22.33 -20.65
CA LYS F 150 -47.41 21.67 -21.64
C LYS F 150 -48.89 21.92 -21.35
N THR F 151 -49.29 21.77 -20.08
CA THR F 151 -50.66 22.09 -19.72
C THR F 151 -51.03 23.50 -20.19
N ILE F 152 -50.11 24.45 -20.00
CA ILE F 152 -50.35 25.81 -20.47
C ILE F 152 -50.58 25.81 -21.97
N LYS F 153 -49.77 25.07 -22.71
CA LYS F 153 -50.01 24.98 -24.14
C LYS F 153 -51.44 24.58 -24.42
N PHE F 154 -52.01 23.71 -23.60
CA PHE F 154 -53.45 23.50 -23.71
C PHE F 154 -54.22 24.78 -23.36
N VAL F 155 -53.71 25.56 -22.41
CA VAL F 155 -54.41 26.77 -22.00
C VAL F 155 -54.50 27.83 -23.09
N LYS F 156 -53.52 27.91 -23.99
CA LYS F 156 -53.71 28.75 -25.17
C LYS F 156 -54.49 28.02 -26.26
N PHE F 157 -54.46 26.69 -26.26
CA PHE F 157 -55.32 25.90 -27.12
C PHE F 157 -56.78 26.04 -26.73
N TYR F 158 -57.05 26.78 -25.65
CA TYR F 158 -58.38 26.97 -25.08
C TYR F 158 -59.42 27.69 -25.94
N ASP F 159 -59.05 28.17 -27.14
CA ASP F 159 -59.96 29.03 -27.90
C ASP F 159 -61.28 28.37 -28.29
N HIS F 160 -61.38 27.03 -28.30
CA HIS F 160 -62.60 26.34 -28.72
C HIS F 160 -63.03 25.32 -27.65
N ALA F 161 -64.27 25.47 -27.18
CA ALA F 161 -64.72 24.91 -25.91
C ALA F 161 -65.49 23.59 -26.00
N ILE F 162 -65.62 22.99 -27.19
CA ILE F 162 -66.41 21.76 -27.32
C ILE F 162 -66.01 20.74 -26.27
N GLY F 163 -64.70 20.49 -26.15
CA GLY F 163 -64.14 19.58 -25.18
C GLY F 163 -63.55 18.29 -25.73
N PHE F 164 -63.85 17.97 -26.99
CA PHE F 164 -63.62 16.63 -27.55
C PHE F 164 -62.24 16.12 -27.16
N SER F 165 -61.19 16.71 -27.71
CA SER F 165 -59.88 16.49 -27.13
C SER F 165 -59.69 17.36 -25.90
N GLN F 166 -60.38 18.50 -25.85
CA GLN F 166 -60.12 19.48 -24.81
C GLN F 166 -60.40 18.88 -23.45
N LEU F 167 -61.52 18.18 -23.29
CA LEU F 167 -61.91 17.68 -21.99
C LEU F 167 -60.83 16.78 -21.38
N ARG F 168 -60.38 15.79 -22.14
CA ARG F 168 -59.32 14.92 -21.66
C ARG F 168 -58.02 15.71 -21.44
N PHE F 169 -57.80 16.72 -22.27
CA PHE F 169 -56.52 17.43 -22.24
C PHE F 169 -56.43 18.28 -20.98
N CYS F 170 -57.20 19.37 -20.93
CA CYS F 170 -57.20 20.20 -19.73
C CYS F 170 -57.51 19.36 -18.50
N LEU F 171 -58.33 18.32 -18.66
CA LEU F 171 -58.47 17.33 -17.61
C LEU F 171 -57.10 16.88 -17.13
N THR F 172 -56.21 16.57 -18.06
CA THR F 172 -54.83 16.27 -17.67
C THR F 172 -54.15 17.50 -17.09
N GLY F 173 -54.67 18.68 -17.39
CA GLY F 173 -54.12 19.86 -16.75
C GLY F 173 -54.33 19.81 -15.25
N LEU F 174 -55.60 19.66 -14.84
CA LEU F 174 -55.88 19.53 -13.42
C LEU F 174 -55.17 18.34 -12.82
N LEU F 175 -55.21 17.19 -13.49
CA LEU F 175 -54.58 15.98 -12.96
C LEU F 175 -53.10 16.21 -12.68
N VAL F 176 -52.32 16.36 -13.75
CA VAL F 176 -50.88 16.55 -13.59
C VAL F 176 -50.57 17.63 -12.58
N ILE F 177 -51.32 18.73 -12.60
CA ILE F 177 -51.04 19.79 -11.65
C ILE F 177 -51.20 19.29 -10.21
N LEU F 178 -52.36 18.69 -9.90
CA LEU F 178 -52.59 18.22 -8.54
C LEU F 178 -51.50 17.27 -8.10
N TYR F 179 -51.05 16.39 -9.01
CA TYR F 179 -49.90 15.57 -8.70
C TYR F 179 -48.71 16.41 -8.27
N GLY F 180 -48.39 17.47 -9.04
CA GLY F 180 -47.29 18.33 -8.67
C GLY F 180 -47.42 18.87 -7.26
N MET F 181 -48.64 19.27 -6.90
CA MET F 181 -48.90 19.61 -5.51
C MET F 181 -48.59 18.44 -4.59
N LEU F 182 -48.84 17.20 -5.03
CA LEU F 182 -48.51 16.06 -4.16
C LEU F 182 -47.03 16.05 -3.85
N LEU F 183 -46.18 16.13 -4.87
CA LEU F 183 -44.75 16.21 -4.60
C LEU F 183 -44.43 17.36 -3.67
N LEU F 184 -45.15 18.48 -3.84
CA LEU F 184 -45.00 19.55 -2.87
C LEU F 184 -45.24 19.05 -1.46
N VAL F 185 -46.28 18.24 -1.27
CA VAL F 185 -46.52 17.66 0.05
C VAL F 185 -45.34 16.80 0.48
N GLU F 186 -44.69 16.13 -0.48
CA GLU F 186 -43.50 15.35 -0.15
C GLU F 186 -42.42 16.26 0.44
N VAL F 187 -42.32 17.49 -0.06
CA VAL F 187 -41.54 18.46 0.69
C VAL F 187 -42.22 18.80 2.00
N ASN F 188 -43.53 18.58 2.09
CA ASN F 188 -44.29 19.08 3.24
C ASN F 188 -44.37 18.09 4.38
N VAL F 189 -43.68 16.95 4.28
CA VAL F 189 -43.55 16.06 5.43
C VAL F 189 -42.08 15.92 5.81
N ILE F 190 -41.32 15.16 5.01
CA ILE F 190 -39.94 14.87 5.35
C ILE F 190 -39.03 16.07 5.08
N ARG F 191 -39.40 16.95 4.13
CA ARG F 191 -38.58 18.10 3.76
C ARG F 191 -37.21 17.67 3.22
N VAL F 192 -37.25 17.10 2.00
CA VAL F 192 -36.05 16.53 1.39
C VAL F 192 -34.97 17.58 1.12
N ARG F 193 -35.34 18.71 0.54
CA ARG F 193 -34.42 19.66 -0.05
C ARG F 193 -33.53 20.35 1.01
N ARG F 194 -32.48 21.00 0.51
CA ARG F 194 -31.46 21.66 1.31
C ARG F 194 -32.00 22.79 2.18
N TYR F 195 -33.27 23.12 2.07
CA TYR F 195 -33.82 24.25 2.82
C TYR F 195 -33.79 23.99 4.32
N ILE F 196 -33.23 24.97 5.06
CA ILE F 196 -33.41 25.11 6.50
C ILE F 196 -32.59 24.12 7.32
N PHE F 197 -31.86 23.23 6.63
CA PHE F 197 -30.92 22.31 7.28
C PHE F 197 -31.62 21.47 8.34
N PHE F 198 -32.88 21.12 8.05
CA PHE F 198 -33.61 20.22 8.92
C PHE F 198 -33.31 18.75 8.61
N LYS F 199 -32.53 18.50 7.56
CA LYS F 199 -32.17 17.14 7.15
C LYS F 199 -33.41 16.30 6.87
N THR F 200 -33.60 15.23 7.66
CA THR F 200 -34.74 14.33 7.50
C THR F 200 -35.30 13.98 8.87
N PRO F 201 -36.21 14.79 9.38
CA PRO F 201 -36.81 14.50 10.69
C PRO F 201 -37.76 13.31 10.63
N ARG F 202 -37.90 12.63 11.78
CA ARG F 202 -38.81 11.50 11.96
C ARG F 202 -38.54 10.40 10.93
N GLU F 203 -37.32 9.86 11.01
CA GLU F 203 -36.86 8.82 10.09
C GLU F 203 -36.58 7.53 10.87
N VAL F 204 -37.44 6.53 10.72
CA VAL F 204 -37.17 5.17 11.19
C VAL F 204 -38.14 4.25 10.46
N LYS F 205 -37.85 2.97 10.43
CA LYS F 205 -38.69 2.03 9.69
C LYS F 205 -39.87 1.59 10.54
N PRO F 206 -40.96 1.10 9.94
CA PRO F 206 -42.04 0.48 10.72
C PRO F 206 -41.52 -0.76 11.43
N PRO F 207 -42.18 -1.19 12.51
CA PRO F 207 -41.60 -2.24 13.37
C PRO F 207 -41.51 -3.60 12.70
N GLU F 208 -40.53 -3.78 11.81
CA GLU F 208 -40.35 -5.02 11.05
C GLU F 208 -39.00 -5.62 11.37
N ASP F 209 -39.02 -6.81 11.99
CA ASP F 209 -37.82 -7.60 12.24
C ASP F 209 -38.00 -9.05 11.81
N LEU F 210 -38.89 -9.79 12.49
CA LEU F 210 -39.28 -11.10 11.99
C LEU F 210 -40.29 -10.99 10.86
N GLN F 211 -41.37 -10.25 11.08
CA GLN F 211 -42.41 -9.95 10.09
C GLN F 211 -42.92 -11.26 9.49
N ASP F 212 -43.15 -11.34 8.17
CA ASP F 212 -43.71 -12.55 7.61
C ASP F 212 -42.66 -13.65 7.50
N LEU F 213 -41.50 -13.32 6.96
CA LEU F 213 -40.49 -14.33 6.70
C LEU F 213 -39.12 -13.73 6.45
N ASN F 223 -46.15 -2.18 -1.11
CA ASN F 223 -46.69 -0.95 -1.64
C ASN F 223 -48.12 -1.13 -2.15
N LEU F 224 -48.77 -0.04 -2.54
CA LEU F 224 -50.20 -0.04 -2.77
C LEU F 224 -50.60 -0.82 -4.03
N LEU F 225 -50.27 -0.29 -5.20
CA LEU F 225 -50.74 -0.92 -6.45
C LEU F 225 -50.30 -2.35 -6.65
N SER F 226 -49.05 -2.65 -6.37
CA SER F 226 -48.58 -4.02 -6.46
C SER F 226 -49.25 -4.86 -5.36
N LYS F 227 -49.40 -4.25 -4.19
CA LYS F 227 -50.00 -4.89 -3.02
C LYS F 227 -51.44 -5.32 -3.24
N GLY F 228 -52.20 -4.49 -3.94
CA GLY F 228 -53.61 -4.77 -4.19
C GLY F 228 -53.85 -6.05 -4.96
N THR F 229 -52.98 -6.35 -5.91
CA THR F 229 -53.10 -7.54 -6.76
C THR F 229 -52.31 -8.75 -6.22
N TYR F 230 -51.91 -8.65 -4.96
CA TYR F 230 -51.20 -9.71 -4.25
C TYR F 230 -49.85 -10.15 -4.81
N TRP F 231 -49.06 -9.19 -5.30
CA TRP F 231 -47.72 -9.46 -5.80
C TRP F 231 -46.73 -9.91 -4.71
N TRP F 232 -46.98 -9.46 -3.48
CA TRP F 232 -46.12 -9.75 -2.33
C TRP F 232 -46.01 -11.22 -1.93
N MET F 233 -47.00 -12.04 -2.28
CA MET F 233 -46.97 -13.44 -1.90
C MET F 233 -46.19 -14.35 -2.85
N ASN F 234 -45.57 -13.77 -3.88
CA ASN F 234 -44.84 -14.55 -4.85
C ASN F 234 -43.71 -15.36 -4.22
N ALA F 235 -42.98 -14.77 -3.29
CA ALA F 235 -41.92 -15.53 -2.65
C ALA F 235 -42.49 -16.64 -1.79
N PHE F 236 -43.59 -16.34 -1.11
CA PHE F 236 -44.22 -17.29 -0.21
C PHE F 236 -44.72 -18.50 -0.96
N ILE F 237 -45.16 -18.31 -2.20
CA ILE F 237 -45.73 -19.38 -2.99
C ILE F 237 -44.69 -20.13 -3.81
N LYS F 238 -43.52 -19.55 -4.00
CA LYS F 238 -42.46 -20.26 -4.70
C LYS F 238 -41.59 -20.99 -3.69
N THR F 239 -40.92 -20.24 -2.81
CA THR F 239 -40.24 -20.84 -1.69
C THR F 239 -41.18 -21.72 -0.88
N ALA F 240 -42.48 -21.46 -0.97
CA ALA F 240 -43.46 -22.41 -0.45
C ALA F 240 -43.14 -23.79 -1.00
N HIS F 241 -43.21 -23.94 -2.32
CA HIS F 241 -42.94 -25.25 -2.90
C HIS F 241 -41.48 -25.67 -2.78
N LYS F 242 -40.57 -24.75 -2.46
CA LYS F 242 -39.16 -25.12 -2.33
C LYS F 242 -39.00 -26.35 -1.43
N LYS F 243 -39.62 -26.32 -0.25
CA LYS F 243 -39.90 -27.49 0.55
C LYS F 243 -41.22 -27.28 1.25
N PRO F 244 -42.02 -28.33 1.42
CA PRO F 244 -43.35 -28.16 2.02
C PRO F 244 -43.29 -27.37 3.32
N ILE F 245 -44.32 -26.56 3.54
CA ILE F 245 -44.24 -25.49 4.50
C ILE F 245 -44.26 -26.03 5.92
N ASP F 246 -43.65 -25.28 6.83
CA ASP F 246 -43.57 -25.67 8.23
C ASP F 246 -43.92 -24.47 9.10
N LEU F 247 -44.31 -24.76 10.35
CA LEU F 247 -44.63 -23.70 11.29
C LEU F 247 -43.44 -22.77 11.50
N ARG F 248 -42.23 -23.23 11.18
CA ARG F 248 -41.07 -22.35 11.26
C ARG F 248 -41.13 -21.28 10.17
N ALA F 249 -41.63 -21.65 9.00
CA ALA F 249 -41.67 -20.71 7.88
C ALA F 249 -42.65 -19.58 8.14
N ILE F 250 -43.78 -19.89 8.76
CA ILE F 250 -44.72 -18.86 9.12
C ILE F 250 -44.31 -18.25 10.45
N GLY F 251 -44.59 -16.97 10.63
CA GLY F 251 -44.13 -16.28 11.81
C GLY F 251 -45.15 -15.26 12.25
N LYS F 252 -44.94 -14.73 13.46
CA LYS F 252 -45.96 -13.95 14.17
C LYS F 252 -46.50 -12.83 13.29
N LEU F 253 -47.80 -12.61 13.38
CA LEU F 253 -48.39 -11.50 12.68
C LEU F 253 -47.81 -10.19 13.23
N PRO F 254 -47.95 -9.09 12.50
CA PRO F 254 -47.41 -7.82 12.98
C PRO F 254 -48.21 -7.28 14.16
N ILE F 255 -47.72 -6.17 14.70
CA ILE F 255 -48.34 -5.51 15.86
C ILE F 255 -49.79 -5.18 15.54
N ALA F 256 -50.00 -4.33 14.53
CA ALA F 256 -51.35 -3.94 14.19
C ALA F 256 -52.24 -5.13 13.88
N MET F 257 -51.68 -6.27 13.50
CA MET F 257 -52.45 -7.49 13.38
C MET F 257 -52.42 -8.32 14.65
N ARG F 258 -51.66 -7.89 15.67
CA ARG F 258 -51.46 -8.72 16.85
C ARG F 258 -52.72 -8.72 17.70
N ALA F 259 -53.12 -9.91 18.14
CA ALA F 259 -54.35 -10.03 18.90
C ALA F 259 -54.36 -9.16 20.14
N LEU F 260 -53.18 -8.90 20.72
CA LEU F 260 -53.12 -8.12 21.94
C LEU F 260 -53.75 -6.75 21.71
N THR F 261 -53.09 -5.90 20.91
CA THR F 261 -53.60 -4.55 20.69
C THR F 261 -55.02 -4.57 20.16
N ASN F 262 -55.38 -5.66 19.47
CA ASN F 262 -56.73 -5.84 19.01
C ASN F 262 -57.68 -5.78 20.20
N TYR F 263 -57.56 -6.76 21.12
CA TYR F 263 -58.38 -6.73 22.33
C TYR F 263 -58.17 -5.44 23.11
N GLN F 264 -57.00 -4.82 22.98
CA GLN F 264 -56.71 -3.58 23.68
C GLN F 264 -57.70 -2.49 23.29
N ARG F 265 -57.67 -2.06 22.03
CA ARG F 265 -58.58 -1.01 21.61
C ARG F 265 -60.03 -1.47 21.72
N LEU F 266 -60.32 -2.71 21.31
CA LEU F 266 -61.66 -3.25 21.48
C LEU F 266 -62.15 -3.00 22.89
N CYS F 267 -61.28 -3.25 23.86
CA CYS F 267 -61.67 -3.21 25.25
C CYS F 267 -61.78 -1.79 25.78
N VAL F 268 -60.94 -0.87 25.29
CA VAL F 268 -61.05 0.51 25.76
C VAL F 268 -62.27 1.17 25.14
N ALA F 269 -62.33 1.23 23.80
CA ALA F 269 -63.50 1.79 23.14
C ALA F 269 -64.78 1.13 23.64
N PHE F 270 -64.74 -0.17 23.93
CA PHE F 270 -65.90 -0.82 24.52
C PHE F 270 -66.19 -0.33 25.92
N ASP F 271 -65.18 -0.30 26.79
CA ASP F 271 -65.29 0.25 28.14
C ASP F 271 -65.67 1.72 28.12
N ALA F 272 -65.37 2.43 27.03
CA ALA F 272 -65.78 3.82 26.91
C ALA F 272 -67.29 3.97 26.79
N GLN F 273 -68.01 2.90 26.53
CA GLN F 273 -69.47 2.97 26.38
C GLN F 273 -70.15 2.86 27.73
N ARG F 285 -75.05 -6.01 28.25
CA ARG F 285 -76.10 -5.50 27.37
C ARG F 285 -75.80 -5.77 25.90
N ALA F 286 -76.37 -4.95 25.00
CA ALA F 286 -76.25 -5.23 23.58
C ALA F 286 -74.99 -4.54 23.07
N ILE F 287 -74.01 -5.36 22.68
CA ILE F 287 -72.70 -4.85 22.33
C ILE F 287 -72.59 -4.39 20.88
N TRP F 288 -73.47 -4.85 19.98
CA TRP F 288 -73.24 -4.61 18.56
C TRP F 288 -72.88 -3.17 18.26
N ARG F 289 -73.56 -2.24 18.94
CA ARG F 289 -73.21 -0.83 18.88
C ARG F 289 -71.74 -0.68 19.21
N ALA F 290 -71.28 -1.38 20.23
CA ALA F 290 -69.91 -1.20 20.68
C ALA F 290 -68.91 -1.84 19.72
N LEU F 291 -69.16 -3.07 19.29
CA LEU F 291 -68.22 -3.74 18.40
C LEU F 291 -68.10 -2.99 17.09
N CYS F 292 -69.22 -2.81 16.39
CA CYS F 292 -69.16 -2.14 15.10
C CYS F 292 -68.77 -0.67 15.27
N HIS F 293 -68.93 -0.13 16.48
CA HIS F 293 -68.38 1.19 16.73
C HIS F 293 -66.92 1.12 17.16
N ALA F 294 -66.35 -0.08 17.23
CA ALA F 294 -64.92 -0.22 17.45
C ALA F 294 -64.21 -0.41 16.12
N PHE F 295 -64.54 -1.49 15.41
CA PHE F 295 -63.95 -1.77 14.11
C PHE F 295 -64.68 -1.09 12.95
N GLY F 296 -65.67 -0.26 13.25
CA GLY F 296 -66.47 0.34 12.21
C GLY F 296 -65.68 1.03 11.12
N ARG F 297 -64.52 1.59 11.44
CA ARG F 297 -63.70 2.25 10.43
C ARG F 297 -63.40 1.27 9.32
N ARG F 298 -62.61 0.24 9.62
CA ARG F 298 -62.32 -0.78 8.61
C ARG F 298 -63.59 -1.39 8.05
N LEU F 299 -64.66 -1.50 8.86
CA LEU F 299 -65.91 -2.05 8.35
C LEU F 299 -66.45 -1.22 7.19
N ILE F 300 -66.72 0.06 7.44
CA ILE F 300 -67.25 0.91 6.39
C ILE F 300 -66.27 0.99 5.23
N LEU F 301 -64.97 1.11 5.54
CA LEU F 301 -63.95 1.16 4.50
C LEU F 301 -64.10 0.00 3.56
N SER F 302 -64.30 -1.20 4.10
CA SER F 302 -64.62 -2.32 3.26
C SER F 302 -65.88 -2.03 2.46
N SER F 303 -66.93 -1.57 3.13
CA SER F 303 -68.22 -1.43 2.49
C SER F 303 -68.14 -0.59 1.23
N THR F 304 -67.81 0.69 1.38
CA THR F 304 -67.92 1.61 0.25
C THR F 304 -67.07 1.15 -0.93
N PHE F 305 -65.89 0.59 -0.66
CA PHE F 305 -65.08 0.09 -1.76
C PHE F 305 -65.80 -1.06 -2.44
N ARG F 306 -66.45 -1.89 -1.63
CA ARG F 306 -67.24 -2.97 -2.20
C ARG F 306 -68.33 -2.44 -3.11
N ILE F 307 -68.91 -1.30 -2.76
CA ILE F 307 -70.00 -0.82 -3.60
C ILE F 307 -69.46 -0.15 -4.85
N LEU F 308 -68.24 0.41 -4.79
CA LEU F 308 -67.68 0.89 -6.05
C LEU F 308 -67.29 -0.25 -6.97
N ALA F 309 -66.89 -1.38 -6.39
CA ALA F 309 -66.59 -2.56 -7.20
C ALA F 309 -67.87 -3.14 -7.78
N ASP F 310 -68.91 -3.22 -6.95
CA ASP F 310 -70.16 -3.85 -7.36
C ASP F 310 -70.87 -3.01 -8.40
N LEU F 311 -70.97 -1.70 -8.17
CA LEU F 311 -71.77 -0.85 -9.02
C LEU F 311 -71.29 -0.89 -10.46
N LEU F 312 -69.98 -0.89 -10.65
CA LEU F 312 -69.44 -1.09 -11.98
C LEU F 312 -69.36 -2.57 -12.35
N GLY F 313 -69.85 -3.46 -11.49
CA GLY F 313 -70.12 -4.80 -11.94
C GLY F 313 -70.96 -4.83 -13.20
N PHE F 314 -71.82 -3.82 -13.38
CA PHE F 314 -72.57 -3.64 -14.61
C PHE F 314 -71.69 -3.41 -15.82
N ALA F 315 -70.38 -3.22 -15.63
CA ALA F 315 -69.47 -2.91 -16.74
C ALA F 315 -69.67 -3.84 -17.92
N GLY F 316 -69.84 -5.12 -17.65
CA GLY F 316 -69.99 -6.10 -18.71
C GLY F 316 -71.20 -5.79 -19.58
N PRO F 317 -72.34 -5.57 -18.93
CA PRO F 317 -73.57 -5.41 -19.73
C PRO F 317 -73.53 -4.23 -20.68
N LEU F 318 -73.19 -3.05 -20.17
CA LEU F 318 -73.29 -1.86 -21.02
C LEU F 318 -72.33 -1.97 -22.19
N CYS F 319 -71.10 -2.41 -21.92
CA CYS F 319 -70.16 -2.66 -23.00
C CYS F 319 -70.72 -3.66 -24.00
N ILE F 320 -71.42 -4.68 -23.51
CA ILE F 320 -72.06 -5.63 -24.42
C ILE F 320 -73.03 -4.92 -25.33
N PHE F 321 -73.76 -3.94 -24.79
CA PHE F 321 -74.68 -3.18 -25.63
C PHE F 321 -73.94 -2.34 -26.65
N GLY F 322 -72.81 -1.76 -26.24
CA GLY F 322 -72.11 -0.84 -27.12
C GLY F 322 -71.55 -1.54 -28.35
N ILE F 323 -70.68 -2.53 -28.14
CA ILE F 323 -70.16 -3.27 -29.27
C ILE F 323 -71.27 -4.06 -29.93
N VAL F 324 -72.35 -4.31 -29.18
CA VAL F 324 -73.52 -4.96 -29.76
C VAL F 324 -74.13 -4.10 -30.84
N ASP F 325 -73.79 -2.81 -30.87
CA ASP F 325 -74.30 -1.94 -31.91
C ASP F 325 -73.80 -2.38 -33.29
N HIS F 326 -72.49 -2.49 -33.44
CA HIS F 326 -71.92 -2.91 -34.71
C HIS F 326 -71.46 -4.36 -34.62
N ASN F 354 -67.02 3.26 -33.83
CA ASN F 354 -66.39 3.47 -32.54
C ASN F 354 -66.13 2.14 -31.84
N ALA F 355 -65.86 1.09 -32.63
CA ALA F 355 -65.75 -0.25 -32.08
C ALA F 355 -64.57 -0.39 -31.14
N TYR F 356 -63.37 -0.19 -31.67
CA TYR F 356 -62.14 -0.56 -30.96
C TYR F 356 -62.02 0.18 -29.64
N VAL F 357 -62.29 1.48 -29.65
CA VAL F 357 -62.23 2.27 -28.44
C VAL F 357 -63.10 1.65 -27.36
N LEU F 358 -64.37 1.40 -27.68
CA LEU F 358 -65.25 0.75 -26.72
C LEU F 358 -64.65 -0.57 -26.26
N ALA F 359 -63.99 -1.31 -27.15
CA ALA F 359 -63.38 -2.56 -26.75
C ALA F 359 -62.36 -2.36 -25.64
N VAL F 360 -61.36 -1.51 -25.90
CA VAL F 360 -60.27 -1.34 -24.94
C VAL F 360 -60.81 -0.78 -23.64
N LEU F 361 -61.61 0.28 -23.71
CA LEU F 361 -62.23 0.81 -22.51
C LEU F 361 -62.90 -0.29 -21.71
N LEU F 362 -63.56 -1.22 -22.41
CA LEU F 362 -64.15 -2.37 -21.73
C LEU F 362 -63.07 -3.21 -21.05
N PHE F 363 -61.91 -3.35 -21.69
CA PHE F 363 -60.84 -4.12 -21.09
C PHE F 363 -60.45 -3.52 -19.74
N LEU F 364 -60.03 -2.25 -19.76
CA LEU F 364 -59.64 -1.61 -18.52
C LEU F 364 -60.76 -1.69 -17.49
N ALA F 365 -62.00 -1.50 -17.94
CA ALA F 365 -63.16 -1.64 -17.09
C ALA F 365 -63.11 -2.97 -16.34
N LEU F 366 -63.14 -4.08 -17.10
CA LEU F 366 -63.12 -5.40 -16.49
C LEU F 366 -62.01 -5.52 -15.47
N LEU F 367 -60.80 -5.04 -15.80
CA LEU F 367 -59.68 -5.12 -14.86
C LEU F 367 -60.04 -4.45 -13.54
N LEU F 368 -60.40 -3.16 -13.61
CA LEU F 368 -60.75 -2.43 -12.40
C LEU F 368 -61.80 -3.17 -11.59
N GLN F 369 -62.89 -3.59 -12.27
CA GLN F 369 -63.97 -4.26 -11.56
C GLN F 369 -63.47 -5.48 -10.82
N ARG F 370 -62.88 -6.43 -11.55
CA ARG F 370 -62.42 -7.65 -10.92
C ARG F 370 -61.53 -7.36 -9.72
N THR F 371 -60.45 -6.60 -9.93
CA THR F 371 -59.53 -6.36 -8.83
C THR F 371 -60.25 -5.80 -7.63
N PHE F 372 -60.99 -4.71 -7.84
CA PHE F 372 -61.70 -4.08 -6.74
C PHE F 372 -62.51 -5.09 -5.95
N LEU F 373 -63.29 -5.93 -6.65
CA LEU F 373 -64.13 -6.89 -5.93
C LEU F 373 -63.29 -7.80 -5.05
N GLN F 374 -62.21 -8.33 -5.61
CA GLN F 374 -61.42 -9.27 -4.80
C GLN F 374 -60.86 -8.60 -3.56
N ALA F 375 -60.22 -7.44 -3.73
CA ALA F 375 -59.66 -6.76 -2.58
C ALA F 375 -60.75 -6.44 -1.56
N SER F 376 -61.97 -6.22 -2.04
CA SER F 376 -63.10 -6.12 -1.14
C SER F 376 -63.19 -7.37 -0.27
N TYR F 377 -63.25 -8.55 -0.90
CA TYR F 377 -63.25 -9.80 -0.13
C TYR F 377 -62.14 -9.79 0.90
N TYR F 378 -60.97 -9.30 0.53
CA TYR F 378 -59.87 -9.19 1.48
C TYR F 378 -60.25 -8.36 2.69
N VAL F 379 -60.69 -7.12 2.46
CA VAL F 379 -61.10 -6.26 3.55
C VAL F 379 -62.03 -7.02 4.48
N ALA F 380 -63.04 -7.67 3.92
CA ALA F 380 -64.01 -8.39 4.72
C ALA F 380 -63.35 -9.44 5.62
N ILE F 381 -62.85 -10.53 5.00
CA ILE F 381 -62.34 -11.64 5.79
C ILE F 381 -61.32 -11.15 6.81
N GLU F 382 -60.42 -10.26 6.38
CA GLU F 382 -59.40 -9.69 7.24
C GLU F 382 -59.99 -9.14 8.52
N THR F 383 -60.86 -8.14 8.35
CA THR F 383 -61.59 -7.63 9.49
C THR F 383 -62.12 -8.80 10.30
N GLY F 384 -62.53 -9.85 9.63
CA GLY F 384 -62.96 -11.05 10.33
C GLY F 384 -61.90 -11.60 11.26
N ILE F 385 -60.70 -11.83 10.73
CA ILE F 385 -59.62 -12.41 11.53
C ILE F 385 -59.45 -11.61 12.80
N ASN F 386 -59.35 -10.29 12.66
CA ASN F 386 -59.22 -9.48 13.87
C ASN F 386 -60.40 -9.68 14.80
N LEU F 387 -61.63 -9.49 14.31
CA LEU F 387 -62.85 -9.54 15.09
C LEU F 387 -62.91 -10.80 15.93
N ARG F 388 -62.96 -11.97 15.28
CA ARG F 388 -63.04 -13.22 16.02
C ARG F 388 -61.88 -13.35 16.99
N GLY F 389 -60.67 -13.05 16.52
CA GLY F 389 -59.51 -13.19 17.38
C GLY F 389 -59.70 -12.52 18.72
N ALA F 390 -60.12 -11.26 18.70
CA ALA F 390 -60.36 -10.58 19.98
C ALA F 390 -61.58 -11.15 20.68
N ILE F 391 -62.59 -11.59 19.91
CA ILE F 391 -63.78 -12.17 20.53
C ILE F 391 -63.37 -13.26 21.51
N GLN F 392 -62.35 -14.05 21.15
CA GLN F 392 -61.82 -15.04 22.08
C GLN F 392 -61.27 -14.37 23.35
N THR F 393 -60.44 -13.34 23.16
CA THR F 393 -59.88 -12.62 24.29
C THR F 393 -60.96 -12.24 25.27
N LYS F 394 -62.08 -11.73 24.77
CA LYS F 394 -63.20 -11.49 25.65
C LYS F 394 -63.72 -12.80 26.25
N ILE F 395 -63.72 -13.86 25.45
CA ILE F 395 -64.31 -15.13 25.91
C ILE F 395 -63.65 -15.58 27.19
N TYR F 396 -62.41 -16.04 27.11
CA TYR F 396 -61.77 -16.52 28.33
C TYR F 396 -61.51 -15.38 29.30
N ASN F 397 -61.22 -14.19 28.76
CA ASN F 397 -60.88 -13.06 29.61
C ASN F 397 -61.97 -12.79 30.65
N LYS F 398 -63.23 -12.85 30.23
CA LYS F 398 -64.31 -12.76 31.21
C LYS F 398 -64.52 -14.09 31.93
N ILE F 399 -64.31 -15.20 31.22
CA ILE F 399 -64.66 -16.52 31.76
C ILE F 399 -63.90 -16.77 33.06
N MET F 400 -62.58 -16.68 33.02
CA MET F 400 -61.78 -16.97 34.21
C MET F 400 -62.06 -15.96 35.31
N HIS F 401 -62.00 -14.67 34.98
CA HIS F 401 -62.13 -13.61 35.97
C HIS F 401 -63.53 -13.59 36.59
N LEU F 402 -64.43 -14.46 36.13
CA LEU F 402 -65.77 -14.56 36.65
C LEU F 402 -65.84 -15.49 37.88
N SER F 403 -67.03 -15.61 38.46
CA SER F 403 -67.20 -16.49 39.61
C SER F 403 -67.27 -17.93 39.17
N THR F 404 -66.67 -18.81 39.96
CA THR F 404 -66.65 -20.23 39.67
C THR F 404 -67.91 -20.95 40.09
N SER F 405 -68.70 -20.35 41.00
CA SER F 405 -69.90 -21.00 41.50
C SER F 405 -70.93 -21.28 40.42
N ASN F 406 -70.83 -20.58 39.29
CA ASN F 406 -71.70 -20.85 38.15
C ASN F 406 -71.43 -22.21 37.53
N LEU F 407 -70.38 -22.91 37.97
CA LEU F 407 -70.20 -24.30 37.59
C LEU F 407 -71.38 -25.11 38.10
N SER F 408 -72.20 -24.47 38.94
CA SER F 408 -73.56 -24.96 39.18
C SER F 408 -74.24 -25.21 37.84
N MET F 409 -73.90 -24.40 36.82
CA MET F 409 -74.30 -24.73 35.46
C MET F 409 -73.38 -25.79 34.84
N GLY F 410 -72.08 -25.65 35.04
CA GLY F 410 -71.16 -26.73 34.74
C GLY F 410 -71.06 -27.19 33.30
N GLU F 411 -71.37 -28.47 33.10
CA GLU F 411 -71.14 -29.12 31.80
C GLU F 411 -71.88 -28.44 30.67
N MET F 412 -73.08 -27.94 30.93
CA MET F 412 -73.79 -27.18 29.91
C MET F 412 -72.95 -26.01 29.40
N THR F 413 -72.36 -25.24 30.32
CA THR F 413 -71.44 -24.19 29.90
C THR F 413 -70.21 -24.78 29.26
N ALA F 414 -69.80 -25.98 29.69
CA ALA F 414 -68.65 -26.63 29.06
C ALA F 414 -68.89 -26.88 27.57
N GLY F 415 -69.77 -27.83 27.25
CA GLY F 415 -70.01 -28.13 25.86
C GLY F 415 -70.62 -26.95 25.12
N GLN F 416 -71.72 -26.41 25.65
CA GLN F 416 -72.41 -25.31 25.00
C GLN F 416 -71.51 -24.08 24.87
N ILE F 417 -71.07 -23.52 26.00
CA ILE F 417 -70.24 -22.31 25.98
C ILE F 417 -68.91 -22.52 25.25
N CYS F 418 -68.38 -23.74 25.25
CA CYS F 418 -67.33 -24.04 24.28
C CYS F 418 -67.81 -23.79 22.87
N ASN F 419 -68.94 -24.39 22.48
CA ASN F 419 -69.46 -24.19 21.12
C ASN F 419 -69.81 -22.74 20.87
N LEU F 420 -69.80 -21.90 21.91
CA LEU F 420 -69.93 -20.47 21.70
C LEU F 420 -68.71 -19.92 20.99
N VAL F 421 -67.52 -20.19 21.54
CA VAL F 421 -66.29 -19.82 20.84
C VAL F 421 -66.17 -20.59 19.54
N ALA F 422 -66.11 -21.93 19.62
CA ALA F 422 -65.88 -22.74 18.44
C ALA F 422 -66.92 -22.47 17.36
N ILE F 423 -68.18 -22.79 17.66
CA ILE F 423 -69.24 -22.58 16.69
C ILE F 423 -69.60 -21.10 16.59
N ASP F 424 -70.11 -20.52 17.67
CA ASP F 424 -70.68 -19.17 17.59
C ASP F 424 -69.66 -18.15 17.13
N THR F 425 -68.38 -18.38 17.41
CA THR F 425 -67.37 -17.49 16.86
C THR F 425 -67.44 -17.51 15.34
N ASN F 426 -67.19 -18.69 14.76
CA ASN F 426 -67.12 -18.81 13.30
C ASN F 426 -68.41 -18.32 12.66
N GLN F 427 -69.53 -18.58 13.31
CA GLN F 427 -70.76 -17.89 12.96
C GLN F 427 -70.49 -16.40 12.86
N LEU F 428 -70.10 -15.80 13.98
CA LEU F 428 -69.99 -14.34 14.06
C LEU F 428 -69.08 -13.79 12.97
N MET F 429 -67.85 -14.27 12.89
CA MET F 429 -66.90 -13.72 11.94
C MET F 429 -67.34 -13.98 10.51
N TRP F 430 -68.05 -15.09 10.27
CA TRP F 430 -68.62 -15.31 8.96
C TRP F 430 -69.65 -14.22 8.63
N PHE F 431 -70.55 -13.95 9.57
CA PHE F 431 -71.59 -12.95 9.35
C PHE F 431 -70.99 -11.58 9.12
N PHE F 432 -69.98 -11.20 9.90
CA PHE F 432 -69.31 -9.93 9.67
C PHE F 432 -68.66 -9.93 8.30
N PHE F 433 -68.07 -11.07 7.93
CA PHE F 433 -67.36 -11.15 6.66
C PHE F 433 -68.30 -10.86 5.50
N LEU F 434 -69.45 -11.52 5.47
CA LEU F 434 -70.41 -11.26 4.41
C LEU F 434 -71.28 -10.04 4.69
N CYS F 435 -71.06 -9.36 5.82
CA CYS F 435 -71.96 -8.30 6.25
C CYS F 435 -71.98 -7.11 5.29
N PRO F 436 -70.85 -6.68 4.72
CA PRO F 436 -70.96 -5.60 3.73
C PRO F 436 -71.69 -6.05 2.48
N ASN F 437 -71.56 -7.33 2.13
CA ASN F 437 -72.37 -7.87 1.04
C ASN F 437 -73.85 -7.78 1.40
N LEU F 438 -74.15 -7.81 2.70
CA LEU F 438 -75.52 -7.59 3.14
C LEU F 438 -75.93 -6.14 2.94
N TRP F 439 -75.10 -5.21 3.41
CA TRP F 439 -75.37 -3.80 3.19
C TRP F 439 -75.64 -3.53 1.73
N ALA F 440 -74.65 -3.74 0.87
CA ALA F 440 -74.76 -3.34 -0.51
C ALA F 440 -75.63 -4.27 -1.35
N MET F 441 -75.82 -5.52 -0.93
CA MET F 441 -76.43 -6.52 -1.80
C MET F 441 -77.72 -6.03 -2.44
N PRO F 442 -78.66 -5.44 -1.71
CA PRO F 442 -79.86 -4.91 -2.37
C PRO F 442 -79.54 -3.79 -3.34
N VAL F 443 -78.65 -2.87 -2.97
CA VAL F 443 -78.32 -1.74 -3.84
C VAL F 443 -77.86 -2.24 -5.20
N GLN F 444 -77.18 -3.38 -5.21
CA GLN F 444 -76.82 -4.01 -6.48
C GLN F 444 -78.04 -4.63 -7.14
N ILE F 445 -78.89 -5.30 -6.36
CA ILE F 445 -80.04 -6.02 -6.90
C ILE F 445 -80.97 -5.06 -7.64
N ILE F 446 -81.63 -4.16 -6.90
CA ILE F 446 -82.66 -3.30 -7.47
C ILE F 446 -82.12 -2.55 -8.67
N VAL F 447 -80.89 -2.03 -8.56
CA VAL F 447 -80.20 -1.49 -9.72
C VAL F 447 -80.04 -2.55 -10.78
N GLY F 448 -80.06 -3.83 -10.39
CA GLY F 448 -79.96 -4.93 -11.31
C GLY F 448 -81.17 -5.07 -12.20
N VAL F 449 -82.35 -5.22 -11.59
CA VAL F 449 -83.56 -5.28 -12.40
C VAL F 449 -83.75 -3.99 -13.17
N ILE F 450 -83.74 -2.87 -12.45
CA ILE F 450 -84.04 -1.58 -13.08
C ILE F 450 -83.07 -1.28 -14.20
N LEU F 451 -81.81 -1.67 -14.03
CA LEU F 451 -80.79 -1.28 -14.99
C LEU F 451 -80.96 -1.99 -16.33
N LEU F 452 -81.89 -2.94 -16.41
CA LEU F 452 -82.04 -3.70 -17.64
C LEU F 452 -82.71 -2.83 -18.71
N TYR F 453 -82.08 -2.79 -19.88
CA TYR F 453 -82.58 -2.00 -21.01
C TYR F 453 -83.92 -2.53 -21.48
N TYR F 454 -84.70 -1.66 -22.13
CA TYR F 454 -86.05 -1.95 -22.61
C TYR F 454 -86.99 -2.39 -21.49
N ILE F 455 -86.86 -1.70 -20.36
CA ILE F 455 -87.65 -1.95 -19.16
C ILE F 455 -89.14 -1.68 -19.39
N LEU F 456 -89.46 -0.67 -20.18
CA LEU F 456 -90.86 -0.32 -20.44
C LEU F 456 -91.61 -1.48 -21.09
N GLY F 457 -90.98 -2.16 -22.03
CA GLY F 457 -91.61 -3.31 -22.66
C GLY F 457 -91.76 -4.40 -21.61
N VAL F 458 -92.87 -5.13 -21.64
CA VAL F 458 -93.09 -6.16 -20.62
C VAL F 458 -92.46 -7.52 -20.89
N SER F 459 -91.15 -7.53 -21.10
CA SER F 459 -90.38 -8.75 -21.30
C SER F 459 -89.27 -8.70 -20.27
N ALA F 460 -89.33 -7.67 -19.43
CA ALA F 460 -88.32 -7.41 -18.41
C ALA F 460 -88.77 -7.84 -17.03
N LEU F 461 -89.66 -7.06 -16.42
CA LEU F 461 -89.97 -7.30 -15.02
C LEU F 461 -90.63 -8.65 -14.83
N ILE F 462 -90.97 -9.34 -15.93
CA ILE F 462 -91.58 -10.66 -15.83
C ILE F 462 -90.50 -11.72 -15.59
N GLY F 463 -89.62 -11.91 -16.57
CA GLY F 463 -88.53 -12.86 -16.38
C GLY F 463 -87.64 -12.49 -15.22
N ALA F 464 -87.27 -11.21 -15.13
CA ALA F 464 -86.52 -10.75 -13.96
C ALA F 464 -87.35 -10.90 -12.69
N ALA F 465 -88.68 -10.84 -12.79
CA ALA F 465 -89.51 -11.12 -11.62
C ALA F 465 -89.49 -12.58 -11.26
N VAL F 466 -89.15 -13.46 -12.19
CA VAL F 466 -88.77 -14.82 -11.83
C VAL F 466 -87.42 -14.81 -11.12
N ILE F 467 -86.47 -14.05 -11.66
CA ILE F 467 -85.13 -13.94 -11.07
C ILE F 467 -85.22 -13.50 -9.62
N ILE F 468 -86.20 -12.65 -9.29
CA ILE F 468 -86.47 -12.35 -7.89
C ILE F 468 -87.29 -13.47 -7.26
N LEU F 469 -88.14 -14.13 -8.06
CA LEU F 469 -88.99 -15.19 -7.54
C LEU F 469 -88.21 -16.40 -7.09
N LEU F 470 -86.90 -16.45 -7.31
CA LEU F 470 -86.11 -17.56 -6.80
C LEU F 470 -85.71 -17.38 -5.34
N ALA F 471 -86.06 -16.24 -4.72
CA ALA F 471 -85.69 -16.02 -3.33
C ALA F 471 -86.36 -17.02 -2.41
N PRO F 472 -87.69 -17.10 -2.34
CA PRO F 472 -88.31 -18.10 -1.47
C PRO F 472 -87.99 -19.52 -1.89
N VAL F 473 -87.55 -19.73 -3.13
CA VAL F 473 -87.09 -21.06 -3.54
C VAL F 473 -85.90 -21.48 -2.69
N GLN F 474 -84.83 -20.70 -2.72
CA GLN F 474 -83.69 -20.97 -1.86
C GLN F 474 -84.08 -20.94 -0.39
N TYR F 475 -84.46 -19.78 0.14
CA TYR F 475 -84.68 -19.69 1.60
C TYR F 475 -85.63 -20.76 2.11
N PHE F 476 -86.61 -21.17 1.32
CA PHE F 476 -87.42 -22.31 1.69
C PHE F 476 -86.61 -23.60 1.61
N VAL F 477 -85.68 -23.68 0.66
CA VAL F 477 -84.80 -24.85 0.59
C VAL F 477 -84.00 -24.95 1.88
N ALA F 478 -83.75 -23.82 2.52
CA ALA F 478 -83.26 -23.85 3.89
C ALA F 478 -84.32 -24.36 4.84
N THR F 479 -85.56 -23.88 4.65
CA THR F 479 -86.66 -24.26 5.54
C THR F 479 -86.80 -25.77 5.62
N LYS F 480 -86.46 -26.49 4.56
CA LYS F 480 -86.32 -27.94 4.63
C LYS F 480 -84.89 -28.38 4.90
N LEU F 481 -83.92 -27.47 4.85
CA LEU F 481 -82.53 -27.89 5.06
C LEU F 481 -82.22 -28.10 6.53
N SER F 482 -82.63 -27.17 7.39
CA SER F 482 -82.16 -27.20 8.78
C SER F 482 -82.50 -28.52 9.44
N GLN F 483 -83.78 -28.88 9.46
CA GLN F 483 -84.22 -30.09 10.15
C GLN F 483 -83.53 -31.32 9.58
N ALA F 484 -83.18 -31.29 8.30
CA ALA F 484 -82.29 -32.30 7.75
C ALA F 484 -80.95 -32.31 8.45
N GLN F 485 -80.28 -31.15 8.56
CA GLN F 485 -78.95 -31.11 9.18
C GLN F 485 -78.98 -31.57 10.62
N ARG F 486 -79.78 -30.95 11.47
CA ARG F 486 -79.84 -31.39 12.86
C ARG F 486 -80.37 -32.81 12.96
N SER F 487 -81.12 -33.27 11.95
CA SER F 487 -81.53 -34.67 11.92
C SER F 487 -80.33 -35.59 11.75
N THR F 488 -79.52 -35.38 10.71
CA THR F 488 -78.29 -36.14 10.56
C THR F 488 -77.40 -35.97 11.79
N LEU F 489 -77.56 -34.86 12.48
CA LEU F 489 -76.85 -34.65 13.74
C LEU F 489 -77.31 -35.63 14.81
N GLU F 490 -78.63 -35.82 14.95
CA GLU F 490 -79.16 -36.74 15.95
C GLU F 490 -78.82 -38.18 15.60
N HIS F 491 -78.98 -38.55 14.33
CA HIS F 491 -78.59 -39.88 13.88
C HIS F 491 -77.10 -40.13 14.10
N SER F 492 -76.27 -39.15 13.73
CA SER F 492 -74.82 -39.33 13.83
C SER F 492 -74.39 -39.54 15.28
N ASN F 493 -75.13 -38.99 16.23
CA ASN F 493 -74.85 -39.25 17.63
C ASN F 493 -74.99 -40.74 17.91
N GLU F 494 -76.03 -41.35 17.35
CA GLU F 494 -76.28 -42.77 17.59
C GLU F 494 -75.27 -43.64 16.89
N ARG F 495 -75.05 -43.41 15.59
CA ARG F 495 -74.10 -44.23 14.84
C ARG F 495 -72.70 -44.09 15.41
N LEU F 496 -72.25 -42.86 15.62
CA LEU F 496 -70.94 -42.63 16.20
C LEU F 496 -70.83 -43.23 17.59
N LYS F 497 -71.85 -43.02 18.44
CA LYS F 497 -71.79 -43.52 19.81
C LYS F 497 -71.72 -45.05 19.86
N GLN F 498 -72.56 -45.72 19.08
CA GLN F 498 -72.52 -47.17 19.02
C GLN F 498 -71.23 -47.68 18.42
N THR F 499 -70.67 -46.99 17.43
CA THR F 499 -69.40 -47.42 16.85
C THR F 499 -68.27 -47.31 17.87
N ASN F 500 -68.17 -46.15 18.53
CA ASN F 500 -67.15 -45.95 19.55
C ASN F 500 -67.35 -46.93 20.70
N GLU F 501 -68.59 -47.35 20.93
CA GLU F 501 -68.86 -48.25 22.05
C GLU F 501 -68.52 -49.70 21.71
N MET F 502 -68.78 -50.12 20.46
CA MET F 502 -68.53 -51.50 20.08
C MET F 502 -67.09 -51.73 19.68
N LEU F 503 -66.37 -50.68 19.29
CA LEU F 503 -65.07 -50.84 18.67
C LEU F 503 -63.92 -51.01 19.65
N ARG F 504 -64.09 -50.68 20.92
CA ARG F 504 -62.94 -50.56 21.81
C ARG F 504 -62.36 -51.92 22.20
N GLY F 505 -63.12 -52.69 22.97
CA GLY F 505 -62.63 -53.90 23.58
C GLY F 505 -62.78 -55.14 22.71
N MET F 506 -62.75 -54.97 21.39
CA MET F 506 -63.27 -55.97 20.46
C MET F 506 -62.75 -57.38 20.73
N LYS F 507 -61.62 -57.54 21.41
CA LYS F 507 -61.23 -58.86 21.88
C LYS F 507 -62.20 -59.35 22.96
N LEU F 508 -62.79 -58.44 23.73
CA LEU F 508 -63.74 -58.83 24.77
C LEU F 508 -65.09 -59.18 24.16
N LEU F 509 -65.48 -58.49 23.10
CA LEU F 509 -66.70 -58.85 22.40
C LEU F 509 -66.45 -60.00 21.42
N LYS F 510 -65.18 -60.29 21.12
CA LYS F 510 -64.87 -61.47 20.32
C LYS F 510 -64.88 -62.72 21.20
N LEU F 511 -64.31 -62.63 22.40
CA LEU F 511 -64.37 -63.75 23.33
C LEU F 511 -65.78 -64.00 23.80
N TYR F 512 -66.55 -62.94 24.02
CA TYR F 512 -67.99 -63.11 24.24
C TYR F 512 -68.68 -63.68 23.01
N ALA F 513 -67.98 -63.72 21.87
CA ALA F 513 -68.41 -64.47 20.69
C ALA F 513 -69.68 -63.92 20.08
N TRP F 514 -69.80 -62.60 19.94
CA TRP F 514 -70.95 -62.08 19.23
C TRP F 514 -70.61 -61.87 17.77
N GLU F 515 -69.90 -60.78 17.45
CA GLU F 515 -69.48 -60.48 16.09
C GLU F 515 -70.61 -60.70 15.10
N SER F 516 -71.85 -60.53 15.55
CA SER F 516 -73.02 -60.85 14.74
C SER F 516 -74.05 -59.75 14.80
N ILE F 517 -74.56 -59.48 16.00
CA ILE F 517 -75.65 -58.53 16.20
C ILE F 517 -75.09 -57.11 16.17
N PHE F 518 -73.77 -57.01 15.96
CA PHE F 518 -73.17 -55.73 15.63
C PHE F 518 -73.91 -55.08 14.47
N CYS F 519 -74.33 -55.88 13.49
CA CYS F 519 -75.16 -55.35 12.42
C CYS F 519 -76.49 -54.84 12.96
N SER F 520 -77.11 -55.61 13.85
CA SER F 520 -78.24 -55.08 14.60
C SER F 520 -77.82 -53.86 15.43
N ARG F 521 -76.55 -53.83 15.82
CA ARG F 521 -76.00 -52.64 16.47
C ARG F 521 -75.60 -51.58 15.45
N VAL F 522 -75.42 -51.98 14.19
CA VAL F 522 -74.95 -51.08 13.14
C VAL F 522 -76.04 -50.80 12.12
N GLU F 523 -76.44 -51.83 11.37
CA GLU F 523 -77.39 -51.63 10.29
C GLU F 523 -78.69 -51.02 10.80
N VAL F 524 -79.20 -51.52 11.94
CA VAL F 524 -80.33 -50.87 12.58
C VAL F 524 -80.00 -49.44 12.96
N THR F 525 -78.84 -49.22 13.56
CA THR F 525 -78.32 -47.86 13.68
C THR F 525 -78.20 -47.20 12.31
N ARG F 526 -77.68 -47.94 11.32
CA ARG F 526 -77.63 -47.41 9.96
C ARG F 526 -79.02 -47.26 9.36
N ARG F 527 -79.99 -48.07 9.78
CA ARG F 527 -81.33 -47.98 9.20
C ARG F 527 -81.86 -46.56 9.26
N LYS F 528 -82.14 -46.06 10.47
CA LYS F 528 -82.47 -44.65 10.63
C LYS F 528 -81.40 -43.79 9.96
N GLU F 529 -80.13 -44.15 10.17
CA GLU F 529 -79.04 -43.37 9.59
C GLU F 529 -79.01 -43.46 8.09
N MET F 530 -79.53 -44.55 7.51
CA MET F 530 -79.71 -44.59 6.07
C MET F 530 -80.95 -43.82 5.65
N THR F 531 -81.97 -43.74 6.50
CA THR F 531 -83.21 -43.06 6.17
C THR F 531 -83.02 -41.56 6.24
N SER F 532 -82.90 -41.02 7.47
CA SER F 532 -82.80 -39.58 7.66
C SER F 532 -81.74 -38.98 6.76
N LEU F 533 -80.60 -39.66 6.60
CA LEU F 533 -79.59 -39.24 5.64
C LEU F 533 -80.15 -39.20 4.22
N ARG F 534 -80.51 -40.38 3.69
CA ARG F 534 -80.88 -40.51 2.30
C ARG F 534 -81.86 -39.41 1.90
N ALA F 535 -83.05 -39.44 2.49
CA ALA F 535 -84.08 -38.46 2.13
C ALA F 535 -83.54 -37.04 2.14
N PHE F 536 -82.75 -36.70 3.16
CA PHE F 536 -82.18 -35.37 3.26
C PHE F 536 -81.46 -35.00 1.97
N ALA F 537 -80.51 -35.85 1.56
CA ALA F 537 -79.78 -35.61 0.32
C ALA F 537 -80.72 -35.30 -0.82
N VAL F 538 -81.83 -36.03 -0.92
CA VAL F 538 -82.81 -35.76 -1.96
C VAL F 538 -83.29 -34.32 -1.84
N TYR F 539 -83.89 -33.99 -0.70
CA TYR F 539 -84.30 -32.61 -0.47
C TYR F 539 -83.14 -31.64 -0.66
N THR F 540 -81.91 -32.11 -0.43
CA THR F 540 -80.76 -31.26 -0.68
C THR F 540 -80.54 -31.05 -2.18
N SER F 541 -80.45 -32.15 -2.95
CA SER F 541 -80.00 -32.03 -4.32
C SER F 541 -81.04 -31.35 -5.19
N ILE F 542 -82.33 -31.67 -4.95
CA ILE F 542 -83.40 -31.09 -5.75
C ILE F 542 -83.25 -29.59 -5.83
N SER F 543 -82.99 -28.95 -4.68
CA SER F 543 -82.83 -27.50 -4.65
C SER F 543 -81.82 -27.03 -5.70
N ILE F 544 -80.61 -27.59 -5.67
CA ILE F 544 -79.59 -27.18 -6.63
C ILE F 544 -80.10 -27.34 -8.05
N PHE F 545 -80.85 -28.42 -8.31
CA PHE F 545 -81.43 -28.62 -9.64
C PHE F 545 -82.26 -27.41 -10.07
N MET F 546 -83.17 -26.96 -9.21
CA MET F 546 -83.98 -25.78 -9.53
C MET F 546 -83.09 -24.63 -9.97
N ASN F 547 -81.94 -24.47 -9.31
CA ASN F 547 -81.01 -23.42 -9.69
C ASN F 547 -80.66 -23.51 -11.17
N THR F 548 -80.13 -24.67 -11.60
CA THR F 548 -79.71 -24.80 -12.99
C THR F 548 -80.91 -24.68 -13.92
N ALA F 549 -82.11 -24.87 -13.37
CA ALA F 549 -83.31 -24.72 -14.18
C ALA F 549 -83.71 -23.26 -14.32
N ILE F 550 -83.53 -22.46 -13.27
CA ILE F 550 -84.04 -21.09 -13.28
C ILE F 550 -83.39 -20.26 -14.37
N PRO F 551 -82.06 -20.15 -14.46
CA PRO F 551 -81.48 -19.21 -15.42
C PRO F 551 -81.84 -19.51 -16.85
N ILE F 552 -81.65 -20.77 -17.27
CA ILE F 552 -81.89 -21.13 -18.67
C ILE F 552 -83.34 -20.86 -19.04
N ALA F 553 -84.26 -21.11 -18.11
CA ALA F 553 -85.66 -20.89 -18.40
C ALA F 553 -86.01 -19.41 -18.29
N ALA F 554 -85.36 -18.70 -17.37
CA ALA F 554 -85.73 -17.32 -17.15
C ALA F 554 -85.52 -16.48 -18.40
N VAL F 555 -84.28 -16.43 -18.88
CA VAL F 555 -83.95 -15.71 -20.10
C VAL F 555 -84.84 -16.15 -21.25
N LEU F 556 -84.66 -17.41 -21.66
CA LEU F 556 -85.34 -17.92 -22.85
C LEU F 556 -86.80 -17.52 -22.87
N ILE F 557 -87.57 -18.03 -21.91
CA ILE F 557 -88.99 -17.71 -21.84
C ILE F 557 -89.19 -16.20 -21.94
N THR F 558 -88.52 -15.44 -21.06
CA THR F 558 -88.62 -13.98 -21.12
C THR F 558 -88.30 -13.48 -22.52
N PHE F 559 -87.13 -13.87 -23.04
CA PHE F 559 -86.80 -13.53 -24.42
C PHE F 559 -87.93 -13.92 -25.35
N VAL F 560 -88.32 -15.19 -25.32
CA VAL F 560 -89.38 -15.67 -26.21
C VAL F 560 -90.64 -14.87 -25.98
N GLY F 561 -90.91 -14.51 -24.71
CA GLY F 561 -92.09 -13.71 -24.41
C GLY F 561 -92.14 -12.45 -25.23
N HIS F 562 -91.05 -11.69 -25.25
CA HIS F 562 -91.05 -10.46 -26.04
C HIS F 562 -91.45 -10.75 -27.47
N VAL F 563 -90.94 -11.85 -28.02
CA VAL F 563 -91.26 -12.22 -29.41
C VAL F 563 -92.76 -12.20 -29.64
N SER F 564 -93.53 -12.77 -28.71
CA SER F 564 -94.97 -12.81 -28.89
C SER F 564 -95.63 -11.51 -28.45
N PHE F 565 -95.05 -10.83 -27.47
CA PHE F 565 -95.85 -9.86 -26.73
C PHE F 565 -95.85 -8.49 -27.39
N PHE F 566 -94.77 -7.74 -27.24
CA PHE F 566 -94.74 -6.36 -27.70
C PHE F 566 -93.39 -6.12 -28.36
N LYS F 567 -93.31 -5.01 -29.10
CA LYS F 567 -92.13 -4.67 -29.91
C LYS F 567 -91.80 -5.82 -30.86
N GLU F 568 -92.84 -6.39 -31.47
CA GLU F 568 -92.65 -7.56 -32.33
C GLU F 568 -91.87 -7.21 -33.57
N SER F 569 -91.85 -5.92 -33.95
CA SER F 569 -91.31 -5.52 -35.24
C SER F 569 -89.82 -5.88 -35.38
N ASP F 570 -89.03 -5.62 -34.34
CA ASP F 570 -87.58 -5.77 -34.43
C ASP F 570 -87.05 -6.55 -33.23
N LEU F 571 -86.21 -7.55 -33.50
CA LEU F 571 -85.46 -8.24 -32.48
C LEU F 571 -84.03 -7.74 -32.52
N SER F 572 -83.51 -7.33 -31.35
CA SER F 572 -82.21 -6.69 -31.38
C SER F 572 -81.23 -7.54 -30.59
N PRO F 573 -79.99 -7.64 -31.05
CA PRO F 573 -79.02 -8.49 -30.34
C PRO F 573 -78.62 -7.88 -29.01
N SER F 574 -78.65 -6.55 -28.95
CA SER F 574 -78.24 -5.81 -27.76
C SER F 574 -78.95 -6.33 -26.52
N VAL F 575 -80.28 -6.11 -26.48
CA VAL F 575 -81.07 -6.57 -25.36
C VAL F 575 -80.87 -8.04 -25.05
N ALA F 576 -80.49 -8.83 -26.05
CA ALA F 576 -80.40 -10.27 -25.85
C ALA F 576 -79.20 -10.62 -24.98
N PHE F 577 -78.00 -10.49 -25.54
CA PHE F 577 -76.80 -10.84 -24.79
C PHE F 577 -76.69 -9.99 -23.54
N ALA F 578 -77.17 -8.75 -23.60
CA ALA F 578 -77.27 -7.93 -22.40
C ALA F 578 -78.03 -8.67 -21.31
N SER F 579 -79.23 -9.14 -21.62
CA SER F 579 -80.02 -9.90 -20.66
C SER F 579 -79.25 -11.11 -20.16
N LEU F 580 -78.43 -11.70 -21.04
CA LEU F 580 -77.60 -12.82 -20.60
C LEU F 580 -76.67 -12.40 -19.47
N SER F 581 -75.82 -11.41 -19.72
CA SER F 581 -74.83 -11.02 -18.72
C SER F 581 -75.50 -10.56 -17.42
N LEU F 582 -76.46 -9.64 -17.54
CA LEU F 582 -77.13 -9.15 -16.33
C LEU F 582 -77.83 -10.29 -15.61
N PHE F 583 -78.31 -11.29 -16.35
CA PHE F 583 -78.87 -12.47 -15.71
C PHE F 583 -77.83 -13.19 -14.88
N HIS F 584 -76.59 -13.31 -15.40
CA HIS F 584 -75.54 -13.98 -14.64
C HIS F 584 -75.19 -13.19 -13.38
N ILE F 585 -74.77 -11.94 -13.54
CA ILE F 585 -74.31 -11.16 -12.39
C ILE F 585 -75.43 -11.01 -11.36
N LEU F 586 -76.61 -10.58 -11.81
CA LEU F 586 -77.74 -10.45 -10.89
C LEU F 586 -78.08 -11.80 -10.26
N VAL F 587 -77.83 -12.88 -10.98
CA VAL F 587 -78.14 -14.20 -10.45
C VAL F 587 -77.26 -14.51 -9.24
N THR F 588 -76.00 -14.07 -9.27
CA THR F 588 -75.15 -14.29 -8.11
C THR F 588 -75.76 -13.77 -6.81
N PRO F 589 -76.08 -12.47 -6.70
CA PRO F 589 -76.39 -11.93 -5.37
C PRO F 589 -77.65 -12.51 -4.74
N LEU F 590 -78.58 -13.00 -5.56
CA LEU F 590 -79.79 -13.59 -5.00
C LEU F 590 -79.46 -14.79 -4.13
N PHE F 591 -78.80 -15.80 -4.70
CA PHE F 591 -78.38 -16.95 -3.92
C PHE F 591 -77.50 -16.51 -2.75
N LEU F 592 -76.61 -15.55 -2.99
CA LEU F 592 -75.80 -15.05 -1.89
C LEU F 592 -76.65 -14.64 -0.69
N LEU F 593 -77.63 -13.76 -0.92
CA LEU F 593 -78.53 -13.34 0.14
C LEU F 593 -79.22 -14.54 0.76
N SER F 594 -79.69 -15.46 -0.07
CA SER F 594 -80.37 -16.64 0.43
C SER F 594 -79.52 -17.37 1.46
N SER F 595 -78.19 -17.26 1.33
CA SER F 595 -77.36 -17.71 2.45
C SER F 595 -77.31 -16.65 3.55
N VAL F 596 -77.35 -15.37 3.17
CA VAL F 596 -77.05 -14.31 4.11
C VAL F 596 -78.04 -14.28 5.26
N VAL F 597 -79.32 -14.56 4.98
CA VAL F 597 -80.33 -14.45 6.03
C VAL F 597 -80.00 -15.38 7.19
N ARG F 598 -79.68 -16.63 6.90
CA ARG F 598 -79.27 -17.58 7.94
C ARG F 598 -78.13 -17.00 8.76
N SER F 599 -77.18 -16.36 8.08
CA SER F 599 -76.06 -15.74 8.78
C SER F 599 -76.52 -14.66 9.74
N THR F 600 -77.46 -13.80 9.32
CA THR F 600 -77.94 -12.78 10.23
C THR F 600 -78.65 -13.38 11.44
N VAL F 601 -79.42 -14.45 11.23
CA VAL F 601 -80.16 -15.06 12.34
C VAL F 601 -79.19 -15.68 13.35
N LYS F 602 -78.34 -16.59 12.87
CA LYS F 602 -77.36 -17.22 13.75
C LYS F 602 -76.52 -16.17 14.44
N ALA F 603 -76.18 -15.09 13.74
CA ALA F 603 -75.49 -13.97 14.37
C ALA F 603 -76.29 -13.45 15.56
N LEU F 604 -77.58 -13.22 15.38
CA LEU F 604 -78.40 -12.72 16.49
C LEU F 604 -78.31 -13.66 17.69
N VAL F 605 -78.58 -14.95 17.47
CA VAL F 605 -78.53 -15.89 18.59
C VAL F 605 -77.15 -15.87 19.25
N SER F 606 -76.11 -15.65 18.47
CA SER F 606 -74.76 -15.53 19.01
C SER F 606 -74.68 -14.34 19.96
N VAL F 607 -75.28 -13.21 19.57
CA VAL F 607 -75.36 -12.08 20.48
C VAL F 607 -76.04 -12.49 21.77
N LYS F 608 -77.13 -13.26 21.66
CA LYS F 608 -77.87 -13.63 22.85
C LYS F 608 -77.02 -14.42 23.82
N LYS F 609 -76.48 -15.56 23.39
CA LYS F 609 -75.70 -16.37 24.32
C LYS F 609 -74.46 -15.63 24.76
N LEU F 610 -73.99 -14.67 23.94
CA LEU F 610 -72.80 -13.90 24.29
C LEU F 610 -73.07 -12.98 25.48
N SER F 611 -74.07 -12.10 25.36
CA SER F 611 -74.48 -11.30 26.50
C SER F 611 -74.82 -12.20 27.69
N GLU F 612 -75.36 -13.39 27.40
CA GLU F 612 -75.59 -14.35 28.46
C GLU F 612 -74.31 -14.68 29.20
N PHE F 613 -73.21 -14.85 28.48
CA PHE F 613 -71.93 -15.06 29.15
C PHE F 613 -71.50 -13.82 29.91
N LEU F 614 -71.81 -12.64 29.38
CA LEU F 614 -71.51 -11.40 30.10
C LEU F 614 -72.17 -11.33 31.48
N SER F 615 -73.45 -11.70 31.58
CA SER F 615 -74.19 -11.59 32.84
C SER F 615 -73.77 -12.62 33.86
N SER F 616 -72.87 -13.53 33.52
CA SER F 616 -72.54 -14.66 34.37
C SER F 616 -71.86 -14.19 35.65
N ALA F 617 -71.87 -15.09 36.64
CA ALA F 617 -71.50 -14.76 38.02
C ALA F 617 -70.06 -14.27 38.09
N GLU F 618 -69.87 -13.10 38.69
CA GLU F 618 -68.54 -12.52 38.79
C GLU F 618 -67.91 -12.85 40.14
N ILE F 619 -66.61 -13.13 40.12
CA ILE F 619 -65.87 -13.43 41.34
C ILE F 619 -65.35 -12.10 41.90
N ARG F 620 -65.56 -11.89 43.19
CA ARG F 620 -65.03 -10.69 43.83
C ARG F 620 -63.52 -10.78 43.95
N GLU F 621 -62.82 -9.71 43.60
CA GLU F 621 -61.37 -9.67 43.66
C GLU F 621 -60.87 -9.01 44.93
N ASP F 673 -41.60 -12.40 51.21
CA ASP F 673 -41.00 -13.72 51.29
C ASP F 673 -42.04 -14.82 51.30
N ALA F 674 -42.05 -15.62 52.37
CA ALA F 674 -42.89 -16.81 52.45
C ALA F 674 -44.28 -16.54 53.03
N ASP F 675 -44.62 -15.28 53.32
CA ASP F 675 -45.90 -14.82 53.85
C ASP F 675 -46.01 -15.10 55.35
N ASN F 676 -45.00 -15.68 55.98
CA ASN F 676 -44.90 -16.00 57.41
C ASN F 676 -45.74 -17.22 57.77
N PHE F 677 -46.52 -17.77 56.85
CA PHE F 677 -47.29 -18.99 57.07
C PHE F 677 -48.22 -18.84 58.28
N CYS F 678 -49.19 -17.95 58.11
CA CYS F 678 -50.25 -17.73 59.07
C CYS F 678 -51.55 -17.48 58.31
N VAL F 679 -52.66 -17.66 59.02
CA VAL F 679 -53.97 -17.36 58.43
C VAL F 679 -54.81 -16.60 59.46
N GLN F 680 -55.42 -15.49 59.03
CA GLN F 680 -56.32 -14.71 59.87
C GLN F 680 -57.73 -14.88 59.33
N ILE F 681 -58.54 -15.65 60.03
CA ILE F 681 -59.95 -15.81 59.71
C ILE F 681 -60.70 -15.35 60.95
N ILE F 682 -61.39 -14.21 60.83
CA ILE F 682 -62.02 -13.53 61.95
C ILE F 682 -63.49 -13.29 61.64
N GLY F 683 -64.35 -13.93 62.43
CA GLY F 683 -65.79 -13.74 62.32
C GLY F 683 -66.32 -14.01 60.93
N GLY F 684 -66.05 -15.20 60.41
CA GLY F 684 -66.34 -15.49 59.02
C GLY F 684 -67.82 -15.44 58.74
N PHE F 685 -68.22 -14.70 57.70
CA PHE F 685 -69.54 -14.85 57.10
C PHE F 685 -69.34 -15.26 55.66
N PHE F 686 -69.64 -16.53 55.36
CA PHE F 686 -69.41 -17.07 54.04
C PHE F 686 -70.65 -16.82 53.17
N THR F 687 -70.42 -16.24 52.00
CA THR F 687 -71.48 -15.95 51.06
C THR F 687 -71.41 -16.99 49.95
N TRP F 688 -72.45 -17.83 49.86
CA TRP F 688 -72.60 -18.71 48.71
C TRP F 688 -73.61 -18.08 47.77
N THR F 689 -73.12 -17.56 46.64
CA THR F 689 -73.92 -16.63 45.85
C THR F 689 -75.20 -17.25 45.34
N PRO F 690 -75.15 -18.31 44.53
CA PRO F 690 -76.41 -18.81 43.96
C PRO F 690 -77.30 -19.49 44.99
N ASP F 691 -76.76 -19.92 46.12
CA ASP F 691 -77.58 -20.64 47.08
C ASP F 691 -78.68 -19.75 47.65
N GLY F 692 -78.30 -18.66 48.31
CA GLY F 692 -79.24 -17.82 49.03
C GLY F 692 -79.25 -18.02 50.53
N ILE F 693 -78.82 -19.19 51.01
CA ILE F 693 -78.73 -19.50 52.43
C ILE F 693 -77.26 -19.73 52.77
N PRO F 694 -76.69 -18.99 53.73
CA PRO F 694 -75.26 -19.15 54.01
C PRO F 694 -74.95 -20.46 54.73
N THR F 695 -74.77 -21.54 53.95
CA THR F 695 -74.58 -22.89 54.49
C THR F 695 -73.54 -22.93 55.61
N LEU F 696 -72.44 -22.22 55.45
CA LEU F 696 -71.41 -22.12 56.48
C LEU F 696 -71.39 -20.70 57.04
N SER F 697 -71.26 -20.59 58.36
CA SER F 697 -71.16 -19.31 59.03
C SER F 697 -70.19 -19.43 60.20
N ASN F 698 -69.27 -18.47 60.31
CA ASN F 698 -68.38 -18.32 61.46
C ASN F 698 -67.56 -19.59 61.72
N ILE F 699 -66.75 -19.91 60.72
CA ILE F 699 -65.65 -20.84 60.90
C ILE F 699 -64.37 -20.02 60.81
N THR F 700 -63.73 -19.80 61.95
CA THR F 700 -62.68 -18.81 62.05
C THR F 700 -61.53 -19.37 62.86
N ILE F 701 -60.32 -18.90 62.55
CA ILE F 701 -59.11 -19.35 63.23
C ILE F 701 -57.93 -18.60 62.67
N ARG F 702 -56.78 -18.71 63.34
CA ARG F 702 -55.51 -18.21 62.83
C ARG F 702 -54.56 -19.40 62.70
N ILE F 703 -54.18 -19.71 61.47
CA ILE F 703 -53.25 -20.81 61.19
C ILE F 703 -51.85 -20.36 61.57
N PRO F 704 -51.11 -21.16 62.35
CA PRO F 704 -49.86 -20.65 62.94
C PRO F 704 -48.65 -20.89 62.07
N ARG F 705 -47.50 -20.40 62.53
CA ARG F 705 -46.29 -20.41 61.73
C ARG F 705 -45.54 -21.73 61.90
N GLY F 706 -44.96 -22.21 60.80
CA GLY F 706 -44.28 -23.50 60.80
C GLY F 706 -45.14 -24.63 61.32
N GLN F 707 -46.45 -24.53 61.09
CA GLN F 707 -47.44 -25.33 61.81
C GLN F 707 -48.20 -26.23 60.87
N LEU F 708 -48.06 -27.55 61.07
CA LEU F 708 -48.80 -28.52 60.30
C LEU F 708 -50.11 -28.80 61.02
N THR F 709 -51.21 -28.46 60.37
CA THR F 709 -52.53 -28.62 60.94
C THR F 709 -53.46 -29.26 59.91
N MET F 710 -53.94 -30.46 60.21
CA MET F 710 -54.80 -31.20 59.29
C MET F 710 -56.25 -30.89 59.61
N ILE F 711 -56.93 -30.21 58.70
CA ILE F 711 -58.36 -29.98 58.84
C ILE F 711 -59.05 -31.34 58.81
N VAL F 712 -59.84 -31.62 59.82
CA VAL F 712 -60.41 -32.96 59.95
C VAL F 712 -61.91 -32.88 60.14
N GLY F 713 -62.53 -34.03 60.38
CA GLY F 713 -63.97 -34.15 60.44
C GLY F 713 -64.57 -34.83 59.24
N GLN F 714 -63.85 -34.89 58.12
CA GLN F 714 -64.28 -35.59 56.90
C GLN F 714 -65.73 -35.23 56.54
N VAL F 715 -66.01 -33.92 56.56
CA VAL F 715 -67.34 -33.41 56.24
C VAL F 715 -67.68 -33.58 54.77
N GLY F 716 -66.75 -34.06 53.94
CA GLY F 716 -66.97 -34.11 52.50
C GLY F 716 -66.63 -32.82 51.82
N CYS F 717 -67.45 -32.43 50.84
CA CYS F 717 -67.24 -31.17 50.14
C CYS F 717 -67.34 -29.97 51.07
N GLY F 718 -67.79 -30.16 52.31
CA GLY F 718 -67.66 -29.10 53.30
C GLY F 718 -66.21 -28.73 53.56
N LYS F 719 -65.32 -29.71 53.57
CA LYS F 719 -63.89 -29.39 53.54
C LYS F 719 -63.59 -28.43 52.40
N SER F 720 -64.32 -28.57 51.29
CA SER F 720 -64.19 -27.59 50.22
C SER F 720 -64.89 -26.29 50.55
N SER F 721 -65.89 -26.31 51.44
CA SER F 721 -66.30 -25.06 52.05
C SER F 721 -65.13 -24.44 52.80
N LEU F 722 -64.14 -25.27 53.15
CA LEU F 722 -62.89 -24.72 53.67
C LEU F 722 -61.84 -24.48 52.58
N LEU F 723 -62.08 -24.96 51.35
CA LEU F 723 -61.09 -24.80 50.29
C LEU F 723 -61.41 -23.59 49.41
N LEU F 724 -62.54 -23.62 48.71
CA LEU F 724 -63.00 -22.44 48.00
C LEU F 724 -63.19 -21.25 48.95
N ALA F 725 -64.16 -21.36 49.86
CA ALA F 725 -64.52 -20.22 50.68
C ALA F 725 -63.52 -19.99 51.80
N THR F 726 -63.51 -20.86 52.80
CA THR F 726 -62.74 -20.59 54.00
C THR F 726 -61.24 -20.59 53.75
N LEU F 727 -60.78 -20.98 52.56
CA LEU F 727 -59.40 -20.71 52.17
C LEU F 727 -59.27 -19.46 51.31
N GLY F 728 -60.37 -18.76 51.04
CA GLY F 728 -60.33 -17.44 50.45
C GLY F 728 -60.46 -17.38 48.95
N GLU F 729 -60.65 -18.53 48.27
CA GLU F 729 -60.93 -18.45 46.84
C GLU F 729 -62.18 -17.66 46.56
N MET F 730 -63.19 -17.80 47.43
CA MET F 730 -64.32 -16.89 47.49
C MET F 730 -64.02 -15.80 48.50
N GLN F 731 -64.96 -14.88 48.68
CA GLN F 731 -64.79 -13.74 49.56
C GLN F 731 -65.67 -13.89 50.79
N LYS F 732 -65.10 -13.66 51.96
CA LYS F 732 -65.84 -13.72 53.22
C LYS F 732 -66.39 -12.34 53.52
N VAL F 733 -67.67 -12.28 53.87
CA VAL F 733 -68.36 -10.99 53.95
C VAL F 733 -68.07 -10.31 55.29
N SER F 734 -68.71 -10.77 56.36
CA SER F 734 -68.50 -10.20 57.68
C SER F 734 -67.15 -10.66 58.23
N GLY F 735 -66.60 -9.90 59.17
CA GLY F 735 -65.25 -10.18 59.60
C GLY F 735 -64.34 -10.06 58.41
N ALA F 736 -63.36 -10.96 58.32
CA ALA F 736 -62.43 -10.97 57.19
C ALA F 736 -61.40 -12.08 57.30
N VAL F 737 -60.54 -12.15 56.28
CA VAL F 737 -59.35 -12.98 56.31
C VAL F 737 -58.18 -12.07 55.98
N PHE F 738 -57.00 -12.42 56.47
CA PHE F 738 -55.75 -11.71 56.20
C PHE F 738 -54.60 -12.71 56.17
N TRP F 739 -53.70 -12.56 55.20
CA TRP F 739 -52.50 -13.40 55.10
C TRP F 739 -51.30 -12.48 54.93
N ASN F 740 -50.46 -12.44 55.97
CA ASN F 740 -49.27 -11.59 56.04
C ASN F 740 -49.55 -10.13 55.69
N SER F 741 -48.54 -9.45 55.12
CA SER F 741 -48.70 -8.11 54.56
C SER F 741 -48.69 -8.06 53.05
N ASN F 742 -48.40 -9.17 52.38
CA ASN F 742 -48.21 -9.19 50.93
C ASN F 742 -49.16 -10.22 50.32
N LEU F 743 -49.96 -9.79 49.36
CA LEU F 743 -51.02 -10.63 48.82
C LEU F 743 -50.77 -10.96 47.36
N PRO F 769 -47.66 -18.08 44.56
CA PRO F 769 -47.11 -19.21 45.33
C PRO F 769 -48.18 -20.00 46.07
N VAL F 770 -49.35 -19.42 46.31
CA VAL F 770 -50.41 -20.10 47.02
C VAL F 770 -50.96 -21.21 46.14
N ALA F 771 -50.94 -22.44 46.65
CA ALA F 771 -51.30 -23.60 45.84
C ALA F 771 -52.13 -24.58 46.64
N TYR F 772 -52.91 -25.41 45.93
CA TYR F 772 -53.72 -26.48 46.48
C TYR F 772 -54.03 -27.46 45.35
N ALA F 773 -54.37 -28.68 45.72
CA ALA F 773 -54.65 -29.72 44.73
C ALA F 773 -56.16 -29.84 44.58
N SER F 774 -56.62 -30.18 43.39
CA SER F 774 -58.06 -30.30 43.17
C SER F 774 -58.56 -31.66 43.66
N GLN F 775 -59.79 -31.65 44.18
CA GLN F 775 -60.47 -32.87 44.61
C GLN F 775 -60.62 -33.84 43.43
N LYS F 776 -61.47 -33.47 42.49
CA LYS F 776 -61.66 -34.29 41.30
C LYS F 776 -60.32 -34.48 40.59
N PRO F 777 -60.15 -35.57 39.83
CA PRO F 777 -58.92 -35.72 39.05
C PRO F 777 -58.76 -34.58 38.05
N TRP F 778 -57.56 -33.99 38.02
CA TRP F 778 -57.27 -32.91 37.09
C TRP F 778 -55.85 -33.04 36.55
N LEU F 779 -55.68 -32.69 35.28
CA LEU F 779 -54.38 -32.68 34.64
C LEU F 779 -54.47 -31.81 33.41
N LEU F 780 -53.34 -31.62 32.74
CA LEU F 780 -53.29 -30.94 31.45
C LEU F 780 -52.70 -31.88 30.42
N ASN F 781 -53.30 -31.91 29.23
CA ASN F 781 -52.82 -32.86 28.23
C ASN F 781 -51.38 -32.52 27.89
N ALA F 782 -50.46 -33.44 28.19
CA ALA F 782 -49.03 -33.18 28.07
C ALA F 782 -48.21 -34.44 28.37
N THR F 783 -46.90 -34.29 28.41
CA THR F 783 -46.06 -35.33 29.01
C THR F 783 -46.37 -35.45 30.50
N VAL F 784 -46.28 -36.69 31.01
CA VAL F 784 -46.42 -36.91 32.44
C VAL F 784 -45.42 -36.06 33.21
N GLU F 785 -44.20 -35.94 32.69
CA GLU F 785 -43.26 -34.99 33.26
C GLU F 785 -43.81 -33.57 33.14
N GLU F 786 -44.32 -33.22 31.96
CA GLU F 786 -44.99 -31.94 31.81
C GLU F 786 -46.20 -31.86 32.72
N ASN F 787 -46.75 -33.01 33.10
CA ASN F 787 -47.85 -33.04 34.07
C ASN F 787 -47.37 -32.78 35.48
N ILE F 788 -46.31 -33.49 35.92
CA ILE F 788 -45.73 -33.23 37.23
C ILE F 788 -45.28 -31.80 37.40
N THR F 789 -45.09 -31.08 36.31
CA THR F 789 -44.55 -29.72 36.33
C THR F 789 -45.59 -28.76 35.74
N PHE F 790 -46.16 -27.94 36.61
CA PHE F 790 -46.93 -26.79 36.18
C PHE F 790 -46.01 -25.81 35.46
N GLU F 791 -46.60 -24.79 34.84
CA GLU F 791 -45.88 -23.94 33.90
C GLU F 791 -44.52 -23.46 34.40
N SER F 792 -44.28 -23.39 35.72
CA SER F 792 -42.96 -23.05 36.20
C SER F 792 -41.95 -24.16 35.90
N PRO F 793 -40.67 -23.87 36.02
CA PRO F 793 -39.64 -24.88 35.73
C PRO F 793 -39.56 -25.98 36.77
N PHE F 794 -38.49 -26.78 36.71
CA PHE F 794 -38.20 -27.83 37.67
C PHE F 794 -36.84 -28.42 37.33
N ASN F 795 -36.27 -29.14 38.29
CA ASN F 795 -34.93 -29.67 38.16
C ASN F 795 -34.92 -31.13 38.62
N LYS F 796 -33.83 -31.82 38.29
CA LYS F 796 -33.76 -33.26 38.48
C LYS F 796 -33.76 -33.64 39.96
N GLN F 797 -33.11 -32.83 40.79
CA GLN F 797 -33.08 -33.13 42.23
C GLN F 797 -34.48 -33.14 42.82
N ARG F 798 -35.27 -32.09 42.56
CA ARG F 798 -36.65 -32.07 43.06
C ARG F 798 -37.55 -32.95 42.20
N TYR F 799 -37.14 -33.23 40.96
CA TYR F 799 -37.85 -34.19 40.12
C TYR F 799 -37.87 -35.57 40.77
N LYS F 800 -36.70 -36.18 40.88
CA LYS F 800 -36.60 -37.46 41.60
C LYS F 800 -37.10 -37.31 43.03
N MET F 801 -36.93 -36.12 43.62
CA MET F 801 -37.49 -35.87 44.94
C MET F 801 -39.00 -36.09 44.94
N VAL F 802 -39.64 -35.82 43.80
CA VAL F 802 -41.09 -35.90 43.72
C VAL F 802 -41.52 -37.29 43.28
N ILE F 803 -41.20 -37.66 42.04
CA ILE F 803 -41.63 -38.97 41.54
C ILE F 803 -41.12 -40.07 42.45
N GLU F 804 -39.92 -39.90 42.99
CA GLU F 804 -39.43 -40.81 44.02
C GLU F 804 -40.14 -40.56 45.34
N ALA F 805 -40.35 -39.30 45.71
CA ALA F 805 -41.18 -39.01 46.87
C ALA F 805 -42.56 -39.60 46.68
N CYS F 806 -43.23 -39.23 45.57
CA CYS F 806 -44.51 -39.83 45.23
C CYS F 806 -44.40 -41.32 44.94
N SER F 807 -43.17 -41.86 44.90
CA SER F 807 -42.93 -43.28 44.69
C SER F 807 -43.53 -43.71 43.36
N LEU F 808 -43.60 -42.75 42.43
CA LEU F 808 -44.19 -42.97 41.12
C LEU F 808 -43.37 -43.91 40.26
N GLN F 809 -42.17 -44.30 40.69
CA GLN F 809 -41.29 -45.09 39.83
C GLN F 809 -41.99 -46.29 39.21
N PRO F 810 -42.58 -47.21 39.98
CA PRO F 810 -43.42 -48.22 39.34
C PRO F 810 -44.68 -47.65 38.71
N ASP F 811 -45.32 -46.68 39.38
CA ASP F 811 -46.49 -46.01 38.83
C ASP F 811 -46.19 -45.36 37.49
N ILE F 812 -45.14 -44.54 37.40
CA ILE F 812 -44.76 -43.92 36.14
C ILE F 812 -44.05 -44.91 35.21
N ASP F 813 -43.77 -46.12 35.68
CA ASP F 813 -43.29 -47.17 34.80
C ASP F 813 -44.42 -48.02 34.24
N ILE F 814 -45.63 -47.87 34.77
CA ILE F 814 -46.76 -48.67 34.29
C ILE F 814 -47.22 -48.17 32.93
N LEU F 815 -47.42 -46.86 32.80
CA LEU F 815 -47.77 -46.27 31.52
C LEU F 815 -46.61 -46.48 30.53
N PRO F 816 -46.93 -46.84 29.28
CA PRO F 816 -45.90 -47.48 28.43
C PRO F 816 -44.65 -46.64 28.21
N HIS F 817 -44.80 -45.37 27.83
CA HIS F 817 -43.60 -44.59 27.55
C HIS F 817 -43.07 -43.85 28.77
N GLY F 818 -43.85 -43.77 29.85
CA GLY F 818 -43.39 -43.11 31.06
C GLY F 818 -43.22 -41.61 30.98
N ASP F 819 -41.98 -41.13 31.22
CA ASP F 819 -41.68 -39.71 31.36
C ASP F 819 -42.30 -38.85 30.28
N GLN F 820 -41.91 -39.06 29.03
CA GLN F 820 -42.43 -38.28 27.93
C GLN F 820 -43.75 -38.83 27.39
N THR F 821 -44.29 -39.88 27.99
CA THR F 821 -45.56 -40.44 27.53
C THR F 821 -46.66 -39.39 27.62
N GLN F 822 -47.62 -39.50 26.71
CA GLN F 822 -48.76 -38.58 26.74
C GLN F 822 -49.50 -38.72 28.05
N ILE F 823 -49.79 -37.59 28.69
CA ILE F 823 -50.57 -37.54 29.91
C ILE F 823 -51.57 -36.40 29.79
N GLY F 824 -52.85 -36.73 29.84
CA GLY F 824 -53.86 -35.69 29.82
C GLY F 824 -55.19 -36.20 29.29
N GLU F 825 -55.99 -35.24 28.82
CA GLU F 825 -57.37 -35.52 28.45
C GLU F 825 -57.50 -36.52 27.32
N ARG F 826 -56.96 -36.20 26.15
CA ARG F 826 -56.99 -37.13 25.04
C ARG F 826 -55.96 -38.21 25.30
N GLY F 827 -56.42 -39.45 25.35
CA GLY F 827 -55.53 -40.54 25.70
C GLY F 827 -55.07 -40.47 27.14
N ILE F 828 -54.19 -41.42 27.48
CA ILE F 828 -53.60 -41.52 28.81
C ILE F 828 -54.69 -41.71 29.87
N ASN F 829 -55.31 -42.89 29.86
CA ASN F 829 -56.24 -43.23 30.93
C ASN F 829 -55.48 -43.47 32.23
N LEU F 830 -55.83 -42.72 33.27
CA LEU F 830 -55.04 -42.68 34.49
C LEU F 830 -55.89 -43.14 35.68
N SER F 831 -55.25 -43.90 36.56
CA SER F 831 -55.89 -44.44 37.75
C SER F 831 -56.30 -43.31 38.69
N GLY F 832 -57.43 -43.48 39.36
CA GLY F 832 -57.89 -42.46 40.29
C GLY F 832 -56.87 -42.07 41.34
N GLY F 833 -56.33 -43.06 42.07
CA GLY F 833 -55.28 -42.76 43.02
C GLY F 833 -54.06 -42.18 42.35
N GLN F 834 -53.90 -42.46 41.05
CA GLN F 834 -52.82 -41.84 40.30
C GLN F 834 -53.11 -40.38 40.02
N ARG F 835 -54.38 -40.05 39.83
CA ARG F 835 -54.75 -38.65 39.68
C ARG F 835 -54.49 -37.88 40.96
N GLN F 836 -55.01 -38.39 42.08
CA GLN F 836 -54.64 -37.80 43.36
C GLN F 836 -53.13 -37.80 43.53
N ARG F 837 -52.44 -38.69 42.82
CA ARG F 837 -51.00 -38.85 43.01
C ARG F 837 -50.24 -37.72 42.30
N ILE F 838 -50.16 -37.79 40.97
CA ILE F 838 -49.47 -36.75 40.22
C ILE F 838 -50.10 -35.39 40.48
N SER F 839 -51.39 -35.35 40.81
CA SER F 839 -52.02 -34.13 41.29
C SER F 839 -51.37 -33.68 42.59
N VAL F 840 -51.04 -34.63 43.46
CA VAL F 840 -50.52 -34.30 44.78
C VAL F 840 -49.09 -33.79 44.68
N ALA F 841 -48.18 -34.61 44.17
CA ALA F 841 -46.81 -34.15 44.02
C ALA F 841 -46.77 -32.89 43.16
N ARG F 842 -47.48 -32.91 42.03
CA ARG F 842 -47.57 -31.74 41.16
C ARG F 842 -48.01 -30.52 41.96
N ALA F 843 -48.88 -30.74 42.93
CA ALA F 843 -49.19 -29.65 43.85
C ALA F 843 -47.96 -29.22 44.62
N LEU F 844 -47.27 -30.16 45.27
CA LEU F 844 -46.12 -29.80 46.10
C LEU F 844 -44.81 -29.75 45.33
N TYR F 845 -44.83 -30.04 44.03
CA TYR F 845 -43.61 -29.99 43.24
C TYR F 845 -43.13 -28.56 43.02
N GLN F 846 -44.04 -27.59 43.09
CA GLN F 846 -43.68 -26.19 42.91
C GLN F 846 -42.72 -25.69 43.98
N GLN F 847 -42.67 -26.34 45.14
CA GLN F 847 -41.82 -25.92 46.25
C GLN F 847 -42.03 -24.45 46.55
N THR F 848 -43.23 -24.12 47.01
CA THR F 848 -43.57 -22.79 47.45
C THR F 848 -44.17 -22.89 48.84
N ASN F 849 -44.30 -21.74 49.49
CA ASN F 849 -44.72 -21.66 50.88
C ASN F 849 -45.98 -22.47 51.18
N VAL F 850 -47.11 -22.11 50.56
CA VAL F 850 -48.42 -22.62 50.95
C VAL F 850 -48.79 -23.83 50.09
N VAL F 851 -49.45 -24.82 50.70
CA VAL F 851 -49.90 -26.04 50.04
C VAL F 851 -51.15 -26.56 50.75
N PHE F 852 -52.01 -27.26 50.00
CA PHE F 852 -53.26 -27.78 50.54
C PHE F 852 -53.63 -29.09 49.85
N LEU F 853 -54.21 -30.01 50.62
CA LEU F 853 -54.53 -31.36 50.15
C LEU F 853 -56.03 -31.61 50.28
N ASP F 854 -56.51 -32.63 49.57
CA ASP F 854 -57.89 -33.12 49.67
C ASP F 854 -57.92 -34.64 49.53
N ASP F 855 -58.76 -35.29 50.39
CA ASP F 855 -59.06 -36.72 50.42
C ASP F 855 -57.84 -37.58 50.07
N PRO F 856 -56.80 -37.55 50.90
CA PRO F 856 -55.51 -38.15 50.46
C PRO F 856 -55.58 -39.65 50.22
N PHE F 857 -56.36 -40.38 51.01
CA PHE F 857 -56.52 -41.80 50.83
C PHE F 857 -57.74 -42.17 50.00
N SER F 858 -58.42 -41.18 49.41
CA SER F 858 -59.65 -41.46 48.68
C SER F 858 -59.39 -42.50 47.61
N ALA F 859 -60.11 -43.62 47.72
CA ALA F 859 -59.89 -44.78 46.87
C ALA F 859 -58.41 -45.12 46.75
N LEU F 860 -57.70 -45.08 47.87
CA LEU F 860 -56.27 -45.38 47.91
C LEU F 860 -56.04 -46.62 48.78
N ASP F 861 -54.77 -46.99 48.92
CA ASP F 861 -54.39 -48.28 49.49
C ASP F 861 -53.51 -48.08 50.72
N VAL F 862 -53.41 -49.16 51.51
CA VAL F 862 -52.59 -49.14 52.72
C VAL F 862 -51.14 -48.84 52.37
N HIS F 863 -50.62 -49.54 51.36
CA HIS F 863 -49.27 -49.26 50.88
C HIS F 863 -49.15 -47.80 50.46
N LEU F 864 -50.20 -47.27 49.82
CA LEU F 864 -50.22 -45.84 49.50
C LEU F 864 -50.71 -45.00 50.67
N SER F 865 -51.08 -45.62 51.79
CA SER F 865 -51.39 -44.85 52.97
C SER F 865 -50.13 -44.56 53.78
N ASP F 866 -49.47 -45.60 54.27
CA ASP F 866 -48.16 -45.40 54.87
C ASP F 866 -47.20 -44.77 53.87
N HIS F 867 -47.27 -45.17 52.60
CA HIS F 867 -46.55 -44.48 51.53
C HIS F 867 -47.00 -43.04 51.43
N LEU F 868 -48.29 -42.79 51.59
CA LEU F 868 -48.81 -41.43 51.71
C LEU F 868 -48.33 -40.77 52.99
N MET F 869 -47.93 -41.53 54.01
CA MET F 869 -47.14 -40.98 55.12
C MET F 869 -45.67 -40.88 54.77
N GLN F 870 -45.15 -41.73 53.89
CA GLN F 870 -43.75 -41.67 53.49
C GLN F 870 -43.45 -40.49 52.58
N ALA F 871 -44.33 -40.19 51.64
CA ALA F 871 -44.22 -38.93 50.91
C ALA F 871 -44.88 -37.76 51.63
N GLY F 872 -46.08 -37.97 52.17
CA GLY F 872 -46.93 -36.89 52.64
C GLY F 872 -46.36 -36.09 53.77
N ILE F 873 -45.86 -36.76 54.80
CA ILE F 873 -45.15 -36.05 55.84
C ILE F 873 -43.75 -36.64 55.90
N LEU F 874 -43.64 -37.80 56.53
CA LEU F 874 -42.35 -38.42 56.80
C LEU F 874 -41.39 -37.38 57.32
N GLU F 875 -40.16 -37.42 56.83
CA GLU F 875 -39.25 -36.29 57.00
C GLU F 875 -39.16 -35.44 55.74
N LEU F 876 -39.98 -35.74 54.73
CA LEU F 876 -39.74 -35.26 53.38
C LEU F 876 -40.01 -33.76 53.29
N LEU F 877 -39.81 -33.21 52.08
CA LEU F 877 -40.06 -31.80 51.81
C LEU F 877 -41.53 -31.46 52.02
N ARG F 878 -42.38 -32.47 52.03
CA ARG F 878 -43.76 -32.28 52.43
C ARG F 878 -43.85 -31.84 53.88
N ASP F 879 -42.74 -31.90 54.59
CA ASP F 879 -42.68 -31.59 56.01
C ASP F 879 -41.51 -30.66 56.30
N ASP F 880 -41.25 -30.46 57.59
CA ASP F 880 -40.16 -29.63 58.08
C ASP F 880 -40.41 -28.18 57.69
N LYS F 881 -39.48 -27.49 57.02
CA LYS F 881 -39.47 -26.03 57.01
C LYS F 881 -40.62 -25.46 56.18
N ARG F 882 -41.04 -26.15 55.13
CA ARG F 882 -42.09 -25.64 54.28
C ARG F 882 -43.46 -25.79 54.96
N THR F 883 -44.24 -24.71 54.93
CA THR F 883 -45.58 -24.74 55.51
C THR F 883 -46.52 -25.56 54.65
N VAL F 884 -47.59 -26.06 55.27
CA VAL F 884 -48.45 -27.07 54.63
C VAL F 884 -49.85 -27.02 55.24
N VAL F 885 -50.79 -27.70 54.57
CA VAL F 885 -52.12 -27.99 55.09
C VAL F 885 -52.61 -29.26 54.40
N LEU F 886 -53.63 -29.91 54.96
CA LEU F 886 -54.13 -31.18 54.42
C LEU F 886 -55.39 -31.59 55.18
N VAL F 887 -56.17 -32.48 54.56
CA VAL F 887 -57.42 -32.98 55.12
C VAL F 887 -57.55 -34.47 54.83
N THR F 888 -57.68 -35.27 55.88
CA THR F 888 -57.69 -36.71 55.73
C THR F 888 -59.11 -37.26 55.68
N HIS F 889 -59.21 -38.59 55.58
CA HIS F 889 -60.48 -39.30 55.58
C HIS F 889 -60.46 -40.39 56.65
N LYS F 890 -59.58 -41.38 56.47
CA LYS F 890 -59.39 -42.40 57.48
C LYS F 890 -58.92 -41.76 58.79
N LEU F 891 -59.54 -42.18 59.89
CA LEU F 891 -59.26 -41.59 61.19
C LEU F 891 -58.07 -42.22 61.91
N GLN F 892 -57.56 -43.36 61.41
CA GLN F 892 -56.49 -44.05 62.10
C GLN F 892 -55.16 -43.31 61.99
N TYR F 893 -54.75 -42.94 60.77
CA TYR F 893 -53.45 -42.32 60.53
C TYR F 893 -53.35 -40.92 61.15
N LEU F 894 -54.45 -40.40 61.69
CA LEU F 894 -54.46 -39.04 62.22
C LEU F 894 -53.34 -38.76 63.22
N PRO F 895 -52.87 -39.72 64.03
CA PRO F 895 -51.92 -39.39 65.09
C PRO F 895 -50.66 -38.68 64.63
N HIS F 896 -50.24 -38.92 63.39
CA HIS F 896 -49.05 -38.26 62.88
C HIS F 896 -49.23 -36.75 62.76
N ALA F 897 -50.44 -36.25 62.94
CA ALA F 897 -50.71 -34.82 62.82
C ALA F 897 -50.29 -34.09 64.08
N ASP F 898 -49.40 -33.11 63.93
CA ASP F 898 -49.10 -32.18 65.02
C ASP F 898 -50.37 -31.50 65.50
N TRP F 899 -51.08 -30.83 64.59
CA TRP F 899 -52.28 -30.10 64.96
C TRP F 899 -53.46 -30.74 64.26
N ILE F 900 -54.64 -30.57 64.85
CA ILE F 900 -55.88 -31.17 64.35
C ILE F 900 -57.02 -30.18 64.56
N ILE F 901 -58.01 -30.25 63.68
CA ILE F 901 -59.22 -29.46 63.82
C ILE F 901 -60.35 -30.19 63.11
N ALA F 902 -61.57 -30.04 63.63
CA ALA F 902 -62.74 -30.73 63.13
C ALA F 902 -63.83 -29.71 62.83
N MET F 903 -64.88 -30.15 62.15
CA MET F 903 -65.93 -29.25 61.69
C MET F 903 -67.30 -29.75 62.14
N LYS F 904 -68.11 -28.83 62.67
CA LYS F 904 -69.49 -29.14 63.05
C LYS F 904 -70.40 -28.07 62.47
N ASP F 905 -71.31 -28.52 61.59
CA ASP F 905 -72.19 -27.62 60.86
C ASP F 905 -71.35 -26.57 60.15
N GLY F 906 -71.51 -25.30 60.52
CA GLY F 906 -70.68 -24.26 59.98
C GLY F 906 -69.48 -23.84 60.81
N THR F 907 -69.48 -24.12 62.11
CA THR F 907 -68.46 -23.59 63.00
C THR F 907 -67.52 -24.69 63.48
N ILE F 908 -66.28 -24.29 63.76
CA ILE F 908 -65.30 -25.22 64.31
C ILE F 908 -65.81 -25.73 65.65
N GLN F 909 -65.85 -27.05 65.81
CA GLN F 909 -66.27 -27.61 67.07
C GLN F 909 -65.28 -27.29 68.19
N ARG F 910 -63.99 -27.34 67.88
CA ARG F 910 -62.96 -27.00 68.86
C ARG F 910 -61.70 -26.58 68.12
N GLU F 911 -60.85 -25.85 68.82
CA GLU F 911 -59.57 -25.41 68.31
C GLU F 911 -58.49 -25.75 69.32
N GLY F 912 -57.58 -26.61 68.93
CA GLY F 912 -56.55 -27.09 69.84
C GLY F 912 -56.05 -28.45 69.40
N THR F 913 -55.53 -29.18 70.38
CA THR F 913 -54.89 -30.46 70.14
C THR F 913 -55.88 -31.60 70.40
N LEU F 914 -55.41 -32.83 70.26
CA LEU F 914 -56.29 -33.98 70.45
C LEU F 914 -56.57 -34.27 71.92
N LYS F 915 -55.89 -33.59 72.84
CA LYS F 915 -56.06 -33.86 74.26
C LYS F 915 -57.33 -33.19 74.78
N ASP F 916 -57.38 -31.86 74.71
CA ASP F 916 -58.53 -31.15 75.26
C ASP F 916 -59.85 -31.61 74.65
N PHE F 917 -59.86 -31.95 73.35
CA PHE F 917 -61.10 -32.41 72.73
C PHE F 917 -61.42 -33.84 73.15
N GLN F 918 -60.39 -34.67 73.32
CA GLN F 918 -60.61 -35.95 73.99
C GLN F 918 -61.27 -35.70 75.34
N ARG F 919 -60.83 -34.66 76.03
CA ARG F 919 -61.49 -34.20 77.25
C ARG F 919 -62.85 -33.59 76.94
N SER F 920 -63.11 -33.24 75.69
CA SER F 920 -64.45 -32.82 75.28
C SER F 920 -65.32 -33.99 74.85
N GLU F 921 -64.84 -35.23 75.04
CA GLU F 921 -65.59 -36.44 74.68
C GLU F 921 -65.98 -36.37 73.21
N CYS F 922 -65.07 -35.80 72.42
CA CYS F 922 -65.38 -35.25 71.10
C CYS F 922 -64.71 -36.10 70.04
N GLN F 923 -64.73 -35.63 68.79
CA GLN F 923 -64.23 -36.41 67.66
C GLN F 923 -62.89 -37.07 67.96
N LEU F 924 -61.99 -36.33 68.62
CA LEU F 924 -60.77 -36.98 69.11
C LEU F 924 -61.10 -38.06 70.14
N PHE F 925 -62.00 -37.80 71.09
CA PHE F 925 -62.43 -38.87 71.98
C PHE F 925 -63.41 -39.81 71.27
N GLU F 926 -63.93 -39.38 70.12
CA GLU F 926 -64.89 -40.22 69.40
C GLU F 926 -64.20 -41.35 68.68
N HIS F 927 -63.17 -41.04 67.90
CA HIS F 927 -62.40 -42.09 67.26
C HIS F 927 -61.82 -43.03 68.30
N TRP F 928 -61.79 -42.57 69.56
CA TRP F 928 -61.54 -43.49 70.66
C TRP F 928 -62.76 -44.34 70.97
N LYS F 929 -63.89 -43.72 71.33
CA LYS F 929 -65.13 -44.45 71.57
C LYS F 929 -65.58 -45.27 70.38
N THR F 930 -66.07 -44.62 69.32
CA THR F 930 -66.45 -45.31 68.08
C THR F 930 -65.37 -45.06 67.06
N LEU F 931 -64.60 -46.09 66.71
CA LEU F 931 -63.48 -45.93 65.79
C LEU F 931 -63.90 -45.95 64.32
N TRP F 998 -55.22 -39.65 -7.36
CA TRP F 998 -55.93 -40.15 -8.54
C TRP F 998 -56.46 -41.53 -8.29
N ARG F 999 -56.08 -42.11 -7.15
CA ARG F 999 -56.41 -43.52 -6.89
C ARG F 999 -57.88 -43.70 -6.57
N ALA F 1000 -58.52 -42.70 -5.96
CA ALA F 1000 -59.90 -42.83 -5.53
C ALA F 1000 -60.87 -42.87 -6.70
N CYS F 1001 -60.65 -42.06 -7.72
CA CYS F 1001 -61.39 -42.24 -8.96
C CYS F 1001 -61.29 -43.70 -9.40
N THR F 1002 -60.07 -44.22 -9.42
CA THR F 1002 -59.89 -45.64 -9.73
C THR F 1002 -60.47 -46.52 -8.64
N LYS F 1003 -60.55 -46.00 -7.41
CA LYS F 1003 -61.02 -46.81 -6.30
C LYS F 1003 -62.42 -46.42 -5.84
N TYR F 1004 -62.55 -45.26 -5.19
CA TYR F 1004 -63.85 -44.83 -4.69
C TYR F 1004 -64.87 -44.74 -5.81
N LEU F 1005 -64.61 -43.89 -6.81
CA LEU F 1005 -65.56 -43.76 -7.90
C LEU F 1005 -65.82 -45.09 -8.59
N SER F 1006 -64.99 -46.10 -8.30
CA SER F 1006 -65.33 -47.44 -8.76
C SER F 1006 -66.53 -48.01 -8.00
N SER F 1007 -67.08 -47.29 -7.02
CA SER F 1007 -68.20 -47.75 -6.22
C SER F 1007 -69.49 -47.92 -7.02
N ALA F 1008 -69.53 -47.54 -8.29
CA ALA F 1008 -70.76 -47.57 -9.05
C ALA F 1008 -70.48 -47.89 -10.51
N GLY F 1009 -71.50 -47.68 -11.33
CA GLY F 1009 -71.52 -47.92 -12.76
C GLY F 1009 -71.05 -46.69 -13.52
N ILE F 1010 -70.12 -45.95 -12.93
CA ILE F 1010 -69.96 -44.50 -13.04
C ILE F 1010 -70.11 -43.95 -14.45
N LEU F 1011 -69.73 -44.72 -15.47
CA LEU F 1011 -69.96 -44.27 -16.84
C LEU F 1011 -71.43 -43.95 -17.09
N LEU F 1012 -72.34 -44.61 -16.37
CA LEU F 1012 -73.77 -44.31 -16.52
C LEU F 1012 -74.08 -42.88 -16.11
N LEU F 1013 -73.31 -42.33 -15.17
CA LEU F 1013 -73.42 -40.93 -14.80
C LEU F 1013 -72.71 -40.01 -15.79
N SER F 1014 -71.76 -40.55 -16.56
CA SER F 1014 -71.03 -39.75 -17.51
C SER F 1014 -71.95 -39.08 -18.53
N LEU F 1015 -72.49 -39.88 -19.46
CA LEU F 1015 -73.18 -39.35 -20.62
C LEU F 1015 -74.33 -38.43 -20.25
N LEU F 1016 -75.12 -38.80 -19.25
CA LEU F 1016 -76.25 -37.98 -18.83
C LEU F 1016 -75.79 -36.58 -18.44
N VAL F 1017 -74.71 -36.49 -17.64
CA VAL F 1017 -74.20 -35.18 -17.30
C VAL F 1017 -73.80 -34.44 -18.57
N PHE F 1018 -73.23 -35.16 -19.52
CA PHE F 1018 -72.90 -34.56 -20.81
C PHE F 1018 -74.15 -34.18 -21.56
N SER F 1019 -75.21 -34.99 -21.42
CA SER F 1019 -76.50 -34.62 -21.98
C SER F 1019 -77.00 -33.30 -21.38
N GLN F 1020 -76.42 -32.90 -20.25
CA GLN F 1020 -76.63 -31.54 -19.76
C GLN F 1020 -75.81 -30.54 -20.56
N LEU F 1021 -74.49 -30.80 -20.67
CA LEU F 1021 -73.58 -29.80 -21.21
C LEU F 1021 -73.99 -29.38 -22.62
N LEU F 1022 -74.05 -30.34 -23.54
CA LEU F 1022 -74.51 -30.02 -24.89
C LEU F 1022 -75.84 -29.28 -24.85
N LYS F 1023 -76.76 -29.73 -24.00
CA LYS F 1023 -78.05 -29.09 -23.87
C LYS F 1023 -77.89 -27.59 -23.67
N HIS F 1024 -77.03 -27.19 -22.73
CA HIS F 1024 -76.79 -25.76 -22.54
C HIS F 1024 -76.19 -25.15 -23.79
N MET F 1025 -75.10 -25.74 -24.29
CA MET F 1025 -74.35 -25.12 -25.38
C MET F 1025 -75.23 -24.89 -26.59
N VAL F 1026 -75.86 -25.95 -27.09
CA VAL F 1026 -76.78 -25.82 -28.21
C VAL F 1026 -77.86 -24.81 -27.89
N LEU F 1027 -78.37 -24.82 -26.65
CA LEU F 1027 -79.40 -23.88 -26.25
C LEU F 1027 -78.99 -22.46 -26.59
N VAL F 1028 -77.71 -22.15 -26.40
CA VAL F 1028 -77.22 -20.83 -26.77
C VAL F 1028 -77.07 -20.74 -28.29
N ALA F 1029 -76.45 -21.74 -28.90
CA ALA F 1029 -76.07 -21.72 -30.32
C ALA F 1029 -77.23 -21.34 -31.23
N ILE F 1030 -78.38 -21.98 -31.04
CA ILE F 1030 -79.55 -21.63 -31.84
C ILE F 1030 -80.16 -20.32 -31.38
N ASP F 1031 -80.17 -20.05 -30.07
CA ASP F 1031 -80.40 -18.68 -29.62
C ASP F 1031 -79.32 -17.77 -30.17
N TYR F 1032 -78.15 -18.34 -30.46
CA TYR F 1032 -77.11 -17.59 -31.13
C TYR F 1032 -77.39 -17.44 -32.62
N TRP F 1033 -78.18 -18.36 -33.18
CA TRP F 1033 -78.48 -18.32 -34.61
C TRP F 1033 -79.94 -17.90 -34.83
N LEU F 1034 -80.89 -18.81 -34.56
CA LEU F 1034 -82.29 -18.59 -34.89
C LEU F 1034 -82.78 -17.24 -34.40
N ALA F 1035 -82.37 -16.83 -33.20
CA ALA F 1035 -82.72 -15.50 -32.73
C ALA F 1035 -81.96 -14.45 -33.52
N LYS F 1036 -80.62 -14.53 -33.50
CA LYS F 1036 -79.81 -13.54 -34.19
C LYS F 1036 -80.04 -13.59 -35.70
N TRP F 1037 -80.31 -14.77 -36.25
CA TRP F 1037 -80.68 -14.85 -37.67
C TRP F 1037 -81.98 -14.14 -37.96
N THR F 1038 -82.95 -14.15 -37.03
CA THR F 1038 -84.11 -13.28 -37.15
C THR F 1038 -83.72 -11.82 -37.03
N ASP F 1039 -82.87 -11.49 -36.05
CA ASP F 1039 -82.25 -10.17 -36.01
C ASP F 1039 -81.60 -9.82 -37.33
N SER F 1040 -81.16 -10.82 -38.08
CA SER F 1040 -80.67 -10.65 -39.43
C SER F 1040 -81.77 -10.96 -40.43
N LEU F 1059 -92.66 -15.91 -40.10
CA LEU F 1059 -93.02 -16.98 -39.17
C LEU F 1059 -91.80 -17.45 -38.42
N ASP F 1060 -90.68 -16.76 -38.60
CA ASP F 1060 -89.45 -17.14 -37.93
C ASP F 1060 -89.51 -16.97 -36.43
N GLN F 1061 -90.39 -16.12 -35.92
CA GLN F 1061 -90.58 -15.99 -34.48
C GLN F 1061 -90.96 -17.33 -33.88
N SER F 1062 -91.75 -18.11 -34.62
CA SER F 1062 -92.08 -19.46 -34.19
C SER F 1062 -90.88 -20.40 -34.26
N VAL F 1063 -89.93 -20.17 -35.16
CA VAL F 1063 -88.68 -20.91 -35.12
C VAL F 1063 -87.93 -20.58 -33.83
N TYR F 1064 -87.90 -19.29 -33.48
CA TYR F 1064 -87.38 -18.91 -32.17
C TYR F 1064 -88.15 -19.60 -31.05
N ALA F 1065 -89.42 -19.91 -31.26
CA ALA F 1065 -90.15 -20.70 -30.27
C ALA F 1065 -89.70 -22.15 -30.27
N MET F 1066 -89.34 -22.68 -31.45
CA MET F 1066 -88.80 -24.03 -31.52
C MET F 1066 -87.54 -24.13 -30.67
N VAL F 1067 -86.60 -23.20 -30.87
CA VAL F 1067 -85.38 -23.17 -30.08
C VAL F 1067 -85.73 -23.07 -28.60
N PHE F 1068 -86.78 -22.31 -28.29
CA PHE F 1068 -87.24 -22.22 -26.91
C PHE F 1068 -87.68 -23.57 -26.39
N THR F 1069 -88.33 -24.37 -27.25
CA THR F 1069 -88.79 -25.69 -26.84
C THR F 1069 -87.62 -26.62 -26.55
N LEU F 1070 -86.72 -26.78 -27.53
CA LEU F 1070 -85.58 -27.67 -27.33
C LEU F 1070 -84.76 -27.24 -26.13
N LEU F 1071 -84.61 -25.93 -25.95
CA LEU F 1071 -83.91 -25.43 -24.78
C LEU F 1071 -84.64 -25.81 -23.50
N CYS F 1072 -85.97 -25.70 -23.49
CA CYS F 1072 -86.72 -25.99 -22.27
C CYS F 1072 -86.62 -27.45 -21.88
N SER F 1073 -87.01 -28.35 -22.78
CA SER F 1073 -87.00 -29.77 -22.45
C SER F 1073 -85.58 -30.28 -22.23
N LEU F 1074 -84.61 -29.68 -22.92
CA LEU F 1074 -83.22 -30.04 -22.68
C LEU F 1074 -82.78 -29.62 -21.29
N GLY F 1075 -83.21 -28.45 -20.83
CA GLY F 1075 -82.87 -28.00 -19.50
C GLY F 1075 -83.57 -28.80 -18.42
N ILE F 1076 -84.76 -29.32 -18.73
CA ILE F 1076 -85.48 -30.14 -17.74
C ILE F 1076 -84.87 -31.53 -17.68
N VAL F 1077 -84.51 -32.09 -18.84
CA VAL F 1077 -83.89 -33.40 -18.87
C VAL F 1077 -82.52 -33.36 -18.19
N LEU F 1078 -81.69 -32.40 -18.58
CA LEU F 1078 -80.44 -32.14 -17.87
C LEU F 1078 -80.70 -31.92 -16.39
N CYS F 1079 -81.79 -31.22 -16.08
CA CYS F 1079 -82.10 -30.86 -14.70
C CYS F 1079 -82.28 -32.11 -13.84
N LEU F 1080 -83.19 -33.00 -14.24
CA LEU F 1080 -83.41 -34.22 -13.47
C LEU F 1080 -82.15 -35.09 -13.47
N VAL F 1081 -81.60 -35.34 -14.67
CA VAL F 1081 -80.50 -36.29 -14.79
C VAL F 1081 -79.35 -35.87 -13.89
N THR F 1082 -79.08 -34.57 -13.85
CA THR F 1082 -78.00 -34.05 -13.01
C THR F 1082 -78.21 -34.43 -11.56
N SER F 1083 -79.23 -33.85 -10.92
CA SER F 1083 -79.41 -34.03 -9.49
C SER F 1083 -79.61 -35.49 -9.13
N VAL F 1084 -80.61 -36.14 -9.71
CA VAL F 1084 -80.90 -37.52 -9.36
C VAL F 1084 -79.66 -38.38 -9.57
N THR F 1085 -78.92 -38.11 -10.65
CA THR F 1085 -77.65 -38.79 -10.85
C THR F 1085 -76.71 -38.56 -9.66
N VAL F 1086 -76.68 -37.33 -9.15
CA VAL F 1086 -75.76 -37.00 -8.07
C VAL F 1086 -76.12 -37.76 -6.80
N GLU F 1087 -77.35 -37.57 -6.31
CA GLU F 1087 -77.73 -38.21 -5.05
C GLU F 1087 -77.68 -39.72 -5.16
N TRP F 1088 -78.08 -40.26 -6.32
CA TRP F 1088 -77.96 -41.69 -6.55
C TRP F 1088 -76.52 -42.16 -6.42
N THR F 1089 -75.60 -41.45 -7.08
CA THR F 1089 -74.18 -41.79 -6.97
C THR F 1089 -73.73 -41.79 -5.52
N GLY F 1090 -73.95 -40.69 -4.80
CA GLY F 1090 -73.49 -40.59 -3.44
C GLY F 1090 -74.05 -41.67 -2.54
N LEU F 1091 -75.39 -41.78 -2.48
CA LEU F 1091 -75.98 -42.82 -1.66
C LEU F 1091 -75.40 -44.18 -2.00
N LYS F 1092 -75.29 -44.49 -3.30
CA LYS F 1092 -74.78 -45.78 -3.71
C LYS F 1092 -73.40 -46.03 -3.11
N VAL F 1093 -72.44 -45.15 -3.39
CA VAL F 1093 -71.09 -45.34 -2.85
C VAL F 1093 -71.12 -45.45 -1.34
N ALA F 1094 -72.07 -44.75 -0.70
CA ALA F 1094 -72.14 -44.80 0.75
C ALA F 1094 -72.48 -46.20 1.24
N LYS F 1095 -73.62 -46.73 0.81
CA LYS F 1095 -74.05 -48.04 1.30
C LYS F 1095 -73.06 -49.13 0.91
N ARG F 1096 -72.45 -48.99 -0.27
CA ARG F 1096 -71.35 -49.88 -0.61
C ARG F 1096 -70.23 -49.80 0.42
N LEU F 1097 -69.61 -48.63 0.52
CA LEU F 1097 -68.38 -48.43 1.29
C LEU F 1097 -68.52 -48.72 2.77
N HIS F 1098 -69.45 -48.05 3.48
CA HIS F 1098 -69.53 -48.22 4.92
C HIS F 1098 -69.65 -49.69 5.29
N ARG F 1099 -70.65 -50.35 4.70
CA ARG F 1099 -70.86 -51.78 4.82
C ARG F 1099 -69.58 -52.57 4.56
N SER F 1100 -69.03 -52.44 3.36
CA SER F 1100 -67.88 -53.24 2.98
C SER F 1100 -66.72 -53.07 3.94
N LEU F 1101 -66.21 -51.84 4.07
CA LEU F 1101 -65.07 -51.55 4.92
C LEU F 1101 -65.30 -52.02 6.35
N LEU F 1102 -66.31 -51.44 7.00
CA LEU F 1102 -66.58 -51.81 8.38
C LEU F 1102 -66.67 -53.32 8.54
N ASN F 1103 -67.40 -53.99 7.64
CA ASN F 1103 -67.63 -55.42 7.77
C ASN F 1103 -66.32 -56.20 7.68
N ARG F 1104 -65.59 -56.06 6.57
CA ARG F 1104 -64.32 -56.77 6.41
C ARG F 1104 -63.34 -56.45 7.53
N ILE F 1105 -63.46 -55.27 8.13
CA ILE F 1105 -62.58 -54.85 9.21
C ILE F 1105 -62.93 -55.59 10.49
N ILE F 1106 -64.22 -55.64 10.80
CA ILE F 1106 -64.66 -56.11 12.12
C ILE F 1106 -64.06 -57.47 12.44
N LEU F 1107 -64.33 -58.46 11.61
CA LEU F 1107 -63.75 -59.78 11.79
C LEU F 1107 -62.29 -59.68 11.37
N ALA F 1108 -61.39 -60.00 12.29
CA ALA F 1108 -59.97 -59.85 12.06
C ALA F 1108 -59.17 -60.35 13.25
N PRO F 1109 -57.87 -60.57 13.08
CA PRO F 1109 -57.05 -60.92 14.25
C PRO F 1109 -56.82 -59.71 15.13
N MET F 1110 -56.02 -59.86 16.18
CA MET F 1110 -55.56 -58.70 16.94
C MET F 1110 -54.07 -58.54 16.69
N ARG F 1111 -53.74 -57.59 15.82
CA ARG F 1111 -52.41 -57.01 15.70
C ARG F 1111 -52.59 -55.50 15.59
N PHE F 1112 -53.21 -55.09 14.48
CA PHE F 1112 -53.55 -53.68 14.27
C PHE F 1112 -54.65 -53.22 15.21
N PHE F 1113 -55.54 -54.14 15.61
CA PHE F 1113 -56.52 -53.82 16.64
C PHE F 1113 -55.84 -53.32 17.89
N GLU F 1114 -54.66 -53.88 18.21
CA GLU F 1114 -53.84 -53.41 19.31
C GLU F 1114 -52.69 -52.51 18.88
N THR F 1115 -52.46 -52.33 17.58
CA THR F 1115 -51.35 -51.51 17.13
C THR F 1115 -51.66 -50.02 17.06
N THR F 1116 -52.83 -49.64 16.56
CA THR F 1116 -53.04 -48.29 16.02
C THR F 1116 -54.13 -47.58 16.82
N PRO F 1117 -53.75 -46.80 17.82
CA PRO F 1117 -54.67 -46.52 18.94
C PRO F 1117 -55.96 -45.79 18.58
N LEU F 1118 -56.87 -46.48 17.90
CA LEU F 1118 -58.25 -46.05 17.70
C LEU F 1118 -58.36 -44.84 16.79
N GLY F 1119 -57.22 -44.22 16.44
CA GLY F 1119 -57.24 -43.19 15.45
C GLY F 1119 -57.20 -43.71 14.03
N SER F 1120 -57.18 -45.04 13.85
CA SER F 1120 -57.12 -45.67 12.55
C SER F 1120 -58.48 -46.08 12.03
N ILE F 1121 -59.53 -45.89 12.83
CA ILE F 1121 -60.87 -46.39 12.54
C ILE F 1121 -61.86 -45.24 12.63
N LEU F 1122 -61.92 -44.60 13.80
CA LEU F 1122 -62.86 -43.51 14.04
C LEU F 1122 -62.76 -42.40 12.99
N ASN F 1123 -61.66 -42.32 12.25
CA ASN F 1123 -61.45 -41.20 11.33
C ASN F 1123 -62.42 -41.20 10.16
N ARG F 1124 -62.46 -42.28 9.39
CA ARG F 1124 -63.27 -42.29 8.17
C ARG F 1124 -64.75 -42.07 8.47
N PHE F 1125 -65.31 -42.89 9.38
CA PHE F 1125 -66.73 -42.79 9.68
C PHE F 1125 -67.09 -41.39 10.17
N SER F 1126 -66.29 -40.85 11.09
CA SER F 1126 -66.45 -39.45 11.47
C SER F 1126 -66.25 -38.55 10.26
N SER F 1127 -65.05 -38.54 9.69
CA SER F 1127 -64.72 -37.59 8.64
C SER F 1127 -65.30 -37.95 7.28
N ASP F 1128 -64.78 -39.00 6.67
CA ASP F 1128 -65.04 -39.25 5.26
C ASP F 1128 -66.45 -39.73 4.99
N CYS F 1129 -67.19 -40.15 6.01
CA CYS F 1129 -68.54 -40.68 5.79
C CYS F 1129 -69.55 -39.54 5.74
N ASN F 1130 -69.75 -38.85 6.86
CA ASN F 1130 -70.65 -37.70 6.87
C ASN F 1130 -70.10 -36.57 6.02
N THR F 1131 -68.77 -36.42 5.98
CA THR F 1131 -68.16 -35.44 5.09
C THR F 1131 -68.11 -35.98 3.67
N ILE F 1132 -68.31 -37.28 3.49
CA ILE F 1132 -68.49 -37.81 2.15
C ILE F 1132 -69.86 -37.40 1.63
N ASP F 1133 -70.90 -37.65 2.41
CA ASP F 1133 -72.24 -37.20 2.06
C ASP F 1133 -72.27 -35.69 1.90
N GLN F 1134 -71.80 -34.98 2.91
CA GLN F 1134 -71.75 -33.52 2.93
C GLN F 1134 -70.93 -32.98 1.77
N HIS F 1135 -69.62 -33.16 1.86
CA HIS F 1135 -68.70 -32.57 0.88
C HIS F 1135 -68.74 -33.29 -0.47
N ILE F 1136 -68.50 -34.59 -0.48
CA ILE F 1136 -68.18 -35.33 -1.69
C ILE F 1136 -69.27 -35.15 -2.74
N PRO F 1137 -70.54 -35.34 -2.37
CA PRO F 1137 -71.58 -35.28 -3.41
C PRO F 1137 -71.69 -33.93 -4.09
N SER F 1138 -71.76 -32.84 -3.31
CA SER F 1138 -71.80 -31.52 -3.91
C SER F 1138 -70.50 -31.21 -4.63
N THR F 1139 -69.42 -31.91 -4.29
CA THR F 1139 -68.14 -31.68 -4.93
C THR F 1139 -68.13 -32.23 -6.34
N LEU F 1140 -68.38 -33.54 -6.49
CA LEU F 1140 -68.44 -34.14 -7.81
C LEU F 1140 -69.28 -33.29 -8.75
N GLU F 1141 -70.40 -32.75 -8.25
CA GLU F 1141 -71.20 -31.82 -9.04
C GLU F 1141 -70.41 -30.57 -9.39
N CYS F 1142 -69.57 -30.10 -8.46
CA CYS F 1142 -68.79 -28.90 -8.73
C CYS F 1142 -67.75 -29.15 -9.82
N LEU F 1143 -67.14 -30.33 -9.80
CA LEU F 1143 -66.27 -30.69 -10.91
C LEU F 1143 -67.06 -30.77 -12.20
N SER F 1144 -68.30 -31.26 -12.11
CA SER F 1144 -69.16 -31.36 -13.28
C SER F 1144 -69.39 -29.99 -13.91
N ARG F 1145 -70.13 -29.12 -13.23
CA ARG F 1145 -70.44 -27.79 -13.77
C ARG F 1145 -69.15 -27.07 -14.10
N SER F 1146 -68.10 -27.39 -13.35
CA SER F 1146 -66.77 -26.83 -13.57
C SER F 1146 -66.26 -27.12 -14.97
N THR F 1147 -65.87 -28.36 -15.23
CA THR F 1147 -65.31 -28.69 -16.54
C THR F 1147 -66.32 -28.43 -17.64
N LEU F 1148 -67.61 -28.49 -17.29
CA LEU F 1148 -68.65 -28.02 -18.20
C LEU F 1148 -68.34 -26.60 -18.65
N LEU F 1149 -68.07 -25.70 -17.70
CA LEU F 1149 -67.71 -24.34 -18.08
C LEU F 1149 -66.38 -24.31 -18.83
N CYS F 1150 -65.43 -25.16 -18.42
CA CYS F 1150 -64.12 -25.20 -19.05
C CYS F 1150 -64.21 -25.49 -20.55
N VAL F 1151 -64.57 -26.73 -20.89
CA VAL F 1151 -64.66 -27.10 -22.29
C VAL F 1151 -65.72 -26.26 -22.98
N SER F 1152 -66.77 -25.89 -22.25
CA SER F 1152 -67.84 -25.09 -22.84
C SER F 1152 -67.30 -23.79 -23.42
N ALA F 1153 -66.54 -23.06 -22.62
CA ALA F 1153 -65.87 -21.88 -23.15
C ALA F 1153 -64.88 -22.25 -24.24
N LEU F 1154 -64.17 -23.37 -24.07
CA LEU F 1154 -63.15 -23.75 -25.03
C LEU F 1154 -63.72 -23.87 -26.45
N THR F 1155 -64.84 -24.57 -26.59
CA THR F 1155 -65.45 -24.75 -27.91
C THR F 1155 -66.29 -23.55 -28.31
N VAL F 1156 -66.95 -22.89 -27.35
CA VAL F 1156 -67.74 -21.72 -27.69
C VAL F 1156 -66.85 -20.64 -28.29
N ILE F 1157 -65.83 -20.23 -27.55
CA ILE F 1157 -64.89 -19.24 -28.06
C ILE F 1157 -64.11 -19.82 -29.24
N SER F 1158 -63.79 -21.11 -29.18
CA SER F 1158 -63.10 -21.74 -30.31
C SER F 1158 -63.88 -21.54 -31.60
N TYR F 1159 -65.21 -21.55 -31.50
CA TYR F 1159 -66.02 -21.17 -32.65
C TYR F 1159 -65.97 -19.67 -32.86
N VAL F 1160 -66.02 -18.89 -31.77
CA VAL F 1160 -66.08 -17.43 -31.87
C VAL F 1160 -64.93 -16.84 -32.65
N THR F 1161 -63.79 -17.52 -32.71
CA THR F 1161 -62.69 -17.07 -33.53
C THR F 1161 -62.37 -18.17 -34.54
N PRO F 1162 -61.99 -17.80 -35.77
CA PRO F 1162 -61.51 -18.84 -36.69
C PRO F 1162 -60.25 -19.49 -36.17
N VAL F 1163 -59.43 -18.74 -35.45
CA VAL F 1163 -58.40 -19.29 -34.60
C VAL F 1163 -58.49 -18.57 -33.27
N PHE F 1164 -58.92 -19.29 -32.24
CA PHE F 1164 -58.76 -18.85 -30.86
C PHE F 1164 -57.58 -19.52 -30.18
N LEU F 1165 -56.91 -20.46 -30.86
CA LEU F 1165 -55.71 -21.07 -30.29
C LEU F 1165 -54.55 -20.09 -30.28
N VAL F 1166 -54.51 -19.20 -31.27
CA VAL F 1166 -53.70 -18.00 -31.17
C VAL F 1166 -53.95 -17.33 -29.83
N ALA F 1167 -55.21 -17.34 -29.39
CA ALA F 1167 -55.54 -16.81 -28.07
C ALA F 1167 -55.27 -17.82 -26.96
N LEU F 1168 -55.09 -19.09 -27.30
CA LEU F 1168 -55.08 -20.12 -26.26
C LEU F 1168 -53.67 -20.39 -25.75
N LEU F 1169 -52.76 -20.82 -26.65
CA LEU F 1169 -51.64 -21.68 -26.28
C LEU F 1169 -50.88 -21.17 -25.06
N PRO F 1170 -50.23 -20.01 -25.14
CA PRO F 1170 -49.51 -19.53 -23.95
C PRO F 1170 -50.45 -19.17 -22.82
N LEU F 1171 -51.57 -18.53 -23.15
CA LEU F 1171 -52.56 -18.12 -22.17
C LEU F 1171 -53.04 -19.32 -21.35
N ALA F 1172 -53.72 -20.25 -22.03
CA ALA F 1172 -54.27 -21.40 -21.34
C ALA F 1172 -53.18 -22.21 -20.64
N VAL F 1173 -52.10 -22.50 -21.36
CA VAL F 1173 -51.04 -23.35 -20.82
C VAL F 1173 -50.53 -22.76 -19.51
N VAL F 1174 -49.93 -21.56 -19.59
CA VAL F 1174 -49.36 -20.95 -18.41
C VAL F 1174 -50.42 -20.79 -17.31
N CYS F 1175 -51.69 -20.66 -17.69
CA CYS F 1175 -52.75 -20.68 -16.69
C CYS F 1175 -52.62 -21.96 -15.89
N TYR F 1176 -52.75 -23.09 -16.58
CA TYR F 1176 -52.60 -24.38 -15.92
C TYR F 1176 -51.30 -24.49 -15.13
N PHE F 1177 -50.24 -23.80 -15.54
CA PHE F 1177 -49.01 -23.81 -14.73
C PHE F 1177 -49.23 -23.07 -13.42
N ILE F 1178 -49.86 -21.90 -13.48
CA ILE F 1178 -50.15 -21.14 -12.27
C ILE F 1178 -50.93 -21.99 -11.28
N GLN F 1179 -52.08 -22.50 -11.73
CA GLN F 1179 -52.87 -23.35 -10.84
C GLN F 1179 -52.03 -24.51 -10.35
N LYS F 1180 -51.14 -24.99 -11.23
CA LYS F 1180 -50.31 -26.11 -10.87
C LYS F 1180 -49.50 -25.83 -9.61
N TYR F 1181 -48.67 -24.79 -9.62
CA TYR F 1181 -47.96 -24.53 -8.38
C TYR F 1181 -48.91 -24.09 -7.28
N PHE F 1182 -50.16 -23.78 -7.61
CA PHE F 1182 -51.10 -23.29 -6.61
C PHE F 1182 -51.69 -24.41 -5.77
N ARG F 1183 -51.80 -25.63 -6.32
CA ARG F 1183 -52.36 -26.73 -5.53
C ARG F 1183 -51.52 -27.02 -4.29
N VAL F 1184 -50.19 -26.98 -4.42
CA VAL F 1184 -49.32 -27.19 -3.27
C VAL F 1184 -49.61 -26.15 -2.20
N ALA F 1185 -50.01 -24.95 -2.63
CA ALA F 1185 -50.51 -23.96 -1.70
C ALA F 1185 -51.77 -24.42 -1.02
N SER F 1186 -52.71 -24.96 -1.80
CA SER F 1186 -53.95 -25.46 -1.20
C SER F 1186 -53.64 -26.40 -0.07
N ARG F 1187 -53.01 -27.53 -0.40
CA ARG F 1187 -52.70 -28.53 0.62
C ARG F 1187 -51.91 -27.90 1.75
N ASP F 1188 -50.99 -26.98 1.42
CA ASP F 1188 -50.19 -26.32 2.44
C ASP F 1188 -51.07 -25.59 3.44
N LEU F 1189 -51.67 -24.49 3.01
CA LEU F 1189 -52.47 -23.65 3.87
C LEU F 1189 -53.53 -24.47 4.59
N GLN F 1190 -54.47 -25.06 3.85
CA GLN F 1190 -55.54 -25.80 4.50
C GLN F 1190 -55.00 -26.82 5.49
N GLN F 1191 -53.86 -27.44 5.17
CA GLN F 1191 -53.17 -28.26 6.16
C GLN F 1191 -52.87 -27.44 7.40
N LEU F 1192 -52.44 -26.20 7.21
CA LEU F 1192 -52.09 -25.37 8.37
C LEU F 1192 -53.32 -25.05 9.19
N ASP F 1193 -54.47 -24.83 8.55
CA ASP F 1193 -55.69 -24.56 9.31
C ASP F 1193 -56.10 -25.78 10.12
N ASP F 1194 -56.26 -26.92 9.44
CA ASP F 1194 -56.58 -28.16 10.14
C ASP F 1194 -55.63 -28.39 11.30
N THR F 1195 -54.37 -27.97 11.15
CA THR F 1195 -53.46 -28.03 12.28
C THR F 1195 -53.91 -27.09 13.39
N THR F 1196 -54.10 -25.81 13.07
CA THR F 1196 -54.30 -24.82 14.12
C THR F 1196 -55.64 -24.96 14.82
N GLN F 1197 -56.53 -25.82 14.33
CA GLN F 1197 -57.84 -25.92 14.99
C GLN F 1197 -57.76 -26.57 16.37
N LEU F 1198 -56.95 -27.62 16.49
CA LEU F 1198 -57.05 -28.48 17.68
C LEU F 1198 -56.68 -27.75 18.95
N PRO F 1199 -55.56 -27.04 19.04
CA PRO F 1199 -55.11 -26.56 20.35
C PRO F 1199 -56.06 -25.58 21.00
N LEU F 1200 -56.90 -24.90 20.22
CA LEU F 1200 -57.86 -23.99 20.82
C LEU F 1200 -58.85 -24.74 21.70
N LEU F 1201 -59.55 -25.71 21.12
CA LEU F 1201 -60.45 -26.53 21.91
C LEU F 1201 -59.71 -27.32 22.96
N SER F 1202 -58.40 -27.53 22.75
CA SER F 1202 -57.58 -28.05 23.84
C SER F 1202 -57.51 -27.09 25.01
N HIS F 1203 -57.34 -25.79 24.75
CA HIS F 1203 -57.20 -24.79 25.79
C HIS F 1203 -58.51 -24.45 26.49
N PHE F 1204 -59.54 -23.98 25.77
CA PHE F 1204 -60.81 -23.64 26.39
C PHE F 1204 -61.27 -24.73 27.37
N ALA F 1205 -61.47 -25.94 26.84
CA ALA F 1205 -61.84 -27.07 27.69
C ALA F 1205 -60.88 -27.22 28.87
N GLU F 1206 -59.60 -26.96 28.66
CA GLU F 1206 -58.63 -27.08 29.74
C GLU F 1206 -58.99 -26.16 30.89
N THR F 1207 -59.11 -24.86 30.61
CA THR F 1207 -59.51 -23.92 31.65
C THR F 1207 -60.81 -24.31 32.28
N VAL F 1208 -61.72 -24.89 31.51
CA VAL F 1208 -62.96 -25.42 32.09
C VAL F 1208 -62.64 -26.45 33.17
N GLU F 1209 -61.85 -27.47 32.83
CA GLU F 1209 -61.58 -28.56 33.76
C GLU F 1209 -60.90 -28.03 35.02
N GLY F 1210 -59.87 -27.22 34.86
CA GLY F 1210 -59.21 -26.66 36.02
C GLY F 1210 -59.86 -25.41 36.56
N LEU F 1211 -61.15 -25.17 36.25
CA LEU F 1211 -61.84 -23.95 36.64
C LEU F 1211 -61.54 -23.55 38.08
N THR F 1212 -61.48 -24.51 38.99
CA THR F 1212 -60.99 -24.22 40.34
C THR F 1212 -59.46 -24.18 40.37
N THR F 1213 -58.82 -25.00 39.54
CA THR F 1213 -57.39 -25.20 39.67
C THR F 1213 -56.61 -23.90 39.46
N ILE F 1214 -56.75 -23.31 38.27
CA ILE F 1214 -55.88 -22.19 37.90
C ILE F 1214 -56.18 -20.97 38.76
N ARG F 1215 -57.45 -20.59 38.85
CA ARG F 1215 -57.86 -19.49 39.71
C ARG F 1215 -57.31 -19.70 41.11
N ALA F 1216 -57.42 -20.93 41.60
CA ALA F 1216 -56.95 -21.24 42.95
C ALA F 1216 -55.45 -21.06 43.04
N PHE F 1217 -54.73 -21.37 41.98
CA PHE F 1217 -53.29 -21.50 42.10
C PHE F 1217 -52.52 -20.26 41.64
N ARG F 1218 -53.20 -19.18 41.27
CA ARG F 1218 -52.56 -17.90 40.93
C ARG F 1218 -51.60 -18.02 39.74
N TYR F 1219 -51.92 -18.88 38.77
CA TYR F 1219 -51.15 -19.01 37.53
C TYR F 1219 -51.73 -18.28 36.34
N GLU F 1220 -52.80 -17.51 36.51
CA GLU F 1220 -53.59 -17.00 35.39
C GLU F 1220 -52.73 -16.40 34.27
N ALA F 1221 -51.66 -15.68 34.62
CA ALA F 1221 -50.92 -14.91 33.63
C ALA F 1221 -50.30 -15.79 32.56
N ARG F 1222 -49.44 -16.73 32.98
CA ARG F 1222 -48.78 -17.63 32.04
C ARG F 1222 -49.81 -18.25 31.11
N PHE F 1223 -51.00 -18.53 31.65
CA PHE F 1223 -52.03 -19.15 30.84
C PHE F 1223 -52.58 -18.18 29.80
N GLN F 1224 -53.22 -17.09 30.25
CA GLN F 1224 -53.79 -16.14 29.29
C GLN F 1224 -52.79 -15.81 28.19
N GLN F 1225 -51.51 -15.69 28.55
CA GLN F 1225 -50.49 -15.53 27.53
C GLN F 1225 -50.52 -16.71 26.57
N LYS F 1226 -50.64 -17.92 27.12
CA LYS F 1226 -50.78 -19.09 26.24
C LYS F 1226 -52.00 -18.99 25.34
N LEU F 1227 -53.08 -18.37 25.82
CA LEU F 1227 -54.22 -18.11 24.95
C LEU F 1227 -53.79 -17.29 23.74
N LEU F 1228 -53.34 -16.06 24.01
CA LEU F 1228 -52.98 -15.13 22.95
C LEU F 1228 -52.07 -15.78 21.92
N GLU F 1229 -51.14 -16.61 22.38
CA GLU F 1229 -50.34 -17.43 21.47
C GLU F 1229 -51.21 -18.14 20.45
N TYR F 1230 -51.99 -19.11 20.92
CA TYR F 1230 -52.75 -19.96 20.01
C TYR F 1230 -53.67 -19.12 19.15
N THR F 1231 -54.20 -18.03 19.69
CA THR F 1231 -54.95 -17.10 18.88
C THR F 1231 -54.14 -16.73 17.65
N ASP F 1232 -53.00 -16.10 17.89
CA ASP F 1232 -52.20 -15.58 16.79
C ASP F 1232 -51.90 -16.66 15.77
N SER F 1233 -51.40 -17.81 16.22
CA SER F 1233 -51.04 -18.84 15.26
C SER F 1233 -52.25 -19.25 14.43
N ASN F 1234 -53.38 -19.50 15.11
CA ASN F 1234 -54.61 -19.80 14.39
C ASN F 1234 -54.89 -18.78 13.31
N ASN F 1235 -54.93 -17.52 13.70
CA ASN F 1235 -55.52 -16.52 12.84
C ASN F 1235 -54.57 -16.08 11.73
N ILE F 1236 -53.26 -16.21 11.91
CA ILE F 1236 -52.40 -16.06 10.74
C ILE F 1236 -52.58 -17.24 9.81
N ALA F 1237 -52.80 -18.43 10.36
CA ALA F 1237 -53.10 -19.55 9.48
C ALA F 1237 -54.27 -19.22 8.58
N SER F 1238 -55.38 -18.76 9.17
CA SER F 1238 -56.52 -18.40 8.34
C SER F 1238 -56.17 -17.29 7.36
N LEU F 1239 -55.51 -16.24 7.84
CA LEU F 1239 -55.23 -15.08 7.01
C LEU F 1239 -54.43 -15.48 5.78
N PHE F 1240 -53.45 -16.37 5.96
CA PHE F 1240 -52.77 -16.95 4.81
C PHE F 1240 -53.73 -17.75 3.94
N LEU F 1241 -54.64 -18.50 4.56
CA LEU F 1241 -55.57 -19.28 3.75
C LEU F 1241 -56.32 -18.39 2.77
N THR F 1242 -57.23 -17.57 3.32
CA THR F 1242 -58.00 -16.68 2.47
C THR F 1242 -57.09 -15.84 1.59
N ALA F 1243 -55.91 -15.50 2.11
CA ALA F 1243 -54.94 -14.76 1.32
C ALA F 1243 -54.66 -15.49 0.01
N ALA F 1244 -54.19 -16.72 0.11
CA ALA F 1244 -53.88 -17.50 -1.07
C ALA F 1244 -55.10 -17.62 -1.97
N ASN F 1245 -56.25 -17.99 -1.40
CA ASN F 1245 -57.46 -18.10 -2.22
C ASN F 1245 -57.65 -16.86 -3.08
N ARG F 1246 -57.79 -15.72 -2.45
CA ARG F 1246 -58.09 -14.53 -3.20
C ARG F 1246 -56.94 -14.18 -4.16
N TRP F 1247 -55.73 -14.67 -3.88
CA TRP F 1247 -54.68 -14.62 -4.90
C TRP F 1247 -55.13 -15.39 -6.14
N LEU F 1248 -55.58 -16.63 -5.94
CA LEU F 1248 -56.02 -17.46 -7.05
C LEU F 1248 -57.05 -16.71 -7.88
N GLU F 1249 -58.12 -16.26 -7.24
CA GLU F 1249 -59.17 -15.58 -7.99
C GLU F 1249 -58.62 -14.37 -8.73
N VAL F 1250 -57.85 -13.53 -8.04
CA VAL F 1250 -57.36 -12.31 -8.66
C VAL F 1250 -56.61 -12.64 -9.94
N ARG F 1251 -55.60 -13.49 -9.84
CA ARG F 1251 -54.80 -13.78 -11.02
C ARG F 1251 -55.63 -14.40 -12.12
N MET F 1252 -56.15 -15.61 -11.90
CA MET F 1252 -56.76 -16.31 -13.02
C MET F 1252 -57.88 -15.47 -13.62
N GLU F 1253 -58.58 -14.70 -12.79
CA GLU F 1253 -59.55 -13.77 -13.34
C GLU F 1253 -58.86 -12.74 -14.23
N TYR F 1254 -57.73 -12.21 -13.78
CA TYR F 1254 -57.00 -11.20 -14.54
C TYR F 1254 -56.64 -11.71 -15.92
N ILE F 1255 -55.98 -12.87 -16.00
CA ILE F 1255 -55.72 -13.45 -17.32
C ILE F 1255 -57.03 -13.68 -18.04
N GLY F 1256 -58.11 -13.85 -17.28
CA GLY F 1256 -59.42 -13.82 -17.88
C GLY F 1256 -59.64 -12.54 -18.67
N ALA F 1257 -59.42 -11.39 -18.03
CA ALA F 1257 -59.50 -10.13 -18.75
C ALA F 1257 -58.60 -10.17 -19.97
N CYS F 1258 -57.50 -10.92 -19.88
CA CYS F 1258 -56.70 -11.10 -21.08
C CYS F 1258 -57.48 -11.82 -22.18
N VAL F 1259 -58.21 -12.88 -21.86
CA VAL F 1259 -58.84 -13.62 -22.95
C VAL F 1259 -60.03 -12.86 -23.49
N VAL F 1260 -60.75 -12.13 -22.64
CA VAL F 1260 -61.84 -11.31 -23.16
C VAL F 1260 -61.29 -10.22 -24.06
N LEU F 1261 -60.18 -9.60 -23.66
CA LEU F 1261 -59.55 -8.57 -24.47
C LEU F 1261 -59.15 -9.14 -25.83
N ILE F 1262 -58.23 -10.10 -25.81
CA ILE F 1262 -57.67 -10.64 -27.04
C ILE F 1262 -58.78 -11.16 -27.95
N ALA F 1263 -59.56 -12.12 -27.45
CA ALA F 1263 -60.62 -12.72 -28.27
C ALA F 1263 -61.62 -11.67 -28.74
N ALA F 1264 -62.35 -11.10 -27.78
CA ALA F 1264 -63.46 -10.22 -28.10
C ALA F 1264 -63.02 -9.08 -29.00
N ALA F 1265 -61.81 -8.57 -28.77
CA ALA F 1265 -61.27 -7.54 -29.65
C ALA F 1265 -61.01 -8.10 -31.04
N THR F 1266 -60.23 -9.18 -31.13
CA THR F 1266 -59.90 -9.76 -32.42
C THR F 1266 -61.12 -10.04 -33.26
N SER F 1267 -62.29 -10.19 -32.63
CA SER F 1267 -63.52 -10.23 -33.39
C SER F 1267 -63.65 -9.04 -34.33
N ILE F 1268 -63.20 -7.86 -33.90
CA ILE F 1268 -63.54 -6.61 -34.59
C ILE F 1268 -63.29 -6.70 -36.08
N SER F 1269 -62.28 -7.45 -36.49
CA SER F 1269 -61.86 -7.42 -37.88
C SER F 1269 -62.41 -8.60 -38.67
N ASN F 1270 -61.80 -9.78 -38.48
CA ASN F 1270 -62.13 -10.93 -39.32
C ASN F 1270 -63.63 -11.17 -39.36
N SER F 1271 -64.33 -10.82 -38.27
CA SER F 1271 -65.76 -11.10 -38.20
C SER F 1271 -66.56 -10.15 -39.07
N LEU F 1272 -66.70 -8.89 -38.65
CA LEU F 1272 -67.50 -7.97 -39.45
C LEU F 1272 -66.70 -7.37 -40.60
N HIS F 1273 -65.43 -7.06 -40.39
CA HIS F 1273 -64.64 -6.48 -41.46
C HIS F 1273 -64.34 -7.45 -42.60
N ARG F 1274 -64.06 -8.72 -42.29
CA ARG F 1274 -63.75 -9.72 -43.30
C ARG F 1274 -64.97 -10.58 -43.59
N GLU F 1275 -65.31 -11.49 -42.67
CA GLU F 1275 -66.44 -12.39 -42.84
C GLU F 1275 -67.78 -11.68 -42.88
N LEU F 1276 -67.82 -10.40 -42.47
CA LEU F 1276 -69.03 -9.59 -42.28
C LEU F 1276 -69.86 -10.15 -41.12
N SER F 1277 -69.37 -11.22 -40.49
CA SER F 1277 -70.18 -11.97 -39.54
C SER F 1277 -70.71 -11.10 -38.43
N ALA F 1278 -72.04 -11.04 -38.31
CA ALA F 1278 -72.72 -10.51 -37.15
C ALA F 1278 -73.26 -11.59 -36.23
N GLY F 1279 -73.14 -12.86 -36.62
CA GLY F 1279 -73.71 -13.91 -35.84
C GLY F 1279 -72.76 -14.56 -34.87
N LEU F 1280 -71.67 -13.88 -34.51
CA LEU F 1280 -70.63 -14.46 -33.69
C LEU F 1280 -70.38 -13.63 -32.44
N VAL F 1281 -69.95 -12.37 -32.64
CA VAL F 1281 -69.68 -11.49 -31.51
C VAL F 1281 -70.87 -11.46 -30.56
N GLY F 1282 -72.08 -11.56 -31.12
CA GLY F 1282 -73.29 -11.53 -30.31
C GLY F 1282 -73.30 -12.58 -29.21
N LEU F 1283 -72.84 -13.79 -29.53
CA LEU F 1283 -72.63 -14.81 -28.49
C LEU F 1283 -71.26 -14.64 -27.83
N GLY F 1284 -70.25 -14.31 -28.66
CA GLY F 1284 -68.88 -14.43 -28.22
C GLY F 1284 -68.54 -13.55 -27.04
N LEU F 1285 -69.02 -12.31 -27.05
CA LEU F 1285 -68.80 -11.44 -25.91
C LEU F 1285 -69.33 -12.07 -24.63
N THR F 1286 -70.61 -12.45 -24.64
CA THR F 1286 -71.23 -13.01 -23.44
C THR F 1286 -70.45 -14.21 -22.93
N TYR F 1287 -70.40 -15.27 -23.72
CA TYR F 1287 -69.73 -16.48 -23.25
C TYR F 1287 -68.29 -16.20 -22.85
N ALA F 1288 -67.63 -15.26 -23.53
CA ALA F 1288 -66.25 -14.96 -23.20
C ALA F 1288 -66.12 -14.43 -21.78
N LEU F 1289 -66.80 -13.33 -21.47
CA LEU F 1289 -66.60 -12.74 -20.15
C LEU F 1289 -67.10 -13.67 -19.05
N MET F 1290 -68.33 -14.16 -19.17
CA MET F 1290 -68.84 -15.07 -18.15
C MET F 1290 -67.91 -16.27 -18.01
N VAL F 1291 -67.23 -16.62 -19.09
CA VAL F 1291 -66.26 -17.71 -19.05
C VAL F 1291 -65.06 -17.32 -18.21
N SER F 1292 -64.57 -16.10 -18.38
CA SER F 1292 -63.46 -15.66 -17.56
C SER F 1292 -63.82 -15.72 -16.09
N ASN F 1293 -64.96 -15.14 -15.70
CA ASN F 1293 -65.36 -15.20 -14.30
C ASN F 1293 -65.50 -16.64 -13.81
N TYR F 1294 -66.11 -17.49 -14.62
CA TYR F 1294 -66.36 -18.86 -14.17
C TYR F 1294 -65.05 -19.63 -13.96
N LEU F 1295 -64.03 -19.33 -14.76
CA LEU F 1295 -62.75 -20.01 -14.65
C LEU F 1295 -62.31 -20.05 -13.19
N ASN F 1296 -62.57 -18.94 -12.50
CA ASN F 1296 -62.37 -18.88 -11.06
C ASN F 1296 -63.01 -20.07 -10.37
N TRP F 1297 -64.33 -20.20 -10.52
CA TRP F 1297 -65.06 -21.30 -9.91
C TRP F 1297 -64.41 -22.62 -10.29
N MET F 1298 -63.87 -22.69 -11.51
CA MET F 1298 -63.18 -23.92 -11.92
C MET F 1298 -62.03 -24.25 -10.99
N VAL F 1299 -61.13 -23.29 -10.77
CA VAL F 1299 -59.96 -23.58 -9.94
C VAL F 1299 -60.37 -24.00 -8.54
N ARG F 1300 -61.16 -23.15 -7.85
CA ARG F 1300 -61.62 -23.49 -6.51
C ARG F 1300 -62.28 -24.85 -6.48
N ASN F 1301 -62.95 -25.21 -7.58
CA ASN F 1301 -63.59 -26.52 -7.65
C ASN F 1301 -62.56 -27.63 -7.67
N LEU F 1302 -61.55 -27.53 -8.52
CA LEU F 1302 -60.54 -28.59 -8.59
C LEU F 1302 -59.86 -28.77 -7.24
N ALA F 1303 -59.44 -27.66 -6.63
CA ALA F 1303 -58.82 -27.72 -5.32
C ALA F 1303 -59.73 -28.43 -4.32
N ASP F 1304 -60.96 -27.92 -4.15
CA ASP F 1304 -61.88 -28.50 -3.18
C ASP F 1304 -62.13 -29.99 -3.46
N MET F 1305 -62.11 -30.36 -4.74
CA MET F 1305 -62.24 -31.78 -5.09
C MET F 1305 -61.07 -32.57 -4.53
N GLU F 1306 -59.85 -32.05 -4.67
CA GLU F 1306 -58.71 -32.72 -4.05
C GLU F 1306 -58.90 -32.84 -2.54
N ILE F 1307 -59.20 -31.71 -1.89
CA ILE F 1307 -59.34 -31.68 -0.44
C ILE F 1307 -60.40 -32.68 0.02
N GLN F 1308 -61.39 -32.95 -0.83
CA GLN F 1308 -62.32 -34.02 -0.52
C GLN F 1308 -61.67 -35.38 -0.70
N LEU F 1309 -60.94 -35.57 -1.81
CA LEU F 1309 -60.34 -36.86 -2.10
C LEU F 1309 -59.40 -37.31 -1.00
N GLY F 1310 -58.86 -36.36 -0.23
CA GLY F 1310 -57.95 -36.73 0.83
C GLY F 1310 -58.52 -37.77 1.77
N ALA F 1311 -59.78 -37.59 2.19
CA ALA F 1311 -60.35 -38.47 3.20
C ALA F 1311 -60.49 -39.90 2.67
N VAL F 1312 -61.07 -40.05 1.48
CA VAL F 1312 -61.25 -41.40 0.93
C VAL F 1312 -59.92 -42.08 0.66
N LYS F 1313 -58.95 -41.36 0.07
CA LYS F 1313 -57.65 -41.98 -0.12
C LYS F 1313 -57.02 -42.35 1.21
N ARG F 1314 -57.45 -41.72 2.31
CA ARG F 1314 -57.01 -42.16 3.64
C ARG F 1314 -57.82 -43.35 4.13
N ILE F 1315 -59.02 -43.57 3.57
CA ILE F 1315 -59.80 -44.75 3.94
C ILE F 1315 -59.34 -45.95 3.13
N HIS F 1316 -58.55 -45.71 2.08
CA HIS F 1316 -57.99 -46.79 1.29
C HIS F 1316 -57.11 -47.69 2.14
N ALA F 1317 -56.62 -47.19 3.27
CA ALA F 1317 -55.73 -47.99 4.11
C ALA F 1317 -56.48 -49.16 4.76
N LEU F 1318 -57.53 -48.86 5.51
CA LEU F 1318 -58.37 -49.90 6.07
C LEU F 1318 -59.12 -50.67 5.00
N LEU F 1319 -59.29 -50.08 3.81
CA LEU F 1319 -59.75 -50.87 2.68
C LEU F 1319 -58.80 -52.03 2.40
N LYS F 1320 -57.49 -51.74 2.35
CA LYS F 1320 -56.46 -52.74 2.08
C LYS F 1320 -56.22 -53.67 3.27
N THR F 1321 -56.91 -53.47 4.38
CA THR F 1321 -56.59 -54.17 5.62
C THR F 1321 -56.92 -55.65 5.54
N GLU F 1322 -56.19 -56.43 6.32
CA GLU F 1322 -56.43 -57.86 6.44
C GLU F 1322 -57.82 -58.12 6.97
N LYS F 1344 -63.41 -82.48 26.36
CA LYS F 1344 -62.19 -83.27 26.46
C LYS F 1344 -61.08 -82.54 25.72
N ILE F 1345 -59.87 -82.63 26.23
CA ILE F 1345 -58.74 -81.87 25.68
C ILE F 1345 -57.54 -82.78 25.56
N GLN F 1346 -56.87 -82.72 24.42
CA GLN F 1346 -55.60 -83.41 24.22
C GLN F 1346 -54.66 -82.47 23.48
N ILE F 1347 -53.55 -82.12 24.12
CA ILE F 1347 -52.59 -81.15 23.57
C ILE F 1347 -51.29 -81.88 23.27
N GLN F 1348 -50.78 -81.69 22.05
CA GLN F 1348 -49.59 -82.38 21.56
C GLN F 1348 -48.46 -81.37 21.38
N ASN F 1349 -47.44 -81.50 22.23
CA ASN F 1349 -46.12 -80.94 21.98
C ASN F 1349 -46.14 -79.46 21.62
N LEU F 1350 -46.89 -78.67 22.39
CA LEU F 1350 -47.08 -77.28 22.04
C LEU F 1350 -45.83 -76.46 22.32
N SER F 1351 -45.37 -75.73 21.31
CA SER F 1351 -44.30 -74.77 21.46
C SER F 1351 -44.75 -73.46 20.84
N VAL F 1352 -44.88 -72.42 21.65
CA VAL F 1352 -45.56 -71.19 21.24
C VAL F 1352 -44.53 -70.24 20.66
N ARG F 1353 -44.62 -69.98 19.35
CA ARG F 1353 -43.85 -68.92 18.71
C ARG F 1353 -44.80 -67.99 17.97
N TYR F 1354 -44.61 -66.68 18.16
CA TYR F 1354 -45.62 -65.73 17.74
C TYR F 1354 -45.19 -64.96 16.49
N ASP F 1355 -45.92 -65.16 15.40
CA ASP F 1355 -45.81 -64.28 14.26
C ASP F 1355 -46.20 -62.85 14.62
N SER F 1356 -46.96 -62.68 15.70
CA SER F 1356 -47.34 -61.35 16.16
C SER F 1356 -46.11 -60.51 16.48
N SER F 1357 -45.41 -60.86 17.56
CA SER F 1357 -44.28 -60.06 18.01
C SER F 1357 -43.03 -60.95 18.00
N LEU F 1358 -41.93 -60.43 18.52
CA LEU F 1358 -40.66 -61.14 18.41
C LEU F 1358 -40.63 -62.37 19.31
N LYS F 1359 -40.12 -63.47 18.74
CA LYS F 1359 -39.63 -64.66 19.43
C LYS F 1359 -40.72 -65.55 20.03
N PRO F 1360 -40.43 -66.83 20.20
CA PRO F 1360 -41.38 -67.73 20.89
C PRO F 1360 -41.52 -67.42 22.38
N VAL F 1361 -42.54 -68.00 23.01
CA VAL F 1361 -42.71 -67.91 24.45
C VAL F 1361 -42.71 -69.31 25.08
N LEU F 1362 -43.83 -70.02 24.97
CA LEU F 1362 -43.94 -71.36 25.52
C LEU F 1362 -43.15 -72.32 24.64
N LYS F 1363 -42.64 -73.39 25.23
CA LYS F 1363 -41.84 -74.36 24.48
C LYS F 1363 -42.18 -75.79 24.87
N HIS F 1364 -42.62 -76.57 23.89
CA HIS F 1364 -42.73 -78.03 23.98
C HIS F 1364 -43.59 -78.46 25.18
N VAL F 1365 -44.90 -78.26 25.03
CA VAL F 1365 -45.87 -78.67 26.05
C VAL F 1365 -46.82 -79.70 25.45
N ASN F 1366 -46.89 -80.88 26.09
CA ASN F 1366 -47.73 -82.00 25.67
C ASN F 1366 -48.38 -82.65 26.89
N ALA F 1367 -49.68 -82.93 26.80
CA ALA F 1367 -50.43 -83.44 27.95
C ALA F 1367 -51.87 -83.76 27.54
N LEU F 1368 -52.52 -84.57 28.36
CA LEU F 1368 -53.94 -84.87 28.22
C LEU F 1368 -54.68 -84.24 29.39
N ILE F 1369 -55.77 -83.54 29.10
CA ILE F 1369 -56.50 -82.82 30.14
C ILE F 1369 -57.99 -82.89 29.84
N SER F 1370 -58.77 -83.26 30.84
CA SER F 1370 -60.22 -83.34 30.68
C SER F 1370 -60.91 -82.36 31.63
N PRO F 1371 -62.24 -82.32 31.62
CA PRO F 1371 -62.94 -81.46 32.58
C PRO F 1371 -62.75 -81.91 34.02
N GLY F 1372 -63.38 -81.21 34.95
CA GLY F 1372 -63.25 -81.52 36.37
C GLY F 1372 -61.87 -81.20 36.92
N GLN F 1373 -61.35 -80.03 36.59
CA GLN F 1373 -60.00 -79.67 37.00
C GLN F 1373 -59.86 -78.15 37.13
N LYS F 1374 -58.72 -77.69 37.61
CA LYS F 1374 -58.45 -76.25 37.72
C LYS F 1374 -56.98 -76.01 37.44
N ILE F 1375 -56.69 -74.98 36.66
CA ILE F 1375 -55.33 -74.71 36.19
C ILE F 1375 -55.02 -73.22 36.37
N GLY F 1376 -53.96 -72.92 37.15
CA GLY F 1376 -53.50 -71.57 37.35
C GLY F 1376 -52.25 -71.25 36.56
N ILE F 1377 -51.84 -70.00 36.60
CA ILE F 1377 -50.67 -69.53 35.86
C ILE F 1377 -49.86 -68.60 36.75
N CYS F 1378 -48.62 -68.98 37.05
CA CYS F 1378 -47.71 -68.14 37.82
C CYS F 1378 -46.48 -67.84 36.97
N GLY F 1379 -45.56 -67.07 37.53
CA GLY F 1379 -44.33 -66.74 36.84
C GLY F 1379 -43.84 -65.36 37.21
N ARG F 1380 -42.93 -64.85 36.40
CA ARG F 1380 -42.44 -63.47 36.55
C ARG F 1380 -43.32 -62.54 35.72
N THR F 1381 -43.25 -62.67 34.40
CA THR F 1381 -44.21 -62.00 33.54
C THR F 1381 -45.51 -62.79 33.52
N GLY F 1382 -46.61 -62.10 33.77
CA GLY F 1382 -47.88 -62.75 34.04
C GLY F 1382 -48.61 -63.17 32.79
N SER F 1383 -49.95 -63.24 32.92
CA SER F 1383 -50.83 -63.59 31.82
C SER F 1383 -50.46 -64.95 31.23
N GLY F 1384 -50.09 -65.88 32.11
CA GLY F 1384 -49.77 -67.22 31.67
C GLY F 1384 -50.93 -67.87 30.91
N LYS F 1385 -52.13 -67.82 31.48
CA LYS F 1385 -53.29 -68.42 30.82
C LYS F 1385 -53.69 -67.65 29.57
N SER F 1386 -53.20 -66.41 29.41
CA SER F 1386 -53.49 -65.65 28.21
C SER F 1386 -52.87 -66.28 26.98
N SER F 1387 -51.82 -67.08 27.15
CA SER F 1387 -51.27 -67.83 26.03
C SER F 1387 -52.20 -68.97 25.65
N PHE F 1388 -52.76 -69.64 26.64
CA PHE F 1388 -53.70 -70.72 26.37
C PHE F 1388 -54.96 -70.19 25.69
N SER F 1389 -55.56 -69.14 26.26
CA SER F 1389 -56.74 -68.54 25.66
C SER F 1389 -56.43 -68.02 24.25
N LEU F 1390 -55.39 -67.18 24.13
CA LEU F 1390 -55.02 -66.61 22.83
C LEU F 1390 -54.75 -67.68 21.78
N ALA F 1391 -54.10 -68.79 22.14
CA ALA F 1391 -53.79 -69.81 21.15
C ALA F 1391 -55.06 -70.59 20.78
N PHE F 1392 -55.65 -71.27 21.76
CA PHE F 1392 -56.81 -72.12 21.52
C PHE F 1392 -58.03 -71.36 21.04
N PHE F 1393 -58.37 -70.24 21.65
CA PHE F 1393 -59.49 -69.44 21.18
C PHE F 1393 -59.12 -68.58 19.99
N ARG F 1394 -57.87 -68.69 19.52
CA ARG F 1394 -57.41 -68.04 18.31
C ARG F 1394 -57.50 -66.51 18.43
N MET F 1395 -56.66 -65.98 19.32
CA MET F 1395 -56.44 -64.55 19.40
C MET F 1395 -55.11 -64.16 18.76
N VAL F 1396 -54.01 -64.58 19.36
CA VAL F 1396 -52.66 -64.51 18.80
C VAL F 1396 -52.42 -65.77 17.96
N ASP F 1397 -51.16 -66.04 17.65
CA ASP F 1397 -50.80 -67.30 16.98
C ASP F 1397 -49.49 -67.86 17.52
N MET F 1398 -49.41 -69.19 17.59
CA MET F 1398 -48.19 -69.92 17.88
C MET F 1398 -47.64 -70.53 16.60
N PHE F 1399 -46.51 -71.22 16.70
CA PHE F 1399 -45.91 -71.87 15.55
C PHE F 1399 -45.99 -73.38 15.66
N GLU F 1400 -45.38 -73.92 16.71
CA GLU F 1400 -45.26 -75.37 16.83
C GLU F 1400 -46.21 -75.92 17.88
N GLY F 1401 -46.61 -77.16 17.66
CA GLY F 1401 -47.47 -77.85 18.60
C GLY F 1401 -48.91 -77.41 18.51
N ARG F 1402 -49.78 -78.23 19.09
CA ARG F 1402 -51.21 -78.03 18.97
C ARG F 1402 -51.88 -78.27 20.31
N ILE F 1403 -52.93 -77.49 20.60
CA ILE F 1403 -53.82 -77.70 21.75
C ILE F 1403 -55.17 -78.12 21.24
N ILE F 1404 -55.54 -79.36 21.53
CA ILE F 1404 -56.58 -80.06 20.79
C ILE F 1404 -57.76 -80.30 21.71
N ILE F 1405 -58.96 -80.34 21.12
CA ILE F 1405 -60.18 -80.67 21.82
C ILE F 1405 -60.73 -81.92 21.14
N ASP F 1406 -61.09 -82.90 21.94
CA ASP F 1406 -61.56 -84.20 21.47
C ASP F 1406 -60.49 -84.77 20.54
N GLY F 1407 -60.88 -85.44 19.45
CA GLY F 1407 -59.90 -85.96 18.52
C GLY F 1407 -59.50 -84.92 17.49
N ILE F 1408 -60.21 -83.79 17.47
CA ILE F 1408 -59.89 -82.68 16.57
C ILE F 1408 -58.68 -81.94 17.08
N ASP F 1409 -57.87 -81.44 16.16
CA ASP F 1409 -56.71 -80.61 16.45
C ASP F 1409 -57.00 -79.18 15.99
N ILE F 1410 -56.01 -78.31 16.14
CA ILE F 1410 -56.24 -76.89 15.83
C ILE F 1410 -56.49 -76.70 14.34
N ALA F 1411 -56.03 -77.66 13.52
CA ALA F 1411 -56.06 -77.46 12.08
C ALA F 1411 -57.48 -77.25 11.55
N LYS F 1412 -58.28 -78.31 11.51
CA LYS F 1412 -59.60 -78.25 10.89
C LYS F 1412 -60.70 -77.86 11.84
N LEU F 1413 -60.35 -77.55 13.08
CA LEU F 1413 -61.34 -77.16 14.08
C LEU F 1413 -62.19 -76.03 13.53
N PRO F 1414 -63.52 -76.07 13.71
CA PRO F 1414 -64.34 -74.97 13.20
C PRO F 1414 -63.95 -73.66 13.88
N LEU F 1415 -63.64 -72.65 13.05
CA LEU F 1415 -63.20 -71.37 13.59
C LEU F 1415 -64.29 -70.72 14.43
N HIS F 1416 -65.46 -70.53 13.83
CA HIS F 1416 -66.58 -69.94 14.55
C HIS F 1416 -66.94 -70.77 15.78
N THR F 1417 -66.59 -72.06 15.79
CA THR F 1417 -66.86 -72.85 16.98
C THR F 1417 -65.78 -72.68 18.04
N LEU F 1418 -64.51 -72.69 17.63
CA LEU F 1418 -63.42 -72.71 18.60
C LEU F 1418 -63.36 -71.42 19.39
N ARG F 1419 -63.52 -70.27 18.73
CA ARG F 1419 -63.42 -68.98 19.40
C ARG F 1419 -64.73 -68.55 20.03
N SER F 1420 -65.76 -69.40 19.99
CA SER F 1420 -67.08 -69.08 20.51
C SER F 1420 -67.52 -70.06 21.61
N ARG F 1421 -67.60 -71.35 21.28
CA ARG F 1421 -68.12 -72.35 22.21
C ARG F 1421 -67.46 -72.27 23.58
N LEU F 1422 -66.27 -71.68 23.67
CA LEU F 1422 -65.56 -71.55 24.92
C LEU F 1422 -66.17 -70.46 25.79
N SER F 1423 -65.61 -70.30 26.99
CA SER F 1423 -66.01 -69.28 27.94
C SER F 1423 -64.76 -68.59 28.47
N ILE F 1424 -64.94 -67.41 29.08
CA ILE F 1424 -63.79 -66.62 29.51
C ILE F 1424 -64.20 -65.66 30.62
N ILE F 1425 -63.21 -65.15 31.34
CA ILE F 1425 -63.40 -64.07 32.30
C ILE F 1425 -62.19 -63.15 32.26
N LEU F 1426 -62.43 -61.84 32.19
CA LEU F 1426 -61.37 -60.84 32.09
C LEU F 1426 -61.56 -59.78 33.19
N GLN F 1427 -60.53 -58.96 33.38
CA GLN F 1427 -60.53 -57.92 34.40
C GLN F 1427 -61.50 -56.75 34.20
N ASP F 1428 -61.59 -56.26 32.97
CA ASP F 1428 -62.43 -55.12 32.64
C ASP F 1428 -63.48 -55.37 31.57
N PRO F 1429 -63.99 -56.59 31.47
CA PRO F 1429 -64.97 -56.88 30.42
C PRO F 1429 -66.41 -56.49 30.75
N VAL F 1430 -66.66 -55.19 30.92
CA VAL F 1430 -68.00 -54.67 31.16
C VAL F 1430 -68.73 -54.64 29.81
N LEU F 1431 -70.05 -54.80 29.81
CA LEU F 1431 -70.72 -54.80 28.52
C LEU F 1431 -71.68 -53.61 28.43
N PHE F 1432 -72.44 -53.60 27.34
CA PHE F 1432 -73.42 -52.54 27.11
C PHE F 1432 -74.39 -52.45 28.28
N SER F 1433 -74.55 -51.23 28.80
CA SER F 1433 -75.46 -50.97 29.92
C SER F 1433 -76.85 -50.57 29.47
N GLY F 1434 -77.15 -50.65 28.16
CA GLY F 1434 -78.45 -50.21 27.68
C GLY F 1434 -79.60 -51.07 28.19
N THR F 1435 -79.51 -52.38 27.99
CA THR F 1435 -80.61 -53.27 28.32
C THR F 1435 -80.07 -54.51 29.00
N ILE F 1436 -80.67 -54.81 30.15
CA ILE F 1436 -80.13 -55.85 31.01
C ILE F 1436 -80.44 -57.25 30.46
N ARG F 1437 -81.69 -57.49 30.06
CA ARG F 1437 -82.05 -58.82 29.56
C ARG F 1437 -81.55 -59.04 28.14
N PHE F 1438 -81.29 -57.94 27.42
CA PHE F 1438 -80.74 -58.05 26.07
C PHE F 1438 -79.22 -58.26 26.10
N ASN F 1439 -78.52 -57.51 26.95
CA ASN F 1439 -77.12 -57.85 27.18
C ASN F 1439 -77.00 -59.28 27.72
N LEU F 1440 -77.88 -59.63 28.65
CA LEU F 1440 -78.05 -61.00 29.11
C LEU F 1440 -78.50 -61.93 28.01
N ASP F 1441 -78.94 -61.38 26.88
CA ASP F 1441 -79.35 -62.19 25.73
C ASP F 1441 -78.52 -61.77 24.52
N PRO F 1442 -77.19 -61.92 24.62
CA PRO F 1442 -76.37 -61.76 23.42
C PRO F 1442 -76.71 -62.76 22.35
N GLU F 1443 -76.96 -64.01 22.74
CA GLU F 1443 -77.53 -65.03 21.87
C GLU F 1443 -79.06 -64.88 21.88
N LYS F 1444 -79.75 -65.89 21.35
CA LYS F 1444 -81.20 -65.85 21.21
C LYS F 1444 -81.92 -65.61 22.53
N LYS F 1445 -81.90 -66.59 23.44
CA LYS F 1445 -82.83 -66.55 24.56
C LYS F 1445 -82.26 -67.18 25.83
N CYS F 1446 -82.60 -66.56 26.96
CA CYS F 1446 -82.49 -67.11 28.32
C CYS F 1446 -83.81 -66.87 29.03
N SER F 1447 -84.20 -65.59 29.06
CA SER F 1447 -85.42 -65.04 29.67
C SER F 1447 -85.41 -65.29 31.17
N ASP F 1448 -86.55 -65.56 31.80
CA ASP F 1448 -86.61 -65.57 33.25
C ASP F 1448 -85.85 -66.77 33.80
N SER F 1449 -85.81 -67.86 33.03
CA SER F 1449 -85.19 -69.10 33.49
C SER F 1449 -83.77 -68.85 33.95
N THR F 1450 -82.88 -68.55 33.01
CA THR F 1450 -81.50 -68.24 33.36
C THR F 1450 -81.37 -66.84 33.95
N LEU F 1451 -82.42 -66.02 33.86
CA LEU F 1451 -82.35 -64.65 34.34
C LEU F 1451 -82.34 -64.63 35.86
N TRP F 1452 -83.41 -65.10 36.48
CA TRP F 1452 -83.40 -65.21 37.93
C TRP F 1452 -82.69 -66.48 38.38
N GLU F 1453 -82.47 -67.43 37.46
CA GLU F 1453 -81.75 -68.64 37.84
C GLU F 1453 -80.27 -68.34 38.06
N ALA F 1454 -79.60 -67.81 37.04
CA ALA F 1454 -78.21 -67.41 37.24
C ALA F 1454 -78.10 -66.10 38.00
N LEU F 1455 -79.10 -65.23 37.91
CA LEU F 1455 -79.13 -63.99 38.69
C LEU F 1455 -79.22 -64.24 40.19
N GLU F 1456 -80.23 -65.00 40.63
CA GLU F 1456 -80.26 -65.47 42.00
C GLU F 1456 -79.04 -66.34 42.32
N ILE F 1457 -78.49 -67.02 41.31
CA ILE F 1457 -77.30 -67.81 41.55
C ILE F 1457 -76.07 -66.92 41.69
N ALA F 1458 -76.12 -65.71 41.15
CA ALA F 1458 -74.99 -64.79 41.21
C ALA F 1458 -75.11 -63.75 42.32
N GLN F 1459 -76.14 -63.83 43.17
CA GLN F 1459 -76.51 -62.84 44.16
C GLN F 1459 -77.06 -61.57 43.54
N LEU F 1460 -77.18 -61.51 42.22
CA LEU F 1460 -77.70 -60.36 41.50
C LEU F 1460 -79.22 -60.30 41.50
N LYS F 1461 -79.89 -61.22 42.20
CA LYS F 1461 -81.34 -61.24 42.28
C LYS F 1461 -81.91 -60.04 43.01
N LEU F 1462 -81.14 -59.46 43.93
CA LEU F 1462 -81.47 -58.16 44.48
C LEU F 1462 -81.48 -57.08 43.40
N VAL F 1463 -80.58 -57.18 42.42
CA VAL F 1463 -80.68 -56.34 41.23
C VAL F 1463 -81.99 -56.61 40.51
N VAL F 1464 -82.54 -57.82 40.69
CA VAL F 1464 -83.90 -58.10 40.26
C VAL F 1464 -84.91 -57.44 41.19
N LYS F 1465 -84.52 -57.17 42.44
CA LYS F 1465 -85.42 -56.50 43.39
C LYS F 1465 -85.40 -54.98 43.21
N ALA F 1466 -84.22 -54.40 43.03
CA ALA F 1466 -84.12 -52.95 42.87
C ALA F 1466 -84.65 -52.51 41.51
N LEU F 1467 -83.95 -52.87 40.44
CA LEU F 1467 -84.34 -52.56 39.06
C LEU F 1467 -85.51 -53.48 38.69
N PRO F 1468 -86.57 -52.93 38.11
CA PRO F 1468 -87.68 -53.78 37.67
C PRO F 1468 -87.22 -54.74 36.58
N GLY F 1469 -88.15 -55.56 36.09
CA GLY F 1469 -87.78 -56.61 35.15
C GLY F 1469 -87.03 -56.08 33.94
N GLY F 1470 -86.05 -56.86 33.50
CA GLY F 1470 -85.05 -56.33 32.58
C GLY F 1470 -85.53 -56.32 31.15
N LEU F 1471 -84.57 -56.13 30.24
CA LEU F 1471 -84.71 -55.68 28.85
C LEU F 1471 -84.91 -54.18 28.86
N ASP F 1472 -85.01 -53.55 30.03
CA ASP F 1472 -85.29 -52.12 30.11
C ASP F 1472 -84.02 -51.32 29.85
N GLY F 1479 -77.24 -47.96 32.90
CA GLY F 1479 -77.24 -48.86 34.04
C GLY F 1479 -76.62 -48.25 35.27
N GLU F 1480 -77.13 -48.62 36.44
CA GLU F 1480 -76.61 -48.09 37.69
C GLU F 1480 -75.33 -48.82 38.09
N ASN F 1481 -74.24 -48.07 38.21
CA ASN F 1481 -72.93 -48.63 38.47
C ASN F 1481 -72.48 -48.29 39.88
N PHE F 1482 -72.18 -49.32 40.68
CA PHE F 1482 -71.57 -49.15 41.99
C PHE F 1482 -70.30 -49.97 42.05
N SER F 1483 -69.15 -49.27 42.09
CA SER F 1483 -67.78 -49.80 42.05
C SER F 1483 -67.68 -50.78 40.87
N GLN F 1484 -66.87 -51.84 40.97
CA GLN F 1484 -67.02 -52.99 40.10
C GLN F 1484 -67.67 -54.17 40.79
N GLY F 1485 -67.91 -54.08 42.09
CA GLY F 1485 -68.26 -55.27 42.84
C GLY F 1485 -69.54 -55.88 42.34
N GLN F 1486 -70.63 -55.12 42.38
CA GLN F 1486 -71.85 -55.58 41.74
C GLN F 1486 -71.70 -55.55 40.23
N ARG F 1487 -70.96 -54.56 39.71
CA ARG F 1487 -70.68 -54.47 38.29
C ARG F 1487 -69.96 -55.70 37.76
N GLN F 1488 -68.70 -55.88 38.15
CA GLN F 1488 -67.94 -57.03 37.67
C GLN F 1488 -68.51 -58.33 38.22
N LEU F 1489 -69.29 -58.26 39.30
CA LEU F 1489 -69.99 -59.45 39.77
C LEU F 1489 -71.02 -59.89 38.75
N PHE F 1490 -71.79 -58.94 38.25
CA PHE F 1490 -72.68 -59.21 37.13
C PHE F 1490 -71.88 -59.60 35.90
N CYS F 1491 -70.63 -59.13 35.82
CA CYS F 1491 -69.82 -59.38 34.62
C CYS F 1491 -69.35 -60.83 34.59
N LEU F 1492 -68.43 -61.18 35.48
CA LEU F 1492 -68.01 -62.56 35.64
C LEU F 1492 -69.17 -63.51 35.83
N ALA F 1493 -70.29 -63.05 36.40
CA ALA F 1493 -71.48 -63.86 36.46
C ALA F 1493 -72.02 -64.15 35.07
N ARG F 1494 -72.10 -63.11 34.23
CA ARG F 1494 -72.51 -63.31 32.85
C ARG F 1494 -71.56 -64.25 32.12
N ALA F 1495 -70.26 -64.06 32.31
CA ALA F 1495 -69.28 -64.95 31.70
C ALA F 1495 -69.53 -66.40 32.11
N PHE F 1496 -69.52 -66.66 33.42
CA PHE F 1496 -69.75 -68.00 33.95
C PHE F 1496 -71.12 -68.55 33.58
N VAL F 1497 -72.04 -67.70 33.12
CA VAL F 1497 -73.36 -68.16 32.69
C VAL F 1497 -73.28 -68.90 31.35
N ARG F 1498 -72.09 -68.95 30.72
CA ARG F 1498 -71.91 -69.78 29.54
C ARG F 1498 -72.41 -71.20 29.76
N LYS F 1499 -72.19 -71.75 30.95
CA LYS F 1499 -72.78 -72.99 31.47
C LYS F 1499 -72.33 -74.24 30.71
N THR F 1500 -71.54 -74.10 29.66
CA THR F 1500 -71.10 -75.27 28.91
C THR F 1500 -69.98 -75.99 29.68
N SER F 1501 -69.36 -76.95 29.00
CA SER F 1501 -68.36 -77.82 29.60
C SER F 1501 -67.09 -77.10 30.03
N ILE F 1502 -66.54 -76.21 29.21
CA ILE F 1502 -65.22 -75.64 29.43
C ILE F 1502 -65.36 -74.16 29.80
N PHE F 1503 -64.94 -73.79 31.00
CA PHE F 1503 -64.87 -72.41 31.45
C PHE F 1503 -63.42 -72.02 31.68
N ILE F 1504 -63.08 -70.79 31.34
CA ILE F 1504 -61.71 -70.30 31.49
C ILE F 1504 -61.74 -68.92 32.12
N MET F 1505 -60.85 -68.70 33.07
CA MET F 1505 -60.67 -67.39 33.69
C MET F 1505 -59.20 -67.22 34.02
N ASP F 1506 -58.66 -66.06 33.71
CA ASP F 1506 -57.24 -65.80 33.96
C ASP F 1506 -57.11 -64.44 34.61
N GLU F 1507 -56.63 -64.43 35.85
CA GLU F 1507 -56.41 -63.20 36.61
C GLU F 1507 -57.66 -62.34 36.65
N ALA F 1508 -58.84 -62.97 36.67
CA ALA F 1508 -60.07 -62.21 36.83
C ALA F 1508 -60.15 -61.53 38.19
N THR F 1509 -59.35 -61.98 39.15
CA THR F 1509 -59.33 -61.41 40.49
C THR F 1509 -58.20 -60.40 40.70
N ALA F 1510 -57.39 -60.11 39.67
CA ALA F 1510 -56.33 -59.11 39.80
C ALA F 1510 -56.89 -57.74 40.16
N SER F 1511 -57.70 -57.16 39.28
CA SER F 1511 -58.37 -55.90 39.55
C SER F 1511 -59.59 -56.04 40.47
N ILE F 1512 -60.34 -57.15 40.35
CA ILE F 1512 -61.39 -57.42 41.32
C ILE F 1512 -60.75 -57.53 42.69
N ASP F 1513 -61.20 -56.69 43.61
CA ASP F 1513 -60.40 -56.38 44.81
C ASP F 1513 -60.80 -57.29 45.94
N MET F 1514 -59.90 -58.20 46.31
CA MET F 1514 -59.79 -58.75 47.67
C MET F 1514 -61.14 -59.27 48.14
N ALA F 1515 -61.73 -58.70 49.18
CA ALA F 1515 -62.87 -59.28 49.90
C ALA F 1515 -64.07 -59.57 49.01
N THR F 1516 -64.10 -59.02 47.79
CA THR F 1516 -65.09 -59.47 46.82
C THR F 1516 -65.08 -60.99 46.69
N GLU F 1517 -63.91 -61.60 46.50
CA GLU F 1517 -63.80 -63.06 46.42
C GLU F 1517 -64.45 -63.74 47.61
N ASN F 1518 -64.50 -63.05 48.75
CA ASN F 1518 -65.21 -63.58 49.91
C ASN F 1518 -66.58 -64.12 49.51
N ILE F 1519 -67.34 -63.32 48.77
CA ILE F 1519 -68.45 -63.85 48.01
C ILE F 1519 -67.98 -64.47 46.70
N LEU F 1520 -67.13 -63.73 45.96
CA LEU F 1520 -66.89 -64.07 44.56
C LEU F 1520 -66.21 -65.42 44.42
N GLN F 1521 -65.03 -65.61 45.05
CA GLN F 1521 -64.44 -66.94 45.06
C GLN F 1521 -65.41 -67.95 45.64
N LYS F 1522 -66.17 -67.53 46.66
CA LYS F 1522 -67.25 -68.36 47.18
C LYS F 1522 -68.19 -68.78 46.06
N VAL F 1523 -68.65 -67.81 45.26
CA VAL F 1523 -69.49 -68.15 44.13
C VAL F 1523 -68.81 -69.16 43.22
N VAL F 1524 -67.51 -68.97 42.94
CA VAL F 1524 -66.83 -69.96 42.11
C VAL F 1524 -66.71 -71.29 42.83
N MET F 1525 -66.58 -71.26 44.16
CA MET F 1525 -66.53 -72.48 44.96
C MET F 1525 -67.68 -73.42 44.65
N THR F 1526 -68.90 -72.88 44.53
CA THR F 1526 -70.07 -73.67 44.19
C THR F 1526 -70.30 -73.77 42.69
N ALA F 1527 -69.39 -73.24 41.87
CA ALA F 1527 -69.57 -73.13 40.42
C ALA F 1527 -68.42 -73.76 39.66
N PHE F 1528 -67.18 -73.28 39.86
CA PHE F 1528 -66.05 -73.68 39.04
C PHE F 1528 -65.85 -75.19 39.05
N ALA F 1529 -66.52 -75.91 39.95
CA ALA F 1529 -66.44 -77.36 40.01
C ALA F 1529 -67.28 -78.01 38.93
N ASP F 1530 -66.97 -79.29 38.67
CA ASP F 1530 -67.75 -80.20 37.83
C ASP F 1530 -67.74 -79.83 36.36
N ARG F 1531 -66.63 -79.29 35.86
CA ARG F 1531 -66.47 -78.96 34.44
C ARG F 1531 -64.98 -78.69 34.14
N THR F 1532 -64.71 -78.27 32.91
CA THR F 1532 -63.36 -77.95 32.49
C THR F 1532 -63.06 -76.50 32.84
N VAL F 1533 -62.05 -76.28 33.68
CA VAL F 1533 -61.70 -74.95 34.14
C VAL F 1533 -60.18 -74.84 34.26
N VAL F 1534 -59.66 -73.68 33.86
CA VAL F 1534 -58.30 -73.24 34.18
C VAL F 1534 -58.46 -71.89 34.87
N THR F 1535 -58.09 -71.82 36.15
CA THR F 1535 -58.31 -70.63 36.94
C THR F 1535 -57.00 -70.12 37.49
N ILE F 1536 -56.66 -68.86 37.21
CA ILE F 1536 -55.36 -68.31 37.57
C ILE F 1536 -55.53 -67.01 38.34
N ALA F 1537 -54.78 -66.88 39.44
CA ALA F 1537 -54.76 -65.65 40.22
C ALA F 1537 -53.38 -65.45 40.79
N HIS F 1538 -52.92 -64.19 40.81
CA HIS F 1538 -51.63 -63.87 41.40
C HIS F 1538 -51.66 -63.98 42.91
N ARG F 1539 -52.85 -63.90 43.52
CA ARG F 1539 -53.00 -64.32 44.90
C ARG F 1539 -52.94 -65.84 45.04
N VAL F 1540 -53.32 -66.58 43.99
CA VAL F 1540 -53.11 -68.03 43.88
C VAL F 1540 -53.94 -68.81 44.90
N HIS F 1541 -54.62 -68.10 45.80
CA HIS F 1541 -55.29 -68.73 46.93
C HIS F 1541 -56.29 -69.82 46.53
N THR F 1542 -56.95 -69.67 45.38
CA THR F 1542 -57.97 -70.63 44.98
C THR F 1542 -57.39 -71.80 44.18
N ILE F 1543 -56.09 -71.82 43.96
CA ILE F 1543 -55.46 -72.86 43.15
C ILE F 1543 -55.18 -74.08 44.02
N LEU F 1544 -55.60 -74.03 45.29
CA LEU F 1544 -55.33 -75.10 46.24
C LEU F 1544 -55.69 -76.49 45.70
N SER F 1545 -56.97 -76.74 45.51
CA SER F 1545 -57.47 -78.04 45.11
C SER F 1545 -57.30 -78.31 43.61
N ALA F 1546 -56.77 -77.33 42.88
CA ALA F 1546 -56.53 -77.50 41.45
C ALA F 1546 -55.63 -78.71 41.21
N ASP F 1547 -56.10 -79.63 40.37
CA ASP F 1547 -55.29 -80.80 40.08
C ASP F 1547 -54.00 -80.46 39.35
N LEU F 1548 -53.93 -79.30 38.71
CA LEU F 1548 -52.74 -78.89 37.98
C LEU F 1548 -52.41 -77.45 38.34
N VAL F 1549 -51.12 -77.16 38.44
CA VAL F 1549 -50.62 -75.82 38.68
C VAL F 1549 -49.54 -75.52 37.66
N MET F 1550 -49.27 -74.24 37.41
CA MET F 1550 -48.24 -73.83 36.47
C MET F 1550 -47.62 -72.52 36.94
N VAL F 1551 -46.29 -72.42 36.83
CA VAL F 1551 -45.54 -71.21 37.15
C VAL F 1551 -44.49 -71.03 36.06
N LEU F 1552 -44.23 -69.79 35.68
CA LEU F 1552 -43.41 -69.48 34.51
C LEU F 1552 -42.01 -69.10 34.95
N LYS F 1553 -41.04 -69.96 34.62
CA LYS F 1553 -39.63 -69.63 34.77
C LYS F 1553 -38.91 -70.11 33.51
N ARG F 1554 -37.60 -69.85 33.43
CA ARG F 1554 -36.82 -70.19 32.25
C ARG F 1554 -37.54 -69.76 30.98
N GLY F 1555 -37.80 -70.71 30.07
CA GLY F 1555 -38.57 -70.40 28.89
C GLY F 1555 -40.06 -70.67 28.97
N ALA F 1556 -40.48 -71.56 29.85
CA ALA F 1556 -41.88 -72.02 29.82
C ALA F 1556 -42.34 -72.37 31.24
N ILE F 1557 -43.51 -73.00 31.35
CA ILE F 1557 -44.07 -73.32 32.66
C ILE F 1557 -43.11 -74.21 33.43
N LEU F 1558 -43.02 -73.97 34.74
CA LEU F 1558 -42.09 -74.71 35.58
C LEU F 1558 -42.43 -76.20 35.62
N GLU F 1559 -43.69 -76.52 35.92
CA GLU F 1559 -44.11 -77.90 36.14
C GLU F 1559 -45.62 -77.93 36.33
N PHE F 1560 -46.19 -79.12 36.22
CA PHE F 1560 -47.64 -79.30 36.34
C PHE F 1560 -47.90 -80.50 37.24
N ASP F 1561 -48.56 -80.26 38.36
CA ASP F 1561 -48.95 -81.32 39.29
C ASP F 1561 -49.92 -80.73 40.30
N LYS F 1562 -50.34 -81.55 41.27
CA LYS F 1562 -51.20 -81.08 42.33
C LYS F 1562 -50.48 -80.04 43.18
N PRO F 1563 -51.24 -79.16 43.85
CA PRO F 1563 -50.59 -78.25 44.80
C PRO F 1563 -49.99 -78.97 45.98
N GLU F 1564 -50.69 -79.98 46.52
CA GLU F 1564 -50.17 -80.70 47.69
C GLU F 1564 -49.01 -81.61 47.33
N THR F 1565 -49.04 -82.21 46.15
CA THR F 1565 -47.89 -82.98 45.68
C THR F 1565 -46.69 -82.06 45.45
N LEU F 1566 -46.94 -80.85 44.96
CA LEU F 1566 -45.86 -79.89 44.76
C LEU F 1566 -45.28 -79.44 46.08
N LEU F 1567 -46.11 -78.95 46.99
CA LEU F 1567 -45.65 -78.59 48.33
C LEU F 1567 -45.19 -79.82 49.11
N SER F 1568 -45.38 -81.00 48.52
CA SER F 1568 -45.03 -82.23 49.23
C SER F 1568 -43.52 -82.48 49.19
N GLN F 1569 -42.88 -82.14 48.07
CA GLN F 1569 -41.44 -82.35 47.97
C GLN F 1569 -40.68 -81.40 48.87
N LYS F 1570 -39.43 -81.75 49.16
CA LYS F 1570 -38.58 -80.85 49.95
C LYS F 1570 -38.37 -79.53 49.23
N ASP F 1571 -38.20 -79.57 47.92
CA ASP F 1571 -38.04 -78.37 47.10
C ASP F 1571 -39.05 -78.42 45.97
N SER F 1572 -39.80 -77.34 45.80
CA SER F 1572 -40.65 -77.16 44.64
C SER F 1572 -40.89 -75.68 44.42
N VAL F 1573 -41.20 -75.34 43.18
CA VAL F 1573 -41.34 -73.96 42.73
C VAL F 1573 -42.41 -73.23 43.51
N PHE F 1574 -43.66 -73.66 43.38
CA PHE F 1574 -44.78 -72.92 43.96
C PHE F 1574 -44.53 -72.60 45.43
N ALA F 1575 -43.91 -73.53 46.16
CA ALA F 1575 -43.49 -73.22 47.51
C ALA F 1575 -42.53 -72.03 47.52
N SER F 1576 -41.55 -72.02 46.62
CA SER F 1576 -40.57 -70.95 46.59
C SER F 1576 -41.20 -69.61 46.21
N PHE F 1577 -42.28 -69.63 45.45
CA PHE F 1577 -43.04 -68.42 45.18
C PHE F 1577 -44.11 -68.15 46.22
N VAL F 1578 -44.22 -69.00 47.25
CA VAL F 1578 -45.22 -68.76 48.28
C VAL F 1578 -44.81 -67.65 49.24
N ARG F 1579 -43.56 -67.64 49.69
CA ARG F 1579 -43.17 -66.74 50.77
C ARG F 1579 -43.23 -65.29 50.33
N ALA F 1580 -42.55 -64.95 49.24
CA ALA F 1580 -42.36 -63.55 48.84
C ALA F 1580 -43.65 -62.84 48.50
N ASP F 1581 -44.77 -63.56 48.36
CA ASP F 1581 -46.04 -62.95 48.06
C ASP F 1581 -46.70 -62.45 49.34
N PHE G 27 -7.73 53.82 -38.09
CA PHE G 27 -8.08 52.41 -38.08
C PHE G 27 -8.58 51.97 -36.71
N VAL G 28 -9.86 51.62 -36.59
CA VAL G 28 -10.44 51.33 -35.28
C VAL G 28 -9.89 50.02 -34.72
N ASP G 29 -9.20 49.26 -35.55
CA ASP G 29 -8.52 48.07 -35.06
C ASP G 29 -7.60 48.41 -33.90
N ALA G 30 -7.16 49.67 -33.81
CA ALA G 30 -6.43 50.11 -32.63
C ALA G 30 -7.32 50.07 -31.41
N LEU G 31 -8.43 50.81 -31.44
CA LEU G 31 -9.28 50.87 -30.27
C LEU G 31 -9.68 49.49 -29.81
N ASN G 32 -10.23 48.67 -30.70
CA ASN G 32 -10.56 47.32 -30.28
C ASN G 32 -9.31 46.55 -29.89
N VAL G 33 -8.17 46.93 -30.48
CA VAL G 33 -6.93 46.20 -30.21
C VAL G 33 -6.45 46.46 -28.79
N VAL G 34 -6.94 47.54 -28.18
CA VAL G 34 -6.73 47.71 -26.74
C VAL G 34 -7.49 46.65 -25.96
N PRO G 35 -8.68 46.23 -26.37
CA PRO G 35 -9.45 45.30 -25.49
C PRO G 35 -8.75 43.98 -25.23
N HIS G 36 -8.02 43.45 -26.21
CA HIS G 36 -7.48 42.10 -26.10
C HIS G 36 -6.68 41.90 -24.82
N VAL G 37 -5.70 42.76 -24.58
CA VAL G 37 -4.83 42.58 -23.43
C VAL G 37 -5.64 42.49 -22.14
N PHE G 38 -6.45 43.50 -21.86
CA PHE G 38 -7.21 43.51 -20.61
C PHE G 38 -8.10 42.28 -20.50
N LEU G 39 -8.93 42.04 -21.51
CA LEU G 39 -9.85 40.90 -21.44
C LEU G 39 -9.11 39.63 -21.12
N LEU G 40 -7.92 39.45 -21.69
CA LEU G 40 -7.10 38.31 -21.31
C LEU G 40 -6.71 38.36 -19.83
N PHE G 41 -6.37 39.56 -19.34
CA PHE G 41 -5.94 39.68 -17.94
C PHE G 41 -7.03 39.19 -17.00
N ILE G 42 -8.29 39.45 -17.34
CA ILE G 42 -9.37 38.82 -16.59
C ILE G 42 -9.38 37.32 -16.88
N THR G 43 -9.09 36.94 -18.13
CA THR G 43 -9.27 35.56 -18.56
C THR G 43 -8.51 34.60 -17.67
N PHE G 44 -7.20 34.78 -17.58
CA PHE G 44 -6.47 33.85 -16.72
C PHE G 44 -6.93 34.03 -15.28
N PRO G 45 -7.11 35.27 -14.85
CA PRO G 45 -7.39 35.51 -13.43
C PRO G 45 -8.65 34.82 -12.95
N ILE G 46 -9.75 34.93 -13.69
CA ILE G 46 -11.01 34.36 -13.22
C ILE G 46 -10.85 32.87 -12.96
N LEU G 47 -10.15 32.18 -13.86
CA LEU G 47 -9.85 30.77 -13.60
C LEU G 47 -9.09 30.61 -12.30
N PHE G 48 -8.00 31.36 -12.11
CA PHE G 48 -7.18 31.12 -10.93
C PHE G 48 -7.96 31.37 -9.64
N ILE G 49 -8.59 32.55 -9.51
CA ILE G 49 -9.26 32.91 -8.27
C ILE G 49 -10.48 32.02 -8.03
N GLY G 50 -11.26 31.80 -9.08
CA GLY G 50 -12.37 30.86 -8.95
C GLY G 50 -11.93 29.51 -8.43
N TRP G 51 -10.86 28.95 -9.02
CA TRP G 51 -10.37 27.65 -8.58
C TRP G 51 -9.87 27.71 -7.15
N GLY G 52 -9.30 28.84 -6.74
CA GLY G 52 -8.95 28.98 -5.34
C GLY G 52 -10.17 28.87 -4.45
N SER G 53 -11.34 29.20 -4.99
CA SER G 53 -12.60 29.16 -4.29
C SER G 53 -12.61 30.13 -3.11
N SER G 63 -5.12 31.50 7.13
CA SER G 63 -5.56 32.81 7.59
C SER G 63 -4.44 33.53 8.33
N THR G 64 -3.50 34.09 7.57
CA THR G 64 -2.55 35.07 8.09
C THR G 64 -2.56 36.29 7.18
N TRP G 65 -3.08 37.40 7.67
CA TRP G 65 -3.07 38.62 6.90
C TRP G 65 -1.65 39.17 6.87
N LEU G 66 -1.36 40.04 5.92
CA LEU G 66 0.00 40.56 5.75
C LEU G 66 -0.03 41.85 4.96
N HIS G 67 1.15 42.43 4.76
CA HIS G 67 1.33 43.51 3.80
C HIS G 67 2.59 43.25 3.00
N PHE G 68 2.42 43.01 1.71
CA PHE G 68 3.46 42.83 0.71
C PHE G 68 4.07 44.19 0.35
N PRO G 69 4.70 44.30 -0.80
CA PRO G 69 5.26 45.60 -1.24
C PRO G 69 4.23 46.71 -1.27
N GLY G 70 4.62 47.85 -1.86
CA GLY G 70 4.13 49.14 -1.45
C GLY G 70 2.64 49.32 -1.24
N HIS G 71 1.81 48.41 -1.73
CA HIS G 71 0.45 48.32 -1.24
C HIS G 71 -0.29 49.63 -1.41
N ASN G 72 -0.55 50.30 -0.28
CA ASN G 72 -1.47 51.43 -0.19
C ASN G 72 -1.29 52.38 -1.36
N LEU G 73 -0.05 52.60 -1.79
CA LEU G 73 0.15 53.41 -2.98
C LEU G 73 -0.63 52.80 -4.13
N ARG G 74 -0.39 51.52 -4.41
CA ARG G 74 -1.09 50.86 -5.49
C ARG G 74 -2.58 50.86 -5.25
N TRP G 75 -2.99 50.89 -3.99
CA TRP G 75 -4.41 50.99 -3.68
C TRP G 75 -4.97 52.32 -4.19
N ILE G 76 -4.34 53.42 -3.83
CA ILE G 76 -4.83 54.74 -4.23
C ILE G 76 -4.79 54.86 -5.75
N LEU G 77 -3.65 54.54 -6.34
CA LEU G 77 -3.53 54.55 -7.79
C LEU G 77 -4.64 53.74 -8.43
N THR G 78 -4.97 52.59 -7.83
CA THR G 78 -6.08 51.80 -8.33
C THR G 78 -7.38 52.59 -8.25
N PHE G 79 -7.64 53.24 -7.13
CA PHE G 79 -8.89 53.95 -6.95
C PHE G 79 -9.07 55.04 -8.00
N ILE G 80 -8.09 55.96 -8.06
CA ILE G 80 -8.15 57.00 -9.08
C ILE G 80 -8.31 56.36 -10.45
N LEU G 81 -7.65 55.22 -10.67
CA LEU G 81 -7.75 54.56 -11.96
C LEU G 81 -9.20 54.20 -12.27
N LEU G 82 -9.87 53.53 -11.33
CA LEU G 82 -11.27 53.22 -11.51
C LEU G 82 -12.06 54.47 -11.85
N PHE G 83 -11.72 55.59 -11.21
CA PHE G 83 -12.38 56.85 -11.54
C PHE G 83 -12.16 57.21 -13.01
N VAL G 84 -10.94 57.01 -13.50
CA VAL G 84 -10.65 57.26 -14.90
C VAL G 84 -11.58 56.42 -15.74
N LEU G 85 -11.45 55.11 -15.61
CA LEU G 85 -12.20 54.19 -16.46
C LEU G 85 -13.68 54.52 -16.47
N VAL G 86 -14.26 54.83 -15.31
CA VAL G 86 -15.67 55.16 -15.28
C VAL G 86 -15.91 56.47 -16.01
N CYS G 87 -14.96 57.39 -15.94
CA CYS G 87 -15.12 58.63 -16.69
C CYS G 87 -15.14 58.35 -18.19
N GLU G 88 -14.35 57.37 -18.65
CA GLU G 88 -14.31 57.07 -20.07
C GLU G 88 -15.69 56.74 -20.59
N ILE G 89 -16.47 56.00 -19.81
CA ILE G 89 -17.83 55.66 -20.23
C ILE G 89 -18.64 56.91 -20.48
N ALA G 90 -18.17 58.06 -19.98
CA ALA G 90 -18.84 59.32 -20.29
C ALA G 90 -18.56 59.74 -21.73
N GLU G 91 -17.29 59.74 -22.12
CA GLU G 91 -16.97 60.04 -23.51
C GLU G 91 -17.71 59.10 -24.43
N GLY G 92 -17.69 57.80 -24.13
CA GLY G 92 -18.46 56.89 -24.94
C GLY G 92 -19.92 57.31 -24.99
N ILE G 93 -20.49 57.53 -23.81
CA ILE G 93 -21.90 57.87 -23.71
C ILE G 93 -22.18 59.16 -24.47
N LEU G 94 -21.14 59.94 -24.74
CA LEU G 94 -21.30 61.10 -25.59
C LEU G 94 -21.31 60.69 -27.06
N SER G 95 -20.28 59.96 -27.46
CA SER G 95 -20.11 59.54 -28.85
C SER G 95 -21.21 58.63 -29.41
N ASP G 96 -21.70 57.71 -28.59
CA ASP G 96 -22.71 56.76 -29.03
C ASP G 96 -24.03 57.37 -29.50
N GLY G 97 -24.52 58.38 -28.80
CA GLY G 97 -25.78 58.99 -29.17
C GLY G 97 -25.81 59.66 -30.54
N VAL G 98 -24.77 60.43 -30.84
CA VAL G 98 -24.68 61.14 -32.12
C VAL G 98 -24.60 60.21 -33.33
N THR G 99 -23.86 59.13 -33.19
CA THR G 99 -23.66 58.18 -34.28
C THR G 99 -24.92 57.48 -34.79
N GLU G 100 -24.97 57.31 -36.09
CA GLU G 100 -26.08 56.64 -36.78
C GLU G 100 -25.98 55.12 -36.66
N SER G 101 -27.06 54.43 -37.01
CA SER G 101 -27.13 52.97 -36.96
C SER G 101 -26.78 52.38 -35.59
N ARG G 102 -27.36 53.02 -34.57
CA ARG G 102 -27.23 52.65 -33.15
C ARG G 102 -25.85 52.88 -32.54
N HIS G 103 -25.58 52.20 -31.43
CA HIS G 103 -24.33 52.36 -30.72
C HIS G 103 -23.12 51.89 -31.53
N LEU G 104 -22.02 52.60 -31.39
CA LEU G 104 -20.78 52.27 -32.09
C LEU G 104 -20.02 51.16 -31.37
N HIS G 105 -19.18 50.46 -32.14
CA HIS G 105 -18.36 49.37 -31.61
C HIS G 105 -17.36 49.86 -30.55
N LEU G 106 -16.84 51.07 -30.77
CA LEU G 106 -15.86 51.69 -29.89
C LEU G 106 -16.35 51.94 -28.45
N TYR G 107 -17.65 52.18 -28.28
CA TYR G 107 -18.18 52.47 -26.96
C TYR G 107 -17.94 51.36 -25.94
N MET G 108 -18.10 50.11 -26.34
CA MET G 108 -17.85 49.00 -25.43
C MET G 108 -16.40 48.92 -24.93
N PRO G 109 -15.38 49.15 -25.76
CA PRO G 109 -14.01 48.82 -25.34
C PRO G 109 -13.65 49.38 -23.99
N ALA G 110 -13.96 50.65 -23.76
CA ALA G 110 -13.85 51.20 -22.43
C ALA G 110 -14.56 50.31 -21.42
N GLY G 111 -15.81 49.95 -21.72
CA GLY G 111 -16.57 49.15 -20.77
C GLY G 111 -15.84 47.91 -20.34
N MET G 112 -15.39 47.12 -21.31
CA MET G 112 -14.59 45.95 -20.99
C MET G 112 -13.43 46.32 -20.08
N ALA G 113 -12.73 47.42 -20.39
CA ALA G 113 -11.59 47.78 -19.55
C ALA G 113 -12.02 48.01 -18.10
N PHE G 114 -12.95 48.95 -17.89
CA PHE G 114 -13.35 49.32 -16.54
C PHE G 114 -13.91 48.12 -15.78
N MET G 115 -14.41 47.12 -16.50
CA MET G 115 -14.74 45.88 -15.84
C MET G 115 -13.47 45.15 -15.42
N ALA G 116 -12.47 45.13 -16.28
CA ALA G 116 -11.28 44.34 -16.04
C ALA G 116 -10.48 44.82 -14.84
N ALA G 117 -10.07 46.08 -14.85
CA ALA G 117 -9.16 46.57 -13.82
C ALA G 117 -9.73 46.30 -12.44
N ILE G 118 -11.05 46.37 -12.32
CA ILE G 118 -11.75 46.08 -11.08
C ILE G 118 -11.23 44.75 -10.56
N THR G 119 -11.49 43.68 -11.31
CA THR G 119 -11.00 42.37 -10.93
C THR G 119 -9.49 42.37 -10.74
N SER G 120 -8.76 43.17 -11.51
CA SER G 120 -7.31 43.20 -11.37
C SER G 120 -6.90 43.43 -9.92
N VAL G 121 -7.43 44.49 -9.32
CA VAL G 121 -7.23 44.68 -7.90
C VAL G 121 -7.59 43.42 -7.12
N VAL G 122 -8.65 42.73 -7.50
CA VAL G 122 -9.10 41.58 -6.73
C VAL G 122 -8.05 40.48 -6.73
N TYR G 123 -7.52 40.11 -7.91
CA TYR G 123 -6.45 39.13 -7.94
C TYR G 123 -5.27 39.61 -7.11
N TYR G 124 -5.01 40.92 -7.14
CA TYR G 124 -4.02 41.44 -6.20
C TYR G 124 -4.40 41.09 -4.78
N HIS G 125 -5.71 41.03 -4.50
CA HIS G 125 -6.14 40.76 -3.13
C HIS G 125 -5.95 39.31 -2.75
N ASN G 126 -6.40 38.38 -3.61
CA ASN G 126 -6.26 36.97 -3.28
C ASN G 126 -4.84 36.47 -3.46
N ILE G 127 -3.97 37.29 -4.02
CA ILE G 127 -2.57 36.91 -4.14
C ILE G 127 -1.82 37.38 -2.92
N GLU G 128 -1.64 38.70 -2.83
CA GLU G 128 -0.82 39.28 -1.77
C GLU G 128 -1.30 38.80 -0.41
N THR G 129 -2.61 38.89 -0.17
CA THR G 129 -3.16 38.46 1.11
C THR G 129 -2.88 36.98 1.36
N SER G 130 -2.69 36.21 0.29
CA SER G 130 -2.34 34.81 0.46
C SER G 130 -0.84 34.62 0.44
N ASN G 131 -0.09 35.73 0.39
CA ASN G 131 1.36 35.70 0.27
C ASN G 131 1.78 34.99 -1.01
N PHE G 132 2.76 34.09 -0.89
CA PHE G 132 3.19 33.19 -1.95
C PHE G 132 3.24 33.87 -3.31
N PRO G 133 3.82 35.04 -3.40
CA PRO G 133 3.76 35.84 -4.64
C PRO G 133 4.71 35.33 -5.72
N LYS G 134 4.65 34.03 -6.03
CA LYS G 134 5.54 33.49 -7.04
C LYS G 134 4.91 33.74 -8.40
N LEU G 135 3.88 32.99 -8.80
CA LEU G 135 3.36 33.11 -10.16
C LEU G 135 2.39 34.28 -10.31
N LEU G 136 1.51 34.47 -9.35
CA LEU G 136 0.44 35.47 -9.49
C LEU G 136 1.03 36.85 -9.77
N ILE G 137 2.02 37.26 -8.97
CA ILE G 137 2.70 38.52 -9.22
C ILE G 137 3.20 38.60 -10.65
N ALA G 138 3.89 37.55 -11.12
CA ALA G 138 4.34 37.51 -12.51
C ALA G 138 3.20 37.85 -13.46
N LEU G 139 2.15 37.03 -13.44
CA LEU G 139 1.01 37.26 -14.34
C LEU G 139 0.56 38.72 -14.30
N LEU G 140 0.40 39.28 -13.09
CA LEU G 140 0.01 40.67 -12.99
C LEU G 140 1.00 41.57 -13.73
N ILE G 141 2.29 41.22 -13.67
CA ILE G 141 3.29 42.00 -14.39
C ILE G 141 2.98 41.91 -15.88
N TYR G 142 2.58 40.72 -16.33
CA TYR G 142 2.21 40.57 -17.72
C TYR G 142 1.09 41.52 -18.12
N TRP G 143 -0.06 41.47 -17.46
CA TRP G 143 -1.16 42.35 -17.80
C TRP G 143 -0.72 43.81 -17.80
N THR G 144 -0.11 44.24 -16.70
CA THR G 144 0.38 45.62 -16.62
C THR G 144 1.22 45.98 -17.83
N LEU G 145 2.05 45.06 -18.29
CA LEU G 145 2.83 45.31 -19.50
C LEU G 145 1.92 45.49 -20.71
N ALA G 146 1.11 44.47 -21.03
CA ALA G 146 0.35 44.49 -22.26
C ALA G 146 -0.59 45.68 -22.33
N PHE G 147 -0.81 46.37 -21.21
CA PHE G 147 -1.44 47.69 -21.30
C PHE G 147 -0.62 48.64 -22.17
N ILE G 148 0.69 48.68 -21.96
CA ILE G 148 1.51 49.76 -22.49
C ILE G 148 1.36 49.85 -24.01
N THR G 149 1.15 48.71 -24.66
CA THR G 149 0.91 48.73 -26.10
C THR G 149 -0.35 49.50 -26.42
N LYS G 150 -1.43 49.28 -25.67
CA LYS G 150 -2.65 50.05 -25.90
C LYS G 150 -2.39 51.53 -25.70
N THR G 151 -1.69 51.88 -24.62
CA THR G 151 -1.32 53.28 -24.43
C THR G 151 -0.61 53.82 -25.67
N ILE G 152 0.29 53.03 -26.24
CA ILE G 152 0.98 53.43 -27.46
C ILE G 152 -0.03 53.70 -28.56
N LYS G 153 -1.01 52.81 -28.71
CA LYS G 153 -2.04 53.07 -29.70
C LYS G 153 -2.64 54.45 -29.52
N PHE G 154 -2.79 54.89 -28.27
CA PHE G 154 -3.13 56.29 -28.07
C PHE G 154 -2.01 57.20 -28.58
N VAL G 155 -0.76 56.77 -28.43
CA VAL G 155 0.36 57.61 -28.85
C VAL G 155 0.41 57.85 -30.35
N LYS G 156 -0.03 56.90 -31.17
CA LYS G 156 -0.20 57.22 -32.58
C LYS G 156 -1.52 57.93 -32.85
N PHE G 157 -2.51 57.74 -31.98
CA PHE G 157 -3.75 58.51 -32.03
C PHE G 157 -3.50 59.97 -31.69
N TYR G 158 -2.25 60.30 -31.34
CA TYR G 158 -1.85 61.64 -30.90
C TYR G 158 -1.96 62.78 -31.93
N ASP G 159 -2.35 62.49 -33.17
CA ASP G 159 -2.30 63.51 -34.22
C ASP G 159 -3.15 64.75 -33.95
N HIS G 160 -4.17 64.69 -33.07
CA HIS G 160 -5.05 65.82 -32.81
C HIS G 160 -5.14 66.10 -31.32
N ALA G 161 -4.82 67.34 -30.94
CA ALA G 161 -4.43 67.70 -29.58
C ALA G 161 -5.53 68.30 -28.71
N ILE G 162 -6.78 68.37 -29.19
CA ILE G 162 -7.84 69.02 -28.42
C ILE G 162 -7.88 68.46 -27.00
N GLY G 163 -7.89 67.14 -26.87
CA GLY G 163 -7.87 66.44 -25.59
C GLY G 163 -9.15 65.72 -25.23
N PHE G 164 -10.25 66.00 -25.92
CA PHE G 164 -11.60 65.62 -25.49
C PHE G 164 -11.62 64.18 -24.99
N SER G 165 -11.46 63.21 -25.89
CA SER G 165 -11.12 61.88 -25.43
C SER G 165 -9.65 61.77 -25.11
N GLN G 166 -8.83 62.59 -25.75
CA GLN G 166 -7.38 62.45 -25.64
C GLN G 166 -6.95 62.62 -24.19
N LEU G 167 -7.46 63.65 -23.52
CA LEU G 167 -7.00 63.95 -22.16
C LEU G 167 -7.19 62.76 -21.23
N ARG G 168 -8.40 62.19 -21.20
CA ARG G 168 -8.63 61.02 -20.36
C ARG G 168 -7.81 59.84 -20.85
N PHE G 169 -7.59 59.75 -22.15
CA PHE G 169 -6.93 58.57 -22.70
C PHE G 169 -5.46 58.55 -22.34
N CYS G 170 -4.67 59.46 -22.93
CA CYS G 170 -3.26 59.53 -22.57
C CYS G 170 -3.09 59.71 -21.07
N LEU G 171 -4.04 60.40 -20.44
CA LEU G 171 -4.09 60.41 -18.98
C LEU G 171 -4.00 58.98 -18.46
N THR G 172 -4.79 58.07 -19.03
CA THR G 172 -4.64 56.66 -18.69
C THR G 172 -3.29 56.13 -19.12
N GLY G 173 -2.64 56.79 -20.07
CA GLY G 173 -1.29 56.39 -20.42
C GLY G 173 -0.36 56.55 -19.23
N LEU G 174 -0.31 57.78 -18.72
CA LEU G 174 0.52 58.03 -17.54
C LEU G 174 0.09 57.16 -16.37
N LEU G 175 -1.21 57.07 -16.11
CA LEU G 175 -1.72 56.28 -14.99
C LEU G 175 -1.24 54.84 -15.07
N VAL G 176 -1.77 54.09 -16.03
CA VAL G 176 -1.42 52.69 -16.18
C VAL G 176 0.08 52.50 -16.15
N ILE G 177 0.83 53.38 -16.82
CA ILE G 177 2.27 53.21 -16.83
C ILE G 177 2.83 53.28 -15.41
N LEU G 178 2.50 54.35 -14.68
CA LEU G 178 3.03 54.51 -13.33
C LEU G 178 2.70 53.29 -12.49
N TYR G 179 1.48 52.76 -12.63
CA TYR G 179 1.16 51.50 -11.98
C TYR G 179 2.18 50.42 -12.32
N GLY G 180 2.47 50.26 -13.61
CA GLY G 180 3.44 49.25 -14.01
C GLY G 180 4.76 49.43 -13.29
N MET G 181 5.20 50.68 -13.16
CA MET G 181 6.36 50.95 -12.33
C MET G 181 6.13 50.48 -10.89
N LEU G 182 4.89 50.57 -10.38
CA LEU G 182 4.64 50.10 -9.03
C LEU G 182 4.95 48.62 -8.92
N LEU G 183 4.41 47.81 -9.82
CA LEU G 183 4.76 46.39 -9.81
C LEU G 183 6.26 46.21 -9.89
N LEU G 184 6.92 47.05 -10.68
CA LEU G 184 8.38 47.02 -10.68
C LEU G 184 8.91 47.17 -9.26
N VAL G 185 8.36 48.11 -8.49
CA VAL G 185 8.78 48.24 -7.10
C VAL G 185 8.51 46.96 -6.33
N GLU G 186 7.42 46.25 -6.68
CA GLU G 186 7.17 44.97 -6.03
C GLU G 186 8.32 44.00 -6.28
N VAL G 187 8.91 44.06 -7.47
CA VAL G 187 10.18 43.38 -7.62
C VAL G 187 11.25 44.07 -6.80
N ASN G 188 11.05 45.35 -6.46
CA ASN G 188 12.12 46.14 -5.85
C ASN G 188 12.13 46.08 -4.34
N VAL G 189 11.27 45.25 -3.74
CA VAL G 189 11.37 44.99 -2.30
C VAL G 189 11.64 43.51 -2.07
N ILE G 190 10.61 42.68 -2.25
CA ILE G 190 10.73 41.26 -1.93
C ILE G 190 11.51 40.52 -3.01
N ARG G 191 11.51 41.01 -4.25
CA ARG G 191 12.19 40.35 -5.37
C ARG G 191 11.61 38.95 -5.61
N VAL G 192 10.39 38.93 -6.15
CA VAL G 192 9.65 37.69 -6.36
C VAL G 192 10.34 36.75 -7.34
N ARG G 193 10.76 37.27 -8.49
CA ARG G 193 11.17 36.48 -9.64
C ARG G 193 12.44 35.67 -9.37
N ARG G 194 12.68 34.71 -10.28
CA ARG G 194 13.79 33.76 -10.21
C ARG G 194 15.16 34.42 -10.25
N TYR G 195 15.24 35.73 -10.42
CA TYR G 195 16.53 36.40 -10.54
C TYR G 195 17.34 36.29 -9.26
N ILE G 196 18.58 35.85 -9.39
CA ILE G 196 19.64 36.02 -8.39
C ILE G 196 19.50 35.07 -7.21
N PHE G 197 18.44 34.25 -7.21
CA PHE G 197 18.26 33.19 -6.22
C PHE G 197 18.27 33.77 -4.80
N PHE G 198 17.73 34.97 -4.67
CA PHE G 198 17.57 35.58 -3.36
C PHE G 198 16.30 35.11 -2.66
N LYS G 199 15.47 34.31 -3.35
CA LYS G 199 14.22 33.80 -2.81
C LYS G 199 13.30 34.93 -2.34
N THR G 200 13.02 34.97 -1.04
CA THR G 200 12.15 36.00 -0.46
C THR G 200 12.74 36.48 0.84
N PRO G 201 13.62 37.49 0.78
CA PRO G 201 14.22 38.01 2.01
C PRO G 201 13.23 38.81 2.84
N ARG G 202 13.47 38.85 4.16
CA ARG G 202 12.68 39.62 5.12
C ARG G 202 11.19 39.23 5.05
N GLU G 203 10.94 37.95 5.34
CA GLU G 203 9.59 37.38 5.30
C GLU G 203 9.17 36.92 6.70
N VAL G 204 8.25 37.66 7.33
CA VAL G 204 7.57 37.23 8.53
C VAL G 204 6.33 38.08 8.68
N LYS G 205 5.37 37.64 9.48
CA LYS G 205 4.11 38.37 9.61
C LYS G 205 4.25 39.48 10.66
N PRO G 206 3.41 40.51 10.63
CA PRO G 206 3.38 41.48 11.72
C PRO G 206 2.96 40.81 13.01
N PRO G 207 3.32 41.39 14.17
CA PRO G 207 3.14 40.67 15.44
C PRO G 207 1.68 40.42 15.84
N GLU G 208 1.04 39.45 15.19
CA GLU G 208 -0.38 39.14 15.41
C GLU G 208 -0.50 37.70 15.92
N ASP G 209 -0.98 37.58 17.16
CA ASP G 209 -1.31 36.29 17.75
C ASP G 209 -2.69 36.29 18.39
N LEU G 210 -2.86 37.08 19.46
CA LEU G 210 -4.21 37.30 19.99
C LEU G 210 -4.95 38.35 19.17
N GLN G 211 -4.33 39.51 18.95
CA GLN G 211 -4.85 40.59 18.11
C GLN G 211 -6.27 40.95 18.58
N ASP G 212 -7.21 41.20 17.67
CA ASP G 212 -8.53 41.61 18.09
C ASP G 212 -9.34 40.45 18.62
N LEU G 213 -9.36 39.33 17.89
CA LEU G 213 -10.20 38.22 18.26
C LEU G 213 -9.81 36.95 17.55
N ASN G 223 -6.76 45.47 4.99
CA ASN G 223 -6.23 46.16 3.83
C ASN G 223 -6.81 47.58 3.72
N LEU G 224 -6.31 48.36 2.76
CA LEU G 224 -6.59 49.79 2.73
C LEU G 224 -8.02 50.11 2.34
N LEU G 225 -8.38 49.87 1.07
CA LEU G 225 -9.71 50.29 0.59
C LEU G 225 -10.87 49.67 1.35
N SER G 226 -10.81 48.38 1.63
CA SER G 226 -11.86 47.75 2.41
C SER G 226 -11.81 48.30 3.84
N LYS G 227 -10.59 48.50 4.35
CA LYS G 227 -10.35 48.99 5.70
C LYS G 227 -10.92 50.38 5.95
N GLY G 228 -10.84 51.25 4.96
CA GLY G 228 -11.32 52.61 5.09
C GLY G 228 -12.80 52.72 5.38
N THR G 229 -13.58 51.82 4.77
CA THR G 229 -15.04 51.81 4.92
C THR G 229 -15.53 50.88 6.04
N TYR G 230 -14.59 50.47 6.89
CA TYR G 230 -14.85 49.62 8.05
C TYR G 230 -15.45 48.24 7.78
N TRP G 231 -14.99 47.59 6.73
CA TRP G 231 -15.41 46.22 6.38
C TRP G 231 -14.95 45.18 7.41
N TRP G 232 -13.81 45.45 8.04
CA TRP G 232 -13.20 44.54 9.03
C TRP G 232 -14.03 44.24 10.28
N MET G 233 -14.95 45.12 10.64
CA MET G 233 -15.74 44.92 11.85
C MET G 233 -16.99 44.06 11.65
N ASN G 234 -17.19 43.53 10.44
CA ASN G 234 -18.36 42.73 10.15
C ASN G 234 -18.46 41.51 11.05
N ALA G 235 -17.34 40.83 11.30
CA ALA G 235 -17.40 39.67 12.17
C ALA G 235 -17.69 40.08 13.60
N PHE G 236 -17.12 41.19 14.01
CA PHE G 236 -17.28 41.69 15.37
C PHE G 236 -18.72 42.05 15.65
N ILE G 237 -19.43 42.54 14.64
CA ILE G 237 -20.80 43.00 14.81
C ILE G 237 -21.81 41.88 14.57
N LYS G 238 -21.41 40.79 13.94
CA LYS G 238 -22.32 39.67 13.78
C LYS G 238 -22.13 38.69 14.94
N THR G 239 -20.94 38.12 15.03
CA THR G 239 -20.58 37.33 16.21
C THR G 239 -20.78 38.14 17.48
N ALA G 240 -20.76 39.47 17.37
CA ALA G 240 -21.19 40.31 18.47
C ALA G 240 -22.57 39.85 18.94
N HIS G 241 -23.55 39.91 18.05
CA HIS G 241 -24.89 39.50 18.44
C HIS G 241 -25.01 38.00 18.67
N LYS G 242 -24.04 37.20 18.23
CA LYS G 242 -24.11 35.75 18.44
C LYS G 242 -24.43 35.42 19.90
N LYS G 243 -23.67 36.02 20.82
CA LYS G 243 -24.04 36.14 22.22
C LYS G 243 -23.52 37.46 22.73
N PRO G 244 -24.26 38.13 23.62
CA PRO G 244 -23.84 39.45 24.08
C PRO G 244 -22.39 39.47 24.53
N ILE G 245 -21.72 40.58 24.27
CA ILE G 245 -20.27 40.62 24.27
C ILE G 245 -19.74 40.54 25.69
N ASP G 246 -18.53 40.01 25.83
CA ASP G 246 -17.89 39.86 27.12
C ASP G 246 -16.45 40.33 27.03
N LEU G 247 -15.87 40.66 28.20
CA LEU G 247 -14.48 41.09 28.23
C LEU G 247 -13.56 40.02 27.67
N ARG G 248 -14.02 38.78 27.61
CA ARG G 248 -13.21 37.73 26.98
C ARG G 248 -13.14 37.93 25.48
N ALA G 249 -14.23 38.41 24.88
CA ALA G 249 -14.27 38.58 23.43
C ALA G 249 -13.34 39.69 22.99
N ILE G 250 -13.25 40.76 23.75
CA ILE G 250 -12.30 41.82 23.44
C ILE G 250 -10.95 41.45 24.00
N GLY G 251 -9.89 41.89 23.32
CA GLY G 251 -8.55 41.49 23.72
C GLY G 251 -7.58 42.62 23.47
N LYS G 252 -6.38 42.45 24.02
CA LYS G 252 -5.41 43.55 24.13
C LYS G 252 -5.20 44.24 22.80
N LEU G 253 -5.08 45.55 22.84
CA LEU G 253 -4.75 46.29 21.63
C LEU G 253 -3.38 45.87 21.14
N PRO G 254 -3.05 46.14 19.89
CA PRO G 254 -1.74 45.76 19.36
C PRO G 254 -0.62 46.59 19.97
N ILE G 255 0.61 46.23 19.61
CA ILE G 255 1.80 46.91 20.10
C ILE G 255 1.73 48.38 19.78
N ALA G 256 1.68 48.73 18.49
CA ALA G 256 1.64 50.13 18.10
C ALA G 256 0.48 50.87 18.73
N MET G 257 -0.58 50.17 19.14
CA MET G 257 -1.63 50.79 19.92
C MET G 257 -1.40 50.64 21.42
N ARG G 258 -0.36 49.92 21.83
CA ARG G 258 -0.17 49.60 23.24
C ARG G 258 0.28 50.83 24.00
N ALA G 259 -0.33 51.07 25.15
CA ALA G 259 -0.03 52.26 25.91
C ALA G 259 1.45 52.35 26.27
N LEU G 260 2.11 51.20 26.42
CA LEU G 260 3.51 51.21 26.81
C LEU G 260 4.33 52.01 25.81
N THR G 261 4.49 51.48 24.59
CA THR G 261 5.30 52.15 23.59
C THR G 261 4.82 53.57 23.34
N ASN G 262 3.54 53.81 23.57
CA ASN G 262 2.99 55.15 23.47
C ASN G 262 3.75 56.05 24.43
N TYR G 263 3.63 55.80 25.73
CA TYR G 263 4.39 56.59 26.70
C TYR G 263 5.89 56.54 26.42
N GLN G 264 6.35 55.45 25.80
CA GLN G 264 7.76 55.31 25.49
C GLN G 264 8.25 56.42 24.58
N ARG G 265 7.73 56.46 23.36
CA ARG G 265 8.16 57.51 22.44
C ARG G 265 7.76 58.89 22.96
N LEU G 266 6.55 59.03 23.49
CA LEU G 266 6.17 60.29 24.10
C LEU G 266 7.24 60.79 25.04
N CYS G 267 7.76 59.88 25.85
CA CYS G 267 8.69 60.24 26.90
C CYS G 267 10.09 60.51 26.37
N VAL G 268 10.51 59.80 25.32
CA VAL G 268 11.84 60.08 24.79
C VAL G 268 11.83 61.37 24.00
N ALA G 269 10.99 61.46 22.97
CA ALA G 269 10.87 62.71 22.23
C ALA G 269 10.61 63.89 23.14
N PHE G 270 9.84 63.68 24.21
CA PHE G 270 9.65 64.74 25.19
C PHE G 270 10.93 65.06 25.96
N ASP G 271 11.59 64.05 26.49
CA ASP G 271 12.89 64.20 27.14
C ASP G 271 13.94 64.75 26.20
N ALA G 272 13.78 64.57 24.90
CA ALA G 272 14.70 65.15 23.93
C ALA G 272 14.62 66.66 23.88
N GLN G 273 13.58 67.26 24.47
CA GLN G 273 13.42 68.71 24.44
C GLN G 273 14.18 69.35 25.60
N ARG G 285 7.52 73.11 32.25
CA ARG G 285 7.24 74.23 31.37
C ARG G 285 6.10 73.93 30.41
N ALA G 286 6.06 74.61 29.26
CA ALA G 286 4.92 74.49 28.35
C ALA G 286 5.19 73.33 27.41
N ILE G 287 4.41 72.27 27.56
CA ILE G 287 4.66 71.04 26.83
C ILE G 287 4.05 71.01 25.44
N TRP G 288 3.04 71.85 25.15
CA TRP G 288 2.29 71.68 23.90
C TRP G 288 3.21 71.50 22.71
N ARG G 289 4.29 72.28 22.68
CA ARG G 289 5.33 72.11 21.68
C ARG G 289 5.78 70.66 21.66
N ALA G 290 5.97 70.10 22.86
CA ALA G 290 6.52 68.74 22.95
C ALA G 290 5.48 67.70 22.55
N LEU G 291 4.25 67.81 23.06
CA LEU G 291 3.24 66.80 22.74
C LEU G 291 2.94 66.80 21.25
N CYS G 292 2.52 67.95 20.72
CA CYS G 292 2.18 67.99 19.31
C CYS G 292 3.41 67.79 18.43
N HIS G 293 4.60 67.98 19.00
CA HIS G 293 5.80 67.59 18.28
C HIS G 293 6.15 66.13 18.51
N ALA G 294 5.34 65.42 19.29
CA ALA G 294 5.50 63.98 19.41
C ALA G 294 4.53 63.28 18.47
N PHE G 295 3.24 63.49 18.67
CA PHE G 295 2.20 62.89 17.82
C PHE G 295 1.90 63.71 16.59
N GLY G 296 2.64 64.79 16.36
CA GLY G 296 2.33 65.69 15.26
C GLY G 296 2.18 65.00 13.92
N ARG G 297 2.91 63.92 13.68
CA ARG G 297 2.79 63.21 12.41
C ARG G 297 1.35 62.81 12.19
N ARG G 298 0.83 61.90 13.01
CA ARG G 298 -0.56 61.50 12.89
C ARG G 298 -1.49 62.71 13.00
N LEU G 299 -1.11 63.73 13.78
CA LEU G 299 -1.96 64.91 13.88
C LEU G 299 -2.16 65.56 12.52
N ILE G 300 -1.06 65.99 11.89
CA ILE G 300 -1.15 66.65 10.60
C ILE G 300 -1.79 65.70 9.58
N LEU G 301 -1.39 64.43 9.61
CA LEU G 301 -1.96 63.44 8.71
C LEU G 301 -3.46 63.46 8.77
N SER G 302 -4.01 63.49 9.98
CA SER G 302 -5.43 63.71 10.11
C SER G 302 -5.85 65.00 9.44
N SER G 303 -5.13 66.08 9.75
CA SER G 303 -5.56 67.40 9.30
C SER G 303 -5.76 67.44 7.80
N THR G 304 -4.68 67.26 7.03
CA THR G 304 -4.76 67.51 5.60
C THR G 304 -5.81 66.63 4.93
N PHE G 305 -5.96 65.40 5.39
CA PHE G 305 -6.98 64.55 4.81
C PHE G 305 -8.35 65.13 5.13
N ARG G 306 -8.49 65.66 6.34
CA ARG G 306 -9.74 66.32 6.70
C ARG G 306 -10.02 67.49 5.78
N ILE G 307 -8.98 68.19 5.33
CA ILE G 307 -9.27 69.35 4.50
C ILE G 307 -9.55 68.92 3.08
N LEU G 308 -9.01 67.78 2.64
CA LEU G 308 -9.43 67.31 1.32
C LEU G 308 -10.86 66.80 1.35
N ALA G 309 -11.29 66.25 2.48
CA ALA G 309 -12.69 65.83 2.61
C ALA G 309 -13.61 67.04 2.69
N ASP G 310 -13.19 68.04 3.46
CA ASP G 310 -14.04 69.21 3.68
C ASP G 310 -14.15 70.05 2.42
N LEU G 311 -13.03 70.30 1.75
CA LEU G 311 -13.02 71.22 0.62
C LEU G 311 -13.97 70.76 -0.46
N LEU G 312 -14.00 69.46 -0.74
CA LEU G 312 -14.98 68.92 -1.65
C LEU G 312 -16.31 68.67 -0.98
N GLY G 313 -16.45 69.04 0.30
CA GLY G 313 -17.77 69.15 0.87
C GLY G 313 -18.69 70.00 0.02
N PHE G 314 -18.13 70.99 -0.69
CA PHE G 314 -18.86 71.77 -1.66
C PHE G 314 -19.43 70.95 -2.80
N ALA G 315 -19.06 69.67 -2.90
CA ALA G 315 -19.48 68.83 -4.02
C ALA G 315 -20.98 68.94 -4.28
N GLY G 316 -21.77 68.94 -3.23
CA GLY G 316 -23.20 68.99 -3.38
C GLY G 316 -23.65 70.24 -4.11
N PRO G 317 -23.15 71.39 -3.66
CA PRO G 317 -23.65 72.64 -4.24
C PRO G 317 -23.39 72.78 -5.72
N LEU G 318 -22.15 72.57 -6.16
CA LEU G 318 -21.84 72.82 -7.56
C LEU G 318 -22.61 71.88 -8.46
N CYS G 319 -22.67 70.61 -8.09
CA CYS G 319 -23.50 69.67 -8.83
C CYS G 319 -24.95 70.12 -8.87
N ILE G 320 -25.44 70.67 -7.76
CA ILE G 320 -26.80 71.20 -7.76
C ILE G 320 -26.95 72.28 -8.81
N PHE G 321 -25.92 73.11 -8.98
CA PHE G 321 -25.97 74.13 -10.01
C PHE G 321 -25.98 73.52 -11.40
N GLY G 322 -25.17 72.47 -11.58
CA GLY G 322 -25.02 71.90 -12.91
C GLY G 322 -26.30 71.28 -13.43
N ILE G 323 -26.83 70.30 -12.71
CA ILE G 323 -28.10 69.70 -13.13
C ILE G 323 -29.21 70.73 -12.99
N VAL G 324 -28.98 71.75 -12.17
CA VAL G 324 -29.95 72.84 -12.06
C VAL G 324 -30.08 73.58 -13.38
N ASP G 325 -29.10 73.39 -14.27
CA ASP G 325 -29.18 74.03 -15.59
C ASP G 325 -30.38 73.50 -16.37
N HIS G 326 -30.46 72.19 -16.54
CA HIS G 326 -31.57 71.60 -17.27
C HIS G 326 -32.55 70.97 -16.29
N ASN G 354 -25.99 67.48 -21.12
CA ASN G 354 -24.93 66.86 -20.34
C ASN G 354 -25.45 66.43 -18.98
N ALA G 355 -26.73 66.05 -18.91
CA ALA G 355 -27.35 65.75 -17.63
C ALA G 355 -26.74 64.54 -16.94
N TYR G 356 -26.84 63.38 -17.59
CA TYR G 356 -26.56 62.11 -16.94
C TYR G 356 -25.12 62.06 -16.44
N VAL G 357 -24.18 62.49 -17.28
CA VAL G 357 -22.78 62.49 -16.88
C VAL G 357 -22.61 63.27 -15.58
N LEU G 358 -23.11 64.50 -15.54
CA LEU G 358 -23.03 65.28 -14.32
C LEU G 358 -23.65 64.52 -13.15
N ALA G 359 -24.74 63.78 -13.41
CA ALA G 359 -25.37 63.02 -12.34
C ALA G 359 -24.39 62.01 -11.74
N VAL G 360 -23.87 61.12 -12.59
CA VAL G 360 -23.02 60.05 -12.09
C VAL G 360 -21.77 60.62 -11.42
N LEU G 361 -21.09 61.56 -12.10
CA LEU G 361 -19.95 62.22 -11.49
C LEU G 361 -20.30 62.72 -10.10
N LEU G 362 -21.51 63.28 -9.95
CA LEU G 362 -21.96 63.71 -8.63
C LEU G 362 -22.05 62.52 -7.68
N PHE G 363 -22.49 61.37 -8.18
CA PHE G 363 -22.58 60.20 -7.32
C PHE G 363 -21.20 59.85 -6.74
N LEU G 364 -20.25 59.60 -7.63
CA LEU G 364 -18.91 59.26 -7.16
C LEU G 364 -18.38 60.35 -6.22
N ALA G 365 -18.64 61.61 -6.57
CA ALA G 365 -18.27 62.73 -5.72
C ALA G 365 -18.76 62.50 -4.30
N LEU G 366 -20.08 62.41 -4.14
CA LEU G 366 -20.68 62.21 -2.82
C LEU G 366 -20.00 61.07 -2.08
N LEU G 367 -19.77 59.95 -2.77
CA LEU G 367 -19.12 58.81 -2.12
C LEU G 367 -17.77 59.21 -1.52
N LEU G 368 -16.89 59.73 -2.39
CA LEU G 368 -15.56 60.14 -1.92
C LEU G 368 -15.67 61.09 -0.73
N GLN G 369 -16.51 62.12 -0.85
CA GLN G 369 -16.63 63.10 0.21
C GLN G 369 -17.02 62.45 1.52
N ARG G 370 -18.15 61.75 1.54
CA ARG G 370 -18.62 61.14 2.77
C ARG G 370 -17.53 60.27 3.40
N THR G 371 -17.01 59.30 2.63
CA THR G 371 -16.04 58.38 3.21
C THR G 371 -14.88 59.15 3.81
N PHE G 372 -14.27 60.02 3.01
CA PHE G 372 -13.12 60.78 3.49
C PHE G 372 -13.42 61.45 4.82
N LEU G 373 -14.56 62.13 4.92
CA LEU G 373 -14.88 62.83 6.16
C LEU G 373 -14.91 61.88 7.34
N GLN G 374 -15.59 60.74 7.19
CA GLN G 374 -15.70 59.83 8.31
C GLN G 374 -14.34 59.33 8.75
N ALA G 375 -13.52 58.84 7.81
CA ALA G 375 -12.20 58.35 8.18
C ALA G 375 -11.38 59.44 8.83
N SER G 376 -11.63 60.69 8.43
CA SER G 376 -11.06 61.80 9.17
C SER G 376 -11.42 61.73 10.65
N TYR G 377 -12.72 61.66 10.94
CA TYR G 377 -13.14 61.49 12.33
C TYR G 377 -12.37 60.37 13.01
N TYR G 378 -12.15 59.28 12.28
CA TYR G 378 -11.35 58.18 12.83
C TYR G 378 -9.97 58.64 13.22
N VAL G 379 -9.23 59.23 12.28
CA VAL G 379 -7.90 59.72 12.59
C VAL G 379 -7.92 60.53 13.86
N ALA G 380 -8.86 61.46 13.96
CA ALA G 380 -8.94 62.33 15.13
C ALA G 380 -9.09 61.53 16.43
N ILE G 381 -10.25 60.91 16.63
CA ILE G 381 -10.53 60.24 17.90
C ILE G 381 -9.41 59.28 18.24
N GLU G 382 -8.96 58.51 17.26
CA GLU G 382 -7.89 57.53 17.43
C GLU G 382 -6.68 58.17 18.09
N THR G 383 -6.11 59.16 17.38
CA THR G 383 -5.03 59.92 17.97
C THR G 383 -5.41 60.28 19.40
N GLY G 384 -6.68 60.58 19.63
CA GLY G 384 -7.13 60.85 20.97
C GLY G 384 -6.84 59.70 21.93
N ILE G 385 -7.27 58.50 21.57
CA ILE G 385 -7.09 57.35 22.45
C ILE G 385 -5.64 57.25 22.86
N ASN G 386 -4.74 57.32 21.88
CA ASN G 386 -3.32 57.26 22.25
C ASN G 386 -2.95 58.40 23.19
N LEU G 387 -3.24 59.64 22.81
CA LEU G 387 -2.85 60.83 23.54
C LEU G 387 -3.24 60.72 25.00
N ARG G 388 -4.54 60.64 25.28
CA ARG G 388 -4.99 60.55 26.67
C ARG G 388 -4.36 59.37 27.38
N GLY G 389 -4.34 58.21 26.70
CA GLY G 389 -3.79 57.02 27.33
C GLY G 389 -2.43 57.27 27.91
N ALA G 390 -1.52 57.84 27.12
CA ALA G 390 -0.20 58.14 27.65
C ALA G 390 -0.25 59.27 28.66
N ILE G 391 -1.17 60.23 28.48
CA ILE G 391 -1.29 61.33 29.44
C ILE G 391 -1.42 60.77 30.84
N GLN G 392 -2.15 59.67 31.00
CA GLN G 392 -2.24 59.00 32.29
C GLN G 392 -0.87 58.52 32.75
N THR G 393 -0.16 57.82 31.85
CA THR G 393 1.17 57.32 32.18
C THR G 393 2.02 58.42 32.77
N LYS G 394 1.98 59.61 32.16
CA LYS G 394 2.66 60.74 32.77
C LYS G 394 2.03 61.07 34.12
N ILE G 395 0.70 60.96 34.22
CA ILE G 395 0.03 61.39 35.45
C ILE G 395 0.58 60.66 36.65
N TYR G 396 0.29 59.37 36.77
CA TYR G 396 0.78 58.64 37.94
C TYR G 396 2.29 58.51 37.90
N ASN G 397 2.86 58.38 36.68
CA ASN G 397 4.29 58.17 36.54
C ASN G 397 5.09 59.27 37.24
N LYS G 398 4.67 60.52 37.10
CA LYS G 398 5.30 61.57 37.88
C LYS G 398 4.77 61.61 39.31
N ILE G 399 3.49 61.29 39.49
CA ILE G 399 2.84 61.44 40.78
C ILE G 399 3.56 60.64 41.85
N MET G 400 3.70 59.34 41.64
CA MET G 400 4.34 58.50 42.64
C MET G 400 5.80 58.87 42.83
N HIS G 401 6.55 58.98 41.73
CA HIS G 401 7.99 59.22 41.80
C HIS G 401 8.30 60.59 42.38
N LEU G 402 7.28 61.38 42.68
CA LEU G 402 7.44 62.70 43.28
C LEU G 402 7.55 62.64 44.81
N SER G 403 7.76 63.79 45.43
CA SER G 403 7.85 63.82 46.89
C SER G 403 6.47 63.73 47.51
N THR G 404 6.39 63.01 48.62
CA THR G 404 5.14 62.82 49.34
C THR G 404 4.79 63.97 50.25
N SER G 405 5.76 64.81 50.60
CA SER G 405 5.52 65.92 51.52
C SER G 405 4.51 66.92 50.98
N ASN G 406 4.29 66.92 49.67
CA ASN G 406 3.27 67.78 49.07
C ASN G 406 1.87 67.36 49.48
N LEU G 407 1.72 66.24 50.17
CA LEU G 407 0.45 65.88 50.78
C LEU G 407 0.09 66.95 51.80
N SER G 408 1.05 67.83 52.10
CA SER G 408 0.74 69.11 52.71
C SER G 408 -0.39 69.78 51.94
N MET G 409 -0.43 69.56 50.62
CA MET G 409 -1.61 69.95 49.85
C MET G 409 -2.73 68.92 49.99
N GLY G 410 -2.39 67.64 49.92
CA GLY G 410 -3.32 66.59 50.33
C GLY G 410 -4.61 66.47 49.54
N GLU G 411 -5.73 66.62 50.26
CA GLU G 411 -7.05 66.34 49.70
C GLU G 411 -7.35 67.18 48.46
N MET G 412 -6.89 68.43 48.44
CA MET G 412 -7.07 69.24 47.24
C MET G 412 -6.46 68.56 46.03
N THR G 413 -5.24 68.06 46.15
CA THR G 413 -4.66 67.29 45.07
C THR G 413 -5.42 65.99 44.84
N ALA G 414 -6.00 65.43 45.91
CA ALA G 414 -6.81 64.22 45.76
C ALA G 414 -8.00 64.46 44.84
N GLY G 415 -8.99 65.22 45.31
CA GLY G 415 -10.16 65.46 44.48
C GLY G 415 -9.82 66.22 43.20
N GLN G 416 -9.14 67.35 43.36
CA GLN G 416 -8.80 68.19 42.21
C GLN G 416 -7.90 67.46 41.22
N ILE G 417 -6.70 67.06 41.66
CA ILE G 417 -5.74 66.38 40.78
C ILE G 417 -6.27 65.07 40.24
N CYS G 418 -7.16 64.39 40.98
CA CYS G 418 -7.93 63.33 40.36
C CYS G 418 -8.72 63.86 39.17
N ASN G 419 -9.52 64.91 39.39
CA ASN G 419 -10.31 65.48 38.29
C ASN G 419 -9.42 66.01 37.18
N LEU G 420 -8.11 66.08 37.41
CA LEU G 420 -7.20 66.39 36.33
C LEU G 420 -7.14 65.25 35.32
N VAL G 421 -6.90 64.05 35.79
CA VAL G 421 -6.98 62.88 34.91
C VAL G 421 -8.41 62.68 34.43
N ALA G 422 -9.34 62.47 35.36
CA ALA G 422 -10.72 62.15 34.99
C ALA G 422 -11.31 63.25 34.10
N ILE G 423 -11.46 64.44 34.66
CA ILE G 423 -12.02 65.55 33.89
C ILE G 423 -11.01 66.08 32.88
N ASP G 424 -9.90 66.65 33.37
CA ASP G 424 -8.99 67.38 32.48
C ASP G 424 -8.46 66.49 31.36
N THR G 425 -8.34 65.19 31.60
CA THR G 425 -7.96 64.32 30.51
C THR G 425 -8.99 64.40 29.39
N ASN G 426 -10.24 64.02 29.71
CA ASN G 426 -11.29 63.97 28.68
C ASN G 426 -11.45 65.31 28.00
N GLN G 427 -11.30 66.39 28.77
CA GLN G 427 -11.12 67.70 28.17
C GLN G 427 -10.05 67.62 27.09
N LEU G 428 -8.82 67.28 27.51
CA LEU G 428 -7.67 67.35 26.60
C LEU G 428 -7.91 66.53 25.33
N MET G 429 -8.23 65.25 25.47
CA MET G 429 -8.36 64.39 24.30
C MET G 429 -9.54 64.84 23.44
N TRP G 430 -10.58 65.40 24.06
CA TRP G 430 -11.67 65.97 23.28
C TRP G 430 -11.15 67.12 22.42
N PHE G 431 -10.39 68.04 23.03
CA PHE G 431 -9.88 69.20 22.32
C PHE G 431 -8.97 68.78 21.18
N PHE G 432 -8.09 67.81 21.43
CA PHE G 432 -7.24 67.31 20.36
C PHE G 432 -8.09 66.68 19.27
N PHE G 433 -9.13 65.96 19.67
CA PHE G 433 -9.99 65.27 18.70
C PHE G 433 -10.61 66.26 17.74
N LEU G 434 -11.21 67.32 18.26
CA LEU G 434 -11.79 68.32 17.38
C LEU G 434 -10.76 69.33 16.88
N CYS G 435 -9.50 69.17 17.26
CA CYS G 435 -8.49 70.20 16.97
C CYS G 435 -8.23 70.38 15.48
N PRO G 436 -8.21 69.33 14.67
CA PRO G 436 -8.06 69.57 13.22
C PRO G 436 -9.28 70.27 12.65
N ASN G 437 -10.46 70.01 13.20
CA ASN G 437 -11.65 70.75 12.83
C ASN G 437 -11.47 72.22 13.18
N LEU G 438 -10.65 72.50 14.20
CA LEU G 438 -10.31 73.88 14.51
C LEU G 438 -9.39 74.46 13.45
N TRP G 439 -8.32 73.74 13.12
CA TRP G 439 -7.43 74.19 12.05
C TRP G 439 -8.21 74.52 10.79
N ALA G 440 -8.87 73.53 10.22
CA ALA G 440 -9.49 73.70 8.92
C ALA G 440 -10.80 74.47 8.98
N MET G 441 -11.47 74.49 10.13
CA MET G 441 -12.84 75.01 10.20
C MET G 441 -13.00 76.36 9.52
N PRO G 442 -12.16 77.34 9.77
CA PRO G 442 -12.29 78.60 9.04
C PRO G 442 -12.07 78.45 7.55
N VAL G 443 -11.06 77.67 7.14
CA VAL G 443 -10.78 77.50 5.72
C VAL G 443 -12.01 77.01 4.98
N GLN G 444 -12.82 76.20 5.66
CA GLN G 444 -14.09 75.78 5.08
C GLN G 444 -15.09 76.94 5.10
N ILE G 445 -15.14 77.67 6.22
CA ILE G 445 -16.12 78.74 6.38
C ILE G 445 -15.98 79.80 5.29
N ILE G 446 -14.87 80.54 5.33
CA ILE G 446 -14.68 81.69 4.43
C ILE G 446 -14.87 81.26 2.99
N VAL G 447 -14.31 80.10 2.62
CA VAL G 447 -14.63 79.52 1.33
C VAL G 447 -16.12 79.24 1.21
N GLY G 448 -16.80 79.09 2.34
CA GLY G 448 -18.23 78.87 2.36
C GLY G 448 -19.01 80.09 1.91
N VAL G 449 -18.82 81.22 2.57
CA VAL G 449 -19.50 82.43 2.12
C VAL G 449 -19.05 82.79 0.71
N ILE G 450 -17.74 82.91 0.51
CA ILE G 450 -17.22 83.38 -0.76
C ILE G 450 -17.65 82.46 -1.89
N LEU G 451 -17.75 81.17 -1.63
CA LEU G 451 -18.00 80.23 -2.71
C LEU G 451 -19.44 80.33 -3.22
N LEU G 452 -20.27 81.14 -2.58
CA LEU G 452 -21.66 81.22 -3.00
C LEU G 452 -21.78 82.01 -4.30
N TYR G 453 -22.49 81.44 -5.26
CA TYR G 453 -22.69 82.10 -6.54
C TYR G 453 -23.39 83.43 -6.27
N TYR G 454 -23.06 84.43 -7.07
CA TYR G 454 -23.57 85.80 -6.94
C TYR G 454 -23.23 86.40 -5.57
N ILE G 455 -22.00 86.14 -5.14
CA ILE G 455 -21.45 86.61 -3.87
C ILE G 455 -21.39 88.14 -3.82
N LEU G 456 -21.07 88.74 -4.96
CA LEU G 456 -20.95 90.20 -5.10
C LEU G 456 -22.26 90.92 -4.76
N GLY G 457 -23.39 90.32 -5.13
CA GLY G 457 -24.69 90.89 -4.88
C GLY G 457 -24.99 91.02 -3.39
N VAL G 458 -25.79 92.03 -3.05
CA VAL G 458 -26.14 92.35 -1.67
C VAL G 458 -26.83 91.22 -0.91
N SER G 459 -27.67 90.46 -1.59
CA SER G 459 -28.40 89.38 -0.93
C SER G 459 -27.46 88.33 -0.33
N ALA G 460 -26.39 88.00 -1.04
CA ALA G 460 -25.43 87.01 -0.55
C ALA G 460 -24.88 87.37 0.82
N LEU G 461 -23.96 88.35 0.86
CA LEU G 461 -23.24 88.60 2.09
C LEU G 461 -24.19 89.08 3.18
N ILE G 462 -25.44 89.36 2.83
CA ILE G 462 -26.41 89.80 3.83
C ILE G 462 -26.96 88.60 4.60
N GLY G 463 -27.68 87.72 3.92
CA GLY G 463 -28.18 86.51 4.57
C GLY G 463 -27.05 85.66 5.12
N ALA G 464 -26.02 85.44 4.31
CA ALA G 464 -24.84 84.74 4.81
C ALA G 464 -24.18 85.50 5.94
N ALA G 465 -24.30 86.84 5.95
CA ALA G 465 -23.80 87.61 7.09
C ALA G 465 -24.66 87.39 8.32
N VAL G 466 -25.91 86.97 8.16
CA VAL G 466 -26.65 86.43 9.29
C VAL G 466 -26.06 85.08 9.69
N ILE G 467 -25.78 84.24 8.69
CA ILE G 467 -25.20 82.91 8.94
C ILE G 467 -23.91 83.02 9.74
N ILE G 468 -23.15 84.09 9.53
CA ILE G 468 -22.02 84.37 10.41
C ILE G 468 -22.50 85.04 11.69
N LEU G 469 -23.59 85.80 11.60
CA LEU G 469 -24.10 86.51 12.76
C LEU G 469 -24.65 85.58 13.83
N LEU G 470 -24.71 84.29 13.57
CA LEU G 470 -25.15 83.36 14.61
C LEU G 470 -24.02 82.95 15.54
N ALA G 471 -22.79 83.42 15.29
CA ALA G 471 -21.67 83.05 16.15
C ALA G 471 -21.86 83.58 17.57
N PRO G 472 -21.98 84.89 17.79
CA PRO G 472 -22.20 85.37 19.16
C PRO G 472 -23.51 84.88 19.75
N VAL G 473 -24.45 84.45 18.91
CA VAL G 473 -25.68 83.84 19.43
C VAL G 473 -25.34 82.59 20.23
N GLN G 474 -24.68 81.63 19.59
CA GLN G 474 -24.23 80.44 20.31
C GLN G 474 -23.28 80.80 21.43
N TYR G 475 -22.08 81.31 21.11
CA TYR G 475 -21.07 81.51 22.15
C TYR G 475 -21.61 82.30 23.33
N PHE G 476 -22.51 83.25 23.09
CA PHE G 476 -23.18 83.91 24.20
C PHE G 476 -24.13 82.94 24.91
N VAL G 477 -24.74 82.04 24.15
CA VAL G 477 -25.59 81.03 24.79
C VAL G 477 -24.76 80.19 25.75
N ALA G 478 -23.46 80.07 25.46
CA ALA G 478 -22.54 79.55 26.46
C ALA G 478 -22.38 80.52 27.60
N THR G 479 -22.24 81.82 27.28
CA THR G 479 -22.03 82.85 28.29
C THR G 479 -23.11 82.80 29.36
N LYS G 480 -24.32 82.39 28.99
CA LYS G 480 -25.33 82.07 29.99
C LYS G 480 -25.37 80.59 30.35
N LEU G 481 -24.66 79.74 29.62
CA LEU G 481 -24.73 78.32 29.91
C LEU G 481 -23.88 77.95 31.13
N SER G 482 -22.65 78.45 31.19
CA SER G 482 -21.72 77.96 32.20
C SER G 482 -22.30 78.11 33.61
N GLN G 483 -22.65 79.34 33.98
CA GLN G 483 -23.13 79.61 35.34
C GLN G 483 -24.37 78.79 35.65
N ALA G 484 -25.17 78.48 34.63
CA ALA G 484 -26.21 77.48 34.80
C ALA G 484 -25.65 76.13 35.21
N GLN G 485 -24.65 75.61 34.47
CA GLN G 485 -24.12 74.29 34.76
C GLN G 485 -23.51 74.22 36.16
N ARG G 486 -22.54 75.09 36.46
CA ARG G 486 -21.96 75.07 37.80
C ARG G 486 -23.00 75.41 38.86
N SER G 487 -24.07 76.11 38.47
CA SER G 487 -25.16 76.36 39.40
C SER G 487 -25.86 75.06 39.77
N THR G 488 -26.33 74.30 38.78
CA THR G 488 -26.90 72.98 39.04
C THR G 488 -25.90 72.10 39.76
N LEU G 489 -24.61 72.38 39.57
CA LEU G 489 -23.58 71.68 40.32
C LEU G 489 -23.63 72.00 41.80
N GLU G 490 -23.79 73.28 42.15
CA GLU G 490 -23.86 73.67 43.56
C GLU G 490 -25.13 73.16 44.20
N HIS G 491 -26.27 73.30 43.50
CA HIS G 491 -27.52 72.76 44.00
C HIS G 491 -27.44 71.26 44.19
N SER G 492 -26.90 70.55 43.20
CA SER G 492 -26.84 69.09 43.25
C SER G 492 -26.01 68.60 44.43
N ASN G 493 -25.03 69.39 44.85
CA ASN G 493 -24.27 69.06 46.05
C ASN G 493 -25.21 69.02 47.25
N GLU G 494 -26.12 69.98 47.32
CA GLU G 494 -27.03 70.05 48.46
C GLU G 494 -28.07 68.94 48.41
N ARG G 495 -28.74 68.79 47.26
CA ARG G 495 -29.77 67.76 47.14
C ARG G 495 -29.19 66.38 47.35
N LEU G 496 -28.08 66.08 46.66
CA LEU G 496 -27.43 64.79 46.82
C LEU G 496 -26.94 64.58 48.24
N LYS G 497 -26.31 65.60 48.85
CA LYS G 497 -25.77 65.46 50.19
C LYS G 497 -26.87 65.19 51.21
N GLN G 498 -27.96 65.96 51.15
CA GLN G 498 -29.08 65.75 52.05
C GLN G 498 -29.75 64.41 51.82
N THR G 499 -29.85 63.96 50.57
CA THR G 499 -30.45 62.65 50.29
C THR G 499 -29.60 61.54 50.88
N ASN G 500 -28.30 61.56 50.61
CA ASN G 500 -27.39 60.56 51.15
C ASN G 500 -27.38 60.61 52.67
N GLU G 501 -27.64 61.79 53.23
CA GLU G 501 -27.60 61.93 54.68
C GLU G 501 -28.87 61.42 55.34
N MET G 502 -30.02 61.65 54.70
CA MET G 502 -31.29 61.24 55.31
C MET G 502 -31.62 59.79 55.02
N LEU G 503 -31.03 59.21 53.98
CA LEU G 503 -31.46 57.91 53.48
C LEU G 503 -30.84 56.73 54.22
N ARG G 504 -29.76 56.92 54.97
CA ARG G 504 -29.01 55.77 55.45
C ARG G 504 -29.71 55.03 56.59
N GLY G 505 -29.84 55.68 57.74
CA GLY G 505 -30.30 55.03 58.94
C GLY G 505 -31.80 55.03 59.12
N MET G 506 -32.55 55.06 58.01
CA MET G 506 -33.95 55.47 58.01
C MET G 506 -34.79 54.78 59.10
N LYS G 507 -34.37 53.62 59.59
CA LYS G 507 -35.00 53.06 60.78
C LYS G 507 -34.74 53.93 62.00
N LEU G 508 -33.59 54.62 62.03
CA LEU G 508 -33.27 55.49 63.16
C LEU G 508 -34.05 56.80 63.07
N LEU G 509 -34.26 57.30 61.85
CA LEU G 509 -35.10 58.48 61.69
C LEU G 509 -36.58 58.11 61.69
N LYS G 510 -36.89 56.83 61.52
CA LYS G 510 -38.28 56.38 61.67
C LYS G 510 -38.63 56.23 63.15
N LEU G 511 -37.72 55.64 63.93
CA LEU G 511 -37.95 55.54 65.36
C LEU G 511 -37.93 56.91 66.02
N TYR G 512 -37.06 57.80 65.56
CA TYR G 512 -37.16 59.20 65.97
C TYR G 512 -38.45 59.84 65.50
N ALA G 513 -39.18 59.17 64.61
CA ALA G 513 -40.54 59.52 64.24
C ALA G 513 -40.65 60.86 63.54
N TRP G 514 -39.76 61.14 62.58
CA TRP G 514 -39.93 62.37 61.83
C TRP G 514 -40.72 62.08 60.56
N GLU G 515 -40.05 61.51 59.54
CA GLU G 515 -40.69 61.17 58.28
C GLU G 515 -41.62 62.28 57.80
N SER G 516 -41.29 63.52 58.14
CA SER G 516 -42.16 64.65 57.86
C SER G 516 -41.36 65.80 57.27
N ILE G 517 -40.41 66.32 58.04
CA ILE G 517 -39.66 67.52 57.68
C ILE G 517 -38.58 67.13 56.68
N PHE G 518 -38.53 65.85 56.33
CA PHE G 518 -37.76 65.42 55.18
C PHE G 518 -38.09 66.24 53.96
N CYS G 519 -39.37 66.58 53.78
CA CYS G 519 -39.75 67.51 52.71
C CYS G 519 -39.12 68.87 52.92
N SER G 520 -39.14 69.37 54.15
CA SER G 520 -38.35 70.54 54.47
C SER G 520 -36.87 70.26 54.25
N ARG G 521 -36.48 68.99 54.41
CA ARG G 521 -35.12 68.58 54.06
C ARG G 521 -34.97 68.32 52.56
N VAL G 522 -36.09 68.13 51.86
CA VAL G 522 -36.07 67.79 50.45
C VAL G 522 -36.62 68.93 49.60
N GLU G 523 -37.92 69.21 49.75
CA GLU G 523 -38.56 70.21 48.90
C GLU G 523 -37.87 71.56 49.01
N VAL G 524 -37.53 71.98 50.23
CA VAL G 524 -36.72 73.17 50.40
C VAL G 524 -35.37 73.02 49.72
N THR G 525 -34.71 71.86 49.90
CA THR G 525 -33.59 71.52 49.05
C THR G 525 -33.99 71.51 47.60
N ARG G 526 -35.14 70.93 47.28
CA ARG G 526 -35.66 70.96 45.92
C ARG G 526 -36.05 72.37 45.50
N ARG G 527 -36.45 73.24 46.43
CA ARG G 527 -36.87 74.58 46.07
C ARG G 527 -35.81 75.27 45.23
N LYS G 528 -34.68 75.60 45.83
CA LYS G 528 -33.54 76.09 45.05
C LYS G 528 -33.25 75.15 43.90
N GLU G 529 -33.29 73.83 44.17
CA GLU G 529 -32.99 72.87 43.12
C GLU G 529 -34.06 72.86 42.04
N MET G 530 -35.28 73.25 42.39
CA MET G 530 -36.28 73.45 41.35
C MET G 530 -36.09 74.79 40.64
N THR G 531 -35.55 75.79 41.33
CA THR G 531 -35.35 77.11 40.74
C THR G 531 -34.17 77.10 39.79
N SER G 532 -32.96 77.01 40.35
CA SER G 532 -31.75 77.08 39.55
C SER G 532 -31.80 76.13 38.38
N LEU G 533 -32.33 74.93 38.60
CA LEU G 533 -32.57 73.98 37.50
C LEU G 533 -33.53 74.57 36.48
N ARG G 534 -34.78 74.81 36.88
CA ARG G 534 -35.83 75.19 35.95
C ARG G 534 -35.35 76.29 35.03
N ALA G 535 -35.07 77.46 35.59
CA ALA G 535 -34.67 78.61 34.80
C ALA G 535 -33.56 78.25 33.82
N PHE G 536 -32.57 77.48 34.29
CA PHE G 536 -31.46 77.09 33.43
C PHE G 536 -31.99 76.43 32.16
N ALA G 537 -32.82 75.40 32.32
CA ALA G 537 -33.40 74.72 31.16
C ALA G 537 -34.00 75.71 30.18
N VAL G 538 -34.70 76.73 30.71
CA VAL G 538 -35.25 77.76 29.84
C VAL G 538 -34.15 78.41 29.03
N TYR G 539 -33.18 79.03 29.72
CA TYR G 539 -32.04 79.60 29.02
C TYR G 539 -31.36 78.56 28.14
N THR G 540 -31.45 77.29 28.50
CA THR G 540 -30.90 76.25 27.65
C THR G 540 -31.71 76.08 26.37
N SER G 541 -33.03 75.88 26.51
CA SER G 541 -33.82 75.47 25.35
C SER G 541 -33.97 76.62 24.36
N ILE G 542 -34.16 77.83 24.87
CA ILE G 542 -34.34 78.99 23.99
C ILE G 542 -33.25 79.04 22.93
N SER G 543 -31.99 78.82 23.35
CA SER G 543 -30.88 78.83 22.40
C SER G 543 -31.15 77.92 21.22
N ILE G 544 -31.46 76.65 21.49
CA ILE G 544 -31.70 75.71 20.41
C ILE G 544 -32.79 76.22 19.49
N PHE G 545 -33.83 76.84 20.07
CA PHE G 545 -34.90 77.41 19.27
C PHE G 545 -34.37 78.39 18.23
N MET G 546 -33.52 79.33 18.67
CA MET G 546 -32.92 80.28 17.74
C MET G 546 -32.28 79.55 16.57
N ASN G 547 -31.63 78.43 16.84
CA ASN G 547 -31.03 77.63 15.78
C ASN G 547 -32.06 77.30 14.70
N THR G 548 -33.15 76.63 15.08
CA THR G 548 -34.14 76.24 14.10
C THR G 548 -34.75 77.46 13.43
N ALA G 549 -34.63 78.62 14.08
CA ALA G 549 -35.15 79.85 13.49
C ALA G 549 -34.19 80.42 12.47
N ILE G 550 -32.88 80.31 12.71
CA ILE G 550 -31.91 80.99 11.86
C ILE G 550 -31.95 80.47 10.43
N PRO G 551 -31.82 79.17 10.18
CA PRO G 551 -31.71 78.72 8.77
C PRO G 551 -32.92 79.07 7.94
N ILE G 552 -34.12 78.74 8.42
CA ILE G 552 -35.32 78.96 7.63
C ILE G 552 -35.48 80.44 7.32
N ALA G 553 -35.13 81.30 8.27
CA ALA G 553 -35.27 82.73 8.04
C ALA G 553 -34.13 83.25 7.19
N ALA G 554 -32.93 82.68 7.35
CA ALA G 554 -31.79 83.21 6.64
C ALA G 554 -31.97 83.12 5.14
N VAL G 555 -32.16 81.91 4.63
CA VAL G 555 -32.40 81.69 3.21
C VAL G 555 -33.55 82.53 2.72
N LEU G 556 -34.75 82.23 3.22
CA LEU G 556 -35.97 82.85 2.73
C LEU G 556 -35.80 84.35 2.60
N ILE G 557 -35.61 85.03 3.72
CA ILE G 557 -35.44 86.48 3.69
C ILE G 557 -34.39 86.87 2.65
N THR G 558 -33.19 86.28 2.75
CA THR G 558 -32.15 86.56 1.76
C THR G 558 -32.68 86.32 0.35
N PHE G 559 -33.22 85.13 0.10
CA PHE G 559 -33.85 84.87 -1.18
C PHE G 559 -34.85 85.97 -1.51
N VAL G 560 -35.82 86.19 -0.62
CA VAL G 560 -36.84 87.21 -0.88
C VAL G 560 -36.19 88.56 -1.10
N GLY G 561 -35.11 88.83 -0.38
CA GLY G 561 -34.40 90.09 -0.55
C GLY G 561 -34.00 90.33 -1.99
N HIS G 562 -33.36 89.33 -2.60
CA HIS G 562 -32.97 89.49 -4.00
C HIS G 562 -34.17 89.89 -4.85
N VAL G 563 -35.31 89.25 -4.59
CA VAL G 563 -36.52 89.55 -5.36
C VAL G 563 -36.78 91.04 -5.39
N SER G 564 -36.66 91.73 -4.25
CA SER G 564 -36.93 93.16 -4.22
C SER G 564 -35.71 93.95 -4.69
N PHE G 565 -34.50 93.44 -4.45
CA PHE G 565 -33.36 94.34 -4.45
C PHE G 565 -32.78 94.52 -5.84
N PHE G 566 -32.03 93.55 -6.33
CA PHE G 566 -31.29 93.68 -7.58
C PHE G 566 -31.46 92.39 -8.36
N LYS G 567 -31.11 92.47 -9.65
CA LYS G 567 -31.30 91.35 -10.58
C LYS G 567 -32.76 90.90 -10.59
N GLU G 568 -33.67 91.88 -10.57
CA GLU G 568 -35.09 91.56 -10.45
C GLU G 568 -35.60 90.85 -11.70
N SER G 569 -34.89 90.99 -12.83
CA SER G 569 -35.39 90.53 -14.11
C SER G 569 -35.64 89.03 -14.12
N ASP G 570 -34.69 88.24 -13.59
CA ASP G 570 -34.75 86.79 -13.70
C ASP G 570 -34.49 86.14 -12.34
N LEU G 571 -35.35 85.20 -11.97
CA LEU G 571 -35.14 84.34 -10.81
C LEU G 571 -34.66 82.99 -11.31
N SER G 572 -33.56 82.50 -10.75
CA SER G 572 -32.99 81.29 -11.31
C SER G 572 -33.03 80.20 -10.26
N PRO G 573 -33.31 78.95 -10.66
CA PRO G 573 -33.40 77.89 -9.66
C PRO G 573 -32.03 77.53 -9.11
N SER G 574 -31.00 77.73 -9.93
CA SER G 574 -29.63 77.38 -9.56
C SER G 574 -29.25 78.01 -8.22
N VAL G 575 -29.18 79.34 -8.20
CA VAL G 575 -28.82 80.06 -6.99
C VAL G 575 -29.70 79.67 -5.82
N ALA G 576 -30.93 79.22 -6.09
CA ALA G 576 -31.86 78.95 -4.99
C ALA G 576 -31.45 77.69 -4.24
N PHE G 577 -31.64 76.53 -4.86
CA PHE G 577 -31.31 75.29 -4.18
C PHE G 577 -29.83 75.25 -3.80
N ALA G 578 -28.99 75.90 -4.61
CA ALA G 578 -27.59 76.07 -4.23
C ALA G 578 -27.48 76.70 -2.87
N SER G 579 -28.13 77.85 -2.69
CA SER G 579 -28.11 78.52 -1.39
C SER G 579 -28.64 77.59 -0.30
N LEU G 580 -29.59 76.72 -0.64
CA LEU G 580 -30.06 75.75 0.34
C LEU G 580 -28.93 74.87 0.83
N SER G 581 -28.30 74.14 -0.10
CA SER G 581 -27.26 73.19 0.31
C SER G 581 -26.13 73.88 1.03
N LEU G 582 -25.58 74.95 0.45
CA LEU G 582 -24.48 75.66 1.09
C LEU G 582 -24.90 76.20 2.45
N PHE G 583 -26.17 76.56 2.60
CA PHE G 583 -26.67 76.96 3.90
C PHE G 583 -26.58 75.82 4.89
N HIS G 584 -26.93 74.60 4.46
CA HIS G 584 -26.83 73.45 5.37
C HIS G 584 -25.38 73.17 5.77
N ILE G 585 -24.52 72.92 4.78
CA ILE G 585 -23.14 72.53 5.09
C ILE G 585 -22.44 73.64 5.87
N LEU G 586 -22.50 74.88 5.36
CA LEU G 586 -21.90 76.00 6.08
C LEU G 586 -22.50 76.16 7.46
N VAL G 587 -23.77 75.79 7.61
CA VAL G 587 -24.43 75.92 8.90
C VAL G 587 -23.79 75.00 9.92
N THR G 588 -23.38 73.80 9.50
CA THR G 588 -22.71 72.90 10.44
C THR G 588 -21.50 73.54 11.12
N PRO G 589 -20.50 74.03 10.39
CA PRO G 589 -19.24 74.37 11.06
C PRO G 589 -19.35 75.53 12.02
N LEU G 590 -20.33 76.42 11.82
CA LEU G 590 -20.50 77.53 12.75
C LEU G 590 -20.79 77.04 14.16
N PHE G 591 -21.87 76.28 14.33
CA PHE G 591 -22.17 75.70 15.62
C PHE G 591 -21.01 74.87 16.13
N LEU G 592 -20.37 74.10 15.24
CA LEU G 592 -19.21 73.33 15.66
C LEU G 592 -18.19 74.21 16.37
N LEU G 593 -17.76 75.29 15.70
CA LEU G 593 -16.81 76.22 16.32
C LEU G 593 -17.34 76.74 17.64
N SER G 594 -18.62 77.11 17.65
CA SER G 594 -19.24 77.63 18.87
C SER G 594 -19.02 76.67 20.04
N SER G 595 -18.92 75.37 19.75
CA SER G 595 -18.45 74.47 20.80
C SER G 595 -16.93 74.53 20.92
N VAL G 596 -16.23 74.73 19.81
CA VAL G 596 -14.78 74.54 19.79
C VAL G 596 -14.09 75.52 20.73
N VAL G 597 -14.59 76.76 20.82
CA VAL G 597 -13.89 77.75 21.64
C VAL G 597 -13.78 77.28 23.08
N ARG G 598 -14.89 76.81 23.64
CA ARG G 598 -14.87 76.29 25.01
C ARG G 598 -13.81 75.21 25.14
N SER G 599 -13.71 74.34 24.13
CA SER G 599 -12.70 73.30 24.14
C SER G 599 -11.28 73.88 24.18
N THR G 600 -11.00 74.92 23.40
CA THR G 600 -9.67 75.51 23.46
C THR G 600 -9.38 76.12 24.83
N VAL G 601 -10.37 76.75 25.45
CA VAL G 601 -10.16 77.39 26.74
C VAL G 601 -9.88 76.33 27.81
N LYS G 602 -10.81 75.39 27.98
CA LYS G 602 -10.61 74.31 28.95
C LYS G 602 -9.30 73.59 28.71
N ALA G 603 -8.94 73.40 27.44
CA ALA G 603 -7.63 72.86 27.11
C ALA G 603 -6.51 73.67 27.75
N LEU G 604 -6.56 75.00 27.57
CA LEU G 604 -5.53 75.84 28.16
C LEU G 604 -5.43 75.62 29.66
N VAL G 605 -6.55 75.73 30.37
CA VAL G 605 -6.51 75.54 31.83
C VAL G 605 -5.94 74.17 32.17
N SER G 606 -6.23 73.17 31.34
CA SER G 606 -5.66 71.84 31.54
C SER G 606 -4.14 71.89 31.46
N VAL G 607 -3.61 72.64 30.49
CA VAL G 607 -2.16 72.83 30.44
C VAL G 607 -1.67 73.43 31.74
N LYS G 608 -2.40 74.42 32.26
CA LYS G 608 -1.96 75.10 33.48
C LYS G 608 -1.83 74.13 34.64
N LYS G 609 -2.93 73.47 35.01
CA LYS G 609 -2.86 72.57 36.15
C LYS G 609 -1.90 71.42 35.88
N LEU G 610 -1.70 71.08 34.60
CA LEU G 610 -0.80 69.99 34.25
C LEU G 610 0.66 70.35 34.56
N SER G 611 1.15 71.45 33.99
CA SER G 611 2.47 71.94 34.36
C SER G 611 2.55 72.13 35.86
N GLU G 612 1.43 72.53 36.48
CA GLU G 612 1.39 72.63 37.94
C GLU G 612 1.75 71.30 38.58
N PHE G 613 1.23 70.20 38.05
CA PHE G 613 1.62 68.89 38.57
C PHE G 613 3.09 68.61 38.28
N LEU G 614 3.59 69.07 37.14
CA LEU G 614 5.02 68.91 36.84
C LEU G 614 5.92 69.55 37.88
N SER G 615 5.61 70.77 38.34
CA SER G 615 6.47 71.48 39.27
C SER G 615 6.41 70.92 40.68
N SER G 616 5.56 69.93 40.92
CA SER G 616 5.31 69.45 42.27
C SER G 616 6.57 68.81 42.86
N ALA G 617 6.56 68.69 44.20
CA ALA G 617 7.74 68.32 44.97
C ALA G 617 8.26 66.96 44.57
N GLU G 618 9.55 66.90 44.23
CA GLU G 618 10.16 65.66 43.81
C GLU G 618 10.84 64.97 44.97
N ILE G 619 10.74 63.64 45.02
CA ILE G 619 11.37 62.85 46.05
C ILE G 619 12.77 62.49 45.55
N ARG G 620 13.77 62.69 46.41
CA ARG G 620 15.13 62.30 46.05
C ARG G 620 15.26 60.79 46.07
N GLU G 621 15.89 60.24 45.03
CA GLU G 621 16.06 58.79 44.91
C GLU G 621 17.45 58.36 45.38
N ASP G 673 20.59 38.70 50.47
CA ASP G 673 19.71 37.93 51.33
C ASP G 673 18.81 38.85 52.16
N ALA G 674 18.92 38.73 53.49
CA ALA G 674 18.02 39.42 54.41
C ALA G 674 18.50 40.81 54.81
N ASP G 675 19.59 41.30 54.22
CA ASP G 675 20.19 42.62 54.45
C ASP G 675 20.97 42.66 55.75
N ASN G 676 21.03 41.58 56.52
CA ASN G 676 21.74 41.42 57.78
C ASN G 676 21.02 42.09 58.94
N PHE G 677 19.93 42.81 58.68
CA PHE G 677 19.10 43.43 59.71
C PHE G 677 19.93 44.34 60.62
N CYS G 678 20.42 45.41 60.00
CA CYS G 678 21.14 46.49 60.68
C CYS G 678 20.72 47.81 60.07
N VAL G 679 20.96 48.89 60.81
CA VAL G 679 20.70 50.23 60.31
C VAL G 679 21.87 51.12 60.66
N GLN G 680 22.37 51.88 59.68
CA GLN G 680 23.43 52.84 59.89
C GLN G 680 22.83 54.24 59.72
N ILE G 681 22.67 54.94 60.82
CA ILE G 681 22.22 56.32 60.83
C ILE G 681 23.32 57.10 61.51
N ILE G 682 24.04 57.92 60.75
CA ILE G 682 25.24 58.61 61.21
C ILE G 682 25.09 60.10 60.96
N GLY G 683 25.08 60.88 62.05
CA GLY G 683 25.04 62.32 61.98
C GLY G 683 23.87 62.84 61.16
N GLY G 684 22.66 62.43 61.53
CA GLY G 684 21.49 62.72 60.71
C GLY G 684 21.23 64.21 60.60
N PHE G 685 21.07 64.70 59.38
CA PHE G 685 20.45 66.00 59.16
C PHE G 685 19.20 65.78 58.33
N PHE G 686 18.05 65.94 58.96
CA PHE G 686 16.78 65.68 58.29
C PHE G 686 16.29 66.95 57.60
N THR G 687 15.98 66.80 56.33
CA THR G 687 15.48 67.91 55.53
C THR G 687 13.97 67.74 55.38
N TRP G 688 13.21 68.66 55.95
CA TRP G 688 11.78 68.74 55.69
C TRP G 688 11.56 69.83 54.66
N THR G 689 11.22 69.44 53.44
CA THR G 689 11.35 70.36 52.30
C THR G 689 10.43 71.56 52.44
N PRO G 690 9.10 71.40 52.52
CA PRO G 690 8.26 72.60 52.55
C PRO G 690 8.37 73.38 53.85
N ASP G 691 8.84 72.77 54.93
CA ASP G 691 8.87 73.47 56.20
C ASP G 691 9.82 74.66 56.15
N GLY G 692 11.10 74.41 55.89
CA GLY G 692 12.13 75.42 55.97
C GLY G 692 12.97 75.39 57.23
N ILE G 693 12.46 74.80 58.31
CA ILE G 693 13.17 74.65 59.57
C ILE G 693 13.34 73.16 59.85
N PRO G 694 14.57 72.66 60.02
CA PRO G 694 14.75 71.21 60.20
C PRO G 694 14.28 70.73 61.56
N THR G 695 12.97 70.44 61.67
CA THR G 695 12.33 70.07 62.93
C THR G 695 13.13 69.02 63.71
N LEU G 696 13.64 68.01 63.02
CA LEU G 696 14.48 66.99 63.63
C LEU G 696 15.91 67.13 63.12
N SER G 697 16.87 66.98 64.02
CA SER G 697 18.28 67.03 63.67
C SER G 697 19.03 66.03 64.54
N ASN G 698 19.90 65.23 63.90
CA ASN G 698 20.85 64.36 64.58
C ASN G 698 20.12 63.38 65.52
N ILE G 699 19.29 62.55 64.92
CA ILE G 699 18.79 61.34 65.55
C ILE G 699 19.46 60.18 64.83
N THR G 700 20.43 59.55 65.48
CA THR G 700 21.32 58.63 64.80
C THR G 700 21.52 57.40 65.66
N ILE G 701 21.78 56.27 65.02
CA ILE G 701 21.97 55.00 65.70
C ILE G 701 22.26 53.92 64.67
N ARG G 702 22.71 52.76 65.14
CA ARG G 702 22.84 51.57 64.32
C ARG G 702 21.95 50.48 64.90
N ILE G 703 20.93 50.09 64.15
CA ILE G 703 20.00 49.04 64.57
C ILE G 703 20.71 47.70 64.43
N PRO G 704 20.68 46.84 65.46
CA PRO G 704 21.54 45.66 65.46
C PRO G 704 20.88 44.44 64.84
N ARG G 705 21.64 43.35 64.76
CA ARG G 705 21.20 42.16 64.06
C ARG G 705 20.39 41.25 64.97
N GLY G 706 19.36 40.64 64.40
CA GLY G 706 18.45 39.81 65.19
C GLY G 706 17.88 40.53 66.40
N GLN G 707 17.70 41.84 66.29
CA GLN G 707 17.51 42.70 67.45
C GLN G 707 16.14 43.37 67.40
N LEU G 708 15.31 43.07 68.39
CA LEU G 708 14.01 43.70 68.53
C LEU G 708 14.18 44.94 69.37
N THR G 709 13.92 46.10 68.77
CA THR G 709 14.07 47.38 69.42
C THR G 709 12.84 48.24 69.16
N MET G 710 12.10 48.57 70.21
CA MET G 710 10.86 49.34 70.09
C MET G 710 11.19 50.81 70.28
N ILE G 711 11.05 51.58 69.21
CA ILE G 711 11.20 53.03 69.29
C ILE G 711 10.11 53.55 70.22
N VAL G 712 10.51 54.29 71.25
CA VAL G 712 9.55 54.67 72.28
C VAL G 712 9.62 56.17 72.51
N GLY G 713 8.87 56.65 73.50
CA GLY G 713 8.71 58.05 73.77
C GLY G 713 7.35 58.60 73.37
N GLN G 714 6.63 57.89 72.49
CA GLN G 714 5.27 58.27 72.08
C GLN G 714 5.19 59.75 71.72
N VAL G 715 6.15 60.18 70.90
CA VAL G 715 6.21 61.56 70.45
C VAL G 715 5.09 61.92 69.49
N GLY G 716 4.25 60.95 69.10
CA GLY G 716 3.24 61.20 68.09
C GLY G 716 3.79 61.03 66.68
N CYS G 717 3.36 61.90 65.77
CA CYS G 717 3.87 61.87 64.41
C CYS G 717 5.36 62.10 64.32
N GLY G 718 6.00 62.48 65.42
CA GLY G 718 7.46 62.47 65.45
C GLY G 718 8.02 61.07 65.27
N LYS G 719 7.36 60.07 65.83
CA LYS G 719 7.70 58.70 65.47
C LYS G 719 7.69 58.53 63.96
N SER G 720 6.80 59.26 63.29
CA SER G 720 6.82 59.28 61.83
C SER G 720 7.96 60.13 61.29
N SER G 721 8.46 61.09 62.06
CA SER G 721 9.76 61.64 61.73
C SER G 721 10.81 60.53 61.79
N LEU G 722 10.50 59.44 62.50
CA LEU G 722 11.35 58.27 62.41
C LEU G 722 10.88 57.28 61.34
N LEU G 723 9.70 57.48 60.75
CA LEU G 723 9.19 56.54 59.75
C LEU G 723 9.49 57.01 58.33
N LEU G 724 8.92 58.15 57.94
CA LEU G 724 9.30 58.77 56.67
C LEU G 724 10.79 59.08 56.63
N ALA G 725 11.23 60.00 57.48
CA ALA G 725 12.60 60.51 57.37
C ALA G 725 13.58 59.51 57.96
N THR G 726 13.61 59.38 59.29
CA THR G 726 14.66 58.62 59.94
C THR G 726 14.61 57.13 59.61
N LEU G 727 13.58 56.65 58.93
CA LEU G 727 13.63 55.33 58.33
C LEU G 727 13.99 55.38 56.85
N GLY G 728 14.25 56.55 56.29
CA GLY G 728 14.86 56.67 54.98
C GLY G 728 13.89 56.84 53.84
N GLU G 729 12.58 56.90 54.10
CA GLU G 729 11.65 57.21 53.00
C GLU G 729 11.98 58.58 52.39
N MET G 730 12.35 59.53 53.22
CA MET G 730 12.98 60.77 52.78
C MET G 730 14.50 60.57 52.80
N GLN G 731 15.22 61.62 52.42
CA GLN G 731 16.67 61.57 52.32
C GLN G 731 17.30 62.41 53.42
N LYS G 732 18.30 61.85 54.09
CA LYS G 732 19.02 62.54 55.15
C LYS G 732 20.21 63.26 54.52
N VAL G 733 20.38 64.54 54.87
CA VAL G 733 21.35 65.37 54.15
C VAL G 733 22.75 65.14 54.68
N SER G 734 23.07 65.71 55.84
CA SER G 734 24.38 65.54 56.44
C SER G 734 24.51 64.13 57.02
N GLY G 735 25.74 63.66 57.18
CA GLY G 735 25.93 62.28 57.55
C GLY G 735 25.30 61.41 56.50
N ALA G 736 24.65 60.33 56.92
CA ALA G 736 23.97 59.43 56.00
C ALA G 736 23.29 58.26 56.70
N VAL G 737 22.64 57.42 55.91
CA VAL G 737 22.14 56.14 56.36
C VAL G 737 22.68 55.09 55.40
N PHE G 738 22.84 53.87 55.90
CA PHE G 738 23.28 52.72 55.11
C PHE G 738 22.61 51.46 55.64
N TRP G 739 22.16 50.60 54.72
CA TRP G 739 21.56 49.32 55.08
C TRP G 739 22.23 48.23 54.24
N ASN G 740 23.01 47.39 54.90
CA ASN G 740 23.79 46.32 54.29
C ASN G 740 24.61 46.77 53.10
N SER G 741 24.83 45.87 52.13
CA SER G 741 25.45 46.20 50.85
C SER G 741 24.47 46.23 49.68
N ASN G 742 23.23 45.82 49.88
CA ASN G 742 22.27 45.65 48.79
C ASN G 742 21.03 46.48 49.10
N LEU G 743 20.65 47.35 48.16
CA LEU G 743 19.58 48.31 48.41
C LEU G 743 18.40 48.05 47.51
N PRO G 769 11.47 44.16 49.79
CA PRO G 769 11.19 43.46 51.04
C PRO G 769 11.00 44.40 52.23
N VAL G 770 11.51 45.62 52.13
CA VAL G 770 11.38 46.59 53.22
C VAL G 770 9.92 47.00 53.34
N ALA G 771 9.35 46.83 54.52
CA ALA G 771 7.92 47.06 54.70
C ALA G 771 7.65 47.75 56.04
N TYR G 772 6.51 48.43 56.11
CA TYR G 772 6.00 49.09 57.29
C TYR G 772 4.51 49.29 57.13
N ALA G 773 3.80 49.49 58.23
CA ALA G 773 2.35 49.66 58.20
C ALA G 773 2.05 51.15 58.31
N SER G 774 0.97 51.58 57.68
CA SER G 774 0.61 52.99 57.73
C SER G 774 -0.10 53.32 59.03
N GLN G 775 0.15 54.52 59.55
CA GLN G 775 -0.54 55.04 60.72
C GLN G 775 -2.04 55.11 60.49
N LYS G 776 -2.47 56.00 59.62
CA LYS G 776 -3.88 56.12 59.30
C LYS G 776 -4.38 54.78 58.75
N PRO G 777 -5.67 54.49 58.88
CA PRO G 777 -6.21 53.26 58.28
C PRO G 777 -6.01 53.27 56.77
N TRP G 778 -5.49 52.15 56.24
CA TRP G 778 -5.28 52.01 54.80
C TRP G 778 -5.63 50.59 54.36
N LEU G 779 -6.19 50.50 53.16
CA LEU G 779 -6.51 49.22 52.56
C LEU G 779 -6.68 49.44 51.06
N LEU G 780 -6.89 48.35 50.32
CA LEU G 780 -7.23 48.42 48.91
C LEU G 780 -8.57 47.73 48.70
N ASN G 781 -9.42 48.34 47.89
CA ASN G 781 -10.75 47.77 47.71
C ASN G 781 -10.61 46.38 47.09
N ALA G 782 -11.03 45.36 47.83
CA ALA G 782 -10.80 43.97 47.44
C ALA G 782 -11.48 43.00 48.41
N THR G 783 -11.23 41.71 48.22
CA THR G 783 -11.55 40.76 49.27
C THR G 783 -10.67 41.01 50.50
N VAL G 784 -11.25 40.77 51.68
CA VAL G 784 -10.49 40.85 52.91
C VAL G 784 -9.26 39.94 52.84
N GLU G 785 -9.43 38.76 52.25
CA GLU G 785 -8.26 37.94 51.97
C GLU G 785 -7.32 38.65 51.00
N GLU G 786 -7.88 39.21 49.94
CA GLU G 786 -7.09 40.05 49.05
C GLU G 786 -6.51 41.25 49.79
N ASN G 787 -7.16 41.64 50.89
CA ASN G 787 -6.64 42.70 51.73
C ASN G 787 -5.47 42.23 52.58
N ILE G 788 -5.62 41.09 53.26
CA ILE G 788 -4.53 40.52 54.03
C ILE G 788 -3.30 40.25 53.17
N THR G 789 -3.47 40.16 51.85
CA THR G 789 -2.40 39.79 50.94
C THR G 789 -2.15 40.94 49.98
N PHE G 790 -1.01 41.61 50.12
CA PHE G 790 -0.50 42.53 49.13
C PHE G 790 -0.18 41.74 47.87
N GLU G 791 0.12 42.46 46.79
CA GLU G 791 0.20 41.86 45.46
C GLU G 791 1.00 40.57 45.39
N SER G 792 1.93 40.31 46.31
CA SER G 792 2.61 39.03 46.32
C SER G 792 1.66 37.91 46.73
N PRO G 793 2.07 36.66 46.50
CA PRO G 793 1.19 35.52 46.85
C PRO G 793 1.07 35.29 48.34
N PHE G 794 0.52 34.13 48.71
CA PHE G 794 0.40 33.70 50.10
C PHE G 794 -0.16 32.28 50.10
N ASN G 795 -0.01 31.61 51.24
CA ASN G 795 -0.40 30.22 51.36
C ASN G 795 -1.18 30.02 52.66
N LYS G 796 -1.82 28.86 52.76
CA LYS G 796 -2.77 28.61 53.84
C LYS G 796 -2.08 28.53 55.20
N GLN G 797 -0.86 27.97 55.23
CA GLN G 797 -0.14 27.87 56.49
C GLN G 797 0.14 29.25 57.08
N ARG G 798 0.69 30.17 56.27
CA ARG G 798 0.92 31.53 56.77
C ARG G 798 -0.38 32.33 56.79
N TYR G 799 -1.38 31.92 56.00
CA TYR G 799 -2.70 32.52 56.06
C TYR G 799 -3.29 32.37 57.46
N LYS G 800 -3.59 31.13 57.84
CA LYS G 800 -4.05 30.85 59.20
C LYS G 800 -3.04 31.34 60.23
N MET G 801 -1.75 31.31 59.87
CA MET G 801 -0.73 31.87 60.75
C MET G 801 -1.02 33.33 61.03
N VAL G 802 -1.62 34.03 60.06
CA VAL G 802 -1.84 35.46 60.20
C VAL G 802 -3.21 35.73 60.82
N ILE G 803 -4.28 35.39 60.10
CA ILE G 803 -5.62 35.66 60.62
C ILE G 803 -5.81 35.00 61.98
N GLU G 804 -5.22 33.82 62.16
CA GLU G 804 -5.18 33.21 63.48
C GLU G 804 -4.18 33.91 64.37
N ALA G 805 -3.01 34.27 63.84
CA ALA G 805 -2.09 35.11 64.60
C ALA G 805 -2.77 36.42 64.97
N CYS G 806 -3.28 37.14 63.98
CA CYS G 806 -4.06 38.35 64.23
C CYS G 806 -5.34 38.06 64.98
N SER G 807 -5.66 36.77 65.18
CA SER G 807 -6.86 36.37 65.93
C SER G 807 -8.10 36.94 65.27
N LEU G 808 -8.01 37.14 63.96
CA LEU G 808 -9.09 37.72 63.17
C LEU G 808 -10.29 36.82 63.06
N GLN G 809 -10.21 35.56 63.53
CA GLN G 809 -11.30 34.61 63.32
C GLN G 809 -12.65 35.17 63.71
N PRO G 810 -12.88 35.63 64.94
CA PRO G 810 -14.12 36.35 65.20
C PRO G 810 -14.20 37.68 64.48
N ASP G 811 -13.09 38.42 64.41
CA ASP G 811 -13.06 39.68 63.67
C ASP G 811 -13.42 39.49 62.20
N ILE G 812 -12.79 38.54 61.51
CA ILE G 812 -13.14 38.26 60.12
C ILE G 812 -14.43 37.47 60.00
N ASP G 813 -15.00 37.03 61.12
CA ASP G 813 -16.34 36.44 61.10
C ASP G 813 -17.42 37.47 61.34
N ILE G 814 -17.05 38.69 61.76
CA ILE G 814 -18.06 39.70 62.03
C ILE G 814 -18.62 40.25 60.72
N LEU G 815 -17.74 40.62 59.79
CA LEU G 815 -18.19 41.05 58.47
C LEU G 815 -18.90 39.91 57.76
N PRO G 816 -20.02 40.19 57.09
CA PRO G 816 -20.97 39.11 56.78
C PRO G 816 -20.40 37.98 55.94
N HIS G 817 -19.71 38.29 54.85
CA HIS G 817 -19.22 37.20 54.00
C HIS G 817 -17.82 36.74 54.39
N GLY G 818 -17.11 37.51 55.22
CA GLY G 818 -15.78 37.10 55.65
C GLY G 818 -14.70 37.12 54.59
N ASP G 819 -14.09 35.95 54.34
CA ASP G 819 -12.91 35.81 53.48
C ASP G 819 -13.03 36.56 52.16
N GLN G 820 -13.99 36.17 51.34
CA GLN G 820 -14.18 36.80 50.05
C GLN G 820 -15.04 38.06 50.12
N THR G 821 -15.48 38.45 51.32
CA THR G 821 -16.29 39.66 51.46
C THR G 821 -15.54 40.87 50.94
N GLN G 822 -16.30 41.83 50.43
CA GLN G 822 -15.69 43.08 49.95
C GLN G 822 -14.98 43.76 51.11
N ILE G 823 -13.74 44.18 50.86
CA ILE G 823 -12.95 44.93 51.82
C ILE G 823 -12.27 46.07 51.08
N GLY G 824 -12.58 47.30 51.45
CA GLY G 824 -11.89 48.43 50.87
C GLY G 824 -12.73 49.70 50.92
N GLU G 825 -12.39 50.62 50.01
CA GLU G 825 -12.95 51.96 50.05
C GLU G 825 -14.45 51.97 49.87
N ARG G 826 -14.95 51.51 48.73
CA ARG G 826 -16.38 51.45 48.51
C ARG G 826 -16.94 50.28 49.31
N GLY G 827 -17.85 50.60 50.22
CA GLY G 827 -18.37 49.58 51.09
C GLY G 827 -17.33 49.10 52.10
N ILE G 828 -17.74 48.10 52.88
CA ILE G 828 -16.89 47.49 53.89
C ILE G 828 -16.43 48.51 54.91
N ASN G 829 -17.35 48.99 55.74
CA ASN G 829 -16.97 49.85 56.86
C ASN G 829 -16.23 49.03 57.91
N LEU G 830 -15.01 49.45 58.22
CA LEU G 830 -14.10 48.66 59.05
C LEU G 830 -13.74 49.41 60.32
N SER G 831 -13.67 48.66 61.42
CA SER G 831 -13.34 49.23 62.72
C SER G 831 -11.91 49.75 62.72
N GLY G 832 -11.67 50.83 63.46
CA GLY G 832 -10.34 51.39 63.52
C GLY G 832 -9.28 50.41 63.96
N GLY G 833 -9.49 49.75 65.10
CA GLY G 833 -8.54 48.72 65.52
C GLY G 833 -8.46 47.59 64.51
N GLN G 834 -9.52 47.42 63.72
CA GLN G 834 -9.47 46.43 62.64
C GLN G 834 -8.58 46.91 61.50
N ARG G 835 -8.57 48.21 61.26
CA ARG G 835 -7.65 48.76 60.26
C ARG G 835 -6.21 48.57 60.71
N GLN G 836 -5.89 49.00 61.92
CA GLN G 836 -4.58 48.69 62.47
C GLN G 836 -4.34 47.19 62.45
N ARG G 837 -5.42 46.41 62.43
CA ARG G 837 -5.30 44.96 62.53
C ARG G 837 -4.87 44.35 61.20
N ILE G 838 -5.79 44.28 60.24
CA ILE G 838 -5.45 43.74 58.93
C ILE G 838 -4.32 44.52 58.29
N SER G 839 -4.18 45.80 58.64
CA SER G 839 -3.00 46.57 58.26
C SER G 839 -1.74 45.96 58.88
N VAL G 840 -1.86 45.49 60.12
CA VAL G 840 -0.70 45.00 60.84
C VAL G 840 -0.27 43.65 60.30
N ALA G 841 -1.16 42.65 60.36
CA ALA G 841 -0.79 41.35 59.82
C ALA G 841 -0.43 41.48 58.35
N ARG G 842 -1.24 42.20 57.58
CA ARG G 842 -0.95 42.45 56.17
C ARG G 842 0.45 43.02 56.01
N ALA G 843 0.87 43.84 56.97
CA ALA G 843 2.25 44.27 56.98
C ALA G 843 3.18 43.08 57.16
N LEU G 844 2.97 42.27 58.19
CA LEU G 844 3.87 41.15 58.47
C LEU G 844 3.51 39.87 57.72
N TYR G 845 2.44 39.89 56.93
CA TYR G 845 2.05 38.69 56.20
C TYR G 845 3.01 38.39 55.06
N GLN G 846 3.71 39.41 54.56
CA GLN G 846 4.66 39.23 53.48
C GLN G 846 5.81 38.32 53.85
N GLN G 847 6.09 38.18 55.15
CA GLN G 847 7.21 37.36 55.62
C GLN G 847 8.49 37.74 54.90
N THR G 848 8.95 38.97 55.15
CA THR G 848 10.20 39.45 54.64
C THR G 848 11.01 40.01 55.81
N ASN G 849 12.28 40.26 55.55
CA ASN G 849 13.22 40.67 56.59
C ASN G 849 12.72 41.82 57.46
N VAL G 850 12.48 42.98 56.86
CA VAL G 850 12.26 44.22 57.61
C VAL G 850 10.76 44.44 57.79
N VAL G 851 10.38 44.97 58.96
CA VAL G 851 8.99 45.28 59.31
C VAL G 851 8.98 46.45 60.31
N PHE G 852 7.89 47.24 60.28
CA PHE G 852 7.76 48.40 61.16
C PHE G 852 6.29 48.63 61.52
N LEU G 853 6.07 49.07 62.76
CA LEU G 853 4.73 49.24 63.32
C LEU G 853 4.50 50.68 63.73
N ASP G 854 3.23 51.05 63.91
CA ASP G 854 2.84 52.35 64.44
C ASP G 854 1.60 52.21 65.34
N ASP G 855 1.63 52.94 66.48
CA ASP G 855 0.55 53.06 67.47
C ASP G 855 -0.23 51.76 67.65
N PRO G 856 0.43 50.71 68.15
CA PRO G 856 -0.20 49.37 68.10
C PRO G 856 -1.50 49.26 68.91
N PHE G 857 -1.57 49.92 70.05
CA PHE G 857 -2.78 49.91 70.86
C PHE G 857 -3.68 51.10 70.59
N SER G 858 -3.38 51.90 69.57
CA SER G 858 -4.18 53.11 69.32
C SER G 858 -5.64 52.74 69.18
N ALA G 859 -6.47 53.32 70.05
CA ALA G 859 -7.88 52.97 70.16
C ALA G 859 -8.08 51.45 70.15
N LEU G 860 -7.25 50.74 70.90
CA LEU G 860 -7.35 49.29 70.99
C LEU G 860 -7.67 48.89 72.43
N ASP G 861 -7.77 47.58 72.67
CA ASP G 861 -8.31 47.03 73.90
C ASP G 861 -7.28 46.17 74.61
N VAL G 862 -7.56 45.91 75.89
CA VAL G 862 -6.67 45.08 76.70
C VAL G 862 -6.57 43.69 76.12
N HIS G 863 -7.72 43.10 75.76
CA HIS G 863 -7.72 41.82 75.09
C HIS G 863 -6.90 41.88 73.81
N LEU G 864 -7.00 42.99 73.08
CA LEU G 864 -6.16 43.19 71.91
C LEU G 864 -4.80 43.76 72.28
N SER G 865 -4.55 44.02 73.56
CA SER G 865 -3.21 44.42 73.98
C SER G 865 -2.36 43.19 74.26
N ASP G 866 -2.76 42.39 75.25
CA ASP G 866 -2.12 41.10 75.45
C ASP G 866 -2.23 40.24 74.19
N HIS G 867 -3.38 40.29 73.52
CA HIS G 867 -3.51 39.69 72.19
C HIS G 867 -2.54 40.31 71.21
N LEU G 868 -2.35 41.61 71.29
CA LEU G 868 -1.29 42.29 70.55
C LEU G 868 0.09 41.88 71.02
N MET G 869 0.22 41.36 72.25
CA MET G 869 1.42 40.62 72.65
C MET G 869 1.40 39.18 72.18
N GLN G 870 0.21 38.59 72.01
CA GLN G 870 0.11 37.21 71.56
C GLN G 870 0.40 37.07 70.07
N ALA G 871 -0.07 37.99 69.24
CA ALA G 871 0.40 38.05 67.88
C ALA G 871 1.69 38.84 67.71
N GLY G 872 1.81 40.00 68.36
CA GLY G 872 2.85 40.96 68.08
C GLY G 872 4.25 40.47 68.35
N ILE G 873 4.46 39.88 69.53
CA ILE G 873 5.74 39.23 69.77
C ILE G 873 5.45 37.78 70.06
N LEU G 874 5.01 37.52 71.29
CA LEU G 874 4.82 36.16 71.77
C LEU G 874 6.02 35.32 71.39
N GLU G 875 5.77 34.10 70.93
CA GLU G 875 6.79 33.33 70.23
C GLU G 875 6.59 33.38 68.72
N LEU G 876 5.64 34.17 68.25
CA LEU G 876 5.13 34.01 66.89
C LEU G 876 6.17 34.47 65.86
N LEU G 877 5.79 34.36 64.58
CA LEU G 877 6.65 34.79 63.48
C LEU G 877 6.93 36.29 63.55
N ARG G 878 6.10 37.00 64.30
CA ARG G 878 6.40 38.39 64.61
C ARG G 878 7.69 38.51 65.42
N ASP G 879 8.20 37.38 65.88
CA ASP G 879 9.37 37.33 66.74
C ASP G 879 10.34 36.27 66.23
N ASP G 880 11.37 36.02 67.05
CA ASP G 880 12.40 35.03 66.77
C ASP G 880 13.20 35.47 65.54
N LYS G 881 13.35 34.64 64.51
CA LYS G 881 14.43 34.81 63.54
C LYS G 881 14.22 36.04 62.65
N ARG G 882 12.97 36.38 62.36
CA ARG G 882 12.71 37.52 61.49
C ARG G 882 12.95 38.83 62.23
N THR G 883 13.65 39.75 61.57
CA THR G 883 13.92 41.05 62.14
C THR G 883 12.67 41.91 62.14
N VAL G 884 12.61 42.90 63.04
CA VAL G 884 11.39 43.64 63.29
C VAL G 884 11.70 45.02 63.86
N VAL G 885 10.68 45.88 63.88
CA VAL G 885 10.70 47.15 64.60
C VAL G 885 9.25 47.50 64.95
N LEU G 886 9.06 48.42 65.89
CA LEU G 886 7.72 48.77 66.37
C LEU G 886 7.82 49.96 67.32
N VAL G 887 6.68 50.63 67.52
CA VAL G 887 6.58 51.81 68.39
C VAL G 887 5.26 51.77 69.15
N THR G 888 5.35 51.77 70.47
CA THR G 888 4.18 51.60 71.31
C THR G 888 3.62 52.95 71.77
N HIS G 889 2.56 52.88 72.58
CA HIS G 889 1.93 54.06 73.17
C HIS G 889 1.83 53.88 74.68
N LYS G 890 1.05 52.89 75.11
CA LYS G 890 0.97 52.56 76.52
C LYS G 890 2.34 52.15 77.03
N LEU G 891 2.71 52.69 78.20
CA LEU G 891 4.03 52.46 78.76
C LEU G 891 4.13 51.18 79.59
N GLN G 892 3.00 50.55 79.90
CA GLN G 892 3.03 49.39 80.78
C GLN G 892 3.60 48.16 80.08
N TYR G 893 3.11 47.83 78.89
CA TYR G 893 3.51 46.63 78.18
C TYR G 893 4.96 46.68 77.72
N LEU G 894 5.63 47.82 77.88
CA LEU G 894 7.00 47.99 77.40
C LEU G 894 7.95 46.90 77.86
N PRO G 895 7.80 46.31 79.04
CA PRO G 895 8.82 45.37 79.54
C PRO G 895 9.16 44.21 78.60
N HIS G 896 8.19 43.79 77.79
CA HIS G 896 8.44 42.70 76.85
C HIS G 896 9.47 43.06 75.80
N ALA G 897 9.87 44.33 75.73
CA ALA G 897 10.82 44.77 74.72
C ALA G 897 12.24 44.42 75.15
N ASP G 898 12.95 43.66 74.30
CA ASP G 898 14.38 43.45 74.49
C ASP G 898 15.11 44.78 74.52
N TRP G 899 14.95 45.59 73.47
CA TRP G 899 15.64 46.86 73.38
C TRP G 899 14.61 47.97 73.39
N ILE G 900 15.03 49.16 73.83
CA ILE G 900 14.16 50.31 73.98
C ILE G 900 14.94 51.56 73.58
N ILE G 901 14.24 52.56 73.06
CA ILE G 901 14.82 53.86 72.77
C ILE G 901 13.71 54.90 72.83
N ALA G 902 14.08 56.12 73.23
CA ALA G 902 13.14 57.21 73.42
C ALA G 902 13.62 58.42 72.65
N MET G 903 12.75 59.42 72.51
CA MET G 903 13.04 60.58 71.69
C MET G 903 12.85 61.87 72.47
N LYS G 904 13.82 62.77 72.35
CA LYS G 904 13.74 64.10 72.96
C LYS G 904 14.07 65.14 71.91
N ASP G 905 13.09 66.00 71.63
CA ASP G 905 13.21 67.00 70.58
C ASP G 905 13.58 66.31 69.29
N GLY G 906 14.76 66.62 68.75
CA GLY G 906 15.25 65.93 67.59
C GLY G 906 16.21 64.78 67.82
N THR G 907 16.86 64.71 68.97
CA THR G 907 17.93 63.74 69.20
C THR G 907 17.50 62.68 70.19
N ILE G 908 18.08 61.49 70.02
CA ILE G 908 17.83 60.39 70.94
C ILE G 908 18.29 60.81 72.33
N GLN G 909 17.42 60.68 73.31
CA GLN G 909 17.80 61.01 74.67
C GLN G 909 18.84 60.05 75.21
N ARG G 910 18.71 58.77 74.88
CA ARG G 910 19.69 57.77 75.30
C ARG G 910 19.62 56.58 74.35
N GLU G 911 20.70 55.82 74.32
CA GLU G 911 20.78 54.61 73.52
C GLU G 911 21.28 53.47 74.39
N GLY G 912 20.45 52.47 74.58
CA GLY G 912 20.78 51.38 75.48
C GLY G 912 19.52 50.72 76.00
N THR G 913 19.66 50.10 77.16
CA THR G 913 18.59 49.31 77.76
C THR G 913 17.84 50.15 78.79
N LEU G 914 16.86 49.53 79.45
CA LEU G 914 16.06 50.26 80.42
C LEU G 914 16.79 50.48 81.75
N LYS G 915 17.97 49.87 81.92
CA LYS G 915 18.69 49.97 83.19
C LYS G 915 19.44 51.31 83.25
N ASP G 916 20.38 51.52 82.34
CA ASP G 916 21.18 52.74 82.39
C ASP G 916 20.33 54.01 82.36
N PHE G 917 19.22 54.00 81.62
CA PHE G 917 18.37 55.18 81.57
C PHE G 917 17.54 55.32 82.84
N GLN G 918 17.13 54.20 83.42
CA GLN G 918 16.60 54.24 84.78
C GLN G 918 17.62 54.90 85.70
N ARG G 919 18.90 54.58 85.48
CA ARG G 919 19.98 55.26 86.16
C ARG G 919 20.13 56.70 85.66
N SER G 920 19.54 57.03 84.51
CA SER G 920 19.48 58.41 84.07
C SER G 920 18.25 59.13 84.59
N GLU G 921 17.50 58.50 85.50
CA GLU G 921 16.29 59.11 86.08
C GLU G 921 15.34 59.53 84.98
N CYS G 922 15.31 58.72 83.93
CA CYS G 922 14.83 59.12 82.63
C CYS G 922 13.54 58.37 82.31
N GLN G 923 13.07 58.47 81.06
CA GLN G 923 11.78 57.90 80.69
C GLN G 923 11.60 56.48 81.22
N LEU G 924 12.65 55.67 81.13
CA LEU G 924 12.59 54.37 81.82
C LEU G 924 12.44 54.55 83.32
N PHE G 925 13.18 55.46 83.95
CA PHE G 925 12.93 55.73 85.36
C PHE G 925 11.70 56.60 85.53
N GLU G 926 11.21 57.19 84.44
CA GLU G 926 10.04 58.06 84.55
C GLU G 926 8.77 57.26 84.67
N HIS G 927 8.58 56.28 83.79
CA HIS G 927 7.42 55.39 83.92
C HIS G 927 7.46 54.69 85.26
N TRP G 928 8.63 54.68 85.91
CA TRP G 928 8.70 54.30 87.31
C TRP G 928 8.17 55.41 88.21
N LYS G 929 8.79 56.59 88.19
CA LYS G 929 8.30 57.74 88.96
C LYS G 929 6.87 58.10 88.65
N THR G 930 6.61 58.69 87.48
CA THR G 930 5.25 59.01 87.04
C THR G 930 4.84 57.98 85.99
N LEU G 931 3.90 57.11 86.34
CA LEU G 931 3.51 56.03 85.44
C LEU G 931 2.49 56.47 84.40
N TRP G 998 -39.56 50.02 25.70
CA TRP G 998 -40.76 50.67 25.21
C TRP G 998 -41.67 51.03 26.35
N ARG G 999 -41.32 50.56 27.55
CA ARG G 999 -42.21 50.71 28.70
C ARG G 999 -42.26 52.14 29.21
N ALA G 1000 -41.16 52.89 29.06
CA ALA G 1000 -41.08 54.23 29.61
C ALA G 1000 -41.96 55.21 28.85
N CYS G 1001 -42.01 55.11 27.52
CA CYS G 1001 -43.04 55.85 26.79
C CYS G 1001 -44.40 55.57 27.40
N THR G 1002 -44.71 54.30 27.62
CA THR G 1002 -45.96 53.95 28.30
C THR G 1002 -45.94 54.41 29.75
N LYS G 1003 -44.74 54.51 30.34
CA LYS G 1003 -44.65 54.87 31.75
C LYS G 1003 -44.16 56.30 31.96
N TYR G 1004 -42.88 56.56 31.70
CA TYR G 1004 -42.32 57.89 31.92
C TYR G 1004 -43.09 58.93 31.13
N LEU G 1005 -43.09 58.80 29.79
CA LEU G 1005 -43.79 59.77 28.97
C LEU G 1005 -45.26 59.88 29.36
N SER G 1006 -45.76 58.93 30.15
CA SER G 1006 -47.08 59.12 30.72
C SER G 1006 -47.11 60.22 31.77
N SER G 1007 -45.95 60.83 32.09
CA SER G 1007 -45.87 61.88 33.11
C SER G 1007 -46.61 63.15 32.74
N ALA G 1008 -47.18 63.26 31.53
CA ALA G 1008 -47.81 64.50 31.11
C ALA G 1008 -48.99 64.20 30.18
N GLY G 1009 -49.46 65.27 29.55
CA GLY G 1009 -50.57 65.27 28.62
C GLY G 1009 -50.13 64.98 27.21
N ILE G 1010 -49.11 64.13 27.08
CA ILE G 1010 -48.09 64.15 26.03
C ILE G 1010 -48.62 64.40 24.62
N LEU G 1011 -49.85 63.95 24.33
CA LEU G 1011 -50.43 64.25 23.02
C LEU G 1011 -50.47 65.76 22.76
N LEU G 1012 -50.56 66.56 23.83
CA LEU G 1012 -50.55 68.02 23.66
C LEU G 1012 -49.23 68.50 23.06
N LEU G 1013 -48.15 67.79 23.33
CA LEU G 1013 -46.87 68.05 22.69
C LEU G 1013 -46.78 67.48 21.29
N SER G 1014 -47.62 66.49 20.97
CA SER G 1014 -47.59 65.87 19.65
C SER G 1014 -47.84 66.89 18.55
N LEU G 1015 -49.09 67.35 18.44
CA LEU G 1015 -49.52 68.13 17.27
C LEU G 1015 -48.68 69.37 17.06
N LEU G 1016 -48.35 70.09 18.14
CA LEU G 1016 -47.56 71.30 18.01
C LEU G 1016 -46.22 71.00 17.35
N VAL G 1017 -45.55 69.94 17.78
CA VAL G 1017 -44.30 69.58 17.13
C VAL G 1017 -44.55 69.31 15.66
N PHE G 1018 -45.68 68.65 15.36
CA PHE G 1018 -46.06 68.43 13.97
C PHE G 1018 -46.37 69.75 13.28
N SER G 1019 -46.96 70.69 14.02
CA SER G 1019 -47.15 72.02 13.48
C SER G 1019 -45.82 72.67 13.11
N GLN G 1020 -44.72 72.13 13.64
CA GLN G 1020 -43.40 72.48 13.14
C GLN G 1020 -43.12 71.80 11.80
N LEU G 1021 -43.28 70.47 11.76
CA LEU G 1021 -42.82 69.70 10.61
C LEU G 1021 -43.47 70.18 9.33
N LEU G 1022 -44.81 70.15 9.27
CA LEU G 1022 -45.49 70.67 8.09
C LEU G 1022 -45.02 72.07 7.76
N LYS G 1023 -44.87 72.92 8.79
CA LYS G 1023 -44.40 74.28 8.58
C LYS G 1023 -43.14 74.29 7.73
N HIS G 1024 -42.15 73.48 8.10
CA HIS G 1024 -40.94 73.41 7.28
C HIS G 1024 -41.26 72.90 5.89
N MET G 1025 -41.95 71.76 5.79
CA MET G 1025 -42.15 71.12 4.50
C MET G 1025 -42.85 72.04 3.53
N VAL G 1026 -44.02 72.55 3.91
CA VAL G 1026 -44.73 73.50 3.08
C VAL G 1026 -43.85 74.69 2.75
N LEU G 1027 -43.09 75.16 3.74
CA LEU G 1027 -42.20 76.30 3.52
C LEU G 1027 -41.33 76.07 2.29
N VAL G 1028 -40.87 74.84 2.12
CA VAL G 1028 -40.10 74.52 0.92
C VAL G 1028 -41.02 74.41 -0.29
N ALA G 1029 -42.13 73.68 -0.15
CA ALA G 1029 -43.01 73.33 -1.26
C ALA G 1029 -43.42 74.55 -2.08
N ILE G 1030 -43.87 75.61 -1.42
CA ILE G 1030 -44.23 76.84 -2.13
C ILE G 1030 -43.00 77.58 -2.59
N ASP G 1031 -41.93 77.59 -1.78
CA ASP G 1031 -40.63 77.99 -2.31
C ASP G 1031 -40.23 77.04 -3.43
N TYR G 1032 -40.75 75.82 -3.39
CA TYR G 1032 -40.55 74.89 -4.49
C TYR G 1032 -41.46 75.21 -5.66
N TRP G 1033 -42.57 75.89 -5.41
CA TRP G 1033 -43.50 76.24 -6.48
C TRP G 1033 -43.46 77.73 -6.78
N LEU G 1034 -44.03 78.55 -5.89
CA LEU G 1034 -44.19 79.98 -6.15
C LEU G 1034 -42.90 80.62 -6.62
N ALA G 1035 -41.77 80.25 -6.02
CA ALA G 1035 -40.51 80.74 -6.52
C ALA G 1035 -40.18 80.12 -7.87
N LYS G 1036 -40.11 78.80 -7.93
CA LYS G 1036 -39.78 78.13 -9.16
C LYS G 1036 -40.83 78.37 -10.25
N TRP G 1037 -42.10 78.52 -9.86
CA TRP G 1037 -43.12 78.89 -10.83
C TRP G 1037 -42.89 80.28 -11.40
N THR G 1038 -42.36 81.21 -10.59
CA THR G 1038 -41.89 82.48 -11.14
C THR G 1038 -40.67 82.27 -12.04
N ASP G 1039 -39.72 81.44 -11.61
CA ASP G 1039 -38.65 81.00 -12.50
C ASP G 1039 -39.21 80.42 -13.79
N SER G 1040 -40.42 79.87 -13.73
CA SER G 1040 -41.15 79.43 -14.90
C SER G 1040 -42.14 80.51 -15.35
N LEU G 1059 -46.47 90.69 -10.82
CA LEU G 1059 -46.68 90.90 -9.39
C LEU G 1059 -46.43 89.62 -8.63
N ASP G 1060 -45.95 88.59 -9.34
CA ASP G 1060 -45.69 87.31 -8.71
C ASP G 1060 -44.58 87.37 -7.67
N GLN G 1061 -43.68 88.35 -7.77
CA GLN G 1061 -42.64 88.51 -6.75
C GLN G 1061 -43.28 88.72 -5.39
N SER G 1062 -44.41 89.42 -5.36
CA SER G 1062 -45.16 89.57 -4.12
C SER G 1062 -45.80 88.26 -3.68
N VAL G 1063 -46.16 87.37 -4.60
CA VAL G 1063 -46.58 86.04 -4.20
C VAL G 1063 -45.43 85.31 -3.51
N TYR G 1064 -44.23 85.43 -4.09
CA TYR G 1064 -43.04 84.95 -3.40
C TYR G 1064 -42.87 85.59 -2.05
N ALA G 1065 -43.34 86.83 -1.88
CA ALA G 1065 -43.34 87.43 -0.55
C ALA G 1065 -44.39 86.81 0.35
N MET G 1066 -45.53 86.41 -0.21
CA MET G 1066 -46.53 85.70 0.56
C MET G 1066 -45.96 84.43 1.14
N VAL G 1067 -45.32 83.61 0.30
CA VAL G 1067 -44.67 82.38 0.75
C VAL G 1067 -43.65 82.72 1.82
N PHE G 1068 -42.96 83.85 1.67
CA PHE G 1068 -42.01 84.29 2.68
C PHE G 1068 -42.72 84.56 4.01
N THR G 1069 -43.92 85.12 3.95
CA THR G 1069 -44.68 85.41 5.16
C THR G 1069 -45.09 84.13 5.87
N LEU G 1070 -45.78 83.24 5.15
CA LEU G 1070 -46.23 82.00 5.78
C LEU G 1070 -45.05 81.20 6.32
N LEU G 1071 -43.94 81.20 5.58
CA LEU G 1071 -42.73 80.56 6.06
C LEU G 1071 -42.24 81.21 7.35
N CYS G 1072 -42.25 82.54 7.42
CA CYS G 1072 -41.72 83.24 8.58
C CYS G 1072 -42.55 82.95 9.83
N SER G 1073 -43.85 83.24 9.77
CA SER G 1073 -44.68 83.05 10.95
C SER G 1073 -44.80 81.57 11.31
N LEU G 1074 -44.74 80.70 10.31
CA LEU G 1074 -44.74 79.26 10.59
C LEU G 1074 -43.46 78.84 11.32
N GLY G 1075 -42.33 79.42 10.93
CA GLY G 1075 -41.08 79.11 11.61
C GLY G 1075 -41.02 79.69 13.00
N ILE G 1076 -41.70 80.81 13.23
CA ILE G 1076 -41.72 81.40 14.57
C ILE G 1076 -42.67 80.62 15.48
N VAL G 1077 -43.82 80.23 14.94
CA VAL G 1077 -44.77 79.44 15.71
C VAL G 1077 -44.18 78.08 16.07
N LEU G 1078 -43.65 77.38 15.06
CA LEU G 1078 -42.90 76.15 15.31
C LEU G 1078 -41.77 76.41 16.29
N CYS G 1079 -41.12 77.57 16.17
CA CYS G 1079 -39.98 77.90 17.01
C CYS G 1079 -40.35 77.91 18.48
N LEU G 1080 -41.35 78.71 18.86
CA LEU G 1080 -41.77 78.75 20.25
C LEU G 1080 -42.32 77.41 20.70
N VAL G 1081 -43.26 76.86 19.92
CA VAL G 1081 -43.97 75.65 20.35
C VAL G 1081 -42.97 74.54 20.64
N THR G 1082 -41.94 74.42 19.78
CA THR G 1082 -40.92 73.41 19.97
C THR G 1082 -40.25 73.55 21.33
N SER G 1083 -39.48 74.62 21.53
CA SER G 1083 -38.67 74.75 22.73
C SER G 1083 -39.55 74.75 23.99
N VAL G 1084 -40.50 75.68 24.06
CA VAL G 1084 -41.31 75.79 25.26
C VAL G 1084 -42.00 74.46 25.54
N THR G 1085 -42.45 73.77 24.49
CA THR G 1085 -42.99 72.43 24.67
C THR G 1085 -41.96 71.52 25.32
N VAL G 1086 -40.70 71.62 24.88
CA VAL G 1086 -39.66 70.73 25.40
C VAL G 1086 -39.42 70.97 26.89
N GLU G 1087 -39.06 72.20 27.24
CA GLU G 1087 -38.73 72.48 28.64
C GLU G 1087 -39.93 72.26 29.54
N TRP G 1088 -41.13 72.59 29.06
CA TRP G 1088 -42.34 72.31 29.82
C TRP G 1088 -42.48 70.83 30.08
N THR G 1089 -42.32 70.00 29.04
CA THR G 1089 -42.38 68.56 29.21
C THR G 1089 -41.39 68.07 30.25
N GLY G 1090 -40.11 68.43 30.08
CA GLY G 1090 -39.10 67.95 31.01
C GLY G 1090 -39.36 68.36 32.44
N LEU G 1091 -39.50 69.67 32.68
CA LEU G 1091 -39.79 70.12 34.04
C LEU G 1091 -40.99 69.38 34.61
N LYS G 1092 -42.06 69.27 33.82
CA LYS G 1092 -43.26 68.59 34.31
C LYS G 1092 -42.94 67.19 34.80
N VAL G 1093 -42.38 66.35 33.93
CA VAL G 1093 -42.08 64.97 34.32
C VAL G 1093 -41.15 64.96 35.53
N ALA G 1094 -40.28 65.97 35.64
CA ALA G 1094 -39.37 66.02 36.77
C ALA G 1094 -40.11 66.17 38.09
N LYS G 1095 -40.89 67.25 38.23
CA LYS G 1095 -41.56 67.50 39.49
C LYS G 1095 -42.56 66.39 39.81
N ARG G 1096 -43.19 65.83 38.78
CA ARG G 1096 -43.99 64.63 39.00
C ARG G 1096 -43.16 63.52 39.61
N LEU G 1097 -42.17 63.04 38.87
CA LEU G 1097 -41.41 61.83 39.19
C LEU G 1097 -40.66 61.91 40.50
N HIS G 1098 -39.78 62.89 40.69
CA HIS G 1098 -38.94 62.93 41.89
C HIS G 1098 -39.82 62.86 43.14
N ARG G 1099 -40.77 63.78 43.22
CA ARG G 1099 -41.78 63.82 44.28
C ARG G 1099 -42.43 62.46 44.47
N SER G 1100 -43.09 61.95 43.43
CA SER G 1100 -43.86 60.72 43.57
C SER G 1100 -42.99 59.56 44.06
N LEU G 1101 -41.95 59.21 43.31
CA LEU G 1101 -41.08 58.09 43.64
C LEU G 1101 -40.50 58.24 45.04
N LEU G 1102 -39.72 59.29 45.25
CA LEU G 1102 -39.11 59.49 46.56
C LEU G 1102 -40.13 59.40 47.68
N ASN G 1103 -41.28 60.06 47.50
CA ASN G 1103 -42.29 60.10 48.56
C ASN G 1103 -42.82 58.70 48.88
N ARG G 1104 -43.39 58.02 47.88
CA ARG G 1104 -43.93 56.69 48.11
C ARG G 1104 -42.87 55.73 48.65
N ILE G 1105 -41.61 55.98 48.33
CA ILE G 1105 -40.50 55.13 48.77
C ILE G 1105 -40.24 55.36 50.26
N ILE G 1106 -40.18 56.64 50.65
CA ILE G 1106 -39.68 56.99 51.99
C ILE G 1106 -40.44 56.23 53.06
N LEU G 1107 -41.75 56.38 53.11
CA LEU G 1107 -42.57 55.64 54.05
C LEU G 1107 -42.67 54.21 53.54
N ALA G 1108 -42.22 53.27 54.36
CA ALA G 1108 -42.15 51.87 53.94
C ALA G 1108 -41.68 51.01 55.09
N PRO G 1109 -41.85 49.69 54.99
CA PRO G 1109 -41.28 48.80 56.01
C PRO G 1109 -39.76 48.71 55.86
N MET G 1110 -39.11 47.88 56.66
CA MET G 1110 -37.70 47.55 56.44
C MET G 1110 -37.64 46.09 56.00
N ARG G 1111 -37.47 45.90 54.69
CA ARG G 1111 -37.02 44.65 54.10
C ARG G 1111 -35.98 45.02 53.04
N PHE G 1112 -36.45 45.71 51.99
CA PHE G 1112 -35.57 46.22 50.94
C PHE G 1112 -34.70 47.35 51.46
N PHE G 1113 -35.19 48.11 52.45
CA PHE G 1113 -34.34 49.10 53.10
C PHE G 1113 -33.09 48.46 53.65
N GLU G 1114 -33.20 47.22 54.15
CA GLU G 1114 -32.06 46.44 54.58
C GLU G 1114 -31.58 45.42 53.56
N THR G 1115 -32.30 45.25 52.45
CA THR G 1115 -31.88 44.25 51.47
C THR G 1115 -30.85 44.74 50.47
N THR G 1116 -30.98 45.96 49.95
CA THR G 1116 -30.34 46.34 48.68
C THR G 1116 -29.39 47.50 48.92
N PRO G 1117 -28.11 47.20 49.13
CA PRO G 1117 -27.24 48.11 49.87
C PRO G 1117 -27.02 49.50 49.24
N LEU G 1118 -28.07 50.33 49.27
CA LEU G 1118 -27.99 51.75 48.98
C LEU G 1118 -27.70 52.02 47.50
N GLY G 1119 -27.37 50.98 46.74
CA GLY G 1119 -27.27 51.14 45.31
C GLY G 1119 -28.60 51.07 44.59
N SER G 1120 -29.69 50.88 45.32
CA SER G 1120 -31.02 50.77 44.75
C SER G 1120 -31.78 52.09 44.77
N ILE G 1121 -31.19 53.14 45.34
CA ILE G 1121 -31.86 54.40 45.58
C ILE G 1121 -31.02 55.53 44.99
N LEU G 1122 -29.78 55.64 45.44
CA LEU G 1122 -28.88 56.71 45.00
C LEU G 1122 -28.74 56.77 43.48
N ASN G 1123 -29.08 55.69 42.77
CA ASN G 1123 -28.84 55.65 41.33
C ASN G 1123 -29.68 56.62 40.54
N ARG G 1124 -31.00 56.55 40.68
CA ARG G 1124 -31.88 57.37 39.84
C ARG G 1124 -31.63 58.85 40.07
N PHE G 1125 -31.70 59.31 41.33
CA PHE G 1125 -31.53 60.72 41.63
C PHE G 1125 -30.19 61.23 41.11
N SER G 1126 -29.11 60.50 41.38
CA SER G 1126 -27.83 60.81 40.76
C SER G 1126 -27.95 60.76 39.24
N SER G 1127 -28.22 59.57 38.70
CA SER G 1127 -28.17 59.37 37.25
C SER G 1127 -29.40 59.94 36.54
N ASP G 1128 -30.55 59.30 36.71
CA ASP G 1128 -31.69 59.56 35.84
C ASP G 1128 -32.34 60.91 36.08
N CYS G 1129 -32.03 61.57 37.20
CA CYS G 1129 -32.68 62.85 37.51
C CYS G 1129 -31.94 63.98 36.81
N ASN G 1130 -30.70 64.26 37.23
CA ASN G 1130 -29.91 65.28 36.57
C ASN G 1130 -29.58 64.89 35.14
N THR G 1131 -29.39 63.60 34.88
CA THR G 1131 -29.20 63.13 33.51
C THR G 1131 -30.53 63.04 32.78
N ILE G 1132 -31.63 63.07 33.54
CA ILE G 1132 -32.93 63.22 32.89
C ILE G 1132 -33.09 64.64 32.36
N ASP G 1133 -32.83 65.63 33.22
CA ASP G 1133 -32.84 67.02 32.78
C ASP G 1133 -31.82 67.24 31.67
N GLN G 1134 -30.58 66.84 31.92
CA GLN G 1134 -29.48 66.96 30.98
C GLN G 1134 -29.78 66.24 29.68
N HIS G 1135 -29.76 64.91 29.73
CA HIS G 1135 -29.88 64.10 28.54
C HIS G 1135 -31.31 64.06 28.00
N ILE G 1136 -32.27 63.68 28.82
CA ILE G 1136 -33.60 63.29 28.36
C ILE G 1136 -34.25 64.41 27.56
N PRO G 1137 -34.24 65.64 28.07
CA PRO G 1137 -34.97 66.71 27.36
C PRO G 1137 -34.42 66.99 25.98
N SER G 1138 -33.10 67.18 25.86
CA SER G 1138 -32.51 67.39 24.54
C SER G 1138 -32.67 66.16 23.67
N THR G 1139 -32.87 64.99 24.29
CA THR G 1139 -33.02 63.75 23.54
C THR G 1139 -34.37 63.71 22.85
N LEU G 1140 -35.45 63.79 23.62
CA LEU G 1140 -36.79 63.81 23.02
C LEU G 1140 -36.83 64.77 21.83
N GLU G 1141 -36.19 65.94 21.97
CA GLU G 1141 -36.08 66.86 20.84
C GLU G 1141 -35.32 66.23 19.68
N CYS G 1142 -34.29 65.44 19.99
CA CYS G 1142 -33.51 64.81 18.93
C CYS G 1142 -34.34 63.78 18.19
N LEU G 1143 -35.15 63.02 18.90
CA LEU G 1143 -36.09 62.14 18.22
C LEU G 1143 -37.07 62.95 17.39
N SER G 1144 -37.47 64.10 17.89
CA SER G 1144 -38.39 64.98 17.16
C SER G 1144 -37.80 65.39 15.82
N ARG G 1145 -36.76 66.22 15.83
CA ARG G 1145 -36.15 66.69 14.59
C ARG G 1145 -35.72 65.50 13.74
N SER G 1146 -35.39 64.40 14.42
CA SER G 1146 -35.01 63.16 13.76
C SER G 1146 -36.11 62.65 12.84
N THR G 1147 -37.18 62.11 13.43
CA THR G 1147 -38.24 61.53 12.61
C THR G 1147 -38.86 62.59 11.71
N LEU G 1148 -38.78 63.86 12.13
CA LEU G 1148 -39.11 64.97 11.24
C LEU G 1148 -38.33 64.85 9.94
N LEU G 1149 -37.00 64.67 10.03
CA LEU G 1149 -36.21 64.48 8.83
C LEU G 1149 -36.58 63.18 8.13
N CYS G 1150 -36.86 62.13 8.90
CA CYS G 1150 -37.21 60.83 8.32
C CYS G 1150 -38.43 60.93 7.40
N VAL G 1151 -39.60 61.13 7.99
CA VAL G 1151 -40.82 61.20 7.19
C VAL G 1151 -40.74 62.37 6.22
N SER G 1152 -40.06 63.45 6.64
CA SER G 1152 -39.94 64.61 5.77
C SER G 1152 -39.31 64.25 4.44
N ALA G 1153 -38.17 63.57 4.47
CA ALA G 1153 -37.58 63.05 3.25
C ALA G 1153 -38.51 62.05 2.58
N LEU G 1154 -39.17 61.20 3.37
CA LEU G 1154 -40.02 60.16 2.80
C LEU G 1154 -41.08 60.74 1.88
N THR G 1155 -41.79 61.77 2.33
CA THR G 1155 -42.85 62.38 1.52
C THR G 1155 -42.29 63.37 0.50
N VAL G 1156 -41.21 64.08 0.85
CA VAL G 1156 -40.62 65.02 -0.09
C VAL G 1156 -40.14 64.29 -1.33
N ILE G 1157 -39.25 63.31 -1.13
CA ILE G 1157 -38.78 62.50 -2.26
C ILE G 1157 -39.93 61.69 -2.83
N SER G 1158 -40.84 61.20 -1.98
CA SER G 1158 -42.00 60.46 -2.47
C SER G 1158 -42.77 61.29 -3.49
N TYR G 1159 -42.81 62.60 -3.30
CA TYR G 1159 -43.35 63.48 -4.33
C TYR G 1159 -42.36 63.62 -5.47
N VAL G 1160 -41.07 63.74 -5.17
CA VAL G 1160 -40.05 63.98 -6.18
C VAL G 1160 -40.04 62.92 -7.26
N THR G 1161 -40.50 61.71 -6.98
CA THR G 1161 -40.62 60.70 -7.99
C THR G 1161 -42.08 60.25 -8.06
N PRO G 1162 -42.59 59.95 -9.25
CA PRO G 1162 -43.94 59.36 -9.32
C PRO G 1162 -43.97 58.03 -8.61
N VAL G 1163 -42.87 57.29 -8.66
CA VAL G 1163 -42.65 56.18 -7.75
C VAL G 1163 -41.23 56.33 -7.21
N PHE G 1164 -41.11 56.65 -5.93
CA PHE G 1164 -39.87 56.51 -5.21
C PHE G 1164 -39.83 55.25 -4.36
N LEU G 1165 -40.91 54.48 -4.32
CA LEU G 1165 -40.90 53.22 -3.60
C LEU G 1165 -40.07 52.18 -4.35
N VAL G 1166 -40.07 52.27 -5.68
CA VAL G 1166 -39.03 51.61 -6.47
C VAL G 1166 -37.67 51.91 -5.88
N ALA G 1167 -37.47 53.15 -5.42
CA ALA G 1167 -36.24 53.52 -4.76
C ALA G 1167 -36.24 53.11 -3.29
N LEU G 1168 -37.39 52.79 -2.72
CA LEU G 1168 -37.48 52.62 -1.27
C LEU G 1168 -37.24 51.17 -0.84
N LEU G 1169 -38.08 50.25 -1.33
CA LEU G 1169 -38.38 49.02 -0.58
C LEU G 1169 -37.14 48.30 -0.08
N PRO G 1170 -36.28 47.80 -0.96
CA PRO G 1170 -35.07 47.12 -0.45
C PRO G 1170 -34.13 48.08 0.25
N LEU G 1171 -33.95 49.28 -0.31
CA LEU G 1171 -33.08 50.30 0.25
C LEU G 1171 -33.47 50.60 1.69
N ALA G 1172 -34.67 51.18 1.86
CA ALA G 1172 -35.12 51.57 3.18
C ALA G 1172 -35.17 50.38 4.13
N VAL G 1173 -35.78 49.28 3.69
CA VAL G 1173 -35.97 48.12 4.54
C VAL G 1173 -34.62 47.66 5.08
N VAL G 1174 -33.74 47.21 4.19
CA VAL G 1174 -32.45 46.70 4.62
C VAL G 1174 -31.69 47.74 5.43
N CYS G 1175 -31.95 49.03 5.18
CA CYS G 1175 -31.39 50.06 6.05
C CYS G 1175 -31.80 49.76 7.48
N TYR G 1176 -33.12 49.77 7.71
CA TYR G 1176 -33.62 49.44 9.04
C TYR G 1176 -33.09 48.12 9.58
N PHE G 1177 -32.75 47.16 8.72
CA PHE G 1177 -32.12 45.92 9.21
C PHE G 1177 -30.71 46.20 9.73
N ILE G 1178 -29.93 46.98 8.98
CA ILE G 1178 -28.59 47.34 9.42
C ILE G 1178 -28.64 47.99 10.79
N GLN G 1179 -29.40 49.08 10.90
CA GLN G 1179 -29.51 49.74 12.19
C GLN G 1179 -29.99 48.75 13.24
N LYS G 1180 -30.86 47.83 12.82
CA LYS G 1180 -31.40 46.85 13.75
C LYS G 1180 -30.29 46.07 14.43
N TYR G 1181 -29.45 45.37 13.66
CA TYR G 1181 -28.38 44.67 14.35
C TYR G 1181 -27.40 45.65 14.98
N PHE G 1182 -27.47 46.93 14.64
CA PHE G 1182 -26.53 47.90 15.16
C PHE G 1182 -26.86 48.33 16.59
N ARG G 1183 -28.13 48.31 16.97
CA ARG G 1183 -28.48 48.72 18.34
C ARG G 1183 -27.81 47.82 19.38
N VAL G 1184 -27.77 46.51 19.14
CA VAL G 1184 -27.08 45.60 20.05
C VAL G 1184 -25.63 46.00 20.19
N ALA G 1185 -25.05 46.55 19.12
CA ALA G 1185 -23.72 47.14 19.23
C ALA G 1185 -23.73 48.34 20.15
N SER G 1186 -24.73 49.21 20.02
CA SER G 1186 -24.80 50.36 20.90
C SER G 1186 -24.72 49.92 22.35
N ARG G 1187 -25.73 49.17 22.78
CA ARG G 1187 -25.79 48.71 24.15
C ARG G 1187 -24.50 47.98 24.52
N ASP G 1188 -23.97 47.20 23.59
CA ASP G 1188 -22.73 46.46 23.84
C ASP G 1188 -21.59 47.40 24.20
N LEU G 1189 -21.10 48.14 23.21
CA LEU G 1189 -19.97 49.03 23.38
C LEU G 1189 -20.19 49.96 24.56
N GLN G 1190 -21.20 50.84 24.48
CA GLN G 1190 -21.41 51.79 25.56
C GLN G 1190 -21.47 51.11 26.92
N GLN G 1191 -22.05 49.91 26.97
CA GLN G 1191 -21.96 49.11 28.19
C GLN G 1191 -20.51 48.88 28.55
N LEU G 1192 -19.66 48.60 27.56
CA LEU G 1192 -18.25 48.35 27.85
C LEU G 1192 -17.56 49.60 28.37
N ASP G 1193 -17.90 50.78 27.85
CA ASP G 1193 -17.31 52.00 28.37
C ASP G 1193 -17.72 52.25 29.81
N ASP G 1194 -19.03 52.28 30.06
CA ASP G 1194 -19.51 52.43 31.43
C ASP G 1194 -18.84 51.44 32.36
N THR G 1195 -18.54 50.23 31.86
CA THR G 1195 -17.75 49.30 32.65
C THR G 1195 -16.36 49.85 32.91
N THR G 1196 -15.63 50.20 31.84
CA THR G 1196 -14.21 50.50 32.01
C THR G 1196 -13.96 51.79 32.75
N GLN G 1197 -14.99 52.59 33.03
CA GLN G 1197 -14.73 53.85 33.71
C GLN G 1197 -14.30 53.67 35.17
N LEU G 1198 -14.94 52.74 35.88
CA LEU G 1198 -14.80 52.71 37.33
C LEU G 1198 -13.38 52.41 37.78
N PRO G 1199 -12.72 51.38 37.28
CA PRO G 1199 -11.45 50.96 37.91
C PRO G 1199 -10.36 52.02 37.83
N LEU G 1200 -10.44 52.95 36.89
CA LEU G 1200 -9.43 54.00 36.82
C LEU G 1200 -9.50 54.87 38.07
N LEU G 1201 -10.67 55.46 38.34
CA LEU G 1201 -10.82 56.25 39.55
C LEU G 1201 -10.65 55.38 40.78
N SER G 1202 -10.85 54.07 40.64
CA SER G 1202 -10.45 53.17 41.71
C SER G 1202 -8.95 53.19 41.96
N HIS G 1203 -8.15 53.19 40.91
CA HIS G 1203 -6.70 53.16 41.01
C HIS G 1203 -6.08 54.48 41.44
N PHE G 1204 -6.28 55.58 40.69
CA PHE G 1204 -5.73 56.87 41.06
C PHE G 1204 -5.94 57.17 42.55
N ALA G 1205 -7.20 57.22 42.97
CA ALA G 1205 -7.51 57.43 44.38
C ALA G 1205 -6.76 56.45 45.27
N GLU G 1206 -6.61 55.21 44.80
CA GLU G 1206 -5.90 54.21 45.61
C GLU G 1206 -4.49 54.66 45.91
N THR G 1207 -3.71 54.94 44.86
CA THR G 1207 -2.36 55.43 45.05
C THR G 1207 -2.32 56.67 45.91
N VAL G 1208 -3.35 57.52 45.80
CA VAL G 1208 -3.46 58.67 46.70
C VAL G 1208 -3.49 58.20 48.15
N GLU G 1209 -4.41 57.30 48.49
CA GLU G 1209 -4.57 56.88 49.88
C GLU G 1209 -3.30 56.25 50.41
N GLY G 1210 -2.72 55.33 49.66
CA GLY G 1210 -1.48 54.72 50.09
C GLY G 1210 -0.24 55.51 49.75
N LEU G 1211 -0.37 56.82 49.49
CA LEU G 1211 0.74 57.64 49.04
C LEU G 1211 2.01 57.37 49.83
N THR G 1212 1.91 57.17 51.14
CA THR G 1212 3.05 56.70 51.90
C THR G 1212 3.23 55.20 51.76
N THR G 1213 2.12 54.47 51.62
CA THR G 1213 2.17 53.01 51.71
C THR G 1213 3.04 52.40 50.62
N ILE G 1214 2.70 52.65 49.35
CA ILE G 1214 3.35 51.93 48.26
C ILE G 1214 4.81 52.36 48.14
N ARG G 1215 5.05 53.66 48.07
CA ARG G 1215 6.41 54.18 48.04
C ARG G 1215 7.22 53.59 49.18
N ALA G 1216 6.62 53.53 50.36
CA ALA G 1216 7.31 53.00 51.52
C ALA G 1216 7.64 51.53 51.34
N PHE G 1217 6.75 50.80 50.68
CA PHE G 1217 6.85 49.35 50.71
C PHE G 1217 7.54 48.75 49.49
N ARG G 1218 8.04 49.58 48.56
CA ARG G 1218 8.83 49.10 47.41
C ARG G 1218 8.03 48.16 46.50
N TYR G 1219 6.72 48.38 46.36
CA TYR G 1219 5.85 47.62 45.46
C TYR G 1219 5.56 48.32 44.13
N GLU G 1220 6.17 49.47 43.87
CA GLU G 1220 5.74 50.33 42.76
C GLU G 1220 5.53 49.59 41.45
N ALA G 1221 6.38 48.60 41.14
CA ALA G 1221 6.36 47.98 39.82
C ALA G 1221 5.04 47.27 39.55
N ARG G 1222 4.68 46.30 40.39
CA ARG G 1222 3.45 45.56 40.21
C ARG G 1222 2.29 46.52 40.01
N PHE G 1223 2.33 47.65 40.72
CA PHE G 1223 1.25 48.62 40.62
C PHE G 1223 1.25 49.30 39.26
N GLN G 1224 2.30 50.06 38.94
CA GLN G 1224 2.34 50.75 37.64
C GLN G 1224 1.93 49.82 36.51
N GLN G 1225 2.37 48.56 36.59
CA GLN G 1225 1.89 47.59 35.61
C GLN G 1225 0.38 47.50 35.67
N LYS G 1226 -0.18 47.46 36.89
CA LYS G 1226 -1.64 47.46 37.01
C LYS G 1226 -2.26 48.70 36.38
N LEU G 1227 -1.57 49.85 36.44
CA LEU G 1227 -2.05 51.03 35.72
C LEU G 1227 -2.18 50.73 34.25
N LEU G 1228 -1.05 50.43 33.59
CA LEU G 1228 -1.04 50.20 32.15
C LEU G 1228 -2.13 49.24 31.72
N GLU G 1229 -2.37 48.20 32.52
CA GLU G 1229 -3.52 47.33 32.30
C GLU G 1229 -4.79 48.13 32.08
N TYR G 1230 -5.27 48.77 33.14
CA TYR G 1230 -6.56 49.44 33.09
C TYR G 1230 -6.58 50.48 31.99
N THR G 1231 -5.45 51.12 31.73
CA THR G 1231 -5.36 52.00 30.58
C THR G 1231 -5.83 51.26 29.34
N ASP G 1232 -5.11 50.20 29.00
CA ASP G 1232 -5.38 49.49 27.76
C ASP G 1232 -6.84 49.07 27.67
N SER G 1233 -7.36 48.43 28.71
CA SER G 1233 -8.74 47.97 28.63
C SER G 1233 -9.69 49.14 28.40
N ASN G 1234 -9.52 50.22 29.18
CA ASN G 1234 -10.30 51.42 28.96
C ASN G 1234 -10.28 51.84 27.50
N ASN G 1235 -9.09 52.03 26.98
CA ASN G 1235 -8.97 52.74 25.73
C ASN G 1235 -9.30 51.88 24.52
N ILE G 1236 -9.17 50.56 24.61
CA ILE G 1236 -9.76 49.75 23.56
C ILE G 1236 -11.27 49.80 23.64
N ALA G 1237 -11.81 49.86 24.86
CA ALA G 1237 -13.25 50.04 24.97
C ALA G 1237 -13.69 51.26 24.18
N SER G 1238 -13.05 52.40 24.43
CA SER G 1238 -13.43 53.60 23.68
C SER G 1238 -13.22 53.40 22.19
N LEU G 1239 -12.06 52.86 21.80
CA LEU G 1239 -11.73 52.75 20.39
C LEU G 1239 -12.77 51.92 19.64
N PHE G 1240 -13.24 50.85 20.28
CA PHE G 1240 -14.38 50.12 19.72
C PHE G 1240 -15.62 50.99 19.69
N LEU G 1241 -15.85 51.79 20.73
CA LEU G 1241 -17.04 52.63 20.72
C LEU G 1241 -17.08 53.51 19.48
N THR G 1242 -16.18 54.49 19.44
CA THR G 1242 -16.13 55.39 18.29
C THR G 1242 -16.02 54.61 17.00
N ALA G 1243 -15.34 53.46 17.05
CA ALA G 1243 -15.23 52.61 15.89
C ALA G 1243 -16.62 52.26 15.34
N ALA G 1244 -17.43 51.65 16.19
CA ALA G 1244 -18.77 51.27 15.79
C ALA G 1244 -19.55 52.48 15.31
N ASN G 1245 -19.54 53.57 16.08
CA ASN G 1245 -20.25 54.77 15.66
C ASN G 1245 -19.91 55.12 14.21
N ARG G 1246 -18.66 55.39 13.96
CA ARG G 1246 -18.30 55.85 12.64
C ARG G 1246 -18.57 54.78 11.60
N TRP G 1247 -18.66 53.50 11.99
CA TRP G 1247 -19.22 52.49 11.10
C TRP G 1247 -20.64 52.87 10.72
N LEU G 1248 -21.47 53.15 11.73
CA LEU G 1248 -22.86 53.51 11.47
C LEU G 1248 -22.93 54.64 10.46
N GLU G 1249 -22.25 55.75 10.75
CA GLU G 1249 -22.33 56.89 9.84
C GLU G 1249 -21.88 56.50 8.45
N VAL G 1250 -20.73 55.84 8.34
CA VAL G 1250 -20.19 55.50 7.02
C VAL G 1250 -21.22 54.75 6.21
N ARG G 1251 -21.72 53.63 6.75
CA ARG G 1251 -22.64 52.82 5.97
C ARG G 1251 -23.90 53.60 5.63
N MET G 1252 -24.69 53.96 6.64
CA MET G 1252 -26.01 54.50 6.32
C MET G 1252 -25.88 55.73 5.43
N GLU G 1253 -24.81 56.50 5.62
CA GLU G 1253 -24.55 57.59 4.68
C GLU G 1253 -24.32 57.06 3.28
N TYR G 1254 -23.53 55.97 3.17
CA TYR G 1254 -23.23 55.40 1.87
C TYR G 1254 -24.49 54.99 1.13
N ILE G 1255 -25.36 54.20 1.77
CA ILE G 1255 -26.63 53.90 1.12
C ILE G 1255 -27.39 55.18 0.86
N GLY G 1256 -27.09 56.23 1.64
CA GLY G 1256 -27.57 57.54 1.29
C GLY G 1256 -27.16 57.93 -0.11
N ALA G 1257 -25.87 57.84 -0.40
CA ALA G 1257 -25.42 58.09 -1.75
C ALA G 1257 -26.17 57.22 -2.73
N CYS G 1258 -26.58 56.03 -2.28
CA CYS G 1258 -27.46 55.24 -3.15
C CYS G 1258 -28.77 55.94 -3.42
N VAL G 1259 -29.42 56.53 -2.40
CA VAL G 1259 -30.74 57.09 -2.69
C VAL G 1259 -30.62 58.38 -3.48
N VAL G 1260 -29.57 59.16 -3.25
CA VAL G 1260 -29.40 60.35 -4.07
C VAL G 1260 -29.13 59.95 -5.51
N LEU G 1261 -28.31 58.92 -5.73
CA LEU G 1261 -28.04 58.44 -7.07
C LEU G 1261 -29.33 58.00 -7.74
N ILE G 1262 -29.96 56.97 -7.19
CA ILE G 1262 -31.13 56.37 -7.81
C ILE G 1262 -32.21 57.42 -8.04
N ALA G 1263 -32.66 58.07 -6.97
CA ALA G 1263 -33.72 59.06 -7.10
C ALA G 1263 -33.34 60.20 -8.04
N ALA G 1264 -32.33 60.98 -7.62
CA ALA G 1264 -31.98 62.19 -8.34
C ALA G 1264 -31.68 61.91 -9.79
N ALA G 1265 -31.06 60.76 -10.07
CA ALA G 1265 -30.82 60.37 -11.45
C ALA G 1265 -32.13 60.07 -12.17
N THR G 1266 -32.94 59.17 -11.60
CA THR G 1266 -34.21 58.79 -12.21
C THR G 1266 -35.07 59.99 -12.54
N SER G 1267 -34.86 61.11 -11.86
CA SER G 1267 -35.48 62.35 -12.29
C SER G 1267 -35.23 62.64 -13.76
N ILE G 1268 -34.02 62.33 -14.25
CA ILE G 1268 -33.57 62.82 -15.55
C ILE G 1268 -34.62 62.60 -16.63
N SER G 1269 -35.37 61.51 -16.55
CA SER G 1269 -36.23 61.13 -17.65
C SER G 1269 -37.67 61.54 -17.42
N ASN G 1270 -38.38 60.80 -16.56
CA ASN G 1270 -39.82 60.99 -16.41
C ASN G 1270 -40.14 62.45 -16.13
N SER G 1271 -39.23 63.17 -15.49
CA SER G 1271 -39.49 64.55 -15.11
C SER G 1271 -39.42 65.48 -16.31
N LEU G 1272 -38.21 65.76 -16.80
CA LEU G 1272 -38.13 66.69 -17.93
C LEU G 1272 -38.38 66.00 -19.26
N HIS G 1273 -37.91 64.76 -19.44
CA HIS G 1273 -38.11 64.07 -20.69
C HIS G 1273 -39.57 63.68 -20.93
N ARG G 1274 -40.29 63.23 -19.89
CA ARG G 1274 -41.68 62.82 -20.04
C ARG G 1274 -42.61 63.94 -19.56
N GLU G 1275 -42.70 64.15 -18.25
CA GLU G 1275 -43.58 65.16 -17.67
C GLU G 1275 -43.17 66.58 -18.04
N LEU G 1276 -41.96 66.78 -18.58
CA LEU G 1276 -41.33 68.07 -18.85
C LEU G 1276 -41.04 68.79 -17.53
N SER G 1277 -41.38 68.17 -16.40
CA SER G 1277 -41.38 68.86 -15.12
C SER G 1277 -40.03 69.48 -14.81
N ALA G 1278 -40.02 70.79 -14.64
CA ALA G 1278 -38.91 71.51 -14.04
C ALA G 1278 -39.16 71.91 -12.60
N GLY G 1279 -40.34 71.64 -12.08
CA GLY G 1279 -40.66 72.06 -10.74
C GLY G 1279 -40.43 71.00 -9.68
N LEU G 1280 -39.60 70.01 -9.96
CA LEU G 1280 -39.40 68.90 -9.06
C LEU G 1280 -37.94 68.71 -8.70
N VAL G 1281 -37.10 68.45 -9.71
CA VAL G 1281 -35.67 68.27 -9.46
C VAL G 1281 -35.12 69.44 -8.66
N GLY G 1282 -35.66 70.63 -8.91
CA GLY G 1282 -35.20 71.82 -8.19
C GLY G 1282 -35.25 71.68 -6.68
N LEU G 1283 -36.32 71.09 -6.17
CA LEU G 1283 -36.38 70.74 -4.76
C LEU G 1283 -35.72 69.39 -4.50
N GLY G 1284 -35.94 68.44 -5.42
CA GLY G 1284 -35.63 67.04 -5.15
C GLY G 1284 -34.16 66.81 -4.87
N LEU G 1285 -33.29 67.43 -5.65
CA LEU G 1285 -31.86 67.29 -5.39
C LEU G 1285 -31.53 67.72 -3.96
N THR G 1286 -31.91 68.94 -3.60
CA THR G 1286 -31.58 69.47 -2.27
C THR G 1286 -32.08 68.54 -1.18
N TYR G 1287 -33.39 68.37 -1.08
CA TYR G 1287 -33.93 67.55 0.01
C TYR G 1287 -33.34 66.14 -0.02
N ALA G 1288 -33.04 65.62 -1.22
CA ALA G 1288 -32.49 64.28 -1.29
C ALA G 1288 -31.14 64.19 -0.58
N LEU G 1289 -30.18 64.99 -1.01
CA LEU G 1289 -28.84 64.84 -0.43
C LEU G 1289 -28.85 65.20 1.06
N MET G 1290 -29.40 66.37 1.41
CA MET G 1290 -29.44 66.74 2.82
C MET G 1290 -30.17 65.68 3.63
N VAL G 1291 -31.08 64.97 2.97
CA VAL G 1291 -31.80 63.88 3.62
C VAL G 1291 -30.85 62.72 3.89
N SER G 1292 -30.02 62.38 2.91
CA SER G 1292 -29.07 61.31 3.13
C SER G 1292 -28.15 61.64 4.31
N ASN G 1293 -27.56 62.84 4.33
CA ASN G 1293 -26.70 63.20 5.46
C ASN G 1293 -27.46 63.15 6.78
N TYR G 1294 -28.70 63.66 6.79
CA TYR G 1294 -29.43 63.74 8.05
C TYR G 1294 -29.77 62.35 8.58
N LEU G 1295 -29.99 61.38 7.69
CA LEU G 1295 -30.32 60.02 8.10
C LEU G 1295 -29.35 59.56 9.18
N ASN G 1296 -28.08 59.92 8.99
CA ASN G 1296 -27.08 59.71 10.01
C ASN G 1296 -27.56 60.19 11.37
N TRP G 1297 -27.85 61.49 11.47
CA TRP G 1297 -28.33 62.07 12.72
C TRP G 1297 -29.51 61.27 13.23
N MET G 1298 -30.33 60.74 12.32
CA MET G 1298 -31.46 59.93 12.75
C MET G 1298 -31.01 58.72 13.55
N VAL G 1299 -30.07 57.94 13.00
CA VAL G 1299 -29.65 56.73 13.70
C VAL G 1299 -29.07 57.06 15.07
N ARG G 1300 -28.05 57.93 15.10
CA ARG G 1300 -27.44 58.32 16.36
C ARG G 1300 -28.50 58.81 17.34
N ASN G 1301 -29.54 59.45 16.81
CA ASN G 1301 -30.61 59.93 17.68
C ASN G 1301 -31.37 58.78 18.31
N LEU G 1302 -31.79 57.79 17.50
CA LEU G 1302 -32.53 56.66 18.05
C LEU G 1302 -31.72 55.94 19.11
N ALA G 1303 -30.46 55.64 18.79
CA ALA G 1303 -29.60 55.00 19.77
C ALA G 1303 -29.53 55.80 21.06
N ASP G 1304 -29.13 57.07 20.98
CA ASP G 1304 -29.01 57.90 22.17
C ASP G 1304 -30.31 57.97 22.95
N MET G 1305 -31.44 57.93 22.25
CA MET G 1305 -32.73 57.89 22.91
C MET G 1305 -32.86 56.63 23.76
N GLU G 1306 -32.46 55.49 23.19
CA GLU G 1306 -32.47 54.26 23.99
C GLU G 1306 -31.58 54.41 25.21
N ILE G 1307 -30.32 54.83 24.99
CA ILE G 1307 -29.35 54.94 26.08
C ILE G 1307 -29.87 55.86 27.17
N GLN G 1308 -30.72 56.81 26.80
CA GLN G 1308 -31.38 57.61 27.82
C GLN G 1308 -32.47 56.80 28.51
N LEU G 1309 -33.29 56.08 27.73
CA LEU G 1309 -34.40 55.33 28.31
C LEU G 1309 -33.93 54.32 29.34
N GLY G 1310 -32.67 53.88 29.23
CA GLY G 1310 -32.16 52.91 30.19
C GLY G 1310 -32.37 53.34 31.64
N ALA G 1311 -32.06 54.59 31.95
CA ALA G 1311 -32.10 55.04 33.34
C ALA G 1311 -33.52 55.02 33.89
N VAL G 1312 -34.47 55.59 33.16
CA VAL G 1312 -35.84 55.63 33.65
C VAL G 1312 -36.43 54.23 33.75
N LYS G 1313 -36.21 53.36 32.75
CA LYS G 1313 -36.68 51.99 32.89
C LYS G 1313 -36.04 51.30 34.08
N ARG G 1314 -34.87 51.79 34.52
CA ARG G 1314 -34.28 51.27 35.76
C ARG G 1314 -34.92 51.91 36.99
N ILE G 1315 -35.54 53.08 36.83
CA ILE G 1315 -36.25 53.71 37.95
C ILE G 1315 -37.64 53.12 38.09
N HIS G 1316 -38.08 52.40 37.07
CA HIS G 1316 -39.38 51.72 37.13
C HIS G 1316 -39.42 50.71 38.28
N ALA G 1317 -38.26 50.27 38.75
CA ALA G 1317 -38.23 49.28 39.81
C ALA G 1317 -38.73 49.86 41.13
N LEU G 1318 -38.09 50.92 41.61
CA LEU G 1318 -38.56 51.63 42.79
C LEU G 1318 -39.91 52.30 42.55
N LEU G 1319 -40.26 52.55 41.30
CA LEU G 1319 -41.64 52.94 41.00
C LEU G 1319 -42.61 51.85 41.47
N LYS G 1320 -42.33 50.60 41.12
CA LYS G 1320 -43.16 49.46 41.48
C LYS G 1320 -43.06 49.08 42.94
N THR G 1321 -42.22 49.76 43.72
CA THR G 1321 -41.90 49.34 45.08
C THR G 1321 -43.08 49.50 46.02
N GLU G 1322 -43.09 48.65 47.05
CA GLU G 1322 -44.11 48.71 48.09
C GLU G 1322 -44.06 50.06 48.79
N LYS G 1344 -49.83 52.26 79.81
CA LYS G 1344 -50.26 50.94 80.29
C LYS G 1344 -50.12 49.93 79.16
N ILE G 1345 -49.75 48.71 79.48
CA ILE G 1345 -49.46 47.71 78.46
C ILE G 1345 -50.12 46.40 78.86
N GLN G 1346 -50.78 45.77 77.89
CA GLN G 1346 -51.33 44.43 78.07
C GLN G 1346 -51.03 43.63 76.82
N ILE G 1347 -50.27 42.54 76.96
CA ILE G 1347 -49.84 41.73 75.83
C ILE G 1347 -50.48 40.36 75.95
N GLN G 1348 -51.09 39.89 74.87
CA GLN G 1348 -51.84 38.64 74.82
C GLN G 1348 -51.12 37.65 73.93
N ASN G 1349 -50.58 36.60 74.55
CA ASN G 1349 -50.22 35.36 73.87
C ASN G 1349 -49.35 35.58 72.63
N LEU G 1350 -48.32 36.39 72.77
CA LEU G 1350 -47.52 36.77 71.61
C LEU G 1350 -46.62 35.61 71.18
N SER G 1351 -46.72 35.27 69.89
CA SER G 1351 -45.81 34.32 69.28
C SER G 1351 -45.28 34.94 67.99
N VAL G 1352 -43.98 35.18 67.93
CA VAL G 1352 -43.39 36.01 66.88
C VAL G 1352 -42.99 35.12 65.72
N ARG G 1353 -43.66 35.26 64.59
CA ARG G 1353 -43.24 34.64 63.33
C ARG G 1353 -43.10 35.71 62.26
N TYR G 1354 -41.99 35.69 61.53
CA TYR G 1354 -41.63 36.82 60.68
C TYR G 1354 -41.85 36.50 59.21
N ASP G 1355 -42.78 37.22 58.59
CA ASP G 1355 -42.86 37.25 57.14
C ASP G 1355 -41.60 37.79 56.52
N SER G 1356 -40.82 38.55 57.29
CA SER G 1356 -39.55 39.08 56.79
C SER G 1356 -38.62 37.96 56.37
N SER G 1357 -38.11 37.20 57.34
CA SER G 1357 -37.12 36.17 57.05
C SER G 1357 -37.70 34.83 57.51
N LEU G 1358 -36.88 33.78 57.44
CA LEU G 1358 -37.38 32.44 57.71
C LEU G 1358 -37.70 32.23 59.19
N LYS G 1359 -38.86 31.61 59.44
CA LYS G 1359 -39.25 30.96 60.69
C LYS G 1359 -39.60 31.93 61.82
N PRO G 1360 -40.42 31.49 62.76
CA PRO G 1360 -40.71 32.30 63.95
C PRO G 1360 -39.51 32.45 64.88
N VAL G 1361 -39.61 33.38 65.82
CA VAL G 1361 -38.59 33.52 66.87
C VAL G 1361 -39.22 33.34 68.24
N LEU G 1362 -39.91 34.37 68.74
CA LEU G 1362 -40.55 34.30 70.04
C LEU G 1362 -41.80 33.43 69.94
N LYS G 1363 -42.16 32.77 71.03
CA LYS G 1363 -43.32 31.87 71.03
C LYS G 1363 -44.15 32.03 72.29
N HIS G 1364 -45.42 32.39 72.11
CA HIS G 1364 -46.46 32.32 73.14
C HIS G 1364 -46.06 33.09 74.40
N VAL G 1365 -46.11 34.42 74.29
CA VAL G 1365 -45.81 35.31 75.41
C VAL G 1365 -47.05 36.14 75.73
N ASN G 1366 -47.51 36.06 76.99
CA ASN G 1366 -48.70 36.77 77.49
C ASN G 1366 -48.42 37.31 78.88
N ALA G 1367 -48.79 38.56 79.13
CA ALA G 1367 -48.47 39.22 80.40
C ALA G 1367 -49.09 40.61 80.44
N LEU G 1368 -49.21 41.15 81.65
CA LEU G 1368 -49.65 42.53 81.86
C LEU G 1368 -48.46 43.32 82.40
N ILE G 1369 -48.21 44.48 81.83
CA ILE G 1369 -47.04 45.27 82.22
C ILE G 1369 -47.41 46.75 82.17
N SER G 1370 -47.08 47.46 83.25
CA SER G 1370 -47.35 48.90 83.31
C SER G 1370 -46.06 49.68 83.44
N PRO G 1371 -46.14 51.00 83.54
CA PRO G 1371 -44.92 51.79 83.77
C PRO G 1371 -44.29 51.52 85.13
N GLY G 1372 -43.20 52.21 85.42
CA GLY G 1372 -42.48 52.02 86.67
C GLY G 1372 -41.77 50.68 86.75
N GLN G 1373 -41.07 50.31 85.67
CA GLN G 1373 -40.42 49.01 85.62
C GLN G 1373 -39.20 49.06 84.71
N LYS G 1374 -38.44 47.96 84.66
CA LYS G 1374 -37.29 47.88 83.78
C LYS G 1374 -37.16 46.44 83.27
N ILE G 1375 -36.90 46.30 81.98
CA ILE G 1375 -36.89 44.99 81.32
C ILE G 1375 -35.65 44.86 80.45
N GLY G 1376 -34.83 43.84 80.75
CA GLY G 1376 -33.64 43.55 79.96
C GLY G 1376 -33.84 42.35 79.04
N ILE G 1377 -32.83 42.10 78.21
CA ILE G 1377 -32.88 41.01 77.25
C ILE G 1377 -31.53 40.31 77.23
N CYS G 1378 -31.53 39.02 77.57
CA CYS G 1378 -30.32 38.21 77.51
C CYS G 1378 -30.56 37.03 76.57
N GLY G 1379 -29.54 36.21 76.39
CA GLY G 1379 -29.66 35.04 75.54
C GLY G 1379 -28.34 34.71 74.87
N ARG G 1380 -28.43 33.89 73.84
CA ARG G 1380 -27.26 33.57 73.01
C ARG G 1380 -27.18 34.57 71.85
N THR G 1381 -28.15 34.52 70.95
CA THR G 1381 -28.30 35.56 69.96
C THR G 1381 -29.00 36.75 70.58
N GLY G 1382 -28.39 37.93 70.42
CA GLY G 1382 -28.80 39.10 71.17
C GLY G 1382 -30.01 39.80 70.57
N SER G 1383 -30.08 41.11 70.85
CA SER G 1383 -31.14 41.97 70.33
C SER G 1383 -32.52 41.45 70.75
N GLY G 1384 -32.59 40.95 71.98
CA GLY G 1384 -33.87 40.49 72.49
C GLY G 1384 -34.94 41.56 72.46
N LYS G 1385 -34.62 42.76 72.97
CA LYS G 1385 -35.59 43.84 72.98
C LYS G 1385 -35.88 44.35 71.58
N SER G 1386 -35.04 44.02 70.61
CA SER G 1386 -35.27 44.43 69.23
C SER G 1386 -36.52 43.76 68.67
N SER G 1387 -36.90 42.61 69.22
CA SER G 1387 -38.16 42.00 68.81
C SER G 1387 -39.34 42.79 69.36
N PHE G 1388 -39.23 43.25 70.61
CA PHE G 1388 -40.29 44.05 71.19
C PHE G 1388 -40.45 45.37 70.46
N SER G 1389 -39.33 46.08 70.25
CA SER G 1389 -39.37 47.34 69.52
C SER G 1389 -39.89 47.14 68.10
N LEU G 1390 -39.27 46.20 67.36
CA LEU G 1390 -39.68 45.93 65.97
C LEU G 1390 -41.15 45.56 65.87
N ALA G 1391 -41.68 44.76 66.79
CA ALA G 1391 -43.08 44.36 66.69
C ALA G 1391 -43.99 45.53 67.05
N PHE G 1392 -43.90 46.01 68.29
CA PHE G 1392 -44.78 47.06 68.77
C PHE G 1392 -44.63 48.37 68.03
N PHE G 1393 -43.41 48.84 67.79
CA PHE G 1393 -43.23 50.05 67.02
C PHE G 1393 -43.34 49.81 65.52
N ARG G 1394 -43.63 48.57 65.12
CA ARG G 1394 -43.91 48.21 63.74
C ARG G 1394 -42.70 48.49 62.85
N MET G 1395 -41.66 47.70 63.09
CA MET G 1395 -40.50 47.67 62.19
C MET G 1395 -40.55 46.41 61.32
N VAL G 1396 -40.37 45.24 61.95
CA VAL G 1396 -40.58 43.92 61.35
C VAL G 1396 -42.06 43.56 61.51
N ASP G 1397 -42.38 42.26 61.36
CA ASP G 1397 -43.72 41.77 61.63
C ASP G 1397 -43.68 40.39 62.28
N MET G 1398 -44.62 40.16 63.20
CA MET G 1398 -44.86 38.84 63.78
C MET G 1398 -46.14 38.26 63.16
N PHE G 1399 -46.49 37.04 63.59
CA PHE G 1399 -47.69 36.39 63.09
C PHE G 1399 -48.75 36.28 64.18
N GLU G 1400 -48.41 35.60 65.26
CA GLU G 1400 -49.39 35.29 66.29
C GLU G 1400 -49.20 36.15 67.52
N GLY G 1401 -50.30 36.40 68.21
CA GLY G 1401 -50.26 37.14 69.45
C GLY G 1401 -50.10 38.63 69.23
N ARG G 1402 -50.39 39.39 70.28
CA ARG G 1402 -50.44 40.84 70.19
C ARG G 1402 -49.79 41.45 71.43
N ILE G 1403 -49.09 42.57 71.24
CA ILE G 1403 -48.55 43.40 72.31
C ILE G 1403 -49.32 44.70 72.34
N ILE G 1404 -50.08 44.90 73.40
CA ILE G 1404 -51.17 45.87 73.41
C ILE G 1404 -50.84 47.00 74.36
N ILE G 1405 -51.36 48.19 74.06
CA ILE G 1405 -51.23 49.36 74.91
C ILE G 1405 -52.65 49.77 75.27
N ASP G 1406 -52.88 49.98 76.56
CA ASP G 1406 -54.21 50.30 77.11
C ASP G 1406 -55.17 49.18 76.68
N GLY G 1407 -56.41 49.51 76.33
CA GLY G 1407 -57.33 48.49 75.88
C GLY G 1407 -57.20 48.24 74.39
N ILE G 1408 -56.44 49.09 73.69
CA ILE G 1408 -56.18 48.93 72.27
C ILE G 1408 -55.19 47.79 72.05
N ASP G 1409 -55.37 47.08 70.95
CA ASP G 1409 -54.46 46.02 70.53
C ASP G 1409 -53.72 46.49 69.27
N ILE G 1410 -52.89 45.62 68.71
CA ILE G 1410 -52.07 46.02 67.58
C ILE G 1410 -52.92 46.32 66.36
N ALA G 1411 -54.14 45.77 66.33
CA ALA G 1411 -54.96 45.85 65.11
C ALA G 1411 -55.26 47.29 64.73
N LYS G 1412 -56.14 47.96 65.47
CA LYS G 1412 -56.62 49.27 65.08
C LYS G 1412 -55.77 50.40 65.65
N LEU G 1413 -54.69 50.07 66.35
CA LEU G 1413 -53.83 51.08 66.93
C LEU G 1413 -53.41 52.08 65.86
N PRO G 1414 -53.42 53.38 66.14
CA PRO G 1414 -53.01 54.35 65.11
C PRO G 1414 -51.56 54.11 64.73
N LEU G 1415 -51.33 53.94 63.43
CA LEU G 1415 -49.98 53.64 62.94
C LEU G 1415 -49.03 54.79 63.25
N HIS G 1416 -49.37 55.98 62.78
CA HIS G 1416 -48.54 57.15 63.06
C HIS G 1416 -48.38 57.39 64.55
N THR G 1417 -49.30 56.88 65.36
CA THR G 1417 -49.14 57.03 66.81
C THR G 1417 -48.21 55.97 67.38
N LEU G 1418 -48.40 54.71 66.96
CA LEU G 1418 -47.69 53.61 67.59
C LEU G 1418 -46.19 53.68 67.34
N ARG G 1419 -45.78 54.00 66.11
CA ARG G 1419 -44.38 54.05 65.76
C ARG G 1419 -43.73 55.39 66.08
N SER G 1420 -44.48 56.31 66.70
CA SER G 1420 -44.00 57.65 67.01
C SER G 1420 -44.04 57.94 68.50
N ARG G 1421 -45.22 57.87 69.12
CA ARG G 1421 -45.39 58.25 70.51
C ARG G 1421 -44.38 57.58 71.43
N LEU G 1422 -43.79 56.46 71.00
CA LEU G 1422 -42.80 55.74 71.78
C LEU G 1422 -41.46 56.47 71.78
N SER G 1423 -40.51 55.91 72.52
CA SER G 1423 -39.15 56.42 72.60
C SER G 1423 -38.19 55.25 72.42
N ILE G 1424 -36.92 55.56 72.13
CA ILE G 1424 -35.95 54.51 71.83
C ILE G 1424 -34.53 55.01 72.06
N ILE G 1425 -33.60 54.07 72.18
CA ILE G 1425 -32.17 54.39 72.21
C ILE G 1425 -31.42 53.29 71.47
N LEU G 1426 -30.50 53.68 70.57
CA LEU G 1426 -29.74 52.76 69.75
C LEU G 1426 -28.24 53.05 69.90
N GLN G 1427 -27.42 52.13 69.40
CA GLN G 1427 -25.97 52.24 69.48
C GLN G 1427 -25.31 53.35 68.67
N ASP G 1428 -25.77 53.52 67.43
CA ASP G 1428 -25.19 54.50 66.52
C ASP G 1428 -26.17 55.53 65.96
N PRO G 1429 -27.19 55.89 66.74
CA PRO G 1429 -28.18 56.85 66.24
C PRO G 1429 -27.79 58.32 66.37
N VAL G 1430 -26.73 58.72 65.66
CA VAL G 1430 -26.29 60.11 65.63
C VAL G 1430 -27.21 60.86 64.67
N LEU G 1431 -27.44 62.15 64.91
CA LEU G 1431 -28.33 62.85 64.00
C LEU G 1431 -27.59 63.95 63.25
N PHE G 1432 -28.36 64.73 62.50
CA PHE G 1432 -27.80 65.83 61.73
C PHE G 1432 -27.03 66.78 62.63
N SER G 1433 -25.80 67.08 62.24
CA SER G 1433 -24.93 67.98 62.99
C SER G 1433 -25.05 69.43 62.52
N GLY G 1434 -25.99 69.74 61.64
CA GLY G 1434 -26.08 71.09 61.11
C GLY G 1434 -26.48 72.12 62.16
N THR G 1435 -27.58 71.88 62.86
CA THR G 1435 -28.12 72.86 63.79
C THR G 1435 -28.55 72.15 65.06
N ILE G 1436 -28.06 72.69 66.19
CA ILE G 1436 -28.23 72.00 67.46
C ILE G 1436 -29.64 72.16 67.99
N ARG G 1437 -30.20 73.37 67.96
CA ARG G 1437 -31.53 73.58 68.50
C ARG G 1437 -32.60 73.07 67.53
N PHE G 1438 -32.25 72.97 66.24
CA PHE G 1438 -33.18 72.44 65.26
C PHE G 1438 -33.19 70.91 65.26
N ASN G 1439 -32.02 70.29 65.34
CA ASN G 1439 -32.01 68.84 65.61
C ASN G 1439 -32.69 68.55 66.93
N LEU G 1440 -32.42 69.36 67.95
CA LEU G 1440 -33.14 69.35 69.20
C LEU G 1440 -34.61 69.70 69.03
N ASP G 1441 -34.99 70.23 67.87
CA ASP G 1441 -36.37 70.56 67.57
C ASP G 1441 -36.80 69.81 66.31
N PRO G 1442 -36.74 68.47 66.35
CA PRO G 1442 -37.36 67.69 65.27
C PRO G 1442 -38.84 67.94 65.16
N GLU G 1443 -39.53 68.03 66.29
CA GLU G 1443 -40.90 68.49 66.36
C GLU G 1443 -40.91 70.02 66.41
N LYS G 1444 -42.07 70.59 66.75
CA LYS G 1444 -42.24 72.03 66.75
C LYS G 1444 -41.25 72.75 67.66
N LYS G 1445 -41.37 72.60 68.98
CA LYS G 1445 -40.67 73.50 69.88
C LYS G 1445 -40.26 72.83 71.19
N CYS G 1446 -39.08 73.23 71.67
CA CYS G 1446 -38.58 73.02 73.03
C CYS G 1446 -38.03 74.35 73.54
N SER G 1447 -37.09 74.89 72.76
CA SER G 1447 -36.38 76.16 72.97
C SER G 1447 -35.56 76.09 74.26
N ASP G 1448 -35.44 77.18 75.01
CA ASP G 1448 -34.49 77.21 76.12
C ASP G 1448 -34.96 76.30 77.25
N SER G 1449 -36.28 76.13 77.37
CA SER G 1449 -36.85 75.36 78.47
C SER G 1449 -36.26 73.96 78.52
N THR G 1450 -36.59 73.14 77.53
CA THR G 1450 -36.01 71.81 77.47
C THR G 1450 -34.57 71.84 76.97
N LEU G 1451 -34.10 72.98 76.47
CA LEU G 1451 -32.76 73.08 75.93
C LEU G 1451 -31.74 73.03 77.05
N TRP G 1452 -31.75 74.02 77.92
CA TRP G 1452 -30.87 73.98 79.08
C TRP G 1452 -31.47 73.10 80.18
N GLU G 1453 -32.77 72.79 80.10
CA GLU G 1453 -33.36 71.92 81.10
C GLU G 1453 -32.88 70.48 80.93
N ALA G 1454 -33.11 69.90 79.74
CA ALA G 1454 -32.56 68.57 79.51
C ALA G 1454 -31.08 68.60 79.22
N LEU G 1455 -30.57 69.71 78.67
CA LEU G 1455 -29.13 69.86 78.44
C LEU G 1455 -28.33 69.91 79.74
N GLU G 1456 -28.69 70.80 80.66
CA GLU G 1456 -28.14 70.74 82.01
C GLU G 1456 -28.47 69.43 82.69
N ILE G 1457 -29.60 68.83 82.33
CA ILE G 1457 -29.95 67.54 82.92
C ILE G 1457 -29.09 66.42 82.33
N ALA G 1458 -28.55 66.62 81.12
CA ALA G 1458 -27.74 65.62 80.47
C ALA G 1458 -26.24 65.84 80.62
N GLN G 1459 -25.82 66.84 81.41
CA GLN G 1459 -24.44 67.31 81.55
C GLN G 1459 -23.96 68.02 80.30
N LEU G 1460 -24.80 68.17 79.28
CA LEU G 1460 -24.45 68.84 78.04
C LEU G 1460 -24.52 70.36 78.15
N LYS G 1461 -24.80 70.89 79.34
CA LYS G 1461 -24.89 72.34 79.54
C LYS G 1461 -23.55 73.03 79.36
N LEU G 1462 -22.44 72.31 79.59
CA LEU G 1462 -21.14 72.79 79.19
C LEU G 1462 -21.05 72.94 77.68
N VAL G 1463 -21.70 72.08 76.92
CA VAL G 1463 -21.86 72.29 75.49
C VAL G 1463 -22.66 73.57 75.25
N VAL G 1464 -23.47 73.97 76.22
CA VAL G 1464 -24.08 75.29 76.22
C VAL G 1464 -23.05 76.36 76.58
N LYS G 1465 -21.98 75.98 77.30
CA LYS G 1465 -20.92 76.94 77.66
C LYS G 1465 -19.92 77.12 76.54
N ALA G 1466 -19.53 76.02 75.90
CA ALA G 1466 -18.54 76.09 74.83
C ALA G 1466 -19.13 76.70 73.57
N LEU G 1467 -20.06 75.98 72.93
CA LEU G 1467 -20.78 76.44 71.74
C LEU G 1467 -21.79 77.48 72.17
N PRO G 1468 -21.85 78.61 71.48
CA PRO G 1468 -22.86 79.62 71.80
C PRO G 1468 -24.26 79.07 71.57
N GLY G 1469 -25.27 79.89 71.84
CA GLY G 1469 -26.65 79.43 71.78
C GLY G 1469 -27.00 78.77 70.47
N GLY G 1470 -27.80 77.71 70.54
CA GLY G 1470 -27.93 76.80 69.42
C GLY G 1470 -28.91 77.31 68.37
N LEU G 1471 -29.30 76.38 67.48
CA LEU G 1471 -29.89 76.62 66.16
C LEU G 1471 -28.77 77.00 65.20
N ASP G 1472 -27.54 77.16 65.67
CA ASP G 1472 -26.44 77.59 64.83
C ASP G 1472 -25.92 76.44 63.99
N GLY G 1479 -20.86 70.07 63.43
CA GLY G 1479 -20.77 69.93 64.87
C GLY G 1479 -19.45 69.37 65.34
N GLU G 1480 -19.00 69.81 66.51
CA GLU G 1480 -17.73 69.33 67.05
C GLU G 1480 -17.92 67.97 67.70
N ASN G 1481 -17.18 66.97 67.18
CA ASN G 1481 -17.33 65.59 67.63
C ASN G 1481 -16.11 65.17 68.43
N PHE G 1482 -16.33 64.73 69.66
CA PHE G 1482 -15.29 64.12 70.48
C PHE G 1482 -15.75 62.75 70.94
N SER G 1483 -15.12 61.71 70.40
CA SER G 1483 -15.43 60.28 70.60
C SER G 1483 -16.93 60.08 70.34
N GLN G 1484 -17.59 59.15 71.03
CA GLN G 1484 -19.03 59.17 71.15
C GLN G 1484 -19.52 59.66 72.50
N GLY G 1485 -18.61 59.88 73.44
CA GLY G 1485 -19.02 60.06 74.81
C GLY G 1485 -19.92 61.28 74.96
N GLN G 1486 -19.40 62.45 74.59
CA GLN G 1486 -20.27 63.61 74.53
C GLN G 1486 -21.23 63.50 73.36
N ARG G 1487 -20.78 62.89 72.26
CA ARG G 1487 -21.63 62.65 71.10
C ARG G 1487 -22.84 61.81 71.44
N GLN G 1488 -22.62 60.52 71.74
CA GLN G 1488 -23.73 59.64 72.06
C GLN G 1488 -24.38 60.03 73.38
N LEU G 1489 -23.68 60.79 74.22
CA LEU G 1489 -24.31 61.34 75.42
C LEU G 1489 -25.39 62.32 75.04
N PHE G 1490 -25.08 63.21 74.11
CA PHE G 1490 -26.09 64.08 73.54
C PHE G 1490 -27.13 63.27 72.78
N CYS G 1491 -26.74 62.09 72.30
CA CYS G 1491 -27.65 61.28 71.49
C CYS G 1491 -28.71 60.64 72.37
N LEU G 1492 -28.32 59.66 73.19
CA LEU G 1492 -29.21 59.06 74.17
C LEU G 1492 -29.88 60.10 75.04
N ALA G 1493 -29.24 61.25 75.26
CA ALA G 1493 -29.90 62.34 75.96
C ALA G 1493 -31.08 62.87 75.16
N ARG G 1494 -30.87 63.08 73.86
CA ARG G 1494 -31.97 63.50 72.99
C ARG G 1494 -33.07 62.46 72.97
N ALA G 1495 -32.70 61.18 72.86
CA ALA G 1495 -33.69 60.12 72.90
C ALA G 1495 -34.51 60.17 74.17
N PHE G 1496 -33.84 60.12 75.34
CA PHE G 1496 -34.52 60.17 76.62
C PHE G 1496 -35.28 61.46 76.83
N VAL G 1497 -35.02 62.50 76.03
CA VAL G 1497 -35.76 63.75 76.13
C VAL G 1497 -37.19 63.61 75.61
N ARG G 1498 -37.54 62.43 75.05
CA ARG G 1498 -38.93 62.18 74.69
C ARG G 1498 -39.89 62.49 75.83
N LYS G 1499 -39.49 62.17 77.07
CA LYS G 1499 -40.12 62.60 78.32
C LYS G 1499 -41.51 62.03 78.52
N THR G 1500 -42.05 61.28 77.58
CA THR G 1500 -43.38 60.71 77.73
C THR G 1500 -43.32 59.50 78.68
N SER G 1501 -44.44 58.78 78.74
CA SER G 1501 -44.61 57.67 79.66
C SER G 1501 -43.69 56.49 79.39
N ILE G 1502 -43.52 56.07 78.14
CA ILE G 1502 -42.84 54.83 77.80
C ILE G 1502 -41.51 55.14 77.12
N PHE G 1503 -40.41 54.73 77.74
CA PHE G 1503 -39.07 54.84 77.18
C PHE G 1503 -38.52 53.44 76.95
N ILE G 1504 -37.80 53.25 75.86
CA ILE G 1504 -37.23 51.95 75.52
C ILE G 1504 -35.78 52.13 75.09
N MET G 1505 -34.90 51.27 75.58
CA MET G 1505 -33.52 51.24 75.17
C MET G 1505 -33.06 49.80 75.17
N ASP G 1506 -32.36 49.39 74.12
CA ASP G 1506 -31.88 48.02 74.01
C ASP G 1506 -30.42 48.04 73.58
N GLU G 1507 -29.55 47.54 74.46
CA GLU G 1507 -28.11 47.46 74.21
C GLU G 1507 -27.54 48.81 73.79
N ALA G 1508 -28.11 49.90 74.33
CA ALA G 1508 -27.53 51.21 74.06
C ALA G 1508 -26.13 51.34 74.65
N THR G 1509 -25.77 50.49 75.60
CA THR G 1509 -24.45 50.50 76.22
C THR G 1509 -23.47 49.50 75.61
N ALA G 1510 -23.86 48.75 74.57
CA ALA G 1510 -22.95 47.82 73.91
C ALA G 1510 -21.73 48.54 73.34
N SER G 1511 -21.96 49.43 72.38
CA SER G 1511 -20.88 50.26 71.82
C SER G 1511 -20.49 51.42 72.71
N ILE G 1512 -21.44 52.03 73.41
CA ILE G 1512 -21.08 53.02 74.41
C ILE G 1512 -20.21 52.35 75.46
N ASP G 1513 -19.00 52.87 75.65
CA ASP G 1513 -17.94 52.10 76.26
C ASP G 1513 -17.89 52.37 77.76
N MET G 1514 -18.25 51.35 78.53
CA MET G 1514 -17.75 51.14 79.90
C MET G 1514 -17.94 52.41 80.72
N ALA G 1515 -16.86 53.05 81.19
CA ALA G 1515 -16.91 54.10 82.22
C ALA G 1515 -17.81 55.26 81.84
N THR G 1516 -18.21 55.39 80.59
CA THR G 1516 -19.27 56.32 80.24
C THR G 1516 -20.49 56.15 81.14
N GLU G 1517 -20.98 54.92 81.29
CA GLU G 1517 -22.10 54.62 82.17
C GLU G 1517 -21.88 55.16 83.57
N ASN G 1518 -20.62 55.28 83.98
CA ASN G 1518 -20.31 55.89 85.27
C ASN G 1518 -21.07 57.19 85.45
N ILE G 1519 -21.03 58.06 84.44
CA ILE G 1519 -22.02 59.12 84.33
C ILE G 1519 -23.30 58.59 83.70
N LEU G 1520 -23.18 57.85 82.58
CA LEU G 1520 -24.34 57.60 81.73
C LEU G 1520 -25.38 56.75 82.45
N GLN G 1521 -25.01 55.57 82.93
CA GLN G 1521 -25.95 54.81 83.75
C GLN G 1521 -26.40 55.65 84.94
N LYS G 1522 -25.47 56.43 85.50
CA LYS G 1522 -25.83 57.39 86.54
C LYS G 1522 -26.96 58.28 86.06
N VAL G 1523 -26.80 58.88 84.88
CA VAL G 1523 -27.87 59.69 84.33
C VAL G 1523 -29.17 58.91 84.24
N VAL G 1524 -29.12 57.65 83.79
CA VAL G 1524 -30.34 56.86 83.75
C VAL G 1524 -30.85 56.58 85.16
N MET G 1525 -29.94 56.42 86.12
CA MET G 1525 -30.31 56.21 87.51
C MET G 1525 -31.31 57.25 88.00
N THR G 1526 -31.09 58.52 87.67
CA THR G 1526 -32.00 59.59 88.04
C THR G 1526 -33.08 59.84 87.00
N ALA G 1527 -33.15 59.01 85.96
CA ALA G 1527 -34.04 59.23 84.82
C ALA G 1527 -34.93 58.02 84.55
N PHE G 1528 -34.34 56.86 84.27
CA PHE G 1528 -35.09 55.70 83.82
C PHE G 1528 -36.20 55.32 84.79
N ALA G 1529 -36.18 55.87 85.99
CA ALA G 1529 -37.23 55.61 86.97
C ALA G 1529 -38.50 56.40 86.68
N ASP G 1530 -39.59 55.94 87.28
CA ASP G 1530 -40.89 56.61 87.33
C ASP G 1530 -41.60 56.67 85.98
N ARG G 1531 -41.43 55.65 85.15
CA ARG G 1531 -42.10 55.55 83.86
C ARG G 1531 -41.99 54.13 83.31
N THR G 1532 -42.47 53.93 82.09
CA THR G 1532 -42.40 52.63 81.43
C THR G 1532 -41.05 52.50 80.72
N VAL G 1533 -40.27 51.51 81.11
CA VAL G 1533 -38.93 51.32 80.56
C VAL G 1533 -38.65 49.83 80.42
N VAL G 1534 -38.00 49.45 79.31
CA VAL G 1534 -37.37 48.16 79.13
C VAL G 1534 -35.91 48.46 78.79
N THR G 1535 -34.99 48.09 79.67
CA THR G 1535 -33.59 48.44 79.49
C THR G 1535 -32.75 47.18 79.45
N ILE G 1536 -31.97 47.01 78.39
CA ILE G 1536 -31.21 45.78 78.17
C ILE G 1536 -29.74 46.09 77.92
N ALA G 1537 -28.87 45.34 78.57
CA ALA G 1537 -27.43 45.45 78.35
C ALA G 1537 -26.79 44.09 78.52
N HIS G 1538 -25.81 43.80 77.66
CA HIS G 1538 -25.08 42.54 77.79
C HIS G 1538 -24.15 42.53 78.99
N ARG G 1539 -23.79 43.70 79.50
CA ARG G 1539 -23.20 43.79 80.83
C ARG G 1539 -24.24 43.53 81.92
N VAL G 1540 -25.52 43.84 81.66
CA VAL G 1540 -26.66 43.47 82.50
C VAL G 1540 -26.62 44.16 83.85
N HIS G 1541 -25.55 44.90 84.14
CA HIS G 1541 -25.33 45.48 85.46
C HIS G 1541 -26.49 46.34 85.96
N THR G 1542 -27.19 47.04 85.07
CA THR G 1542 -28.25 47.93 85.49
C THR G 1542 -29.60 47.25 85.60
N ILE G 1543 -29.66 45.94 85.32
CA ILE G 1543 -30.92 45.22 85.36
C ILE G 1543 -31.24 44.77 86.78
N LEU G 1544 -30.40 45.17 87.73
CA LEU G 1544 -30.55 44.75 89.12
C LEU G 1544 -31.96 44.94 89.65
N SER G 1545 -32.38 46.20 89.79
CA SER G 1545 -33.66 46.54 90.40
C SER G 1545 -34.82 46.35 89.43
N ALA G 1546 -34.54 45.97 88.19
CA ALA G 1546 -35.59 45.73 87.21
C ALA G 1546 -36.58 44.71 87.74
N ASP G 1547 -37.86 45.07 87.76
CA ASP G 1547 -38.86 44.13 88.23
C ASP G 1547 -38.99 42.90 87.33
N LEU G 1548 -38.54 42.99 86.09
CA LEU G 1548 -38.63 41.88 85.15
C LEU G 1548 -37.29 41.71 84.45
N VAL G 1549 -36.90 40.47 84.22
CA VAL G 1549 -35.70 40.13 83.47
C VAL G 1549 -36.07 39.12 82.41
N MET G 1550 -35.26 39.02 81.35
CA MET G 1550 -35.49 38.06 80.28
C MET G 1550 -34.15 37.59 79.72
N VAL G 1551 -34.06 36.29 79.44
CA VAL G 1551 -32.88 35.69 78.82
C VAL G 1551 -33.38 34.68 77.79
N LEU G 1552 -32.68 34.60 76.66
CA LEU G 1552 -33.16 33.84 75.52
C LEU G 1552 -32.48 32.48 75.45
N LYS G 1553 -33.26 31.42 75.67
CA LYS G 1553 -32.81 30.06 75.44
C LYS G 1553 -33.94 29.31 74.74
N ARG G 1554 -33.70 28.05 74.38
CA ARG G 1554 -34.67 27.25 73.64
C ARG G 1554 -35.25 28.04 72.48
N GLY G 1555 -36.56 28.21 72.45
CA GLY G 1555 -37.19 29.03 71.43
C GLY G 1555 -37.45 30.47 71.81
N ALA G 1556 -37.57 30.77 73.11
CA ALA G 1556 -38.04 32.09 73.51
C ALA G 1556 -37.41 32.47 74.85
N ILE G 1557 -37.88 33.57 75.45
CA ILE G 1557 -37.30 34.05 76.69
C ILE G 1557 -37.38 32.98 77.77
N LEU G 1558 -36.33 32.89 78.59
CA LEU G 1558 -36.26 31.87 79.61
C LEU G 1558 -37.35 32.03 80.65
N GLU G 1559 -37.51 33.23 81.20
CA GLU G 1559 -38.43 33.47 82.31
C GLU G 1559 -38.43 34.96 82.61
N PHE G 1560 -39.45 35.38 83.36
CA PHE G 1560 -39.62 36.79 83.72
C PHE G 1560 -39.93 36.89 85.20
N ASP G 1561 -39.07 37.56 85.94
CA ASP G 1561 -39.27 37.80 87.37
C ASP G 1561 -38.24 38.81 87.84
N LYS G 1562 -38.25 39.10 89.14
CA LYS G 1562 -37.26 40.00 89.71
C LYS G 1562 -35.87 39.39 89.60
N PRO G 1563 -34.83 40.23 89.59
CA PRO G 1563 -33.47 39.68 89.65
C PRO G 1563 -33.18 38.98 90.95
N GLU G 1564 -33.63 39.54 92.08
CA GLU G 1564 -33.35 38.92 93.38
C GLU G 1564 -34.17 37.66 93.59
N THR G 1565 -35.41 37.63 93.10
CA THR G 1565 -36.19 36.41 93.14
C THR G 1565 -35.57 35.34 92.26
N LEU G 1566 -35.00 35.75 91.12
CA LEU G 1566 -34.34 34.79 90.25
C LEU G 1566 -33.08 34.25 90.88
N LEU G 1567 -32.18 35.12 91.32
CA LEU G 1567 -31.00 34.68 92.04
C LEU G 1567 -31.36 34.05 93.38
N SER G 1568 -32.65 34.11 93.74
CA SER G 1568 -33.06 33.60 95.04
C SER G 1568 -33.15 32.08 95.04
N GLN G 1569 -33.58 31.50 93.92
CA GLN G 1569 -33.71 30.05 93.82
C GLN G 1569 -32.33 29.39 93.82
N LYS G 1570 -32.31 28.10 94.15
CA LYS G 1570 -31.06 27.35 94.07
C LYS G 1570 -30.52 27.33 92.64
N ASP G 1571 -31.41 27.18 91.67
CA ASP G 1571 -31.04 27.18 90.26
C ASP G 1571 -31.91 28.19 89.53
N SER G 1572 -31.26 29.08 88.77
CA SER G 1572 -31.98 29.96 87.86
C SER G 1572 -31.03 30.38 86.75
N VAL G 1573 -31.62 30.76 85.62
CA VAL G 1573 -30.91 31.08 84.39
C VAL G 1573 -29.92 32.21 84.62
N PHE G 1574 -30.44 33.40 84.92
CA PHE G 1574 -29.59 34.59 84.97
C PHE G 1574 -28.37 34.36 85.84
N ALA G 1575 -28.52 33.61 86.93
CA ALA G 1575 -27.36 33.20 87.71
C ALA G 1575 -26.40 32.41 86.84
N SER G 1576 -26.91 31.44 86.06
CA SER G 1576 -26.03 30.60 85.25
C SER G 1576 -25.35 31.39 84.14
N PHE G 1577 -25.95 32.49 83.70
CA PHE G 1577 -25.28 33.39 82.77
C PHE G 1577 -24.49 34.47 83.49
N VAL G 1578 -24.44 34.45 84.81
CA VAL G 1578 -23.67 35.46 85.52
C VAL G 1578 -22.17 35.17 85.48
N ARG G 1579 -21.77 33.92 85.69
CA ARG G 1579 -20.36 33.61 85.87
C ARG G 1579 -19.56 33.86 84.60
N ALA G 1580 -19.98 33.25 83.49
CA ALA G 1580 -19.18 33.24 82.27
C ALA G 1580 -18.98 34.62 81.67
N ASP G 1581 -19.70 35.63 82.15
CA ASP G 1581 -19.54 36.98 81.64
C ASP G 1581 -18.36 37.67 82.33
N PHE H 27 14.37 15.23 -62.80
CA PHE H 27 13.27 15.38 -61.86
C PHE H 27 13.79 15.80 -60.48
N VAL H 28 13.47 17.03 -60.04
CA VAL H 28 14.05 17.56 -58.82
C VAL H 28 13.50 16.85 -57.59
N ASP H 29 12.45 16.04 -57.80
CA ASP H 29 11.95 15.20 -56.71
C ASP H 29 13.07 14.34 -56.15
N ALA H 30 14.11 14.09 -56.94
CA ALA H 30 15.29 13.42 -56.40
C ALA H 30 15.96 14.29 -55.36
N LEU H 31 16.38 15.49 -55.76
CA LEU H 31 17.10 16.34 -54.84
C LEU H 31 16.33 16.55 -53.55
N ASN H 32 15.07 16.98 -53.65
CA ASN H 32 14.30 17.12 -52.43
C ASN H 32 14.11 15.77 -51.75
N VAL H 33 14.12 14.68 -52.54
CA VAL H 33 13.89 13.36 -51.99
C VAL H 33 15.06 12.92 -51.13
N VAL H 34 16.22 13.56 -51.31
CA VAL H 34 17.31 13.37 -50.36
C VAL H 34 16.93 13.98 -49.01
N PRO H 35 16.23 15.11 -48.93
CA PRO H 35 16.03 15.72 -47.61
C PRO H 35 15.29 14.86 -46.62
N HIS H 36 14.32 14.05 -47.09
CA HIS H 36 13.43 13.33 -46.17
C HIS H 36 14.21 12.51 -45.15
N VAL H 37 15.13 11.67 -45.61
CA VAL H 37 15.83 10.77 -44.70
C VAL H 37 16.50 11.56 -43.59
N PHE H 38 17.37 12.50 -43.96
CA PHE H 38 18.11 13.25 -42.95
C PHE H 38 17.16 13.97 -41.99
N LEU H 39 16.24 14.77 -42.53
CA LEU H 39 15.33 15.51 -41.66
C LEU H 39 14.66 14.59 -40.65
N LEU H 40 14.28 13.38 -41.07
CA LEU H 40 13.76 12.41 -40.13
C LEU H 40 14.81 12.05 -39.07
N PHE H 41 16.06 11.87 -39.51
CA PHE H 41 17.11 11.47 -38.57
C PHE H 41 17.24 12.47 -37.45
N ILE H 42 17.08 13.76 -37.75
CA ILE H 42 16.98 14.74 -36.67
C ILE H 42 15.67 14.55 -35.92
N THR H 43 14.61 14.20 -36.65
CA THR H 43 13.27 14.19 -36.07
C THR H 43 13.21 13.29 -34.85
N PHE H 44 13.54 12.02 -35.02
CA PHE H 44 13.47 11.18 -33.83
C PHE H 44 14.50 11.65 -32.81
N PRO H 45 15.70 12.00 -33.28
CA PRO H 45 16.78 12.32 -32.32
C PRO H 45 16.44 13.46 -31.39
N ILE H 46 15.93 14.57 -31.92
CA ILE H 46 15.68 15.73 -31.08
C ILE H 46 14.74 15.37 -29.94
N LEU H 47 13.71 14.58 -30.23
CA LEU H 47 12.86 14.08 -29.16
C LEU H 47 13.66 13.30 -28.14
N PHE H 48 14.47 12.34 -28.59
CA PHE H 48 15.15 11.49 -27.61
C PHE H 48 16.09 12.30 -26.72
N ILE H 49 16.99 13.08 -27.33
CA ILE H 49 18.01 13.80 -26.55
C ILE H 49 17.37 14.87 -25.69
N GLY H 50 16.42 15.63 -26.27
CA GLY H 50 15.69 16.59 -25.47
C GLY H 50 15.07 15.96 -24.23
N TRP H 51 14.38 14.83 -24.42
CA TRP H 51 13.74 14.16 -23.29
C TRP H 51 14.77 13.67 -22.29
N GLY H 52 15.95 13.25 -22.77
CA GLY H 52 17.01 12.93 -21.83
C GLY H 52 17.37 14.13 -20.97
N SER H 53 17.14 15.32 -21.49
CA SER H 53 17.44 16.58 -20.81
C SER H 53 18.94 16.72 -20.55
N SER H 63 27.44 9.49 -14.37
CA SER H 63 28.67 10.10 -14.83
C SER H 63 29.82 9.10 -14.83
N THR H 64 29.85 8.25 -15.85
CA THR H 64 31.02 7.44 -16.18
C THR H 64 31.32 7.62 -17.66
N TRP H 65 32.43 8.29 -17.96
CA TRP H 65 32.85 8.45 -19.34
C TRP H 65 33.39 7.12 -19.84
N LEU H 66 33.46 6.96 -21.16
CA LEU H 66 33.88 5.69 -21.74
C LEU H 66 34.33 5.90 -23.17
N HIS H 67 34.74 4.80 -23.81
CA HIS H 67 34.95 4.79 -25.25
C HIS H 67 34.37 3.51 -25.81
N PHE H 68 33.33 3.63 -26.61
CA PHE H 68 32.65 2.58 -27.35
C PHE H 68 33.49 2.18 -28.54
N PRO H 69 32.89 1.56 -29.56
CA PRO H 69 33.63 1.19 -30.77
C PRO H 69 34.35 2.36 -31.44
N GLY H 70 34.85 2.15 -32.64
CA GLY H 70 36.04 2.80 -33.13
C GLY H 70 36.16 4.30 -32.94
N HIS H 71 35.06 4.99 -32.65
CA HIS H 71 35.17 6.34 -32.10
C HIS H 71 35.97 7.25 -33.00
N ASN H 72 37.18 7.60 -32.56
CA ASN H 72 37.99 8.67 -33.14
C ASN H 72 37.96 8.62 -34.65
N LEU H 73 37.97 7.43 -35.23
CA LEU H 73 37.82 7.34 -36.68
C LEU H 73 36.53 8.03 -37.09
N ARG H 74 35.41 7.61 -36.49
CA ARG H 74 34.13 8.22 -36.82
C ARG H 74 34.14 9.70 -36.49
N TRP H 75 34.94 10.10 -35.51
CA TRP H 75 35.07 11.52 -35.22
C TRP H 75 35.67 12.26 -36.42
N ILE H 76 36.81 11.79 -36.92
CA ILE H 76 37.47 12.46 -38.02
C ILE H 76 36.59 12.45 -39.25
N LEU H 77 36.07 11.26 -39.60
CA LEU H 77 35.15 11.15 -40.72
C LEU H 77 34.00 12.14 -40.58
N THR H 78 33.51 12.30 -39.35
CA THR H 78 32.47 13.29 -39.11
C THR H 78 32.96 14.69 -39.44
N PHE H 79 34.16 15.03 -38.99
CA PHE H 79 34.69 16.38 -39.20
C PHE H 79 34.79 16.70 -40.69
N ILE H 80 35.55 15.86 -41.42
CA ILE H 80 35.65 16.07 -42.85
C ILE H 80 34.27 16.14 -43.47
N LEU H 81 33.34 15.34 -42.95
CA LEU H 81 31.99 15.33 -43.49
C LEU H 81 31.36 16.72 -43.36
N LEU H 82 31.41 17.29 -42.16
CA LEU H 82 30.90 18.64 -41.97
C LEU H 82 31.53 19.59 -42.96
N PHE H 83 32.83 19.41 -43.23
CA PHE H 83 33.49 20.24 -44.23
C PHE H 83 32.83 20.07 -45.60
N VAL H 84 32.49 18.83 -45.95
CA VAL H 84 31.78 18.58 -47.19
C VAL H 84 30.51 19.39 -47.20
N LEU H 85 29.62 19.08 -46.27
CA LEU H 85 28.30 19.69 -46.25
C LEU H 85 28.39 21.20 -46.34
N VAL H 86 29.31 21.82 -45.60
CA VAL H 86 29.43 23.26 -45.66
C VAL H 86 29.91 23.69 -47.04
N CYS H 87 30.76 22.87 -47.68
CA CYS H 87 31.17 23.21 -49.03
C CYS H 87 29.98 23.18 -49.98
N GLU H 88 29.04 22.27 -49.77
CA GLU H 88 27.88 22.18 -50.65
C GLU H 88 27.14 23.51 -50.72
N ILE H 89 27.02 24.18 -49.57
CA ILE H 89 26.34 25.47 -49.54
C ILE H 89 27.04 26.45 -50.47
N ALA H 90 28.28 26.15 -50.87
CA ALA H 90 28.94 26.98 -51.86
C ALA H 90 28.35 26.77 -53.24
N GLU H 91 28.23 25.51 -53.66
CA GLU H 91 27.58 25.24 -54.93
C GLU H 91 26.19 25.84 -54.96
N GLY H 92 25.42 25.64 -53.89
CA GLY H 92 24.13 26.28 -53.84
C GLY H 92 24.25 27.77 -54.01
N ILE H 93 25.13 28.37 -53.21
CA ILE H 93 25.30 29.82 -53.23
C ILE H 93 25.74 30.28 -54.62
N LEU H 94 26.26 29.35 -55.41
CA LEU H 94 26.56 29.67 -56.80
C LEU H 94 25.30 29.63 -57.65
N SER H 95 24.59 28.51 -57.58
CA SER H 95 23.38 28.28 -58.37
C SER H 95 22.21 29.24 -58.09
N ASP H 96 22.02 29.61 -56.84
CA ASP H 96 20.91 30.47 -56.47
C ASP H 96 20.91 31.85 -57.10
N GLY H 97 22.08 32.49 -57.18
CA GLY H 97 22.16 33.82 -57.74
C GLY H 97 21.77 33.93 -59.20
N VAL H 98 22.26 33.03 -60.02
CA VAL H 98 21.98 33.03 -61.45
C VAL H 98 20.49 32.83 -61.78
N THR H 99 19.85 31.94 -61.04
CA THR H 99 18.45 31.61 -61.27
C THR H 99 17.46 32.77 -61.09
N GLU H 100 16.46 32.79 -61.96
CA GLU H 100 15.40 33.79 -61.95
C GLU H 100 14.36 33.48 -60.89
N SER H 101 13.49 34.45 -60.61
CA SER H 101 12.42 34.31 -59.62
C SER H 101 12.91 33.90 -58.24
N ARG H 102 13.99 34.55 -57.81
CA ARG H 102 14.66 34.37 -56.51
C ARG H 102 15.37 33.04 -56.33
N HIS H 103 15.63 32.68 -55.07
CA HIS H 103 16.34 31.45 -54.75
C HIS H 103 15.58 30.19 -55.17
N LEU H 104 16.33 29.20 -55.63
CA LEU H 104 15.75 27.93 -56.06
C LEU H 104 15.46 27.02 -54.87
N HIS H 105 14.54 26.09 -55.07
CA HIS H 105 14.14 25.12 -54.04
C HIS H 105 15.31 24.21 -53.65
N LEU H 106 16.12 23.85 -54.64
CA LEU H 106 17.27 22.97 -54.47
C LEU H 106 18.34 23.49 -53.50
N TYR H 107 18.50 24.81 -53.41
CA TYR H 107 19.54 25.39 -52.55
C TYR H 107 19.39 24.98 -51.08
N MET H 108 18.16 24.97 -50.56
CA MET H 108 17.96 24.56 -49.16
C MET H 108 18.37 23.13 -48.87
N PRO H 109 18.11 22.14 -49.75
CA PRO H 109 18.29 20.74 -49.34
C PRO H 109 19.62 20.45 -48.71
N ALA H 110 20.69 20.94 -49.33
CA ALA H 110 21.99 20.91 -48.69
C ALA H 110 21.89 21.49 -47.29
N GLY H 111 21.30 22.68 -47.16
CA GLY H 111 21.25 23.32 -45.86
C GLY H 111 20.67 22.42 -44.80
N MET H 112 19.50 21.86 -45.06
CA MET H 112 18.91 20.90 -44.13
C MET H 112 19.91 19.81 -43.78
N ALA H 113 20.60 19.27 -44.80
CA ALA H 113 21.54 18.19 -44.50
C ALA H 113 22.62 18.64 -43.53
N PHE H 114 23.35 19.70 -43.88
CA PHE H 114 24.47 20.15 -43.05
C PHE H 114 24.01 20.52 -41.66
N MET H 115 22.74 20.89 -41.51
CA MET H 115 22.20 21.04 -40.18
C MET H 115 22.07 19.69 -39.50
N ALA H 116 21.59 18.69 -40.23
CA ALA H 116 21.29 17.40 -39.65
C ALA H 116 22.52 16.68 -39.11
N ALA H 117 23.50 16.45 -39.99
CA ALA H 117 24.62 15.61 -39.61
C ALA H 117 25.28 16.14 -38.34
N ILE H 118 25.26 17.46 -38.17
CA ILE H 118 25.78 18.10 -36.97
C ILE H 118 25.18 17.41 -35.76
N THR H 119 23.86 17.51 -35.63
CA THR H 119 23.18 16.83 -34.53
C THR H 119 23.46 15.35 -34.52
N SER H 120 23.64 14.74 -35.69
CA SER H 120 23.90 13.31 -35.74
C SER H 120 25.06 12.94 -34.83
N VAL H 121 26.19 13.61 -35.01
CA VAL H 121 27.29 13.43 -34.08
C VAL H 121 26.82 13.61 -32.64
N VAL H 122 25.93 14.57 -32.39
CA VAL H 122 25.53 14.85 -31.01
C VAL H 122 24.81 13.65 -30.40
N TYR H 123 23.82 13.08 -31.10
CA TYR H 123 23.18 11.88 -30.60
C TYR H 123 24.20 10.78 -30.39
N TYR H 124 25.19 10.70 -31.27
CA TYR H 124 26.30 9.81 -31.00
C TYR H 124 26.93 10.13 -29.65
N HIS H 125 26.93 11.41 -29.28
CA HIS H 125 27.58 11.80 -28.03
C HIS H 125 26.75 11.41 -26.83
N ASN H 126 25.46 11.72 -26.83
CA ASN H 126 24.63 11.39 -25.68
C ASN H 126 24.28 9.91 -25.63
N ILE H 127 24.63 9.15 -26.66
CA ILE H 127 24.39 7.73 -26.64
C ILE H 127 25.63 7.05 -26.09
N GLU H 128 26.71 7.05 -26.89
CA GLU H 128 27.91 6.33 -26.53
C GLU H 128 28.40 6.74 -25.16
N THR H 129 28.48 8.04 -24.91
CA THR H 129 28.93 8.52 -23.61
C THR H 129 28.01 8.05 -22.49
N SER H 130 26.76 7.75 -22.82
CA SER H 130 25.85 7.21 -21.82
C SER H 130 25.86 5.68 -21.84
N ASN H 131 26.75 5.10 -22.67
CA ASN H 131 26.80 3.66 -22.88
C ASN H 131 25.47 3.15 -23.42
N PHE H 132 24.98 2.06 -22.85
CA PHE H 132 23.65 1.50 -23.11
C PHE H 132 23.28 1.56 -24.58
N PRO H 133 24.17 1.14 -25.46
CA PRO H 133 23.94 1.31 -26.90
C PRO H 133 22.95 0.30 -27.48
N LYS H 134 21.78 0.17 -26.87
CA LYS H 134 20.80 -0.77 -27.36
C LYS H 134 20.04 -0.12 -28.49
N LEU H 135 19.10 0.80 -28.22
CA LEU H 135 18.25 1.32 -29.28
C LEU H 135 18.92 2.45 -30.07
N LEU H 136 19.61 3.36 -29.38
CA LEU H 136 20.14 4.54 -30.03
C LEU H 136 21.07 4.16 -31.19
N ILE H 137 21.99 3.23 -30.93
CA ILE H 137 22.85 2.75 -32.00
C ILE H 137 22.03 2.25 -33.19
N ALA H 138 21.01 1.42 -32.94
CA ALA H 138 20.11 0.98 -34.00
C ALA H 138 19.63 2.16 -34.83
N LEU H 139 18.92 3.08 -34.20
CA LEU H 139 18.39 4.24 -34.92
C LEU H 139 19.46 4.89 -35.79
N LEU H 140 20.64 5.12 -35.22
CA LEU H 140 21.72 5.70 -36.00
C LEU H 140 22.02 4.85 -37.23
N ILE H 141 21.92 3.53 -37.08
CA ILE H 141 22.15 2.64 -38.23
C ILE H 141 21.07 2.94 -39.26
N TYR H 142 19.85 3.17 -38.80
CA TYR H 142 18.79 3.52 -39.73
C TYR H 142 19.12 4.76 -40.55
N TRP H 143 19.39 5.89 -39.89
CA TRP H 143 19.72 7.11 -40.63
C TRP H 143 20.86 6.88 -41.61
N THR H 144 21.96 6.33 -41.12
CA THR H 144 23.09 6.03 -41.99
C THR H 144 22.67 5.26 -43.22
N LEU H 145 21.76 4.29 -43.05
CA LEU H 145 21.24 3.57 -44.20
C LEU H 145 20.50 4.50 -45.15
N ALA H 146 19.44 5.15 -44.65
CA ALA H 146 18.57 5.90 -45.53
C ALA H 146 19.31 7.01 -46.27
N PHE H 147 20.53 7.32 -45.84
CA PHE H 147 21.40 8.13 -46.69
C PHE H 147 21.62 7.46 -48.05
N ILE H 148 21.94 6.16 -48.04
CA ILE H 148 22.49 5.50 -49.21
C ILE H 148 21.55 5.66 -50.41
N THR H 149 20.25 5.72 -50.14
CA THR H 149 19.30 5.95 -51.22
C THR H 149 19.53 7.32 -51.86
N LYS H 150 19.73 8.35 -51.04
CA LYS H 150 20.03 9.66 -51.60
C LYS H 150 21.30 9.61 -52.43
N THR H 151 22.35 8.97 -51.91
CA THR H 151 23.56 8.80 -52.71
C THR H 151 23.24 8.17 -54.05
N ILE H 152 22.36 7.17 -54.05
CA ILE H 152 21.95 6.54 -55.30
C ILE H 152 21.31 7.57 -56.22
N LYS H 153 20.45 8.43 -55.67
CA LYS H 153 19.89 9.49 -56.49
C LYS H 153 20.97 10.27 -57.18
N PHE H 154 22.11 10.48 -56.52
CA PHE H 154 23.25 11.02 -57.24
C PHE H 154 23.72 10.04 -58.31
N VAL H 155 23.62 8.73 -58.03
CA VAL H 155 24.10 7.73 -59.00
C VAL H 155 23.31 7.72 -60.30
N LYS H 156 22.02 8.04 -60.27
CA LYS H 156 21.30 8.25 -61.53
C LYS H 156 21.53 9.65 -62.07
N PHE H 157 21.85 10.61 -61.19
CA PHE H 157 22.26 11.94 -61.61
C PHE H 157 23.61 11.89 -62.33
N TYR H 158 24.22 10.71 -62.39
CA TYR H 158 25.55 10.49 -62.95
C TYR H 158 25.71 10.76 -64.46
N ASP H 159 24.64 11.12 -65.18
CA ASP H 159 24.74 11.20 -66.64
C ASP H 159 25.75 12.23 -67.16
N HIS H 160 26.17 13.21 -66.36
CA HIS H 160 27.10 14.25 -66.82
C HIS H 160 28.26 14.38 -65.85
N ALA H 161 29.48 14.24 -66.40
CA ALA H 161 30.68 13.89 -65.64
C ALA H 161 31.59 15.07 -65.26
N ILE H 162 31.20 16.32 -65.56
CA ILE H 162 32.07 17.46 -65.29
C ILE H 162 32.58 17.41 -63.86
N GLY H 163 31.67 17.24 -62.90
CA GLY H 163 31.98 17.12 -61.49
C GLY H 163 31.55 18.30 -60.63
N PHE H 164 31.19 19.42 -61.24
CA PHE H 164 31.04 20.70 -60.54
C PHE H 164 30.29 20.52 -59.23
N SER H 165 28.99 20.22 -59.30
CA SER H 165 28.33 19.70 -58.12
C SER H 165 28.61 18.23 -57.94
N GLN H 166 28.89 17.54 -59.03
CA GLN H 166 29.01 16.08 -58.98
C GLN H 166 30.12 15.68 -58.04
N LEU H 167 31.28 16.33 -58.14
CA LEU H 167 32.43 15.91 -57.36
C LEU H 167 32.14 15.93 -55.86
N ARG H 168 31.61 17.05 -55.36
CA ARG H 168 31.26 17.12 -53.96
C ARG H 168 30.14 16.14 -53.63
N PHE H 169 29.24 15.90 -54.58
CA PHE H 169 28.07 15.09 -54.30
C PHE H 169 28.45 13.62 -54.15
N CYS H 170 28.82 12.98 -55.25
CA CYS H 170 29.25 11.59 -55.15
C CYS H 170 30.40 11.45 -54.15
N LEU H 171 31.23 12.48 -54.03
CA LEU H 171 32.17 12.54 -52.92
C LEU H 171 31.46 12.24 -51.61
N THR H 172 30.31 12.89 -51.39
CA THR H 172 29.50 12.56 -50.23
C THR H 172 28.96 11.14 -50.34
N GLY H 173 28.90 10.59 -51.54
CA GLY H 173 28.51 9.20 -51.67
C GLY H 173 29.51 8.31 -50.96
N LEU H 174 30.78 8.41 -51.38
CA LEU H 174 31.81 7.64 -50.71
C LEU H 174 31.89 7.94 -49.23
N LEU H 175 31.84 9.22 -48.86
CA LEU H 175 31.94 9.60 -47.46
C LEU H 175 30.86 8.93 -46.62
N VAL H 176 29.61 9.35 -46.83
CA VAL H 176 28.50 8.81 -46.07
C VAL H 176 28.53 7.29 -46.06
N ILE H 177 28.82 6.68 -47.20
CA ILE H 177 28.85 5.22 -47.23
C ILE H 177 29.89 4.68 -46.27
N LEU H 178 31.13 5.16 -46.36
CA LEU H 178 32.18 4.65 -45.48
C LEU H 178 31.79 4.81 -44.03
N TYR H 179 31.17 5.94 -43.69
CA TYR H 179 30.62 6.08 -42.35
C TYR H 179 29.69 4.93 -42.00
N GLY H 180 28.76 4.61 -42.90
CA GLY H 180 27.85 3.50 -42.64
C GLY H 180 28.59 2.22 -42.34
N MET H 181 29.67 1.97 -43.09
CA MET H 181 30.54 0.86 -42.74
C MET H 181 31.09 1.02 -41.32
N LEU H 182 31.36 2.26 -40.89
CA LEU H 182 31.87 2.44 -39.53
C LEU H 182 30.87 1.92 -38.51
N LEU H 183 29.60 2.35 -38.63
CA LEU H 183 28.59 1.81 -37.73
C LEU H 183 28.55 0.29 -37.81
N LEU H 184 28.75 -0.25 -39.02
CA LEU H 184 28.88 -1.69 -39.13
C LEU H 184 29.97 -2.21 -38.21
N VAL H 185 31.11 -1.52 -38.18
CA VAL H 185 32.17 -1.93 -37.25
C VAL H 185 31.69 -1.83 -35.81
N GLU H 186 30.81 -0.87 -35.51
CA GLU H 186 30.23 -0.78 -34.17
C GLU H 186 29.47 -2.06 -33.85
N VAL H 187 28.80 -2.63 -34.83
CA VAL H 187 28.33 -4.00 -34.64
C VAL H 187 29.50 -4.96 -34.56
N ASN H 188 30.66 -4.57 -35.11
CA ASN H 188 31.76 -5.53 -35.26
C ASN H 188 32.71 -5.54 -34.06
N VAL H 189 32.38 -4.81 -33.00
CA VAL H 189 33.14 -4.95 -31.75
C VAL H 189 32.21 -5.41 -30.64
N ILE H 190 31.36 -4.50 -30.15
CA ILE H 190 30.52 -4.83 -29.01
C ILE H 190 29.33 -5.70 -29.40
N ARG H 191 28.89 -5.63 -30.67
CA ARG H 191 27.74 -6.40 -31.14
C ARG H 191 26.46 -6.03 -30.37
N VAL H 192 25.97 -4.82 -30.66
CA VAL H 192 24.83 -4.26 -29.94
C VAL H 192 23.55 -5.07 -30.15
N ARG H 193 23.24 -5.42 -31.39
CA ARG H 193 21.93 -5.93 -31.78
C ARG H 193 21.64 -7.30 -31.18
N ARG H 194 20.36 -7.68 -31.26
CA ARG H 194 19.80 -8.90 -30.69
C ARG H 194 20.41 -10.18 -31.28
N TYR H 195 21.29 -10.06 -32.27
CA TYR H 195 21.85 -11.25 -32.91
C TYR H 195 22.71 -12.07 -31.95
N ILE H 196 22.42 -13.37 -31.88
CA ILE H 196 23.30 -14.39 -31.33
C ILE H 196 23.34 -14.37 -29.80
N PHE H 197 22.62 -13.45 -29.17
CA PHE H 197 22.46 -13.41 -27.72
C PHE H 197 23.81 -13.35 -27.03
N PHE H 198 24.75 -12.64 -27.65
CA PHE H 198 26.04 -12.41 -27.03
C PHE H 198 26.01 -11.21 -26.09
N LYS H 199 24.88 -10.50 -26.02
CA LYS H 199 24.71 -9.33 -25.16
C LYS H 199 25.77 -8.27 -25.45
N THR H 200 26.63 -7.98 -24.48
CA THR H 200 27.67 -6.98 -24.62
C THR H 200 28.96 -7.51 -23.99
N PRO H 201 29.76 -8.22 -24.77
CA PRO H 201 31.02 -8.75 -24.23
C PRO H 201 32.06 -7.65 -24.03
N ARG H 202 32.98 -7.89 -23.09
CA ARG H 202 34.09 -7.00 -22.77
C ARG H 202 33.60 -5.58 -22.44
N GLU H 203 32.80 -5.51 -21.37
CA GLU H 203 32.21 -4.25 -20.91
C GLU H 203 32.73 -3.91 -19.52
N VAL H 204 33.60 -2.90 -19.43
CA VAL H 204 34.00 -2.28 -18.17
C VAL H 204 34.60 -0.92 -18.51
N LYS H 205 34.68 -0.04 -17.52
CA LYS H 205 35.20 1.30 -17.79
C LYS H 205 36.72 1.32 -17.72
N PRO H 206 37.38 2.29 -18.33
CA PRO H 206 38.82 2.46 -18.13
C PRO H 206 39.12 2.78 -16.68
N PRO H 207 40.34 2.51 -16.21
CA PRO H 207 40.61 2.59 -14.76
C PRO H 207 40.53 3.99 -14.17
N GLU H 208 39.31 4.49 -13.98
CA GLU H 208 39.07 5.84 -13.47
C GLU H 208 38.32 5.78 -12.15
N ASP H 209 38.99 6.23 -11.09
CA ASP H 209 38.37 6.37 -9.77
C ASP H 209 38.65 7.75 -9.16
N LEU H 210 39.91 8.02 -8.84
CA LEU H 210 40.29 9.38 -8.47
C LEU H 210 40.45 10.27 -9.70
N GLN H 211 41.25 9.82 -10.66
CA GLN H 211 41.46 10.48 -11.96
C GLN H 211 41.88 11.93 -11.71
N ASP H 212 41.38 12.90 -12.47
CA ASP H 212 41.83 14.28 -12.30
C ASP H 212 41.20 14.91 -11.07
N LEU H 213 39.90 14.77 -10.91
CA LEU H 213 39.21 15.45 -9.81
C LEU H 213 37.83 14.88 -9.56
N ASN H 223 36.34 13.07 -24.87
CA ASN H 223 36.17 12.64 -26.25
C ASN H 223 37.09 13.41 -27.19
N LEU H 224 37.10 13.03 -28.46
CA LEU H 224 38.13 13.50 -29.39
C LEU H 224 37.95 14.97 -29.76
N LEU H 225 36.92 15.30 -30.53
CA LEU H 225 36.77 16.66 -31.04
C LEU H 225 36.68 17.74 -29.97
N SER H 226 35.90 17.49 -28.93
CA SER H 226 35.83 18.44 -27.83
C SER H 226 37.20 18.47 -27.11
N LYS H 227 37.80 17.29 -26.97
CA LYS H 227 39.08 17.12 -26.28
C LYS H 227 40.21 17.88 -26.94
N GLY H 228 40.22 17.91 -28.26
CA GLY H 228 41.28 18.57 -29.00
C GLY H 228 41.39 20.06 -28.71
N THR H 229 40.25 20.71 -28.51
CA THR H 229 40.18 22.15 -28.26
C THR H 229 40.16 22.50 -26.77
N TYR H 230 40.51 21.51 -25.95
CA TYR H 230 40.60 21.65 -24.50
C TYR H 230 39.33 22.06 -23.74
N TRP H 231 38.20 21.51 -24.17
CA TRP H 231 36.90 21.73 -23.51
C TRP H 231 36.83 21.13 -22.11
N TRP H 232 37.59 20.05 -21.89
CA TRP H 232 37.61 19.32 -20.62
C TRP H 232 38.12 20.08 -19.41
N MET H 233 38.91 21.13 -19.62
CA MET H 233 39.46 21.88 -18.50
C MET H 233 38.55 22.99 -17.97
N ASN H 234 37.36 23.12 -18.53
CA ASN H 234 36.45 24.17 -18.13
C ASN H 234 36.10 24.09 -16.64
N ALA H 235 35.86 22.89 -16.13
CA ALA H 235 35.56 22.78 -14.70
C ALA H 235 36.77 23.14 -13.86
N PHE H 236 37.94 22.71 -14.32
CA PHE H 236 39.18 22.94 -13.60
C PHE H 236 39.48 24.43 -13.49
N ILE H 237 39.11 25.19 -14.51
CA ILE H 237 39.42 26.61 -14.55
C ILE H 237 38.33 27.46 -13.90
N LYS H 238 37.14 26.91 -13.72
CA LYS H 238 36.10 27.66 -13.03
C LYS H 238 36.14 27.34 -11.54
N THR H 239 35.89 26.07 -11.20
CA THR H 239 36.12 25.61 -9.84
C THR H 239 37.53 25.91 -9.39
N ALA H 240 38.46 26.08 -10.33
CA ALA H 240 39.76 26.62 -10.00
C ALA H 240 39.57 27.92 -9.22
N HIS H 241 38.94 28.91 -9.85
CA HIS H 241 38.74 30.18 -9.15
C HIS H 241 37.76 30.08 -8.00
N LYS H 242 36.97 29.01 -7.91
CA LYS H 242 36.02 28.88 -6.81
C LYS H 242 36.68 29.14 -5.46
N LYS H 243 37.81 28.49 -5.22
CA LYS H 243 38.77 28.86 -4.20
C LYS H 243 40.16 28.53 -4.72
N PRO H 244 41.16 29.35 -4.40
CA PRO H 244 42.50 29.13 -4.95
C PRO H 244 42.96 27.69 -4.75
N ILE H 245 43.69 27.18 -5.74
CA ILE H 245 43.88 25.75 -5.89
C ILE H 245 44.81 25.22 -4.81
N ASP H 246 44.62 23.94 -4.48
CA ASP H 246 45.42 23.29 -3.46
C ASP H 246 45.87 21.93 -3.97
N LEU H 247 46.93 21.41 -3.35
CA LEU H 247 47.43 20.09 -3.73
C LEU H 247 46.35 19.02 -3.56
N ARG H 248 45.33 19.30 -2.74
CA ARG H 248 44.23 18.36 -2.62
C ARG H 248 43.39 18.32 -3.89
N ALA H 249 43.26 19.46 -4.56
CA ALA H 249 42.43 19.53 -5.76
C ALA H 249 43.07 18.76 -6.91
N ILE H 250 44.38 18.81 -7.02
CA ILE H 250 45.08 18.04 -8.03
C ILE H 250 45.31 16.64 -7.50
N GLY H 251 45.30 15.66 -8.38
CA GLY H 251 45.40 14.28 -7.95
C GLY H 251 46.19 13.47 -8.96
N LYS H 252 46.55 12.25 -8.54
CA LYS H 252 47.54 11.45 -9.26
C LYS H 252 47.21 11.34 -10.74
N LEU H 253 48.24 11.40 -11.57
CA LEU H 253 48.05 11.19 -12.99
C LEU H 253 47.54 9.76 -13.21
N PRO H 254 46.98 9.47 -14.37
CA PRO H 254 46.48 8.13 -14.64
C PRO H 254 47.62 7.14 -14.82
N ILE H 255 47.25 5.87 -14.97
CA ILE H 255 48.19 4.77 -15.15
C ILE H 255 49.08 5.05 -16.35
N ALA H 256 48.49 5.15 -17.53
CA ALA H 256 49.29 5.39 -18.72
C ALA H 256 50.13 6.65 -18.62
N MET H 257 49.76 7.59 -17.76
CA MET H 257 50.63 8.71 -17.47
C MET H 257 51.52 8.47 -16.26
N ARG H 258 51.36 7.34 -15.58
CA ARG H 258 52.06 7.10 -14.32
C ARG H 258 53.52 6.83 -14.59
N ALA H 259 54.38 7.47 -13.82
CA ALA H 259 55.82 7.34 -14.04
C ALA H 259 56.26 5.89 -13.96
N LEU H 260 55.57 5.06 -13.16
CA LEU H 260 55.99 3.68 -13.00
C LEU H 260 56.02 2.99 -14.35
N THR H 261 54.84 2.76 -14.94
CA THR H 261 54.78 2.04 -16.22
C THR H 261 55.63 2.72 -17.28
N ASN H 262 55.83 4.02 -17.14
CA ASN H 262 56.71 4.76 -18.02
C ASN H 262 58.09 4.13 -17.96
N TYR H 263 58.74 4.21 -16.79
CA TYR H 263 60.04 3.57 -16.65
C TYR H 263 59.97 2.08 -16.96
N GLN H 264 58.81 1.46 -16.76
CA GLN H 264 58.65 0.04 -17.04
C GLN H 264 58.94 -0.28 -18.49
N ARG H 265 58.12 0.25 -19.40
CA ARG H 265 58.35 -0.03 -20.81
C ARG H 265 59.67 0.54 -21.28
N LEU H 266 60.00 1.77 -20.85
CA LEU H 266 61.31 2.33 -21.18
C LEU H 266 62.40 1.33 -20.88
N CYS H 267 62.30 0.68 -19.72
CA CYS H 267 63.37 -0.18 -19.25
C CYS H 267 63.37 -1.52 -19.95
N VAL H 268 62.20 -2.05 -20.32
CA VAL H 268 62.19 -3.32 -21.03
C VAL H 268 62.65 -3.13 -22.46
N ALA H 269 61.95 -2.28 -23.22
CA ALA H 269 62.39 -1.99 -24.58
C ALA H 269 63.84 -1.56 -24.63
N PHE H 270 64.31 -0.84 -23.62
CA PHE H 270 65.72 -0.50 -23.55
C PHE H 270 66.59 -1.71 -23.29
N ASP H 271 66.26 -2.53 -22.29
CA ASP H 271 66.93 -3.78 -22.01
C ASP H 271 66.84 -4.76 -23.19
N ALA H 272 65.83 -4.61 -24.04
CA ALA H 272 65.74 -5.45 -25.22
C ALA H 272 66.83 -5.15 -26.23
N GLN H 273 67.55 -4.04 -26.08
CA GLN H 273 68.61 -3.68 -27.02
C GLN H 273 69.92 -4.33 -26.64
N ARG H 285 76.39 2.78 -23.42
CA ARG H 285 76.62 3.21 -24.79
C ARG H 285 75.65 4.30 -25.21
N ALA H 286 75.40 4.43 -26.51
CA ALA H 286 74.60 5.54 -27.02
C ALA H 286 73.14 5.12 -27.01
N ILE H 287 72.36 5.74 -26.14
CA ILE H 287 70.99 5.32 -25.91
C ILE H 287 69.99 5.92 -26.90
N TRP H 288 70.32 7.04 -27.56
CA TRP H 288 69.30 7.76 -28.33
C TRP H 288 68.49 6.83 -29.20
N ARG H 289 69.15 5.87 -29.83
CA ARG H 289 68.49 4.81 -30.57
C ARG H 289 67.45 4.16 -29.68
N ALA H 290 67.82 3.89 -28.44
CA ALA H 290 66.93 3.17 -27.54
C ALA H 290 65.78 4.05 -27.07
N LEU H 291 66.06 5.27 -26.64
CA LEU H 291 64.99 6.14 -26.14
C LEU H 291 63.99 6.45 -27.25
N CYS H 292 64.45 7.01 -28.35
CA CYS H 292 63.53 7.36 -29.42
C CYS H 292 62.93 6.11 -30.06
N HIS H 293 63.58 4.95 -29.86
CA HIS H 293 62.94 3.71 -30.27
C HIS H 293 62.03 3.17 -29.18
N ALA H 294 61.92 3.86 -28.06
CA ALA H 294 60.93 3.51 -27.05
C ALA H 294 59.69 4.37 -27.22
N PHE H 295 59.84 5.69 -27.08
CA PHE H 295 58.73 6.61 -27.24
C PHE H 295 58.51 7.04 -28.69
N GLY H 296 59.25 6.46 -29.62
CA GLY H 296 59.17 6.89 -31.01
C GLY H 296 57.77 6.94 -31.57
N ARG H 297 56.87 6.07 -31.10
CA ARG H 297 55.50 6.09 -31.60
C ARG H 297 54.90 7.46 -31.37
N ARG H 298 54.70 7.84 -30.12
CA ARG H 298 54.19 9.17 -29.83
C ARG H 298 55.07 10.26 -30.44
N LEU H 299 56.36 10.03 -30.54
CA LEU H 299 57.24 11.03 -31.15
C LEU H 299 56.81 11.32 -32.59
N ILE H 300 56.84 10.29 -33.43
CA ILE H 300 56.48 10.49 -34.84
C ILE H 300 55.04 10.98 -34.93
N LEU H 301 54.15 10.40 -34.13
CA LEU H 301 52.75 10.82 -34.12
C LEU H 301 52.66 12.32 -33.95
N SER H 302 53.41 12.86 -33.01
CA SER H 302 53.50 14.30 -32.91
C SER H 302 53.99 14.90 -34.21
N SER H 303 55.08 14.34 -34.75
CA SER H 303 55.73 14.95 -35.90
C SER H 303 54.76 15.15 -37.04
N THR H 304 54.24 14.06 -37.61
CA THR H 304 53.48 14.17 -38.84
C THR H 304 52.28 15.09 -38.69
N PHE H 305 51.64 15.06 -37.53
CA PHE H 305 50.51 15.96 -37.32
C PHE H 305 51.01 17.39 -37.33
N ARG H 306 52.19 17.61 -36.75
CA ARG H 306 52.78 18.93 -36.79
C ARG H 306 53.02 19.38 -38.21
N ILE H 307 53.37 18.45 -39.10
CA ILE H 307 53.67 18.89 -40.45
C ILE H 307 52.38 19.12 -41.23
N LEU H 308 51.30 18.42 -40.87
CA LEU H 308 50.05 18.77 -41.53
C LEU H 308 49.53 20.12 -41.05
N ALA H 309 49.81 20.47 -39.80
CA ALA H 309 49.43 21.78 -39.29
C ALA H 309 50.30 22.86 -39.93
N ASP H 310 51.59 22.60 -40.03
CA ASP H 310 52.52 23.60 -40.55
C ASP H 310 52.31 23.83 -42.03
N LEU H 311 52.19 22.75 -42.81
CA LEU H 311 52.14 22.87 -44.25
C LEU H 311 50.99 23.75 -44.69
N LEU H 312 49.83 23.60 -44.07
CA LEU H 312 48.72 24.50 -44.31
C LEU H 312 48.83 25.78 -43.51
N GLY H 313 49.93 25.97 -42.77
CA GLY H 313 50.25 27.29 -42.29
C GLY H 313 50.24 28.31 -43.40
N PHE H 314 50.56 27.90 -44.62
CA PHE H 314 50.45 28.74 -45.81
C PHE H 314 49.02 29.18 -46.08
N ALA H 315 48.04 28.64 -45.36
CA ALA H 315 46.64 28.94 -45.63
C ALA H 315 46.38 30.43 -45.76
N GLY H 316 47.00 31.22 -44.88
CA GLY H 316 46.79 32.65 -44.91
C GLY H 316 47.20 33.26 -46.23
N PRO H 317 48.40 32.93 -46.67
CA PRO H 317 48.91 33.60 -47.89
C PRO H 317 48.06 33.37 -49.12
N LEU H 318 47.75 32.11 -49.43
CA LEU H 318 47.07 31.84 -50.68
C LEU H 318 45.69 32.47 -50.68
N CYS H 319 44.97 32.35 -49.56
CA CYS H 319 43.70 33.03 -49.43
C CYS H 319 43.86 34.54 -49.62
N ILE H 320 44.94 35.10 -49.10
CA ILE H 320 45.20 36.52 -49.32
C ILE H 320 45.30 36.82 -50.80
N PHE H 321 45.92 35.91 -51.56
CA PHE H 321 46.01 36.12 -53.01
C PHE H 321 44.64 36.03 -53.65
N GLY H 322 43.82 35.08 -53.19
CA GLY H 322 42.54 34.87 -53.84
C GLY H 322 41.60 36.05 -53.71
N ILE H 323 41.28 36.43 -52.48
CA ILE H 323 40.43 37.60 -52.30
C ILE H 323 41.17 38.85 -52.76
N VAL H 324 42.50 38.77 -52.81
CA VAL H 324 43.28 39.87 -53.35
C VAL H 324 42.97 40.10 -54.81
N ASP H 325 42.34 39.11 -55.46
CA ASP H 325 41.96 39.28 -56.85
C ASP H 325 40.93 40.40 -57.00
N HIS H 326 39.82 40.29 -56.27
CA HIS H 326 38.78 41.31 -56.34
C HIS H 326 38.85 42.18 -55.10
N ASN H 354 33.76 35.21 -57.10
CA ASN H 354 33.92 34.07 -56.21
C ASN H 354 34.43 34.52 -54.84
N ALA H 355 34.06 35.73 -54.44
CA ALA H 355 34.62 36.31 -53.22
C ALA H 355 34.22 35.54 -51.97
N TYR H 356 32.92 35.48 -51.70
CA TYR H 356 32.42 35.02 -50.42
C TYR H 356 32.85 33.58 -50.13
N VAL H 357 32.73 32.72 -51.13
CA VAL H 357 33.14 31.33 -50.97
C VAL H 357 34.58 31.26 -50.50
N LEU H 358 35.48 31.93 -51.22
CA LEU H 358 36.87 31.97 -50.80
C LEU H 358 36.99 32.47 -49.37
N ALA H 359 36.16 33.44 -48.99
CA ALA H 359 36.22 33.96 -47.63
C ALA H 359 35.95 32.85 -46.62
N VAL H 360 34.80 32.21 -46.73
CA VAL H 360 34.41 31.22 -45.73
C VAL H 360 35.41 30.07 -45.71
N LEU H 361 35.74 29.53 -46.89
CA LEU H 361 36.75 28.48 -46.96
C LEU H 361 38.00 28.90 -46.20
N LEU H 362 38.39 30.18 -46.34
CA LEU H 362 39.52 30.68 -45.58
C LEU H 362 39.24 30.61 -44.09
N PHE H 363 38.00 30.88 -43.67
CA PHE H 363 37.69 30.79 -42.26
C PHE H 363 37.94 29.40 -41.73
N LEU H 364 37.28 28.40 -42.32
CA LEU H 364 37.47 27.03 -41.88
C LEU H 364 38.95 26.67 -41.91
N ALA H 365 39.64 27.10 -42.96
CA ALA H 365 41.08 26.89 -43.08
C ALA H 365 41.78 27.34 -41.81
N LEU H 366 41.68 28.64 -41.51
CA LEU H 366 42.33 29.20 -40.33
C LEU H 366 42.03 28.36 -39.09
N LEU H 367 40.77 27.98 -38.91
CA LEU H 367 40.41 27.17 -37.74
C LEU H 367 41.24 25.89 -37.68
N LEU H 368 41.16 25.09 -38.75
CA LEU H 368 41.90 23.84 -38.78
C LEU H 368 43.38 24.08 -38.49
N GLN H 369 43.98 25.06 -39.17
CA GLN H 369 45.40 25.32 -38.99
C GLN H 369 45.73 25.60 -37.53
N ARG H 370 45.10 26.63 -36.96
CA ARG H 370 45.39 27.01 -35.59
C ARG H 370 45.27 25.81 -34.65
N THR H 371 44.09 25.16 -34.65
CA THR H 371 43.88 24.06 -33.71
C THR H 371 44.98 23.03 -33.86
N PHE H 372 45.18 22.54 -35.08
CA PHE H 372 46.18 21.51 -35.32
C PHE H 372 47.52 21.90 -34.72
N LEU H 373 47.98 23.12 -34.98
CA LEU H 373 49.27 23.54 -34.46
C LEU H 373 49.32 23.43 -32.94
N GLN H 374 48.29 23.94 -32.27
CA GLN H 374 48.34 23.92 -30.82
C GLN H 374 48.40 22.51 -30.29
N ALA H 375 47.50 21.64 -30.77
CA ALA H 375 47.50 20.27 -30.29
C ALA H 375 48.84 19.60 -30.58
N SER H 376 49.49 20.02 -31.65
CA SER H 376 50.87 19.60 -31.88
C SER H 376 51.74 19.95 -30.68
N TYR H 377 51.74 21.23 -30.28
CA TYR H 377 52.48 21.62 -29.08
C TYR H 377 52.17 20.70 -27.91
N TYR H 378 50.90 20.33 -27.77
CA TYR H 378 50.51 19.39 -26.73
C TYR H 378 51.25 18.08 -26.86
N VAL H 379 51.17 17.43 -28.02
CA VAL H 379 51.87 16.18 -28.23
C VAL H 379 53.32 16.31 -27.79
N ALA H 380 53.98 17.38 -28.22
CA ALA H 380 55.38 17.59 -27.88
C ALA H 380 55.61 17.61 -26.37
N ILE H 381 55.15 18.68 -25.71
CA ILE H 381 55.46 18.85 -24.31
C ILE H 381 55.07 17.61 -23.52
N GLU H 382 53.90 17.06 -23.80
CA GLU H 382 53.39 15.87 -23.15
C GLU H 382 54.43 14.76 -23.18
N THR H 383 54.78 14.34 -24.39
CA THR H 383 55.85 13.38 -24.55
C THR H 383 57.01 13.79 -23.66
N GLY H 384 57.24 15.09 -23.56
CA GLY H 384 58.28 15.58 -22.67
C GLY H 384 58.08 15.12 -21.24
N ILE H 385 56.88 15.38 -20.69
CA ILE H 385 56.62 15.05 -19.30
C ILE H 385 56.97 13.59 -19.06
N ASN H 386 56.47 12.71 -19.93
CA ASN H 386 56.82 11.30 -19.75
C ASN H 386 58.33 11.09 -19.79
N LEU H 387 58.97 11.55 -20.87
CA LEU H 387 60.39 11.33 -21.11
C LEU H 387 61.23 11.70 -19.91
N ARG H 388 61.21 12.97 -19.52
CA ARG H 388 62.00 13.41 -18.37
C ARG H 388 61.63 12.62 -17.12
N GLY H 389 60.33 12.44 -16.89
CA GLY H 389 59.91 11.72 -15.70
C GLY H 389 60.62 10.41 -15.53
N ALA H 390 60.62 9.60 -16.59
CA ALA H 390 61.33 8.32 -16.50
C ALA H 390 62.84 8.54 -16.46
N ILE H 391 63.34 9.57 -17.14
CA ILE H 391 64.78 9.85 -17.12
C ILE H 391 65.26 9.90 -15.68
N GLN H 392 64.46 10.48 -14.79
CA GLN H 392 64.80 10.46 -13.37
C GLN H 392 64.88 9.03 -12.83
N THR H 393 63.84 8.24 -13.13
CA THR H 393 63.82 6.85 -12.68
C THR H 393 65.12 6.16 -13.03
N LYS H 394 65.61 6.37 -14.25
CA LYS H 394 66.94 5.86 -14.58
C LYS H 394 68.00 6.53 -13.71
N ILE H 395 67.85 7.82 -13.43
CA ILE H 395 68.89 8.55 -12.73
C ILE H 395 69.19 7.89 -11.39
N TYR H 396 68.27 8.00 -10.44
CA TYR H 396 68.55 7.42 -9.13
C TYR H 396 68.57 5.90 -9.23
N ASN H 397 67.74 5.33 -10.10
CA ASN H 397 67.64 3.87 -10.21
C ASN H 397 69.00 3.24 -10.45
N LYS H 398 69.81 3.83 -11.34
CA LYS H 398 71.17 3.36 -11.48
C LYS H 398 72.07 3.88 -10.37
N ILE H 399 71.82 5.11 -9.92
CA ILE H 399 72.71 5.77 -8.98
C ILE H 399 72.89 4.94 -7.72
N MET H 400 71.78 4.62 -7.05
CA MET H 400 71.87 3.87 -5.80
C MET H 400 72.44 2.48 -6.04
N HIS H 401 71.87 1.75 -7.00
CA HIS H 401 72.25 0.36 -7.24
C HIS H 401 73.69 0.24 -7.71
N LEU H 402 74.38 1.36 -7.91
CA LEU H 402 75.78 1.39 -8.33
C LEU H 402 76.72 1.27 -7.14
N SER H 403 78.03 1.23 -7.42
CA SER H 403 79.01 1.13 -6.36
C SER H 403 79.20 2.49 -5.70
N THR H 404 79.39 2.47 -4.38
CA THR H 404 79.58 3.68 -3.60
C THR H 404 81.00 4.19 -3.63
N SER H 405 81.96 3.34 -3.99
CA SER H 405 83.37 3.74 -3.99
C SER H 405 83.66 4.87 -4.95
N ASN H 406 82.79 5.09 -5.93
CA ASN H 406 82.92 6.23 -6.84
C ASN H 406 82.73 7.55 -6.13
N LEU H 407 82.32 7.54 -4.87
CA LEU H 407 82.32 8.76 -4.06
C LEU H 407 83.75 9.26 -3.94
N SER H 408 84.70 8.43 -4.37
CA SER H 408 86.03 8.91 -4.70
C SER H 408 85.90 10.13 -5.62
N MET H 409 84.88 10.14 -6.48
CA MET H 409 84.54 11.36 -7.20
C MET H 409 83.74 12.33 -6.33
N GLY H 410 82.78 11.81 -5.57
CA GLY H 410 82.15 12.58 -4.51
C GLY H 410 81.42 13.85 -4.92
N GLU H 411 81.87 14.98 -4.36
CA GLU H 411 81.16 16.24 -4.49
C GLU H 411 80.95 16.65 -5.93
N MET H 412 81.92 16.38 -6.80
CA MET H 412 81.74 16.67 -8.21
C MET H 412 80.49 15.98 -8.76
N THR H 413 80.32 14.68 -8.44
CA THR H 413 79.09 14.00 -8.83
C THR H 413 77.90 14.59 -8.08
N ALA H 414 78.12 15.08 -6.86
CA ALA H 414 77.03 15.71 -6.12
C ALA H 414 76.48 16.92 -6.87
N GLY H 415 77.25 18.01 -6.91
CA GLY H 415 76.76 19.20 -7.58
C GLY H 415 76.54 18.96 -9.06
N GLN H 416 77.57 18.45 -9.75
CA GLN H 416 77.48 18.24 -11.20
C GLN H 416 76.38 17.25 -11.55
N ILE H 417 76.49 16.01 -11.06
CA ILE H 417 75.51 14.96 -11.39
C ILE H 417 74.11 15.31 -10.89
N CYS H 418 74.00 16.08 -9.82
CA CYS H 418 72.72 16.71 -9.53
C CYS H 418 72.26 17.56 -10.71
N ASN H 419 73.10 18.49 -11.14
CA ASN H 419 72.73 19.35 -12.26
C ASN H 419 72.49 18.55 -13.53
N LEU H 420 72.83 17.26 -13.51
CA LEU H 420 72.46 16.40 -14.63
C LEU H 420 70.95 16.20 -14.66
N VAL H 421 70.38 15.78 -13.54
CA VAL H 421 68.93 15.70 -13.45
C VAL H 421 68.31 17.09 -13.55
N ALA H 422 68.65 17.98 -12.62
CA ALA H 422 68.03 19.30 -12.58
C ALA H 422 68.21 20.04 -13.90
N ILE H 423 69.46 20.35 -14.24
CA ILE H 423 69.72 21.06 -15.48
C ILE H 423 69.57 20.14 -16.69
N ASP H 424 70.42 19.12 -16.79
CA ASP H 424 70.49 18.32 -18.02
C ASP H 424 69.16 17.67 -18.34
N THR H 425 68.35 17.37 -17.32
CA THR H 425 67.01 16.88 -17.63
C THR H 425 66.24 17.91 -18.43
N ASN H 426 66.03 19.08 -17.83
CA ASN H 426 65.21 20.12 -18.47
C ASN H 426 65.76 20.47 -19.84
N GLN H 427 67.08 20.47 -19.97
CA GLN H 427 67.69 20.47 -21.29
C GLN H 427 67.04 19.40 -22.15
N LEU H 428 67.19 18.15 -21.74
CA LEU H 428 66.77 17.03 -22.57
C LEU H 428 65.30 17.14 -22.99
N MET H 429 64.39 17.28 -22.02
CA MET H 429 62.97 17.29 -22.35
C MET H 429 62.62 18.52 -23.16
N TRP H 430 63.34 19.62 -22.97
CA TRP H 430 63.14 20.78 -23.84
C TRP H 430 63.50 20.43 -25.27
N PHE H 431 64.67 19.82 -25.47
CA PHE H 431 65.12 19.46 -26.81
C PHE H 431 64.16 18.50 -27.48
N PHE H 432 63.69 17.49 -26.74
CA PHE H 432 62.71 16.59 -27.31
C PHE H 432 61.43 17.34 -27.65
N PHE H 433 61.05 18.27 -26.79
CA PHE H 433 59.82 19.03 -27.00
C PHE H 433 59.85 19.78 -28.31
N LEU H 434 60.93 20.52 -28.54
CA LEU H 434 61.05 21.24 -29.80
C LEU H 434 61.58 20.36 -30.92
N CYS H 435 61.84 19.08 -30.66
CA CYS H 435 62.53 18.23 -31.63
C CYS H 435 61.72 18.00 -32.89
N PRO H 436 60.39 17.83 -32.84
CA PRO H 436 59.66 17.73 -34.11
C PRO H 436 59.67 19.03 -34.88
N ASN H 437 59.72 20.16 -34.17
CA ASN H 437 59.91 21.44 -34.85
C ASN H 437 61.25 21.46 -35.54
N LEU H 438 62.21 20.69 -35.02
CA LEU H 438 63.49 20.55 -35.70
C LEU H 438 63.33 19.72 -36.96
N TRP H 439 62.68 18.56 -36.85
CA TRP H 439 62.43 17.74 -38.03
C TRP H 439 61.77 18.57 -39.13
N ALA H 440 60.58 19.07 -38.86
CA ALA H 440 59.79 19.72 -39.90
C ALA H 440 60.27 21.13 -40.23
N MET H 441 60.97 21.79 -39.32
CA MET H 441 61.26 23.22 -39.46
C MET H 441 61.80 23.57 -40.84
N PRO H 442 62.81 22.86 -41.36
CA PRO H 442 63.25 23.18 -42.73
C PRO H 442 62.18 22.94 -43.78
N VAL H 443 61.45 21.84 -43.66
CA VAL H 443 60.42 21.52 -44.66
C VAL H 443 59.44 22.68 -44.79
N GLN H 444 59.18 23.37 -43.68
CA GLN H 444 58.37 24.57 -43.73
C GLN H 444 59.14 25.72 -44.36
N ILE H 445 60.41 25.87 -43.99
CA ILE H 445 61.22 27.00 -44.47
C ILE H 445 61.31 27.00 -45.99
N ILE H 446 62.02 26.01 -46.55
CA ILE H 446 62.30 25.97 -47.98
C ILE H 446 61.02 26.11 -48.79
N VAL H 447 59.97 25.40 -48.36
CA VAL H 447 58.66 25.63 -48.94
C VAL H 447 58.21 27.06 -48.70
N GLY H 448 58.77 27.72 -47.70
CA GLY H 448 58.48 29.11 -47.41
C GLY H 448 59.00 30.06 -48.46
N VAL H 449 60.30 30.01 -48.71
CA VAL H 449 60.84 30.85 -49.77
C VAL H 449 60.24 30.47 -51.11
N ILE H 450 60.34 29.18 -51.46
CA ILE H 450 59.91 28.74 -52.77
C ILE H 450 58.44 29.04 -53.01
N LEU H 451 57.63 28.94 -51.96
CA LEU H 451 56.19 29.07 -52.15
C LEU H 451 55.78 30.50 -52.47
N LEU H 452 56.72 31.45 -52.42
CA LEU H 452 56.37 32.84 -52.67
C LEU H 452 56.09 33.05 -54.15
N TYR H 453 54.97 33.74 -54.42
CA TYR H 453 54.51 34.03 -55.76
C TYR H 453 55.45 34.99 -56.48
N TYR H 454 55.24 35.12 -57.80
CA TYR H 454 56.08 35.95 -58.68
C TYR H 454 57.52 35.47 -58.68
N ILE H 455 57.67 34.15 -58.74
CA ILE H 455 58.95 33.46 -58.77
C ILE H 455 59.79 33.84 -59.98
N LEU H 456 59.12 34.05 -61.13
CA LEU H 456 59.83 34.43 -62.35
C LEU H 456 60.56 35.76 -62.16
N GLY H 457 59.90 36.71 -61.49
CA GLY H 457 60.50 37.99 -61.16
C GLY H 457 61.53 37.80 -60.05
N VAL H 458 62.48 38.71 -59.92
CA VAL H 458 63.51 38.51 -58.91
C VAL H 458 63.66 39.62 -57.88
N SER H 459 62.62 39.76 -57.08
CA SER H 459 62.57 40.68 -55.96
C SER H 459 62.28 39.74 -54.79
N ALA H 460 62.23 38.46 -55.14
CA ALA H 460 61.92 37.38 -54.20
C ALA H 460 63.14 36.87 -53.46
N LEU H 461 63.98 36.10 -54.15
CA LEU H 461 65.05 35.43 -53.44
C LEU H 461 66.03 36.42 -52.83
N ILE H 462 65.88 37.71 -53.17
CA ILE H 462 66.76 38.73 -52.60
C ILE H 462 66.30 39.10 -51.19
N GLY H 463 65.11 39.70 -51.08
CA GLY H 463 64.59 40.02 -49.76
C GLY H 463 64.43 38.78 -48.90
N ALA H 464 63.84 37.72 -49.46
CA ALA H 464 63.77 36.47 -48.73
C ALA H 464 65.15 35.92 -48.43
N ALA H 465 66.15 36.22 -49.27
CA ALA H 465 67.52 35.84 -48.97
C ALA H 465 68.07 36.65 -47.80
N VAL H 466 67.52 37.83 -47.54
CA VAL H 466 67.77 38.49 -46.26
C VAL H 466 67.08 37.72 -45.14
N ILE H 467 65.82 37.31 -45.39
CA ILE H 467 65.05 36.56 -44.39
C ILE H 467 65.79 35.31 -43.97
N ILE H 468 66.55 34.69 -44.89
CA ILE H 468 67.44 33.61 -44.51
C ILE H 468 68.73 34.18 -43.94
N LEU H 469 69.13 35.37 -44.40
CA LEU H 469 70.38 35.97 -43.93
C LEU H 469 70.31 36.38 -42.47
N LEU H 470 69.15 36.27 -41.82
CA LEU H 470 69.09 36.57 -40.39
C LEU H 470 69.52 35.39 -39.53
N ALA H 471 69.84 34.25 -40.15
CA ALA H 471 70.25 33.08 -39.35
C ALA H 471 71.54 33.35 -38.60
N PRO H 472 72.66 33.64 -39.27
CA PRO H 472 73.90 33.94 -38.52
C PRO H 472 73.78 35.16 -37.64
N VAL H 473 72.80 36.04 -37.90
CA VAL H 473 72.55 37.16 -37.01
C VAL H 473 72.17 36.65 -35.63
N GLN H 474 71.10 35.87 -35.54
CA GLN H 474 70.74 35.26 -34.28
C GLN H 474 71.83 34.35 -33.74
N TYR H 475 72.13 33.24 -34.43
CA TYR H 475 73.07 32.27 -33.87
C TYR H 475 74.39 32.91 -33.44
N PHE H 476 74.83 33.94 -34.14
CA PHE H 476 75.98 34.70 -33.67
C PHE H 476 75.62 35.50 -32.42
N VAL H 477 74.39 35.98 -32.35
CA VAL H 477 73.95 36.68 -31.14
C VAL H 477 74.04 35.73 -29.95
N ALA H 478 73.90 34.44 -30.21
CA ALA H 478 74.25 33.45 -29.19
C ALA H 478 75.76 33.42 -28.98
N THR H 479 76.52 33.46 -30.08
CA THR H 479 77.97 33.40 -29.99
C THR H 479 78.53 34.46 -29.05
N LYS H 480 77.86 35.61 -28.95
CA LYS H 480 78.15 36.57 -27.90
C LYS H 480 77.27 36.40 -26.67
N LEU H 481 76.24 35.56 -26.73
CA LEU H 481 75.35 35.44 -25.59
C LEU H 481 75.97 34.55 -24.50
N SER H 482 76.51 33.39 -24.89
CA SER H 482 76.90 32.40 -23.89
C SER H 482 77.88 32.99 -22.88
N GLN H 483 79.00 33.53 -23.36
CA GLN H 483 80.04 34.04 -22.46
C GLN H 483 79.49 35.15 -21.58
N ALA H 484 78.52 35.89 -22.07
CA ALA H 484 77.77 36.78 -21.21
C ALA H 484 77.08 36.03 -20.08
N GLN H 485 76.31 34.98 -20.39
CA GLN H 485 75.57 34.26 -19.36
C GLN H 485 76.50 33.66 -18.32
N ARG H 486 77.44 32.82 -18.74
CA ARG H 486 78.36 32.24 -17.77
C ARG H 486 79.21 33.31 -17.09
N SER H 487 79.37 34.47 -17.75
CA SER H 487 80.04 35.59 -17.09
C SER H 487 79.23 36.10 -15.91
N THR H 488 77.96 36.45 -16.13
CA THR H 488 77.09 36.84 -15.02
C THR H 488 76.99 35.72 -14.00
N LEU H 489 77.23 34.48 -14.44
CA LEU H 489 77.29 33.36 -13.52
C LEU H 489 78.50 33.45 -12.60
N GLU H 490 79.67 33.79 -13.14
CA GLU H 490 80.87 33.91 -12.33
C GLU H 490 80.78 35.11 -11.39
N HIS H 491 80.31 36.24 -11.91
CA HIS H 491 80.10 37.41 -11.07
C HIS H 491 79.11 37.13 -9.96
N SER H 492 77.98 36.49 -10.30
CA SER H 492 76.93 36.23 -9.32
C SER H 492 77.43 35.34 -8.19
N ASN H 493 78.40 34.47 -8.48
CA ASN H 493 79.01 33.68 -7.42
C ASN H 493 79.65 34.60 -6.39
N GLU H 494 80.33 35.64 -6.88
CA GLU H 494 81.03 36.55 -5.98
C GLU H 494 80.05 37.42 -5.21
N ARG H 495 79.12 38.06 -5.91
CA ARG H 495 78.17 38.94 -5.25
C ARG H 495 77.32 38.17 -4.24
N LEU H 496 76.76 37.04 -4.68
CA LEU H 496 75.97 36.22 -3.79
C LEU H 496 76.80 35.69 -2.62
N LYS H 497 78.02 35.22 -2.88
CA LYS H 497 78.85 34.66 -1.82
C LYS H 497 79.20 35.71 -0.77
N GLN H 498 79.62 36.89 -1.22
CA GLN H 498 79.93 37.97 -0.30
C GLN H 498 78.70 38.44 0.46
N THR H 499 77.54 38.48 -0.19
CA THR H 499 76.32 38.89 0.50
C THR H 499 75.95 37.90 1.59
N ASN H 500 75.93 36.61 1.25
CA ASN H 500 75.64 35.57 2.22
C ASN H 500 76.66 35.57 3.34
N GLU H 501 77.89 35.99 3.04
CA GLU H 501 78.94 35.96 4.03
C GLU H 501 78.86 37.15 4.98
N MET H 502 78.49 38.33 4.45
CA MET H 502 78.45 39.53 5.29
C MET H 502 77.13 39.65 6.04
N LEU H 503 76.09 38.98 5.57
CA LEU H 503 74.74 39.22 6.08
C LEU H 503 74.40 38.45 7.34
N ARG H 504 75.15 37.41 7.69
CA ARG H 504 74.68 36.50 8.73
C ARG H 504 74.79 37.10 10.12
N GLY H 505 76.01 37.31 10.59
CA GLY H 505 76.26 37.67 11.98
C GLY H 505 76.22 39.16 12.23
N MET H 506 75.44 39.90 11.45
CA MET H 506 75.61 41.36 11.32
C MET H 506 75.71 42.08 12.66
N LYS H 507 75.21 41.50 13.74
CA LYS H 507 75.49 42.05 15.07
C LYS H 507 76.98 41.91 15.40
N LEU H 508 77.63 40.87 14.88
CA LEU H 508 79.06 40.67 15.13
C LEU H 508 79.90 41.63 14.29
N LEU H 509 79.46 41.91 13.07
CA LEU H 509 80.14 42.90 12.25
C LEU H 509 79.71 44.31 12.63
N LYS H 510 78.60 44.45 13.37
CA LYS H 510 78.21 45.76 13.90
C LYS H 510 79.02 46.09 15.15
N LEU H 511 79.21 45.10 16.03
CA LEU H 511 80.04 45.32 17.20
C LEU H 511 81.49 45.49 16.81
N TYR H 512 81.96 44.75 15.81
CA TYR H 512 83.26 45.04 15.23
C TYR H 512 83.30 46.40 14.56
N ALA H 513 82.12 47.04 14.39
CA ALA H 513 82.01 48.44 14.02
C ALA H 513 82.55 48.73 12.63
N TRP H 514 82.23 47.89 11.65
CA TRP H 514 82.64 48.24 10.29
C TRP H 514 81.51 48.98 9.59
N GLU H 515 80.49 48.24 9.13
CA GLU H 515 79.34 48.83 8.46
C GLU H 515 79.76 49.90 7.46
N SER H 516 80.95 49.74 6.88
CA SER H 516 81.52 50.76 6.02
C SER H 516 82.09 50.14 4.75
N ILE H 517 83.08 49.27 4.92
CA ILE H 517 83.82 48.69 3.80
C ILE H 517 82.99 47.57 3.19
N PHE H 518 81.80 47.35 3.75
CA PHE H 518 80.81 46.51 3.09
C PHE H 518 80.59 46.97 1.65
N CYS H 519 80.60 48.27 1.42
CA CYS H 519 80.55 48.79 0.06
C CYS H 519 81.77 48.35 -0.73
N SER H 520 82.96 48.44 -0.12
CA SER H 520 84.13 47.81 -0.71
C SER H 520 83.93 46.31 -0.82
N ARG H 521 83.11 45.74 0.07
CA ARG H 521 82.73 44.35 -0.05
C ARG H 521 81.58 44.17 -1.03
N VAL H 522 80.86 45.25 -1.34
CA VAL H 522 79.68 45.19 -2.19
C VAL H 522 79.93 45.89 -3.51
N GLU H 523 80.09 47.21 -3.47
CA GLU H 523 80.22 47.99 -4.70
C GLU H 523 81.37 47.49 -5.55
N VAL H 524 82.52 47.21 -4.92
CA VAL H 524 83.61 46.57 -5.64
C VAL H 524 83.19 45.22 -6.18
N THR H 525 82.53 44.41 -5.36
CA THR H 525 81.84 43.24 -5.89
C THR H 525 80.82 43.64 -6.95
N ARG H 526 80.06 44.70 -6.70
CA ARG H 526 79.15 45.22 -7.70
C ARG H 526 79.88 45.80 -8.89
N ARG H 527 81.09 46.32 -8.71
CA ARG H 527 81.82 46.93 -9.82
C ARG H 527 81.90 45.98 -11.01
N LYS H 528 82.67 44.89 -10.86
CA LYS H 528 82.64 43.84 -11.86
C LYS H 528 81.22 43.42 -12.15
N GLU H 529 80.40 43.27 -11.11
CA GLU H 529 79.03 42.85 -11.30
C GLU H 529 78.21 43.90 -12.00
N MET H 530 78.59 45.18 -11.89
CA MET H 530 77.95 46.18 -12.72
C MET H 530 78.51 46.18 -14.13
N THR H 531 79.77 45.79 -14.31
CA THR H 531 80.40 45.78 -15.62
C THR H 531 79.91 44.61 -16.45
N SER H 532 80.34 43.39 -16.08
CA SER H 532 79.99 42.21 -16.85
C SER H 532 78.50 42.13 -17.11
N LEU H 533 77.68 42.48 -16.12
CA LEU H 533 76.24 42.60 -16.31
C LEU H 533 75.91 43.62 -17.38
N ARG H 534 76.22 44.89 -17.11
CA ARG H 534 75.78 45.99 -17.97
C ARG H 534 76.06 45.67 -19.42
N ALA H 535 77.34 45.56 -19.78
CA ALA H 535 77.71 45.32 -21.16
C ALA H 535 76.92 44.17 -21.76
N PHE H 536 76.76 43.08 -21.01
CA PHE H 536 76.01 41.93 -21.51
C PHE H 536 74.65 42.37 -22.00
N ALA H 537 73.88 43.04 -21.13
CA ALA H 537 72.56 43.52 -21.52
C ALA H 537 72.61 44.25 -22.85
N VAL H 538 73.63 45.09 -23.04
CA VAL H 538 73.78 45.79 -24.32
C VAL H 538 73.86 44.78 -25.45
N TYR H 539 74.88 43.91 -25.41
CA TYR H 539 74.97 42.86 -26.41
C TYR H 539 73.69 42.04 -26.48
N THR H 540 72.95 41.96 -25.37
CA THR H 540 71.67 41.26 -25.39
C THR H 540 70.63 42.05 -26.17
N SER H 541 70.43 43.32 -25.82
CA SER H 541 69.29 44.05 -26.36
C SER H 541 69.47 44.35 -27.84
N ILE H 542 70.70 44.71 -28.24
CA ILE H 542 70.98 45.05 -29.61
C ILE H 542 70.44 43.98 -30.55
N SER H 543 70.69 42.72 -30.22
CA SER H 543 70.20 41.61 -31.04
C SER H 543 68.71 41.75 -31.32
N ILE H 544 67.89 41.88 -30.26
CA ILE H 544 66.45 41.98 -30.45
C ILE H 544 66.13 43.14 -31.38
N PHE H 545 66.87 44.26 -31.25
CA PHE H 545 66.65 45.40 -32.13
C PHE H 545 66.77 44.99 -33.59
N MET H 546 67.85 44.30 -33.95
CA MET H 546 68.01 43.84 -35.33
C MET H 546 66.77 43.10 -35.79
N ASN H 547 66.17 42.30 -34.91
CA ASN H 547 64.94 41.59 -35.27
C ASN H 547 63.89 42.57 -35.77
N THR H 548 63.52 43.55 -34.95
CA THR H 548 62.47 44.48 -35.36
C THR H 548 62.89 45.26 -36.59
N ALA H 549 64.19 45.30 -36.86
CA ALA H 549 64.68 45.98 -38.05
C ALA H 549 64.55 45.12 -39.29
N ILE H 550 64.76 43.80 -39.15
CA ILE H 550 64.82 42.93 -40.32
C ILE H 550 63.48 42.91 -41.07
N PRO H 551 62.36 42.60 -40.43
CA PRO H 551 61.12 42.43 -41.21
C PRO H 551 60.71 43.67 -41.95
N ILE H 552 60.65 44.81 -41.26
CA ILE H 552 60.17 46.04 -41.89
C ILE H 552 61.06 46.40 -43.08
N ALA H 553 62.37 46.17 -42.95
CA ALA H 553 63.27 46.52 -44.03
C ALA H 553 63.23 45.45 -45.12
N ALA H 554 63.03 44.20 -44.74
CA ALA H 554 63.09 43.12 -45.72
C ALA H 554 62.02 43.30 -46.79
N VAL H 555 60.76 43.31 -46.37
CA VAL H 555 59.64 43.52 -47.28
C VAL H 555 59.83 44.78 -48.09
N LEU H 556 59.80 45.94 -47.40
CA LEU H 556 59.82 47.23 -48.06
C LEU H 556 60.87 47.26 -49.15
N ILE H 557 62.14 47.16 -48.76
CA ILE H 557 63.22 47.21 -49.74
C ILE H 557 62.95 46.22 -50.87
N THR H 558 62.69 44.95 -50.53
CA THR H 558 62.37 43.96 -51.55
C THR H 558 61.21 44.45 -52.41
N PHE H 559 60.10 44.82 -51.78
CA PHE H 559 59.00 45.41 -52.53
C PHE H 559 59.51 46.55 -53.41
N VAL H 560 60.16 47.54 -52.78
CA VAL H 560 60.64 48.69 -53.53
C VAL H 560 61.57 48.24 -54.64
N GLY H 561 62.37 47.21 -54.36
CA GLY H 561 63.27 46.69 -55.37
C GLY H 561 62.55 46.33 -56.65
N HIS H 562 61.46 45.55 -56.54
CA HIS H 562 60.72 45.19 -57.73
C HIS H 562 60.34 46.43 -58.52
N VAL H 563 59.91 47.48 -57.81
CA VAL H 563 59.50 48.72 -58.46
C VAL H 563 60.57 49.18 -59.44
N SER H 564 61.83 49.15 -59.03
CA SER H 564 62.90 49.61 -59.91
C SER H 564 63.33 48.54 -60.89
N PHE H 565 63.23 47.26 -60.49
CA PHE H 565 64.03 46.25 -61.17
C PHE H 565 63.31 45.70 -62.40
N PHE H 566 62.34 44.82 -62.20
CA PHE H 566 61.70 44.12 -63.31
C PHE H 566 60.20 44.10 -63.05
N LYS H 567 59.46 43.76 -64.10
CA LYS H 567 57.99 43.80 -64.07
C LYS H 567 57.50 45.18 -63.66
N GLU H 568 58.15 46.22 -64.19
CA GLU H 568 57.83 47.58 -63.76
C GLU H 568 56.43 47.98 -64.20
N SER H 569 55.89 47.30 -65.21
CA SER H 569 54.64 47.74 -65.84
C SER H 569 53.48 47.76 -64.85
N ASP H 570 53.33 46.72 -64.04
CA ASP H 570 52.18 46.58 -63.16
C ASP H 570 52.60 46.24 -61.74
N LEU H 571 52.05 46.95 -60.77
CA LEU H 571 52.18 46.62 -59.36
C LEU H 571 50.89 45.96 -58.91
N SER H 572 51.00 44.80 -58.27
CA SER H 572 49.79 44.07 -57.97
C SER H 572 49.65 43.95 -56.46
N PRO H 573 48.44 44.05 -55.93
CA PRO H 573 48.27 43.99 -54.48
C PRO H 573 48.51 42.59 -53.95
N SER H 574 48.23 41.60 -54.80
CA SER H 574 48.36 40.20 -54.42
C SER H 574 49.74 39.91 -53.85
N VAL H 575 50.76 40.01 -54.71
CA VAL H 575 52.13 39.77 -54.28
C VAL H 575 52.51 40.58 -53.05
N ALA H 576 51.87 41.73 -52.85
CA ALA H 576 52.27 42.61 -51.77
C ALA H 576 51.88 42.04 -50.43
N PHE H 577 50.59 42.05 -50.13
CA PHE H 577 50.13 41.56 -48.83
C PHE H 577 50.50 40.09 -48.67
N ALA H 578 50.54 39.34 -49.77
CA ALA H 578 51.06 37.98 -49.73
C ALA H 578 52.45 37.96 -49.12
N SER H 579 53.36 38.77 -49.65
CA SER H 579 54.71 38.85 -49.10
C SER H 579 54.67 39.24 -47.64
N LEU H 580 53.69 40.05 -47.25
CA LEU H 580 53.56 40.39 -45.83
C LEU H 580 53.34 39.14 -44.99
N SER H 581 52.25 38.41 -45.28
CA SER H 581 51.91 37.25 -44.45
C SER H 581 53.03 36.22 -44.46
N LEU H 582 53.51 35.84 -45.65
CA LEU H 582 54.57 34.84 -45.71
C LEU H 582 55.81 35.33 -44.98
N PHE H 583 56.04 36.64 -45.00
CA PHE H 583 57.14 37.20 -44.23
C PHE H 583 56.95 36.93 -42.75
N HIS H 584 55.72 37.11 -42.25
CA HIS H 584 55.46 36.85 -40.84
C HIS H 584 55.66 35.39 -40.48
N ILE H 585 54.92 34.49 -41.14
CA ILE H 585 54.99 33.08 -40.79
C ILE H 585 56.39 32.54 -40.98
N LEU H 586 56.98 32.77 -42.16
CA LEU H 586 58.36 32.33 -42.40
C LEU H 586 59.31 32.95 -41.39
N VAL H 587 59.00 34.15 -40.92
CA VAL H 587 59.87 34.83 -39.97
C VAL H 587 59.91 34.06 -38.66
N THR H 588 58.79 33.49 -38.24
CA THR H 588 58.79 32.70 -37.02
C THR H 588 59.85 31.60 -37.02
N PRO H 589 59.84 30.67 -37.98
CA PRO H 589 60.66 29.46 -37.81
C PRO H 589 62.15 29.74 -37.83
N LEU H 590 62.59 30.83 -38.46
CA LEU H 590 64.01 31.16 -38.46
C LEU H 590 64.52 31.37 -37.05
N PHE H 591 63.95 32.34 -36.33
CA PHE H 591 64.33 32.55 -34.94
C PHE H 591 64.16 31.28 -34.13
N LEU H 592 63.08 30.54 -34.37
CA LEU H 592 62.89 29.29 -33.66
C LEU H 592 64.12 28.40 -33.79
N LEU H 593 64.55 28.12 -35.02
CA LEU H 593 65.74 27.31 -35.25
C LEU H 593 66.94 27.91 -34.54
N SER H 594 67.09 29.24 -34.65
CA SER H 594 68.21 29.91 -34.01
C SER H 594 68.28 29.56 -32.53
N SER H 595 67.13 29.28 -31.91
CA SER H 595 67.18 28.69 -30.58
C SER H 595 67.46 27.20 -30.66
N VAL H 596 66.97 26.53 -31.70
CA VAL H 596 66.97 25.07 -31.73
C VAL H 596 68.38 24.52 -31.71
N VAL H 597 69.31 25.18 -32.39
CA VAL H 597 70.67 24.63 -32.49
C VAL H 597 71.27 24.45 -31.09
N ARG H 598 71.18 25.50 -30.26
CA ARG H 598 71.67 25.40 -28.90
C ARG H 598 71.06 24.19 -28.19
N SER H 599 69.77 23.98 -28.41
CA SER H 599 69.10 22.83 -27.82
C SER H 599 69.70 21.51 -28.29
N THR H 600 70.00 21.37 -29.57
CA THR H 600 70.62 20.14 -30.04
C THR H 600 72.00 19.93 -29.42
N VAL H 601 72.77 21.01 -29.27
CA VAL H 601 74.13 20.89 -28.73
C VAL H 601 74.06 20.45 -27.26
N LYS H 602 73.37 21.24 -26.43
CA LYS H 602 73.22 20.90 -25.03
C LYS H 602 72.65 19.50 -24.86
N ALA H 603 71.73 19.12 -25.74
CA ALA H 603 71.23 17.75 -25.74
C ALA H 603 72.38 16.76 -25.90
N LEU H 604 73.26 16.99 -26.88
CA LEU H 604 74.38 16.08 -27.08
C LEU H 604 75.20 15.94 -25.81
N VAL H 605 75.63 17.07 -25.24
CA VAL H 605 76.45 17.01 -24.01
C VAL H 605 75.70 16.26 -22.92
N SER H 606 74.38 16.40 -22.88
CA SER H 606 73.58 15.65 -21.93
C SER H 606 73.72 14.15 -22.15
N VAL H 607 73.70 13.73 -23.42
CA VAL H 607 73.97 12.32 -23.72
C VAL H 607 75.33 11.93 -23.16
N LYS H 608 76.33 12.79 -23.34
CA LYS H 608 77.67 12.43 -22.90
C LYS H 608 77.72 12.17 -21.40
N LYS H 609 77.35 13.17 -20.60
CA LYS H 609 77.43 12.98 -19.15
C LYS H 609 76.49 11.87 -18.70
N LEU H 610 75.43 11.62 -19.48
CA LEU H 610 74.47 10.57 -19.12
C LEU H 610 75.10 9.18 -19.25
N SER H 611 75.61 8.86 -20.44
CA SER H 611 76.34 7.62 -20.60
C SER H 611 77.48 7.55 -19.59
N GLU H 612 78.07 8.71 -19.28
CA GLU H 612 79.08 8.77 -18.24
C GLU H 612 78.55 8.23 -16.92
N PHE H 613 77.33 8.59 -16.56
CA PHE H 613 76.73 8.02 -15.36
C PHE H 613 76.48 6.53 -15.53
N LEU H 614 76.13 6.09 -16.74
CA LEU H 614 75.97 4.66 -16.99
C LEU H 614 77.22 3.86 -16.69
N SER H 615 78.39 4.33 -17.12
CA SER H 615 79.63 3.58 -16.96
C SER H 615 80.14 3.57 -15.52
N SER H 616 79.45 4.26 -14.60
CA SER H 616 79.95 4.44 -13.25
C SER H 616 79.99 3.10 -12.51
N ALA H 617 80.76 3.10 -11.43
CA ALA H 617 81.13 1.87 -10.71
C ALA H 617 79.88 1.17 -10.18
N GLU H 618 79.77 -0.11 -10.51
CA GLU H 618 78.62 -0.88 -10.09
C GLU H 618 78.93 -1.67 -8.82
N ILE H 619 77.96 -1.74 -7.91
CA ILE H 619 78.10 -2.49 -6.68
C ILE H 619 77.66 -3.92 -6.95
N ARG H 620 78.48 -4.89 -6.53
CA ARG H 620 78.09 -6.29 -6.68
C ARG H 620 76.98 -6.63 -5.70
N GLU H 621 75.96 -7.32 -6.18
CA GLU H 621 74.81 -7.70 -5.36
C GLU H 621 74.93 -9.12 -4.84
N ASP H 673 63.87 -15.00 11.43
CA ASP H 673 63.76 -14.23 12.66
C ASP H 673 64.89 -13.21 12.79
N ALA H 674 65.67 -13.35 13.85
CA ALA H 674 66.70 -12.36 14.18
C ALA H 674 68.05 -12.64 13.54
N ASP H 675 68.15 -13.65 12.68
CA ASP H 675 69.36 -14.05 11.95
C ASP H 675 70.32 -14.82 12.83
N ASN H 676 70.01 -15.03 14.11
CA ASN H 676 70.79 -15.76 15.11
C ASN H 676 71.98 -14.95 15.61
N PHE H 677 72.24 -13.77 15.05
CA PHE H 677 73.29 -12.86 15.51
C PHE H 677 74.65 -13.57 15.53
N CYS H 678 75.09 -13.89 14.33
CA CYS H 678 76.41 -14.46 14.08
C CYS H 678 76.97 -13.85 12.80
N VAL H 679 78.30 -13.94 12.64
CA VAL H 679 78.94 -13.49 11.42
C VAL H 679 79.97 -14.54 11.00
N GLN H 680 79.94 -14.91 9.72
CA GLN H 680 80.91 -15.84 9.14
C GLN H 680 81.79 -15.05 8.18
N ILE H 681 83.02 -14.79 8.58
CA ILE H 681 84.01 -14.15 7.73
C ILE H 681 85.16 -15.13 7.65
N ILE H 682 85.36 -15.72 6.46
CA ILE H 682 86.30 -16.81 6.26
C ILE H 682 87.24 -16.47 5.12
N GLY H 683 88.52 -16.35 5.45
CA GLY H 683 89.56 -16.10 4.46
C GLY H 683 89.29 -14.88 3.62
N GLY H 684 89.10 -13.72 4.27
CA GLY H 684 88.65 -12.55 3.57
C GLY H 684 89.68 -12.07 2.55
N PHE H 685 89.23 -11.83 1.32
CA PHE H 685 89.99 -11.05 0.37
C PHE H 685 89.15 -9.84 0.00
N PHE H 686 89.55 -8.67 0.48
CA PHE H 686 88.80 -7.46 0.26
C PHE H 686 89.25 -6.80 -1.03
N THR H 687 88.28 -6.50 -1.88
CA THR H 687 88.52 -5.86 -3.16
C THR H 687 88.15 -4.39 -3.02
N TRP H 688 89.13 -3.50 -3.11
CA TRP H 688 88.85 -2.08 -3.23
C TRP H 688 88.99 -1.69 -4.70
N THR H 689 87.85 -1.42 -5.34
CA THR H 689 87.82 -1.41 -6.80
C THR H 689 88.72 -0.34 -7.38
N PRO H 690 88.51 0.95 -7.10
CA PRO H 690 89.34 1.96 -7.77
C PRO H 690 90.77 1.96 -7.32
N ASP H 691 91.08 1.40 -6.14
CA ASP H 691 92.44 1.47 -5.64
C ASP H 691 93.39 0.70 -6.53
N GLY H 692 93.17 -0.61 -6.68
CA GLY H 692 94.09 -1.48 -7.37
C GLY H 692 94.98 -2.32 -6.46
N ILE H 693 95.20 -1.90 -5.23
CA ILE H 693 95.98 -2.62 -4.24
C ILE H 693 95.06 -3.00 -3.08
N PRO H 694 94.92 -4.29 -2.74
CA PRO H 694 93.98 -4.67 -1.69
C PRO H 694 94.46 -4.27 -0.30
N THR H 695 94.17 -3.02 0.09
CA THR H 695 94.66 -2.44 1.35
C THR H 695 94.45 -3.37 2.53
N LEU H 696 93.30 -4.02 2.62
CA LEU H 696 93.02 -4.99 3.67
C LEU H 696 92.94 -6.38 3.06
N SER H 697 93.53 -7.36 3.74
CA SER H 697 93.48 -8.75 3.33
C SER H 697 93.37 -9.64 4.55
N ASN H 698 92.46 -10.60 4.50
CA ASN H 698 92.33 -11.67 5.50
C ASN H 698 92.15 -11.09 6.91
N ILE H 699 91.04 -10.38 7.07
CA ILE H 699 90.50 -10.06 8.38
C ILE H 699 89.22 -10.88 8.53
N THR H 700 89.28 -11.93 9.33
CA THR H 700 88.24 -12.94 9.33
C THR H 700 87.90 -13.31 10.77
N ILE H 701 86.65 -13.72 10.98
CA ILE H 701 86.17 -14.10 12.30
C ILE H 701 84.72 -14.53 12.20
N ARG H 702 84.20 -15.14 13.25
CA ARG H 702 82.79 -15.44 13.38
C ARG H 702 82.26 -14.71 14.61
N ILE H 703 81.37 -13.75 14.40
CA ILE H 703 80.76 -12.98 15.47
C ILE H 703 79.73 -13.86 16.17
N PRO H 704 79.76 -13.95 17.51
CA PRO H 704 78.96 -14.97 18.20
C PRO H 704 77.57 -14.50 18.57
N ARG H 705 76.79 -15.40 19.15
CA ARG H 705 75.39 -15.12 19.42
C ARG H 705 75.23 -14.45 20.78
N GLY H 706 74.28 -13.51 20.84
CA GLY H 706 74.08 -12.73 22.05
C GLY H 706 75.34 -12.07 22.55
N GLN H 707 76.24 -11.70 21.65
CA GLN H 707 77.62 -11.40 21.98
C GLN H 707 77.94 -9.94 21.64
N LEU H 708 78.28 -9.17 22.67
CA LEU H 708 78.71 -7.79 22.48
C LEU H 708 80.21 -7.79 22.29
N THR H 709 80.65 -7.37 21.11
CA THR H 709 82.06 -7.33 20.78
C THR H 709 82.40 -6.00 20.13
N MET H 710 83.25 -5.22 20.78
CA MET H 710 83.63 -3.90 20.31
C MET H 710 84.89 -4.01 19.46
N ILE H 711 84.76 -3.77 18.17
CA ILE H 711 85.91 -3.71 17.28
C ILE H 711 86.79 -2.56 17.75
N VAL H 712 88.06 -2.84 18.02
CA VAL H 712 88.91 -1.84 18.63
C VAL H 712 90.19 -1.71 17.83
N GLY H 713 91.12 -0.91 18.34
CA GLY H 713 92.33 -0.54 17.66
C GLY H 713 92.33 0.88 17.13
N GLN H 714 91.17 1.50 16.98
CA GLN H 714 91.03 2.90 16.55
C GLN H 714 91.90 3.19 15.33
N VAL H 715 91.78 2.29 14.34
CA VAL H 715 92.54 2.42 13.10
C VAL H 715 92.06 3.59 12.25
N GLY H 716 90.99 4.28 12.65
CA GLY H 716 90.39 5.32 11.82
C GLY H 716 89.42 4.75 10.81
N CYS H 717 89.43 5.30 9.60
CA CYS H 717 88.57 4.80 8.53
C CYS H 717 88.84 3.34 8.19
N GLY H 718 89.92 2.76 8.71
CA GLY H 718 90.08 1.32 8.61
C GLY H 718 88.98 0.57 9.32
N LYS H 719 88.51 1.09 10.46
CA LYS H 719 87.29 0.55 11.05
C LYS H 719 86.17 0.55 10.02
N SER H 720 86.19 1.53 9.11
CA SER H 720 85.26 1.51 8.00
C SER H 720 85.66 0.50 6.93
N SER H 721 86.95 0.15 6.85
CA SER H 721 87.28 -1.07 6.12
C SER H 721 86.59 -2.26 6.78
N LEU H 722 86.20 -2.11 8.06
CA LEU H 722 85.35 -3.12 8.67
C LEU H 722 83.86 -2.79 8.54
N LEU H 723 83.51 -1.59 8.07
CA LEU H 723 82.10 -1.22 7.98
C LEU H 723 81.56 -1.45 6.57
N LEU H 724 82.09 -0.72 5.59
CA LEU H 724 81.76 -1.01 4.19
C LEU H 724 82.12 -2.44 3.82
N ALA H 725 83.43 -2.75 3.83
CA ALA H 725 83.88 -4.03 3.30
C ALA H 725 83.62 -5.15 4.29
N THR H 726 84.39 -5.19 5.38
CA THR H 726 84.35 -6.35 6.27
C THR H 726 83.02 -6.50 6.98
N LEU H 727 82.11 -5.54 6.87
CA LEU H 727 80.72 -5.78 7.27
C LEU H 727 79.83 -6.14 6.09
N GLY H 728 80.38 -6.23 4.88
CA GLY H 728 79.68 -6.81 3.76
C GLY H 728 78.95 -5.82 2.87
N GLU H 729 79.03 -4.52 3.14
CA GLU H 729 78.45 -3.57 2.20
C GLU H 729 79.11 -3.69 0.83
N MET H 730 80.42 -3.92 0.80
CA MET H 730 81.11 -4.38 -0.39
C MET H 730 81.14 -5.90 -0.39
N GLN H 731 81.76 -6.47 -1.42
CA GLN H 731 81.80 -7.92 -1.60
C GLN H 731 83.22 -8.41 -1.36
N LYS H 732 83.35 -9.49 -0.59
CA LYS H 732 84.63 -10.10 -0.30
C LYS H 732 84.88 -11.18 -1.34
N VAL H 733 86.08 -11.18 -1.92
CA VAL H 733 86.34 -12.01 -3.10
C VAL H 733 86.66 -13.44 -2.68
N SER H 734 87.88 -13.67 -2.19
CA SER H 734 88.28 -15.00 -1.75
C SER H 734 87.62 -15.32 -0.41
N GLY H 735 87.51 -16.60 -0.11
CA GLY H 735 86.73 -16.99 1.06
C GLY H 735 85.33 -16.49 0.88
N ALA H 736 84.72 -15.99 1.96
CA ALA H 736 83.36 -15.44 1.90
C ALA H 736 82.88 -14.94 3.25
N VAL H 737 81.67 -14.40 3.26
CA VAL H 737 80.94 -14.09 4.48
C VAL H 737 79.60 -14.77 4.38
N PHE H 738 79.01 -15.11 5.53
CA PHE H 738 77.69 -15.71 5.63
C PHE H 738 77.01 -15.22 6.90
N TRP H 739 75.73 -14.89 6.80
CA TRP H 739 74.94 -14.48 7.96
C TRP H 739 73.65 -15.29 7.97
N ASN H 740 73.52 -16.18 8.94
CA ASN H 740 72.40 -17.10 9.12
C ASN H 740 72.06 -17.85 7.83
N SER H 741 70.77 -18.19 7.66
CA SER H 741 70.24 -18.76 6.42
C SER H 741 69.39 -17.79 5.61
N ASN H 742 69.09 -16.61 6.14
CA ASN H 742 68.15 -15.69 5.50
C ASN H 742 68.85 -14.34 5.33
N LEU H 743 68.84 -13.84 4.09
CA LEU H 743 69.61 -12.65 3.76
C LEU H 743 68.70 -11.51 3.34
N PRO H 769 66.54 -5.20 8.23
CA PRO H 769 66.80 -5.03 9.66
C PRO H 769 68.26 -4.70 9.97
N VAL H 770 69.17 -5.03 9.04
CA VAL H 770 70.59 -4.78 9.26
C VAL H 770 70.83 -3.28 9.21
N ALA H 771 71.41 -2.73 10.27
CA ALA H 771 71.55 -1.28 10.39
C ALA H 771 72.91 -0.92 10.98
N TYR H 772 73.35 0.31 10.71
CA TYR H 772 74.57 0.90 11.22
C TYR H 772 74.46 2.41 11.10
N ALA H 773 75.24 3.14 11.88
CA ALA H 773 75.19 4.59 11.87
C ALA H 773 76.35 5.10 11.03
N SER H 774 76.16 6.23 10.37
CA SER H 774 77.21 6.77 9.53
C SER H 774 78.22 7.53 10.36
N GLN H 775 79.49 7.45 9.95
CA GLN H 775 80.58 8.20 10.57
C GLN H 775 80.32 9.70 10.50
N LYS H 776 80.38 10.25 9.30
CA LYS H 776 80.10 11.66 9.11
C LYS H 776 78.69 11.97 9.60
N PRO H 777 78.41 13.22 10.01
CA PRO H 777 77.04 13.58 10.39
C PRO H 777 76.09 13.38 9.23
N TRP H 778 74.96 12.71 9.50
CA TRP H 778 73.94 12.48 8.49
C TRP H 778 72.55 12.63 9.09
N LEU H 779 71.64 13.18 8.30
CA LEU H 779 70.24 13.30 8.71
C LEU H 779 69.42 13.51 7.44
N LEU H 780 68.10 13.56 7.61
CA LEU H 780 67.19 13.91 6.53
C LEU H 780 66.41 15.14 6.94
N ASN H 781 66.23 16.08 6.00
CA ASN H 781 65.54 17.31 6.37
C ASN H 781 64.12 16.97 6.77
N ALA H 782 63.79 17.26 8.04
CA ALA H 782 62.52 16.84 8.62
C ALA H 782 62.35 17.36 10.03
N THR H 783 61.29 16.93 10.71
CA THR H 783 61.22 17.12 12.15
C THR H 783 62.30 16.28 12.84
N VAL H 784 62.83 16.83 13.94
CA VAL H 784 63.79 16.07 14.75
C VAL H 784 63.19 14.74 15.16
N GLU H 785 61.89 14.73 15.50
CA GLU H 785 61.21 13.46 15.71
C GLU H 785 61.21 12.64 14.43
N GLU H 786 60.89 13.27 13.31
CA GLU H 786 61.01 12.59 12.02
C GLU H 786 62.46 12.20 11.77
N ASN H 787 63.40 12.90 12.40
CA ASN H 787 64.80 12.52 12.31
C ASN H 787 65.14 11.30 13.14
N ILE H 788 64.71 11.29 14.41
CA ILE H 788 64.89 10.13 15.26
C ILE H 788 64.26 8.88 14.67
N THR H 789 63.32 9.03 13.74
CA THR H 789 62.56 7.92 13.20
C THR H 789 62.81 7.84 11.69
N PHE H 790 63.53 6.81 11.28
CA PHE H 790 63.62 6.43 9.88
C PHE H 790 62.25 5.99 9.41
N GLU H 791 62.11 5.79 8.10
CA GLU H 791 60.80 5.64 7.47
C GLU H 791 59.87 4.67 8.18
N SER H 792 60.38 3.71 8.95
CA SER H 792 59.50 2.86 9.72
C SER H 792 58.82 3.63 10.85
N PRO H 793 57.79 3.06 11.45
CA PRO H 793 57.06 3.77 12.52
C PRO H 793 57.85 3.86 13.82
N PHE H 794 57.17 4.24 14.90
CA PHE H 794 57.73 4.30 16.24
C PHE H 794 56.61 4.65 17.21
N ASN H 795 56.88 4.41 18.49
CA ASN H 795 55.86 4.60 19.52
C ASN H 795 56.48 5.35 20.70
N LYS H 796 55.61 5.81 21.59
CA LYS H 796 56.04 6.72 22.65
C LYS H 796 56.92 6.02 23.67
N GLN H 797 56.65 4.74 23.94
CA GLN H 797 57.48 4.02 24.90
C GLN H 797 58.93 3.93 24.43
N ARG H 798 59.15 3.51 23.17
CA ARG H 798 60.52 3.47 22.63
C ARG H 798 61.00 4.87 22.26
N TYR H 799 60.07 5.79 22.02
CA TYR H 799 60.42 7.20 21.80
C TYR H 799 61.15 7.76 23.01
N LYS H 800 60.44 7.88 24.14
CA LYS H 800 61.08 8.30 25.38
C LYS H 800 62.22 7.36 25.75
N MET H 801 62.10 6.08 25.38
CA MET H 801 63.20 5.16 25.59
C MET H 801 64.45 5.65 24.88
N VAL H 802 64.27 6.33 23.76
CA VAL H 802 65.42 6.75 22.95
C VAL H 802 65.88 8.14 23.37
N ILE H 803 65.04 9.17 23.15
CA ILE H 803 65.45 10.53 23.50
C ILE H 803 65.82 10.61 24.97
N GLU H 804 65.11 9.87 25.81
CA GLU H 804 65.52 9.74 27.20
C GLU H 804 66.74 8.85 27.33
N ALA H 805 66.77 7.74 26.59
CA ALA H 805 68.00 6.95 26.54
C ALA H 805 69.16 7.80 26.04
N CYS H 806 68.99 8.41 24.87
CA CYS H 806 69.98 9.34 24.35
C CYS H 806 70.12 10.58 25.22
N SER H 807 69.25 10.72 26.24
CA SER H 807 69.30 11.84 27.16
C SER H 807 69.17 13.16 26.42
N LEU H 808 68.49 13.10 25.28
CA LEU H 808 68.30 14.24 24.41
C LEU H 808 67.41 15.32 25.02
N GLN H 809 66.79 15.05 26.18
CA GLN H 809 65.82 15.99 26.74
C GLN H 809 66.35 17.42 26.79
N PRO H 810 67.47 17.70 27.45
CA PRO H 810 68.06 19.03 27.30
C PRO H 810 68.58 19.30 25.90
N ASP H 811 69.20 18.30 25.26
CA ASP H 811 69.65 18.44 23.89
C ASP H 811 68.52 18.78 22.93
N ILE H 812 67.43 18.02 22.95
CA ILE H 812 66.27 18.33 22.12
C ILE H 812 65.47 19.50 22.67
N ASP H 813 65.80 20.01 23.85
CA ASP H 813 65.21 21.24 24.34
C ASP H 813 66.03 22.47 23.96
N ILE H 814 67.25 22.27 23.46
CA ILE H 814 68.09 23.41 23.09
C ILE H 814 67.58 24.05 21.79
N LEU H 815 67.34 23.23 20.77
CA LEU H 815 66.75 23.73 19.54
C LEU H 815 65.36 24.27 19.80
N PRO H 816 65.02 25.42 19.22
CA PRO H 816 63.90 26.21 19.77
C PRO H 816 62.56 25.49 19.81
N HIS H 817 62.16 24.85 18.72
CA HIS H 817 60.84 24.22 18.74
C HIS H 817 60.89 22.76 19.19
N GLY H 818 62.09 22.16 19.26
CA GLY H 818 62.21 20.79 19.73
C GLY H 818 61.64 19.72 18.81
N ASP H 819 60.66 18.96 19.32
CA ASP H 819 60.13 17.77 18.66
C ASP H 819 59.81 18.00 17.19
N GLN H 820 58.88 18.89 16.90
CA GLN H 820 58.49 19.17 15.53
C GLN H 820 59.39 20.20 14.87
N THR H 821 60.42 20.69 15.56
CA THR H 821 61.34 21.65 14.95
C THR H 821 61.99 21.08 13.71
N GLN H 822 62.29 21.97 12.77
CA GLN H 822 62.97 21.54 11.55
C GLN H 822 64.32 20.94 11.91
N ILE H 823 64.60 19.77 11.34
CA ILE H 823 65.88 19.08 11.51
C ILE H 823 66.31 18.57 10.15
N GLY H 824 67.45 19.05 9.67
CA GLY H 824 67.99 18.53 8.42
C GLY H 824 68.89 19.53 7.72
N GLU H 825 69.01 19.34 6.42
CA GLU H 825 69.99 20.07 5.62
C GLU H 825 69.73 21.57 5.61
N ARG H 826 68.58 21.98 5.10
CA ARG H 826 68.23 23.40 5.10
C ARG H 826 67.83 23.79 6.52
N GLY H 827 68.55 24.74 7.08
CA GLY H 827 68.30 25.11 8.46
C GLY H 827 68.72 24.01 9.43
N ILE H 828 68.44 24.27 10.70
CA ILE H 828 68.72 23.34 11.79
C ILE H 828 70.21 23.02 11.86
N ASN H 829 71.02 24.01 12.25
CA ASN H 829 72.43 23.75 12.51
C ASN H 829 72.58 22.90 13.76
N LEU H 830 73.23 21.75 13.63
CA LEU H 830 73.27 20.75 14.68
C LEU H 830 74.70 20.49 15.12
N SER H 831 74.87 20.31 16.43
CA SER H 831 76.18 20.06 17.02
C SER H 831 76.72 18.72 16.56
N GLY H 832 78.03 18.64 16.38
CA GLY H 832 78.64 17.39 15.96
C GLY H 832 78.30 16.20 16.82
N GLY H 833 78.52 16.32 18.14
CA GLY H 833 78.13 15.24 19.03
C GLY H 833 76.63 15.00 19.00
N GLN H 834 75.87 16.03 18.60
CA GLN H 834 74.44 15.85 18.40
C GLN H 834 74.14 15.03 17.16
N ARG H 835 74.96 15.20 16.13
CA ARG H 835 74.81 14.36 14.94
C ARG H 835 75.11 12.91 15.26
N GLN H 836 76.27 12.67 15.88
CA GLN H 836 76.53 11.32 16.37
C GLN H 836 75.41 10.87 17.31
N ARG H 837 74.70 11.83 17.90
CA ARG H 837 73.69 11.51 18.90
C ARG H 837 72.41 11.00 18.26
N ILE H 838 71.64 11.89 17.65
CA ILE H 838 70.42 11.50 16.97
C ILE H 838 70.71 10.48 15.88
N SER H 839 71.90 10.52 15.30
CA SER H 839 72.36 9.46 14.41
C SER H 839 72.43 8.13 15.16
N VAL H 840 72.88 8.18 16.41
CA VAL H 840 73.10 6.96 17.17
C VAL H 840 71.78 6.34 17.59
N ALA H 841 70.99 7.08 18.37
CA ALA H 841 69.70 6.55 18.76
C ALA H 841 68.87 6.19 17.54
N ARG H 842 68.82 7.10 16.56
CA ARG H 842 68.12 6.85 15.31
C ARG H 842 68.59 5.55 14.68
N ALA H 843 69.88 5.25 14.85
CA ALA H 843 70.35 3.93 14.44
C ALA H 843 69.66 2.85 15.26
N LEU H 844 69.71 2.95 16.59
CA LEU H 844 69.15 1.90 17.44
C LEU H 844 67.67 2.07 17.73
N TYR H 845 67.06 3.15 17.23
CA TYR H 845 65.64 3.36 17.48
C TYR H 845 64.76 2.37 16.72
N GLN H 846 65.28 1.82 15.63
CA GLN H 846 64.54 0.85 14.83
C GLN H 846 64.22 -0.42 15.60
N GLN H 847 64.99 -0.72 16.65
CA GLN H 847 64.80 -1.94 17.43
C GLN H 847 64.75 -3.15 16.53
N THR H 848 65.88 -3.44 15.88
CA THR H 848 66.05 -4.61 15.05
C THR H 848 67.31 -5.32 15.51
N ASN H 849 67.48 -6.55 15.03
CA ASN H 849 68.55 -7.42 15.48
C ASN H 849 69.93 -6.77 15.43
N VAL H 850 70.39 -6.37 14.25
CA VAL H 850 71.78 -5.98 14.04
C VAL H 850 71.91 -4.46 14.16
N VAL H 851 73.03 -4.00 14.75
CA VAL H 851 73.35 -2.60 14.93
C VAL H 851 74.87 -2.42 14.94
N PHE H 852 75.32 -1.23 14.51
CA PHE H 852 76.75 -0.93 14.43
C PHE H 852 77.01 0.54 14.70
N LEU H 853 78.13 0.83 15.37
CA LEU H 853 78.48 2.17 15.80
C LEU H 853 79.81 2.60 15.20
N ASP H 854 80.06 3.91 15.22
CA ASP H 854 81.34 4.48 14.82
C ASP H 854 81.70 5.68 15.70
N ASP H 855 82.99 5.76 16.09
CA ASP H 855 83.62 6.85 16.86
C ASP H 855 82.67 7.42 17.91
N PRO H 856 82.28 6.64 18.92
CA PRO H 856 81.18 7.08 19.80
C PRO H 856 81.48 8.33 20.59
N PHE H 857 82.71 8.50 21.04
CA PHE H 857 83.11 9.69 21.77
C PHE H 857 83.73 10.75 20.88
N SER H 858 83.71 10.58 19.57
CA SER H 858 84.36 11.53 18.67
C SER H 858 83.84 12.93 18.93
N ALA H 859 84.76 13.83 19.30
CA ALA H 859 84.42 15.18 19.73
C ALA H 859 83.25 15.17 20.72
N LEU H 860 83.29 14.25 21.68
CA LEU H 860 82.25 14.13 22.70
C LEU H 860 82.86 14.40 24.08
N ASP H 861 82.02 14.31 25.10
CA ASP H 861 82.36 14.77 26.45
C ASP H 861 82.28 13.62 27.45
N VAL H 862 82.90 13.87 28.61
CA VAL H 862 82.90 12.87 29.68
C VAL H 862 81.48 12.57 30.12
N HIS H 863 80.69 13.63 30.35
CA HIS H 863 79.28 13.46 30.66
C HIS H 863 78.58 12.65 29.57
N LEU H 864 78.93 12.92 28.32
CA LEU H 864 78.41 12.11 27.22
C LEU H 864 79.22 10.83 27.01
N SER H 865 80.28 10.62 27.79
CA SER H 865 80.99 9.36 27.73
C SER H 865 80.34 8.35 28.66
N ASP H 866 80.35 8.63 29.96
CA ASP H 866 79.57 7.82 30.89
C ASP H 866 78.10 7.80 30.50
N HIS H 867 77.57 8.95 30.06
CA HIS H 867 76.24 8.99 29.46
C HIS H 867 76.17 8.12 28.22
N LEU H 868 77.22 8.12 27.42
CA LEU H 868 77.36 7.16 26.33
C LEU H 868 77.50 5.74 26.83
N MET H 869 77.92 5.52 28.08
CA MET H 869 77.76 4.24 28.75
C MET H 869 76.37 4.06 29.32
N GLN H 870 75.69 5.15 29.70
CA GLN H 870 74.34 5.06 30.25
C GLN H 870 73.31 4.75 29.19
N ALA H 871 73.41 5.35 28.01
CA ALA H 871 72.62 4.90 26.88
C ALA H 871 73.22 3.73 26.13
N GLY H 872 74.54 3.77 25.87
CA GLY H 872 75.19 2.87 24.94
C GLY H 872 75.15 1.42 25.33
N ILE H 873 75.49 1.13 26.58
CA ILE H 873 75.29 -0.23 27.07
C ILE H 873 74.36 -0.14 28.25
N LEU H 874 74.92 0.25 29.40
CA LEU H 874 74.20 0.25 30.65
C LEU H 874 73.44 -1.06 30.79
N GLU H 875 72.20 -0.97 31.26
CA GLU H 875 71.28 -2.10 31.13
C GLU H 875 70.31 -1.90 29.98
N LEU H 876 70.48 -0.84 29.20
CA LEU H 876 69.44 -0.35 28.31
C LEU H 876 69.21 -1.32 27.14
N LEU H 877 68.26 -0.96 26.28
CA LEU H 877 67.95 -1.75 25.10
C LEU H 877 69.15 -1.81 24.15
N ARG H 878 70.09 -0.90 24.34
CA ARG H 878 71.37 -0.99 23.65
C ARG H 878 72.11 -2.26 24.06
N ASP H 879 71.62 -2.93 25.10
CA ASP H 879 72.27 -4.10 25.66
C ASP H 879 71.25 -5.20 25.88
N ASP H 880 71.71 -6.25 26.57
CA ASP H 880 70.88 -7.41 26.90
C ASP H 880 70.50 -8.15 25.62
N LYS H 881 69.21 -8.41 25.36
CA LYS H 881 68.83 -9.45 24.41
C LYS H 881 69.14 -9.07 22.96
N ARG H 882 69.08 -7.79 22.64
CA ARG H 882 69.33 -7.37 21.26
C ARG H 882 70.83 -7.41 20.96
N THR H 883 71.16 -7.99 19.80
CA THR H 883 72.54 -8.07 19.37
C THR H 883 73.04 -6.70 18.92
N VAL H 884 74.37 -6.52 18.97
CA VAL H 884 74.96 -5.20 18.80
C VAL H 884 76.40 -5.32 18.30
N VAL H 885 76.96 -4.19 17.86
CA VAL H 885 78.38 -4.03 17.57
C VAL H 885 78.72 -2.55 17.75
N LEU H 886 80.00 -2.23 17.89
CA LEU H 886 80.43 -0.85 18.14
C LEU H 886 81.97 -0.79 18.09
N VAL H 887 82.48 0.43 17.91
CA VAL H 887 83.91 0.69 17.81
C VAL H 887 84.24 1.99 18.54
N THR H 888 85.12 1.91 19.53
CA THR H 888 85.41 3.04 20.38
C THR H 888 86.66 3.78 19.91
N HIS H 889 87.03 4.82 20.66
CA HIS H 889 88.23 5.61 20.40
C HIS H 889 89.08 5.70 21.67
N LYS H 890 88.53 6.32 22.70
CA LYS H 890 89.19 6.35 24.00
C LYS H 890 89.36 4.94 24.53
N LEU H 891 90.57 4.65 25.03
CA LEU H 891 90.90 3.31 25.48
C LEU H 891 90.50 3.04 26.93
N GLN H 892 90.12 4.07 27.68
CA GLN H 892 89.81 3.87 29.09
C GLN H 892 88.50 3.12 29.30
N TYR H 893 87.42 3.58 28.66
CA TYR H 893 86.10 3.00 28.86
C TYR H 893 85.98 1.57 28.34
N LEU H 894 87.02 1.08 27.68
CA LEU H 894 86.97 -0.25 27.07
C LEU H 894 86.55 -1.35 28.04
N PRO H 895 86.87 -1.29 29.33
CA PRO H 895 86.60 -2.44 30.22
C PRO H 895 85.16 -2.92 30.22
N HIS H 896 84.21 -2.03 29.97
CA HIS H 896 82.80 -2.42 29.95
C HIS H 896 82.50 -3.39 28.81
N ALA H 897 83.45 -3.62 27.90
CA ALA H 897 83.22 -4.50 26.78
C ALA H 897 83.39 -5.95 27.19
N ASP H 898 82.34 -6.75 26.98
CA ASP H 898 82.46 -8.19 27.12
C ASP H 898 83.55 -8.74 26.22
N TRP H 899 83.45 -8.46 24.91
CA TRP H 899 84.42 -8.97 23.96
C TRP H 899 85.16 -7.79 23.34
N ILE H 900 86.37 -8.04 22.88
CA ILE H 900 87.24 -7.02 22.31
C ILE H 900 88.00 -7.63 21.14
N ILE H 901 88.34 -6.78 20.17
CA ILE H 901 89.19 -7.18 19.05
C ILE H 901 89.89 -5.93 18.52
N ALA H 902 91.10 -6.13 18.00
CA ALA H 902 91.94 -5.05 17.53
C ALA H 902 92.39 -5.34 16.11
N MET H 903 92.96 -4.35 15.45
CA MET H 903 93.32 -4.47 14.05
C MET H 903 94.79 -4.11 13.83
N LYS H 904 95.48 -4.94 13.06
CA LYS H 904 96.86 -4.67 12.67
C LYS H 904 97.00 -4.86 11.18
N ASP H 905 97.36 -3.76 10.50
CA ASP H 905 97.45 -3.74 9.04
C ASP H 905 96.12 -4.21 8.47
N GLY H 906 96.12 -5.33 7.76
CA GLY H 906 94.88 -5.91 7.27
C GLY H 906 94.28 -7.02 8.10
N THR H 907 95.05 -7.68 8.97
CA THR H 907 94.59 -8.87 9.66
C THR H 907 94.38 -8.59 11.14
N ILE H 908 93.45 -9.33 11.73
CA ILE H 908 93.21 -9.23 13.16
C ILE H 908 94.47 -9.65 13.89
N GLN H 909 94.92 -8.79 14.80
CA GLN H 909 96.11 -9.13 15.59
C GLN H 909 95.84 -10.29 16.52
N ARG H 910 94.64 -10.34 17.12
CA ARG H 910 94.28 -11.45 17.99
C ARG H 910 92.76 -11.54 18.04
N GLU H 911 92.29 -12.72 18.41
CA GLU H 911 90.86 -12.97 18.59
C GLU H 911 90.63 -13.63 19.93
N GLY H 912 89.92 -12.95 20.80
CA GLY H 912 89.71 -13.42 22.16
C GLY H 912 89.43 -12.27 23.09
N THR H 913 89.74 -12.50 24.35
CA THR H 913 89.42 -11.55 25.41
C THR H 913 90.64 -10.69 25.72
N LEU H 914 90.52 -9.81 26.71
CA LEU H 914 91.61 -8.92 27.05
C LEU H 914 92.71 -9.61 27.85
N LYS H 915 92.49 -10.85 28.26
CA LYS H 915 93.48 -11.56 29.09
C LYS H 915 94.61 -12.11 28.21
N ASP H 916 94.26 -13.01 27.28
CA ASP H 916 95.30 -13.64 26.47
C ASP H 916 96.14 -12.62 25.70
N PHE H 917 95.53 -11.52 25.26
CA PHE H 917 96.29 -10.51 24.53
C PHE H 917 97.14 -9.67 25.48
N GLN H 918 96.63 -9.42 26.69
CA GLN H 918 97.50 -8.89 27.73
C GLN H 918 98.70 -9.81 27.90
N ARG H 919 98.46 -11.13 27.83
CA ARG H 919 99.52 -12.10 27.80
C ARG H 919 100.29 -12.04 26.49
N SER H 920 99.72 -11.41 25.46
CA SER H 920 100.46 -11.16 24.24
C SER H 920 101.23 -9.85 24.27
N GLU H 921 101.26 -9.18 25.43
CA GLU H 921 101.97 -7.91 25.59
C GLU H 921 101.47 -6.90 24.58
N CYS H 922 100.16 -7.00 24.31
CA CYS H 922 99.55 -6.46 23.11
C CYS H 922 98.65 -5.29 23.47
N GLN H 923 97.87 -4.80 22.51
CA GLN H 923 97.05 -3.60 22.71
C GLN H 923 96.32 -3.63 24.04
N LEU H 924 95.77 -4.78 24.41
CA LEU H 924 95.24 -4.90 25.77
C LEU H 924 96.33 -4.73 26.81
N PHE H 925 97.50 -5.34 26.63
CA PHE H 925 98.61 -5.07 27.55
C PHE H 925 99.24 -3.71 27.23
N GLU H 926 98.92 -3.15 26.06
CA GLU H 926 99.52 -1.87 25.69
C GLU H 926 98.86 -0.72 26.43
N HIS H 927 97.53 -0.66 26.41
CA HIS H 927 96.84 0.36 27.18
C HIS H 927 97.19 0.22 28.65
N TRP H 928 97.72 -0.95 29.04
CA TRP H 928 98.37 -1.07 30.33
C TRP H 928 99.73 -0.38 30.35
N LYS H 929 100.66 -0.83 29.50
CA LYS H 929 101.98 -0.20 29.40
C LYS H 929 101.89 1.28 29.06
N THR H 930 101.54 1.63 27.81
CA THR H 930 101.35 3.01 27.40
C THR H 930 99.86 3.27 27.31
N LEU H 931 99.33 4.07 28.23
CA LEU H 931 97.88 4.32 28.27
C LEU H 931 97.43 5.39 27.30
N TRP H 998 49.82 46.17 -9.11
CA TRP H 998 49.86 47.45 -9.80
C TRP H 998 50.78 48.40 -9.07
N ARG H 999 51.25 47.98 -7.90
CA ARG H 999 52.01 48.89 -7.04
C ARG H 999 53.41 49.13 -7.58
N ALA H 1000 53.99 48.14 -8.27
CA ALA H 1000 55.36 48.26 -8.75
C ALA H 1000 55.51 49.26 -9.86
N CYS H 1001 54.57 49.31 -10.80
CA CYS H 1001 54.54 50.42 -11.73
C CYS H 1001 54.59 51.74 -10.97
N THR H 1002 53.75 51.86 -9.95
CA THR H 1002 53.80 53.05 -9.10
C THR H 1002 55.08 53.09 -8.30
N LYS H 1003 55.68 51.92 -8.03
CA LYS H 1003 56.87 51.87 -7.21
C LYS H 1003 58.13 51.60 -8.01
N TYR H 1004 58.30 50.37 -8.48
CA TYR H 1004 59.49 50.00 -9.23
C TYR H 1004 59.67 50.90 -10.44
N LEU H 1005 58.71 50.88 -11.37
CA LEU H 1005 58.83 51.72 -12.56
C LEU H 1005 59.00 53.19 -12.19
N SER H 1006 58.75 53.55 -10.93
CA SER H 1006 59.13 54.88 -10.51
C SER H 1006 60.65 55.06 -10.42
N SER H 1007 61.43 54.00 -10.68
CA SER H 1007 62.89 54.06 -10.59
C SER H 1007 63.52 54.99 -11.63
N ALA H 1008 62.76 55.56 -12.55
CA ALA H 1008 63.35 56.36 -13.62
C ALA H 1008 62.39 57.48 -14.02
N GLY H 1009 62.72 58.09 -15.14
CA GLY H 1009 62.01 59.20 -15.75
C GLY H 1009 60.91 58.73 -16.68
N ILE H 1010 60.29 57.60 -16.33
CA ILE H 1010 59.74 56.59 -17.21
C ILE H 1010 58.94 57.16 -18.39
N LEU H 1011 58.29 58.31 -18.21
CA LEU H 1011 57.60 58.92 -19.35
C LEU H 1011 58.55 59.18 -20.51
N LEU H 1012 59.85 59.38 -20.22
CA LEU H 1012 60.83 59.57 -21.29
C LEU H 1012 60.93 58.33 -22.17
N LEU H 1013 60.68 57.17 -21.60
CA LEU H 1013 60.61 55.93 -22.37
C LEU H 1013 59.28 55.77 -23.07
N SER H 1014 58.24 56.45 -22.60
CA SER H 1014 56.92 56.34 -23.20
C SER H 1014 56.94 56.73 -24.68
N LEU H 1015 57.07 58.04 -24.95
CA LEU H 1015 56.84 58.57 -26.28
C LEU H 1015 57.73 57.90 -27.33
N LEU H 1016 59.00 57.68 -27.01
CA LEU H 1016 59.92 57.07 -27.96
C LEU H 1016 59.40 55.70 -28.39
N VAL H 1017 58.96 54.89 -27.44
CA VAL H 1017 58.40 53.60 -27.82
C VAL H 1017 57.20 53.82 -28.72
N PHE H 1018 56.40 54.84 -28.43
CA PHE H 1018 55.29 55.19 -29.30
C PHE H 1018 55.78 55.68 -30.65
N SER H 1019 56.91 56.39 -30.65
CA SER H 1019 57.54 56.77 -31.90
C SER H 1019 57.92 55.54 -32.71
N GLN H 1020 57.98 54.37 -32.06
CA GLN H 1020 58.05 53.12 -32.80
C GLN H 1020 56.71 52.75 -33.39
N LEU H 1021 55.67 52.71 -32.55
CA LEU H 1021 54.38 52.17 -32.96
C LEU H 1021 53.84 52.87 -34.19
N LEU H 1022 53.63 54.19 -34.09
CA LEU H 1022 53.19 54.95 -35.26
C LEU H 1022 54.07 54.68 -36.46
N LYS H 1023 55.38 54.64 -36.24
CA LYS H 1023 56.32 54.36 -37.31
C LYS H 1023 55.91 53.12 -38.08
N HIS H 1024 55.64 52.03 -37.37
CA HIS H 1024 55.19 50.82 -38.06
C HIS H 1024 53.87 51.07 -38.76
N MET H 1025 52.88 51.60 -38.03
CA MET H 1025 51.52 51.69 -38.57
C MET H 1025 51.51 52.53 -39.84
N VAL H 1026 52.02 53.75 -39.77
CA VAL H 1026 52.10 54.59 -40.96
C VAL H 1026 52.88 53.88 -42.05
N LEU H 1027 53.96 53.20 -41.68
CA LEU H 1027 54.76 52.48 -42.66
C LEU H 1027 53.88 51.59 -43.52
N VAL H 1028 52.88 50.96 -42.90
CA VAL H 1028 51.95 50.15 -43.66
C VAL H 1028 50.98 51.04 -44.42
N ALA H 1029 50.41 52.05 -43.75
CA ALA H 1029 49.33 52.87 -44.28
C ALA H 1029 49.67 53.44 -45.66
N ILE H 1030 50.85 54.04 -45.80
CA ILE H 1030 51.27 54.57 -47.09
C ILE H 1030 51.65 53.45 -48.05
N ASP H 1031 52.30 52.39 -47.54
CA ASP H 1031 52.38 51.17 -48.31
C ASP H 1031 50.99 50.63 -48.58
N TYR H 1032 50.04 50.98 -47.71
CA TYR H 1032 48.65 50.65 -47.96
C TYR H 1032 48.03 51.59 -48.98
N TRP H 1033 48.59 52.79 -49.12
CA TRP H 1033 48.05 53.77 -50.07
C TRP H 1033 48.97 53.93 -51.27
N LEU H 1034 50.11 54.62 -51.07
CA LEU H 1034 51.00 54.97 -52.18
C LEU H 1034 51.31 53.78 -53.07
N ALA H 1035 51.54 52.62 -52.47
CA ALA H 1035 51.72 51.42 -53.29
C ALA H 1035 50.41 51.01 -53.94
N LYS H 1036 49.39 50.77 -53.13
CA LYS H 1036 48.10 50.34 -53.67
C LYS H 1036 47.47 51.41 -54.54
N TRP H 1037 47.70 52.69 -54.23
CA TRP H 1037 47.24 53.75 -55.11
C TRP H 1037 47.94 53.73 -56.46
N THR H 1038 49.22 53.33 -56.51
CA THR H 1038 49.85 53.03 -57.79
C THR H 1038 49.24 51.81 -58.45
N ASP H 1039 49.00 50.75 -57.67
CA ASP H 1039 48.19 49.63 -58.16
C ASP H 1039 46.86 50.11 -58.70
N SER H 1040 46.36 51.23 -58.19
CA SER H 1040 45.19 51.88 -58.74
C SER H 1040 45.61 53.01 -59.67
N LEU H 1059 55.74 58.72 -62.44
CA LEU H 1059 56.81 58.96 -61.47
C LEU H 1059 56.37 58.54 -60.08
N ASP H 1060 55.19 57.92 -60.00
CA ASP H 1060 54.67 57.49 -58.71
C ASP H 1060 55.50 56.39 -58.07
N GLN H 1061 56.26 55.63 -58.86
CA GLN H 1061 57.17 54.64 -58.29
C GLN H 1061 58.15 55.29 -57.34
N SER H 1062 58.57 56.51 -57.66
CA SER H 1062 59.41 57.27 -56.76
C SER H 1062 58.66 57.72 -55.52
N VAL H 1063 57.36 57.95 -55.60
CA VAL H 1063 56.57 58.18 -54.40
C VAL H 1063 56.59 56.94 -53.52
N TYR H 1064 56.43 55.77 -54.14
CA TYR H 1064 56.63 54.52 -53.42
C TYR H 1064 58.03 54.44 -52.82
N ALA H 1065 59.01 55.09 -53.45
CA ALA H 1065 60.33 55.16 -52.84
C ALA H 1065 60.35 56.12 -51.66
N MET H 1066 59.56 57.19 -51.72
CA MET H 1066 59.43 58.08 -50.58
C MET H 1066 58.92 57.33 -49.37
N VAL H 1067 57.82 56.59 -49.54
CA VAL H 1067 57.26 55.78 -48.46
C VAL H 1067 58.32 54.81 -47.96
N PHE H 1068 59.14 54.29 -48.88
CA PHE H 1068 60.23 53.41 -48.48
C PHE H 1068 61.22 54.14 -47.59
N THR H 1069 61.47 55.41 -47.88
CA THR H 1069 62.40 56.20 -47.08
C THR H 1069 61.86 56.43 -45.67
N LEU H 1070 60.65 56.99 -45.57
CA LEU H 1070 60.08 57.27 -44.26
C LEU H 1070 59.97 55.98 -43.45
N LEU H 1071 59.61 54.89 -44.11
CA LEU H 1071 59.56 53.60 -43.43
C LEU H 1071 60.94 53.20 -42.92
N CYS H 1072 61.98 53.39 -43.74
CA CYS H 1072 63.31 52.97 -43.36
C CYS H 1072 63.83 53.74 -42.15
N SER H 1073 63.89 55.07 -42.26
CA SER H 1073 64.41 55.87 -41.16
C SER H 1073 63.54 55.78 -39.93
N LEU H 1074 62.23 55.59 -40.13
CA LEU H 1074 61.34 55.39 -38.99
C LEU H 1074 61.64 54.07 -38.28
N GLY H 1075 61.93 53.03 -39.05
CA GLY H 1075 62.27 51.74 -38.45
C GLY H 1075 63.62 51.77 -37.77
N ILE H 1076 64.54 52.60 -38.26
CA ILE H 1076 65.85 52.70 -37.64
C ILE H 1076 65.76 53.53 -36.36
N VAL H 1077 64.99 54.62 -36.40
CA VAL H 1077 64.81 55.45 -35.22
C VAL H 1077 64.10 54.67 -34.12
N LEU H 1078 62.96 54.06 -34.48
CA LEU H 1078 62.29 53.15 -33.58
C LEU H 1078 63.24 52.05 -33.10
N CYS H 1079 64.10 51.58 -34.00
CA CYS H 1079 65.01 50.48 -33.69
C CYS H 1079 65.94 50.86 -32.54
N LEU H 1080 66.68 51.96 -32.69
CA LEU H 1080 67.58 52.39 -31.62
C LEU H 1080 66.81 52.74 -30.36
N VAL H 1081 65.78 53.59 -30.50
CA VAL H 1081 65.07 54.12 -29.33
C VAL H 1081 64.54 52.97 -28.49
N THR H 1082 64.01 51.94 -29.16
CA THR H 1082 63.48 50.79 -28.45
C THR H 1082 64.54 50.15 -27.57
N SER H 1083 65.56 49.54 -28.18
CA SER H 1083 66.51 48.75 -27.43
C SER H 1083 67.24 49.61 -26.41
N VAL H 1084 67.90 50.68 -26.86
CA VAL H 1084 68.67 51.51 -25.95
C VAL H 1084 67.78 52.00 -24.81
N THR H 1085 66.54 52.35 -25.13
CA THR H 1085 65.59 52.70 -24.08
C THR H 1085 65.44 51.55 -23.09
N VAL H 1086 65.37 50.32 -23.59
CA VAL H 1086 65.14 49.17 -22.72
C VAL H 1086 66.32 48.96 -21.77
N GLU H 1087 67.52 48.77 -22.33
CA GLU H 1087 68.68 48.48 -21.49
C GLU H 1087 68.97 49.64 -20.55
N TRP H 1088 68.78 50.87 -21.02
CA TRP H 1088 68.94 52.04 -20.16
C TRP H 1088 67.98 51.97 -18.98
N THR H 1089 66.70 51.70 -19.25
CA THR H 1089 65.72 51.56 -18.18
C THR H 1089 66.15 50.51 -17.17
N GLY H 1090 66.43 49.29 -17.64
CA GLY H 1090 66.77 48.21 -16.73
C GLY H 1090 68.00 48.52 -15.89
N LEU H 1091 69.12 48.86 -16.54
CA LEU H 1091 70.31 49.21 -15.78
C LEU H 1091 70.01 50.28 -14.76
N LYS H 1092 69.29 51.33 -15.17
CA LYS H 1092 68.99 52.41 -14.26
C LYS H 1092 68.29 51.90 -13.01
N VAL H 1093 67.14 51.24 -13.18
CA VAL H 1093 66.40 50.74 -12.02
C VAL H 1093 67.28 49.82 -11.19
N ALA H 1094 68.20 49.10 -11.83
CA ALA H 1094 69.07 48.20 -11.09
C ALA H 1094 69.97 48.96 -10.12
N LYS H 1095 70.78 49.88 -10.65
CA LYS H 1095 71.72 50.59 -9.79
C LYS H 1095 71.00 51.41 -8.74
N ARG H 1096 69.84 51.96 -9.09
CA ARG H 1096 69.01 52.59 -8.09
C ARG H 1096 68.65 51.61 -6.98
N LEU H 1097 67.91 50.56 -7.32
CA LEU H 1097 67.30 49.64 -6.37
C LEU H 1097 68.29 48.91 -5.48
N HIS H 1098 69.24 48.16 -6.07
CA HIS H 1098 70.14 47.35 -5.25
C HIS H 1098 70.81 48.21 -4.19
N ARG H 1099 71.45 49.28 -4.63
CA ARG H 1099 72.07 50.28 -3.77
C ARG H 1099 71.10 50.73 -2.68
N SER H 1100 69.98 51.32 -3.08
CA SER H 1100 69.05 51.90 -2.10
C SER H 1100 68.60 50.88 -1.06
N LEU H 1101 67.97 49.81 -1.50
CA LEU H 1101 67.43 48.79 -0.61
C LEU H 1101 68.51 48.23 0.31
N LEU H 1102 69.53 47.61 -0.29
CA LEU H 1102 70.60 47.03 0.51
C LEU H 1102 71.14 48.03 1.52
N ASN H 1103 71.41 49.26 1.07
CA ASN H 1103 72.02 50.27 1.93
C ASN H 1103 71.13 50.59 3.12
N ARG H 1104 69.90 51.06 2.86
CA ARG H 1104 69.00 51.41 3.95
C ARG H 1104 68.74 50.22 4.87
N ILE H 1105 68.86 49.01 4.36
CA ILE H 1105 68.62 47.80 5.15
C ILE H 1105 69.79 47.56 6.08
N ILE H 1106 71.02 47.68 5.56
CA ILE H 1106 72.20 47.24 6.29
C ILE H 1106 72.25 47.89 7.68
N LEU H 1107 72.26 49.21 7.73
CA LEU H 1107 72.24 49.91 9.00
C LEU H 1107 70.82 49.81 9.54
N ALA H 1108 70.69 49.23 10.74
CA ALA H 1108 69.38 48.96 11.31
C ALA H 1108 69.54 48.37 12.70
N PRO H 1109 68.47 48.36 13.50
CA PRO H 1109 68.53 47.67 14.78
C PRO H 1109 68.52 46.16 14.59
N MET H 1110 68.49 45.39 15.68
CA MET H 1110 68.24 43.96 15.58
C MET H 1110 66.87 43.69 16.20
N ARG H 1111 65.89 43.50 15.32
CA ARG H 1111 64.60 42.88 15.62
C ARG H 1111 64.31 41.91 14.49
N PHE H 1112 64.09 42.47 13.29
CA PHE H 1112 63.88 41.67 12.10
C PHE H 1112 65.16 40.96 11.68
N PHE H 1113 66.32 41.55 11.97
CA PHE H 1113 67.58 40.86 11.74
C PHE H 1113 67.59 39.51 12.47
N GLU H 1114 66.98 39.46 13.65
CA GLU H 1114 66.79 38.22 14.38
C GLU H 1114 65.41 37.60 14.22
N THR H 1115 64.48 38.28 13.55
CA THR H 1115 63.13 37.74 13.42
C THR H 1115 62.96 36.78 12.25
N THR H 1116 63.51 37.09 11.08
CA THR H 1116 63.04 36.51 9.83
C THR H 1116 64.17 35.73 9.17
N PRO H 1117 64.21 34.42 9.40
CA PRO H 1117 65.48 33.68 9.28
C PRO H 1117 66.13 33.66 7.90
N LEU H 1118 66.65 34.82 7.49
CA LEU H 1118 67.54 34.93 6.32
C LEU H 1118 66.82 34.69 5.01
N GLY H 1119 65.58 34.22 5.08
CA GLY H 1119 64.77 34.14 3.88
C GLY H 1119 64.10 35.44 3.50
N SER H 1120 64.33 36.49 4.28
CA SER H 1120 63.73 37.80 4.04
C SER H 1120 64.64 38.74 3.27
N ILE H 1121 65.86 38.30 2.98
CA ILE H 1121 66.91 39.14 2.40
C ILE H 1121 67.45 38.47 1.14
N LEU H 1122 67.96 37.25 1.30
CA LEU H 1122 68.57 36.52 0.19
C LEU H 1122 67.64 36.38 -1.01
N ASN H 1123 66.33 36.57 -0.82
CA ASN H 1123 65.38 36.33 -1.90
C ASN H 1123 65.51 37.30 -3.05
N ARG H 1124 65.41 38.60 -2.78
CA ARG H 1124 65.39 39.58 -3.86
C ARG H 1124 66.67 39.55 -4.67
N PHE H 1125 67.83 39.66 -4.00
CA PHE H 1125 69.11 39.70 -4.71
C PHE H 1125 69.29 38.45 -5.55
N SER H 1126 69.02 37.27 -4.98
CA SER H 1126 68.99 36.05 -5.77
C SER H 1126 67.94 36.15 -6.87
N SER H 1127 66.66 36.26 -6.49
CA SER H 1127 65.58 36.20 -7.47
C SER H 1127 65.40 37.48 -8.25
N ASP H 1128 64.92 38.54 -7.60
CA ASP H 1128 64.43 39.70 -8.34
C ASP H 1128 65.53 40.53 -8.95
N CYS H 1129 66.79 40.31 -8.56
CA CYS H 1129 67.88 41.14 -9.09
C CYS H 1129 68.35 40.57 -10.43
N ASN H 1130 68.96 39.38 -10.40
CA ASN H 1130 69.39 38.74 -11.64
C ASN H 1130 68.19 38.36 -12.50
N THR H 1131 67.07 37.99 -11.87
CA THR H 1131 65.85 37.74 -12.63
C THR H 1131 65.16 39.04 -12.99
N ILE H 1132 65.56 40.14 -12.35
CA ILE H 1132 65.12 41.45 -12.81
C ILE H 1132 65.82 41.80 -14.11
N ASP H 1133 67.14 41.68 -14.13
CA ASP H 1133 67.91 41.89 -15.36
C ASP H 1133 67.45 40.91 -16.44
N GLN H 1134 67.44 39.63 -16.10
CA GLN H 1134 67.04 38.56 -16.99
C GLN H 1134 65.62 38.75 -17.49
N HIS H 1135 64.66 38.54 -16.59
CA HIS H 1135 63.25 38.55 -16.95
C HIS H 1135 62.73 39.96 -17.22
N ILE H 1136 62.87 40.85 -16.25
CA ILE H 1136 62.14 42.12 -16.23
C ILE H 1136 62.39 42.91 -17.50
N PRO H 1137 63.65 43.08 -17.91
CA PRO H 1137 63.91 43.95 -19.07
C PRO H 1137 63.27 43.44 -20.34
N SER H 1138 63.48 42.17 -20.68
CA SER H 1138 62.84 41.62 -21.86
C SER H 1138 61.32 41.60 -21.71
N THR H 1139 60.84 41.64 -20.48
CA THR H 1139 59.40 41.61 -20.23
C THR H 1139 58.77 42.95 -20.60
N LEU H 1140 59.23 44.03 -19.98
CA LEU H 1140 58.71 45.35 -20.32
C LEU H 1140 58.65 45.53 -21.83
N GLU H 1141 59.68 45.06 -22.54
CA GLU H 1141 59.65 45.08 -24.00
C GLU H 1141 58.50 44.25 -24.54
N CYS H 1142 58.21 43.11 -23.89
CA CYS H 1142 57.13 42.25 -24.36
C CYS H 1142 55.78 42.92 -24.18
N LEU H 1143 55.59 43.63 -23.07
CA LEU H 1143 54.40 44.44 -22.93
C LEU H 1143 54.35 45.51 -23.99
N SER H 1144 55.51 46.08 -24.33
CA SER H 1144 55.59 47.10 -25.36
C SER H 1144 55.07 46.59 -26.69
N ARG H 1145 55.82 45.67 -27.32
CA ARG H 1145 55.43 45.13 -28.62
C ARG H 1145 54.03 44.54 -28.52
N SER H 1146 53.68 44.05 -27.34
CA SER H 1146 52.36 43.51 -27.07
C SER H 1146 51.26 44.52 -27.33
N THR H 1147 51.13 45.52 -26.45
CA THR H 1147 50.05 46.49 -26.59
C THR H 1147 50.19 47.25 -27.90
N LEU H 1148 51.42 47.35 -28.42
CA LEU H 1148 51.63 47.82 -29.78
C LEU H 1148 50.77 47.03 -30.75
N LEU H 1149 50.85 45.70 -30.68
CA LEU H 1149 50.00 44.89 -31.55
C LEU H 1149 48.53 45.08 -31.21
N CYS H 1150 48.22 45.21 -29.91
CA CYS H 1150 46.83 45.36 -29.48
C CYS H 1150 46.17 46.58 -30.13
N VAL H 1151 46.58 47.78 -29.70
CA VAL H 1151 45.99 48.99 -30.24
C VAL H 1151 46.23 49.08 -31.74
N SER H 1152 47.38 48.55 -32.19
CA SER H 1152 47.72 48.59 -33.61
C SER H 1152 46.64 47.93 -34.45
N ALA H 1153 46.27 46.70 -34.08
CA ALA H 1153 45.13 46.05 -34.73
C ALA H 1153 43.86 46.82 -34.50
N LEU H 1154 43.67 47.36 -33.29
CA LEU H 1154 42.42 48.06 -32.98
C LEU H 1154 42.14 49.19 -33.95
N THR H 1155 43.14 50.04 -34.21
CA THR H 1155 42.95 51.16 -35.11
C THR H 1155 43.09 50.75 -36.57
N VAL H 1156 43.97 49.79 -36.87
CA VAL H 1156 44.11 49.34 -38.24
C VAL H 1156 42.80 48.76 -38.75
N ILE H 1157 42.29 47.74 -38.05
CA ILE H 1157 41.00 47.16 -38.43
C ILE H 1157 39.89 48.19 -38.22
N SER H 1158 39.99 49.02 -37.18
CA SER H 1158 38.99 50.07 -36.97
C SER H 1158 38.86 50.94 -38.22
N TYR H 1159 39.97 51.17 -38.91
CA TYR H 1159 39.90 51.83 -40.20
C TYR H 1159 39.36 50.87 -41.26
N VAL H 1160 39.80 49.61 -41.22
CA VAL H 1160 39.42 48.63 -42.24
C VAL H 1160 37.92 48.47 -42.38
N THR H 1161 37.15 48.75 -41.33
CA THR H 1161 35.71 48.74 -41.44
C THR H 1161 35.18 50.11 -41.07
N PRO H 1162 34.12 50.58 -41.73
CA PRO H 1162 33.50 51.82 -41.27
C PRO H 1162 32.95 51.68 -39.87
N VAL H 1163 32.48 50.49 -39.53
CA VAL H 1163 32.27 50.11 -38.14
C VAL H 1163 32.88 48.73 -37.96
N PHE H 1164 33.97 48.66 -37.21
CA PHE H 1164 34.47 47.40 -36.69
C PHE H 1164 34.09 47.18 -35.23
N LEU H 1165 33.42 48.16 -34.61
CA LEU H 1165 32.94 47.97 -33.25
C LEU H 1165 31.77 47.00 -33.22
N VAL H 1166 30.96 47.00 -34.28
CA VAL H 1166 30.06 45.89 -34.55
C VAL H 1166 30.82 44.58 -34.43
N ALA H 1167 32.06 44.57 -34.90
CA ALA H 1167 32.91 43.39 -34.74
C ALA H 1167 33.56 43.33 -33.37
N LEU H 1168 33.56 44.43 -32.62
CA LEU H 1168 34.38 44.49 -31.41
C LEU H 1168 33.60 44.04 -30.19
N LEU H 1169 32.50 44.75 -29.86
CA LEU H 1169 32.03 44.87 -28.48
C LEU H 1169 31.96 43.54 -27.76
N PRO H 1170 31.09 42.62 -28.17
CA PRO H 1170 31.05 41.33 -27.45
C PRO H 1170 32.32 40.53 -27.64
N LEU H 1171 32.87 40.54 -28.85
CA LEU H 1171 34.10 39.81 -29.15
C LEU H 1171 35.22 40.24 -28.23
N ALA H 1172 35.63 41.50 -28.37
CA ALA H 1172 36.76 42.00 -27.57
C ALA H 1172 36.47 41.88 -26.08
N VAL H 1173 35.29 42.34 -25.66
CA VAL H 1173 34.96 42.35 -24.24
C VAL H 1173 35.11 40.96 -23.65
N VAL H 1174 34.29 40.03 -24.13
CA VAL H 1174 34.31 38.68 -23.58
C VAL H 1174 35.71 38.07 -23.72
N CYS H 1175 36.48 38.50 -24.71
CA CYS H 1175 37.88 38.10 -24.77
C CYS H 1175 38.55 38.46 -23.45
N TYR H 1176 38.56 39.75 -23.16
CA TYR H 1176 39.14 40.22 -21.90
C TYR H 1176 38.55 39.50 -20.69
N PHE H 1177 37.31 39.03 -20.75
CA PHE H 1177 36.77 38.25 -19.65
C PHE H 1177 37.47 36.89 -19.55
N ILE H 1178 37.65 36.22 -20.70
CA ILE H 1178 38.33 34.94 -20.72
C ILE H 1178 39.72 35.08 -20.10
N GLN H 1179 40.52 35.99 -20.65
CA GLN H 1179 41.85 36.19 -20.09
C GLN H 1179 41.74 36.53 -18.62
N LYS H 1180 40.68 37.26 -18.26
CA LYS H 1180 40.51 37.65 -16.87
C LYS H 1180 40.47 36.44 -15.96
N TYR H 1181 39.54 35.51 -16.16
CA TYR H 1181 39.58 34.35 -15.28
C TYR H 1181 40.83 33.51 -15.52
N PHE H 1182 41.56 33.78 -16.61
CA PHE H 1182 42.73 32.98 -16.93
C PHE H 1182 43.95 33.36 -16.09
N ARG H 1183 44.05 34.62 -15.67
CA ARG H 1183 45.21 35.02 -14.86
C ARG H 1183 45.29 34.23 -13.56
N VAL H 1184 44.15 33.99 -12.91
CA VAL H 1184 44.13 33.20 -11.68
C VAL H 1184 44.69 31.81 -11.97
N ALA H 1185 44.46 31.32 -13.19
CA ALA H 1185 45.10 30.09 -13.61
C ALA H 1185 46.60 30.26 -13.69
N SER H 1186 47.07 31.37 -14.26
CA SER H 1186 48.51 31.60 -14.34
C SER H 1186 49.12 31.46 -12.96
N ARG H 1187 48.74 32.36 -12.05
CA ARG H 1187 49.28 32.34 -10.70
C ARG H 1187 49.11 30.97 -10.07
N ASP H 1188 47.97 30.34 -10.32
CA ASP H 1188 47.72 29.01 -9.77
C ASP H 1188 48.77 28.01 -10.21
N LEU H 1189 48.74 27.64 -11.48
CA LEU H 1189 49.63 26.63 -12.02
C LEU H 1189 51.08 26.99 -11.72
N GLN H 1190 51.57 28.10 -12.26
CA GLN H 1190 52.97 28.44 -12.04
C GLN H 1190 53.34 28.40 -10.56
N GLN H 1191 52.42 28.82 -9.69
CA GLN H 1191 52.62 28.61 -8.26
C GLN H 1191 52.85 27.13 -7.97
N LEU H 1192 52.07 26.26 -8.63
CA LEU H 1192 52.22 24.83 -8.37
C LEU H 1192 53.57 24.32 -8.84
N ASP H 1193 54.07 24.83 -9.96
CA ASP H 1193 55.40 24.41 -10.43
C ASP H 1193 56.48 24.84 -9.45
N ASP H 1194 56.54 26.15 -9.16
CA ASP H 1194 57.49 26.65 -8.18
C ASP H 1194 57.42 25.85 -6.90
N THR H 1195 56.22 25.38 -6.52
CA THR H 1195 56.12 24.46 -5.40
C THR H 1195 56.85 23.16 -5.68
N THR H 1196 56.50 22.49 -6.77
CA THR H 1196 56.97 21.13 -6.97
C THR H 1196 58.46 21.06 -7.28
N GLN H 1197 59.13 22.19 -7.48
CA GLN H 1197 60.55 22.12 -7.81
C GLN H 1197 61.41 21.67 -6.63
N LEU H 1198 61.11 22.16 -5.43
CA LEU H 1198 62.05 22.02 -4.33
C LEU H 1198 62.26 20.58 -3.91
N PRO H 1199 61.23 19.77 -3.70
CA PRO H 1199 61.46 18.46 -3.07
C PRO H 1199 62.33 17.52 -3.90
N LEU H 1200 62.40 17.73 -5.22
CA LEU H 1200 63.25 16.89 -6.03
C LEU H 1200 64.72 17.07 -5.65
N LEU H 1201 65.21 18.30 -5.72
CA LEU H 1201 66.57 18.57 -5.29
C LEU H 1201 66.75 18.28 -3.82
N SER H 1202 65.65 18.29 -3.06
CA SER H 1202 65.71 17.77 -1.70
C SER H 1202 66.06 16.29 -1.67
N HIS H 1203 65.44 15.50 -2.53
CA HIS H 1203 65.65 14.05 -2.57
C HIS H 1203 66.97 13.63 -3.16
N PHE H 1204 67.29 13.99 -4.41
CA PHE H 1204 68.56 13.61 -5.02
C PHE H 1204 69.73 13.87 -4.07
N ALA H 1205 69.92 15.12 -3.68
CA ALA H 1205 70.97 15.45 -2.72
C ALA H 1205 70.88 14.58 -1.47
N GLU H 1206 69.67 14.25 -1.03
CA GLU H 1206 69.52 13.42 0.16
C GLU H 1206 70.21 12.07 -0.04
N THR H 1207 69.81 11.34 -1.09
CA THR H 1207 70.44 10.07 -1.39
C THR H 1207 71.95 10.22 -1.54
N VAL H 1208 72.40 11.35 -2.07
CA VAL H 1208 73.84 11.61 -2.12
C VAL H 1208 74.43 11.57 -0.72
N GLU H 1209 73.88 12.36 0.19
CA GLU H 1209 74.44 12.47 1.53
C GLU H 1209 74.47 11.12 2.23
N GLY H 1210 73.33 10.41 2.22
CA GLY H 1210 73.29 9.10 2.82
C GLY H 1210 73.80 7.98 1.94
N LEU H 1211 74.59 8.30 0.91
CA LEU H 1211 75.04 7.30 -0.08
C LEU H 1211 75.48 6.01 0.57
N THR H 1212 76.18 6.09 1.72
CA THR H 1212 76.44 4.90 2.49
C THR H 1212 75.24 4.50 3.34
N THR H 1213 74.48 5.50 3.79
CA THR H 1213 73.45 5.24 4.81
C THR H 1213 72.39 4.30 4.30
N ILE H 1214 71.70 4.67 3.21
CA ILE H 1214 70.51 3.92 2.79
C ILE H 1214 70.91 2.53 2.29
N ARG H 1215 71.88 2.48 1.37
CA ARG H 1215 72.39 1.22 0.88
C ARG H 1215 72.77 0.33 2.05
N ALA H 1216 73.43 0.91 3.04
CA ALA H 1216 73.87 0.15 4.21
C ALA H 1216 72.68 -0.38 4.99
N PHE H 1217 71.61 0.40 5.04
CA PHE H 1217 70.56 0.09 5.98
C PHE H 1217 69.38 -0.67 5.38
N ARG H 1218 69.44 -1.05 4.11
CA ARG H 1218 68.42 -1.89 3.47
C ARG H 1218 67.03 -1.23 3.46
N TYR H 1219 66.98 0.10 3.34
CA TYR H 1219 65.72 0.85 3.22
C TYR H 1219 65.35 1.23 1.80
N GLU H 1220 66.10 0.79 0.79
CA GLU H 1220 65.98 1.34 -0.55
C GLU H 1220 64.54 1.45 -1.05
N ALA H 1221 63.69 0.47 -0.73
CA ALA H 1221 62.36 0.40 -1.32
C ALA H 1221 61.50 1.61 -0.96
N ARG H 1222 61.29 1.83 0.35
CA ARG H 1222 60.49 2.95 0.80
C ARG H 1222 60.96 4.23 0.14
N PHE H 1223 62.27 4.34 -0.06
CA PHE H 1223 62.82 5.55 -0.66
C PHE H 1223 62.44 5.65 -2.13
N GLN H 1224 62.91 4.71 -2.96
CA GLN H 1224 62.60 4.78 -4.39
C GLN H 1224 61.11 5.05 -4.62
N GLN H 1225 60.26 4.44 -3.79
CA GLN H 1225 58.85 4.78 -3.85
C GLN H 1225 58.66 6.26 -3.61
N LYS H 1226 59.36 6.81 -2.61
CA LYS H 1226 59.29 8.25 -2.38
C LYS H 1226 59.74 9.03 -3.61
N LEU H 1227 60.72 8.52 -4.36
CA LEU H 1227 61.09 9.15 -5.63
C LEU H 1227 59.88 9.25 -6.54
N LEU H 1228 59.34 8.09 -6.94
CA LEU H 1228 58.23 8.05 -7.89
C LEU H 1228 57.12 8.99 -7.49
N GLU H 1229 56.84 9.09 -6.19
CA GLU H 1229 55.93 10.10 -5.69
C GLU H 1229 56.23 11.47 -6.25
N TYR H 1230 57.37 12.03 -5.82
CA TYR H 1230 57.69 13.41 -6.18
C TYR H 1230 57.75 13.58 -7.68
N THR H 1231 58.18 12.54 -8.39
CA THR H 1231 58.10 12.57 -9.84
C THR H 1231 56.69 12.94 -10.26
N ASP H 1232 55.74 12.08 -9.90
CA ASP H 1232 54.37 12.25 -10.35
C ASP H 1232 53.85 13.63 -10.03
N SER H 1233 54.00 14.06 -8.76
CA SER H 1233 53.45 15.37 -8.41
C SER H 1233 54.09 16.47 -9.25
N ASN H 1234 55.41 16.45 -9.37
CA ASN H 1234 56.09 17.39 -10.24
C ASN H 1234 55.46 17.44 -11.62
N ASN H 1235 55.38 16.28 -12.24
CA ASN H 1235 55.11 16.26 -13.67
C ASN H 1235 53.63 16.47 -14.00
N ILE H 1236 52.72 16.15 -13.08
CA ILE H 1236 51.37 16.62 -13.30
C ILE H 1236 51.30 18.13 -13.14
N ALA H 1237 52.08 18.67 -12.19
CA ALA H 1237 52.13 20.12 -12.10
C ALA H 1237 52.49 20.73 -13.44
N SER H 1238 53.58 20.25 -14.05
CA SER H 1238 53.94 20.79 -15.36
C SER H 1238 52.84 20.56 -16.38
N LEU H 1239 52.31 19.34 -16.43
CA LEU H 1239 51.33 18.99 -17.46
C LEU H 1239 50.12 19.92 -17.39
N PHE H 1240 49.68 20.23 -16.18
CA PHE H 1240 48.65 21.25 -16.03
C PHE H 1240 49.15 22.61 -16.50
N LEU H 1241 50.41 22.93 -16.20
CA LEU H 1241 50.91 24.23 -16.63
C LEU H 1241 50.75 24.40 -18.14
N THR H 1242 51.55 23.64 -18.90
CA THR H 1242 51.49 23.73 -20.35
C THR H 1242 50.06 23.51 -20.83
N ALA H 1243 49.31 22.67 -20.12
CA ALA H 1243 47.91 22.44 -20.46
C ALA H 1243 47.17 23.77 -20.51
N ALA H 1244 47.17 24.49 -19.40
CA ALA H 1244 46.48 25.76 -19.34
C ALA H 1244 47.00 26.70 -20.41
N ASN H 1245 48.31 26.84 -20.53
CA ASN H 1245 48.86 27.72 -21.57
C ASN H 1245 48.22 27.45 -22.92
N ARG H 1246 48.39 26.23 -23.40
CA ARG H 1246 47.90 25.94 -24.73
C ARG H 1246 46.39 26.06 -24.81
N TRP H 1247 45.69 25.97 -23.67
CA TRP H 1247 44.29 26.39 -23.64
C TRP H 1247 44.16 27.85 -24.03
N LEU H 1248 44.96 28.71 -23.38
CA LEU H 1248 44.92 30.13 -23.69
C LEU H 1248 45.09 30.36 -25.17
N GLU H 1249 46.19 29.84 -25.73
CA GLU H 1249 46.44 30.07 -27.14
C GLU H 1249 45.28 29.58 -27.99
N VAL H 1250 44.83 28.34 -27.75
CA VAL H 1250 43.77 27.77 -28.59
C VAL H 1250 42.57 28.69 -28.61
N ARG H 1251 42.04 29.02 -27.44
CA ARG H 1251 40.83 29.83 -27.42
C ARG H 1251 41.05 31.18 -28.06
N MET H 1252 41.90 32.01 -27.46
CA MET H 1252 41.95 33.39 -27.94
C MET H 1252 42.31 33.43 -29.42
N GLU H 1253 43.12 32.49 -29.87
CA GLU H 1253 43.36 32.37 -31.30
C GLU H 1253 42.06 32.07 -32.04
N TYR H 1254 41.27 31.15 -31.51
CA TYR H 1254 40.02 30.77 -32.14
C TYR H 1254 39.09 31.96 -32.32
N ILE H 1255 38.82 32.70 -31.25
CA ILE H 1255 38.05 33.93 -31.42
C ILE H 1255 38.76 34.86 -32.38
N GLY H 1256 40.07 34.71 -32.49
CA GLY H 1256 40.79 35.37 -33.56
C GLY H 1256 40.20 35.02 -34.91
N ALA H 1257 40.08 33.72 -35.19
CA ALA H 1257 39.45 33.31 -36.43
C ALA H 1257 38.06 33.94 -36.53
N CYS H 1258 37.43 34.18 -35.39
CA CYS H 1258 36.17 34.93 -35.44
C CYS H 1258 36.38 36.34 -35.98
N VAL H 1259 37.42 37.05 -35.54
CA VAL H 1259 37.52 38.44 -35.99
C VAL H 1259 37.97 38.51 -37.44
N VAL H 1260 38.83 37.58 -37.87
CA VAL H 1260 39.20 37.57 -39.27
C VAL H 1260 37.98 37.25 -40.14
N LEU H 1261 37.16 36.30 -39.70
CA LEU H 1261 35.94 35.96 -40.43
C LEU H 1261 35.04 37.17 -40.54
N ILE H 1262 34.57 37.65 -39.39
CA ILE H 1262 33.58 38.73 -39.38
C ILE H 1262 34.11 39.94 -40.13
N ALA H 1263 35.25 40.49 -39.70
CA ALA H 1263 35.80 41.67 -40.33
C ALA H 1263 36.08 41.45 -41.81
N ALA H 1264 37.04 40.57 -42.10
CA ALA H 1264 37.52 40.38 -43.46
C ALA H 1264 36.38 40.05 -44.40
N ALA H 1265 35.41 39.29 -43.93
CA ALA H 1265 34.24 38.99 -44.74
C ALA H 1265 33.41 40.25 -44.97
N THR H 1266 33.02 40.92 -43.88
CA THR H 1266 32.20 42.12 -43.98
C THR H 1266 32.79 43.14 -44.94
N SER H 1267 34.11 43.09 -45.16
CA SER H 1267 34.69 43.88 -46.23
C SER H 1267 33.97 43.68 -47.56
N ILE H 1268 33.55 42.45 -47.84
CA ILE H 1268 33.12 42.06 -49.19
C ILE H 1268 32.13 43.06 -49.76
N SER H 1269 31.29 43.65 -48.92
CA SER H 1269 30.19 44.46 -49.43
C SER H 1269 30.50 45.94 -49.38
N ASN H 1270 30.42 46.54 -48.19
CA ASN H 1270 30.53 47.99 -48.07
C ASN H 1270 31.76 48.51 -48.78
N SER H 1271 32.82 47.71 -48.83
CA SER H 1271 34.07 48.16 -49.43
C SER H 1271 33.99 48.22 -50.94
N LEU H 1272 34.00 47.06 -51.61
CA LEU H 1272 33.97 47.12 -53.06
C LEU H 1272 32.56 47.26 -53.60
N HIS H 1273 31.58 46.63 -52.97
CA HIS H 1273 30.21 46.73 -53.47
C HIS H 1273 29.61 48.12 -53.26
N ARG H 1274 29.88 48.77 -52.12
CA ARG H 1274 29.33 50.09 -51.83
C ARG H 1274 30.37 51.17 -52.10
N GLU H 1275 31.38 51.29 -51.24
CA GLU H 1275 32.42 52.30 -51.38
C GLU H 1275 33.29 52.10 -52.61
N LEU H 1276 33.21 50.92 -53.25
CA LEU H 1276 34.07 50.47 -54.35
C LEU H 1276 35.50 50.29 -53.85
N SER H 1277 35.75 50.54 -52.57
CA SER H 1277 37.10 50.64 -52.04
C SER H 1277 37.91 49.38 -52.33
N ALA H 1278 39.01 49.55 -53.05
CA ALA H 1278 40.05 48.55 -53.16
C ALA H 1278 41.27 48.86 -52.31
N GLY H 1279 41.28 50.00 -51.63
CA GLY H 1279 42.43 50.37 -50.85
C GLY H 1279 42.37 49.99 -49.40
N LEU H 1280 41.52 49.03 -49.05
CA LEU H 1280 41.29 48.68 -47.65
C LEU H 1280 41.55 47.21 -47.40
N VAL H 1281 40.78 46.33 -48.06
CA VAL H 1281 40.95 44.89 -47.89
C VAL H 1281 42.41 44.51 -48.09
N GLY H 1282 43.10 45.21 -49.00
CA GLY H 1282 44.50 44.92 -49.28
C GLY H 1282 45.37 44.95 -48.04
N LEU H 1283 45.15 45.93 -47.17
CA LEU H 1283 45.80 45.93 -45.87
C LEU H 1283 45.02 45.09 -44.86
N GLY H 1284 43.70 45.18 -44.93
CA GLY H 1284 42.86 44.67 -43.84
C GLY H 1284 43.02 43.19 -43.61
N LEU H 1285 43.07 42.42 -44.69
CA LEU H 1285 43.29 40.98 -44.53
C LEU H 1285 44.57 40.72 -43.75
N THR H 1286 45.69 41.26 -44.23
CA THR H 1286 46.98 41.02 -43.60
C THR H 1286 46.95 41.37 -42.13
N TYR H 1287 46.74 42.65 -41.82
CA TYR H 1287 46.78 43.07 -40.42
C TYR H 1287 45.77 42.29 -39.59
N ALA H 1288 44.63 41.91 -40.18
CA ALA H 1288 43.64 41.17 -39.43
C ALA H 1288 44.17 39.84 -38.95
N LEU H 1289 44.60 38.99 -39.88
CA LEU H 1289 45.00 37.65 -39.46
C LEU H 1289 46.23 37.70 -38.57
N MET H 1290 47.28 38.41 -39.01
CA MET H 1290 48.49 38.50 -38.18
C MET H 1290 48.13 39.07 -36.82
N VAL H 1291 47.08 39.89 -36.77
CA VAL H 1291 46.61 40.43 -35.51
C VAL H 1291 46.01 39.34 -34.64
N SER H 1292 45.21 38.47 -35.25
CA SER H 1292 44.66 37.37 -34.47
C SER H 1292 45.77 36.52 -33.86
N ASN H 1293 46.74 36.10 -34.69
CA ASN H 1293 47.83 35.30 -34.15
C ASN H 1293 48.58 36.03 -33.04
N TYR H 1294 48.85 37.33 -33.26
CA TYR H 1294 49.65 38.07 -32.28
C TYR H 1294 48.93 38.21 -30.95
N LEU H 1295 47.59 38.29 -30.98
CA LEU H 1295 46.80 38.44 -29.76
C LEU H 1295 47.25 37.41 -28.74
N ASN H 1296 47.55 36.21 -29.23
CA ASN H 1296 48.16 35.17 -28.42
C ASN H 1296 49.35 35.72 -27.65
N TRP H 1297 50.37 36.19 -28.39
CA TRP H 1297 51.56 36.75 -27.76
C TRP H 1297 51.17 37.81 -26.75
N MET H 1298 50.09 38.54 -27.03
CA MET H 1298 49.64 39.55 -26.08
C MET H 1298 49.31 38.93 -24.73
N VAL H 1299 48.47 37.89 -24.72
CA VAL H 1299 48.06 37.30 -23.45
C VAL H 1299 49.27 36.77 -22.68
N ARG H 1300 50.04 35.88 -23.31
CA ARG H 1300 51.22 35.34 -22.66
C ARG H 1300 52.12 36.44 -22.14
N ASN H 1301 52.15 37.57 -22.85
CA ASN H 1301 52.96 38.70 -22.42
C ASN H 1301 52.42 39.28 -21.12
N LEU H 1302 51.12 39.56 -21.06
CA LEU H 1302 50.55 40.14 -19.85
C LEU H 1302 50.78 39.24 -18.65
N ALA H 1303 50.50 37.95 -18.82
CA ALA H 1303 50.74 36.99 -17.74
C ALA H 1303 52.19 37.05 -17.28
N ASP H 1304 53.13 36.83 -18.21
CA ASP H 1304 54.54 36.82 -17.85
C ASP H 1304 54.97 38.12 -17.19
N MET H 1305 54.36 39.24 -17.59
CA MET H 1305 54.62 40.50 -16.94
C MET H 1305 54.21 40.46 -15.47
N GLU H 1306 53.03 39.91 -15.20
CA GLU H 1306 52.63 39.74 -13.80
C GLU H 1306 53.63 38.87 -13.05
N ILE H 1307 53.94 37.69 -13.61
CA ILE H 1307 54.83 36.75 -12.95
C ILE H 1307 56.18 37.39 -12.67
N GLN H 1308 56.57 38.36 -13.48
CA GLN H 1308 57.76 39.13 -13.17
C GLN H 1308 57.49 40.10 -12.03
N LEU H 1309 56.35 40.80 -12.07
CA LEU H 1309 56.05 41.80 -11.05
C LEU H 1309 56.02 41.19 -9.66
N GLY H 1310 55.76 39.88 -9.57
CA GLY H 1310 55.71 39.24 -8.26
C GLY H 1310 56.95 39.51 -7.42
N ALA H 1311 58.13 39.37 -8.03
CA ALA H 1311 59.36 39.48 -7.26
C ALA H 1311 59.55 40.88 -6.70
N VAL H 1312 59.41 41.90 -7.54
CA VAL H 1312 59.61 43.27 -7.07
C VAL H 1312 58.56 43.65 -6.02
N LYS H 1313 57.29 43.31 -6.24
CA LYS H 1313 56.30 43.60 -5.21
C LYS H 1313 56.62 42.85 -3.92
N ARG H 1314 57.40 41.77 -4.01
CA ARG H 1314 57.88 41.11 -2.79
C ARG H 1314 59.10 41.83 -2.21
N ILE H 1315 59.81 42.61 -3.04
CA ILE H 1315 60.94 43.39 -2.53
C ILE H 1315 60.45 44.69 -1.91
N HIS H 1316 59.18 45.02 -2.18
CA HIS H 1316 58.58 46.21 -1.58
C HIS H 1316 58.57 46.12 -0.06
N ALA H 1317 58.67 44.90 0.49
CA ALA H 1317 58.63 44.73 1.93
C ALA H 1317 59.87 45.31 2.60
N LEU H 1318 61.04 44.84 2.21
CA LEU H 1318 62.29 45.39 2.70
C LEU H 1318 62.50 46.82 2.22
N LEU H 1319 61.84 47.20 1.12
CA LEU H 1319 61.79 48.62 0.78
C LEU H 1319 61.18 49.43 1.92
N LYS H 1320 60.04 48.98 2.44
CA LYS H 1320 59.33 49.65 3.53
C LYS H 1320 60.01 49.49 4.88
N THR H 1321 61.12 48.75 4.93
CA THR H 1321 61.72 48.37 6.21
C THR H 1321 62.33 49.57 6.94
N GLU H 1322 62.37 49.46 8.26
CA GLU H 1322 62.99 50.47 9.11
C GLU H 1322 64.46 50.61 8.76
N LYS H 1344 85.75 56.60 31.37
CA LYS H 1344 85.03 56.85 32.61
C LYS H 1344 83.56 56.56 32.39
N ILE H 1345 82.89 56.03 33.40
CA ILE H 1345 81.51 55.61 33.25
C ILE H 1345 80.71 56.07 34.45
N GLN H 1346 79.54 56.65 34.19
CA GLN H 1346 78.60 57.00 35.24
C GLN H 1346 77.20 56.60 34.79
N ILE H 1347 76.56 55.69 35.52
CA ILE H 1347 75.26 55.15 35.15
C ILE H 1347 74.25 55.59 36.19
N GLN H 1348 73.13 56.13 35.73
CA GLN H 1348 72.08 56.70 36.58
C GLN H 1348 70.83 55.84 36.47
N ASN H 1349 70.50 55.16 37.56
CA ASN H 1349 69.16 54.63 37.83
C ASN H 1349 68.62 53.80 36.67
N LEU H 1350 69.43 52.90 36.14
CA LEU H 1350 69.03 52.15 34.96
C LEU H 1350 67.98 51.12 35.29
N SER H 1351 66.87 51.15 34.54
CA SER H 1351 65.85 50.12 34.61
C SER H 1351 65.53 49.70 33.19
N VAL H 1352 65.81 48.43 32.87
CA VAL H 1352 65.81 47.97 31.49
C VAL H 1352 64.43 47.44 31.15
N ARG H 1353 63.72 48.13 30.25
CA ARG H 1353 62.49 47.63 29.67
C ARG H 1353 62.60 47.64 28.15
N TYR H 1354 62.22 46.53 27.52
CA TYR H 1354 62.55 46.35 26.11
C TYR H 1354 61.32 46.51 25.21
N ASP H 1355 61.36 47.54 24.37
CA ASP H 1355 60.44 47.63 23.26
C ASP H 1355 60.57 46.45 22.32
N SER H 1356 61.72 45.78 22.34
CA SER H 1356 61.93 44.61 21.51
C SER H 1356 60.90 43.52 21.83
N SER H 1357 61.02 42.91 23.00
CA SER H 1357 60.17 41.79 23.36
C SER H 1357 59.40 42.17 24.62
N LEU H 1358 58.66 41.22 25.18
CA LEU H 1358 57.77 41.53 26.29
C LEU H 1358 58.55 41.81 27.58
N LYS H 1359 58.12 42.86 28.27
CA LYS H 1359 58.42 43.17 29.67
C LYS H 1359 59.84 43.65 29.94
N PRO H 1360 60.04 44.40 31.02
CA PRO H 1360 61.39 44.79 31.42
C PRO H 1360 62.23 43.63 31.91
N VAL H 1361 63.54 43.86 32.03
CA VAL H 1361 64.44 42.86 32.64
C VAL H 1361 65.14 43.47 33.86
N LEU H 1362 66.16 44.28 33.63
CA LEU H 1362 66.89 44.92 34.72
C LEU H 1362 66.04 46.03 35.32
N LYS H 1363 66.22 46.29 36.61
CA LYS H 1363 65.42 47.30 37.30
C LYS H 1363 66.28 48.15 38.22
N HIS H 1364 66.29 49.47 37.97
CA HIS H 1364 66.80 50.48 38.90
C HIS H 1364 68.26 50.19 39.31
N VAL H 1365 69.17 50.43 38.37
CA VAL H 1365 70.60 50.26 38.61
C VAL H 1365 71.30 51.61 38.44
N ASN H 1366 72.01 52.04 39.48
CA ASN H 1366 72.75 53.31 39.51
C ASN H 1366 74.09 53.11 40.19
N ALA H 1367 75.16 53.65 39.60
CA ALA H 1367 76.51 53.43 40.11
C ALA H 1367 77.50 54.24 39.30
N LEU H 1368 78.69 54.44 39.88
CA LEU H 1368 79.83 55.05 39.20
C LEU H 1368 80.88 53.99 38.98
N ILE H 1369 81.42 53.91 37.76
CA ILE H 1369 82.39 52.86 37.44
C ILE H 1369 83.42 53.44 36.49
N SER H 1370 84.70 53.22 36.81
CA SER H 1370 85.78 53.69 35.96
C SER H 1370 86.59 52.51 35.43
N PRO H 1371 87.64 52.77 34.66
CA PRO H 1371 88.51 51.67 34.21
C PRO H 1371 89.26 51.02 35.35
N GLY H 1372 90.09 50.02 35.03
CA GLY H 1372 90.84 49.29 36.03
C GLY H 1372 89.95 48.41 36.89
N GLN H 1373 89.05 47.65 36.26
CA GLN H 1373 88.11 46.84 36.99
C GLN H 1373 87.67 45.64 36.17
N LYS H 1374 86.90 44.73 36.76
CA LYS H 1374 86.39 43.57 36.05
C LYS H 1374 84.99 43.26 36.59
N ILE H 1375 84.06 42.96 35.67
CA ILE H 1375 82.66 42.78 36.02
C ILE H 1375 82.13 41.53 35.33
N GLY H 1376 81.64 40.57 36.13
CA GLY H 1376 81.03 39.36 35.63
C GLY H 1376 79.51 39.38 35.71
N ILE H 1377 78.89 38.35 35.15
CA ILE H 1377 77.44 38.25 35.13
C ILE H 1377 77.03 36.81 35.45
N CYS H 1378 76.29 36.63 36.55
CA CYS H 1378 75.77 35.32 36.92
C CYS H 1378 74.26 35.40 36.97
N GLY H 1379 73.63 34.27 37.29
CA GLY H 1379 72.19 34.23 37.41
C GLY H 1379 71.64 32.87 36.99
N ARG H 1380 70.34 32.84 36.75
CA ARG H 1380 69.68 31.65 36.22
C ARG H 1380 69.69 31.72 34.69
N THR H 1381 68.96 32.67 34.13
CA THR H 1381 69.08 32.96 32.71
C THR H 1381 70.30 33.82 32.48
N GLY H 1382 71.14 33.39 31.55
CA GLY H 1382 72.46 33.96 31.39
C GLY H 1382 72.47 35.24 30.60
N SER H 1383 73.63 35.49 29.97
CA SER H 1383 73.81 36.67 29.12
C SER H 1383 73.56 37.96 29.89
N GLY H 1384 73.98 37.96 31.16
CA GLY H 1384 73.84 39.16 31.97
C GLY H 1384 74.51 40.37 31.34
N LYS H 1385 75.77 40.22 30.93
CA LYS H 1385 76.49 41.34 30.32
C LYS H 1385 75.93 41.70 28.95
N SER H 1386 75.13 40.81 28.35
CA SER H 1386 74.51 41.11 27.07
C SER H 1386 73.50 42.24 27.19
N SER H 1387 72.97 42.47 28.38
CA SER H 1387 72.12 43.63 28.59
C SER H 1387 72.94 44.91 28.60
N PHE H 1388 74.12 44.85 29.24
CA PHE H 1388 74.98 46.02 29.26
C PHE H 1388 75.47 46.36 27.86
N SER H 1389 76.00 45.36 27.15
CA SER H 1389 76.45 45.57 25.78
C SER H 1389 75.31 46.06 24.89
N LEU H 1390 74.20 45.32 24.87
CA LEU H 1390 73.05 45.68 24.05
C LEU H 1390 72.53 47.08 24.33
N ALA H 1391 72.50 47.50 25.60
CA ALA H 1391 71.98 48.82 25.91
C ALA H 1391 72.99 49.89 25.51
N PHE H 1392 74.17 49.87 26.13
CA PHE H 1392 75.18 50.89 25.90
C PHE H 1392 75.69 50.93 24.47
N PHE H 1393 76.02 49.78 23.87
CA PHE H 1393 76.45 49.77 22.49
C PHE H 1393 75.28 49.86 21.52
N ARG H 1394 74.06 49.96 22.06
CA ARG H 1394 72.86 50.19 21.26
C ARG H 1394 72.60 49.03 20.29
N MET H 1395 72.28 47.89 20.89
CA MET H 1395 71.78 46.74 20.13
C MET H 1395 70.27 46.61 20.29
N VAL H 1396 69.83 46.28 21.50
CA VAL H 1396 68.42 46.30 21.92
C VAL H 1396 68.10 47.70 22.42
N ASP H 1397 66.99 47.84 23.16
CA ASP H 1397 66.67 49.10 23.81
C ASP H 1397 66.06 48.87 25.20
N MET H 1398 66.37 49.77 26.13
CA MET H 1398 65.75 49.83 27.44
C MET H 1398 64.77 51.00 27.47
N PHE H 1399 64.11 51.18 28.60
CA PHE H 1399 63.17 52.28 28.76
C PHE H 1399 63.68 53.31 29.76
N GLU H 1400 63.91 52.88 30.99
CA GLU H 1400 64.24 53.81 32.05
C GLU H 1400 65.72 53.73 32.41
N GLY H 1401 66.24 54.85 32.88
CA GLY H 1401 67.61 54.92 33.33
C GLY H 1401 68.60 54.97 32.18
N ARG H 1402 69.82 55.37 32.52
CA ARG H 1402 70.85 55.62 31.52
C ARG H 1402 72.17 55.06 32.00
N ILE H 1403 72.97 54.53 31.06
CA ILE H 1403 74.35 54.11 31.30
C ILE H 1403 75.26 55.06 30.54
N ILE H 1404 76.04 55.84 31.29
CA ILE H 1404 76.64 57.05 30.76
C ILE H 1404 78.15 56.88 30.72
N ILE H 1405 78.79 57.56 29.78
CA ILE H 1405 80.24 57.60 29.66
C ILE H 1405 80.62 59.06 29.80
N ASP H 1406 81.60 59.32 30.65
CA ASP H 1406 82.06 60.67 30.98
C ASP H 1406 80.85 61.46 31.47
N GLY H 1407 80.74 62.74 31.10
CA GLY H 1407 79.57 63.51 31.51
C GLY H 1407 78.43 63.35 30.53
N ILE H 1408 78.69 62.71 29.39
CA ILE H 1408 77.67 62.44 28.39
C ILE H 1408 76.78 61.29 28.86
N ASP H 1409 75.51 61.36 28.51
CA ASP H 1409 74.52 60.33 28.79
C ASP H 1409 74.13 59.67 27.47
N ILE H 1410 73.20 58.72 27.54
CA ILE H 1410 72.86 57.95 26.34
C ILE H 1410 72.19 58.85 25.30
N ALA H 1411 71.63 59.98 25.74
CA ALA H 1411 70.81 60.80 24.85
C ALA H 1411 71.60 61.30 23.64
N LYS H 1412 72.49 62.26 23.85
CA LYS H 1412 73.18 62.93 22.76
C LYS H 1412 74.49 62.24 22.38
N LEU H 1413 74.81 61.13 23.03
CA LEU H 1413 76.04 60.41 22.74
C LEU H 1413 76.14 60.14 21.24
N PRO H 1414 77.30 60.33 20.62
CA PRO H 1414 77.39 60.06 19.17
C PRO H 1414 77.12 58.59 18.90
N LEU H 1415 76.16 58.33 18.00
CA LEU H 1415 75.77 56.96 17.70
C LEU H 1415 76.93 56.18 17.11
N HIS H 1416 77.48 56.68 16.02
CA HIS H 1416 78.61 56.03 15.39
C HIS H 1416 79.79 55.90 16.35
N THR H 1417 79.85 56.75 17.39
CA THR H 1417 80.92 56.60 18.36
C THR H 1417 80.59 55.54 19.40
N LEU H 1418 79.35 55.54 19.91
CA LEU H 1418 79.01 54.68 21.04
C LEU H 1418 79.06 53.21 20.66
N ARG H 1419 78.54 52.86 19.48
CA ARG H 1419 78.49 51.46 19.05
C ARG H 1419 79.78 51.02 18.38
N SER H 1420 80.80 51.88 18.32
CA SER H 1420 82.05 51.60 17.64
C SER H 1420 83.24 51.67 18.59
N ARG H 1421 83.47 52.84 19.21
CA ARG H 1421 84.64 53.06 20.04
C ARG H 1421 84.84 51.96 21.07
N LEU H 1422 83.78 51.22 21.41
CA LEU H 1422 83.87 50.15 22.38
C LEU H 1422 84.55 48.91 21.78
N SER H 1423 84.72 47.89 22.62
CA SER H 1423 85.29 46.62 22.23
C SER H 1423 84.40 45.50 22.76
N ILE H 1424 84.58 44.29 22.22
CA ILE H 1424 83.70 43.19 22.59
C ILE H 1424 84.37 41.85 22.31
N ILE H 1425 83.84 40.79 22.91
CA ILE H 1425 84.25 39.43 22.61
C ILE H 1425 83.02 38.52 22.69
N LEU H 1426 82.83 37.69 21.66
CA LEU H 1426 81.68 36.79 21.57
C LEU H 1426 82.16 35.35 21.35
N GLN H 1427 81.22 34.41 21.50
CA GLN H 1427 81.52 32.98 21.35
C GLN H 1427 81.88 32.49 19.96
N ASP H 1428 81.15 32.97 18.95
CA ASP H 1428 81.35 32.54 17.57
C ASP H 1428 81.67 33.65 16.58
N PRO H 1429 82.34 34.71 17.04
CA PRO H 1429 82.62 35.83 16.12
C PRO H 1429 83.85 35.64 15.23
N VAL H 1430 83.80 34.65 14.35
CA VAL H 1430 84.86 34.41 13.37
C VAL H 1430 84.71 35.43 12.25
N LEU H 1431 85.80 35.83 11.61
CA LEU H 1431 85.64 36.82 10.57
C LEU H 1431 86.05 36.24 9.21
N PHE H 1432 86.07 37.10 8.21
CA PHE H 1432 86.45 36.71 6.86
C PHE H 1432 87.84 36.08 6.86
N SER H 1433 87.93 34.90 6.26
CA SER H 1433 89.19 34.17 6.16
C SER H 1433 89.96 34.49 4.89
N GLY H 1434 89.51 35.46 4.10
CA GLY H 1434 90.18 35.74 2.83
C GLY H 1434 91.59 36.28 3.00
N THR H 1435 91.74 37.33 3.79
CA THR H 1435 93.03 38.01 3.91
C THR H 1435 93.29 38.33 5.37
N ILE H 1436 94.47 37.92 5.83
CA ILE H 1436 94.78 37.99 7.25
C ILE H 1436 95.09 39.42 7.68
N ARG H 1437 95.92 40.13 6.93
CA ARG H 1437 96.29 41.49 7.32
C ARG H 1437 95.16 42.48 7.02
N PHE H 1438 94.28 42.11 6.07
CA PHE H 1438 93.13 42.96 5.76
C PHE H 1438 92.00 42.76 6.76
N ASN H 1439 91.71 41.50 7.11
CA ASN H 1439 90.80 41.30 8.24
C ASN H 1439 91.37 41.93 9.50
N LEU H 1440 92.67 41.77 9.72
CA LEU H 1440 93.40 42.49 10.74
C LEU H 1440 93.40 43.99 10.51
N ASP H 1441 93.00 44.43 9.33
CA ASP H 1441 92.90 45.85 9.01
C ASP H 1441 91.48 46.18 8.60
N PRO H 1442 90.51 45.94 9.48
CA PRO H 1442 89.16 46.42 9.22
C PRO H 1442 89.11 47.93 9.11
N GLU H 1443 89.84 48.63 9.97
CA GLU H 1443 90.08 50.05 9.86
C GLU H 1443 91.26 50.27 8.92
N LYS H 1444 91.79 51.50 8.90
CA LYS H 1444 92.86 51.87 7.99
C LYS H 1444 94.10 50.99 8.12
N LYS H 1445 94.83 51.08 9.23
CA LYS H 1445 96.17 50.52 9.26
C LYS H 1445 96.57 50.02 10.65
N CYS H 1446 97.30 48.90 10.65
CA CYS H 1446 98.08 48.37 11.76
C CYS H 1446 99.47 48.03 11.24
N SER H 1447 99.47 47.17 10.22
CA SER H 1447 100.63 46.64 9.48
C SER H 1447 101.51 45.83 10.43
N ASP H 1448 102.83 45.85 10.28
CA ASP H 1448 103.67 44.93 11.02
C ASP H 1448 103.68 45.25 12.50
N SER H 1449 103.49 46.54 12.84
CA SER H 1449 103.58 46.99 14.21
C SER H 1449 102.62 46.21 15.09
N THR H 1450 101.32 46.42 14.91
CA THR H 1450 100.34 45.66 15.67
C THR H 1450 100.19 44.24 15.14
N LEU H 1451 100.77 43.94 13.98
CA LEU H 1451 100.63 42.62 13.38
C LEU H 1451 101.43 41.60 14.18
N TRP H 1452 102.76 41.76 14.19
CA TRP H 1452 103.57 40.88 15.03
C TRP H 1452 103.56 41.35 16.48
N GLU H 1453 103.14 42.59 16.74
CA GLU H 1453 103.08 43.06 18.11
C GLU H 1453 101.94 42.38 18.87
N ALA H 1454 100.71 42.52 18.37
CA ALA H 1454 99.62 41.80 19.00
C ALA H 1454 99.60 40.32 18.62
N LEU H 1455 100.12 39.98 17.44
CA LEU H 1455 100.26 38.58 17.03
C LEU H 1455 101.22 37.79 17.92
N GLU H 1456 102.45 38.27 18.07
CA GLU H 1456 103.34 37.71 19.08
C GLU H 1456 102.77 37.87 20.47
N ILE H 1457 101.95 38.90 20.70
CA ILE H 1457 101.34 39.05 22.01
C ILE H 1457 100.21 38.05 22.20
N ALA H 1458 99.63 37.55 21.11
CA ALA H 1458 98.53 36.60 21.18
C ALA H 1458 98.96 35.15 21.02
N GLN H 1459 100.27 34.88 20.94
CA GLN H 1459 100.86 33.58 20.60
C GLN H 1459 100.63 33.19 19.16
N LEU H 1460 99.99 34.04 18.37
CA LEU H 1460 99.71 33.80 16.95
C LEU H 1460 100.92 34.08 16.06
N LYS H 1461 102.07 34.43 16.66
CA LYS H 1461 103.27 34.72 15.89
C LYS H 1461 103.81 33.49 15.18
N LEU H 1462 103.55 32.30 15.72
CA LEU H 1462 103.78 31.07 14.97
C LEU H 1462 102.92 31.00 13.72
N VAL H 1463 101.69 31.53 13.77
CA VAL H 1463 100.91 31.72 12.55
C VAL H 1463 101.63 32.69 11.62
N VAL H 1464 102.48 33.56 12.18
CA VAL H 1464 103.40 34.34 11.37
C VAL H 1464 104.55 33.48 10.86
N LYS H 1465 104.85 32.36 11.55
CA LYS H 1465 105.91 31.45 11.11
C LYS H 1465 105.41 30.47 10.06
N ALA H 1466 104.21 29.92 10.25
CA ALA H 1466 103.67 28.96 9.29
C ALA H 1466 103.24 29.64 8.01
N LEU H 1467 102.19 30.45 8.08
CA LEU H 1467 101.69 31.22 6.94
C LEU H 1467 102.65 32.38 6.69
N PRO H 1468 103.04 32.59 5.43
CA PRO H 1468 103.89 33.74 5.13
C PRO H 1468 103.18 35.05 5.44
N GLY H 1469 103.87 36.16 5.20
CA GLY H 1469 103.34 37.46 5.58
C GLY H 1469 101.95 37.72 5.04
N GLY H 1470 101.12 38.36 5.86
CA GLY H 1470 99.69 38.37 5.61
C GLY H 1470 99.27 39.40 4.57
N LEU H 1471 97.96 39.66 4.54
CA LEU H 1471 97.22 40.27 3.44
C LEU H 1471 96.98 39.23 2.36
N ASP H 1472 97.55 38.04 2.52
CA ASP H 1472 97.44 37.00 1.48
C ASP H 1472 96.08 36.33 1.54
N GLY H 1479 91.47 30.43 4.77
CA GLY H 1479 92.32 30.32 5.95
C GLY H 1479 92.34 28.93 6.54
N GLU H 1480 93.49 28.54 7.10
CA GLU H 1480 93.61 27.23 7.70
C GLU H 1480 92.99 27.21 9.09
N ASN H 1481 91.99 26.36 9.28
CA ASN H 1481 91.23 26.31 10.52
C ASN H 1481 91.56 25.04 11.28
N PHE H 1482 92.01 25.19 12.52
CA PHE H 1482 92.21 24.07 13.45
C PHE H 1482 91.43 24.34 14.73
N SER H 1483 90.36 23.56 14.93
CA SER H 1483 89.38 23.68 16.02
C SER H 1483 88.92 25.13 16.11
N GLN H 1484 88.59 25.65 17.28
CA GLN H 1484 88.53 27.10 17.49
C GLN H 1484 89.72 27.63 18.25
N GLY H 1485 90.61 26.77 18.73
CA GLY H 1485 91.60 27.20 19.69
C GLY H 1485 92.51 28.25 19.10
N GLN H 1486 93.20 27.91 18.02
CA GLN H 1486 93.94 28.94 17.30
C GLN H 1486 92.99 29.86 16.57
N ARG H 1487 91.86 29.34 16.10
CA ARG H 1487 90.84 30.15 15.44
C ARG H 1487 90.30 31.23 16.37
N GLN H 1488 89.55 30.82 17.40
CA GLN H 1488 88.99 31.81 18.32
C GLN H 1488 90.07 32.50 19.12
N LEU H 1489 91.27 31.92 19.20
CA LEU H 1489 92.39 32.62 19.82
C LEU H 1489 92.76 33.83 18.99
N PHE H 1490 92.86 33.63 17.68
CA PHE H 1490 93.03 34.77 16.77
C PHE H 1490 91.82 35.68 16.83
N CYS H 1491 90.66 35.12 17.19
CA CYS H 1491 89.42 35.91 17.19
C CYS H 1491 89.41 36.88 18.36
N LEU H 1492 89.25 36.35 19.57
CA LEU H 1492 89.35 37.14 20.79
C LEU H 1492 90.63 37.95 20.85
N ALA H 1493 91.70 37.48 20.20
CA ALA H 1493 92.91 38.30 20.09
C ALA H 1493 92.65 39.53 19.25
N ARG H 1494 91.98 39.36 18.11
CA ARG H 1494 91.62 40.50 17.29
C ARG H 1494 90.71 41.44 18.04
N ALA H 1495 89.72 40.90 18.76
CA ALA H 1495 88.84 41.73 19.56
C ALA H 1495 89.63 42.55 20.56
N PHE H 1496 90.41 41.88 21.42
CA PHE H 1496 91.22 42.55 22.42
C PHE H 1496 92.25 43.49 21.81
N VAL H 1497 92.52 43.38 20.51
CA VAL H 1497 93.44 44.29 19.85
C VAL H 1497 92.85 45.68 19.67
N ARG H 1498 91.58 45.87 20.04
CA ARG H 1498 91.01 47.21 20.07
C ARG H 1498 91.89 48.19 20.82
N LYS H 1499 92.50 47.76 21.92
CA LYS H 1499 93.56 48.44 22.64
C LYS H 1499 93.13 49.74 23.30
N THR H 1500 91.89 50.17 23.12
CA THR H 1500 91.42 51.40 23.74
C THR H 1500 91.13 51.18 25.22
N SER H 1501 90.51 52.17 25.84
CA SER H 1501 90.27 52.19 27.27
C SER H 1501 89.30 51.12 27.74
N ILE H 1502 88.19 50.89 27.05
CA ILE H 1502 87.11 50.04 27.53
C ILE H 1502 87.04 48.77 26.70
N PHE H 1503 87.26 47.62 27.33
CA PHE H 1503 87.11 46.31 26.71
C PHE H 1503 85.97 45.57 27.39
N ILE H 1504 85.19 44.83 26.62
CA ILE H 1504 84.05 44.09 27.15
C ILE H 1504 84.07 42.68 26.57
N MET H 1505 83.83 41.69 27.43
CA MET H 1505 83.69 40.32 27.00
C MET H 1505 82.65 39.66 27.90
N ASP H 1506 81.73 38.90 27.30
CA ASP H 1506 80.68 38.24 28.05
C ASP H 1506 80.58 36.81 27.58
N GLU H 1507 80.85 35.88 28.49
CA GLU H 1507 80.79 34.44 28.22
C GLU H 1507 81.59 34.06 26.99
N ALA H 1508 82.70 34.77 26.74
CA ALA H 1508 83.57 34.38 25.64
C ALA H 1508 84.20 33.02 25.87
N THR H 1509 84.21 32.53 27.11
CA THR H 1509 84.77 31.24 27.44
C THR H 1509 83.72 30.13 27.54
N ALA H 1510 82.45 30.41 27.27
CA ALA H 1510 81.41 29.38 27.28
C ALA H 1510 81.71 28.27 26.29
N SER H 1511 81.72 28.62 24.99
CA SER H 1511 82.08 27.67 23.95
C SER H 1511 83.59 27.44 23.82
N ILE H 1512 84.41 28.47 24.05
CA ILE H 1512 85.84 28.26 24.14
C ILE H 1512 86.11 27.29 25.28
N ASP H 1513 86.75 26.18 24.97
CA ASP H 1513 86.69 25.00 25.84
C ASP H 1513 87.87 24.99 26.80
N MET H 1514 87.57 25.21 28.08
CA MET H 1514 88.36 24.69 29.20
C MET H 1514 89.83 25.05 29.02
N ALA H 1515 90.73 24.08 28.86
CA ALA H 1515 92.18 24.27 28.97
C ALA H 1515 92.72 25.33 28.01
N THR H 1516 91.95 25.74 27.01
CA THR H 1516 92.32 26.93 26.25
C THR H 1516 92.64 28.10 27.15
N GLU H 1517 91.75 28.42 28.10
CA GLU H 1517 92.00 29.49 29.07
C GLU H 1517 93.34 29.34 29.76
N ASN H 1518 93.83 28.10 29.88
CA ASN H 1518 95.15 27.87 30.43
C ASN H 1518 96.17 28.81 29.80
N ILE H 1519 96.17 28.90 28.46
CA ILE H 1519 96.79 30.02 27.79
C ILE H 1519 95.85 31.23 27.77
N LEU H 1520 94.58 31.01 27.39
CA LEU H 1520 93.71 32.11 27.01
C LEU H 1520 93.43 33.03 28.20
N GLN H 1521 92.89 32.50 29.30
CA GLN H 1521 92.76 33.32 30.50
C GLN H 1521 94.12 33.88 30.90
N LYS H 1522 95.18 33.07 30.74
CA LYS H 1522 96.53 33.56 30.93
C LYS H 1522 96.78 34.80 30.09
N VAL H 1523 96.46 34.73 28.80
CA VAL H 1523 96.60 35.90 27.95
C VAL H 1523 95.81 37.08 28.53
N VAL H 1524 94.58 36.85 28.98
CA VAL H 1524 93.84 37.95 29.57
C VAL H 1524 94.49 38.41 30.86
N MET H 1525 95.09 37.49 31.61
CA MET H 1525 95.80 37.83 32.84
C MET H 1525 96.80 38.96 32.64
N THR H 1526 97.55 38.92 31.54
CA THR H 1526 98.51 39.97 31.22
C THR H 1526 97.90 41.09 30.36
N ALA H 1527 96.60 41.03 30.12
CA ALA H 1527 95.93 41.94 29.19
C ALA H 1527 94.75 42.66 29.84
N PHE H 1528 93.76 41.90 30.34
CA PHE H 1528 92.51 42.49 30.81
C PHE H 1528 92.74 43.54 31.90
N ALA H 1529 93.94 43.60 32.45
CA ALA H 1529 94.27 44.59 33.45
C ALA H 1529 94.54 45.96 32.83
N ASP H 1530 94.48 46.98 33.70
CA ASP H 1530 94.88 48.36 33.41
C ASP H 1530 93.96 49.06 32.42
N ARG H 1531 92.67 48.76 32.44
CA ARG H 1531 91.69 49.41 31.58
C ARG H 1531 90.28 49.10 32.08
N THR H 1532 89.28 49.55 31.33
CA THR H 1532 87.88 49.30 31.66
C THR H 1532 87.46 47.95 31.08
N VAL H 1533 87.06 47.03 31.95
CA VAL H 1533 86.69 45.69 31.53
C VAL H 1533 85.51 45.20 32.37
N VAL H 1534 84.58 44.51 31.71
CA VAL H 1534 83.55 43.69 32.35
C VAL H 1534 83.71 42.30 31.76
N THR H 1535 84.10 41.33 32.58
CA THR H 1535 84.40 39.99 32.09
C THR H 1535 83.51 38.98 32.80
N ILE H 1536 82.78 38.18 32.03
CA ILE H 1536 81.79 37.26 32.60
C ILE H 1536 82.01 35.85 32.06
N ALA H 1537 81.98 34.89 32.97
CA ALA H 1537 82.07 33.48 32.60
C ALA H 1537 81.22 32.65 33.55
N HIS H 1538 80.55 31.64 33.00
CA HIS H 1538 79.76 30.74 33.83
C HIS H 1538 80.64 29.83 34.67
N ARG H 1539 81.90 29.63 34.26
CA ARG H 1539 82.87 29.06 35.16
C ARG H 1539 83.29 30.04 36.24
N VAL H 1540 83.22 31.36 35.97
CA VAL H 1540 83.37 32.43 36.94
C VAL H 1540 84.78 32.49 37.52
N HIS H 1541 85.64 31.54 37.16
CA HIS H 1541 86.94 31.40 37.78
C HIS H 1541 87.79 32.67 37.69
N THR H 1542 87.67 33.45 36.63
CA THR H 1542 88.50 34.63 36.48
C THR H 1542 87.92 35.87 37.13
N ILE H 1543 86.75 35.76 37.77
CA ILE H 1543 86.09 36.90 38.37
C ILE H 1543 86.65 37.15 39.76
N LEU H 1544 87.66 36.37 40.15
CA LEU H 1544 88.23 36.45 41.49
C LEU H 1544 88.59 37.88 41.90
N SER H 1545 89.57 38.47 41.23
CA SER H 1545 90.08 39.78 41.59
C SER H 1545 89.19 40.91 41.08
N ALA H 1546 88.12 40.59 40.36
CA ALA H 1546 87.20 41.59 39.87
C ALA H 1546 86.67 42.42 41.02
N ASP H 1547 86.83 43.74 40.93
CA ASP H 1547 86.32 44.60 41.98
C ASP H 1547 84.81 44.55 42.11
N LEU H 1548 84.10 44.13 41.07
CA LEU H 1548 82.65 44.06 41.09
C LEU H 1548 82.20 42.71 40.54
N VAL H 1549 81.16 42.16 41.14
CA VAL H 1549 80.55 40.92 40.67
C VAL H 1549 79.05 41.14 40.56
N MET H 1550 78.37 40.32 39.75
CA MET H 1550 76.93 40.42 39.58
C MET H 1550 76.35 39.03 39.34
N VAL H 1551 75.20 38.76 39.96
CA VAL H 1551 74.47 37.51 39.77
C VAL H 1551 72.99 37.86 39.69
N LEU H 1552 72.26 37.16 38.82
CA LEU H 1552 70.90 37.52 38.48
C LEU H 1552 69.90 36.66 39.25
N LYS H 1553 69.18 37.29 40.17
CA LYS H 1553 68.05 36.65 40.84
C LYS H 1553 66.91 37.67 40.89
N ARG H 1554 65.76 37.25 41.42
CA ARG H 1554 64.58 38.11 41.47
C ARG H 1554 64.34 38.78 40.12
N GLY H 1555 64.32 40.12 40.12
CA GLY H 1555 64.20 40.85 38.87
C GLY H 1555 65.50 41.31 38.25
N ALA H 1556 66.55 41.47 39.05
CA ALA H 1556 67.76 42.12 38.54
C ALA H 1556 68.99 41.54 39.25
N ILE H 1557 70.15 42.17 39.04
CA ILE H 1557 71.39 41.66 39.61
C ILE H 1557 71.28 41.59 41.13
N LEU H 1558 71.86 40.53 41.71
CA LEU H 1558 71.76 40.32 43.14
C LEU H 1558 72.45 41.43 43.93
N GLU H 1559 73.69 41.74 43.59
CA GLU H 1559 74.50 42.69 44.36
C GLU H 1559 75.82 42.90 43.62
N PHE H 1560 76.52 43.96 44.00
CA PHE H 1560 77.79 44.33 43.38
C PHE H 1560 78.79 44.66 44.47
N ASP H 1561 79.88 43.89 44.52
CA ASP H 1561 80.97 44.12 45.47
C ASP H 1561 82.13 43.24 45.06
N LYS H 1562 83.20 43.29 45.86
CA LYS H 1562 84.35 42.44 45.62
C LYS H 1562 83.97 40.97 45.80
N PRO H 1563 84.71 40.07 45.16
CA PRO H 1563 84.48 38.64 45.43
C PRO H 1563 84.83 38.25 46.86
N GLU H 1564 85.94 38.78 47.38
CA GLU H 1564 86.35 38.41 48.74
C GLU H 1564 85.46 39.05 49.79
N THR H 1565 84.99 40.27 49.54
CA THR H 1565 84.02 40.88 50.45
C THR H 1565 82.70 40.12 50.41
N LEU H 1566 82.33 39.60 49.23
CA LEU H 1566 81.10 38.82 49.13
C LEU H 1566 81.24 37.50 49.85
N LEU H 1567 82.28 36.73 49.53
CA LEU H 1567 82.55 35.49 50.26
C LEU H 1567 82.91 35.76 51.71
N SER H 1568 83.06 37.04 52.07
CA SER H 1568 83.49 37.39 53.42
C SER H 1568 82.33 37.26 54.40
N GLN H 1569 81.11 37.61 53.97
CA GLN H 1569 79.96 37.52 54.86
C GLN H 1569 79.60 36.07 55.14
N LYS H 1570 78.86 35.87 56.22
CA LYS H 1570 78.37 34.53 56.53
C LYS H 1570 77.48 33.99 55.43
N ASP H 1571 76.63 34.85 54.86
CA ASP H 1571 75.75 34.49 53.76
C ASP H 1571 75.94 35.49 52.63
N SER H 1572 76.18 34.97 51.42
CA SER H 1572 76.17 35.80 50.23
C SER H 1572 75.86 34.93 49.03
N VAL H 1573 75.36 35.57 47.99
CA VAL H 1573 74.87 34.91 46.79
C VAL H 1573 75.96 34.08 46.13
N PHE H 1574 77.00 34.77 45.63
CA PHE H 1574 78.02 34.09 44.83
C PHE H 1574 78.54 32.83 45.53
N ALA H 1575 78.67 32.89 46.85
CA ALA H 1575 78.98 31.68 47.59
C ALA H 1575 77.93 30.61 47.36
N SER H 1576 76.65 30.99 47.45
CA SER H 1576 75.58 30.02 47.29
C SER H 1576 75.53 29.44 45.88
N PHE H 1577 75.99 30.19 44.89
CA PHE H 1577 76.14 29.66 43.54
C PHE H 1577 77.49 29.02 43.31
N VAL H 1578 78.35 28.97 44.32
CA VAL H 1578 79.66 28.35 44.14
C VAL H 1578 79.57 26.82 44.16
N ARG H 1579 78.80 26.25 45.09
CA ARG H 1579 78.84 24.81 45.29
C ARG H 1579 78.28 24.05 44.10
N ALA H 1580 77.05 24.39 43.70
CA ALA H 1580 76.33 23.59 42.69
C ALA H 1580 77.00 23.59 41.33
N ASP H 1581 77.99 24.45 41.10
CA ASP H 1581 78.69 24.48 39.83
C ASP H 1581 79.78 23.41 39.80
#